data_8WOF
#
_entry.id   8WOF
#
_cell.length_a   1.00
_cell.length_b   1.00
_cell.length_c   1.00
_cell.angle_alpha   90.00
_cell.angle_beta   90.00
_cell.angle_gamma   90.00
#
_symmetry.space_group_name_H-M   'P 1'
#
loop_
_entity.id
_entity.type
_entity.pdbx_description
1 polymer 'Helicase HerA central domain-containing protein'
2 polymer 'SIR2-like domain-containing protein'
#
loop_
_entity_poly.entity_id
_entity_poly.type
_entity_poly.pdbx_seq_one_letter_code
_entity_poly.pdbx_strand_id
1 'polypeptide(L)'
;MIGVNRMTEASTYIGTVQDVNGANIRVVLDINTISSLKFVDGQGYRIGQIGSFVRIPIGYINLFGIVSQVGAGAVPDKLL
EVEPYGHRWISVQLVGEEGIKKEFERGVSQYPTIGDKVHIVTEPDLKKIYGTQNKKYISLGNIASVDSIPALVNIDTLVT
RHSAVLGSTGSGKSTTVTSILQRISDMSQFPSARIIVFDIHGEYAAAFKGKAKVYKVTPSNNELKLSIPYWALTCDEFLS
VAFGGLEGSGRNALIDKIYELKLQTLKRQEYEGINEDSLTVDTPIPFSIHKLWFDLYRAEISTHYVQGSHSEENEALLLG
EDGNPVQKGDSLKVVPPIYMPHTQAQGATKIYLSNRGKNIRKPLEGLASLLKDPRYEFLFNADDWSVNLDGKTNKDLDAL
LETWVGSEESISIFDLSGMPSSILDTLIGILIRILYDSLFWSRNQPEGGRERPLLVVLEEAHTYLGKDSRGIAIDGVRKI
VKEGRKYGIGMMLVSQRPSEIDSTILSQCGTLFALRMNNSSDRNHVLGAVSDSFEGLMGMLPTLRTGEAIIIGESVRLPM
RTIISPPPFGRRPDSLDPDVTAKWSNNRVQGDYKEVLTLWRQKKVRSQRIVENIKRLPVVNEGEMTDMVREMVTSSNILS
IGYEADSMTLEIEFNHGLVYQYYDVPETLHTELLAAESHGKFFNSQIKNNYRFSRI
;
D,L,M,N,O,B
2 'polypeptide(L)'
;MDHSITASYYDTTQQLSLLKHVLSEDKRPIAFIIAAGCPVSIRHNDAPLIPDVAGLTRKISDSFGGNPDSLLMKIIQNLK
TTIPNPTIEDILSYIRLLQQIPMSGKIHDVENSVINALEESICELIEEEVNVDLPGNATPYHKIAAWINSINREHQVEIF
TTNYDLLMEQALEELNVPYFDGFVGSKRAFFDIRTIEENKLPSRWSKLWKLHGSINWQLDKQTQTIWRGTPSKGCSLIHP
SHLKYDQSRKMPYLVMMDQLKLFLNQPSAILITCGYSYKDQHINEVLSQGLQTNPNALIYGLQYDVLENYQEAKDMALKR
SNLILLAKDRAIIGKKEGEWKPDPQSSQDNDPLLFFKLGDFQHLASFLEEISQYDWSKQND
;
J,K,P,Q,R,S,T
#
# COMPACT_ATOMS: atom_id res chain seq x y z
N MET A 7 -42.67 8.90 -11.04
CA MET A 7 -42.10 10.22 -11.20
C MET A 7 -40.94 10.43 -10.23
N THR A 8 -40.98 11.55 -9.49
CA THR A 8 -39.96 11.83 -8.50
C THR A 8 -40.09 10.90 -7.31
N GLU A 9 -39.20 11.07 -6.34
CA GLU A 9 -39.27 10.30 -5.12
C GLU A 9 -40.60 10.53 -4.42
N ALA A 10 -41.37 9.47 -4.25
CA ALA A 10 -42.71 9.59 -3.69
C ALA A 10 -42.64 9.85 -2.19
N SER A 11 -43.81 9.87 -1.55
CA SER A 11 -43.86 10.06 -0.11
C SER A 11 -43.13 8.92 0.59
N THR A 12 -42.65 9.21 1.80
CA THR A 12 -41.87 8.28 2.61
C THR A 12 -40.59 7.87 1.87
N TYR A 13 -39.75 8.86 1.60
CA TYR A 13 -38.45 8.65 0.96
C TYR A 13 -37.38 9.33 1.80
N ILE A 14 -36.23 8.67 1.96
CA ILE A 14 -35.18 9.19 2.83
C ILE A 14 -33.87 9.32 2.06
N GLY A 15 -33.39 8.23 1.50
CA GLY A 15 -32.11 8.26 0.82
C GLY A 15 -31.81 6.96 0.12
N THR A 16 -30.53 6.79 -0.22
CA THR A 16 -30.06 5.62 -0.94
C THR A 16 -28.93 4.95 -0.18
N VAL A 17 -28.84 3.62 -0.33
CA VAL A 17 -27.77 2.87 0.31
C VAL A 17 -26.45 3.17 -0.40
N GLN A 18 -25.40 3.42 0.39
CA GLN A 18 -24.09 3.73 -0.16
C GLN A 18 -22.95 2.94 0.45
N ASP A 19 -23.23 1.96 1.31
CA ASP A 19 -22.19 1.12 1.88
C ASP A 19 -22.85 -0.09 2.53
N VAL A 20 -22.28 -1.27 2.29
CA VAL A 20 -22.77 -2.51 2.87
C VAL A 20 -21.59 -3.26 3.48
N ASN A 21 -21.71 -3.61 4.75
CA ASN A 21 -20.73 -4.45 5.44
C ASN A 21 -21.41 -5.70 6.00
N GLY A 22 -22.32 -6.26 5.23
CA GLY A 22 -23.10 -7.40 5.68
C GLY A 22 -24.37 -7.00 6.41
N ALA A 23 -24.23 -6.51 7.63
CA ALA A 23 -25.40 -6.13 8.44
C ALA A 23 -25.25 -4.74 9.02
N ASN A 24 -24.51 -3.87 8.33
CA ASN A 24 -24.30 -2.49 8.79
C ASN A 24 -24.43 -1.59 7.55
N ILE A 25 -25.63 -1.11 7.30
CA ILE A 25 -25.93 -0.30 6.13
C ILE A 25 -25.71 1.17 6.47
N ARG A 26 -25.12 1.91 5.54
CA ARG A 26 -24.93 3.34 5.67
C ARG A 26 -25.71 4.04 4.56
N VAL A 27 -26.59 4.96 4.95
CA VAL A 27 -27.52 5.60 4.02
C VAL A 27 -27.25 7.10 4.01
N VAL A 28 -27.23 7.68 2.81
CA VAL A 28 -27.02 9.12 2.63
C VAL A 28 -28.38 9.78 2.52
N LEU A 29 -28.64 10.74 3.39
CA LEU A 29 -29.94 11.41 3.41
C LEU A 29 -30.14 12.26 2.16
N ASP A 30 -31.35 12.21 1.61
CA ASP A 30 -31.72 13.02 0.46
C ASP A 30 -32.66 14.17 0.80
N ILE A 31 -33.47 14.03 1.85
CA ILE A 31 -34.36 15.11 2.27
C ILE A 31 -33.53 16.24 2.84
N ASN A 32 -33.59 17.41 2.18
CA ASN A 32 -32.70 18.51 2.53
C ASN A 32 -32.97 19.01 3.96
N THR A 33 -34.14 19.59 4.18
CA THR A 33 -34.45 20.23 5.46
C THR A 33 -35.88 19.95 5.89
N ILE A 34 -36.32 18.70 5.75
CA ILE A 34 -37.67 18.35 6.17
C ILE A 34 -37.75 18.41 7.70
N SER A 35 -36.97 17.56 8.37
CA SER A 35 -36.83 17.57 9.83
C SER A 35 -38.18 17.54 10.55
N SER A 36 -39.22 17.06 9.87
CA SER A 36 -40.57 17.02 10.43
C SER A 36 -41.49 16.17 9.57
N TYR A 45 -45.38 11.93 10.60
CA TYR A 45 -44.23 11.04 10.75
C TYR A 45 -42.92 11.80 10.62
N ARG A 46 -42.19 11.87 11.74
CA ARG A 46 -40.90 12.56 11.74
C ARG A 46 -39.87 11.79 10.91
N ILE A 47 -38.80 12.49 10.58
CA ILE A 47 -37.68 11.87 9.86
C ILE A 47 -37.03 10.85 10.79
N GLY A 48 -36.20 9.98 10.22
CA GLY A 48 -35.60 8.88 10.96
C GLY A 48 -34.88 9.28 12.23
N GLN A 49 -35.41 8.87 13.37
CA GLN A 49 -34.76 9.06 14.66
C GLN A 49 -33.94 7.83 15.03
N ILE A 50 -33.44 7.81 16.26
CA ILE A 50 -32.62 6.69 16.70
C ILE A 50 -33.45 5.42 16.79
N GLY A 51 -34.62 5.49 17.40
CA GLY A 51 -35.46 4.34 17.57
C GLY A 51 -36.40 4.05 16.42
N SER A 52 -36.32 4.80 15.33
CA SER A 52 -37.24 4.64 14.21
C SER A 52 -36.82 3.48 13.32
N PHE A 53 -37.78 3.01 12.53
CA PHE A 53 -37.56 1.93 11.57
C PHE A 53 -37.55 2.49 10.16
N VAL A 54 -36.84 1.80 9.27
CA VAL A 54 -36.79 2.14 7.85
C VAL A 54 -37.09 0.89 7.03
N ARG A 55 -37.54 1.11 5.81
CA ARG A 55 -37.94 0.04 4.91
C ARG A 55 -37.14 0.10 3.62
N ILE A 56 -36.50 -1.00 3.26
CA ILE A 56 -35.69 -1.09 2.06
C ILE A 56 -36.28 -2.19 1.17
N PRO A 57 -37.00 -1.82 0.12
CA PRO A 57 -37.59 -2.84 -0.77
C PRO A 57 -36.58 -3.31 -1.80
N ILE A 58 -36.49 -4.63 -1.96
CA ILE A 58 -35.60 -5.24 -2.94
C ILE A 58 -36.47 -6.04 -3.90
N GLY A 59 -36.90 -5.41 -4.99
CA GLY A 59 -37.63 -6.10 -6.02
C GLY A 59 -39.04 -6.48 -5.61
N TYR A 60 -39.14 -7.41 -4.66
CA TYR A 60 -40.39 -7.95 -4.18
C TYR A 60 -40.57 -7.88 -2.67
N ILE A 61 -39.50 -8.09 -1.92
CA ILE A 61 -39.60 -8.17 -0.46
C ILE A 61 -39.04 -6.89 0.14
N ASN A 62 -39.55 -6.56 1.33
CA ASN A 62 -39.11 -5.37 2.04
C ASN A 62 -38.17 -5.76 3.16
N LEU A 63 -36.99 -5.15 3.18
CA LEU A 63 -36.03 -5.35 4.27
C LEU A 63 -36.25 -4.27 5.32
N PHE A 64 -36.70 -4.68 6.50
CA PHE A 64 -36.89 -3.75 7.60
C PHE A 64 -35.61 -3.65 8.42
N GLY A 65 -35.30 -2.43 8.85
CA GLY A 65 -34.10 -2.19 9.61
C GLY A 65 -34.35 -1.11 10.65
N ILE A 66 -33.39 -0.98 11.56
CA ILE A 66 -33.48 -0.03 12.66
C ILE A 66 -32.27 0.90 12.60
N VAL A 67 -32.52 2.19 12.81
CA VAL A 67 -31.44 3.17 12.83
C VAL A 67 -30.61 2.98 14.09
N SER A 68 -29.30 3.12 13.96
CA SER A 68 -28.40 2.95 15.10
C SER A 68 -27.52 4.16 15.36
N GLN A 69 -27.02 4.82 14.31
CA GLN A 69 -26.15 5.97 14.46
C GLN A 69 -26.59 7.06 13.49
N VAL A 70 -26.69 8.29 13.98
CA VAL A 70 -27.07 9.43 13.17
C VAL A 70 -26.07 10.55 13.43
N GLY A 71 -25.43 11.05 12.37
CA GLY A 71 -24.49 12.14 12.47
C GLY A 71 -23.10 11.71 12.03
N ALA A 72 -22.08 12.26 12.70
CA ALA A 72 -20.69 11.96 12.36
C ALA A 72 -20.32 10.51 12.64
N GLY A 73 -21.11 9.80 13.44
CA GLY A 73 -20.80 8.41 13.73
C GLY A 73 -21.06 7.46 12.57
N ALA A 74 -21.89 7.87 11.62
CA ALA A 74 -22.21 7.02 10.48
C ALA A 74 -21.37 7.33 9.25
N VAL A 75 -20.69 8.47 9.21
CA VAL A 75 -19.88 8.84 8.06
C VAL A 75 -18.70 7.88 7.96
N PRO A 76 -18.34 7.40 6.76
CA PRO A 76 -17.16 6.56 6.62
C PRO A 76 -15.89 7.29 7.03
N ASP A 77 -14.89 6.52 7.41
CA ASP A 77 -13.68 7.09 8.01
C ASP A 77 -12.97 8.05 7.05
N LYS A 78 -12.83 7.66 5.78
CA LYS A 78 -12.12 8.48 4.82
C LYS A 78 -12.89 9.73 4.41
N LEU A 79 -14.23 9.67 4.39
CA LEU A 79 -15.01 10.87 4.09
C LEU A 79 -14.79 11.94 5.14
N LEU A 80 -14.70 11.55 6.41
CA LEU A 80 -14.41 12.53 7.46
C LEU A 80 -13.05 13.18 7.26
N GLU A 81 -12.03 12.38 6.91
CA GLU A 81 -10.72 12.95 6.63
C GLU A 81 -10.76 13.87 5.41
N VAL A 82 -11.61 13.57 4.44
CA VAL A 82 -11.72 14.42 3.26
C VAL A 82 -12.56 15.65 3.56
N GLU A 83 -13.82 15.45 3.96
CA GLU A 83 -14.76 16.54 4.19
C GLU A 83 -15.38 16.38 5.59
N PRO A 84 -14.76 16.96 6.61
CA PRO A 84 -15.26 16.81 7.98
C PRO A 84 -16.33 17.79 8.41
N TYR A 85 -16.96 18.52 7.48
CA TYR A 85 -17.95 19.53 7.83
C TYR A 85 -19.36 19.16 7.36
N GLY A 86 -19.52 18.11 6.57
CA GLY A 86 -20.83 17.72 6.09
C GLY A 86 -21.24 16.34 6.59
N HIS A 87 -22.29 16.28 7.38
CA HIS A 87 -22.78 15.04 7.99
C HIS A 87 -24.25 14.86 7.60
N ARG A 88 -24.49 14.08 6.56
CA ARG A 88 -25.84 13.73 6.12
C ARG A 88 -25.96 12.22 5.96
N TRP A 89 -25.44 11.48 6.93
CA TRP A 89 -25.41 10.02 6.88
C TRP A 89 -26.11 9.43 8.10
N ILE A 90 -26.72 8.27 7.90
CA ILE A 90 -27.29 7.50 8.99
C ILE A 90 -26.79 6.07 8.87
N SER A 91 -26.75 5.36 9.99
CA SER A 91 -26.28 3.98 10.05
C SER A 91 -27.45 3.09 10.40
N VAL A 92 -27.79 2.17 9.50
CA VAL A 92 -28.92 1.27 9.66
C VAL A 92 -28.40 -0.14 9.89
N GLN A 93 -29.00 -0.83 10.85
CA GLN A 93 -28.70 -2.23 11.13
C GLN A 93 -29.93 -3.06 10.78
N LEU A 94 -29.76 -4.04 9.90
CA LEU A 94 -30.88 -4.83 9.45
C LEU A 94 -31.41 -5.73 10.56
N VAL A 95 -32.73 -5.87 10.63
CA VAL A 95 -33.39 -6.68 11.65
C VAL A 95 -34.01 -7.93 11.06
N GLY A 96 -34.90 -7.76 10.08
CA GLY A 96 -35.57 -8.90 9.47
C GLY A 96 -36.19 -8.50 8.16
N GLU A 97 -36.89 -9.46 7.56
CA GLU A 97 -37.52 -9.27 6.26
C GLU A 97 -38.95 -9.76 6.29
N GLU A 98 -39.78 -9.19 5.42
CA GLU A 98 -41.17 -9.61 5.28
C GLU A 98 -41.24 -10.68 4.20
N GLY A 99 -41.84 -11.83 4.55
CA GLY A 99 -41.95 -12.92 3.61
C GLY A 99 -42.98 -12.67 2.52
N ILE A 100 -43.51 -13.73 1.93
CA ILE A 100 -44.52 -13.60 0.87
C ILE A 100 -45.86 -13.58 1.58
N LYS A 101 -46.23 -12.38 2.06
CA LYS A 101 -47.51 -12.13 2.73
C LYS A 101 -47.77 -13.08 3.89
N LYS A 102 -46.73 -13.71 4.43
CA LYS A 102 -46.91 -14.71 5.48
C LYS A 102 -46.83 -14.08 6.87
N GLU A 103 -45.66 -13.55 7.24
CA GLU A 103 -45.44 -12.96 8.55
C GLU A 103 -44.09 -12.26 8.51
N PHE A 104 -43.69 -11.72 9.66
CA PHE A 104 -42.39 -11.09 9.82
C PHE A 104 -41.42 -12.11 10.42
N GLU A 105 -40.52 -12.61 9.58
CA GLU A 105 -39.50 -13.56 10.02
C GLU A 105 -38.18 -12.83 10.20
N ARG A 106 -37.50 -13.12 11.31
CA ARG A 106 -36.23 -12.48 11.58
C ARG A 106 -35.13 -13.10 10.72
N GLY A 107 -34.21 -12.25 10.27
CA GLY A 107 -33.13 -12.71 9.43
C GLY A 107 -33.38 -12.48 7.95
N VAL A 108 -32.57 -11.63 7.33
CA VAL A 108 -32.74 -11.33 5.93
C VAL A 108 -32.34 -12.51 5.07
N SER A 109 -32.74 -12.47 3.80
CA SER A 109 -32.41 -13.50 2.83
C SER A 109 -31.51 -13.02 1.71
N GLN A 110 -31.58 -11.74 1.36
CA GLN A 110 -30.70 -11.16 0.35
C GLN A 110 -30.48 -9.69 0.69
N TYR A 111 -29.29 -9.21 0.47
CA TYR A 111 -28.85 -7.93 1.01
C TYR A 111 -28.99 -6.81 -0.02
N PRO A 112 -29.15 -5.57 0.45
CA PRO A 112 -29.27 -4.45 -0.47
C PRO A 112 -27.98 -4.19 -1.25
N THR A 113 -28.14 -3.64 -2.44
CA THR A 113 -27.04 -3.31 -3.33
C THR A 113 -26.96 -1.79 -3.46
N ILE A 114 -25.81 -1.31 -3.95
CA ILE A 114 -25.59 0.12 -4.09
C ILE A 114 -26.70 0.76 -4.89
N GLY A 115 -27.24 1.87 -4.40
CA GLY A 115 -28.27 2.60 -5.07
C GLY A 115 -29.69 2.25 -4.68
N ASP A 116 -29.89 1.28 -3.79
CA ASP A 116 -31.23 0.92 -3.36
C ASP A 116 -31.86 2.07 -2.58
N LYS A 117 -33.14 2.32 -2.84
CA LYS A 117 -33.84 3.44 -2.22
C LYS A 117 -34.31 3.05 -0.82
N VAL A 118 -34.09 3.96 0.13
CA VAL A 118 -34.46 3.74 1.52
C VAL A 118 -35.70 4.58 1.82
N HIS A 119 -36.78 3.90 2.21
CA HIS A 119 -38.03 4.56 2.58
C HIS A 119 -38.14 4.63 4.10
N ILE A 120 -39.28 5.10 4.58
CA ILE A 120 -39.57 5.09 6.01
C ILE A 120 -40.79 4.20 6.23
N VAL A 121 -40.90 3.68 7.44
CA VAL A 121 -41.91 2.69 7.78
C VAL A 121 -43.20 3.42 8.15
N THR A 122 -44.27 3.10 7.44
CA THR A 122 -45.59 3.66 7.73
C THR A 122 -46.37 2.73 8.66
N GLU A 123 -47.58 3.17 9.02
CA GLU A 123 -48.35 2.44 10.01
C GLU A 123 -48.69 1.00 9.62
N PRO A 124 -49.16 0.69 8.40
CA PRO A 124 -49.43 -0.73 8.09
C PRO A 124 -48.22 -1.62 8.23
N ASP A 125 -47.03 -1.14 7.84
CA ASP A 125 -45.83 -1.96 8.01
C ASP A 125 -45.51 -2.14 9.49
N LEU A 126 -45.74 -1.11 10.30
CA LEU A 126 -45.53 -1.25 11.74
C LEU A 126 -46.47 -2.29 12.33
N LYS A 127 -47.73 -2.29 11.89
CA LYS A 127 -48.67 -3.33 12.32
C LYS A 127 -48.20 -4.71 11.87
N LYS A 128 -47.62 -4.79 10.67
CA LYS A 128 -47.07 -6.05 10.19
C LYS A 128 -45.92 -6.53 11.08
N ILE A 129 -45.08 -5.61 11.53
CA ILE A 129 -43.91 -5.98 12.33
C ILE A 129 -44.33 -6.50 13.69
N TYR A 130 -45.03 -5.68 14.46
CA TYR A 130 -45.34 -5.99 15.85
C TYR A 130 -46.63 -6.77 16.03
N GLY A 131 -47.19 -7.32 14.95
CA GLY A 131 -48.43 -8.08 15.02
C GLY A 131 -48.18 -9.55 14.73
N THR A 132 -48.90 -10.41 15.45
CA THR A 132 -48.80 -11.84 15.24
C THR A 132 -50.14 -12.48 15.54
N GLN A 133 -50.35 -13.68 15.00
CA GLN A 133 -51.62 -14.39 15.13
C GLN A 133 -51.61 -15.44 16.22
N ASN A 134 -50.51 -15.59 16.94
CA ASN A 134 -50.46 -16.58 18.02
C ASN A 134 -51.37 -16.16 19.16
N LYS A 135 -52.03 -17.14 19.77
CA LYS A 135 -53.02 -16.85 20.80
C LYS A 135 -52.40 -16.63 22.18
N LYS A 136 -51.14 -17.00 22.37
CA LYS A 136 -50.52 -16.85 23.69
C LYS A 136 -50.16 -15.39 24.00
N TYR A 137 -49.87 -14.59 22.97
CA TYR A 137 -49.40 -13.23 23.20
C TYR A 137 -50.52 -12.36 23.77
N ILE A 138 -50.15 -11.50 24.71
CA ILE A 138 -51.09 -10.64 25.41
C ILE A 138 -50.59 -9.20 25.32
N SER A 139 -51.49 -8.28 25.01
CA SER A 139 -51.14 -6.86 24.89
C SER A 139 -50.91 -6.28 26.28
N LEU A 140 -49.70 -5.75 26.51
CA LEU A 140 -49.35 -5.14 27.78
C LEU A 140 -49.22 -3.62 27.71
N GLY A 141 -49.27 -3.04 26.52
CA GLY A 141 -49.12 -1.61 26.37
C GLY A 141 -49.12 -1.15 24.93
N ASN A 142 -48.48 -0.01 24.67
CA ASN A 142 -48.42 0.56 23.32
C ASN A 142 -47.00 0.95 22.99
N ILE A 143 -46.65 0.87 21.71
CA ILE A 143 -45.34 1.30 21.26
C ILE A 143 -45.25 2.82 21.34
N ALA A 144 -44.02 3.32 21.47
CA ALA A 144 -43.82 4.75 21.68
C ALA A 144 -44.18 5.56 20.44
N SER A 145 -44.11 4.94 19.26
CA SER A 145 -44.33 5.70 18.02
C SER A 145 -45.82 5.95 17.77
N VAL A 146 -46.59 4.88 17.64
CA VAL A 146 -48.01 4.97 17.30
C VAL A 146 -48.81 4.36 18.43
N ASP A 147 -49.87 5.07 18.86
CA ASP A 147 -50.66 4.65 20.00
C ASP A 147 -51.69 3.57 19.67
N SER A 148 -51.84 3.20 18.40
CA SER A 148 -52.81 2.18 18.02
C SER A 148 -52.19 0.80 17.87
N ILE A 149 -50.90 0.65 18.15
CA ILE A 149 -50.19 -0.62 18.02
C ILE A 149 -50.06 -1.24 19.40
N PRO A 150 -50.61 -2.43 19.64
CA PRO A 150 -50.45 -3.08 20.94
C PRO A 150 -49.12 -3.84 21.01
N ALA A 151 -48.53 -3.83 22.20
CA ALA A 151 -47.25 -4.50 22.44
C ALA A 151 -47.52 -5.92 22.89
N LEU A 152 -47.61 -6.83 21.92
CA LEU A 152 -47.89 -8.22 22.23
C LEU A 152 -46.68 -8.86 22.93
N VAL A 153 -46.94 -9.50 24.07
CA VAL A 153 -45.91 -10.14 24.87
C VAL A 153 -46.36 -11.56 25.21
N ASN A 154 -45.51 -12.54 24.92
CA ASN A 154 -45.82 -13.91 25.26
C ASN A 154 -45.92 -14.06 26.78
N ILE A 155 -46.84 -14.92 27.23
CA ILE A 155 -47.06 -15.10 28.65
C ILE A 155 -46.55 -16.45 29.14
N ASP A 156 -46.50 -17.48 28.30
CA ASP A 156 -45.95 -18.77 28.71
C ASP A 156 -44.47 -18.65 29.02
N THR A 157 -43.72 -17.98 28.14
CA THR A 157 -42.29 -17.79 28.39
C THR A 157 -42.06 -16.80 29.53
N LEU A 158 -42.97 -15.86 29.73
CA LEU A 158 -42.83 -14.89 30.81
C LEU A 158 -42.85 -15.59 32.18
N VAL A 159 -43.59 -16.68 32.28
CA VAL A 159 -43.71 -17.40 33.55
C VAL A 159 -42.70 -18.54 33.65
N THR A 160 -42.57 -19.34 32.60
CA THR A 160 -41.72 -20.52 32.68
C THR A 160 -40.24 -20.16 32.65
N ARG A 161 -39.87 -19.09 31.96
CA ARG A 161 -38.48 -18.70 31.82
C ARG A 161 -38.10 -17.54 32.74
N HIS A 162 -38.95 -17.20 33.71
CA HIS A 162 -38.67 -16.17 34.71
C HIS A 162 -38.56 -14.79 34.08
N SER A 163 -38.56 -13.75 34.92
CA SER A 163 -38.48 -12.37 34.45
C SER A 163 -37.70 -11.55 35.46
N ALA A 164 -37.66 -10.24 35.22
CA ALA A 164 -36.97 -9.30 36.10
C ALA A 164 -37.38 -7.89 35.72
N VAL A 165 -37.55 -7.03 36.73
CA VAL A 165 -37.90 -5.63 36.52
C VAL A 165 -36.85 -4.78 37.23
N LEU A 166 -36.10 -3.99 36.45
CA LEU A 166 -35.02 -3.16 36.98
C LEU A 166 -35.27 -1.71 36.59
N GLY A 167 -35.00 -0.81 37.54
CA GLY A 167 -35.19 0.60 37.29
C GLY A 167 -34.73 1.40 38.49
N SER A 168 -34.86 2.72 38.35
CA SER A 168 -34.49 3.62 39.44
C SER A 168 -35.69 3.87 40.35
N THR A 169 -35.40 4.44 41.53
CA THR A 169 -36.46 4.72 42.49
C THR A 169 -37.46 5.72 41.96
N GLY A 170 -37.04 6.65 41.12
CA GLY A 170 -37.94 7.62 40.54
C GLY A 170 -38.69 7.17 39.31
N SER A 171 -38.44 5.95 38.84
CA SER A 171 -39.05 5.45 37.61
C SER A 171 -40.44 4.86 37.83
N GLY A 172 -40.91 4.77 39.06
CA GLY A 172 -42.24 4.26 39.34
C GLY A 172 -42.42 2.81 38.94
N LYS A 173 -41.47 1.95 39.33
CA LYS A 173 -41.57 0.54 38.98
C LYS A 173 -42.76 -0.13 39.65
N SER A 174 -43.21 0.41 40.80
CA SER A 174 -44.34 -0.19 41.49
C SER A 174 -45.61 -0.14 40.65
N THR A 175 -45.84 0.98 39.97
CA THR A 175 -47.01 1.08 39.09
C THR A 175 -46.92 0.08 37.95
N THR A 176 -45.73 -0.08 37.37
CA THR A 176 -45.55 -1.04 36.28
C THR A 176 -45.84 -2.46 36.75
N VAL A 177 -45.30 -2.84 37.91
CA VAL A 177 -45.53 -4.17 38.44
C VAL A 177 -47.01 -4.39 38.74
N THR A 178 -47.67 -3.38 39.32
CA THR A 178 -49.09 -3.50 39.61
C THR A 178 -49.91 -3.68 38.34
N SER A 179 -49.60 -2.90 37.30
CA SER A 179 -50.31 -3.03 36.03
C SER A 179 -50.10 -4.40 35.42
N ILE A 180 -48.86 -4.89 35.45
CA ILE A 180 -48.57 -6.20 34.88
C ILE A 180 -49.35 -7.28 35.62
N LEU A 181 -49.32 -7.24 36.96
CA LEU A 181 -50.02 -8.25 37.74
C LEU A 181 -51.53 -8.20 37.50
N GLN A 182 -52.09 -6.99 37.40
CA GLN A 182 -53.52 -6.87 37.15
C GLN A 182 -53.88 -7.40 35.76
N ARG A 183 -53.03 -7.15 34.77
CA ARG A 183 -53.33 -7.61 33.42
C ARG A 183 -53.22 -9.12 33.31
N ILE A 184 -52.21 -9.71 33.95
CA ILE A 184 -52.01 -11.16 33.83
C ILE A 184 -53.12 -11.92 34.55
N SER A 185 -53.55 -11.44 35.71
CA SER A 185 -54.51 -12.15 36.55
C SER A 185 -55.93 -11.66 36.36
N ASP A 186 -56.29 -11.29 35.14
CA ASP A 186 -57.65 -10.83 34.86
C ASP A 186 -58.64 -11.97 35.07
N MET A 187 -59.75 -11.65 35.74
CA MET A 187 -60.79 -12.66 35.99
C MET A 187 -61.47 -13.09 34.71
N SER A 188 -61.72 -12.15 33.80
CA SER A 188 -62.46 -12.48 32.58
C SER A 188 -61.66 -13.42 31.68
N GLN A 189 -60.35 -13.22 31.58
CA GLN A 189 -59.53 -13.96 30.64
C GLN A 189 -58.79 -15.14 31.28
N PHE A 190 -58.35 -14.99 32.53
CA PHE A 190 -57.60 -16.04 33.23
C PHE A 190 -58.28 -16.32 34.56
N PRO A 191 -59.37 -17.10 34.56
CA PRO A 191 -60.09 -17.35 35.81
C PRO A 191 -59.31 -18.17 36.82
N SER A 192 -58.25 -18.87 36.41
CA SER A 192 -57.49 -19.76 37.28
C SER A 192 -56.07 -19.26 37.50
N ALA A 193 -55.91 -17.97 37.73
CA ALA A 193 -54.59 -17.41 37.96
C ALA A 193 -54.06 -17.85 39.33
N ARG A 194 -52.76 -17.63 39.52
CA ARG A 194 -52.10 -18.03 40.76
C ARG A 194 -50.84 -17.19 40.91
N ILE A 195 -50.83 -16.27 41.86
CA ILE A 195 -49.73 -15.34 42.06
C ILE A 195 -49.46 -15.18 43.54
N ILE A 196 -48.18 -15.16 43.91
CA ILE A 196 -47.74 -14.92 45.28
C ILE A 196 -46.75 -13.78 45.28
N VAL A 197 -46.95 -12.81 46.16
CA VAL A 197 -46.13 -11.60 46.21
C VAL A 197 -45.45 -11.53 47.58
N PHE A 198 -44.13 -11.37 47.58
CA PHE A 198 -43.37 -11.21 48.82
C PHE A 198 -43.13 -9.73 49.10
N ASP A 199 -44.24 -9.03 49.35
CA ASP A 199 -44.16 -7.60 49.67
C ASP A 199 -43.36 -7.39 50.94
N ILE A 200 -42.46 -6.40 50.91
CA ILE A 200 -41.59 -6.09 52.03
C ILE A 200 -42.02 -4.80 52.73
N HIS A 201 -42.22 -3.74 51.95
CA HIS A 201 -42.63 -2.46 52.52
C HIS A 201 -44.15 -2.30 52.59
N GLY A 202 -44.91 -3.30 52.16
CA GLY A 202 -46.36 -3.22 52.24
C GLY A 202 -46.97 -2.13 51.40
N GLU A 203 -46.40 -1.87 50.23
CA GLU A 203 -46.91 -0.83 49.33
C GLU A 203 -47.77 -1.40 48.21
N TYR A 204 -48.04 -2.70 48.21
CA TYR A 204 -48.91 -3.31 47.22
C TYR A 204 -50.31 -3.62 47.74
N ALA A 205 -50.49 -3.67 49.06
CA ALA A 205 -51.81 -3.94 49.61
C ALA A 205 -52.79 -2.83 49.25
N ALA A 206 -52.33 -1.58 49.24
CA ALA A 206 -53.22 -0.46 48.92
C ALA A 206 -53.73 -0.56 47.49
N ALA A 207 -52.87 -0.97 46.55
CA ALA A 207 -53.28 -1.05 45.16
C ALA A 207 -54.41 -2.06 44.96
N PHE A 208 -54.31 -3.22 45.61
CA PHE A 208 -55.34 -4.25 45.52
C PHE A 208 -56.23 -4.13 46.74
N LYS A 209 -57.34 -3.39 46.59
CA LYS A 209 -58.25 -3.18 47.71
C LYS A 209 -59.02 -4.44 48.05
N GLY A 210 -59.82 -4.94 47.09
CA GLY A 210 -60.60 -6.13 47.32
C GLY A 210 -60.35 -7.21 46.29
N LYS A 211 -59.28 -7.05 45.50
CA LYS A 211 -58.95 -8.00 44.46
C LYS A 211 -57.99 -9.09 44.92
N ALA A 212 -57.43 -8.98 46.12
CA ALA A 212 -56.41 -9.91 46.57
C ALA A 212 -56.43 -10.04 48.09
N LYS A 213 -56.19 -11.25 48.57
CA LYS A 213 -56.03 -11.46 50.00
C LYS A 213 -54.72 -10.85 50.48
N VAL A 214 -54.74 -10.27 51.68
CA VAL A 214 -53.56 -9.66 52.28
C VAL A 214 -53.33 -10.32 53.63
N TYR A 215 -52.10 -10.78 53.85
CA TYR A 215 -51.71 -11.43 55.10
C TYR A 215 -50.67 -10.56 55.78
N LYS A 216 -51.13 -9.68 56.67
CA LYS A 216 -50.25 -8.76 57.38
C LYS A 216 -49.82 -9.38 58.72
N VAL A 217 -49.14 -8.57 59.53
CA VAL A 217 -48.72 -9.01 60.85
C VAL A 217 -49.79 -8.70 61.90
N THR A 218 -50.29 -7.47 61.93
CA THR A 218 -51.34 -7.07 62.86
C THR A 218 -52.60 -6.66 62.11
N PRO A 219 -53.62 -7.53 62.04
CA PRO A 219 -54.86 -7.15 61.36
C PRO A 219 -55.59 -6.04 62.10
N SER A 220 -56.23 -5.17 61.32
CA SER A 220 -57.01 -4.07 61.89
C SER A 220 -58.49 -4.20 61.57
N ASN A 221 -58.86 -4.23 60.29
CA ASN A 221 -60.27 -4.26 59.90
C ASN A 221 -60.66 -5.54 59.16
N ASN A 222 -59.98 -5.87 58.07
CA ASN A 222 -60.36 -7.02 57.26
C ASN A 222 -59.19 -7.90 56.83
N GLU A 223 -57.96 -7.43 56.93
CA GLU A 223 -56.82 -8.27 56.56
C GLU A 223 -56.66 -9.43 57.53
N LEU A 224 -56.13 -10.54 57.03
CA LEU A 224 -55.90 -11.70 57.87
C LEU A 224 -54.59 -11.53 58.64
N LYS A 225 -54.21 -12.57 59.38
CA LYS A 225 -52.98 -12.57 60.16
C LYS A 225 -52.03 -13.62 59.61
N LEU A 226 -50.84 -13.20 59.22
CA LEU A 226 -49.82 -14.15 58.79
C LEU A 226 -49.33 -14.94 59.99
N SER A 227 -49.27 -16.27 59.85
CA SER A 227 -48.84 -17.13 60.94
C SER A 227 -48.14 -18.35 60.35
N ILE A 228 -46.90 -18.58 60.76
CA ILE A 228 -46.13 -19.74 60.31
C ILE A 228 -45.83 -20.60 61.53
N PRO A 229 -46.46 -21.76 61.68
CA PRO A 229 -46.18 -22.61 62.83
C PRO A 229 -44.73 -23.05 62.87
N TYR A 230 -44.17 -23.11 64.08
CA TYR A 230 -42.76 -23.43 64.23
C TYR A 230 -42.47 -24.89 63.94
N TRP A 231 -43.47 -25.77 64.08
CA TRP A 231 -43.25 -27.19 63.84
C TRP A 231 -43.25 -27.54 62.36
N ALA A 232 -43.59 -26.59 61.48
CA ALA A 232 -43.45 -26.80 60.05
C ALA A 232 -42.04 -26.56 59.54
N LEU A 233 -41.15 -26.05 60.39
CA LEU A 233 -39.77 -25.82 60.02
C LEU A 233 -38.96 -27.11 60.10
N THR A 234 -37.78 -27.09 59.48
CA THR A 234 -36.82 -28.17 59.64
C THR A 234 -35.93 -27.88 60.84
N CYS A 235 -35.10 -28.86 61.18
CA CYS A 235 -34.26 -28.75 62.37
C CYS A 235 -33.26 -27.59 62.25
N ASP A 236 -32.61 -27.49 61.10
CA ASP A 236 -31.58 -26.47 60.93
C ASP A 236 -32.16 -25.06 60.98
N GLU A 237 -33.27 -24.83 60.28
CA GLU A 237 -33.88 -23.51 60.28
C GLU A 237 -34.44 -23.17 61.66
N PHE A 238 -35.02 -24.15 62.36
CA PHE A 238 -35.48 -23.92 63.72
C PHE A 238 -34.33 -23.53 64.63
N LEU A 239 -33.20 -24.22 64.52
CA LEU A 239 -32.03 -23.87 65.32
C LEU A 239 -31.54 -22.47 64.98
N SER A 240 -31.51 -22.12 63.69
CA SER A 240 -31.01 -20.81 63.30
C SER A 240 -31.97 -19.69 63.72
N VAL A 241 -33.26 -20.00 63.86
CA VAL A 241 -34.23 -18.99 64.26
C VAL A 241 -34.26 -18.82 65.78
N ALA A 242 -34.36 -19.92 66.53
CA ALA A 242 -34.53 -19.81 67.97
C ALA A 242 -33.20 -19.60 68.69
N PHE A 243 -32.29 -20.57 68.58
CA PHE A 243 -31.04 -20.53 69.33
C PHE A 243 -29.93 -19.77 68.62
N GLY A 244 -30.08 -19.47 67.33
CA GLY A 244 -29.04 -18.77 66.61
C GLY A 244 -27.90 -19.64 66.11
N GLY A 245 -28.07 -20.96 66.10
CA GLY A 245 -27.06 -21.83 65.53
C GLY A 245 -26.04 -22.38 66.51
N LEU A 246 -26.51 -23.03 67.57
CA LEU A 246 -25.60 -23.70 68.48
C LEU A 246 -24.85 -24.82 67.78
N GLU A 247 -23.59 -25.02 68.18
CA GLU A 247 -22.73 -25.99 67.52
C GLU A 247 -22.21 -27.10 68.44
N GLY A 248 -22.34 -26.95 69.76
CA GLY A 248 -21.85 -27.93 70.69
C GLY A 248 -22.81 -29.09 70.87
N SER A 249 -22.62 -29.81 71.97
CA SER A 249 -23.48 -30.94 72.30
C SER A 249 -24.91 -30.50 72.58
N GLY A 250 -25.15 -29.21 72.83
CA GLY A 250 -26.50 -28.73 73.01
C GLY A 250 -27.36 -28.96 71.79
N ARG A 251 -26.75 -28.87 70.60
CA ARG A 251 -27.49 -29.21 69.38
C ARG A 251 -27.97 -30.65 69.41
N ASN A 252 -27.10 -31.57 69.83
CA ASN A 252 -27.49 -32.97 69.93
C ASN A 252 -28.60 -33.16 70.96
N ALA A 253 -28.49 -32.49 72.10
CA ALA A 253 -29.52 -32.61 73.13
C ALA A 253 -30.86 -32.10 72.62
N LEU A 254 -30.87 -30.96 71.95
CA LEU A 254 -32.10 -30.41 71.40
C LEU A 254 -32.69 -31.33 70.34
N ILE A 255 -31.84 -31.89 69.47
CA ILE A 255 -32.33 -32.81 68.44
C ILE A 255 -32.97 -34.04 69.08
N ASP A 256 -32.33 -34.58 70.12
CA ASP A 256 -32.88 -35.73 70.82
C ASP A 256 -34.22 -35.40 71.46
N LYS A 257 -34.32 -34.21 72.07
CA LYS A 257 -35.60 -33.81 72.67
C LYS A 257 -36.68 -33.65 71.63
N ILE A 258 -36.35 -33.07 70.47
CA ILE A 258 -37.33 -32.94 69.39
C ILE A 258 -37.80 -34.31 68.95
N TYR A 259 -36.87 -35.25 68.79
CA TYR A 259 -37.24 -36.60 68.37
C TYR A 259 -38.15 -37.25 69.39
N GLU A 260 -37.82 -37.11 70.68
CA GLU A 260 -38.65 -37.71 71.73
C GLU A 260 -40.05 -37.12 71.75
N LEU A 261 -40.16 -35.79 71.65
CA LEU A 261 -41.47 -35.15 71.67
C LEU A 261 -42.29 -35.55 70.44
N LYS A 262 -41.65 -35.63 69.28
CA LYS A 262 -42.37 -36.04 68.08
C LYS A 262 -42.84 -37.49 68.17
N LEU A 263 -42.01 -38.36 68.75
CA LEU A 263 -42.42 -39.75 68.96
C LEU A 263 -43.62 -39.83 69.90
N GLN A 264 -43.58 -39.07 70.99
CA GLN A 264 -44.71 -39.07 71.92
C GLN A 264 -45.98 -38.55 71.26
N THR A 265 -45.85 -37.48 70.45
CA THR A 265 -47.01 -36.95 69.75
C THR A 265 -47.58 -37.97 68.77
N LEU A 266 -46.72 -38.66 68.03
CA LEU A 266 -47.18 -39.70 67.11
C LEU A 266 -47.89 -40.81 67.87
N LYS A 267 -47.38 -41.18 69.05
CA LYS A 267 -48.06 -42.18 69.87
C LYS A 267 -49.44 -41.70 70.29
N ARG A 268 -49.54 -40.43 70.72
CA ARG A 268 -50.82 -39.92 71.21
C ARG A 268 -51.83 -39.74 70.08
N GLN A 269 -51.41 -39.12 68.98
CA GLN A 269 -52.30 -38.80 67.88
C GLN A 269 -51.93 -39.63 66.66
N GLU A 270 -52.89 -40.34 66.11
CA GLU A 270 -52.67 -41.16 64.93
C GLU A 270 -52.46 -40.28 63.70
N TYR A 271 -51.48 -40.65 62.88
CA TYR A 271 -51.19 -39.94 61.64
C TYR A 271 -51.05 -40.94 60.51
N GLU A 272 -51.49 -40.55 59.32
CA GLU A 272 -51.51 -41.46 58.18
C GLU A 272 -50.10 -41.68 57.64
N GLY A 273 -49.81 -42.95 57.35
CA GLY A 273 -48.56 -43.31 56.70
C GLY A 273 -47.29 -43.01 57.46
N ILE A 274 -47.38 -42.74 58.75
CA ILE A 274 -46.21 -42.41 59.58
C ILE A 274 -46.19 -43.34 60.77
N ASN A 275 -45.04 -43.95 61.02
CA ASN A 275 -44.85 -44.86 62.14
C ASN A 275 -43.52 -44.54 62.79
N GLU A 276 -43.13 -45.36 63.78
CA GLU A 276 -41.86 -45.16 64.46
C GLU A 276 -40.67 -45.42 63.55
N ASP A 277 -40.87 -46.13 62.44
CA ASP A 277 -39.79 -46.45 61.53
C ASP A 277 -39.51 -45.35 60.52
N SER A 278 -40.56 -44.68 60.02
CA SER A 278 -40.43 -43.66 59.00
C SER A 278 -40.62 -42.25 59.55
N LEU A 279 -40.15 -42.01 60.77
CA LEU A 279 -40.23 -40.70 61.39
C LEU A 279 -38.85 -40.06 61.39
N THR A 280 -38.77 -38.82 60.91
CA THR A 280 -37.55 -38.04 60.92
C THR A 280 -37.81 -36.71 61.62
N VAL A 281 -36.73 -36.06 62.06
CA VAL A 281 -36.86 -34.73 62.63
C VAL A 281 -37.41 -33.75 61.60
N ASP A 282 -37.10 -33.99 60.32
CA ASP A 282 -37.60 -33.15 59.24
C ASP A 282 -39.12 -33.24 59.08
N THR A 283 -39.73 -34.31 59.55
CA THR A 283 -41.16 -34.52 59.34
C THR A 283 -41.96 -33.45 60.07
N PRO A 284 -42.86 -32.73 59.38
CA PRO A 284 -43.65 -31.68 60.04
C PRO A 284 -44.77 -32.25 60.90
N ILE A 285 -44.45 -32.64 62.13
CA ILE A 285 -45.41 -33.19 63.07
C ILE A 285 -45.50 -32.22 64.25
N PRO A 286 -46.70 -31.80 64.65
CA PRO A 286 -46.80 -30.80 65.72
C PRO A 286 -46.26 -31.33 67.04
N PHE A 287 -45.71 -30.41 67.84
CA PHE A 287 -45.17 -30.76 69.15
C PHE A 287 -45.08 -29.47 69.97
N SER A 288 -45.21 -29.63 71.28
CA SER A 288 -45.20 -28.48 72.19
C SER A 288 -43.77 -27.99 72.40
N ILE A 289 -43.59 -26.67 72.33
CA ILE A 289 -42.28 -26.08 72.60
C ILE A 289 -42.16 -25.65 74.06
N HIS A 290 -43.28 -25.24 74.68
CA HIS A 290 -43.24 -24.83 76.08
C HIS A 290 -42.85 -25.99 76.97
N LYS A 291 -43.37 -27.19 76.68
CA LYS A 291 -42.98 -28.37 77.46
C LYS A 291 -41.48 -28.64 77.34
N LEU A 292 -40.94 -28.53 76.13
CA LEU A 292 -39.51 -28.73 75.92
C LEU A 292 -38.70 -27.71 76.72
N TRP A 293 -39.09 -26.44 76.66
CA TRP A 293 -38.36 -25.42 77.41
C TRP A 293 -38.44 -25.69 78.90
N PHE A 294 -39.62 -26.05 79.40
CA PHE A 294 -39.78 -26.35 80.82
C PHE A 294 -38.87 -27.49 81.23
N ASP A 295 -38.87 -28.58 80.48
CA ASP A 295 -38.06 -29.74 80.83
C ASP A 295 -36.58 -29.40 80.82
N LEU A 296 -36.10 -28.78 79.74
CA LEU A 296 -34.67 -28.50 79.64
C LEU A 296 -34.21 -27.44 80.64
N TYR A 297 -35.07 -26.48 80.99
CA TYR A 297 -34.67 -25.46 81.94
C TYR A 297 -34.74 -25.96 83.38
N ARG A 298 -35.67 -26.87 83.68
CA ARG A 298 -35.71 -27.47 85.01
C ARG A 298 -34.60 -28.49 85.20
N ALA A 299 -34.17 -29.15 84.13
CA ALA A 299 -33.09 -30.12 84.22
C ALA A 299 -31.71 -29.47 84.25
N GLU A 300 -31.63 -28.15 84.49
CA GLU A 300 -30.36 -27.45 84.51
C GLU A 300 -30.16 -26.56 85.73
N ILE A 301 -31.22 -26.22 86.47
CA ILE A 301 -31.12 -25.30 87.60
C ILE A 301 -31.63 -25.96 88.89
N SER A 302 -32.78 -26.64 88.80
CA SER A 302 -33.40 -27.20 90.01
C SER A 302 -32.47 -28.23 90.66
N THR A 303 -32.45 -28.21 91.99
CA THR A 303 -31.55 -29.05 92.78
C THR A 303 -32.33 -30.22 93.37
N HIS A 304 -31.72 -31.40 93.31
CA HIS A 304 -32.34 -32.59 93.88
C HIS A 304 -32.29 -32.53 95.41
N TYR A 305 -33.34 -33.08 96.03
CA TYR A 305 -33.41 -33.08 97.49
C TYR A 305 -32.32 -33.96 98.09
N VAL A 306 -32.04 -35.11 97.48
CA VAL A 306 -31.06 -36.05 97.97
C VAL A 306 -29.88 -36.08 97.02
N GLN A 307 -28.67 -36.04 97.59
CA GLN A 307 -27.46 -36.08 96.78
C GLN A 307 -27.28 -37.46 96.16
N GLY A 308 -26.45 -37.52 95.14
CA GLY A 308 -26.18 -38.76 94.42
C GLY A 308 -27.15 -39.06 93.29
N SER A 309 -28.44 -38.94 93.54
CA SER A 309 -29.47 -39.14 92.54
C SER A 309 -30.19 -37.83 92.29
N HIS A 310 -30.36 -37.47 91.02
CA HIS A 310 -30.97 -36.19 90.63
C HIS A 310 -32.22 -36.41 89.80
N SER A 311 -33.07 -37.34 90.23
CA SER A 311 -34.31 -37.61 89.52
C SER A 311 -35.31 -36.47 89.73
N GLU A 312 -36.36 -36.50 88.91
CA GLU A 312 -37.39 -35.46 88.99
C GLU A 312 -38.21 -35.58 90.27
N GLU A 313 -38.32 -36.78 90.83
CA GLU A 313 -39.10 -36.99 92.04
C GLU A 313 -38.43 -36.42 93.29
N ASN A 314 -37.17 -36.01 93.19
CA ASN A 314 -36.43 -35.44 94.32
C ASN A 314 -36.39 -33.92 94.27
N GLU A 315 -37.47 -33.30 93.81
CA GLU A 315 -37.53 -31.85 93.67
C GLU A 315 -37.43 -31.15 95.02
N ALA A 316 -36.32 -30.42 95.23
CA ALA A 316 -36.11 -29.67 96.47
C ALA A 316 -36.61 -28.24 96.29
N LEU A 317 -37.93 -28.10 96.34
CA LEU A 317 -38.59 -26.82 96.16
C LEU A 317 -38.88 -26.19 97.52
N LEU A 318 -38.46 -24.93 97.68
CA LEU A 318 -38.69 -24.21 98.92
C LEU A 318 -40.14 -23.75 99.00
N LEU A 319 -40.77 -24.01 100.15
CA LEU A 319 -42.16 -23.64 100.35
C LEU A 319 -42.38 -23.10 101.76
N VAL A 326 -43.01 -23.16 96.83
CA VAL A 326 -43.68 -21.87 96.71
C VAL A 326 -44.06 -21.60 95.27
N GLN A 327 -43.08 -21.67 94.37
CA GLN A 327 -43.28 -21.42 92.95
C GLN A 327 -43.29 -22.76 92.23
N LYS A 328 -44.50 -23.30 92.02
CA LYS A 328 -44.62 -24.56 91.30
C LYS A 328 -44.22 -24.41 89.84
N GLY A 329 -44.56 -23.27 89.24
CA GLY A 329 -44.22 -23.03 87.84
C GLY A 329 -45.30 -23.51 86.90
N ASP A 330 -45.36 -22.87 85.73
CA ASP A 330 -46.33 -23.20 84.70
C ASP A 330 -45.62 -23.48 83.39
N SER A 331 -46.15 -24.44 82.64
CA SER A 331 -45.57 -24.80 81.35
C SER A 331 -45.97 -23.82 80.25
N LEU A 332 -47.27 -23.55 80.13
CA LEU A 332 -47.72 -22.58 79.13
C LEU A 332 -47.14 -21.20 79.41
N LYS A 333 -47.13 -20.78 80.66
CA LYS A 333 -46.49 -19.53 81.03
C LYS A 333 -44.97 -19.70 81.04
N VAL A 334 -44.27 -18.57 81.02
CA VAL A 334 -42.81 -18.57 81.02
C VAL A 334 -42.24 -18.64 82.43
N VAL A 335 -43.08 -18.67 83.45
CA VAL A 335 -42.60 -18.64 84.84
C VAL A 335 -41.87 -19.94 85.16
N PRO A 336 -40.64 -19.89 85.67
CA PRO A 336 -39.94 -21.11 86.05
C PRO A 336 -40.15 -21.43 87.51
N PRO A 337 -40.06 -22.71 87.89
CA PRO A 337 -40.19 -23.07 89.30
C PRO A 337 -38.96 -22.69 90.11
N ILE A 338 -39.15 -22.60 91.42
CA ILE A 338 -38.08 -22.27 92.35
C ILE A 338 -37.65 -23.54 93.08
N TYR A 339 -36.35 -23.63 93.34
CA TYR A 339 -35.78 -24.79 94.02
C TYR A 339 -34.88 -24.31 95.16
N MET A 340 -34.82 -25.14 96.21
CA MET A 340 -34.00 -24.79 97.37
C MET A 340 -32.52 -24.79 96.99
N PRO A 341 -31.72 -23.90 97.58
CA PRO A 341 -30.29 -23.86 97.26
C PRO A 341 -29.58 -25.12 97.71
N HIS A 342 -28.50 -25.44 97.01
CA HIS A 342 -27.71 -26.63 97.30
C HIS A 342 -26.81 -26.36 98.50
N THR A 343 -26.93 -27.20 99.53
CA THR A 343 -26.12 -27.08 100.74
C THR A 343 -26.04 -28.43 101.40
N GLN A 344 -24.85 -29.04 101.39
CA GLN A 344 -24.62 -30.35 101.98
C GLN A 344 -23.90 -30.26 103.31
N ALA A 345 -23.88 -29.09 103.94
CA ALA A 345 -23.20 -28.92 105.21
C ALA A 345 -23.96 -29.61 106.34
N GLN A 346 -23.28 -29.75 107.48
CA GLN A 346 -23.88 -30.41 108.64
C GLN A 346 -24.95 -29.53 109.27
N GLY A 347 -25.78 -30.17 110.09
CA GLY A 347 -26.87 -29.47 110.75
C GLY A 347 -28.17 -29.53 109.97
N ALA A 348 -28.15 -29.04 108.74
CA ALA A 348 -29.31 -29.05 107.88
C ALA A 348 -29.22 -30.20 106.87
N THR A 349 -30.31 -30.38 106.13
CA THR A 349 -30.36 -31.44 105.13
C THR A 349 -29.38 -31.16 103.99
N LYS A 350 -28.86 -32.24 103.41
CA LYS A 350 -27.90 -32.14 102.31
C LYS A 350 -28.67 -32.14 100.99
N ILE A 351 -28.60 -31.03 100.28
CA ILE A 351 -29.26 -30.85 98.99
C ILE A 351 -28.20 -30.63 97.93
N TYR A 352 -28.29 -31.38 96.83
CA TYR A 352 -27.33 -31.29 95.74
C TYR A 352 -28.03 -30.83 94.46
N LEU A 353 -27.31 -30.07 93.65
CA LEU A 353 -27.85 -29.59 92.39
C LEU A 353 -27.93 -30.74 91.37
N SER A 354 -28.67 -30.49 90.30
CA SER A 354 -28.83 -31.50 89.25
C SER A 354 -27.49 -31.80 88.60
N ASN A 355 -27.19 -33.08 88.43
CA ASN A 355 -25.93 -33.53 87.87
C ASN A 355 -25.99 -33.78 86.37
N ARG A 356 -27.15 -33.58 85.75
CA ARG A 356 -27.31 -33.78 84.31
C ARG A 356 -27.49 -32.48 83.55
N GLY A 357 -27.34 -31.34 84.22
CA GLY A 357 -27.51 -30.05 83.55
C GLY A 357 -26.46 -29.84 82.49
N LYS A 358 -26.90 -29.49 81.29
CA LYS A 358 -26.01 -29.20 80.17
C LYS A 358 -25.55 -27.74 80.28
N ASN A 359 -24.92 -27.23 79.22
CA ASN A 359 -24.44 -25.86 79.15
C ASN A 359 -25.38 -24.96 78.35
N ILE A 360 -26.68 -25.20 78.45
CA ILE A 360 -27.66 -24.51 77.62
C ILE A 360 -28.52 -23.55 78.45
N ARG A 361 -27.95 -22.98 79.52
CA ARG A 361 -28.70 -22.03 80.33
C ARG A 361 -28.97 -20.74 79.55
N LYS A 362 -27.92 -20.17 78.94
CA LYS A 362 -28.11 -18.93 78.18
C LYS A 362 -29.01 -19.11 76.97
N PRO A 363 -28.84 -20.13 76.12
CA PRO A 363 -29.80 -20.30 75.01
C PRO A 363 -31.24 -20.51 75.49
N LEU A 364 -31.42 -21.21 76.61
CA LEU A 364 -32.77 -21.40 77.13
C LEU A 364 -33.36 -20.09 77.64
N GLU A 365 -32.53 -19.26 78.28
CA GLU A 365 -33.00 -17.94 78.68
C GLU A 365 -33.39 -17.10 77.48
N GLY A 366 -32.59 -17.18 76.40
CA GLY A 366 -32.95 -16.47 75.18
C GLY A 366 -34.24 -16.96 74.57
N LEU A 367 -34.45 -18.28 74.57
CA LEU A 367 -35.70 -18.84 74.06
C LEU A 367 -36.89 -18.41 74.92
N ALA A 368 -36.71 -18.36 76.23
CA ALA A 368 -37.78 -17.88 77.10
C ALA A 368 -38.10 -16.42 76.82
N SER A 369 -37.07 -15.60 76.60
CA SER A 369 -37.30 -14.20 76.24
C SER A 369 -38.05 -14.10 74.92
N LEU A 370 -37.68 -14.93 73.94
CA LEU A 370 -38.39 -14.93 72.66
C LEU A 370 -39.85 -15.34 72.84
N LEU A 371 -40.10 -16.34 73.67
CA LEU A 371 -41.47 -16.78 73.92
C LEU A 371 -42.28 -15.67 74.58
N LYS A 372 -41.69 -14.96 75.54
CA LYS A 372 -42.40 -13.88 76.20
C LYS A 372 -42.50 -12.63 75.34
N ASP A 373 -41.73 -12.54 74.26
CA ASP A 373 -41.76 -11.35 73.41
C ASP A 373 -42.99 -11.37 72.52
N PRO A 374 -43.79 -10.30 72.52
CA PRO A 374 -44.98 -10.27 71.65
C PRO A 374 -44.65 -10.16 70.17
N ARG A 375 -43.41 -9.86 69.80
CA ARG A 375 -43.06 -9.72 68.40
C ARG A 375 -43.02 -11.06 67.65
N TYR A 376 -43.10 -12.18 68.37
CA TYR A 376 -43.03 -13.50 67.76
C TYR A 376 -44.33 -14.28 67.92
N GLU A 377 -45.46 -13.55 67.95
CA GLU A 377 -46.76 -14.22 68.04
C GLU A 377 -47.03 -15.05 66.80
N PHE A 378 -46.64 -14.55 65.63
CA PHE A 378 -46.87 -15.29 64.39
C PHE A 378 -46.09 -16.60 64.35
N LEU A 379 -45.01 -16.71 65.12
CA LEU A 379 -44.21 -17.92 65.15
C LEU A 379 -44.67 -18.87 66.26
N PHE A 380 -44.66 -18.40 67.51
CA PHE A 380 -44.87 -19.26 68.65
C PHE A 380 -46.29 -19.29 69.16
N ASN A 381 -47.19 -18.47 68.62
CA ASN A 381 -48.56 -18.40 69.09
C ASN A 381 -49.54 -18.39 67.92
N ALA A 382 -49.36 -19.31 66.98
CA ALA A 382 -50.27 -19.42 65.85
C ALA A 382 -51.69 -19.64 66.34
N ASP A 383 -52.64 -18.92 65.72
CA ASP A 383 -54.02 -18.90 66.21
C ASP A 383 -54.64 -20.30 66.15
N ASP A 384 -54.77 -20.85 64.95
CA ASP A 384 -55.39 -22.15 64.77
C ASP A 384 -54.38 -23.29 64.82
N TRP A 385 -53.10 -23.00 65.03
CA TRP A 385 -52.06 -24.01 65.06
C TRP A 385 -51.21 -23.89 66.31
N SER A 386 -51.84 -23.53 67.43
CA SER A 386 -51.17 -23.55 68.72
C SER A 386 -51.19 -24.96 69.28
N VAL A 387 -50.09 -25.34 69.93
CA VAL A 387 -49.89 -26.72 70.39
C VAL A 387 -50.09 -26.76 71.90
N ASN A 388 -50.95 -27.66 72.36
CA ASN A 388 -51.13 -27.90 73.78
C ASN A 388 -49.99 -28.76 74.31
N LEU A 389 -50.00 -29.01 75.62
CA LEU A 389 -48.93 -29.80 76.23
C LEU A 389 -48.95 -31.24 75.76
N ASP A 390 -50.12 -31.77 75.41
CA ASP A 390 -50.24 -33.13 74.92
C ASP A 390 -49.93 -33.26 73.43
N GLY A 391 -49.69 -32.15 72.74
CA GLY A 391 -49.37 -32.19 71.33
C GLY A 391 -50.59 -32.33 70.43
N LYS A 392 -51.52 -31.38 70.54
CA LYS A 392 -52.70 -31.35 69.69
C LYS A 392 -52.99 -29.92 69.29
N THR A 393 -53.39 -29.73 68.03
CA THR A 393 -53.67 -28.41 67.48
C THR A 393 -55.09 -28.36 66.96
N ASN A 394 -55.64 -27.13 66.93
CA ASN A 394 -57.00 -26.94 66.44
C ASN A 394 -57.13 -27.30 64.98
N LYS A 395 -56.15 -26.90 64.17
CA LYS A 395 -56.17 -27.13 62.72
C LYS A 395 -54.89 -27.85 62.31
N ASP A 396 -54.75 -28.06 61.00
CA ASP A 396 -53.60 -28.75 60.43
C ASP A 396 -52.95 -27.86 59.36
N LEU A 397 -51.88 -28.39 58.75
CA LEU A 397 -51.16 -27.65 57.74
C LEU A 397 -51.92 -27.55 56.43
N ASP A 398 -52.86 -28.47 56.17
CA ASP A 398 -53.63 -28.41 54.95
C ASP A 398 -54.46 -27.14 54.86
N ALA A 399 -55.01 -26.70 55.99
CA ALA A 399 -55.75 -25.44 56.01
C ALA A 399 -54.83 -24.27 55.67
N LEU A 400 -53.61 -24.28 56.20
CA LEU A 400 -52.66 -23.21 55.90
C LEU A 400 -52.31 -23.20 54.42
N LEU A 401 -52.06 -24.37 53.83
CA LEU A 401 -51.73 -24.44 52.41
C LEU A 401 -52.90 -23.97 51.56
N GLU A 402 -54.12 -24.36 51.92
CA GLU A 402 -55.30 -23.91 51.18
C GLU A 402 -55.49 -22.40 51.29
N THR A 403 -55.25 -21.84 52.47
CA THR A 403 -55.38 -20.41 52.65
C THR A 403 -54.29 -19.66 51.87
N TRP A 404 -53.13 -20.29 51.69
CA TRP A 404 -52.04 -19.62 50.98
C TRP A 404 -52.22 -19.68 49.46
N VAL A 405 -52.33 -20.89 48.91
CA VAL A 405 -52.29 -21.06 47.47
C VAL A 405 -53.51 -21.81 46.96
N GLY A 406 -54.63 -21.69 47.67
CA GLY A 406 -55.84 -22.37 47.25
C GLY A 406 -57.11 -21.58 47.47
N SER A 407 -56.97 -20.32 47.86
CA SER A 407 -58.13 -19.48 48.11
C SER A 407 -58.82 -19.12 46.80
N GLU A 408 -60.03 -18.56 46.92
CA GLU A 408 -60.78 -18.15 45.74
C GLU A 408 -60.19 -16.90 45.08
N GLU A 409 -59.28 -16.20 45.74
CA GLU A 409 -58.64 -15.03 45.17
C GLU A 409 -57.37 -15.43 44.44
N SER A 410 -57.14 -14.80 43.29
CA SER A 410 -56.01 -15.18 42.44
C SER A 410 -54.68 -14.71 43.01
N ILE A 411 -54.65 -13.58 43.70
CA ILE A 411 -53.42 -12.98 44.19
C ILE A 411 -53.40 -13.00 45.71
N SER A 412 -52.31 -13.50 46.28
CA SER A 412 -52.08 -13.48 47.71
C SER A 412 -50.82 -12.68 47.99
N ILE A 413 -50.91 -11.74 48.93
CA ILE A 413 -49.82 -10.81 49.22
C ILE A 413 -49.39 -11.01 50.67
N PHE A 414 -48.08 -11.20 50.87
CA PHE A 414 -47.50 -11.30 52.20
C PHE A 414 -46.87 -9.96 52.57
N ASP A 415 -47.41 -9.31 53.59
CA ASP A 415 -46.93 -8.00 54.03
C ASP A 415 -45.94 -8.24 55.18
N LEU A 416 -44.65 -8.20 54.86
CA LEU A 416 -43.59 -8.46 55.82
C LEU A 416 -42.98 -7.19 56.37
N SER A 417 -43.77 -6.11 56.49
CA SER A 417 -43.23 -4.84 56.97
C SER A 417 -42.96 -4.87 58.47
N GLY A 418 -43.89 -5.45 59.24
CA GLY A 418 -43.78 -5.44 60.69
C GLY A 418 -42.90 -6.50 61.30
N MET A 419 -42.28 -7.33 60.49
CA MET A 419 -41.46 -8.43 61.00
C MET A 419 -40.09 -7.92 61.43
N PRO A 420 -39.43 -8.62 62.35
CA PRO A 420 -38.08 -8.21 62.77
C PRO A 420 -37.10 -8.28 61.61
N SER A 421 -36.12 -7.37 61.64
CA SER A 421 -35.19 -7.23 60.53
C SER A 421 -34.07 -8.26 60.56
N SER A 422 -33.88 -8.98 61.66
CA SER A 422 -32.78 -9.92 61.77
C SER A 422 -33.13 -11.32 61.29
N ILE A 423 -34.39 -11.59 60.97
CA ILE A 423 -34.82 -12.94 60.61
C ILE A 423 -35.61 -12.92 59.32
N LEU A 424 -35.67 -11.76 58.66
CA LEU A 424 -36.47 -11.66 57.43
C LEU A 424 -35.93 -12.58 56.35
N ASP A 425 -34.61 -12.65 56.19
CA ASP A 425 -34.02 -13.55 55.21
C ASP A 425 -34.39 -15.00 55.48
N THR A 426 -34.28 -15.42 56.75
CA THR A 426 -34.58 -16.80 57.11
C THR A 426 -36.06 -17.12 56.86
N LEU A 427 -36.95 -16.18 57.18
CA LEU A 427 -38.38 -16.43 56.97
C LEU A 427 -38.72 -16.48 55.48
N ILE A 428 -38.08 -15.64 54.67
CA ILE A 428 -38.29 -15.72 53.23
C ILE A 428 -37.82 -17.08 52.70
N GLY A 429 -36.66 -17.54 53.17
CA GLY A 429 -36.21 -18.87 52.78
C GLY A 429 -37.18 -19.96 53.21
N ILE A 430 -37.74 -19.82 54.42
CA ILE A 430 -38.71 -20.79 54.92
C ILE A 430 -39.93 -20.86 54.02
N LEU A 431 -40.49 -19.69 53.68
CA LEU A 431 -41.67 -19.65 52.83
C LEU A 431 -41.37 -20.23 51.45
N ILE A 432 -40.22 -19.88 50.88
CA ILE A 432 -39.86 -20.40 49.57
C ILE A 432 -39.75 -21.92 49.61
N ARG A 433 -39.08 -22.45 50.64
CA ARG A 433 -38.92 -23.90 50.75
C ARG A 433 -40.26 -24.59 50.90
N ILE A 434 -41.14 -24.06 51.74
CA ILE A 434 -42.44 -24.68 51.96
C ILE A 434 -43.24 -24.71 50.66
N LEU A 435 -43.29 -23.57 49.96
CA LEU A 435 -44.05 -23.53 48.72
C LEU A 435 -43.47 -24.48 47.69
N TYR A 436 -42.14 -24.50 47.54
CA TYR A 436 -41.54 -25.39 46.54
C TYR A 436 -41.81 -26.85 46.85
N ASP A 437 -41.64 -27.25 48.12
CA ASP A 437 -41.89 -28.64 48.47
C ASP A 437 -43.35 -29.01 48.28
N SER A 438 -44.27 -28.13 48.67
CA SER A 438 -45.69 -28.42 48.53
C SER A 438 -46.08 -28.58 47.07
N LEU A 439 -45.56 -27.72 46.19
CA LEU A 439 -45.89 -27.82 44.78
C LEU A 439 -45.04 -28.85 44.03
N PHE A 440 -44.01 -29.38 44.66
CA PHE A 440 -43.17 -30.40 44.03
C PHE A 440 -43.65 -31.81 44.33
N TRP A 441 -43.94 -32.10 45.61
CA TRP A 441 -44.32 -33.46 45.98
C TRP A 441 -45.70 -33.85 45.47
N SER A 442 -46.50 -32.91 44.99
CA SER A 442 -47.83 -33.23 44.48
C SER A 442 -47.98 -32.78 43.03
N ARG A 443 -46.98 -33.09 42.21
CA ARG A 443 -46.96 -32.63 40.82
C ARG A 443 -47.88 -33.42 39.90
N ASN A 444 -48.54 -34.47 40.41
CA ASN A 444 -49.48 -35.23 39.61
C ASN A 444 -50.93 -34.85 39.89
N GLN A 445 -51.23 -34.40 41.11
CA GLN A 445 -52.58 -34.03 41.47
C GLN A 445 -52.98 -32.73 40.78
N PRO A 446 -54.29 -32.48 40.62
CA PRO A 446 -54.72 -31.23 40.00
C PRO A 446 -54.39 -29.98 40.82
N GLU A 447 -54.04 -30.14 42.09
CA GLU A 447 -53.65 -29.00 42.93
C GLU A 447 -52.18 -28.66 42.80
N GLY A 448 -51.42 -29.43 42.03
CA GLY A 448 -50.00 -29.20 41.90
C GLY A 448 -49.66 -28.10 40.90
N GLY A 449 -48.37 -27.78 40.85
CA GLY A 449 -47.90 -26.74 39.96
C GLY A 449 -48.06 -27.07 38.49
N ARG A 450 -47.90 -28.35 38.13
CA ARG A 450 -47.95 -28.73 36.72
C ARG A 450 -49.32 -28.44 36.11
N GLU A 451 -50.39 -28.68 36.87
CA GLU A 451 -51.74 -28.41 36.39
C GLU A 451 -52.22 -27.00 36.70
N ARG A 452 -51.43 -26.22 37.45
CA ARG A 452 -51.77 -24.84 37.74
C ARG A 452 -50.50 -24.08 38.12
N PRO A 453 -49.77 -23.55 37.15
CA PRO A 453 -48.48 -22.92 37.44
C PRO A 453 -48.63 -21.73 38.39
N LEU A 454 -47.64 -21.57 39.26
CA LEU A 454 -47.63 -20.51 40.26
C LEU A 454 -46.48 -19.55 39.99
N LEU A 455 -46.70 -18.28 40.31
CA LEU A 455 -45.70 -17.23 40.10
C LEU A 455 -45.36 -16.58 41.43
N VAL A 456 -44.06 -16.36 41.65
CA VAL A 456 -43.56 -15.75 42.88
C VAL A 456 -42.94 -14.41 42.51
N VAL A 457 -43.39 -13.34 43.16
CA VAL A 457 -42.86 -12.00 42.95
C VAL A 457 -42.11 -11.60 44.20
N LEU A 458 -40.83 -11.28 44.05
CA LEU A 458 -39.96 -10.92 45.16
C LEU A 458 -39.56 -9.45 45.02
N GLU A 459 -39.74 -8.70 46.10
CA GLU A 459 -39.43 -7.28 46.12
C GLU A 459 -38.07 -7.04 46.76
N GLU A 460 -37.36 -6.02 46.25
CA GLU A 460 -36.05 -5.64 46.77
C GLU A 460 -35.10 -6.82 46.84
N ALA A 461 -34.88 -7.45 45.69
CA ALA A 461 -34.06 -8.66 45.63
C ALA A 461 -32.59 -8.38 45.87
N HIS A 462 -32.15 -7.12 45.85
CA HIS A 462 -30.73 -6.82 46.00
C HIS A 462 -30.25 -6.99 47.43
N THR A 463 -31.15 -7.00 48.41
CA THR A 463 -30.75 -7.14 49.81
C THR A 463 -30.51 -8.59 50.24
N TYR A 464 -30.97 -9.57 49.45
CA TYR A 464 -30.79 -10.97 49.79
C TYR A 464 -30.05 -11.79 48.73
N LEU A 465 -29.99 -11.33 47.49
CA LEU A 465 -29.30 -12.05 46.42
C LEU A 465 -27.96 -11.41 46.09
N GLY A 466 -27.24 -10.94 47.10
CA GLY A 466 -25.91 -10.42 46.88
C GLY A 466 -24.93 -11.51 46.48
N LYS A 467 -23.74 -11.07 46.05
CA LYS A 467 -22.73 -12.02 45.60
C LYS A 467 -22.28 -12.95 46.71
N ASP A 468 -22.07 -12.42 47.91
CA ASP A 468 -21.56 -13.19 49.03
C ASP A 468 -22.58 -13.33 50.15
N SER A 469 -23.87 -13.32 49.81
CA SER A 469 -24.90 -13.48 50.83
C SER A 469 -24.86 -14.88 51.42
N ARG A 470 -24.92 -14.96 52.74
CA ARG A 470 -24.89 -16.23 53.46
C ARG A 470 -26.25 -16.64 53.98
N GLY A 471 -27.32 -15.98 53.52
CA GLY A 471 -28.66 -16.31 53.97
C GLY A 471 -29.18 -17.59 53.36
N ILE A 472 -30.42 -17.91 53.72
CA ILE A 472 -31.06 -19.12 53.22
C ILE A 472 -31.91 -18.85 51.98
N ALA A 473 -32.42 -17.63 51.83
CA ALA A 473 -33.30 -17.33 50.70
C ALA A 473 -32.58 -17.47 49.37
N ILE A 474 -31.27 -17.22 49.33
CA ILE A 474 -30.54 -17.28 48.07
C ILE A 474 -30.54 -18.71 47.53
N ASP A 475 -30.43 -19.71 48.42
CA ASP A 475 -30.47 -21.10 47.97
C ASP A 475 -31.82 -21.43 47.37
N GLY A 476 -32.90 -21.00 48.01
CA GLY A 476 -34.23 -21.26 47.47
C GLY A 476 -34.45 -20.56 46.14
N VAL A 477 -33.98 -19.32 46.02
CA VAL A 477 -34.12 -18.59 44.76
C VAL A 477 -33.35 -19.28 43.65
N ARG A 478 -32.12 -19.71 43.93
CA ARG A 478 -31.34 -20.43 42.93
C ARG A 478 -32.03 -21.71 42.52
N LYS A 479 -32.57 -22.46 43.50
CA LYS A 479 -33.23 -23.71 43.19
C LYS A 479 -34.47 -23.48 42.33
N ILE A 480 -35.26 -22.46 42.64
CA ILE A 480 -36.42 -22.14 41.81
C ILE A 480 -35.99 -21.77 40.40
N VAL A 481 -35.01 -20.87 40.28
CA VAL A 481 -34.59 -20.43 38.95
C VAL A 481 -34.08 -21.60 38.13
N LYS A 482 -33.39 -22.55 38.76
CA LYS A 482 -32.84 -23.67 38.03
C LYS A 482 -33.85 -24.76 37.72
N GLU A 483 -34.89 -24.94 38.55
CA GLU A 483 -35.75 -26.12 38.43
C GLU A 483 -37.23 -25.85 38.22
N GLY A 484 -37.68 -24.59 38.18
CA GLY A 484 -39.10 -24.34 38.04
C GLY A 484 -39.62 -24.52 36.64
N ARG A 485 -38.75 -24.60 35.64
CA ARG A 485 -39.20 -24.77 34.27
C ARG A 485 -39.87 -26.12 34.06
N LYS A 486 -39.58 -27.08 34.94
CA LYS A 486 -40.14 -28.43 34.81
C LYS A 486 -41.37 -28.63 35.69
N TYR A 487 -41.33 -28.16 36.93
CA TYR A 487 -42.45 -28.34 37.85
C TYR A 487 -43.43 -27.18 37.84
N GLY A 488 -43.22 -26.18 36.98
CA GLY A 488 -44.15 -25.08 36.85
C GLY A 488 -44.17 -24.13 38.02
N ILE A 489 -43.03 -23.51 38.30
CA ILE A 489 -42.91 -22.48 39.32
C ILE A 489 -42.09 -21.34 38.74
N GLY A 490 -42.73 -20.18 38.54
CA GLY A 490 -42.05 -19.04 37.97
C GLY A 490 -41.35 -18.19 39.01
N MET A 491 -40.79 -17.08 38.53
CA MET A 491 -40.11 -16.13 39.41
C MET A 491 -40.07 -14.78 38.71
N MET A 492 -40.03 -13.72 39.51
CA MET A 492 -40.04 -12.36 38.97
C MET A 492 -39.34 -11.46 39.99
N LEU A 493 -38.09 -11.11 39.72
CA LEU A 493 -37.28 -10.30 40.62
C LEU A 493 -37.48 -8.83 40.33
N VAL A 494 -37.75 -8.06 41.37
CA VAL A 494 -37.91 -6.61 41.27
C VAL A 494 -36.86 -5.96 42.15
N SER A 495 -36.10 -5.03 41.58
CA SER A 495 -35.04 -4.36 42.32
C SER A 495 -34.79 -2.99 41.74
N GLN A 496 -34.19 -2.13 42.56
CA GLN A 496 -33.75 -0.81 42.13
C GLN A 496 -32.23 -0.65 42.22
N ARG A 497 -31.51 -1.77 42.20
CA ARG A 497 -30.05 -1.75 42.29
C ARG A 497 -29.52 -3.02 41.64
N PRO A 498 -29.53 -3.09 40.31
CA PRO A 498 -29.12 -4.32 39.64
C PRO A 498 -27.67 -4.71 39.89
N SER A 499 -26.81 -3.77 40.26
CA SER A 499 -25.40 -4.09 40.49
C SER A 499 -25.18 -4.96 41.72
N GLU A 500 -26.19 -5.09 42.60
CA GLU A 500 -26.06 -5.91 43.79
C GLU A 500 -26.52 -7.35 43.57
N ILE A 501 -27.42 -7.57 42.62
CA ILE A 501 -27.91 -8.93 42.34
C ILE A 501 -26.77 -9.78 41.78
N ASP A 502 -26.75 -11.04 42.17
CA ASP A 502 -25.72 -11.95 41.67
C ASP A 502 -25.81 -12.08 40.16
N SER A 503 -24.65 -12.00 39.50
CA SER A 503 -24.64 -12.09 38.04
C SER A 503 -25.11 -13.45 37.56
N THR A 504 -24.71 -14.52 38.26
CA THR A 504 -25.13 -15.86 37.87
C THR A 504 -26.62 -16.07 37.99
N ILE A 505 -27.30 -15.24 38.79
CA ILE A 505 -28.76 -15.31 38.91
C ILE A 505 -29.43 -14.39 37.89
N LEU A 506 -28.92 -13.17 37.76
CA LEU A 506 -29.51 -12.22 36.81
C LEU A 506 -29.37 -12.69 35.37
N SER A 507 -28.33 -13.46 35.07
CA SER A 507 -28.11 -13.91 33.70
C SER A 507 -29.12 -14.96 33.26
N GLN A 508 -29.77 -15.65 34.20
CA GLN A 508 -30.71 -16.71 33.88
C GLN A 508 -32.15 -16.23 33.77
N CYS A 509 -32.41 -14.94 33.99
CA CYS A 509 -33.75 -14.40 33.83
C CYS A 509 -34.07 -14.25 32.35
N GLY A 510 -35.19 -14.84 31.92
CA GLY A 510 -35.52 -14.84 30.51
C GLY A 510 -35.84 -13.45 29.97
N THR A 511 -36.64 -12.68 30.71
CA THR A 511 -37.14 -11.40 30.25
C THR A 511 -36.68 -10.29 31.18
N LEU A 512 -36.30 -9.15 30.61
CA LEU A 512 -35.86 -7.99 31.36
C LEU A 512 -36.75 -6.80 31.02
N PHE A 513 -37.28 -6.14 32.06
CA PHE A 513 -38.05 -4.91 31.91
C PHE A 513 -37.16 -3.77 32.40
N ALA A 514 -36.37 -3.22 31.48
CA ALA A 514 -35.40 -2.19 31.83
C ALA A 514 -36.08 -0.83 31.83
N LEU A 515 -36.24 -0.26 33.01
CA LEU A 515 -36.76 1.10 33.16
C LEU A 515 -35.60 2.09 33.14
N ARG A 516 -35.85 3.34 33.48
CA ARG A 516 -34.80 4.35 33.51
C ARG A 516 -33.83 4.06 34.64
N MET A 517 -32.54 4.05 34.31
CA MET A 517 -31.48 3.89 35.29
C MET A 517 -30.55 5.09 35.22
N ASN A 518 -30.12 5.57 36.39
CA ASN A 518 -29.37 6.83 36.48
C ASN A 518 -27.87 6.62 36.41
N ASN A 519 -27.32 5.84 37.34
CA ASN A 519 -25.87 5.68 37.43
C ASN A 519 -25.37 4.74 36.33
N SER A 520 -24.05 4.57 36.28
CA SER A 520 -23.42 3.78 35.22
C SER A 520 -23.22 2.31 35.60
N SER A 521 -23.09 2.01 36.90
CA SER A 521 -22.88 0.63 37.31
C SER A 521 -24.07 -0.24 36.94
N ASP A 522 -25.29 0.24 37.22
CA ASP A 522 -26.49 -0.52 36.90
C ASP A 522 -26.64 -0.72 35.40
N ARG A 523 -26.39 0.33 34.62
CA ARG A 523 -26.49 0.21 33.17
C ARG A 523 -25.47 -0.79 32.64
N ASN A 524 -24.24 -0.74 33.15
CA ASN A 524 -23.22 -1.68 32.70
C ASN A 524 -23.60 -3.11 33.07
N HIS A 525 -24.12 -3.32 34.27
CA HIS A 525 -24.53 -4.67 34.67
C HIS A 525 -25.67 -5.19 33.80
N VAL A 526 -26.65 -4.32 33.51
CA VAL A 526 -27.76 -4.73 32.66
C VAL A 526 -27.27 -5.06 31.26
N LEU A 527 -26.36 -4.24 30.71
CA LEU A 527 -25.81 -4.51 29.39
C LEU A 527 -25.05 -5.84 29.38
N GLY A 528 -24.30 -6.12 30.45
CA GLY A 528 -23.58 -7.38 30.52
C GLY A 528 -24.49 -8.59 30.71
N ALA A 529 -25.67 -8.39 31.29
CA ALA A 529 -26.59 -9.48 31.58
C ALA A 529 -27.75 -9.54 30.58
N VAL A 530 -27.50 -9.22 29.33
CA VAL A 530 -28.54 -9.25 28.30
C VAL A 530 -28.05 -10.10 27.14
N SER A 531 -28.99 -10.69 26.41
CA SER A 531 -28.68 -11.60 25.31
C SER A 531 -29.20 -11.14 23.96
N ASP A 532 -29.90 -10.01 23.91
CA ASP A 532 -30.46 -9.48 22.65
C ASP A 532 -30.41 -7.96 22.75
N SER A 533 -29.43 -7.35 22.09
CA SER A 533 -29.16 -5.93 22.23
C SER A 533 -29.18 -5.27 20.86
N PHE A 534 -29.90 -4.15 20.76
CA PHE A 534 -29.88 -3.28 19.59
C PHE A 534 -29.25 -1.96 20.00
N GLU A 535 -28.20 -1.56 19.26
CA GLU A 535 -27.46 -0.35 19.65
C GLU A 535 -28.34 0.88 19.63
N GLY A 536 -29.38 0.89 18.79
CA GLY A 536 -30.26 2.04 18.74
C GLY A 536 -31.05 2.25 20.02
N LEU A 537 -31.59 1.16 20.58
CA LEU A 537 -32.45 1.28 21.75
C LEU A 537 -31.67 1.31 23.06
N MET A 538 -30.58 0.54 23.16
CA MET A 538 -29.88 0.41 24.44
C MET A 538 -29.18 1.69 24.86
N GLY A 539 -28.93 2.61 23.94
CA GLY A 539 -28.37 3.89 24.30
C GLY A 539 -29.36 4.89 24.85
N MET A 540 -30.64 4.50 24.91
CA MET A 540 -31.72 5.35 25.36
C MET A 540 -32.07 5.14 26.83
N LEU A 541 -31.33 4.29 27.53
CA LEU A 541 -31.70 3.90 28.89
C LEU A 541 -31.76 5.06 29.86
N PRO A 542 -30.76 5.95 29.95
CA PRO A 542 -30.82 7.01 30.99
C PRO A 542 -31.86 8.08 30.72
N THR A 543 -32.57 8.04 29.59
CA THR A 543 -33.53 9.08 29.23
C THR A 543 -34.87 8.47 28.85
N LEU A 544 -35.35 7.53 29.67
CA LEU A 544 -36.66 6.92 29.46
C LEU A 544 -37.72 7.64 30.29
N ARG A 545 -38.89 7.83 29.70
CA ARG A 545 -39.98 8.48 30.40
C ARG A 545 -40.48 7.59 31.55
N THR A 546 -41.08 8.24 32.55
CA THR A 546 -41.63 7.53 33.69
C THR A 546 -42.78 6.64 33.25
N GLY A 547 -42.75 5.37 33.64
CA GLY A 547 -43.76 4.42 33.24
C GLY A 547 -43.49 3.72 31.92
N GLU A 548 -42.38 4.05 31.26
CA GLU A 548 -42.03 3.43 29.99
C GLU A 548 -40.91 2.42 30.20
N ALA A 549 -41.04 1.28 29.50
CA ALA A 549 -40.13 0.15 29.70
C ALA A 549 -39.58 -0.31 28.36
N ILE A 550 -38.45 -1.01 28.42
CA ILE A 550 -37.82 -1.62 27.25
C ILE A 550 -37.84 -3.12 27.50
N ILE A 551 -38.75 -3.83 26.84
CA ILE A 551 -38.91 -5.26 27.06
C ILE A 551 -37.90 -6.00 26.20
N ILE A 552 -37.09 -6.85 26.83
CA ILE A 552 -36.06 -7.62 26.14
C ILE A 552 -36.06 -9.04 26.71
N GLY A 553 -35.93 -10.02 25.83
CA GLY A 553 -35.76 -11.38 26.27
C GLY A 553 -36.42 -12.36 25.31
N GLU A 554 -36.66 -13.57 25.82
CA GLU A 554 -37.20 -14.65 25.02
C GLU A 554 -38.71 -14.59 24.87
N SER A 555 -39.39 -13.71 25.60
CA SER A 555 -40.84 -13.64 25.58
C SER A 555 -41.39 -12.66 24.54
N VAL A 556 -40.52 -12.04 23.75
CA VAL A 556 -40.94 -11.12 22.70
C VAL A 556 -40.25 -11.49 21.40
N ARG A 557 -40.90 -11.16 20.29
CA ARG A 557 -40.28 -11.40 18.99
C ARG A 557 -39.13 -10.43 18.75
N LEU A 558 -39.31 -9.16 19.12
CA LEU A 558 -38.29 -8.13 18.96
C LEU A 558 -38.20 -7.32 20.23
N PRO A 559 -37.01 -6.85 20.57
CA PRO A 559 -36.89 -5.89 21.69
C PRO A 559 -37.59 -4.59 21.35
N MET A 560 -38.69 -4.30 22.04
CA MET A 560 -39.52 -3.16 21.73
C MET A 560 -39.67 -2.25 22.95
N ARG A 561 -39.84 -0.96 22.67
CA ARG A 561 -39.98 0.06 23.71
C ARG A 561 -41.46 0.37 23.89
N THR A 562 -42.01 -0.02 25.03
CA THR A 562 -43.44 0.05 25.27
C THR A 562 -43.76 1.10 26.33
N ILE A 563 -45.03 1.49 26.36
CA ILE A 563 -45.60 2.30 27.43
C ILE A 563 -46.63 1.41 28.12
N ILE A 564 -46.35 1.03 29.36
CA ILE A 564 -47.23 0.11 30.08
C ILE A 564 -48.56 0.79 30.37
N SER A 565 -49.64 0.08 30.10
CA SER A 565 -50.97 0.64 30.30
C SER A 565 -51.18 0.99 31.77
N PRO A 566 -51.62 2.21 32.08
CA PRO A 566 -51.79 2.59 33.48
C PRO A 566 -52.88 1.77 34.14
N PRO A 567 -52.79 1.52 35.44
CA PRO A 567 -53.82 0.76 36.14
C PRO A 567 -55.10 1.57 36.25
N THR B 13 -33.89 14.38 -75.98
CA THR B 13 -32.57 14.59 -75.42
C THR B 13 -32.65 15.23 -74.04
N GLN B 14 -33.76 15.92 -73.78
CA GLN B 14 -33.95 16.55 -72.47
C GLN B 14 -34.04 15.51 -71.36
N GLN B 15 -34.77 14.42 -71.60
CA GLN B 15 -34.93 13.40 -70.58
C GLN B 15 -33.61 12.68 -70.31
N LEU B 16 -32.84 12.39 -71.36
CA LEU B 16 -31.61 11.61 -71.19
C LEU B 16 -30.59 12.37 -70.36
N SER B 17 -30.35 13.64 -70.69
CA SER B 17 -29.31 14.41 -70.02
C SER B 17 -29.60 14.65 -68.54
N LEU B 18 -30.86 14.49 -68.12
CA LEU B 18 -31.19 14.68 -66.72
C LEU B 18 -30.56 13.60 -65.85
N LEU B 19 -30.67 12.34 -66.27
CA LEU B 19 -30.13 11.23 -65.48
C LEU B 19 -28.62 11.09 -65.62
N LYS B 20 -28.02 11.67 -66.67
CA LYS B 20 -26.57 11.58 -66.84
C LYS B 20 -25.85 12.27 -65.69
N HIS B 21 -26.32 13.46 -65.31
CA HIS B 21 -25.71 14.17 -64.18
C HIS B 21 -25.97 13.44 -62.86
N VAL B 22 -27.16 12.85 -62.71
CA VAL B 22 -27.46 12.10 -61.49
C VAL B 22 -26.54 10.90 -61.35
N LEU B 23 -26.32 10.16 -62.44
CA LEU B 23 -25.38 9.04 -62.41
C LEU B 23 -23.97 9.53 -62.13
N SER B 24 -23.57 10.65 -62.75
CA SER B 24 -22.25 11.21 -62.51
C SER B 24 -22.09 11.72 -61.08
N GLU B 25 -23.18 12.03 -60.41
CA GLU B 25 -23.11 12.49 -59.02
C GLU B 25 -22.66 11.36 -58.11
N ASP B 26 -21.89 11.73 -57.08
CA ASP B 26 -21.37 10.76 -56.13
C ASP B 26 -22.40 10.50 -55.02
N LYS B 27 -22.03 9.63 -54.09
CA LYS B 27 -22.90 9.23 -52.98
C LYS B 27 -24.25 8.73 -53.49
N ARG B 28 -24.19 7.89 -54.53
CA ARG B 28 -25.38 7.40 -55.22
C ARG B 28 -25.43 5.88 -55.16
N PRO B 29 -26.28 5.32 -54.29
CA PRO B 29 -26.48 3.86 -54.30
C PRO B 29 -27.26 3.44 -55.53
N ILE B 30 -26.66 2.55 -56.33
CA ILE B 30 -27.24 2.12 -57.60
C ILE B 30 -27.64 0.67 -57.49
N ALA B 31 -28.63 0.29 -58.30
CA ALA B 31 -29.03 -1.11 -58.43
C ALA B 31 -29.67 -1.32 -59.79
N PHE B 32 -29.57 -2.54 -60.29
CA PHE B 32 -30.12 -2.91 -61.59
C PHE B 32 -30.99 -4.14 -61.44
N ILE B 33 -31.99 -4.24 -62.33
CA ILE B 33 -32.83 -5.43 -62.44
C ILE B 33 -32.79 -5.88 -63.90
N ILE B 34 -32.28 -7.07 -64.13
CA ILE B 34 -32.13 -7.63 -65.47
C ILE B 34 -33.11 -8.78 -65.62
N ALA B 35 -34.20 -8.54 -66.32
CA ALA B 35 -35.22 -9.56 -66.53
C ALA B 35 -34.93 -10.31 -67.82
N ALA B 36 -35.91 -11.10 -68.28
CA ALA B 36 -35.75 -11.91 -69.49
C ALA B 36 -35.69 -11.07 -70.76
N GLY B 37 -36.00 -9.78 -70.69
CA GLY B 37 -35.96 -8.94 -71.87
C GLY B 37 -34.56 -8.71 -72.42
N CYS B 38 -33.54 -8.81 -71.57
CA CYS B 38 -32.17 -8.58 -72.00
C CYS B 38 -31.57 -9.78 -72.74
N PRO B 39 -31.70 -11.02 -72.23
CA PRO B 39 -31.14 -12.16 -72.97
C PRO B 39 -31.69 -12.31 -74.38
N VAL B 40 -32.96 -11.95 -74.60
CA VAL B 40 -33.53 -12.04 -75.94
C VAL B 40 -32.87 -11.03 -76.87
N SER B 41 -32.35 -9.93 -76.33
CA SER B 41 -31.76 -8.88 -77.14
C SER B 41 -30.42 -9.29 -77.75
N ILE B 42 -29.85 -10.41 -77.34
CA ILE B 42 -28.59 -10.91 -77.91
C ILE B 42 -28.94 -12.03 -78.87
N ARG B 43 -28.54 -11.88 -80.13
CA ARG B 43 -28.89 -12.82 -81.18
C ARG B 43 -27.63 -13.57 -81.64
N HIS B 44 -27.70 -14.89 -81.61
CA HIS B 44 -26.62 -15.75 -82.08
C HIS B 44 -27.15 -16.63 -83.22
N ASN B 45 -26.44 -16.63 -84.34
CA ASN B 45 -26.84 -17.37 -85.54
C ASN B 45 -28.25 -16.97 -85.98
N ASP B 46 -28.48 -15.65 -86.02
CA ASP B 46 -29.73 -15.00 -86.43
C ASP B 46 -30.89 -15.31 -85.50
N ALA B 47 -30.64 -15.91 -84.34
CA ALA B 47 -31.68 -16.22 -83.36
C ALA B 47 -31.23 -15.77 -81.98
N PRO B 48 -32.16 -15.40 -81.10
CA PRO B 48 -31.78 -15.02 -79.74
C PRO B 48 -31.09 -16.17 -79.01
N LEU B 49 -30.09 -15.82 -78.21
CA LEU B 49 -29.35 -16.84 -77.47
C LEU B 49 -30.24 -17.56 -76.47
N ILE B 50 -31.07 -16.82 -75.75
CA ILE B 50 -32.03 -17.38 -74.80
C ILE B 50 -33.43 -17.04 -75.30
N PRO B 51 -34.25 -18.04 -75.63
CA PRO B 51 -35.62 -17.75 -76.06
C PRO B 51 -36.44 -17.17 -74.92
N ASP B 52 -37.42 -16.35 -75.30
CA ASP B 52 -38.28 -15.70 -74.33
C ASP B 52 -39.16 -16.74 -73.62
N VAL B 53 -39.98 -16.25 -72.68
CA VAL B 53 -40.85 -17.15 -71.93
C VAL B 53 -41.82 -17.87 -72.87
N ALA B 54 -42.38 -17.14 -73.85
CA ALA B 54 -43.23 -17.78 -74.84
C ALA B 54 -42.44 -18.79 -75.66
N GLY B 55 -41.21 -18.45 -76.03
CA GLY B 55 -40.37 -19.39 -76.75
C GLY B 55 -40.05 -20.62 -75.92
N LEU B 56 -39.78 -20.43 -74.63
CA LEU B 56 -39.52 -21.57 -73.75
C LEU B 56 -40.76 -22.47 -73.64
N THR B 57 -41.94 -21.87 -73.50
CA THR B 57 -43.15 -22.67 -73.45
C THR B 57 -43.38 -23.43 -74.75
N ARG B 58 -43.14 -22.78 -75.90
CA ARG B 58 -43.30 -23.45 -77.18
C ARG B 58 -42.32 -24.61 -77.31
N LYS B 59 -41.07 -24.41 -76.89
CA LYS B 59 -40.07 -25.47 -76.97
C LYS B 59 -40.44 -26.64 -76.06
N ILE B 60 -40.94 -26.35 -74.86
CA ILE B 60 -41.35 -27.40 -73.95
C ILE B 60 -42.55 -28.16 -74.51
N SER B 61 -43.52 -27.45 -75.08
CA SER B 61 -44.70 -28.10 -75.64
C SER B 61 -44.36 -28.93 -76.86
N ASP B 62 -43.34 -28.53 -77.62
CA ASP B 62 -42.95 -29.29 -78.81
C ASP B 62 -42.52 -30.71 -78.44
N SER B 63 -41.76 -30.84 -77.36
CA SER B 63 -41.32 -32.17 -76.91
C SER B 63 -42.44 -32.90 -76.18
N LEU B 72 -50.84 -34.92 -71.66
CA LEU B 72 -50.62 -34.03 -70.53
C LEU B 72 -51.13 -32.63 -70.84
N MET B 73 -51.34 -32.35 -72.12
CA MET B 73 -51.88 -31.06 -72.54
C MET B 73 -53.31 -30.84 -72.09
N LYS B 74 -54.02 -31.89 -71.68
CA LYS B 74 -55.36 -31.73 -71.15
C LYS B 74 -55.37 -30.86 -69.91
N ILE B 75 -54.41 -31.07 -69.01
CA ILE B 75 -54.28 -30.22 -67.84
C ILE B 75 -53.91 -28.80 -68.24
N ILE B 76 -53.10 -28.65 -69.29
CA ILE B 76 -52.72 -27.33 -69.77
C ILE B 76 -53.95 -26.57 -70.23
N GLN B 77 -54.83 -27.22 -70.99
CA GLN B 77 -56.04 -26.54 -71.46
C GLN B 77 -57.06 -26.37 -70.35
N ASN B 78 -57.05 -27.26 -69.35
CA ASN B 78 -57.90 -27.05 -68.17
C ASN B 78 -57.48 -25.80 -67.43
N LEU B 79 -56.18 -25.57 -67.28
CA LEU B 79 -55.71 -24.31 -66.73
C LEU B 79 -56.05 -23.15 -67.66
N LYS B 80 -55.99 -23.39 -68.97
CA LYS B 80 -56.41 -22.37 -69.93
C LYS B 80 -57.88 -22.00 -69.77
N THR B 81 -58.70 -22.96 -69.33
CA THR B 81 -60.11 -22.66 -69.08
C THR B 81 -60.27 -21.62 -67.98
N THR B 82 -59.48 -21.74 -66.91
CA THR B 82 -59.57 -20.83 -65.77
C THR B 82 -58.53 -19.71 -65.79
N ILE B 83 -57.62 -19.71 -66.76
CA ILE B 83 -56.56 -18.70 -66.80
C ILE B 83 -56.21 -18.37 -68.25
N PRO B 84 -55.69 -17.17 -68.53
CA PRO B 84 -55.25 -16.86 -69.89
C PRO B 84 -54.02 -17.65 -70.31
N ASN B 85 -53.47 -17.35 -71.49
CA ASN B 85 -52.30 -18.03 -72.05
C ASN B 85 -51.21 -18.20 -71.00
N PRO B 86 -50.92 -19.43 -70.58
CA PRO B 86 -50.01 -19.64 -69.46
C PRO B 86 -48.55 -19.64 -69.88
N THR B 87 -47.68 -19.62 -68.87
CA THR B 87 -46.24 -19.72 -69.04
C THR B 87 -45.73 -20.89 -68.21
N ILE B 88 -44.45 -21.23 -68.42
CA ILE B 88 -43.88 -22.43 -67.81
C ILE B 88 -43.95 -22.40 -66.29
N GLU B 89 -44.01 -21.20 -65.70
CA GLU B 89 -44.20 -21.11 -64.25
C GLU B 89 -45.50 -21.77 -63.82
N ASP B 90 -46.58 -21.51 -64.56
CA ASP B 90 -47.88 -22.09 -64.21
C ASP B 90 -47.84 -23.61 -64.27
N ILE B 91 -47.26 -24.16 -65.34
CA ILE B 91 -47.20 -25.61 -65.48
C ILE B 91 -46.33 -26.21 -64.38
N LEU B 92 -45.17 -25.60 -64.10
CA LEU B 92 -44.29 -26.14 -63.06
C LEU B 92 -44.97 -26.12 -61.69
N SER B 93 -45.63 -25.01 -61.36
CA SER B 93 -46.33 -24.93 -60.07
C SER B 93 -47.48 -25.92 -60.01
N TYR B 94 -48.17 -26.12 -61.14
CA TYR B 94 -49.28 -27.08 -61.16
C TYR B 94 -48.77 -28.49 -60.92
N ILE B 95 -47.65 -28.86 -61.55
CA ILE B 95 -47.06 -30.18 -61.31
C ILE B 95 -46.62 -30.31 -59.86
N ARG B 96 -46.02 -29.27 -59.30
CA ARG B 96 -45.57 -29.33 -57.92
C ARG B 96 -46.74 -29.52 -56.96
N LEU B 97 -47.83 -28.78 -57.17
CA LEU B 97 -48.99 -28.92 -56.29
C LEU B 97 -49.68 -30.27 -56.50
N LEU B 98 -49.63 -30.82 -57.72
CA LEU B 98 -50.10 -32.19 -57.91
C LEU B 98 -49.27 -33.16 -57.11
N GLN B 99 -47.94 -32.98 -57.11
CA GLN B 99 -47.07 -33.85 -56.34
C GLN B 99 -47.29 -33.70 -54.84
N GLN B 100 -47.70 -32.51 -54.40
CA GLN B 100 -47.89 -32.28 -52.96
C GLN B 100 -48.97 -33.19 -52.40
N ILE B 101 -50.10 -33.31 -53.09
CA ILE B 101 -51.17 -34.20 -52.64
C ILE B 101 -50.71 -35.65 -52.77
N PRO B 102 -51.05 -36.53 -51.83
CA PRO B 102 -50.61 -37.93 -51.95
C PRO B 102 -50.98 -38.59 -53.27
N MET B 103 -52.26 -38.58 -53.64
CA MET B 103 -52.73 -39.17 -54.90
C MET B 103 -53.67 -38.16 -55.55
N SER B 104 -53.10 -37.25 -56.34
CA SER B 104 -53.86 -36.24 -57.06
C SER B 104 -53.96 -36.51 -58.55
N GLY B 105 -53.53 -37.69 -59.00
CA GLY B 105 -53.56 -37.98 -60.43
C GLY B 105 -54.96 -38.08 -60.99
N LYS B 106 -55.96 -38.27 -60.13
CA LYS B 106 -57.33 -38.47 -60.58
C LYS B 106 -57.85 -37.29 -61.40
N ILE B 107 -57.25 -36.11 -61.21
CA ILE B 107 -57.66 -34.94 -62.00
C ILE B 107 -57.39 -35.17 -63.48
N HIS B 108 -56.23 -35.73 -63.81
CA HIS B 108 -55.86 -36.01 -65.20
C HIS B 108 -55.16 -37.36 -65.23
N ASP B 109 -55.82 -38.35 -65.83
CA ASP B 109 -55.32 -39.73 -65.92
C ASP B 109 -55.08 -40.23 -64.49
N VAL B 110 -53.91 -40.78 -64.17
CA VAL B 110 -53.57 -41.24 -62.82
C VAL B 110 -52.17 -41.84 -62.85
N GLU B 111 -52.05 -43.09 -62.38
CA GLU B 111 -50.83 -43.88 -62.43
C GLU B 111 -49.72 -43.34 -61.53
N ASN B 112 -49.93 -42.15 -60.96
CA ASN B 112 -48.98 -41.53 -60.03
C ASN B 112 -47.56 -41.50 -60.59
N SER B 113 -47.42 -41.46 -61.91
CA SER B 113 -46.11 -41.52 -62.54
C SER B 113 -45.93 -40.39 -63.56
N VAL B 114 -47.04 -39.94 -64.16
CA VAL B 114 -46.96 -38.92 -65.19
C VAL B 114 -46.40 -37.62 -64.63
N ILE B 115 -46.85 -37.22 -63.44
CA ILE B 115 -46.43 -35.94 -62.87
C ILE B 115 -44.92 -35.92 -62.65
N ASN B 116 -44.38 -37.00 -62.05
CA ASN B 116 -42.95 -37.08 -61.80
C ASN B 116 -42.17 -36.97 -63.10
N ALA B 117 -42.32 -37.98 -63.97
CA ALA B 117 -41.57 -38.03 -65.21
C ALA B 117 -41.67 -36.71 -65.97
N LEU B 118 -42.86 -36.12 -66.00
CA LEU B 118 -43.03 -34.81 -66.63
C LEU B 118 -42.16 -33.76 -65.95
N GLU B 119 -42.11 -33.78 -64.61
CA GLU B 119 -41.36 -32.77 -63.88
C GLU B 119 -39.87 -32.87 -64.19
N GLU B 120 -39.29 -34.07 -64.05
CA GLU B 120 -37.85 -34.18 -64.35
C GLU B 120 -37.55 -33.99 -65.82
N SER B 121 -38.47 -34.36 -66.72
CA SER B 121 -38.23 -34.13 -68.15
C SER B 121 -38.20 -32.64 -68.45
N ILE B 122 -39.15 -31.88 -67.89
CA ILE B 122 -39.17 -30.43 -68.09
C ILE B 122 -37.91 -29.81 -67.52
N CYS B 123 -37.49 -30.26 -66.34
CA CYS B 123 -36.28 -29.75 -65.71
C CYS B 123 -35.06 -30.01 -66.60
N GLU B 124 -34.94 -31.22 -67.13
CA GLU B 124 -33.79 -31.56 -67.98
C GLU B 124 -33.78 -30.74 -69.27
N LEU B 125 -34.94 -30.60 -69.93
CA LEU B 125 -35.00 -29.81 -71.15
C LEU B 125 -34.66 -28.34 -70.89
N ILE B 126 -35.19 -27.77 -69.81
CA ILE B 126 -34.84 -26.38 -69.48
C ILE B 126 -33.35 -26.27 -69.21
N GLU B 127 -32.79 -27.22 -68.46
CA GLU B 127 -31.37 -27.17 -68.13
C GLU B 127 -30.52 -27.21 -69.39
N GLU B 128 -30.81 -28.12 -70.31
CA GLU B 128 -30.00 -28.24 -71.53
C GLU B 128 -30.22 -27.03 -72.44
N GLU B 129 -31.42 -26.45 -72.41
CA GLU B 129 -31.70 -25.29 -73.27
C GLU B 129 -31.04 -24.02 -72.76
N VAL B 130 -30.87 -23.89 -71.44
CA VAL B 130 -30.42 -22.62 -70.88
C VAL B 130 -28.89 -22.53 -70.87
N ASN B 131 -28.21 -23.62 -70.56
CA ASN B 131 -26.75 -23.57 -70.33
C ASN B 131 -26.03 -23.39 -71.67
N VAL B 132 -25.97 -22.14 -72.12
CA VAL B 132 -25.27 -21.78 -73.35
C VAL B 132 -24.20 -20.74 -73.01
N ASP B 133 -23.01 -20.92 -73.57
CA ASP B 133 -21.92 -20.01 -73.30
C ASP B 133 -22.12 -18.66 -73.98
N LEU B 134 -21.53 -17.63 -73.40
CA LEU B 134 -21.65 -16.29 -73.97
C LEU B 134 -20.79 -16.16 -75.23
N PRO B 135 -21.24 -15.39 -76.22
CA PRO B 135 -20.40 -15.12 -77.39
C PRO B 135 -19.27 -14.15 -77.08
N GLY B 136 -18.57 -13.71 -78.12
CA GLY B 136 -17.37 -12.89 -77.96
C GLY B 136 -17.57 -11.55 -77.30
N ASN B 137 -16.53 -10.72 -77.33
CA ASN B 137 -16.47 -9.47 -76.56
C ASN B 137 -17.51 -8.44 -76.97
N ALA B 138 -18.38 -8.74 -77.93
CA ALA B 138 -19.39 -7.78 -78.37
C ALA B 138 -20.65 -7.79 -77.50
N THR B 139 -20.71 -8.65 -76.49
CA THR B 139 -21.89 -8.74 -75.65
C THR B 139 -22.07 -7.45 -74.84
N PRO B 140 -23.29 -6.92 -74.76
CA PRO B 140 -23.52 -5.74 -73.90
C PRO B 140 -23.20 -5.97 -72.44
N TYR B 141 -23.28 -7.22 -71.97
CA TYR B 141 -22.91 -7.53 -70.59
C TYR B 141 -21.48 -7.07 -70.30
N HIS B 142 -20.58 -7.20 -71.27
CA HIS B 142 -19.21 -6.74 -71.09
C HIS B 142 -19.17 -5.23 -70.91
N LYS B 143 -19.97 -4.49 -71.68
CA LYS B 143 -20.02 -3.04 -71.50
C LYS B 143 -20.55 -2.67 -70.12
N ILE B 144 -21.57 -3.38 -69.66
CA ILE B 144 -22.12 -3.11 -68.32
C ILE B 144 -21.07 -3.38 -67.26
N ALA B 145 -20.35 -4.49 -67.38
CA ALA B 145 -19.30 -4.82 -66.42
C ALA B 145 -18.17 -3.80 -66.46
N ALA B 146 -17.82 -3.31 -67.66
CA ALA B 146 -16.79 -2.30 -67.78
C ALA B 146 -17.22 -1.01 -67.08
N TRP B 147 -18.48 -0.61 -67.27
CA TRP B 147 -18.96 0.59 -66.56
C TRP B 147 -18.96 0.38 -65.05
N ILE B 148 -19.34 -0.82 -64.60
CA ILE B 148 -19.31 -1.13 -63.17
C ILE B 148 -17.89 -1.01 -62.64
N ASN B 149 -16.91 -1.51 -63.40
CA ASN B 149 -15.51 -1.38 -62.99
C ASN B 149 -15.11 0.09 -62.94
N SER B 150 -15.57 0.88 -63.92
CA SER B 150 -15.13 2.26 -64.05
C SER B 150 -15.59 3.17 -62.92
N ILE B 151 -16.52 2.73 -62.07
CA ILE B 151 -17.03 3.53 -60.97
C ILE B 151 -16.53 2.94 -59.66
N ASN B 152 -15.98 3.81 -58.80
CA ASN B 152 -15.49 3.45 -57.48
C ASN B 152 -16.27 4.16 -56.39
N ARG B 153 -17.59 4.21 -56.55
CA ARG B 153 -18.44 4.95 -55.62
C ARG B 153 -18.41 4.32 -54.23
N GLU B 154 -18.71 5.14 -53.22
CA GLU B 154 -18.70 4.67 -51.85
C GLU B 154 -19.73 3.56 -51.62
N HIS B 155 -20.82 3.56 -52.40
CA HIS B 155 -21.85 2.54 -52.30
C HIS B 155 -21.72 1.61 -53.50
N GLN B 156 -21.67 0.31 -53.24
CA GLN B 156 -21.55 -0.67 -54.32
C GLN B 156 -22.84 -0.75 -55.11
N VAL B 157 -22.71 -1.03 -56.41
CA VAL B 157 -23.85 -1.13 -57.30
C VAL B 157 -24.32 -2.58 -57.33
N GLU B 158 -25.39 -2.88 -56.60
CA GLU B 158 -25.94 -4.23 -56.55
C GLU B 158 -26.65 -4.55 -57.86
N ILE B 159 -26.70 -5.83 -58.18
CA ILE B 159 -27.35 -6.32 -59.41
C ILE B 159 -28.38 -7.37 -59.01
N PHE B 160 -29.59 -7.22 -59.54
CA PHE B 160 -30.67 -8.17 -59.33
C PHE B 160 -30.97 -8.87 -60.65
N THR B 161 -31.08 -10.19 -60.61
CA THR B 161 -31.29 -10.99 -61.81
C THR B 161 -32.45 -11.95 -61.58
N THR B 162 -33.40 -11.96 -62.52
CA THR B 162 -34.55 -12.86 -62.48
C THR B 162 -34.43 -13.97 -63.52
N ASN B 163 -33.23 -14.21 -64.05
CA ASN B 163 -33.01 -15.20 -65.09
C ASN B 163 -32.41 -16.46 -64.49
N TYR B 164 -32.18 -17.45 -65.35
CA TYR B 164 -31.57 -18.72 -64.95
C TYR B 164 -30.25 -18.98 -65.63
N ASP B 165 -29.83 -18.14 -66.59
CA ASP B 165 -28.55 -18.31 -67.24
C ASP B 165 -27.42 -17.85 -66.32
N LEU B 166 -26.21 -18.29 -66.67
CA LEU B 166 -25.00 -17.88 -65.97
C LEU B 166 -24.29 -16.73 -66.67
N LEU B 167 -25.00 -16.04 -67.58
CA LEU B 167 -24.36 -15.06 -68.44
C LEU B 167 -23.78 -13.90 -67.66
N MET B 168 -24.53 -13.40 -66.66
CA MET B 168 -24.17 -12.14 -66.02
C MET B 168 -22.86 -12.25 -65.26
N GLU B 169 -22.76 -13.18 -64.32
CA GLU B 169 -21.54 -13.30 -63.53
C GLU B 169 -20.41 -13.92 -64.35
N GLN B 170 -20.73 -14.64 -65.42
CA GLN B 170 -19.68 -15.07 -66.33
C GLN B 170 -19.03 -13.87 -67.02
N ALA B 171 -19.84 -12.90 -67.43
CA ALA B 171 -19.30 -11.67 -67.99
C ALA B 171 -18.53 -10.88 -66.93
N LEU B 172 -19.04 -10.87 -65.69
CA LEU B 172 -18.32 -10.21 -64.61
C LEU B 172 -16.94 -10.82 -64.39
N GLU B 173 -16.85 -12.15 -64.41
CA GLU B 173 -15.57 -12.81 -64.20
C GLU B 173 -14.62 -12.58 -65.37
N GLU B 174 -15.17 -12.45 -66.59
CA GLU B 174 -14.33 -12.26 -67.78
C GLU B 174 -13.61 -10.92 -67.79
N LEU B 175 -14.02 -9.98 -66.94
CA LEU B 175 -13.36 -8.67 -66.86
C LEU B 175 -12.75 -8.42 -65.49
N ASN B 176 -12.59 -9.47 -64.68
CA ASN B 176 -12.01 -9.39 -63.35
C ASN B 176 -12.76 -8.38 -62.48
N VAL B 177 -14.04 -8.65 -62.28
CA VAL B 177 -14.93 -7.82 -61.47
C VAL B 177 -15.35 -8.63 -60.25
N PRO B 178 -15.04 -8.19 -59.04
CA PRO B 178 -15.42 -8.97 -57.84
C PRO B 178 -16.91 -8.83 -57.56
N TYR B 179 -17.52 -9.95 -57.16
CA TYR B 179 -18.93 -9.97 -56.80
C TYR B 179 -19.17 -11.05 -55.75
N PHE B 180 -20.27 -10.90 -55.02
CA PHE B 180 -20.66 -11.84 -53.98
C PHE B 180 -22.11 -12.25 -54.22
N ASP B 181 -22.35 -13.56 -54.32
CA ASP B 181 -23.67 -14.08 -54.65
C ASP B 181 -24.27 -14.92 -53.53
N GLY B 182 -23.83 -14.72 -52.29
CA GLY B 182 -24.40 -15.41 -51.17
C GLY B 182 -23.84 -16.78 -50.88
N PHE B 183 -22.94 -17.29 -51.71
CA PHE B 183 -22.35 -18.60 -51.53
C PHE B 183 -20.85 -18.47 -51.34
N VAL B 184 -20.31 -19.14 -50.32
CA VAL B 184 -18.89 -19.04 -49.97
C VAL B 184 -18.34 -20.45 -49.84
N GLY B 185 -17.20 -20.71 -50.49
CA GLY B 185 -16.53 -21.98 -50.31
C GLY B 185 -15.88 -22.58 -51.53
N SER B 186 -16.27 -23.81 -51.84
CA SER B 186 -15.58 -24.65 -52.83
C SER B 186 -16.62 -25.55 -53.48
N LYS B 187 -16.16 -26.66 -54.06
CA LYS B 187 -17.00 -27.62 -54.78
C LYS B 187 -18.34 -27.88 -54.12
N ARG B 188 -18.40 -27.83 -52.80
CA ARG B 188 -19.65 -27.98 -52.08
C ARG B 188 -19.98 -26.70 -51.31
N ALA B 189 -19.85 -25.56 -51.98
CA ALA B 189 -20.06 -24.26 -51.34
C ALA B 189 -21.43 -24.19 -50.69
N PHE B 190 -21.45 -23.87 -49.40
CA PHE B 190 -22.69 -23.76 -48.65
C PHE B 190 -23.31 -22.38 -48.85
N PHE B 191 -24.43 -22.14 -48.17
CA PHE B 191 -25.17 -20.89 -48.26
C PHE B 191 -25.03 -20.15 -46.93
N ASP B 192 -23.97 -19.36 -46.81
CA ASP B 192 -23.80 -18.51 -45.64
C ASP B 192 -24.93 -17.49 -45.60
N ILE B 193 -25.52 -17.31 -44.43
CA ILE B 193 -26.69 -16.47 -44.25
C ILE B 193 -26.37 -15.21 -43.45
N ARG B 194 -25.65 -15.36 -42.33
CA ARG B 194 -25.47 -14.24 -41.40
C ARG B 194 -24.68 -13.11 -42.03
N THR B 195 -23.64 -13.45 -42.81
CA THR B 195 -22.79 -12.44 -43.42
C THR B 195 -23.56 -11.53 -44.35
N ILE B 196 -24.75 -11.95 -44.78
CA ILE B 196 -25.66 -11.05 -45.48
C ILE B 196 -26.14 -9.95 -44.54
N GLU B 197 -26.52 -10.31 -43.31
CA GLU B 197 -27.03 -9.32 -42.37
C GLU B 197 -25.96 -8.42 -41.75
N GLU B 198 -24.77 -8.94 -41.40
CA GLU B 198 -23.76 -7.96 -40.96
C GLU B 198 -23.35 -7.03 -42.08
N ASN B 199 -23.49 -7.45 -43.34
CA ASN B 199 -23.24 -6.60 -44.51
C ASN B 199 -21.83 -6.02 -44.54
N LYS B 200 -20.89 -6.67 -43.84
CA LYS B 200 -19.50 -6.22 -43.81
C LYS B 200 -18.80 -6.84 -45.01
N LEU B 201 -18.68 -6.08 -46.08
CA LEU B 201 -18.06 -6.51 -47.32
C LEU B 201 -17.14 -5.41 -47.83
N PRO B 202 -16.15 -5.76 -48.65
CA PRO B 202 -15.28 -4.73 -49.24
C PRO B 202 -16.09 -3.75 -50.07
N SER B 203 -15.68 -2.47 -50.03
CA SER B 203 -16.40 -1.44 -50.76
C SER B 203 -16.37 -1.69 -52.26
N ARG B 204 -15.21 -2.08 -52.79
CA ARG B 204 -15.11 -2.37 -54.20
C ARG B 204 -15.90 -3.61 -54.61
N TRP B 205 -16.20 -4.49 -53.66
CA TRP B 205 -16.95 -5.70 -53.97
C TRP B 205 -18.40 -5.36 -54.30
N SER B 206 -18.93 -6.00 -55.33
CA SER B 206 -20.32 -5.85 -55.72
C SER B 206 -21.15 -7.02 -55.19
N LYS B 207 -22.47 -6.88 -55.29
CA LYS B 207 -23.40 -7.90 -54.84
C LYS B 207 -24.27 -8.35 -55.99
N LEU B 208 -24.47 -9.66 -56.12
CA LEU B 208 -25.31 -10.24 -57.16
C LEU B 208 -26.33 -11.15 -56.50
N TRP B 209 -27.60 -10.90 -56.77
CA TRP B 209 -28.69 -11.74 -56.25
C TRP B 209 -29.53 -12.25 -57.41
N LYS B 210 -29.88 -13.53 -57.35
CA LYS B 210 -30.69 -14.17 -58.38
C LYS B 210 -32.03 -14.50 -57.76
N LEU B 211 -33.03 -13.68 -58.07
CA LEU B 211 -34.33 -13.78 -57.40
C LEU B 211 -35.03 -15.09 -57.72
N HIS B 212 -34.98 -15.52 -58.98
CA HIS B 212 -35.69 -16.73 -59.40
C HIS B 212 -34.86 -17.99 -59.27
N GLY B 213 -33.60 -17.88 -58.87
CA GLY B 213 -32.73 -19.04 -58.74
C GLY B 213 -31.85 -19.24 -59.95
N SER B 214 -31.07 -20.31 -59.91
CA SER B 214 -30.11 -20.65 -60.95
C SER B 214 -30.31 -22.10 -61.37
N ILE B 215 -29.47 -22.54 -62.32
CA ILE B 215 -29.50 -23.92 -62.79
C ILE B 215 -28.39 -24.77 -62.18
N ASN B 216 -27.57 -24.19 -61.32
CA ASN B 216 -26.53 -24.94 -60.62
C ASN B 216 -26.86 -25.17 -59.15
N TRP B 217 -27.86 -24.48 -58.60
CA TRP B 217 -28.30 -24.76 -57.24
C TRP B 217 -28.86 -26.16 -57.14
N GLN B 218 -28.59 -26.82 -56.02
CA GLN B 218 -29.09 -28.16 -55.78
C GLN B 218 -29.41 -28.32 -54.30
N LEU B 219 -30.60 -28.82 -54.00
CA LEU B 219 -30.99 -29.08 -52.62
C LEU B 219 -30.33 -30.36 -52.12
N ASP B 220 -30.41 -30.56 -50.81
CA ASP B 220 -29.82 -31.73 -50.16
C ASP B 220 -30.93 -32.59 -49.57
N LYS B 221 -30.84 -33.90 -49.80
CA LYS B 221 -31.87 -34.81 -49.33
C LYS B 221 -31.93 -34.84 -47.81
N GLN B 222 -30.76 -34.82 -47.15
CA GLN B 222 -30.75 -34.95 -45.69
C GLN B 222 -31.40 -33.75 -45.02
N THR B 223 -31.01 -32.54 -45.41
CA THR B 223 -31.56 -31.31 -44.83
C THR B 223 -31.62 -30.26 -45.93
N GLN B 224 -32.44 -29.25 -45.68
CA GLN B 224 -32.57 -28.14 -46.61
C GLN B 224 -31.27 -27.34 -46.64
N THR B 225 -30.50 -27.49 -47.71
CA THR B 225 -29.21 -26.83 -47.84
C THR B 225 -29.13 -25.87 -49.01
N ILE B 226 -29.59 -26.27 -50.19
CA ILE B 226 -29.54 -25.45 -51.40
C ILE B 226 -28.12 -24.97 -51.64
N TRP B 227 -27.16 -25.90 -51.73
CA TRP B 227 -25.78 -25.55 -51.98
C TRP B 227 -25.54 -25.35 -53.48
N ARG B 228 -24.62 -24.44 -53.80
CA ARG B 228 -24.27 -24.12 -55.18
C ARG B 228 -22.92 -24.74 -55.51
N GLY B 229 -22.85 -25.45 -56.63
CA GLY B 229 -21.62 -26.04 -57.09
C GLY B 229 -21.68 -26.41 -58.56
N THR B 230 -21.09 -27.54 -58.92
CA THR B 230 -21.18 -28.02 -60.30
C THR B 230 -22.63 -28.40 -60.60
N PRO B 231 -23.16 -28.00 -61.76
CA PRO B 231 -24.54 -28.37 -62.13
C PRO B 231 -24.78 -29.87 -62.04
N SER B 232 -25.66 -30.27 -61.13
CA SER B 232 -25.96 -31.68 -60.96
C SER B 232 -26.70 -32.22 -62.18
N LYS B 233 -26.54 -33.53 -62.41
CA LYS B 233 -27.15 -34.18 -63.56
C LYS B 233 -28.66 -34.28 -63.35
N GLY B 234 -29.39 -33.36 -63.95
CA GLY B 234 -30.85 -33.33 -63.85
C GLY B 234 -31.40 -32.59 -62.65
N CYS B 235 -30.68 -32.60 -61.54
CA CYS B 235 -31.14 -31.97 -60.31
C CYS B 235 -30.78 -30.49 -60.32
N SER B 236 -31.78 -29.64 -60.19
CA SER B 236 -31.57 -28.20 -60.13
C SER B 236 -32.77 -27.56 -59.44
N LEU B 237 -32.56 -26.34 -58.95
CA LEU B 237 -33.61 -25.58 -58.26
C LEU B 237 -34.10 -24.49 -59.19
N ILE B 238 -35.23 -24.75 -59.85
CA ILE B 238 -35.83 -23.81 -60.79
C ILE B 238 -37.16 -23.35 -60.21
N HIS B 239 -37.35 -22.04 -60.11
CA HIS B 239 -38.56 -21.44 -59.55
C HIS B 239 -38.85 -22.01 -58.17
N PRO B 240 -38.06 -21.65 -57.14
CA PRO B 240 -38.30 -22.22 -55.81
C PRO B 240 -39.56 -21.67 -55.18
N SER B 241 -40.62 -22.48 -55.16
CA SER B 241 -41.89 -22.06 -54.58
C SER B 241 -42.59 -23.18 -53.82
N HIS B 242 -41.98 -24.36 -53.70
CA HIS B 242 -42.60 -25.49 -53.00
C HIS B 242 -41.59 -26.02 -51.98
N LEU B 243 -41.56 -25.38 -50.82
CA LEU B 243 -40.76 -25.88 -49.70
C LEU B 243 -41.46 -25.73 -48.36
N LYS B 244 -42.70 -25.23 -48.34
CA LYS B 244 -43.48 -25.01 -47.10
C LYS B 244 -42.73 -24.13 -46.10
N TYR B 245 -41.75 -23.35 -46.59
CA TYR B 245 -40.90 -22.52 -45.74
C TYR B 245 -40.23 -23.38 -44.65
N ASP B 246 -39.92 -24.63 -44.99
CA ASP B 246 -39.26 -25.52 -44.06
C ASP B 246 -37.85 -25.01 -43.77
N GLN B 247 -37.46 -25.03 -42.50
CA GLN B 247 -36.20 -24.44 -42.05
C GLN B 247 -36.10 -22.98 -42.50
N SER B 248 -36.96 -22.16 -41.88
CA SER B 248 -37.13 -20.78 -42.28
C SER B 248 -35.80 -20.05 -42.42
N ARG B 249 -35.76 -19.10 -43.35
CA ARG B 249 -34.62 -18.27 -43.74
C ARG B 249 -33.59 -19.04 -44.56
N LYS B 250 -33.74 -20.36 -44.73
CA LYS B 250 -32.81 -21.09 -45.58
C LYS B 250 -33.18 -20.97 -47.05
N MET B 251 -34.41 -20.57 -47.35
CA MET B 251 -34.81 -20.39 -48.74
C MET B 251 -34.16 -19.14 -49.30
N PRO B 252 -33.43 -19.25 -50.42
CA PRO B 252 -32.78 -18.05 -50.99
C PRO B 252 -33.76 -17.00 -51.47
N TYR B 253 -35.02 -17.36 -51.72
CA TYR B 253 -35.99 -16.39 -52.24
C TYR B 253 -36.28 -15.30 -51.22
N LEU B 254 -36.59 -15.70 -49.98
CA LEU B 254 -36.98 -14.74 -48.96
C LEU B 254 -35.84 -13.80 -48.59
N VAL B 255 -34.62 -14.33 -48.49
CA VAL B 255 -33.49 -13.49 -48.10
C VAL B 255 -33.17 -12.47 -49.20
N MET B 256 -33.27 -12.88 -50.47
CA MET B 256 -33.07 -11.94 -51.56
C MET B 256 -34.16 -10.87 -51.57
N MET B 257 -35.41 -11.27 -51.32
CA MET B 257 -36.50 -10.31 -51.25
C MET B 257 -36.27 -9.30 -50.13
N ASP B 258 -35.85 -9.77 -48.96
CA ASP B 258 -35.56 -8.87 -47.85
C ASP B 258 -34.38 -7.95 -48.18
N GLN B 259 -33.37 -8.47 -48.89
CA GLN B 259 -32.26 -7.63 -49.30
C GLN B 259 -32.73 -6.50 -50.21
N LEU B 260 -33.60 -6.83 -51.18
CA LEU B 260 -34.15 -5.78 -52.05
C LEU B 260 -34.96 -4.78 -51.25
N LYS B 261 -35.78 -5.25 -50.29
CA LYS B 261 -36.60 -4.35 -49.50
C LYS B 261 -35.74 -3.41 -48.65
N LEU B 262 -34.69 -3.95 -48.01
CA LEU B 262 -33.82 -3.11 -47.20
C LEU B 262 -33.03 -2.13 -48.06
N PHE B 263 -32.64 -2.54 -49.27
CA PHE B 263 -31.99 -1.58 -50.16
C PHE B 263 -32.94 -0.45 -50.54
N LEU B 264 -34.19 -0.78 -50.84
CA LEU B 264 -35.16 0.25 -51.21
C LEU B 264 -35.45 1.18 -50.05
N ASN B 265 -35.53 0.64 -48.83
CA ASN B 265 -35.77 1.48 -47.65
C ASN B 265 -34.60 2.42 -47.37
N GLN B 266 -33.42 2.13 -47.89
CA GLN B 266 -32.28 3.03 -47.72
C GLN B 266 -32.56 4.34 -48.43
N PRO B 267 -32.14 5.48 -47.86
CA PRO B 267 -32.36 6.77 -48.54
C PRO B 267 -31.49 6.94 -49.78
N SER B 268 -31.65 6.05 -50.75
CA SER B 268 -30.94 6.15 -52.00
C SER B 268 -31.67 7.10 -52.95
N ALA B 269 -31.16 7.25 -54.16
CA ALA B 269 -31.79 8.13 -55.13
C ALA B 269 -31.83 7.55 -56.55
N ILE B 270 -31.27 6.38 -56.79
CA ILE B 270 -31.22 5.81 -58.13
C ILE B 270 -31.61 4.33 -58.07
N LEU B 271 -32.44 3.92 -59.02
CA LEU B 271 -32.74 2.51 -59.25
C LEU B 271 -33.21 2.37 -60.69
N ILE B 272 -32.57 1.49 -61.45
CA ILE B 272 -32.82 1.34 -62.88
C ILE B 272 -33.20 -0.10 -63.17
N THR B 273 -34.26 -0.28 -63.95
CA THR B 273 -34.71 -1.59 -64.38
C THR B 273 -34.70 -1.65 -65.90
N CYS B 274 -34.54 -2.87 -66.43
CA CYS B 274 -34.48 -3.06 -67.88
C CYS B 274 -34.99 -4.46 -68.21
N GLY B 275 -35.86 -4.54 -69.21
CA GLY B 275 -36.39 -5.81 -69.66
C GLY B 275 -37.50 -6.38 -68.83
N TYR B 276 -37.95 -5.68 -67.79
CA TYR B 276 -39.01 -6.19 -66.93
C TYR B 276 -40.35 -6.10 -67.64
N SER B 277 -41.09 -7.21 -67.63
CA SER B 277 -42.43 -7.25 -68.22
C SER B 277 -43.53 -6.90 -67.21
N TYR B 278 -43.18 -6.71 -65.95
CA TYR B 278 -44.13 -6.36 -64.90
C TYR B 278 -45.27 -7.37 -64.81
N LYS B 279 -44.93 -8.65 -65.00
CA LYS B 279 -45.91 -9.72 -64.99
C LYS B 279 -45.86 -10.55 -63.70
N ASP B 280 -45.20 -10.04 -62.67
CA ASP B 280 -45.08 -10.73 -61.39
C ASP B 280 -45.71 -9.86 -60.30
N GLN B 281 -46.63 -10.45 -59.54
CA GLN B 281 -47.32 -9.70 -58.49
C GLN B 281 -46.45 -9.50 -57.26
N HIS B 282 -45.63 -10.50 -56.92
CA HIS B 282 -44.81 -10.41 -55.71
C HIS B 282 -43.82 -9.27 -55.79
N ILE B 283 -43.15 -9.12 -56.93
CA ILE B 283 -42.21 -8.02 -57.10
C ILE B 283 -42.95 -6.69 -57.19
N ASN B 284 -44.10 -6.67 -57.88
CA ASN B 284 -44.84 -5.42 -58.04
C ASN B 284 -45.31 -4.88 -56.70
N GLU B 285 -45.81 -5.76 -55.81
CA GLU B 285 -46.32 -5.31 -54.53
C GLU B 285 -45.22 -4.68 -53.68
N VAL B 286 -44.07 -5.36 -53.60
CA VAL B 286 -42.97 -4.83 -52.79
C VAL B 286 -42.42 -3.55 -53.41
N LEU B 287 -42.38 -3.48 -54.75
CA LEU B 287 -41.94 -2.25 -55.40
C LEU B 287 -42.86 -1.09 -55.05
N SER B 288 -44.18 -1.31 -55.12
CA SER B 288 -45.13 -0.26 -54.77
C SER B 288 -44.99 0.14 -53.31
N GLN B 289 -44.83 -0.83 -52.41
CA GLN B 289 -44.69 -0.53 -50.99
C GLN B 289 -43.43 0.29 -50.73
N GLY B 290 -42.31 -0.09 -51.36
CA GLY B 290 -41.08 0.65 -51.17
C GLY B 290 -41.14 2.05 -51.73
N LEU B 291 -41.71 2.21 -52.93
CA LEU B 291 -41.82 3.54 -53.52
C LEU B 291 -42.74 4.43 -52.71
N GLN B 292 -43.83 3.89 -52.19
CA GLN B 292 -44.70 4.67 -51.32
C GLN B 292 -43.98 5.05 -50.03
N THR B 293 -43.23 4.11 -49.45
CA THR B 293 -42.55 4.39 -48.18
C THR B 293 -41.36 5.32 -48.37
N ASN B 294 -40.61 5.15 -49.46
CA ASN B 294 -39.41 5.94 -49.68
C ASN B 294 -39.71 7.06 -50.67
N PRO B 295 -39.75 8.32 -50.25
CA PRO B 295 -40.07 9.40 -51.19
C PRO B 295 -38.86 9.82 -52.02
N ASN B 296 -37.66 9.68 -51.46
CA ASN B 296 -36.45 10.11 -52.14
C ASN B 296 -35.95 9.11 -53.18
N ALA B 297 -36.51 7.90 -53.21
CA ALA B 297 -36.09 6.92 -54.18
C ALA B 297 -36.62 7.26 -55.56
N LEU B 298 -35.92 6.76 -56.58
CA LEU B 298 -36.31 6.96 -57.98
C LEU B 298 -36.19 5.64 -58.73
N ILE B 299 -37.16 5.39 -59.62
CA ILE B 299 -37.18 4.18 -60.43
C ILE B 299 -37.30 4.58 -61.89
N TYR B 300 -36.45 4.03 -62.73
CA TYR B 300 -36.45 4.35 -64.16
C TYR B 300 -36.72 3.11 -65.00
N GLY B 301 -37.72 2.33 -64.62
CA GLY B 301 -38.09 1.14 -65.37
C GLY B 301 -38.44 1.43 -66.81
N LEU B 302 -37.86 0.67 -67.74
CA LEU B 302 -38.06 0.87 -69.16
C LEU B 302 -39.07 -0.15 -69.70
N GLN B 303 -39.36 -0.03 -71.00
CA GLN B 303 -40.29 -0.95 -71.66
C GLN B 303 -39.94 -0.97 -73.14
N TYR B 304 -39.63 -2.15 -73.67
CA TYR B 304 -39.27 -2.31 -75.08
C TYR B 304 -40.48 -2.65 -75.94
N ASP B 305 -41.55 -1.88 -75.80
CA ASP B 305 -42.79 -2.14 -76.50
C ASP B 305 -43.68 -0.91 -76.38
N VAL B 306 -44.93 -1.04 -76.81
CA VAL B 306 -45.89 0.06 -76.71
C VAL B 306 -46.26 0.29 -75.25
N LEU B 307 -46.45 1.55 -74.87
CA LEU B 307 -46.75 1.89 -73.49
C LEU B 307 -48.03 1.23 -73.00
N GLU B 308 -48.97 0.95 -73.91
CA GLU B 308 -50.27 0.40 -73.52
C GLU B 308 -50.24 -1.10 -73.29
N ASN B 309 -49.11 -1.77 -73.54
CA ASN B 309 -49.03 -3.21 -73.37
C ASN B 309 -48.82 -3.63 -71.92
N TYR B 310 -48.58 -2.70 -71.01
CA TYR B 310 -48.33 -2.99 -69.61
C TYR B 310 -49.40 -2.29 -68.78
N GLN B 311 -50.53 -2.97 -68.57
CA GLN B 311 -51.60 -2.39 -67.78
C GLN B 311 -51.20 -2.23 -66.32
N GLU B 312 -50.51 -3.23 -65.76
CA GLU B 312 -50.08 -3.14 -64.37
C GLU B 312 -49.10 -1.99 -64.17
N ALA B 313 -48.17 -1.81 -65.12
CA ALA B 313 -47.23 -0.70 -65.02
C ALA B 313 -47.94 0.64 -65.08
N LYS B 314 -48.93 0.77 -65.96
CA LYS B 314 -49.70 2.00 -66.04
C LYS B 314 -50.46 2.27 -64.74
N ASP B 315 -51.05 1.23 -64.16
CA ASP B 315 -51.77 1.38 -62.90
C ASP B 315 -50.82 1.81 -61.79
N MET B 316 -49.63 1.21 -61.73
CA MET B 316 -48.65 1.59 -60.73
C MET B 316 -48.20 3.03 -60.92
N ALA B 317 -47.98 3.45 -62.17
CA ALA B 317 -47.58 4.82 -62.44
C ALA B 317 -48.67 5.80 -62.02
N LEU B 318 -49.94 5.45 -62.27
CA LEU B 318 -51.04 6.29 -61.80
C LEU B 318 -51.07 6.36 -60.28
N LYS B 319 -50.87 5.22 -59.61
CA LYS B 319 -50.93 5.18 -58.15
C LYS B 319 -49.67 5.76 -57.51
N ARG B 320 -48.50 5.49 -58.09
CA ARG B 320 -47.23 5.92 -57.51
C ARG B 320 -46.62 7.01 -58.39
N SER B 321 -46.29 8.14 -57.77
CA SER B 321 -45.77 9.28 -58.52
C SER B 321 -44.27 9.18 -58.74
N ASN B 322 -43.54 8.57 -57.80
CA ASN B 322 -42.09 8.51 -57.90
C ASN B 322 -41.60 7.66 -59.06
N LEU B 323 -42.40 6.69 -59.51
CA LEU B 323 -41.98 5.83 -60.61
C LEU B 323 -41.96 6.61 -61.92
N ILE B 324 -40.88 6.44 -62.68
CA ILE B 324 -40.72 7.07 -63.98
C ILE B 324 -40.61 5.96 -65.02
N LEU B 325 -41.51 5.97 -66.00
CA LEU B 325 -41.59 4.92 -67.01
C LEU B 325 -41.22 5.46 -68.38
N LEU B 326 -40.55 4.63 -69.17
CA LEU B 326 -40.18 4.97 -70.54
C LEU B 326 -40.58 3.84 -71.46
N ALA B 327 -41.15 4.19 -72.62
CA ALA B 327 -41.60 3.22 -73.60
C ALA B 327 -41.25 3.71 -74.99
N LYS B 328 -41.34 2.80 -75.96
CA LYS B 328 -41.01 3.15 -77.34
C LYS B 328 -41.99 4.18 -77.91
N ASP B 329 -43.27 4.05 -77.59
CA ASP B 329 -44.29 4.93 -78.15
C ASP B 329 -44.45 6.22 -77.36
N ARG B 330 -44.39 6.16 -76.04
CA ARG B 330 -44.58 7.34 -75.21
C ARG B 330 -43.83 7.13 -73.90
N ALA B 331 -44.10 7.99 -72.92
CA ALA B 331 -43.46 7.90 -71.62
C ALA B 331 -44.33 8.58 -70.57
N ILE B 332 -44.41 7.97 -69.39
CA ILE B 332 -45.17 8.52 -68.27
C ILE B 332 -44.18 9.09 -67.26
N ILE B 333 -44.39 10.35 -66.89
CA ILE B 333 -43.54 11.03 -65.91
C ILE B 333 -44.44 11.68 -64.86
N GLY B 334 -44.26 11.30 -63.61
CA GLY B 334 -45.02 11.90 -62.52
C GLY B 334 -46.51 11.66 -62.60
N LYS B 335 -46.92 10.42 -62.91
CA LYS B 335 -48.31 10.01 -63.00
C LYS B 335 -49.10 10.78 -64.05
N LYS B 336 -48.41 11.48 -64.97
CA LYS B 336 -49.05 12.23 -66.03
C LYS B 336 -48.57 11.67 -67.37
N GLU B 337 -49.51 11.18 -68.17
CA GLU B 337 -49.16 10.61 -69.47
C GLU B 337 -48.58 11.69 -70.37
N GLY B 338 -47.48 11.35 -71.06
CA GLY B 338 -46.81 12.30 -71.92
C GLY B 338 -46.94 11.97 -73.39
N GLU B 339 -45.93 12.33 -74.18
CA GLU B 339 -45.93 12.08 -75.61
C GLU B 339 -44.50 12.06 -76.10
N TRP B 340 -44.32 11.53 -77.31
CA TRP B 340 -42.99 11.44 -77.92
C TRP B 340 -42.46 12.83 -78.30
N LYS B 357 -35.51 6.58 -74.24
CA LYS B 357 -35.78 5.84 -75.47
C LYS B 357 -34.69 4.80 -75.73
N LEU B 358 -34.29 4.10 -74.68
CA LEU B 358 -33.25 3.07 -74.74
C LEU B 358 -33.76 1.77 -74.13
N GLY B 359 -34.97 1.37 -74.54
CA GLY B 359 -35.55 0.15 -74.01
C GLY B 359 -34.74 -1.09 -74.37
N ASP B 360 -34.14 -1.10 -75.55
CA ASP B 360 -33.32 -2.23 -75.97
C ASP B 360 -32.05 -2.28 -75.13
N PHE B 361 -31.58 -3.50 -74.85
CA PHE B 361 -30.40 -3.67 -74.01
C PHE B 361 -29.15 -3.10 -74.67
N GLN B 362 -29.00 -3.30 -75.98
CA GLN B 362 -27.81 -2.83 -76.67
C GLN B 362 -27.71 -1.30 -76.61
N HIS B 363 -28.82 -0.61 -76.82
CA HIS B 363 -28.81 0.85 -76.75
C HIS B 363 -28.45 1.33 -75.36
N LEU B 364 -29.00 0.68 -74.34
CA LEU B 364 -28.67 1.05 -72.96
C LEU B 364 -27.19 0.84 -72.67
N ALA B 365 -26.64 -0.28 -73.12
CA ALA B 365 -25.22 -0.54 -72.90
C ALA B 365 -24.35 0.48 -73.62
N SER B 366 -24.71 0.83 -74.86
CA SER B 366 -23.95 1.82 -75.60
C SER B 366 -24.01 3.19 -74.92
N PHE B 367 -25.19 3.58 -74.45
CA PHE B 367 -25.32 4.85 -73.76
C PHE B 367 -24.51 4.86 -72.46
N LEU B 368 -24.53 3.75 -71.73
CA LEU B 368 -23.75 3.67 -70.50
C LEU B 368 -22.25 3.75 -70.78
N GLU B 369 -21.80 3.06 -71.84
CA GLU B 369 -20.39 3.13 -72.21
C GLU B 369 -19.99 4.55 -72.61
N GLU B 370 -20.86 5.23 -73.36
CA GLU B 370 -20.58 6.62 -73.73
C GLU B 370 -20.53 7.52 -72.50
N ILE B 371 -21.42 7.28 -71.53
CA ILE B 371 -21.43 8.06 -70.31
C ILE B 371 -20.16 7.82 -69.49
N SER B 372 -19.64 6.59 -69.51
CA SER B 372 -18.43 6.30 -68.75
C SER B 372 -17.24 7.11 -69.25
N GLN B 373 -17.12 7.26 -70.57
CA GLN B 373 -16.03 8.03 -71.15
C GLN B 373 -16.20 9.53 -70.86
N ASP C 11 17.13 43.41 -83.95
CA ASP C 11 18.57 43.65 -83.86
C ASP C 11 18.96 44.16 -82.48
N THR C 12 19.70 45.27 -82.44
CA THR C 12 20.19 45.81 -81.18
C THR C 12 19.05 46.32 -80.30
N THR C 13 18.03 46.91 -80.91
CA THR C 13 16.90 47.43 -80.13
C THR C 13 16.26 46.36 -79.28
N GLN C 14 16.30 45.10 -79.73
CA GLN C 14 15.68 44.02 -78.98
C GLN C 14 16.29 43.88 -77.59
N GLN C 15 17.60 43.62 -77.51
CA GLN C 15 18.16 43.41 -76.18
C GLN C 15 18.39 44.73 -75.46
N LEU C 16 18.42 45.87 -76.17
CA LEU C 16 18.41 47.15 -75.47
C LEU C 16 17.12 47.33 -74.68
N SER C 17 15.97 47.08 -75.32
CA SER C 17 14.71 47.13 -74.61
C SER C 17 14.65 46.07 -73.53
N LEU C 18 15.23 44.89 -73.79
CA LEU C 18 15.24 43.83 -72.79
C LEU C 18 16.01 44.26 -71.54
N LEU C 19 17.19 44.85 -71.71
CA LEU C 19 17.98 45.28 -70.56
C LEU C 19 17.30 46.44 -69.85
N LYS C 20 16.66 47.35 -70.59
CA LYS C 20 15.90 48.41 -69.94
C LYS C 20 14.76 47.84 -69.10
N HIS C 21 14.05 46.84 -69.62
CA HIS C 21 12.95 46.23 -68.89
C HIS C 21 13.45 45.51 -67.64
N VAL C 22 14.54 44.75 -67.76
CA VAL C 22 15.03 44.01 -66.60
C VAL C 22 15.60 44.95 -65.56
N LEU C 23 16.16 46.10 -65.98
CA LEU C 23 16.53 47.12 -65.01
C LEU C 23 15.29 47.69 -64.33
N SER C 24 14.21 47.88 -65.08
CA SER C 24 12.95 48.31 -64.51
C SER C 24 12.28 47.22 -63.68
N GLU C 25 12.78 45.99 -63.72
CA GLU C 25 12.23 44.88 -62.95
C GLU C 25 12.89 44.89 -61.57
N ASP C 26 12.13 45.30 -60.56
CA ASP C 26 12.65 45.40 -59.20
C ASP C 26 12.57 44.05 -58.50
N LYS C 27 12.79 44.07 -57.17
CA LYS C 27 12.68 42.89 -56.32
C LYS C 27 13.74 41.85 -56.63
N ARG C 28 14.72 42.21 -57.46
CA ARG C 28 15.82 41.31 -57.76
C ARG C 28 17.15 42.02 -57.55
N PRO C 29 18.17 41.33 -57.03
CA PRO C 29 19.45 41.98 -56.78
C PRO C 29 20.16 42.36 -58.07
N ILE C 30 20.95 43.44 -57.98
CA ILE C 30 21.74 43.92 -59.10
C ILE C 30 23.17 44.18 -58.61
N ALA C 31 24.11 44.13 -59.55
CA ALA C 31 25.52 44.32 -59.24
C ALA C 31 26.27 44.58 -60.54
N PHE C 32 27.59 44.65 -60.43
CA PHE C 32 28.45 44.84 -61.59
C PHE C 32 29.85 44.36 -61.26
N ILE C 33 30.61 44.07 -62.30
CA ILE C 33 32.00 43.63 -62.18
C ILE C 33 32.87 44.65 -62.90
N ILE C 34 33.85 45.20 -62.19
CA ILE C 34 34.74 46.22 -62.72
C ILE C 34 36.10 45.59 -62.97
N ALA C 35 36.57 45.67 -64.21
CA ALA C 35 37.87 45.17 -64.62
C ALA C 35 38.82 46.34 -64.84
N ALA C 36 40.03 46.03 -65.30
CA ALA C 36 41.01 47.06 -65.59
C ALA C 36 40.70 47.83 -66.86
N GLY C 37 39.84 47.31 -67.73
CA GLY C 37 39.50 48.00 -68.96
C GLY C 37 38.73 49.29 -68.78
N CYS C 38 37.80 49.33 -67.83
CA CYS C 38 36.98 50.52 -67.61
C CYS C 38 37.82 51.73 -67.21
N PRO C 39 38.72 51.62 -66.22
CA PRO C 39 39.60 52.78 -65.93
C PRO C 39 40.60 53.07 -67.03
N VAL C 40 41.04 52.04 -67.77
CA VAL C 40 41.98 52.26 -68.86
C VAL C 40 41.34 53.12 -69.95
N SER C 41 40.08 52.81 -70.29
CA SER C 41 39.37 53.58 -71.31
C SER C 41 39.00 54.99 -70.83
N ILE C 42 39.12 55.27 -69.55
CA ILE C 42 38.89 56.61 -69.02
C ILE C 42 40.09 57.48 -69.38
N ARG C 43 39.82 58.63 -69.98
CA ARG C 43 40.87 59.52 -70.49
C ARG C 43 41.12 60.66 -69.52
N HIS C 44 42.37 60.83 -69.11
CA HIS C 44 42.79 61.94 -68.27
C HIS C 44 43.90 62.69 -69.01
N ASN C 45 43.64 63.96 -69.33
CA ASN C 45 44.57 64.78 -70.09
C ASN C 45 44.94 64.11 -71.41
N ASP C 46 43.93 63.62 -72.11
CA ASP C 46 44.06 62.90 -73.39
C ASP C 46 44.85 61.60 -73.25
N ALA C 47 45.06 61.12 -72.03
CA ALA C 47 45.79 59.90 -71.76
C ALA C 47 44.96 58.99 -70.85
N PRO C 48 45.16 57.68 -70.92
CA PRO C 48 44.40 56.77 -70.05
C PRO C 48 44.67 57.06 -68.58
N LEU C 49 43.61 57.01 -67.78
CA LEU C 49 43.74 57.25 -66.35
C LEU C 49 44.58 56.19 -65.67
N ILE C 50 44.34 54.93 -66.01
CA ILE C 50 45.06 53.79 -65.45
C ILE C 50 45.66 53.00 -66.62
N PRO C 51 46.96 52.72 -66.61
CA PRO C 51 47.55 51.94 -67.71
C PRO C 51 47.00 50.52 -67.74
N ASP C 52 46.93 49.97 -68.95
CA ASP C 52 46.44 48.63 -69.14
C ASP C 52 47.48 47.62 -68.63
N VAL C 53 47.14 46.33 -68.74
CA VAL C 53 48.05 45.28 -68.30
C VAL C 53 49.34 45.31 -69.11
N ALA C 54 49.21 45.46 -70.44
CA ALA C 54 50.39 45.59 -71.28
C ALA C 54 51.19 46.84 -70.93
N GLY C 55 50.49 47.95 -70.72
CA GLY C 55 51.18 49.18 -70.31
C GLY C 55 51.86 49.05 -68.97
N LEU C 56 51.20 48.38 -68.01
CA LEU C 56 51.81 48.17 -66.71
C LEU C 56 53.06 47.30 -66.81
N THR C 57 52.99 46.24 -67.62
CA THR C 57 54.16 45.39 -67.82
C THR C 57 55.30 46.15 -68.48
N ARG C 58 54.97 46.98 -69.47
CA ARG C 58 56.01 47.79 -70.13
C ARG C 58 56.65 48.77 -69.16
N LYS C 59 55.83 49.40 -68.31
CA LYS C 59 56.36 50.33 -67.31
C LYS C 59 57.25 49.60 -66.32
N ILE C 60 56.85 48.40 -65.90
CA ILE C 60 57.68 47.62 -64.99
C ILE C 60 59.00 47.24 -65.65
N SER C 61 58.95 46.84 -66.93
CA SER C 61 60.18 46.52 -67.65
C SER C 61 61.05 47.74 -67.84
N ASP C 62 60.46 48.94 -67.86
CA ASP C 62 61.26 50.15 -67.99
C ASP C 62 62.18 50.35 -66.79
N SER C 63 61.79 49.82 -65.64
CA SER C 63 62.61 49.92 -64.43
C SER C 63 63.42 48.64 -64.22
N LEU C 72 67.64 42.56 -64.85
CA LEU C 72 67.44 41.25 -64.23
C LEU C 72 66.36 40.47 -64.98
N MET C 73 66.39 40.53 -66.31
CA MET C 73 65.41 39.85 -67.14
C MET C 73 65.67 38.36 -67.28
N LYS C 74 66.62 37.80 -66.51
CA LYS C 74 66.87 36.36 -66.59
C LYS C 74 65.66 35.56 -66.16
N ILE C 75 64.99 35.98 -65.09
CA ILE C 75 63.78 35.29 -64.64
C ILE C 75 62.68 35.40 -65.69
N ILE C 76 62.55 36.58 -66.31
CA ILE C 76 61.53 36.75 -67.34
C ILE C 76 61.82 35.84 -68.53
N GLN C 77 63.08 35.74 -68.94
CA GLN C 77 63.44 34.85 -70.04
C GLN C 77 63.19 33.40 -69.68
N ASN C 78 63.52 32.99 -68.46
CA ASN C 78 63.28 31.62 -68.03
C ASN C 78 61.79 31.30 -68.02
N LEU C 79 60.96 32.24 -67.56
CA LEU C 79 59.52 32.04 -67.55
C LEU C 79 58.95 32.05 -68.97
N LYS C 80 59.60 32.78 -69.89
CA LYS C 80 59.12 32.83 -71.26
C LYS C 80 59.29 31.51 -72.00
N THR C 81 60.13 30.60 -71.48
CA THR C 81 60.33 29.32 -72.15
C THR C 81 59.04 28.50 -72.16
N THR C 82 58.32 28.47 -71.05
CA THR C 82 57.08 27.71 -70.94
C THR C 82 55.82 28.56 -70.94
N ILE C 83 55.96 29.89 -70.93
CA ILE C 83 54.80 30.79 -70.85
C ILE C 83 54.97 31.87 -71.92
N PRO C 84 53.89 32.32 -72.56
CA PRO C 84 54.00 33.48 -73.45
C PRO C 84 54.19 34.77 -72.69
N ASN C 85 54.16 35.92 -73.39
CA ASN C 85 54.36 37.23 -72.78
C ASN C 85 53.55 37.37 -71.51
N PRO C 86 54.21 37.40 -70.35
CA PRO C 86 53.50 37.30 -69.07
C PRO C 86 52.94 38.66 -68.65
N THR C 87 52.37 38.66 -67.44
CA THR C 87 51.83 39.86 -66.81
C THR C 87 52.51 40.09 -65.47
N ILE C 88 52.14 41.18 -64.80
CA ILE C 88 52.77 41.53 -63.53
C ILE C 88 52.46 40.48 -62.46
N GLU C 89 51.24 39.94 -62.48
CA GLU C 89 50.84 38.96 -61.47
C GLU C 89 51.72 37.73 -61.53
N ASP C 90 51.99 37.21 -62.72
CA ASP C 90 52.84 36.04 -62.85
C ASP C 90 54.26 36.32 -62.36
N ILE C 91 54.78 37.50 -62.69
CA ILE C 91 56.15 37.86 -62.28
C ILE C 91 56.24 37.93 -60.76
N LEU C 92 55.28 38.61 -60.12
CA LEU C 92 55.33 38.74 -58.67
C LEU C 92 55.11 37.40 -57.99
N SER C 93 54.23 36.56 -58.53
CA SER C 93 54.02 35.23 -57.97
C SER C 93 55.29 34.40 -58.05
N TYR C 94 55.99 34.46 -59.20
CA TYR C 94 57.25 33.74 -59.34
C TYR C 94 58.30 34.26 -58.36
N ILE C 95 58.37 35.58 -58.19
CA ILE C 95 59.34 36.16 -57.27
C ILE C 95 59.06 35.68 -55.85
N ARG C 96 57.80 35.71 -55.43
CA ARG C 96 57.45 35.23 -54.09
C ARG C 96 57.75 33.73 -53.95
N LEU C 97 57.44 32.95 -54.99
CA LEU C 97 57.70 31.51 -54.93
C LEU C 97 59.18 31.23 -54.74
N LEU C 98 60.04 31.98 -55.43
CA LEU C 98 61.47 31.89 -55.16
C LEU C 98 61.79 32.36 -53.74
N GLN C 99 61.04 33.34 -53.23
CA GLN C 99 61.33 33.86 -51.90
C GLN C 99 61.11 32.81 -50.82
N GLN C 100 60.02 32.04 -50.90
CA GLN C 100 59.80 31.01 -49.88
C GLN C 100 60.91 29.98 -49.88
N ILE C 101 61.43 29.61 -51.04
CA ILE C 101 62.55 28.68 -51.11
C ILE C 101 63.78 29.39 -50.55
N PRO C 102 64.41 28.84 -49.49
CA PRO C 102 65.57 29.52 -48.89
C PRO C 102 66.73 29.69 -49.84
N MET C 103 67.24 28.57 -50.37
CA MET C 103 68.37 28.59 -51.29
C MET C 103 67.91 28.61 -52.74
N SER C 104 67.03 29.56 -53.07
CA SER C 104 66.54 29.69 -54.43
C SER C 104 67.43 30.59 -55.29
N GLY C 105 68.41 31.26 -54.69
CA GLY C 105 69.30 32.11 -55.48
C GLY C 105 70.14 31.32 -56.45
N LYS C 106 70.56 30.11 -56.07
CA LYS C 106 71.36 29.28 -56.95
C LYS C 106 70.62 28.91 -58.22
N ILE C 107 69.29 28.92 -58.18
CA ILE C 107 68.50 28.62 -59.38
C ILE C 107 68.75 29.67 -60.45
N HIS C 108 68.73 30.94 -60.05
CA HIS C 108 68.98 32.07 -60.95
C HIS C 108 70.16 32.85 -60.40
N ASP C 109 71.35 32.58 -60.94
CA ASP C 109 72.60 33.20 -60.50
C ASP C 109 72.92 32.84 -59.06
N VAL C 110 73.28 33.83 -58.26
CA VAL C 110 73.63 33.61 -56.85
C VAL C 110 73.22 34.82 -56.02
N GLU C 111 73.46 34.74 -54.71
CA GLU C 111 73.27 35.88 -53.80
C GLU C 111 71.82 36.36 -53.81
N ASN C 112 70.96 35.49 -53.26
CA ASN C 112 69.51 35.72 -53.29
C ASN C 112 69.11 36.86 -52.35
N SER C 113 69.66 38.04 -52.63
CA SER C 113 69.23 39.28 -52.01
C SER C 113 68.62 40.25 -53.00
N VAL C 114 68.87 40.06 -54.29
CA VAL C 114 68.28 40.92 -55.31
C VAL C 114 66.78 40.71 -55.39
N ILE C 115 66.28 39.56 -54.93
CA ILE C 115 64.85 39.28 -54.99
C ILE C 115 64.07 40.24 -54.10
N ASN C 116 64.55 40.45 -52.87
CA ASN C 116 63.86 41.34 -51.93
C ASN C 116 63.87 42.78 -52.43
N ALA C 117 65.03 43.25 -52.89
CA ALA C 117 65.12 44.60 -53.42
C ALA C 117 64.23 44.77 -54.65
N LEU C 118 64.22 43.77 -55.53
CA LEU C 118 63.41 43.84 -56.74
C LEU C 118 61.92 43.89 -56.41
N GLU C 119 61.47 43.06 -55.46
CA GLU C 119 60.06 43.08 -55.12
C GLU C 119 59.68 44.37 -54.41
N GLU C 120 60.57 44.89 -53.55
CA GLU C 120 60.29 46.17 -52.91
C GLU C 120 60.20 47.30 -53.94
N SER C 121 61.11 47.32 -54.92
CA SER C 121 61.07 48.35 -55.95
C SER C 121 59.83 48.22 -56.81
N ILE C 122 59.43 46.99 -57.14
CA ILE C 122 58.22 46.77 -57.94
C ILE C 122 57.00 47.25 -57.17
N CYS C 123 56.94 46.94 -55.87
CA CYS C 123 55.82 47.39 -55.06
C CYS C 123 55.77 48.91 -54.98
N GLU C 124 56.92 49.56 -54.78
CA GLU C 124 56.95 51.01 -54.76
C GLU C 124 56.48 51.59 -56.10
N LEU C 125 56.98 51.04 -57.20
CA LEU C 125 56.61 51.55 -58.50
C LEU C 125 55.11 51.43 -58.73
N ILE C 126 54.54 50.27 -58.37
CA ILE C 126 53.09 50.11 -58.48
C ILE C 126 52.37 51.09 -57.55
N GLU C 127 52.93 51.33 -56.36
CA GLU C 127 52.28 52.19 -55.38
C GLU C 127 52.11 53.60 -55.90
N GLU C 128 53.18 54.20 -56.40
CA GLU C 128 52.99 55.53 -57.02
C GLU C 128 52.45 55.48 -58.44
N GLU C 129 52.35 54.31 -59.06
CA GLU C 129 51.66 54.24 -60.35
C GLU C 129 50.15 54.32 -60.17
N VAL C 130 49.60 53.59 -59.19
CA VAL C 130 48.15 53.53 -59.03
C VAL C 130 47.61 54.62 -58.11
N ASN C 131 48.48 55.36 -57.42
CA ASN C 131 48.05 56.44 -56.53
C ASN C 131 47.67 57.66 -57.36
N VAL C 132 46.52 57.57 -58.00
CA VAL C 132 46.00 58.62 -58.86
C VAL C 132 44.65 59.06 -58.33
N ASP C 133 44.48 60.37 -58.16
CA ASP C 133 43.22 60.92 -57.67
C ASP C 133 42.17 60.92 -58.79
N LEU C 134 40.92 60.70 -58.40
CA LEU C 134 39.83 60.70 -59.36
C LEU C 134 39.58 62.11 -59.87
N PRO C 135 39.21 62.25 -61.16
CA PRO C 135 38.91 63.59 -61.70
C PRO C 135 37.59 64.15 -61.18
N GLY C 136 37.18 65.28 -61.72
CA GLY C 136 35.99 65.98 -61.25
C GLY C 136 34.68 65.25 -61.51
N ASN C 137 33.58 66.01 -61.48
CA ASN C 137 32.24 65.43 -61.58
C ASN C 137 31.94 64.81 -62.93
N ALA C 138 32.84 64.92 -63.91
CA ALA C 138 32.61 64.33 -65.22
C ALA C 138 32.86 62.83 -65.26
N THR C 139 33.35 62.25 -64.17
CA THR C 139 33.64 60.82 -64.14
C THR C 139 32.34 60.03 -64.19
N PRO C 140 32.22 59.04 -65.09
CA PRO C 140 31.01 58.21 -65.10
C PRO C 140 30.80 57.40 -63.84
N TYR C 141 31.84 57.24 -63.01
CA TYR C 141 31.66 56.58 -61.72
C TYR C 141 30.64 57.32 -60.87
N HIS C 142 30.68 58.66 -60.90
CA HIS C 142 29.68 59.45 -60.17
C HIS C 142 28.29 59.20 -60.72
N LYS C 143 28.15 59.10 -62.04
CA LYS C 143 26.85 58.81 -62.64
C LYS C 143 26.35 57.44 -62.21
N ILE C 144 27.23 56.44 -62.16
CA ILE C 144 26.84 55.11 -61.71
C ILE C 144 26.39 55.15 -60.26
N ALA C 145 27.13 55.87 -59.41
CA ALA C 145 26.75 55.97 -58.00
C ALA C 145 25.40 56.67 -57.84
N ALA C 146 25.17 57.73 -58.62
CA ALA C 146 23.89 58.43 -58.55
C ALA C 146 22.75 57.55 -59.02
N TRP C 147 22.97 56.78 -60.09
CA TRP C 147 21.94 55.85 -60.56
C TRP C 147 21.63 54.79 -59.52
N ILE C 148 22.67 54.27 -58.85
CA ILE C 148 22.46 53.26 -57.82
C ILE C 148 21.68 53.84 -56.65
N ASN C 149 22.07 55.04 -56.19
CA ASN C 149 21.40 55.66 -55.05
C ASN C 149 19.99 56.11 -55.38
N SER C 150 19.69 56.40 -56.65
CA SER C 150 18.36 56.85 -57.05
C SER C 150 17.32 55.75 -56.96
N ILE C 151 17.74 54.50 -56.83
CA ILE C 151 16.82 53.36 -56.72
C ILE C 151 16.69 52.98 -55.26
N ASN C 152 15.45 52.91 -54.78
CA ASN C 152 15.16 52.57 -53.39
C ASN C 152 14.76 51.11 -53.22
N ARG C 153 15.25 50.24 -54.08
CA ARG C 153 14.93 48.82 -53.99
C ARG C 153 15.58 48.22 -52.75
N GLU C 154 14.88 47.26 -52.14
CA GLU C 154 15.38 46.61 -50.93
C GLU C 154 16.63 45.80 -51.22
N HIS C 155 16.80 45.31 -52.46
CA HIS C 155 17.94 44.49 -52.81
C HIS C 155 19.18 45.37 -52.94
N GLN C 156 20.11 45.23 -52.00
CA GLN C 156 21.35 46.00 -52.04
C GLN C 156 22.25 45.50 -53.17
N VAL C 157 23.15 46.38 -53.61
CA VAL C 157 24.07 46.08 -54.70
C VAL C 157 25.46 45.89 -54.12
N GLU C 158 26.06 44.74 -54.42
CA GLU C 158 27.43 44.43 -54.01
C GLU C 158 28.30 44.32 -55.24
N ILE C 159 29.34 45.15 -55.31
CA ILE C 159 30.17 45.28 -56.50
C ILE C 159 31.55 44.72 -56.19
N PHE C 160 32.04 43.85 -57.07
CA PHE C 160 33.38 43.27 -56.96
C PHE C 160 34.23 43.79 -58.11
N THR C 161 35.45 44.24 -57.78
CA THR C 161 36.34 44.84 -58.76
C THR C 161 37.68 44.13 -58.73
N THR C 162 38.47 44.35 -59.78
CA THR C 162 39.79 43.78 -59.92
C THR C 162 40.91 44.81 -59.92
N ASN C 163 40.57 46.10 -59.88
CA ASN C 163 41.58 47.14 -59.92
C ASN C 163 42.36 47.20 -58.61
N TYR C 164 43.57 47.74 -58.69
CA TYR C 164 44.44 47.91 -57.53
C TYR C 164 44.39 49.32 -56.96
N ASP C 165 43.47 50.15 -57.44
CA ASP C 165 43.31 51.52 -56.95
C ASP C 165 42.05 51.61 -56.10
N LEU C 166 41.72 52.83 -55.66
CA LEU C 166 40.55 53.10 -54.85
C LEU C 166 39.71 54.19 -55.48
N LEU C 167 39.66 54.21 -56.81
CA LEU C 167 38.88 55.23 -57.52
C LEU C 167 37.40 55.12 -57.21
N MET C 168 36.87 53.89 -57.20
CA MET C 168 35.46 53.71 -56.89
C MET C 168 35.15 54.08 -55.46
N GLU C 169 36.09 53.88 -54.53
CA GLU C 169 35.88 54.31 -53.16
C GLU C 169 35.73 55.83 -53.09
N GLN C 170 36.59 56.55 -53.80
CA GLN C 170 36.47 58.01 -53.83
C GLN C 170 35.17 58.45 -54.48
N ALA C 171 34.77 57.77 -55.55
CA ALA C 171 33.52 58.13 -56.23
C ALA C 171 32.32 57.91 -55.32
N LEU C 172 32.29 56.78 -54.60
CA LEU C 172 31.16 56.50 -53.71
C LEU C 172 31.16 57.43 -52.50
N GLU C 173 32.35 57.76 -51.98
CA GLU C 173 32.42 58.66 -50.83
C GLU C 173 32.12 60.10 -51.20
N GLU C 174 32.20 60.46 -52.49
CA GLU C 174 31.93 61.81 -52.92
C GLU C 174 30.44 62.15 -52.94
N LEU C 175 29.57 61.15 -52.90
CA LEU C 175 28.13 61.37 -52.92
C LEU C 175 27.46 60.95 -51.61
N ASN C 176 28.24 60.64 -50.58
CA ASN C 176 27.71 60.18 -49.29
C ASN C 176 26.82 58.95 -49.48
N VAL C 177 27.39 57.94 -50.11
CA VAL C 177 26.70 56.68 -50.39
C VAL C 177 27.28 55.63 -49.45
N PRO C 178 26.45 54.89 -48.71
CA PRO C 178 26.99 53.93 -47.74
C PRO C 178 27.57 52.70 -48.44
N TYR C 179 28.84 52.42 -48.15
CA TYR C 179 29.53 51.26 -48.70
C TYR C 179 30.34 50.59 -47.60
N PHE C 180 30.46 49.27 -47.71
CA PHE C 180 31.21 48.48 -46.74
C PHE C 180 32.13 47.54 -47.51
N ASP C 181 33.42 47.55 -47.17
CA ASP C 181 34.43 46.75 -47.86
C ASP C 181 34.92 45.59 -47.02
N GLY C 182 34.18 45.20 -46.00
CA GLY C 182 34.60 44.16 -45.09
C GLY C 182 35.53 44.60 -43.99
N PHE C 183 35.94 45.87 -43.98
CA PHE C 183 36.86 46.40 -42.99
C PHE C 183 36.24 47.62 -42.35
N VAL C 184 36.58 47.84 -41.07
CA VAL C 184 36.06 48.97 -40.30
C VAL C 184 37.05 49.30 -39.20
N GLY C 185 37.13 50.58 -38.85
CA GLY C 185 38.00 51.00 -37.77
C GLY C 185 38.71 52.31 -37.98
N SER C 186 40.04 52.27 -37.98
CA SER C 186 40.87 53.46 -38.00
C SER C 186 42.14 53.11 -38.77
N LYS C 187 43.20 53.92 -38.56
CA LYS C 187 44.48 53.67 -39.20
C LYS C 187 44.94 52.21 -39.05
N ARG C 188 44.47 51.53 -38.00
CA ARG C 188 44.76 50.11 -37.82
C ARG C 188 43.48 49.29 -37.85
N ALA C 189 42.60 49.57 -38.82
CA ALA C 189 41.33 48.87 -38.91
C ALA C 189 41.55 47.38 -39.19
N PHE C 190 40.81 46.54 -38.49
CA PHE C 190 40.94 45.10 -38.60
C PHE C 190 39.95 44.55 -39.62
N PHE C 191 39.93 43.23 -39.75
CA PHE C 191 39.06 42.53 -40.70
C PHE C 191 37.96 41.83 -39.90
N ASP C 192 36.77 42.41 -39.89
CA ASP C 192 35.62 41.78 -39.25
C ASP C 192 35.17 40.58 -40.08
N ILE C 193 35.27 39.39 -39.49
CA ILE C 193 35.11 38.14 -40.22
C ILE C 193 33.65 37.70 -40.29
N ARG C 194 32.90 37.80 -39.19
CA ARG C 194 31.55 37.25 -39.17
C ARG C 194 30.50 38.20 -39.73
N THR C 195 30.86 39.44 -40.04
CA THR C 195 29.91 40.31 -40.74
C THR C 195 29.41 39.65 -42.01
N ILE C 196 30.30 38.97 -42.74
CA ILE C 196 29.88 38.17 -43.87
C ILE C 196 29.09 36.95 -43.41
N GLU C 197 29.40 36.43 -42.22
CA GLU C 197 28.77 35.19 -41.76
C GLU C 197 27.28 35.38 -41.52
N GLU C 198 26.90 36.24 -40.58
CA GLU C 198 25.47 36.45 -40.38
C GLU C 198 24.86 37.31 -41.49
N ASN C 199 25.65 38.15 -42.14
CA ASN C 199 25.18 38.99 -43.25
C ASN C 199 23.97 39.82 -42.84
N LYS C 200 24.06 40.43 -41.65
CA LYS C 200 22.96 41.23 -41.10
C LYS C 200 23.37 42.70 -41.20
N LEU C 201 22.97 43.33 -42.29
CA LEU C 201 23.23 44.75 -42.51
C LEU C 201 21.97 45.43 -43.03
N PRO C 202 21.81 46.72 -42.77
CA PRO C 202 20.65 47.45 -43.30
C PRO C 202 20.64 47.44 -44.82
N SER C 203 19.44 47.41 -45.39
CA SER C 203 19.28 47.37 -46.84
C SER C 203 19.80 48.63 -47.52
N ARG C 204 19.78 49.76 -46.81
CA ARG C 204 20.28 51.01 -47.40
C ARG C 204 21.77 50.94 -47.71
N TRP C 205 22.53 50.19 -46.90
CA TRP C 205 23.96 50.11 -47.11
C TRP C 205 24.30 49.26 -48.34
N SER C 206 25.48 49.48 -48.88
CA SER C 206 26.02 48.70 -49.99
C SER C 206 27.30 48.02 -49.55
N LYS C 207 27.72 47.03 -50.35
CA LYS C 207 28.89 46.22 -50.04
C LYS C 207 29.87 46.26 -51.20
N LEU C 208 31.16 46.21 -50.88
CA LEU C 208 32.22 46.26 -51.87
C LEU C 208 33.27 45.21 -51.53
N TRP C 209 33.85 44.60 -52.57
CA TRP C 209 34.92 43.63 -52.39
C TRP C 209 35.96 43.81 -53.48
N LYS C 210 37.23 43.77 -53.10
CA LYS C 210 38.35 43.83 -54.03
C LYS C 210 38.97 42.43 -54.11
N LEU C 211 38.88 41.81 -55.28
CA LEU C 211 39.36 40.45 -55.43
C LEU C 211 40.87 40.38 -55.23
N HIS C 212 41.62 41.24 -55.92
CA HIS C 212 43.08 41.25 -55.82
C HIS C 212 43.60 42.31 -54.87
N GLY C 213 42.76 43.23 -54.40
CA GLY C 213 43.16 44.21 -53.42
C GLY C 213 43.85 45.41 -54.04
N SER C 214 44.02 46.44 -53.20
CA SER C 214 44.68 47.68 -53.56
C SER C 214 45.93 47.86 -52.71
N ILE C 215 46.56 49.02 -52.82
CA ILE C 215 47.78 49.31 -52.09
C ILE C 215 47.45 49.75 -50.67
N ASN C 216 46.17 49.73 -50.32
CA ASN C 216 45.72 50.11 -48.99
C ASN C 216 45.97 49.01 -47.96
N TRP C 217 45.66 47.77 -48.30
CA TRP C 217 45.85 46.66 -47.37
C TRP C 217 47.33 46.36 -47.18
N GLN C 218 47.71 46.10 -45.92
CA GLN C 218 49.07 45.75 -45.57
C GLN C 218 49.04 44.73 -44.44
N LEU C 219 49.95 43.76 -44.52
CA LEU C 219 50.00 42.69 -43.53
C LEU C 219 50.72 43.16 -42.27
N ASP C 220 50.87 42.24 -41.32
CA ASP C 220 51.55 42.53 -40.06
C ASP C 220 52.63 41.48 -39.82
N LYS C 221 53.70 41.90 -39.15
CA LYS C 221 54.83 41.00 -38.91
C LYS C 221 54.48 39.93 -37.88
N GLN C 222 53.83 40.32 -36.80
CA GLN C 222 53.54 39.37 -35.72
C GLN C 222 52.59 38.27 -36.20
N THR C 223 51.56 38.64 -36.94
CA THR C 223 50.59 37.66 -37.44
C THR C 223 49.97 38.20 -38.72
N GLN C 224 49.39 37.28 -39.49
CA GLN C 224 48.73 37.64 -40.75
C GLN C 224 47.39 38.27 -40.44
N THR C 225 47.37 39.60 -40.32
CA THR C 225 46.16 40.35 -39.98
C THR C 225 45.62 41.18 -41.13
N ILE C 226 46.42 41.43 -42.17
CA ILE C 226 46.09 42.25 -43.33
C ILE C 226 45.17 43.41 -42.96
N TRP C 227 45.57 44.17 -41.95
CA TRP C 227 44.78 45.32 -41.51
C TRP C 227 44.70 46.38 -42.60
N ARG C 228 43.56 47.05 -42.68
CA ARG C 228 43.36 48.16 -43.60
C ARG C 228 43.53 49.47 -42.85
N GLY C 229 44.06 50.48 -43.55
CA GLY C 229 44.27 51.77 -42.94
C GLY C 229 45.06 52.72 -43.83
N THR C 230 45.76 53.66 -43.22
CA THR C 230 46.60 54.57 -43.99
C THR C 230 47.70 53.78 -44.69
N PRO C 231 47.94 54.01 -45.99
CA PRO C 231 48.97 53.25 -46.71
C PRO C 231 50.34 53.32 -46.04
N SER C 232 50.80 52.19 -45.52
CA SER C 232 52.10 52.15 -44.87
C SER C 232 53.22 52.27 -45.90
N LYS C 233 54.36 52.78 -45.43
CA LYS C 233 55.54 52.92 -46.28
C LYS C 233 56.23 51.57 -46.45
N GLY C 234 56.42 51.14 -47.68
CA GLY C 234 57.12 49.90 -47.99
C GLY C 234 56.29 48.64 -48.25
N CYS C 235 55.34 48.35 -47.37
CA CYS C 235 54.55 47.12 -47.49
C CYS C 235 53.18 47.39 -48.08
N SER C 236 52.79 46.56 -49.03
CA SER C 236 51.44 46.60 -49.60
C SER C 236 51.02 45.18 -49.97
N LEU C 237 49.71 44.94 -49.93
CA LEU C 237 49.14 43.64 -50.19
C LEU C 237 48.40 43.68 -51.52
N ILE C 238 48.80 42.80 -52.45
CA ILE C 238 48.23 42.75 -53.78
C ILE C 238 48.24 41.29 -54.26
N HIS C 239 47.21 40.91 -55.01
CA HIS C 239 47.08 39.58 -55.58
C HIS C 239 47.22 38.51 -54.50
N PRO C 240 46.22 38.33 -53.64
CA PRO C 240 46.37 37.42 -52.49
C PRO C 240 46.59 35.97 -52.92
N SER C 241 47.80 35.47 -52.70
CA SER C 241 48.12 34.07 -52.98
C SER C 241 49.11 33.51 -51.97
N HIS C 242 49.16 34.09 -50.77
CA HIS C 242 50.14 33.70 -49.77
C HIS C 242 49.72 32.39 -49.10
N LEU C 243 50.43 32.01 -48.05
CA LEU C 243 50.13 30.76 -47.35
C LEU C 243 48.77 30.85 -46.67
N LYS C 244 48.01 29.75 -46.75
CA LYS C 244 46.68 29.67 -46.17
C LYS C 244 46.63 28.61 -45.06
N TYR C 245 47.76 28.35 -44.43
CA TYR C 245 47.85 27.35 -43.37
C TYR C 245 47.60 27.93 -41.99
N ASP C 246 47.26 29.21 -41.89
CA ASP C 246 46.99 29.87 -40.62
C ASP C 246 45.53 29.74 -40.19
N GLN C 247 44.82 28.73 -40.68
CA GLN C 247 43.41 28.52 -40.39
C GLN C 247 42.58 29.74 -40.81
N SER C 248 42.68 30.06 -42.10
CA SER C 248 41.98 31.19 -42.70
C SER C 248 42.35 32.50 -42.05
N ARG C 249 41.69 33.59 -42.46
CA ARG C 249 41.89 34.93 -41.92
C ARG C 249 43.32 35.44 -42.08
N LYS C 250 44.13 34.78 -42.92
CA LYS C 250 45.48 35.25 -43.17
C LYS C 250 45.49 36.35 -44.23
N MET C 251 45.04 36.02 -45.44
CA MET C 251 44.83 36.96 -46.52
C MET C 251 43.72 36.41 -47.41
N PRO C 252 42.51 36.28 -46.91
CA PRO C 252 41.49 35.45 -47.60
C PRO C 252 40.85 36.18 -48.77
N TYR C 253 41.18 35.74 -49.98
CA TYR C 253 40.29 35.94 -51.11
C TYR C 253 39.21 34.87 -51.18
N LEU C 254 39.41 33.77 -50.44
CA LEU C 254 38.40 32.72 -50.38
C LEU C 254 37.10 33.21 -49.77
N VAL C 255 37.16 34.16 -48.84
CA VAL C 255 35.93 34.72 -48.29
C VAL C 255 35.17 35.49 -49.35
N MET C 256 35.88 36.24 -50.20
CA MET C 256 35.23 36.93 -51.31
C MET C 256 34.64 35.93 -52.30
N MET C 257 35.37 34.84 -52.58
CA MET C 257 34.83 33.81 -53.47
C MET C 257 33.58 33.17 -52.88
N ASP C 258 33.58 32.90 -51.57
CA ASP C 258 32.41 32.33 -50.91
C ASP C 258 31.24 33.31 -50.94
N GLN C 259 31.50 34.60 -50.76
CA GLN C 259 30.42 35.58 -50.86
C GLN C 259 29.85 35.63 -52.27
N LEU C 260 30.72 35.54 -53.29
CA LEU C 260 30.23 35.47 -54.66
C LEU C 260 29.38 34.22 -54.87
N LYS C 261 29.82 33.08 -54.33
CA LYS C 261 29.03 31.86 -54.46
C LYS C 261 27.68 31.99 -53.77
N LEU C 262 27.64 32.62 -52.60
CA LEU C 262 26.38 32.84 -51.91
C LEU C 262 25.46 33.75 -52.73
N PHE C 263 26.02 34.80 -53.32
CA PHE C 263 25.21 35.68 -54.17
C PHE C 263 24.71 34.94 -55.41
N LEU C 264 25.46 33.95 -55.88
CA LEU C 264 24.97 33.10 -56.95
C LEU C 264 23.96 32.07 -56.46
N ASN C 265 23.92 31.80 -55.16
CA ASN C 265 23.03 30.78 -54.60
C ASN C 265 21.68 31.34 -54.17
N GLN C 266 21.52 32.65 -54.11
CA GLN C 266 20.24 33.28 -53.76
C GLN C 266 19.30 33.15 -54.97
N PRO C 267 18.03 33.57 -54.86
CA PRO C 267 17.12 33.42 -56.00
C PRO C 267 17.66 34.09 -57.26
N SER C 268 17.40 33.46 -58.39
CA SER C 268 18.09 33.80 -59.63
C SER C 268 17.86 35.25 -60.05
N ALA C 269 18.91 35.87 -60.56
CA ALA C 269 18.86 37.22 -61.09
C ALA C 269 19.87 37.35 -62.22
N ILE C 270 19.62 38.31 -63.10
CA ILE C 270 20.48 38.57 -64.25
C ILE C 270 21.50 39.63 -63.85
N LEU C 271 22.78 39.29 -63.98
CA LEU C 271 23.87 40.16 -63.56
C LEU C 271 24.72 40.55 -64.76
N ILE C 272 25.35 41.72 -64.67
CA ILE C 272 26.14 42.27 -65.76
C ILE C 272 27.60 42.39 -65.31
N THR C 273 28.45 42.74 -66.27
CA THR C 273 29.87 42.94 -66.01
C THR C 273 30.40 43.95 -67.01
N CYS C 274 31.55 44.55 -66.67
CA CYS C 274 32.14 45.60 -67.49
C CYS C 274 33.62 45.33 -67.66
N GLY C 275 34.05 45.12 -68.90
CA GLY C 275 35.46 45.01 -69.23
C GLY C 275 36.11 43.69 -68.88
N TYR C 276 35.34 42.69 -68.43
CA TYR C 276 35.92 41.41 -68.07
C TYR C 276 36.44 40.70 -69.32
N SER C 277 37.70 40.25 -69.26
CA SER C 277 38.33 39.55 -70.36
C SER C 277 38.21 38.05 -70.27
N TYR C 278 37.54 37.53 -69.23
CA TYR C 278 37.37 36.09 -69.02
C TYR C 278 38.71 35.38 -68.98
N LYS C 279 39.72 36.04 -68.40
CA LYS C 279 41.07 35.50 -68.32
C LYS C 279 41.44 35.10 -66.89
N ASP C 280 40.45 34.87 -66.04
CA ASP C 280 40.67 34.45 -64.66
C ASP C 280 40.08 33.05 -64.48
N GLN C 281 40.95 32.06 -64.37
CA GLN C 281 40.49 30.67 -64.22
C GLN C 281 39.72 30.49 -62.91
N HIS C 282 40.20 31.10 -61.83
CA HIS C 282 39.50 30.99 -60.55
C HIS C 282 38.11 31.59 -60.63
N ILE C 283 37.96 32.76 -61.24
CA ILE C 283 36.65 33.37 -61.42
C ILE C 283 35.80 32.58 -62.39
N ASN C 284 36.40 32.07 -63.47
CA ASN C 284 35.64 31.33 -64.47
C ASN C 284 35.06 30.05 -63.88
N GLU C 285 35.83 29.35 -63.04
CA GLU C 285 35.36 28.11 -62.45
C GLU C 285 34.15 28.34 -61.55
N VAL C 286 34.22 29.35 -60.69
CA VAL C 286 33.10 29.62 -59.80
C VAL C 286 31.91 30.16 -60.58
N LEU C 287 32.16 30.93 -61.66
CA LEU C 287 31.06 31.39 -62.49
C LEU C 287 30.34 30.21 -63.15
N SER C 288 31.10 29.23 -63.66
CA SER C 288 30.49 28.05 -64.24
C SER C 288 29.73 27.24 -63.20
N GLN C 289 30.29 27.13 -61.99
CA GLN C 289 29.60 26.40 -60.92
C GLN C 289 28.29 27.08 -60.56
N GLY C 290 28.29 28.41 -60.46
CA GLY C 290 27.06 29.12 -60.16
C GLY C 290 26.04 29.02 -61.27
N LEU C 291 26.49 29.07 -62.52
CA LEU C 291 25.58 28.92 -63.65
C LEU C 291 24.96 27.52 -63.66
N GLN C 292 25.75 26.50 -63.34
CA GLN C 292 25.21 25.14 -63.29
C GLN C 292 24.24 24.97 -62.13
N THR C 293 24.57 25.52 -60.95
CA THR C 293 23.72 25.35 -59.79
C THR C 293 22.40 26.09 -59.95
N ASN C 294 22.45 27.35 -60.38
CA ASN C 294 21.24 28.15 -60.58
C ASN C 294 20.85 28.08 -62.05
N PRO C 295 19.72 27.47 -62.40
CA PRO C 295 19.42 27.28 -63.83
C PRO C 295 19.10 28.59 -64.54
N ASN C 296 18.36 29.49 -63.90
CA ASN C 296 17.96 30.74 -64.54
C ASN C 296 19.00 31.83 -64.42
N ALA C 297 20.13 31.57 -63.75
CA ALA C 297 21.15 32.60 -63.56
C ALA C 297 21.69 33.07 -64.91
N LEU C 298 21.77 34.39 -65.07
CA LEU C 298 22.20 34.98 -66.32
C LEU C 298 23.34 35.96 -66.06
N ILE C 299 24.35 35.91 -66.93
CA ILE C 299 25.48 36.82 -66.88
C ILE C 299 25.45 37.68 -68.13
N TYR C 300 25.41 39.00 -67.94
CA TYR C 300 25.32 39.95 -69.04
C TYR C 300 26.67 40.54 -69.42
N GLY C 301 27.74 39.76 -69.29
CA GLY C 301 29.07 40.22 -69.64
C GLY C 301 29.19 40.63 -71.10
N LEU C 302 29.69 41.84 -71.34
CA LEU C 302 29.85 42.36 -72.68
C LEU C 302 31.27 42.10 -73.18
N GLN C 303 31.59 42.66 -74.34
CA GLN C 303 32.92 42.50 -74.93
C GLN C 303 33.21 43.73 -75.78
N TYR C 304 33.98 44.66 -75.25
CA TYR C 304 34.37 45.86 -75.98
C TYR C 304 35.56 45.61 -76.90
N ASP C 305 35.44 44.58 -77.72
CA ASP C 305 36.51 44.17 -78.64
C ASP C 305 35.88 43.22 -79.66
N VAL C 306 36.73 42.58 -80.47
CA VAL C 306 36.25 41.62 -81.46
C VAL C 306 35.69 40.39 -80.75
N LEU C 307 34.56 39.91 -81.25
CA LEU C 307 33.92 38.74 -80.65
C LEU C 307 34.78 37.48 -80.74
N GLU C 308 35.65 37.40 -81.76
CA GLU C 308 36.53 36.26 -81.89
C GLU C 308 37.74 36.33 -80.98
N ASN C 309 37.97 37.47 -80.32
CA ASN C 309 39.09 37.61 -79.40
C ASN C 309 38.80 37.01 -78.03
N TYR C 310 37.56 36.61 -77.76
CA TYR C 310 37.16 36.02 -76.49
C TYR C 310 36.75 34.58 -76.75
N GLN C 311 37.73 33.68 -76.75
CA GLN C 311 37.43 32.26 -76.97
C GLN C 311 36.79 31.63 -75.75
N GLU C 312 37.26 31.99 -74.55
CA GLU C 312 36.68 31.46 -73.32
C GLU C 312 35.22 31.89 -73.18
N ALA C 313 34.93 33.15 -73.50
CA ALA C 313 33.55 33.63 -73.42
C ALA C 313 32.65 32.88 -74.40
N LYS C 314 33.13 32.65 -75.62
CA LYS C 314 32.34 31.89 -76.60
C LYS C 314 32.11 30.47 -76.13
N ASP C 315 33.15 29.83 -75.56
CA ASP C 315 32.98 28.47 -75.06
C ASP C 315 31.98 28.42 -73.92
N MET C 316 32.05 29.39 -73.00
CA MET C 316 31.10 29.44 -71.90
C MET C 316 29.68 29.65 -72.39
N ALA C 317 29.50 30.54 -73.39
CA ALA C 317 28.18 30.76 -73.96
C ALA C 317 27.65 29.50 -74.62
N LEU C 318 28.52 28.78 -75.33
CA LEU C 318 28.09 27.53 -75.97
C LEU C 318 27.70 26.49 -74.92
N LYS C 319 28.48 26.37 -73.86
CA LYS C 319 28.19 25.36 -72.84
C LYS C 319 26.97 25.73 -72.01
N ARG C 320 26.87 26.99 -71.59
CA ARG C 320 25.77 27.45 -70.75
C ARG C 320 24.77 28.21 -71.61
N SER C 321 23.57 27.67 -71.75
CA SER C 321 22.54 28.33 -72.56
C SER C 321 22.14 29.67 -71.95
N ASN C 322 22.03 29.73 -70.62
CA ASN C 322 21.63 30.96 -69.96
C ASN C 322 22.67 32.07 -70.09
N LEU C 323 23.91 31.73 -70.44
CA LEU C 323 24.95 32.73 -70.60
C LEU C 323 24.63 33.65 -71.77
N ILE C 324 24.81 34.94 -71.56
CA ILE C 324 24.56 35.97 -72.57
C ILE C 324 25.84 36.74 -72.82
N LEU C 325 26.25 36.80 -74.08
CA LEU C 325 27.47 37.49 -74.47
C LEU C 325 27.17 38.49 -75.58
N LEU C 326 27.66 39.71 -75.43
CA LEU C 326 27.51 40.76 -76.43
C LEU C 326 28.88 41.36 -76.73
N ALA C 327 29.13 41.62 -78.01
CA ALA C 327 30.40 42.17 -78.46
C ALA C 327 30.15 43.32 -79.43
N LYS C 328 31.22 44.01 -79.78
CA LYS C 328 31.11 45.11 -80.74
C LYS C 328 30.71 44.60 -82.12
N ASP C 329 31.27 43.48 -82.54
CA ASP C 329 31.03 42.96 -83.89
C ASP C 329 29.95 41.88 -83.95
N ARG C 330 29.58 41.29 -82.82
CA ARG C 330 28.58 40.22 -82.81
C ARG C 330 27.95 40.16 -81.43
N ALA C 331 27.06 39.20 -81.24
CA ALA C 331 26.38 39.00 -79.97
C ALA C 331 25.98 37.55 -79.84
N ILE C 332 26.44 36.89 -78.79
CA ILE C 332 26.14 35.49 -78.54
C ILE C 332 24.98 35.42 -77.55
N ILE C 333 23.79 35.10 -78.05
CA ILE C 333 22.59 35.00 -77.24
C ILE C 333 22.02 33.61 -77.42
N GLY C 334 21.71 32.95 -76.30
CA GLY C 334 21.17 31.59 -76.35
C GLY C 334 22.12 30.59 -76.96
N LYS C 335 23.40 30.65 -76.59
CA LYS C 335 24.45 29.77 -77.07
C LYS C 335 24.66 29.85 -78.58
N LYS C 336 24.14 30.88 -79.23
CA LYS C 336 24.30 31.06 -80.67
C LYS C 336 24.82 32.47 -80.94
N GLU C 337 25.90 32.56 -81.71
CA GLU C 337 26.47 33.85 -82.04
C GLU C 337 25.60 34.57 -83.06
N GLY C 338 25.64 35.90 -83.01
CA GLY C 338 24.87 36.72 -83.92
C GLY C 338 25.58 37.99 -84.33
N GLY C 359 29.98 48.62 -75.32
CA GLY C 359 31.16 48.15 -74.60
C GLY C 359 31.78 49.24 -73.74
N ASP C 360 31.56 50.48 -74.12
CA ASP C 360 32.11 51.61 -73.37
C ASP C 360 31.43 51.73 -72.02
N PHE C 361 32.22 51.98 -70.97
CA PHE C 361 31.66 52.19 -69.65
C PHE C 361 30.85 53.48 -69.60
N GLN C 362 31.33 54.52 -70.27
CA GLN C 362 30.59 55.79 -70.31
C GLN C 362 29.25 55.61 -71.00
N HIS C 363 29.22 54.82 -72.08
CA HIS C 363 27.95 54.57 -72.77
C HIS C 363 26.97 53.83 -71.86
N LEU C 364 27.45 52.84 -71.12
CA LEU C 364 26.59 52.11 -70.19
C LEU C 364 26.08 53.03 -69.09
N ALA C 365 26.95 53.91 -68.56
CA ALA C 365 26.52 54.85 -67.54
C ALA C 365 25.46 55.81 -68.08
N SER C 366 25.64 56.30 -69.30
CA SER C 366 24.66 57.20 -69.90
C SER C 366 23.33 56.47 -70.13
N PHE C 367 23.39 55.22 -70.58
CA PHE C 367 22.17 54.44 -70.78
C PHE C 367 21.44 54.22 -69.45
N LEU C 368 22.18 53.90 -68.39
CA LEU C 368 21.57 53.71 -67.09
C LEU C 368 20.94 55.01 -66.59
N GLU C 369 21.64 56.14 -66.78
CA GLU C 369 21.09 57.42 -66.35
C GLU C 369 19.81 57.76 -67.12
N GLU C 370 19.80 57.49 -68.43
CA GLU C 370 18.60 57.74 -69.23
C GLU C 370 17.45 56.83 -68.78
N ILE C 371 17.74 55.56 -68.49
CA ILE C 371 16.71 54.63 -68.05
C ILE C 371 16.15 55.06 -66.69
N SER C 372 17.01 55.61 -65.82
CA SER C 372 16.56 56.02 -64.49
C SER C 372 15.51 57.12 -64.58
N GLN C 373 15.68 58.06 -65.50
CA GLN C 373 14.72 59.14 -65.68
C GLN C 373 13.50 58.67 -66.46
N THR D 8 12.96 -0.07 -32.88
CA THR D 8 12.93 1.02 -31.91
C THR D 8 13.23 0.51 -30.50
N GLU D 9 12.23 0.51 -29.63
CA GLU D 9 12.40 0.01 -28.29
C GLU D 9 12.67 -1.49 -28.31
N ALA D 10 13.70 -1.91 -27.59
CA ALA D 10 14.07 -3.31 -27.55
C ALA D 10 13.05 -4.10 -26.74
N SER D 11 13.17 -5.43 -26.81
CA SER D 11 12.33 -6.30 -26.00
C SER D 11 12.62 -6.08 -24.52
N THR D 12 11.81 -6.70 -23.68
CA THR D 12 11.86 -6.49 -22.22
C THR D 12 11.70 -5.01 -21.89
N TYR D 13 10.70 -4.38 -22.48
CA TYR D 13 10.38 -2.98 -22.23
C TYR D 13 9.02 -2.89 -21.57
N ILE D 14 8.92 -2.08 -20.51
CA ILE D 14 7.70 -1.97 -19.71
C ILE D 14 7.20 -0.52 -19.68
N GLY D 15 8.06 0.41 -19.29
CA GLY D 15 7.65 1.78 -19.19
C GLY D 15 8.80 2.68 -18.81
N THR D 16 8.45 3.89 -18.34
CA THR D 16 9.44 4.88 -17.97
C THR D 16 9.11 5.44 -16.59
N VAL D 17 10.17 5.83 -15.87
CA VAL D 17 10.00 6.40 -14.54
C VAL D 17 9.41 7.79 -14.65
N GLN D 18 8.42 8.09 -13.80
CA GLN D 18 7.78 9.39 -13.80
C GLN D 18 7.72 10.05 -12.42
N ASP D 19 8.21 9.39 -11.37
CA ASP D 19 8.21 9.97 -10.05
C ASP D 19 9.20 9.21 -9.18
N VAL D 20 9.94 9.95 -8.36
CA VAL D 20 10.92 9.37 -7.43
C VAL D 20 10.70 10.00 -6.06
N ASN D 21 10.67 9.19 -5.02
CA ASN D 21 10.49 9.64 -3.65
C ASN D 21 11.52 8.97 -2.73
N GLY D 22 12.77 8.95 -3.17
CA GLY D 22 13.83 8.34 -2.40
C GLY D 22 13.98 6.86 -2.68
N ALA D 23 13.02 6.06 -2.20
CA ALA D 23 13.03 4.62 -2.41
C ALA D 23 11.65 4.10 -2.81
N ASN D 24 10.88 4.91 -3.52
CA ASN D 24 9.53 4.53 -3.97
C ASN D 24 9.34 5.10 -5.37
N ILE D 25 9.64 4.28 -6.38
CA ILE D 25 9.57 4.69 -7.77
C ILE D 25 8.17 4.42 -8.31
N ARG D 26 7.71 5.30 -9.19
CA ARG D 26 6.42 5.14 -9.87
C ARG D 26 6.66 5.05 -11.36
N VAL D 27 6.12 4.03 -12.01
CA VAL D 27 6.38 3.73 -13.40
C VAL D 27 5.06 3.75 -14.17
N VAL D 28 5.09 4.33 -15.36
CA VAL D 28 3.94 4.37 -16.25
C VAL D 28 4.15 3.34 -17.36
N LEU D 29 3.22 2.41 -17.50
CA LEU D 29 3.34 1.39 -18.53
C LEU D 29 3.16 2.00 -19.91
N ASP D 30 4.17 1.82 -20.76
CA ASP D 30 4.14 2.35 -22.11
C ASP D 30 3.65 1.32 -23.13
N ILE D 31 3.24 0.13 -22.68
CA ILE D 31 2.70 -0.87 -23.60
C ILE D 31 1.39 -0.35 -24.17
N ASN D 32 1.23 -0.47 -25.49
CA ASN D 32 0.03 0.03 -26.14
C ASN D 32 -1.22 -0.67 -25.63
N THR D 33 -1.21 -1.99 -25.63
CA THR D 33 -2.34 -2.80 -25.16
C THR D 33 -1.85 -4.23 -24.98
N ILE D 34 -2.78 -5.14 -24.68
CA ILE D 34 -2.51 -6.57 -24.55
C ILE D 34 -1.45 -6.78 -23.47
N SER D 35 -1.78 -6.41 -22.24
CA SER D 35 -0.87 -6.60 -21.10
C SER D 35 -0.93 -8.05 -20.66
N SER D 36 -0.42 -8.93 -21.53
CA SER D 36 -0.50 -10.37 -21.29
C SER D 36 0.55 -11.08 -22.11
N LEU D 37 1.49 -11.75 -21.43
CA LEU D 37 2.45 -12.66 -22.05
C LEU D 37 3.30 -11.96 -23.11
N LYS D 38 4.11 -11.01 -22.65
CA LYS D 38 5.13 -10.42 -23.51
C LYS D 38 6.26 -11.42 -23.68
N PHE D 39 6.31 -12.09 -24.81
CA PHE D 39 7.28 -13.16 -25.01
C PHE D 39 8.68 -12.60 -25.19
N VAL D 40 9.63 -13.16 -24.44
CA VAL D 40 11.05 -12.82 -24.57
C VAL D 40 11.85 -14.10 -24.50
N ASP D 41 12.73 -14.29 -25.49
CA ASP D 41 13.63 -15.46 -25.54
C ASP D 41 12.83 -16.76 -25.50
N GLY D 42 11.70 -16.78 -26.19
CA GLY D 42 10.87 -17.98 -26.25
C GLY D 42 10.25 -18.40 -24.94
N GLN D 43 10.25 -17.54 -23.93
CA GLN D 43 9.66 -17.84 -22.64
C GLN D 43 8.61 -16.78 -22.31
N GLY D 44 7.51 -17.22 -21.71
CA GLY D 44 6.39 -16.33 -21.46
C GLY D 44 6.39 -15.64 -20.11
N TYR D 45 6.80 -14.37 -20.09
CA TYR D 45 6.71 -13.55 -18.89
C TYR D 45 5.50 -12.62 -19.00
N ARG D 46 4.95 -12.25 -17.85
CA ARG D 46 3.77 -11.41 -17.80
C ARG D 46 4.16 -9.97 -17.48
N ILE D 47 3.33 -9.04 -17.95
CA ILE D 47 3.54 -7.63 -17.65
C ILE D 47 3.38 -7.43 -16.14
N GLY D 48 3.86 -6.28 -15.66
CA GLY D 48 4.08 -6.02 -14.25
C GLY D 48 3.06 -6.57 -13.28
N GLN D 49 3.53 -7.42 -12.37
CA GLN D 49 2.71 -8.14 -11.42
C GLN D 49 3.29 -7.95 -10.03
N ILE D 50 2.47 -8.25 -9.02
CA ILE D 50 2.82 -7.91 -7.64
C ILE D 50 4.14 -8.58 -7.22
N GLY D 51 4.27 -9.87 -7.52
CA GLY D 51 5.45 -10.60 -7.08
C GLY D 51 6.64 -10.56 -8.00
N SER D 52 6.58 -9.82 -9.11
CA SER D 52 7.65 -9.84 -10.09
C SER D 52 8.65 -8.71 -9.84
N PHE D 53 9.81 -8.83 -10.49
CA PHE D 53 10.87 -7.84 -10.42
C PHE D 53 10.94 -7.02 -11.70
N VAL D 54 11.61 -5.88 -11.61
CA VAL D 54 11.91 -5.03 -12.76
C VAL D 54 13.37 -4.64 -12.69
N ARG D 55 13.89 -4.16 -13.82
CA ARG D 55 15.29 -3.77 -13.92
C ARG D 55 15.38 -2.39 -14.56
N ILE D 56 16.14 -1.50 -13.95
CA ILE D 56 16.32 -0.14 -14.42
C ILE D 56 17.81 0.06 -14.71
N PRO D 57 18.22 0.03 -15.97
CA PRO D 57 19.64 0.20 -16.29
C PRO D 57 20.03 1.66 -16.32
N ILE D 58 21.12 1.99 -15.63
CA ILE D 58 21.65 3.35 -15.58
C ILE D 58 23.06 3.29 -16.16
N GLY D 59 23.17 3.46 -17.47
CA GLY D 59 24.46 3.59 -18.13
C GLY D 59 25.21 2.28 -18.21
N TYR D 60 25.67 1.80 -17.06
CA TYR D 60 26.47 0.58 -17.02
C TYR D 60 26.06 -0.39 -15.92
N ILE D 61 25.34 0.06 -14.89
CA ILE D 61 24.88 -0.81 -13.82
C ILE D 61 23.36 -0.85 -13.86
N ASN D 62 22.79 -1.96 -13.39
CA ASN D 62 21.35 -2.19 -13.43
C ASN D 62 20.80 -2.17 -12.02
N LEU D 63 19.80 -1.32 -11.79
CA LEU D 63 19.08 -1.29 -10.52
C LEU D 63 17.89 -2.23 -10.59
N PHE D 64 17.73 -3.06 -9.56
CA PHE D 64 16.62 -3.98 -9.48
C PHE D 64 15.58 -3.46 -8.49
N GLY D 65 14.34 -3.90 -8.68
CA GLY D 65 13.26 -3.49 -7.81
C GLY D 65 12.14 -4.50 -7.85
N ILE D 66 11.20 -4.33 -6.94
CA ILE D 66 10.06 -5.24 -6.80
C ILE D 66 8.79 -4.41 -6.80
N VAL D 67 7.79 -4.89 -7.55
CA VAL D 67 6.50 -4.20 -7.61
C VAL D 67 5.80 -4.33 -6.27
N SER D 68 5.27 -3.22 -5.76
CA SER D 68 4.58 -3.21 -4.48
C SER D 68 3.11 -2.86 -4.59
N GLN D 69 2.70 -2.13 -5.62
CA GLN D 69 1.30 -1.73 -5.78
C GLN D 69 1.02 -1.51 -7.25
N VAL D 70 -0.17 -1.95 -7.69
CA VAL D 70 -0.59 -1.82 -9.07
C VAL D 70 -2.02 -1.28 -9.09
N GLY D 71 -2.24 -0.24 -9.89
CA GLY D 71 -3.58 0.29 -10.08
C GLY D 71 -3.68 1.73 -9.58
N ALA D 72 -4.90 2.09 -9.13
CA ALA D 72 -5.17 3.45 -8.70
C ALA D 72 -4.37 3.87 -7.49
N GLY D 73 -3.85 2.91 -6.72
CA GLY D 73 -3.04 3.26 -5.57
C GLY D 73 -1.73 3.93 -5.95
N ALA D 74 -1.10 3.46 -7.02
CA ALA D 74 0.19 3.97 -7.43
C ALA D 74 0.11 5.30 -8.18
N VAL D 75 -1.09 5.73 -8.57
CA VAL D 75 -1.24 7.00 -9.29
C VAL D 75 -0.79 8.14 -8.38
N PRO D 76 -0.08 9.15 -8.90
CA PRO D 76 0.40 10.24 -8.03
C PRO D 76 -0.71 11.09 -7.46
N ASP D 77 -0.34 12.13 -6.71
CA ASP D 77 -1.29 12.92 -5.95
C ASP D 77 -2.36 13.56 -6.81
N LYS D 78 -1.97 14.47 -7.70
CA LYS D 78 -2.91 15.28 -8.46
C LYS D 78 -3.25 14.71 -9.83
N LEU D 79 -2.62 13.60 -10.22
CA LEU D 79 -3.00 12.97 -11.49
C LEU D 79 -4.43 12.44 -11.40
N LEU D 80 -4.84 11.94 -10.24
CA LEU D 80 -6.23 11.57 -10.03
C LEU D 80 -7.14 12.78 -10.14
N GLU D 81 -6.71 13.93 -9.60
CA GLU D 81 -7.52 15.13 -9.68
C GLU D 81 -7.70 15.57 -11.13
N VAL D 82 -6.64 15.49 -11.94
CA VAL D 82 -6.74 15.88 -13.34
C VAL D 82 -7.66 14.94 -14.09
N GLU D 83 -7.47 13.64 -13.92
CA GLU D 83 -8.38 12.64 -14.50
C GLU D 83 -8.56 11.52 -13.49
N PRO D 84 -9.79 11.14 -13.17
CA PRO D 84 -10.03 10.05 -12.21
C PRO D 84 -10.25 8.67 -12.83
N TYR D 85 -10.10 8.52 -14.14
CA TYR D 85 -10.36 7.26 -14.81
C TYR D 85 -9.11 6.66 -15.45
N GLY D 86 -7.94 7.24 -15.19
CA GLY D 86 -6.70 6.73 -15.74
C GLY D 86 -5.91 5.97 -14.70
N HIS D 87 -5.70 4.68 -14.96
CA HIS D 87 -4.97 3.81 -14.04
C HIS D 87 -4.08 2.88 -14.88
N ARG D 88 -2.83 3.31 -15.10
CA ARG D 88 -1.84 2.49 -15.78
C ARG D 88 -0.48 2.60 -15.08
N TRP D 89 -0.49 2.89 -13.79
CA TRP D 89 0.72 3.11 -13.02
C TRP D 89 1.02 1.89 -12.16
N ILE D 90 2.31 1.71 -11.84
CA ILE D 90 2.75 0.73 -10.85
C ILE D 90 3.73 1.43 -9.91
N SER D 91 3.84 0.89 -8.70
CA SER D 91 4.74 1.41 -7.68
C SER D 91 5.85 0.39 -7.46
N VAL D 92 7.08 0.81 -7.70
CA VAL D 92 8.25 -0.07 -7.63
C VAL D 92 9.13 0.40 -6.47
N GLN D 93 9.57 -0.54 -5.65
CA GLN D 93 10.47 -0.26 -4.54
C GLN D 93 11.83 -0.89 -4.83
N LEU D 94 12.88 -0.07 -4.75
CA LEU D 94 14.22 -0.55 -5.05
C LEU D 94 14.68 -1.55 -4.00
N VAL D 95 15.48 -2.52 -4.45
CA VAL D 95 15.95 -3.59 -3.57
C VAL D 95 17.47 -3.60 -3.56
N GLY D 96 18.08 -3.76 -4.73
CA GLY D 96 19.51 -3.86 -4.82
C GLY D 96 20.00 -3.44 -6.19
N GLU D 97 21.31 -3.59 -6.38
CA GLU D 97 21.94 -3.22 -7.64
C GLU D 97 23.00 -4.26 -7.99
N GLU D 98 23.33 -4.30 -9.28
CA GLU D 98 24.37 -5.18 -9.79
C GLU D 98 25.52 -4.32 -10.29
N GLY D 99 26.71 -4.55 -9.75
CA GLY D 99 27.86 -3.69 -10.02
C GLY D 99 28.50 -3.92 -11.37
N ILE D 100 29.82 -3.86 -11.41
CA ILE D 100 30.56 -4.05 -12.68
C ILE D 100 30.80 -5.55 -12.80
N LYS D 101 29.75 -6.26 -13.24
CA LYS D 101 29.79 -7.71 -13.49
C LYS D 101 30.29 -8.50 -12.29
N LYS D 102 30.28 -7.89 -11.09
CA LYS D 102 30.83 -8.56 -9.92
C LYS D 102 29.81 -9.52 -9.30
N GLU D 103 28.70 -8.99 -8.81
CA GLU D 103 27.66 -9.78 -8.16
C GLU D 103 26.49 -8.85 -7.85
N PHE D 104 25.44 -9.42 -7.29
CA PHE D 104 24.28 -8.66 -6.83
C PHE D 104 24.44 -8.39 -5.34
N GLU D 105 24.69 -7.13 -5.00
CA GLU D 105 24.80 -6.70 -3.61
C GLU D 105 23.65 -5.78 -3.26
N ARG D 106 23.12 -5.92 -2.05
CA ARG D 106 21.95 -5.17 -1.65
C ARG D 106 22.29 -3.70 -1.45
N GLY D 107 21.28 -2.84 -1.66
CA GLY D 107 21.45 -1.42 -1.50
C GLY D 107 21.93 -0.74 -2.76
N VAL D 108 21.20 0.29 -3.21
CA VAL D 108 21.56 0.99 -4.43
C VAL D 108 22.61 2.05 -4.13
N SER D 109 23.29 2.50 -5.19
CA SER D 109 24.33 3.51 -5.09
C SER D 109 23.92 4.85 -5.68
N GLN D 110 23.22 4.85 -6.81
CA GLN D 110 22.70 6.07 -7.41
C GLN D 110 21.29 5.80 -7.90
N TYR D 111 20.39 6.70 -7.57
CA TYR D 111 18.95 6.56 -7.80
C TYR D 111 18.58 7.02 -9.21
N PRO D 112 17.54 6.43 -9.78
CA PRO D 112 17.11 6.82 -11.13
C PRO D 112 16.47 8.21 -11.13
N THR D 113 16.40 8.78 -12.32
CA THR D 113 15.80 10.09 -12.53
C THR D 113 14.62 9.97 -13.49
N ILE D 114 14.04 11.12 -13.84
CA ILE D 114 12.89 11.14 -14.73
C ILE D 114 13.31 10.70 -16.13
N GLY D 115 12.51 9.84 -16.75
CA GLY D 115 12.77 9.39 -18.10
C GLY D 115 13.56 8.12 -18.22
N ASP D 116 14.05 7.55 -17.11
CA ASP D 116 14.77 6.29 -17.18
C ASP D 116 13.85 5.17 -17.64
N LYS D 117 14.35 4.31 -18.52
CA LYS D 117 13.55 3.24 -19.08
C LYS D 117 13.52 2.05 -18.14
N VAL D 118 12.33 1.54 -17.88
CA VAL D 118 12.12 0.42 -16.97
C VAL D 118 11.94 -0.85 -17.80
N HIS D 119 12.76 -1.85 -17.50
CA HIS D 119 12.76 -3.12 -18.21
C HIS D 119 12.15 -4.22 -17.34
N ILE D 120 12.01 -5.40 -17.92
CA ILE D 120 11.55 -6.57 -17.20
C ILE D 120 12.72 -7.54 -17.05
N VAL D 121 12.60 -8.43 -16.07
CA VAL D 121 13.69 -9.34 -15.72
C VAL D 121 13.42 -10.70 -16.35
N THR D 122 14.33 -11.14 -17.21
CA THR D 122 14.32 -12.49 -17.72
C THR D 122 15.01 -13.43 -16.73
N GLU D 123 14.90 -14.73 -17.00
CA GLU D 123 15.37 -15.70 -16.01
C GLU D 123 16.88 -15.70 -15.78
N PRO D 124 17.74 -15.33 -16.73
CA PRO D 124 19.17 -15.16 -16.36
C PRO D 124 19.38 -14.10 -15.29
N ASP D 125 18.62 -13.01 -15.33
CA ASP D 125 18.73 -12.00 -14.28
C ASP D 125 18.29 -12.54 -12.94
N LEU D 126 17.22 -13.33 -12.92
CA LEU D 126 16.78 -13.95 -11.67
C LEU D 126 17.82 -14.93 -11.15
N LYS D 127 18.47 -15.67 -12.05
CA LYS D 127 19.57 -16.54 -11.63
C LYS D 127 20.71 -15.73 -11.03
N LYS D 128 20.99 -14.57 -11.62
CA LYS D 128 22.02 -13.69 -11.07
C LYS D 128 21.64 -13.20 -9.67
N ILE D 129 20.36 -12.89 -9.46
CA ILE D 129 19.92 -12.38 -8.17
C ILE D 129 19.96 -13.48 -7.11
N TYR D 130 19.29 -14.59 -7.38
CA TYR D 130 19.14 -15.66 -6.39
C TYR D 130 20.25 -16.71 -6.49
N GLY D 131 21.41 -16.34 -7.00
CA GLY D 131 22.53 -17.27 -7.12
C GLY D 131 23.72 -16.80 -6.31
N THR D 132 24.44 -17.76 -5.74
CA THR D 132 25.64 -17.46 -4.98
C THR D 132 26.59 -18.65 -5.04
N GLN D 133 27.87 -18.38 -4.79
CA GLN D 133 28.90 -19.40 -4.86
C GLN D 133 29.34 -19.90 -3.49
N ASN D 134 28.72 -19.42 -2.41
CA ASN D 134 29.10 -19.86 -1.07
C ASN D 134 28.72 -21.33 -0.89
N LYS D 135 29.58 -22.06 -0.19
CA LYS D 135 29.38 -23.49 0.02
C LYS D 135 28.41 -23.79 1.16
N LYS D 136 28.11 -22.81 2.01
CA LYS D 136 27.21 -23.06 3.13
C LYS D 136 25.75 -23.14 2.70
N TYR D 137 25.35 -22.35 1.70
CA TYR D 137 23.96 -22.30 1.29
C TYR D 137 23.53 -23.62 0.66
N ILE D 138 22.32 -24.06 1.00
CA ILE D 138 21.78 -25.33 0.55
C ILE D 138 20.41 -25.07 -0.06
N SER D 139 20.12 -25.73 -1.18
CA SER D 139 18.86 -25.55 -1.87
C SER D 139 17.76 -26.38 -1.21
N LEU D 140 16.62 -25.75 -0.94
CA LEU D 140 15.46 -26.43 -0.37
C LEU D 140 14.32 -26.61 -1.36
N GLY D 141 14.22 -25.75 -2.37
CA GLY D 141 13.15 -25.84 -3.35
C GLY D 141 13.42 -25.01 -4.58
N ASN D 142 12.36 -24.48 -5.18
CA ASN D 142 12.47 -23.65 -6.38
C ASN D 142 11.63 -22.40 -6.21
N ILE D 143 12.03 -21.33 -6.89
CA ILE D 143 11.26 -20.11 -6.88
C ILE D 143 9.94 -20.32 -7.58
N ALA D 144 8.91 -19.59 -7.16
CA ALA D 144 7.57 -19.79 -7.71
C ALA D 144 7.51 -19.43 -9.19
N SER D 145 8.22 -18.38 -9.59
CA SER D 145 8.14 -17.89 -10.97
C SER D 145 8.65 -18.95 -11.95
N VAL D 146 9.90 -19.36 -11.79
CA VAL D 146 10.53 -20.32 -12.69
C VAL D 146 11.05 -21.49 -11.86
N ASP D 147 10.88 -22.71 -12.39
CA ASP D 147 11.22 -23.93 -11.68
C ASP D 147 12.67 -24.34 -11.87
N SER D 148 13.45 -23.62 -12.67
CA SER D 148 14.84 -24.00 -12.91
C SER D 148 15.82 -23.36 -11.93
N ILE D 149 15.37 -22.46 -11.08
CA ILE D 149 16.24 -21.72 -10.17
C ILE D 149 16.06 -22.28 -8.77
N PRO D 150 17.11 -22.83 -8.15
CA PRO D 150 16.99 -23.32 -6.78
C PRO D 150 16.96 -22.18 -5.77
N ALA D 151 16.33 -22.45 -4.63
CA ALA D 151 16.23 -21.48 -3.54
C ALA D 151 17.29 -21.83 -2.50
N LEU D 152 18.37 -21.03 -2.48
CA LEU D 152 19.49 -21.28 -1.59
C LEU D 152 19.29 -20.59 -0.26
N VAL D 153 19.40 -21.35 0.83
CA VAL D 153 19.26 -20.83 2.18
C VAL D 153 20.46 -21.29 3.01
N ASN D 154 20.99 -20.39 3.82
CA ASN D 154 22.11 -20.74 4.70
C ASN D 154 21.65 -21.76 5.73
N ILE D 155 22.58 -22.63 6.12
CA ILE D 155 22.30 -23.66 7.10
C ILE D 155 22.91 -23.36 8.47
N ASP D 156 24.08 -22.70 8.52
CA ASP D 156 24.68 -22.35 9.80
C ASP D 156 23.78 -21.40 10.57
N THR D 157 23.25 -20.38 9.89
CA THR D 157 22.36 -19.42 10.56
C THR D 157 21.03 -20.07 10.89
N LEU D 158 20.59 -21.02 10.06
CA LEU D 158 19.33 -21.71 10.33
C LEU D 158 19.36 -22.43 11.67
N VAL D 159 20.52 -22.97 12.04
CA VAL D 159 20.62 -23.72 13.29
C VAL D 159 21.03 -22.82 14.44
N THR D 160 22.02 -21.95 14.23
CA THR D 160 22.58 -21.15 15.30
C THR D 160 21.82 -19.85 15.56
N ARG D 161 20.74 -19.59 14.84
CA ARG D 161 19.94 -18.41 15.09
C ARG D 161 18.45 -18.72 15.27
N HIS D 162 18.06 -19.99 15.19
CA HIS D 162 16.71 -20.46 15.49
C HIS D 162 15.72 -20.06 14.39
N SER D 163 14.84 -20.98 14.01
CA SER D 163 13.85 -20.76 12.97
C SER D 163 12.45 -20.99 13.54
N ALA D 164 11.45 -20.82 12.68
CA ALA D 164 10.07 -21.03 13.07
C ALA D 164 9.25 -21.30 11.82
N VAL D 165 8.30 -22.23 11.92
CA VAL D 165 7.42 -22.58 10.82
C VAL D 165 5.99 -22.30 11.27
N LEU D 166 5.35 -21.35 10.59
CA LEU D 166 3.99 -20.91 10.96
C LEU D 166 3.10 -20.98 9.73
N GLY D 167 1.87 -21.43 9.93
CA GLY D 167 0.92 -21.53 8.84
C GLY D 167 -0.34 -22.23 9.30
N SER D 168 -1.34 -22.18 8.43
CA SER D 168 -2.61 -22.82 8.73
C SER D 168 -2.47 -24.34 8.68
N THR D 169 -3.41 -25.02 9.34
CA THR D 169 -3.37 -26.48 9.39
C THR D 169 -3.60 -27.10 8.02
N GLY D 170 -4.35 -26.42 7.14
CA GLY D 170 -4.60 -26.93 5.81
C GLY D 170 -3.52 -26.65 4.80
N SER D 171 -2.46 -25.96 5.19
CA SER D 171 -1.36 -25.62 4.30
C SER D 171 -0.29 -26.70 4.25
N GLY D 172 -0.47 -27.80 4.97
CA GLY D 172 0.50 -28.88 4.94
C GLY D 172 1.85 -28.52 5.50
N LYS D 173 1.86 -27.87 6.67
CA LYS D 173 3.14 -27.54 7.30
C LYS D 173 3.89 -28.79 7.74
N SER D 174 3.17 -29.89 8.00
CA SER D 174 3.85 -31.13 8.33
C SER D 174 4.72 -31.62 7.18
N THR D 175 4.21 -31.53 5.96
CA THR D 175 5.00 -31.93 4.80
C THR D 175 6.23 -31.05 4.63
N THR D 176 6.07 -29.74 4.82
CA THR D 176 7.22 -28.84 4.72
C THR D 176 8.26 -29.13 5.77
N VAL D 177 7.84 -29.37 7.01
CA VAL D 177 8.78 -29.68 8.08
C VAL D 177 9.50 -30.99 7.78
N THR D 178 8.77 -32.00 7.30
CA THR D 178 9.39 -33.27 6.96
C THR D 178 10.41 -33.09 5.85
N SER D 179 10.08 -32.31 4.82
CA SER D 179 11.02 -32.09 3.73
C SER D 179 12.27 -31.37 4.21
N ILE D 180 12.10 -30.35 5.05
CA ILE D 180 13.26 -29.60 5.55
C ILE D 180 14.15 -30.50 6.40
N LEU D 181 13.55 -31.30 7.29
CA LEU D 181 14.35 -32.18 8.13
C LEU D 181 15.04 -33.27 7.32
N GLN D 182 14.40 -33.75 6.25
CA GLN D 182 15.04 -34.77 5.43
C GLN D 182 16.15 -34.19 4.57
N ARG D 183 16.02 -32.94 4.14
CA ARG D 183 17.09 -32.33 3.35
C ARG D 183 18.28 -31.95 4.23
N ILE D 184 18.01 -31.42 5.42
CA ILE D 184 19.11 -31.02 6.31
C ILE D 184 19.91 -32.24 6.76
N SER D 185 19.24 -33.33 7.08
CA SER D 185 19.89 -34.52 7.64
C SER D 185 20.24 -35.55 6.55
N ASP D 186 20.56 -35.08 5.35
CA ASP D 186 20.95 -35.99 4.28
C ASP D 186 22.17 -36.81 4.69
N MET D 187 22.10 -38.12 4.45
CA MET D 187 23.17 -39.01 4.91
C MET D 187 24.45 -38.81 4.12
N SER D 188 24.35 -38.63 2.80
CA SER D 188 25.54 -38.53 1.97
C SER D 188 26.33 -37.26 2.28
N GLN D 189 25.64 -36.15 2.47
CA GLN D 189 26.31 -34.86 2.64
C GLN D 189 26.54 -34.49 4.10
N PHE D 190 25.66 -34.93 5.01
CA PHE D 190 25.77 -34.60 6.43
C PHE D 190 25.70 -35.89 7.23
N PRO D 191 26.81 -36.63 7.29
CA PRO D 191 26.80 -37.91 8.02
C PRO D 191 26.79 -37.76 9.53
N SER D 192 26.98 -36.56 10.06
CA SER D 192 27.05 -36.34 11.50
C SER D 192 25.94 -35.39 11.97
N ALA D 193 24.73 -35.58 11.45
CA ALA D 193 23.61 -34.77 11.88
C ALA D 193 23.19 -35.15 13.31
N ARG D 194 22.43 -34.26 13.93
CA ARG D 194 21.96 -34.49 15.30
C ARG D 194 20.67 -33.70 15.47
N ILE D 195 19.54 -34.39 15.38
CA ILE D 195 18.22 -33.76 15.41
C ILE D 195 17.32 -34.52 16.38
N ILE D 196 16.55 -33.77 17.17
CA ILE D 196 15.56 -34.34 18.07
C ILE D 196 14.22 -33.69 17.77
N VAL D 197 13.18 -34.49 17.61
CA VAL D 197 11.85 -34.02 17.29
C VAL D 197 10.94 -34.28 18.48
N PHE D 198 10.30 -33.22 18.99
CA PHE D 198 9.37 -33.35 20.11
C PHE D 198 7.94 -33.53 19.60
N ASP D 199 7.73 -34.66 18.91
CA ASP D 199 6.42 -34.97 18.36
C ASP D 199 5.40 -35.10 19.49
N ILE D 200 4.21 -34.55 19.25
CA ILE D 200 3.12 -34.61 20.22
C ILE D 200 1.95 -35.43 19.69
N HIS D 201 1.54 -35.19 18.45
CA HIS D 201 0.45 -35.94 17.86
C HIS D 201 0.89 -37.28 17.29
N GLY D 202 2.19 -37.57 17.30
CA GLY D 202 2.69 -38.83 16.78
C GLY D 202 2.48 -39.00 15.29
N GLU D 203 2.72 -37.96 14.50
CA GLU D 203 2.50 -38.00 13.06
C GLU D 203 3.78 -38.09 12.25
N TYR D 204 4.95 -37.94 12.88
CA TYR D 204 6.21 -38.03 12.17
C TYR D 204 6.79 -39.44 12.15
N ALA D 205 6.15 -40.39 12.84
CA ALA D 205 6.66 -41.76 12.84
C ALA D 205 6.61 -42.37 11.45
N ALA D 206 5.53 -42.13 10.71
CA ALA D 206 5.39 -42.70 9.38
C ALA D 206 6.29 -42.01 8.37
N ALA D 207 6.63 -40.74 8.59
CA ALA D 207 7.45 -40.01 7.64
C ALA D 207 8.84 -40.63 7.51
N PHE D 208 9.44 -41.00 8.64
CA PHE D 208 10.75 -41.64 8.67
C PHE D 208 10.54 -43.12 8.96
N LYS D 209 10.53 -43.94 7.91
CA LYS D 209 10.25 -45.37 8.08
C LYS D 209 11.36 -46.04 8.87
N GLY D 210 12.58 -46.02 8.36
CA GLY D 210 13.69 -46.65 9.04
C GLY D 210 14.89 -45.73 9.20
N LYS D 211 14.68 -44.44 9.01
CA LYS D 211 15.75 -43.46 9.08
C LYS D 211 15.83 -42.73 10.42
N ALA D 212 15.02 -43.13 11.41
CA ALA D 212 15.02 -42.45 12.69
C ALA D 212 14.50 -43.36 13.77
N LYS D 213 15.11 -43.28 14.95
CA LYS D 213 14.62 -44.02 16.11
C LYS D 213 13.36 -43.36 16.63
N VAL D 214 12.37 -44.19 16.99
CA VAL D 214 11.09 -43.71 17.50
C VAL D 214 10.94 -44.21 18.93
N TYR D 215 10.68 -43.29 19.85
CA TYR D 215 10.54 -43.61 21.27
C TYR D 215 9.09 -43.33 21.66
N LYS D 216 8.31 -44.40 21.80
CA LYS D 216 6.91 -44.31 22.18
C LYS D 216 6.75 -44.69 23.64
N VAL D 217 5.51 -44.66 24.11
CA VAL D 217 5.20 -45.10 25.47
C VAL D 217 4.82 -46.58 25.50
N THR D 218 4.09 -47.04 24.49
CA THR D 218 3.69 -48.45 24.36
C THR D 218 4.21 -48.98 23.04
N PRO D 219 5.40 -49.57 23.01
CA PRO D 219 5.93 -50.10 21.75
C PRO D 219 5.13 -51.30 21.26
N SER D 220 5.14 -51.50 19.94
CA SER D 220 4.39 -52.59 19.33
C SER D 220 5.29 -53.64 18.69
N ASN D 221 6.14 -53.26 17.73
CA ASN D 221 6.97 -54.22 17.02
C ASN D 221 8.46 -53.96 17.17
N ASN D 222 8.93 -52.76 16.83
CA ASN D 222 10.36 -52.48 16.85
C ASN D 222 10.70 -51.12 17.45
N GLU D 223 9.72 -50.25 17.68
CA GLU D 223 10.01 -48.96 18.29
C GLU D 223 10.44 -49.14 19.75
N LEU D 224 11.33 -48.26 20.20
CA LEU D 224 11.81 -48.33 21.57
C LEU D 224 10.75 -47.80 22.53
N LYS D 225 11.08 -47.77 23.82
CA LYS D 225 10.17 -47.31 24.85
C LYS D 225 10.77 -46.09 25.54
N LEU D 226 9.99 -45.02 25.61
CA LEU D 226 10.43 -43.82 26.31
C LEU D 226 10.49 -44.09 27.80
N SER D 227 11.65 -43.85 28.40
CA SER D 227 11.85 -44.11 29.82
C SER D 227 12.62 -42.96 30.44
N ILE D 228 11.98 -42.26 31.38
CA ILE D 228 12.59 -41.16 32.10
C ILE D 228 12.65 -41.54 33.58
N PRO D 229 13.81 -41.98 34.07
CA PRO D 229 13.92 -42.36 35.47
C PRO D 229 13.64 -41.18 36.40
N TYR D 230 12.97 -41.48 37.52
CA TYR D 230 12.58 -40.42 38.44
C TYR D 230 13.78 -39.84 39.18
N TRP D 231 14.81 -40.65 39.44
CA TRP D 231 15.97 -40.15 40.16
C TRP D 231 16.83 -39.23 39.31
N ALA D 232 16.61 -39.18 37.99
CA ALA D 232 17.31 -38.24 37.14
C ALA D 232 16.76 -36.83 37.25
N LEU D 233 15.61 -36.64 37.89
CA LEU D 233 15.01 -35.34 38.06
C LEU D 233 15.67 -34.59 39.21
N THR D 234 15.35 -33.29 39.30
CA THR D 234 15.74 -32.51 40.47
C THR D 234 14.72 -32.71 41.58
N CYS D 235 14.94 -32.03 42.71
CA CYS D 235 14.00 -32.16 43.82
C CYS D 235 12.69 -31.44 43.50
N ASP D 236 12.77 -30.22 42.99
CA ASP D 236 11.56 -29.44 42.72
C ASP D 236 10.70 -30.09 41.65
N GLU D 237 11.34 -30.54 40.56
CA GLU D 237 10.59 -31.19 39.48
C GLU D 237 9.95 -32.49 39.97
N PHE D 238 10.68 -33.26 40.77
CA PHE D 238 10.12 -34.51 41.30
C PHE D 238 8.92 -34.22 42.20
N LEU D 239 9.02 -33.21 43.06
CA LEU D 239 7.89 -32.85 43.91
C LEU D 239 6.70 -32.38 43.09
N SER D 240 6.96 -31.61 42.03
CA SER D 240 5.87 -31.09 41.20
C SER D 240 5.19 -32.22 40.42
N VAL D 241 5.94 -33.22 39.99
CA VAL D 241 5.35 -34.26 39.15
C VAL D 241 4.71 -35.36 40.00
N ALA D 242 5.24 -35.62 41.19
CA ALA D 242 4.76 -36.73 42.01
C ALA D 242 3.74 -36.29 43.06
N PHE D 243 4.14 -35.38 43.94
CA PHE D 243 3.33 -35.03 45.11
C PHE D 243 2.37 -33.88 44.87
N GLY D 244 2.39 -33.27 43.68
CA GLY D 244 1.45 -32.21 43.40
C GLY D 244 1.77 -30.88 44.05
N GLY D 245 3.03 -30.66 44.43
CA GLY D 245 3.43 -29.35 44.91
C GLY D 245 3.19 -29.07 46.38
N LEU D 246 3.79 -29.89 47.26
CA LEU D 246 3.71 -29.63 48.69
C LEU D 246 4.42 -28.33 49.04
N GLU D 247 3.89 -27.65 50.07
CA GLU D 247 4.43 -26.37 50.50
C GLU D 247 4.71 -26.28 51.99
N GLY D 248 4.17 -27.17 52.81
CA GLY D 248 4.38 -27.12 54.25
C GLY D 248 5.64 -27.83 54.68
N SER D 249 5.66 -28.19 55.96
CA SER D 249 6.80 -28.93 56.51
C SER D 249 6.93 -30.33 55.91
N GLY D 250 5.87 -30.82 55.27
CA GLY D 250 5.96 -32.09 54.57
C GLY D 250 6.99 -32.06 53.47
N ARG D 251 7.12 -30.93 52.78
CA ARG D 251 8.16 -30.80 51.77
C ARG D 251 9.55 -30.95 52.39
N ASN D 252 9.76 -30.34 53.56
CA ASN D 252 11.04 -30.48 54.25
C ASN D 252 11.28 -31.93 54.66
N ALA D 253 10.24 -32.60 55.14
CA ALA D 253 10.38 -34.01 55.53
C ALA D 253 10.75 -34.87 54.33
N LEU D 254 10.10 -34.65 53.19
CA LEU D 254 10.43 -35.39 51.98
C LEU D 254 11.85 -35.10 51.52
N ILE D 255 12.28 -33.84 51.60
CA ILE D 255 13.64 -33.48 51.23
C ILE D 255 14.64 -34.21 52.11
N ASP D 256 14.39 -34.23 53.42
CA ASP D 256 15.28 -34.92 54.34
C ASP D 256 15.34 -36.41 54.05
N LYS D 257 14.19 -37.03 53.79
CA LYS D 257 14.17 -38.45 53.47
C LYS D 257 14.93 -38.75 52.19
N ILE D 258 14.75 -37.91 51.16
CA ILE D 258 15.45 -38.10 49.90
C ILE D 258 16.96 -37.97 50.11
N TYR D 259 17.38 -36.96 50.88
CA TYR D 259 18.80 -36.77 51.12
C TYR D 259 19.39 -37.95 51.88
N GLU D 260 18.67 -38.46 52.88
CA GLU D 260 19.15 -39.62 53.62
C GLU D 260 19.28 -40.84 52.74
N LEU D 261 18.29 -41.07 51.87
CA LEU D 261 18.36 -42.22 50.96
C LEU D 261 19.52 -42.07 49.99
N LYS D 262 19.75 -40.86 49.49
CA LYS D 262 20.88 -40.65 48.57
C LYS D 262 22.20 -40.87 49.29
N LEU D 263 22.31 -40.44 50.55
CA LEU D 263 23.52 -40.68 51.33
C LEU D 263 23.76 -42.18 51.52
N GLN D 264 22.69 -42.92 51.83
CA GLN D 264 22.84 -44.37 51.97
C GLN D 264 23.27 -45.02 50.67
N THR D 265 22.69 -44.58 49.55
CA THR D 265 23.08 -45.13 48.25
C THR D 265 24.55 -44.84 47.95
N LEU D 266 25.01 -43.62 48.24
CA LEU D 266 26.42 -43.30 48.04
C LEU D 266 27.31 -44.17 48.94
N LYS D 267 26.87 -44.40 50.18
CA LYS D 267 27.65 -45.25 51.07
C LYS D 267 27.76 -46.67 50.54
N ARG D 268 26.67 -47.21 50.01
CA ARG D 268 26.69 -48.59 49.54
C ARG D 268 27.45 -48.73 48.22
N GLN D 269 27.25 -47.80 47.29
CA GLN D 269 27.81 -47.89 45.95
C GLN D 269 28.77 -46.74 45.71
N GLU D 270 29.98 -47.08 45.23
CA GLU D 270 30.99 -46.06 44.95
C GLU D 270 30.59 -45.24 43.73
N TYR D 271 30.80 -43.92 43.83
CA TYR D 271 30.58 -43.01 42.72
C TYR D 271 31.76 -42.06 42.59
N GLU D 272 32.13 -41.75 41.36
CA GLU D 272 33.33 -40.98 41.09
C GLU D 272 33.15 -39.52 41.50
N GLY D 273 34.12 -39.01 42.27
CA GLY D 273 34.17 -37.60 42.58
C GLY D 273 33.03 -37.08 43.44
N ILE D 274 32.29 -37.96 44.10
CA ILE D 274 31.18 -37.58 44.96
C ILE D 274 31.42 -38.14 46.35
N ASN D 275 31.35 -37.28 47.35
CA ASN D 275 31.54 -37.65 48.75
C ASN D 275 30.38 -37.12 49.57
N GLU D 276 30.43 -37.38 50.88
CA GLU D 276 29.39 -36.88 51.78
C GLU D 276 29.43 -35.37 51.93
N ASP D 277 30.49 -34.70 51.50
CA ASP D 277 30.63 -33.27 51.66
C ASP D 277 30.13 -32.48 50.45
N SER D 278 30.20 -33.07 49.25
CA SER D 278 29.82 -32.38 48.02
C SER D 278 28.62 -33.03 47.35
N LEU D 279 27.68 -33.53 48.16
CA LEU D 279 26.44 -34.14 47.64
C LEU D 279 25.27 -33.25 48.04
N THR D 280 24.61 -32.67 47.04
CA THR D 280 23.39 -31.91 47.26
C THR D 280 22.19 -32.78 46.95
N VAL D 281 21.00 -32.22 47.17
CA VAL D 281 19.76 -32.96 46.92
C VAL D 281 19.59 -33.22 45.43
N ASP D 282 20.01 -32.28 44.59
CA ASP D 282 19.77 -32.35 43.15
C ASP D 282 20.77 -33.23 42.42
N THR D 283 21.70 -33.87 43.12
CA THR D 283 22.68 -34.72 42.45
C THR D 283 21.98 -35.93 41.84
N PRO D 284 22.22 -36.24 40.57
CA PRO D 284 21.56 -37.41 39.95
C PRO D 284 22.14 -38.72 40.43
N ILE D 285 21.73 -39.16 41.62
CA ILE D 285 22.15 -40.43 42.20
C ILE D 285 20.91 -41.25 42.46
N PRO D 286 20.87 -42.52 42.06
CA PRO D 286 19.64 -43.31 42.21
C PRO D 286 19.26 -43.50 43.67
N PHE D 287 17.95 -43.59 43.91
CA PHE D 287 17.42 -43.85 45.24
C PHE D 287 16.06 -44.51 45.09
N SER D 288 15.71 -45.36 46.04
CA SER D 288 14.48 -46.15 45.94
C SER D 288 13.28 -45.31 46.37
N ILE D 289 12.26 -45.28 45.53
CA ILE D 289 11.02 -44.58 45.87
C ILE D 289 10.08 -45.47 46.68
N HIS D 290 10.08 -46.78 46.41
CA HIS D 290 9.23 -47.69 47.18
C HIS D 290 9.62 -47.70 48.65
N LYS D 291 10.93 -47.74 48.93
CA LYS D 291 11.39 -47.70 50.31
C LYS D 291 11.01 -46.38 50.97
N LEU D 292 11.14 -45.27 50.24
CA LEU D 292 10.75 -43.97 50.78
C LEU D 292 9.28 -43.96 51.17
N TRP D 293 8.41 -44.39 50.27
CA TRP D 293 6.98 -44.40 50.58
C TRP D 293 6.68 -45.34 51.73
N PHE D 294 7.29 -46.53 51.72
CA PHE D 294 7.04 -47.50 52.78
C PHE D 294 7.41 -46.94 54.14
N ASP D 295 8.60 -46.35 54.26
CA ASP D 295 9.03 -45.79 55.52
C ASP D 295 8.13 -44.64 55.96
N LEU D 296 7.90 -43.68 55.06
CA LEU D 296 7.14 -42.48 55.45
C LEU D 296 5.67 -42.79 55.72
N TYR D 297 5.14 -43.89 55.18
CA TYR D 297 3.75 -44.25 55.45
C TYR D 297 3.64 -45.11 56.71
N ARG D 298 4.50 -46.14 56.83
CA ARG D 298 4.52 -46.96 58.04
C ARG D 298 4.84 -46.15 59.28
N ALA D 299 5.52 -45.01 59.13
CA ALA D 299 5.76 -44.13 60.26
C ALA D 299 4.57 -43.23 60.58
N GLU D 300 3.38 -43.54 60.04
CA GLU D 300 2.20 -42.72 60.27
C GLU D 300 0.96 -43.48 60.66
N ILE D 301 0.84 -44.77 60.33
CA ILE D 301 -0.35 -45.54 60.59
C ILE D 301 -0.09 -46.68 61.57
N SER D 302 1.08 -47.32 61.49
CA SER D 302 1.39 -48.44 62.37
C SER D 302 1.52 -47.96 63.81
N THR D 303 1.21 -48.84 64.74
CA THR D 303 1.20 -48.51 66.16
C THR D 303 2.35 -49.20 66.89
N HIS D 304 2.89 -48.51 67.89
CA HIS D 304 3.97 -49.06 68.70
C HIS D 304 3.41 -49.90 69.84
N TYR D 305 4.10 -50.99 70.15
CA TYR D 305 3.63 -51.90 71.20
C TYR D 305 3.80 -51.33 72.60
N VAL D 306 4.65 -50.32 72.77
CA VAL D 306 4.91 -49.71 74.07
C VAL D 306 4.64 -48.21 73.97
N GLN D 307 3.91 -47.69 74.95
CA GLN D 307 3.60 -46.26 74.96
C GLN D 307 4.84 -45.45 75.32
N GLY D 308 4.76 -44.15 75.07
CA GLY D 308 5.87 -43.25 75.37
C GLY D 308 6.88 -43.17 74.25
N SER D 309 7.48 -44.31 73.89
CA SER D 309 8.46 -44.38 72.84
C SER D 309 7.89 -45.11 71.62
N HIS D 310 8.37 -44.72 70.43
CA HIS D 310 7.86 -45.28 69.20
C HIS D 310 8.97 -45.96 68.41
N SER D 311 9.78 -46.76 69.10
CA SER D 311 10.88 -47.47 68.45
C SER D 311 10.36 -48.42 67.38
N GLU D 312 11.10 -48.52 66.28
CA GLU D 312 10.71 -49.38 65.17
C GLU D 312 10.72 -50.86 65.55
N GLU D 313 11.43 -51.23 66.61
CA GLU D 313 11.46 -52.63 67.06
C GLU D 313 10.26 -52.99 67.92
N ASN D 314 9.41 -52.03 68.25
CA ASN D 314 8.21 -52.25 69.06
C ASN D 314 6.94 -52.16 68.22
N GLU D 315 7.01 -52.63 66.98
CA GLU D 315 5.86 -52.56 66.08
C GLU D 315 4.77 -53.52 66.55
N ALA D 316 3.57 -52.99 66.76
CA ALA D 316 2.45 -53.79 67.25
C ALA D 316 1.57 -54.24 66.08
N LEU D 317 2.14 -55.16 65.30
CA LEU D 317 1.40 -55.72 64.17
C LEU D 317 0.40 -56.77 64.65
N LEU D 318 -0.82 -56.70 64.12
CA LEU D 318 -1.86 -57.64 64.49
C LEU D 318 -1.50 -59.04 64.00
N LEU D 319 -1.25 -59.95 64.93
CA LEU D 319 -0.85 -61.31 64.60
C LEU D 319 -2.07 -62.19 64.37
N GLY D 320 -1.89 -63.19 63.51
CA GLY D 320 -2.96 -64.12 63.20
C GLY D 320 -3.16 -65.15 64.30
N GLU D 321 -4.14 -66.03 64.06
CA GLU D 321 -4.44 -67.10 65.02
C GLU D 321 -3.26 -68.06 65.15
N ASP D 322 -2.63 -68.41 64.03
CA ASP D 322 -1.48 -69.31 64.07
C ASP D 322 -0.27 -68.67 64.74
N GLY D 323 -0.19 -67.35 64.78
CA GLY D 323 0.94 -66.67 65.39
C GLY D 323 1.61 -65.68 64.45
N ASN D 324 1.66 -66.03 63.17
CA ASN D 324 2.24 -65.14 62.18
C ASN D 324 1.36 -63.91 61.99
N PRO D 325 1.95 -62.76 61.65
CA PRO D 325 1.15 -61.55 61.43
C PRO D 325 0.22 -61.72 60.23
N VAL D 326 -0.94 -61.07 60.31
CA VAL D 326 -1.93 -61.17 59.25
C VAL D 326 -1.40 -60.54 57.96
N GLN D 327 -0.81 -59.36 58.07
CA GLN D 327 -0.28 -58.63 56.90
C GLN D 327 1.00 -57.94 57.33
N LYS D 328 2.14 -58.60 57.10
CA LYS D 328 3.42 -57.99 57.45
C LYS D 328 3.76 -56.81 56.54
N GLY D 329 3.18 -56.76 55.36
CA GLY D 329 3.43 -55.68 54.43
C GLY D 329 4.56 -56.00 53.47
N ASP D 330 4.55 -55.31 52.33
CA ASP D 330 5.57 -55.49 51.31
C ASP D 330 6.06 -54.13 50.83
N SER D 331 7.29 -54.11 50.31
CA SER D 331 7.90 -52.89 49.80
C SER D 331 7.75 -52.76 48.29
N LEU D 332 8.18 -53.76 47.52
CA LEU D 332 7.97 -53.74 46.08
C LEU D 332 6.49 -53.68 45.75
N LYS D 333 5.70 -54.57 46.36
CA LYS D 333 4.26 -54.40 46.34
C LYS D 333 3.88 -53.21 47.22
N VAL D 334 2.81 -52.52 46.82
CA VAL D 334 2.45 -51.26 47.46
C VAL D 334 1.47 -51.56 48.59
N VAL D 335 1.27 -52.84 48.88
CA VAL D 335 0.37 -53.22 49.98
C VAL D 335 0.97 -52.78 51.31
N PRO D 336 0.22 -52.08 52.15
CA PRO D 336 0.76 -51.65 53.44
C PRO D 336 0.48 -52.68 54.52
N PRO D 337 1.30 -52.74 55.56
CA PRO D 337 1.06 -53.71 56.63
C PRO D 337 -0.14 -53.33 57.48
N ILE D 338 -0.71 -54.34 58.13
CA ILE D 338 -1.83 -54.17 59.03
C ILE D 338 -1.31 -54.08 60.45
N TYR D 339 -1.93 -53.22 61.25
CA TYR D 339 -1.50 -52.97 62.61
C TYR D 339 -2.68 -53.12 63.58
N MET D 340 -2.35 -53.39 64.84
CA MET D 340 -3.36 -53.55 65.86
C MET D 340 -4.06 -52.22 66.13
N PRO D 341 -5.31 -52.25 66.58
CA PRO D 341 -6.03 -51.00 66.86
C PRO D 341 -5.40 -50.25 68.02
N HIS D 342 -5.56 -48.93 68.00
CA HIS D 342 -4.98 -48.04 69.00
C HIS D 342 -5.93 -47.95 70.19
N THR D 343 -5.66 -48.75 71.22
CA THR D 343 -6.47 -48.73 72.43
C THR D 343 -5.60 -49.21 73.59
N GLN D 344 -5.22 -48.29 74.47
CA GLN D 344 -4.37 -48.59 75.62
C GLN D 344 -5.15 -48.61 76.93
N ALA D 345 -6.39 -49.08 76.89
CA ALA D 345 -7.22 -49.10 78.09
C ALA D 345 -6.83 -50.25 79.00
N GLN D 346 -7.53 -50.34 80.14
CA GLN D 346 -7.25 -51.38 81.11
C GLN D 346 -7.77 -52.73 80.62
N GLY D 347 -7.34 -53.79 81.29
CA GLY D 347 -7.73 -55.14 80.94
C GLY D 347 -6.78 -55.86 79.99
N ALA D 348 -6.41 -55.20 78.90
CA ALA D 348 -5.50 -55.75 77.91
C ALA D 348 -4.21 -54.93 77.88
N THR D 349 -3.30 -55.35 77.00
CA THR D 349 -2.03 -54.65 76.86
C THR D 349 -2.24 -53.24 76.31
N LYS D 350 -1.36 -52.32 76.73
CA LYS D 350 -1.45 -50.93 76.32
C LYS D 350 -0.66 -50.73 75.03
N ILE D 351 -1.36 -50.34 73.96
CA ILE D 351 -0.75 -50.08 72.67
C ILE D 351 -1.03 -48.63 72.30
N TYR D 352 0.03 -47.89 71.97
CA TYR D 352 -0.05 -46.48 71.63
C TYR D 352 0.25 -46.27 70.15
N LEU D 353 -0.40 -45.28 69.55
CA LEU D 353 -0.21 -44.98 68.14
C LEU D 353 1.16 -44.34 67.92
N SER D 354 1.52 -44.18 66.65
CA SER D 354 2.80 -43.59 66.30
C SER D 354 2.88 -42.14 66.77
N ASN D 355 4.01 -41.78 67.38
CA ASN D 355 4.21 -40.45 67.91
C ASN D 355 5.19 -39.63 67.09
N ARG D 356 5.55 -40.08 65.88
CA ARG D 356 6.54 -39.40 65.06
C ARG D 356 6.01 -39.01 63.68
N GLY D 357 4.81 -39.43 63.31
CA GLY D 357 4.33 -39.17 61.97
C GLY D 357 3.99 -37.71 61.74
N LYS D 358 4.09 -37.30 60.48
CA LYS D 358 3.73 -35.96 60.06
C LYS D 358 2.28 -35.95 59.58
N ASN D 359 1.88 -34.86 58.92
CA ASN D 359 0.52 -34.68 58.42
C ASN D 359 0.45 -34.88 56.90
N ILE D 360 1.21 -35.84 56.39
CA ILE D 360 1.33 -36.03 54.94
C ILE D 360 0.74 -37.35 54.51
N ARG D 361 -0.31 -37.81 55.21
CA ARG D 361 -0.95 -39.07 54.84
C ARG D 361 -1.59 -38.99 53.46
N LYS D 362 -2.28 -37.89 53.17
CA LYS D 362 -2.92 -37.73 51.86
C LYS D 362 -1.93 -37.71 50.71
N PRO D 363 -0.83 -36.94 50.74
CA PRO D 363 0.15 -37.03 49.65
C PRO D 363 0.76 -38.41 49.51
N LEU D 364 0.97 -39.13 50.62
CA LEU D 364 1.51 -40.47 50.53
C LEU D 364 0.51 -41.43 49.88
N GLU D 365 -0.77 -41.29 50.19
CA GLU D 365 -1.78 -42.10 49.51
C GLU D 365 -1.81 -41.78 48.02
N GLY D 366 -1.71 -40.50 47.66
CA GLY D 366 -1.65 -40.14 46.26
C GLY D 366 -0.44 -40.72 45.56
N LEU D 367 0.72 -40.69 46.22
CA LEU D 367 1.93 -41.27 45.65
C LEU D 367 1.78 -42.78 45.46
N ALA D 368 1.15 -43.45 46.44
CA ALA D 368 0.91 -44.89 46.29
C ALA D 368 -0.01 -45.17 45.11
N SER D 369 -1.07 -44.37 44.95
CA SER D 369 -1.97 -44.54 43.82
C SER D 369 -1.24 -44.34 42.50
N LEU D 370 -0.35 -43.34 42.43
CA LEU D 370 0.46 -43.15 41.23
C LEU D 370 1.38 -44.34 41.00
N LEU D 371 1.96 -44.88 42.07
CA LEU D 371 2.87 -46.01 41.94
C LEU D 371 2.16 -47.24 41.40
N LYS D 372 0.91 -47.46 41.79
CA LYS D 372 0.14 -48.58 41.27
C LYS D 372 -0.53 -48.28 39.94
N ASP D 373 -0.32 -47.10 39.37
CA ASP D 373 -0.92 -46.75 38.09
C ASP D 373 -0.03 -47.22 36.95
N PRO D 374 -0.54 -48.07 36.04
CA PRO D 374 0.27 -48.49 34.89
C PRO D 374 0.53 -47.41 33.87
N ARG D 375 0.03 -46.19 34.06
CA ARG D 375 0.28 -45.10 33.14
C ARG D 375 1.56 -44.33 33.45
N TYR D 376 2.19 -44.61 34.59
CA TYR D 376 3.41 -43.92 35.01
C TYR D 376 4.60 -44.87 35.04
N GLU D 377 4.56 -45.92 34.23
CA GLU D 377 5.69 -46.84 34.15
C GLU D 377 6.94 -46.16 33.63
N PHE D 378 6.79 -45.24 32.66
CA PHE D 378 7.94 -44.56 32.10
C PHE D 378 8.71 -43.74 33.14
N LEU D 379 8.07 -43.38 34.25
CA LEU D 379 8.77 -42.75 35.37
C LEU D 379 9.18 -43.75 36.44
N PHE D 380 8.22 -44.48 37.00
CA PHE D 380 8.48 -45.22 38.23
C PHE D 380 8.93 -46.66 38.00
N ASN D 381 8.72 -47.21 36.80
CA ASN D 381 9.07 -48.59 36.51
C ASN D 381 9.79 -48.67 35.17
N ALA D 382 10.80 -47.82 35.00
CA ALA D 382 11.58 -47.82 33.77
C ALA D 382 12.15 -49.21 33.49
N ASP D 383 12.44 -49.48 32.22
CA ASP D 383 12.83 -50.82 31.80
C ASP D 383 14.09 -51.28 32.52
N ASP D 384 15.21 -50.60 32.29
CA ASP D 384 16.48 -51.00 32.86
C ASP D 384 16.92 -50.13 34.03
N TRP D 385 16.36 -48.93 34.18
CA TRP D 385 16.75 -48.00 35.23
C TRP D 385 15.91 -48.13 36.48
N SER D 386 15.33 -49.31 36.70
CA SER D 386 14.58 -49.55 37.93
C SER D 386 15.54 -49.61 39.12
N VAL D 387 15.10 -49.08 40.26
CA VAL D 387 15.92 -49.01 41.46
C VAL D 387 15.48 -50.10 42.41
N ASN D 388 16.44 -50.87 42.90
CA ASN D 388 16.16 -51.93 43.87
C ASN D 388 15.96 -51.32 45.25
N LEU D 389 15.80 -52.17 46.27
CA LEU D 389 15.63 -51.66 47.62
C LEU D 389 16.90 -51.03 48.17
N ASP D 390 18.06 -51.55 47.78
CA ASP D 390 19.34 -51.04 48.25
C ASP D 390 19.86 -49.91 47.38
N GLY D 391 19.15 -49.54 46.31
CA GLY D 391 19.58 -48.46 45.45
C GLY D 391 20.63 -48.86 44.45
N LYS D 392 20.32 -49.84 43.59
CA LYS D 392 21.24 -50.28 42.56
C LYS D 392 20.44 -50.61 41.31
N THR D 393 20.84 -50.03 40.18
CA THR D 393 20.15 -50.18 38.92
C THR D 393 20.96 -51.04 37.96
N ASN D 394 20.26 -51.57 36.96
CA ASN D 394 20.93 -52.38 35.94
C ASN D 394 21.91 -51.55 35.13
N LYS D 395 21.52 -50.33 34.76
CA LYS D 395 22.34 -49.43 33.96
C LYS D 395 22.39 -48.07 34.62
N ASP D 396 23.09 -47.14 33.99
CA ASP D 396 23.26 -45.78 34.48
C ASP D 396 22.70 -44.80 33.46
N LEU D 397 22.91 -43.50 33.73
CA LEU D 397 22.40 -42.46 32.85
C LEU D 397 23.19 -42.34 31.56
N ASP D 398 24.42 -42.86 31.51
CA ASP D 398 25.21 -42.79 30.30
C ASP D 398 24.54 -43.53 29.16
N ALA D 399 23.96 -44.70 29.45
CA ALA D 399 23.25 -45.45 28.43
C ALA D 399 22.06 -44.66 27.89
N LEU D 400 21.31 -44.01 28.79
CA LEU D 400 20.17 -43.21 28.35
C LEU D 400 20.61 -42.04 27.47
N LEU D 401 21.67 -41.35 27.87
CA LEU D 401 22.15 -40.22 27.08
C LEU D 401 22.65 -40.69 25.71
N GLU D 402 23.35 -41.82 25.67
CA GLU D 402 23.81 -42.36 24.40
C GLU D 402 22.65 -42.77 23.52
N THR D 403 21.61 -43.35 24.12
CA THR D 403 20.42 -43.73 23.35
C THR D 403 19.74 -42.51 22.77
N TRP D 404 19.67 -41.41 23.52
CA TRP D 404 18.99 -40.22 23.04
C TRP D 404 19.82 -39.48 21.98
N VAL D 405 21.02 -39.03 22.34
CA VAL D 405 21.77 -38.11 21.49
C VAL D 405 23.10 -38.72 21.04
N GLY D 406 23.17 -40.04 20.99
CA GLY D 406 24.38 -40.69 20.53
C GLY D 406 24.13 -41.93 19.71
N SER D 407 22.87 -42.17 19.35
CA SER D 407 22.53 -43.35 18.57
C SER D 407 23.08 -43.23 17.15
N GLU D 408 23.07 -44.37 16.45
CA GLU D 408 23.58 -44.39 15.08
C GLU D 408 22.74 -43.51 14.16
N GLU D 409 21.42 -43.56 14.31
CA GLU D 409 20.54 -42.75 13.48
C GLU D 409 20.67 -41.28 13.84
N SER D 410 20.54 -40.42 12.81
CA SER D 410 20.73 -38.98 13.03
C SER D 410 19.53 -38.36 13.73
N ILE D 411 18.33 -38.86 13.49
CA ILE D 411 17.10 -38.26 13.99
C ILE D 411 16.51 -39.15 15.07
N SER D 412 16.20 -38.55 16.22
CA SER D 412 15.51 -39.23 17.31
C SER D 412 14.18 -38.53 17.54
N ILE D 413 13.10 -39.31 17.61
CA ILE D 413 11.75 -38.79 17.72
C ILE D 413 11.16 -39.25 19.04
N PHE D 414 10.65 -38.29 19.82
CA PHE D 414 9.94 -38.57 21.05
C PHE D 414 8.44 -38.46 20.79
N ASP D 415 7.73 -39.58 20.91
CA ASP D 415 6.30 -39.63 20.64
C ASP D 415 5.57 -39.50 21.98
N LEU D 416 5.17 -38.26 22.31
CA LEU D 416 4.53 -37.97 23.58
C LEU D 416 3.00 -38.06 23.50
N SER D 417 2.47 -38.82 22.54
CA SER D 417 1.02 -38.87 22.37
C SER D 417 0.35 -39.67 23.47
N GLY D 418 0.95 -40.78 23.88
CA GLY D 418 0.35 -41.65 24.87
C GLY D 418 0.51 -41.23 26.31
N MET D 419 1.22 -40.13 26.55
CA MET D 419 1.44 -39.65 27.90
C MET D 419 0.21 -38.94 28.44
N PRO D 420 0.04 -38.89 29.76
CA PRO D 420 -1.08 -38.12 30.33
C PRO D 420 -0.99 -36.66 29.93
N SER D 421 -2.14 -36.07 29.63
CA SER D 421 -2.19 -34.69 29.15
C SER D 421 -1.95 -33.68 30.26
N SER D 422 -2.01 -34.09 31.52
CA SER D 422 -1.87 -33.13 32.61
C SER D 422 -0.43 -32.70 32.85
N ILE D 423 0.53 -33.60 32.64
CA ILE D 423 1.92 -33.33 32.99
C ILE D 423 2.83 -33.30 31.76
N LEU D 424 2.26 -33.03 30.58
CA LEU D 424 3.09 -32.96 29.38
C LEU D 424 4.07 -31.79 29.44
N ASP D 425 3.60 -30.63 29.93
CA ASP D 425 4.45 -29.45 30.00
C ASP D 425 5.65 -29.69 30.91
N THR D 426 5.41 -30.29 32.08
CA THR D 426 6.48 -30.48 33.05
C THR D 426 7.58 -31.39 32.49
N LEU D 427 7.20 -32.48 31.84
CA LEU D 427 8.22 -33.39 31.32
C LEU D 427 8.86 -32.86 30.05
N ILE D 428 8.16 -32.04 29.27
CA ILE D 428 8.83 -31.35 28.17
C ILE D 428 9.94 -30.45 28.71
N GLY D 429 9.62 -29.68 29.75
CA GLY D 429 10.65 -28.87 30.39
C GLY D 429 11.77 -29.70 30.97
N ILE D 430 11.43 -30.85 31.55
CA ILE D 430 12.44 -31.73 32.13
C ILE D 430 13.40 -32.22 31.06
N LEU D 431 12.87 -32.68 29.93
CA LEU D 431 13.72 -33.16 28.85
C LEU D 431 14.59 -32.04 28.31
N ILE D 432 14.04 -30.85 28.15
CA ILE D 432 14.82 -29.71 27.68
C ILE D 432 15.95 -29.42 28.64
N ARG D 433 15.67 -29.38 29.94
CA ARG D 433 16.70 -29.10 30.93
C ARG D 433 17.78 -30.17 30.93
N ILE D 434 17.39 -31.45 30.83
CA ILE D 434 18.36 -32.53 30.85
C ILE D 434 19.29 -32.42 29.65
N LEU D 435 18.72 -32.22 28.46
CA LEU D 435 19.56 -32.10 27.26
C LEU D 435 20.48 -30.89 27.34
N TYR D 436 19.95 -29.76 27.80
CA TYR D 436 20.76 -28.55 27.88
C TYR D 436 21.91 -28.72 28.86
N ASP D 437 21.64 -29.29 30.04
CA ASP D 437 22.70 -29.49 31.01
C ASP D 437 23.74 -30.48 30.49
N SER D 438 23.29 -31.56 29.86
CA SER D 438 24.23 -32.56 29.35
C SER D 438 25.14 -31.97 28.28
N LEU D 439 24.59 -31.17 27.38
CA LEU D 439 25.43 -30.57 26.34
C LEU D 439 26.18 -29.33 26.82
N PHE D 440 25.84 -28.79 27.98
CA PHE D 440 26.52 -27.61 28.50
C PHE D 440 27.74 -27.99 29.35
N TRP D 441 27.58 -28.96 30.26
CA TRP D 441 28.67 -29.29 31.15
C TRP D 441 29.81 -30.02 30.46
N SER D 442 29.64 -30.46 29.22
CA SER D 442 30.70 -31.16 28.51
C SER D 442 30.97 -30.52 27.15
N ARG D 443 31.07 -29.18 27.12
CA ARG D 443 31.25 -28.48 25.86
C ARG D 443 32.66 -28.62 25.29
N ASN D 444 33.61 -29.15 26.06
CA ASN D 444 34.96 -29.34 25.56
C ASN D 444 35.17 -30.71 24.91
N GLN D 445 34.45 -31.72 25.37
CA GLN D 445 34.59 -33.06 24.83
C GLN D 445 34.01 -33.12 23.42
N PRO D 446 34.42 -34.12 22.62
CA PRO D 446 33.82 -34.27 21.28
C PRO D 446 32.34 -34.60 21.30
N GLU D 447 31.79 -35.06 22.43
CA GLU D 447 30.37 -35.33 22.55
C GLU D 447 29.55 -34.09 22.86
N GLY D 448 30.19 -32.95 23.05
CA GLY D 448 29.47 -31.75 23.44
C GLY D 448 28.80 -31.06 22.28
N GLY D 449 28.01 -30.04 22.62
CA GLY D 449 27.28 -29.30 21.60
C GLY D 449 28.19 -28.51 20.68
N ARG D 450 29.29 -27.97 21.20
CA ARG D 450 30.16 -27.13 20.39
C ARG D 450 30.80 -27.91 19.25
N GLU D 451 31.16 -29.17 19.49
CA GLU D 451 31.76 -30.00 18.46
C GLU D 451 30.73 -30.78 17.65
N ARG D 452 29.46 -30.75 18.03
CA ARG D 452 28.39 -31.37 17.28
C ARG D 452 27.06 -30.72 17.68
N PRO D 453 26.66 -29.64 17.01
CA PRO D 453 25.47 -28.91 17.45
C PRO D 453 24.21 -29.74 17.33
N LEU D 454 23.25 -29.45 18.21
CA LEU D 454 21.98 -30.15 18.27
C LEU D 454 20.85 -29.22 17.84
N LEU D 455 19.92 -29.76 17.06
CA LEU D 455 18.73 -29.02 16.63
C LEU D 455 17.50 -29.67 17.25
N VAL D 456 16.67 -28.85 17.89
CA VAL D 456 15.49 -29.33 18.61
C VAL D 456 14.25 -28.76 17.94
N VAL D 457 13.30 -29.63 17.63
CA VAL D 457 12.04 -29.25 16.98
C VAL D 457 10.92 -29.44 18.00
N LEU D 458 10.14 -28.38 18.21
CA LEU D 458 9.04 -28.40 19.17
C LEU D 458 7.73 -28.21 18.41
N GLU D 459 6.87 -29.21 18.43
CA GLU D 459 5.59 -29.15 17.74
C GLU D 459 4.53 -28.54 18.64
N GLU D 460 3.60 -27.82 18.01
CA GLU D 460 2.49 -27.15 18.70
C GLU D 460 3.00 -26.30 19.86
N ALA D 461 3.90 -25.38 19.53
CA ALA D 461 4.51 -24.51 20.53
C ALA D 461 3.53 -23.50 21.11
N HIS D 462 2.36 -23.33 20.52
CA HIS D 462 1.41 -22.34 21.01
C HIS D 462 0.68 -22.77 22.27
N THR D 463 0.75 -24.04 22.64
CA THR D 463 0.13 -24.52 23.87
C THR D 463 1.05 -24.45 25.07
N TYR D 464 2.34 -24.16 24.87
CA TYR D 464 3.30 -24.09 25.95
C TYR D 464 4.03 -22.76 26.04
N LEU D 465 4.08 -21.99 24.97
CA LEU D 465 4.77 -20.70 24.95
C LEU D 465 3.79 -19.53 25.01
N GLY D 466 2.75 -19.66 25.82
CA GLY D 466 1.79 -18.58 25.97
C GLY D 466 2.41 -17.35 26.59
N LYS D 467 1.68 -16.23 26.47
CA LYS D 467 2.19 -14.95 26.95
C LYS D 467 2.43 -14.98 28.46
N ASP D 468 1.60 -15.71 29.20
CA ASP D 468 1.68 -15.78 30.65
C ASP D 468 1.63 -17.21 31.14
N SER D 469 2.28 -18.12 30.42
CA SER D 469 2.33 -19.51 30.83
C SER D 469 3.11 -19.65 32.12
N ARG D 470 2.58 -20.45 33.05
CA ARG D 470 3.21 -20.69 34.33
C ARG D 470 3.93 -22.03 34.40
N GLY D 471 4.13 -22.68 33.26
CA GLY D 471 4.78 -23.98 33.22
C GLY D 471 6.29 -23.87 33.31
N ILE D 472 6.94 -25.00 33.02
CA ILE D 472 8.40 -25.08 33.09
C ILE D 472 8.98 -25.02 31.69
N ALA D 473 8.21 -25.51 30.70
CA ALA D 473 8.72 -25.59 29.33
C ALA D 473 9.08 -24.23 28.78
N ILE D 474 8.31 -23.19 29.12
CA ILE D 474 8.59 -21.86 28.59
C ILE D 474 9.95 -21.37 29.08
N ASP D 475 10.30 -21.68 30.33
CA ASP D 475 11.60 -21.28 30.85
C ASP D 475 12.74 -21.95 30.10
N GLY D 476 12.60 -23.26 29.83
CA GLY D 476 13.63 -23.96 29.08
C GLY D 476 13.75 -23.45 27.66
N VAL D 477 12.61 -23.18 27.00
CA VAL D 477 12.64 -22.67 25.64
C VAL D 477 13.30 -21.30 25.60
N ARG D 478 12.98 -20.44 26.57
CA ARG D 478 13.61 -19.13 26.63
C ARG D 478 15.12 -19.25 26.85
N LYS D 479 15.53 -20.17 27.75
CA LYS D 479 16.95 -20.37 27.99
C LYS D 479 17.67 -20.83 26.73
N ILE D 480 17.07 -21.78 26.00
CA ILE D 480 17.68 -22.23 24.75
C ILE D 480 17.78 -21.08 23.76
N VAL D 481 16.69 -20.32 23.60
CA VAL D 481 16.68 -19.24 22.62
C VAL D 481 17.76 -18.22 22.94
N LYS D 482 17.97 -17.93 24.21
CA LYS D 482 18.91 -16.89 24.60
C LYS D 482 20.34 -17.39 24.83
N GLU D 483 20.57 -18.71 24.83
CA GLU D 483 21.90 -19.20 25.15
C GLU D 483 22.46 -20.26 24.19
N GLY D 484 21.68 -20.79 23.26
CA GLY D 484 22.18 -21.86 22.41
C GLY D 484 23.11 -21.39 21.31
N ARG D 485 23.21 -20.09 21.07
CA ARG D 485 24.13 -19.59 20.05
C ARG D 485 25.57 -19.89 20.41
N LYS D 486 25.91 -19.87 21.70
CA LYS D 486 27.28 -20.11 22.14
C LYS D 486 27.59 -21.59 22.31
N TYR D 487 26.69 -22.36 22.91
CA TYR D 487 26.93 -23.77 23.17
C TYR D 487 26.44 -24.68 22.04
N GLY D 488 25.91 -24.10 20.96
CA GLY D 488 25.49 -24.89 19.83
C GLY D 488 24.26 -25.72 20.09
N ILE D 489 23.14 -25.07 20.39
CA ILE D 489 21.86 -25.74 20.59
C ILE D 489 20.81 -24.94 19.83
N GLY D 490 20.30 -25.51 18.75
CA GLY D 490 19.31 -24.83 17.93
C GLY D 490 17.90 -25.01 18.45
N MET D 491 16.96 -24.44 17.71
CA MET D 491 15.55 -24.53 18.05
C MET D 491 14.72 -24.28 16.80
N MET D 492 13.51 -24.84 16.78
CA MET D 492 12.62 -24.67 15.64
C MET D 492 11.20 -24.91 16.12
N LEU D 493 10.39 -23.85 16.14
CA LEU D 493 9.03 -23.92 16.64
C LEU D 493 8.07 -24.15 15.48
N VAL D 494 7.31 -25.23 15.54
CA VAL D 494 6.26 -25.53 14.57
C VAL D 494 4.93 -25.27 15.24
N SER D 495 4.13 -24.38 14.66
CA SER D 495 2.87 -23.98 15.26
C SER D 495 1.84 -23.72 14.18
N GLN D 496 0.61 -23.47 14.61
CA GLN D 496 -0.49 -23.13 13.72
C GLN D 496 -1.30 -21.94 14.19
N ARG D 497 -1.04 -21.43 15.39
CA ARG D 497 -1.72 -20.25 15.92
C ARG D 497 -0.67 -19.30 16.46
N PRO D 498 0.03 -18.58 15.57
CA PRO D 498 1.13 -17.71 16.04
C PRO D 498 0.68 -16.59 16.94
N SER D 499 -0.61 -16.24 16.96
CA SER D 499 -1.09 -15.18 17.84
C SER D 499 -1.03 -15.55 19.31
N GLU D 500 -0.82 -16.83 19.63
CA GLU D 500 -0.71 -17.27 21.02
C GLU D 500 0.73 -17.35 21.51
N ILE D 501 1.70 -17.53 20.62
CA ILE D 501 3.09 -17.57 21.01
C ILE D 501 3.52 -16.21 21.55
N ASP D 502 4.34 -16.22 22.59
CA ASP D 502 4.81 -14.98 23.18
C ASP D 502 5.57 -14.16 22.14
N SER D 503 5.29 -12.86 22.09
CA SER D 503 5.95 -11.99 21.14
C SER D 503 7.44 -11.89 21.43
N THR D 504 7.82 -11.82 22.71
CA THR D 504 9.22 -11.69 23.07
C THR D 504 10.03 -12.93 22.71
N ILE D 505 9.36 -14.06 22.49
CA ILE D 505 10.03 -15.28 22.06
C ILE D 505 10.04 -15.42 20.53
N LEU D 506 8.90 -15.14 19.90
CA LEU D 506 8.83 -15.22 18.44
C LEU D 506 9.70 -14.18 17.78
N SER D 507 9.92 -13.03 18.42
CA SER D 507 10.73 -11.98 17.82
C SER D 507 12.21 -12.37 17.75
N GLN D 508 12.66 -13.33 18.54
CA GLN D 508 14.05 -13.74 18.57
C GLN D 508 14.36 -14.87 17.61
N CYS D 509 13.37 -15.37 16.88
CA CYS D 509 13.60 -16.42 15.89
C CYS D 509 14.18 -15.80 14.62
N GLY D 510 15.32 -16.34 14.17
CA GLY D 510 16.01 -15.74 13.04
C GLY D 510 15.24 -15.83 11.74
N THR D 511 14.69 -17.00 11.44
CA THR D 511 14.07 -17.27 10.15
C THR D 511 12.63 -17.71 10.33
N LEU D 512 11.76 -17.24 9.45
CA LEU D 512 10.34 -17.61 9.45
C LEU D 512 9.97 -18.23 8.11
N PHE D 513 9.23 -19.34 8.18
CA PHE D 513 8.66 -19.98 7.00
C PHE D 513 7.15 -19.76 7.07
N ALA D 514 6.70 -18.63 6.55
CA ALA D 514 5.29 -18.25 6.63
C ALA D 514 4.52 -18.94 5.50
N LEU D 515 3.64 -19.86 5.85
CA LEU D 515 2.78 -20.51 4.88
C LEU D 515 1.45 -19.77 4.81
N ARG D 516 0.44 -20.37 4.18
CA ARG D 516 -0.86 -19.73 4.05
C ARG D 516 -1.48 -19.52 5.43
N MET D 517 -1.93 -18.29 5.68
CA MET D 517 -2.52 -17.90 6.95
C MET D 517 -3.86 -17.23 6.69
N ASN D 518 -4.90 -17.72 7.35
CA ASN D 518 -6.26 -17.31 7.02
C ASN D 518 -6.75 -16.13 7.86
N ASN D 519 -6.77 -16.29 9.18
CA ASN D 519 -7.31 -15.26 10.05
C ASN D 519 -6.35 -14.06 10.12
N SER D 520 -6.93 -12.91 10.46
CA SER D 520 -6.16 -11.67 10.46
C SER D 520 -5.23 -11.55 11.66
N SER D 521 -5.59 -12.17 12.80
CA SER D 521 -4.78 -12.03 14.00
C SER D 521 -3.39 -12.60 13.82
N ASP D 522 -3.29 -13.81 13.26
CA ASP D 522 -1.98 -14.42 13.05
C ASP D 522 -1.16 -13.63 12.06
N ARG D 523 -1.79 -13.15 10.97
CA ARG D 523 -1.07 -12.35 10.00
C ARG D 523 -0.52 -11.09 10.61
N ASN D 524 -1.34 -10.39 11.41
CA ASN D 524 -0.88 -9.16 12.05
C ASN D 524 0.25 -9.45 13.03
N HIS D 525 0.15 -10.53 13.79
CA HIS D 525 1.20 -10.87 14.75
C HIS D 525 2.51 -11.16 14.03
N VAL D 526 2.46 -11.93 12.93
CA VAL D 526 3.68 -12.26 12.21
C VAL D 526 4.26 -11.02 11.55
N LEU D 527 3.42 -10.16 10.97
CA LEU D 527 3.90 -8.92 10.37
C LEU D 527 4.57 -8.04 11.42
N GLY D 528 4.03 -8.03 12.64
CA GLY D 528 4.68 -7.29 13.71
C GLY D 528 5.95 -7.93 14.22
N ALA D 529 6.10 -9.24 14.03
CA ALA D 529 7.26 -9.98 14.50
C ALA D 529 8.24 -10.34 13.38
N VAL D 530 8.40 -9.46 12.40
CA VAL D 530 9.33 -9.67 11.30
C VAL D 530 10.27 -8.48 11.22
N SER D 531 11.47 -8.72 10.68
CA SER D 531 12.51 -7.70 10.63
C SER D 531 12.82 -7.21 9.21
N ASP D 532 12.44 -7.96 8.17
CA ASP D 532 12.74 -7.60 6.79
C ASP D 532 11.48 -7.84 5.98
N SER D 533 10.67 -6.79 5.84
CA SER D 533 9.37 -6.88 5.18
C SER D 533 9.42 -6.19 3.83
N PHE D 534 8.98 -6.90 2.79
CA PHE D 534 8.77 -6.32 1.46
C PHE D 534 7.26 -6.22 1.24
N GLU D 535 6.78 -4.98 1.03
CA GLU D 535 5.34 -4.78 0.93
C GLU D 535 4.74 -5.55 -0.24
N GLY D 536 5.53 -5.83 -1.27
CA GLY D 536 5.02 -6.64 -2.37
C GLY D 536 4.73 -8.07 -1.96
N LEU D 537 5.62 -8.66 -1.16
CA LEU D 537 5.52 -10.07 -0.83
C LEU D 537 4.58 -10.35 0.34
N MET D 538 4.58 -9.52 1.37
CA MET D 538 3.86 -9.85 2.59
C MET D 538 2.35 -9.81 2.40
N GLY D 539 1.87 -9.21 1.32
CA GLY D 539 0.44 -9.18 1.07
C GLY D 539 -0.15 -10.42 0.44
N MET D 540 0.69 -11.40 0.13
CA MET D 540 0.25 -12.65 -0.49
C MET D 540 0.02 -13.77 0.51
N LEU D 541 0.11 -13.48 1.81
CA LEU D 541 -0.04 -14.53 2.82
C LEU D 541 -1.38 -15.24 2.77
N PRO D 542 -2.53 -14.55 2.70
CA PRO D 542 -3.81 -15.29 2.72
C PRO D 542 -4.03 -16.18 1.51
N THR D 543 -3.31 -15.97 0.40
CA THR D 543 -3.56 -16.73 -0.81
C THR D 543 -2.32 -17.44 -1.32
N LEU D 544 -1.58 -18.10 -0.43
CA LEU D 544 -0.45 -18.92 -0.84
C LEU D 544 -0.94 -20.33 -1.16
N ARG D 545 -0.33 -20.93 -2.17
CA ARG D 545 -0.71 -22.28 -2.56
C ARG D 545 -0.32 -23.29 -1.48
N THR D 546 -0.92 -24.47 -1.54
CA THR D 546 -0.62 -25.54 -0.59
C THR D 546 0.78 -26.06 -0.87
N GLY D 547 1.72 -25.75 0.03
CA GLY D 547 3.10 -26.14 -0.11
C GLY D 547 4.06 -24.99 -0.30
N GLU D 548 3.58 -23.83 -0.73
CA GLU D 548 4.46 -22.68 -0.91
C GLU D 548 4.89 -22.13 0.44
N ALA D 549 5.96 -21.33 0.42
CA ALA D 549 6.50 -20.74 1.63
C ALA D 549 7.13 -19.40 1.28
N ILE D 550 7.28 -18.54 2.29
CA ILE D 550 7.92 -17.25 2.15
C ILE D 550 9.04 -17.20 3.19
N ILE D 551 10.25 -17.56 2.78
CA ILE D 551 11.37 -17.62 3.70
C ILE D 551 11.89 -16.20 3.95
N ILE D 552 11.89 -15.78 5.21
CA ILE D 552 12.32 -14.45 5.60
C ILE D 552 13.24 -14.57 6.81
N GLY D 553 14.32 -13.81 6.82
CA GLY D 553 15.19 -13.76 7.97
C GLY D 553 16.63 -13.58 7.56
N GLU D 554 17.52 -13.88 8.51
CA GLU D 554 18.95 -13.70 8.33
C GLU D 554 19.60 -14.84 7.56
N SER D 555 18.91 -15.96 7.37
CA SER D 555 19.48 -17.11 6.68
C SER D 555 19.39 -17.01 5.16
N VAL D 556 18.77 -15.95 4.63
CA VAL D 556 18.62 -15.77 3.20
C VAL D 556 19.09 -14.39 2.82
N ARG D 557 19.55 -14.24 1.58
CA ARG D 557 19.98 -12.93 1.09
C ARG D 557 18.78 -12.03 0.85
N LEU D 558 17.73 -12.56 0.22
CA LEU D 558 16.49 -11.85 0.00
C LEU D 558 15.32 -12.74 0.39
N PRO D 559 14.21 -12.14 0.83
CA PRO D 559 13.01 -12.94 1.10
C PRO D 559 12.37 -13.44 -0.18
N MET D 560 12.48 -14.73 -0.46
CA MET D 560 11.94 -15.30 -1.69
C MET D 560 10.69 -16.11 -1.40
N ARG D 561 9.88 -16.29 -2.44
CA ARG D 561 8.69 -17.12 -2.38
C ARG D 561 9.03 -18.50 -2.94
N THR D 562 9.16 -19.48 -2.06
CA THR D 562 9.74 -20.77 -2.38
C THR D 562 8.64 -21.82 -2.48
N ILE D 563 8.91 -22.88 -3.24
CA ILE D 563 8.05 -24.06 -3.35
C ILE D 563 8.88 -25.23 -2.84
N ILE D 564 8.60 -25.68 -1.62
CA ILE D 564 9.41 -26.72 -1.00
C ILE D 564 9.28 -28.01 -1.79
N SER D 565 10.42 -28.69 -1.99
CA SER D 565 10.41 -29.93 -2.73
C SER D 565 9.63 -31.01 -1.98
N PRO D 566 8.70 -31.70 -2.63
CA PRO D 566 7.93 -32.73 -1.92
C PRO D 566 8.80 -33.90 -1.54
N PRO D 567 8.50 -34.59 -0.45
CA PRO D 567 9.26 -35.78 -0.07
C PRO D 567 8.92 -36.95 -0.97
N PRO D 568 9.76 -37.98 -1.01
CA PRO D 568 9.47 -39.13 -1.87
C PRO D 568 8.19 -39.83 -1.46
N PHE D 569 7.51 -40.43 -2.44
CA PHE D 569 6.28 -41.16 -2.18
C PHE D 569 6.54 -42.33 -1.25
N GLY D 570 5.59 -42.59 -0.36
CA GLY D 570 5.76 -43.59 0.68
C GLY D 570 6.36 -43.05 1.96
N ARG D 571 6.82 -41.80 1.97
CA ARG D 571 7.36 -41.15 3.16
C ARG D 571 6.65 -39.80 3.29
N ARG D 572 5.49 -39.81 3.94
CA ARG D 572 4.68 -38.61 4.12
C ARG D 572 4.04 -38.70 5.50
N PRO D 573 4.17 -37.67 6.32
CA PRO D 573 3.64 -37.77 7.70
C PRO D 573 2.14 -37.91 7.72
N ASP D 574 1.67 -38.83 8.56
CA ASP D 574 0.23 -39.08 8.70
C ASP D 574 -0.01 -39.82 10.01
N SER D 575 -0.74 -39.19 10.92
CA SER D 575 -1.12 -39.86 12.16
C SER D 575 -2.17 -40.92 11.87
N LEU D 576 -2.09 -42.03 12.61
CA LEU D 576 -3.01 -43.15 12.40
C LEU D 576 -4.21 -43.04 13.35
N ASP D 577 -4.91 -41.92 13.23
CA ASP D 577 -6.12 -41.72 14.01
C ASP D 577 -7.23 -42.63 13.48
N PRO D 578 -8.19 -42.99 14.31
CA PRO D 578 -9.26 -43.90 13.87
C PRO D 578 -10.09 -43.27 12.74
N ASP D 579 -10.57 -44.14 11.85
CA ASP D 579 -11.39 -43.74 10.71
C ASP D 579 -12.85 -43.99 11.07
N VAL D 580 -13.61 -42.92 11.34
CA VAL D 580 -14.96 -43.09 11.84
C VAL D 580 -15.87 -43.65 10.74
N THR D 581 -15.66 -43.25 9.49
CA THR D 581 -16.57 -43.69 8.44
C THR D 581 -16.38 -45.18 8.11
N ALA D 582 -15.14 -45.65 8.07
CA ALA D 582 -14.90 -47.06 7.79
C ALA D 582 -15.38 -47.94 8.93
N LYS D 583 -15.12 -47.54 10.18
CA LYS D 583 -15.55 -48.34 11.31
C LYS D 583 -17.05 -48.27 11.51
N TRP D 584 -17.69 -47.17 11.11
CA TRP D 584 -19.13 -47.03 11.26
C TRP D 584 -19.90 -47.61 10.09
N SER D 585 -19.25 -47.89 8.97
CA SER D 585 -19.91 -48.56 7.85
C SER D 585 -19.94 -50.07 8.01
N ASN D 586 -19.19 -50.62 8.96
CA ASN D 586 -19.18 -52.05 9.18
C ASN D 586 -20.48 -52.50 9.85
N ASN D 587 -20.91 -53.71 9.53
CA ASN D 587 -22.08 -54.29 10.17
C ASN D 587 -21.78 -54.61 11.63
N ARG D 588 -22.78 -54.42 12.49
CA ARG D 588 -22.59 -54.64 13.91
C ARG D 588 -22.38 -56.11 14.22
N VAL D 589 -21.45 -56.39 15.13
CA VAL D 589 -21.15 -57.76 15.55
C VAL D 589 -21.52 -57.91 17.02
N GLN D 590 -21.75 -59.15 17.43
CA GLN D 590 -22.11 -59.42 18.82
C GLN D 590 -20.97 -59.01 19.75
N GLY D 591 -21.34 -58.48 20.91
CA GLY D 591 -20.35 -57.98 21.84
C GLY D 591 -20.23 -58.78 23.11
N ASP D 592 -19.10 -58.63 23.80
CA ASP D 592 -18.85 -59.30 25.08
C ASP D 592 -18.20 -58.28 26.00
N TYR D 593 -19.00 -57.67 26.86
CA TYR D 593 -18.51 -56.62 27.74
C TYR D 593 -17.99 -57.15 29.07
N LYS D 594 -18.13 -58.45 29.34
CA LYS D 594 -17.56 -59.02 30.55
C LYS D 594 -16.04 -58.90 30.55
N GLU D 595 -15.40 -59.17 29.41
CA GLU D 595 -13.96 -59.01 29.33
C GLU D 595 -13.57 -57.54 29.38
N VAL D 596 -14.43 -56.66 28.87
CA VAL D 596 -14.18 -55.22 29.00
C VAL D 596 -14.15 -54.82 30.47
N LEU D 597 -15.12 -55.30 31.25
CA LEU D 597 -15.13 -55.02 32.68
C LEU D 597 -13.92 -55.63 33.37
N THR D 598 -13.52 -56.83 32.96
CA THR D 598 -12.33 -57.45 33.54
C THR D 598 -11.08 -56.63 33.27
N LEU D 599 -10.92 -56.15 32.04
CA LEU D 599 -9.78 -55.31 31.70
C LEU D 599 -9.80 -54.00 32.48
N TRP D 600 -10.98 -53.40 32.62
CA TRP D 600 -11.10 -52.16 33.37
C TRP D 600 -10.72 -52.37 34.85
N ARG D 601 -11.19 -53.46 35.44
CA ARG D 601 -10.90 -53.74 36.84
C ARG D 601 -9.41 -54.04 37.05
N GLN D 602 -8.81 -54.84 36.16
CA GLN D 602 -7.43 -55.24 36.31
C GLN D 602 -6.44 -54.18 35.87
N LYS D 603 -6.90 -53.13 35.19
CA LYS D 603 -6.01 -52.11 34.61
C LYS D 603 -4.97 -52.75 33.70
N LYS D 604 -5.44 -53.60 32.79
CA LYS D 604 -4.58 -54.26 31.82
C LYS D 604 -5.11 -54.01 30.42
N VAL D 605 -4.19 -53.93 29.46
CA VAL D 605 -4.57 -53.63 28.08
C VAL D 605 -4.57 -54.87 27.18
N ARG D 606 -3.84 -55.92 27.54
CA ARG D 606 -3.75 -57.13 26.75
C ARG D 606 -4.59 -58.23 27.40
N SER D 607 -5.47 -58.85 26.62
CA SER D 607 -6.34 -59.89 27.14
C SER D 607 -5.54 -61.17 27.40
N GLN D 608 -6.23 -62.16 27.96
CA GLN D 608 -5.63 -63.44 28.29
C GLN D 608 -5.84 -64.48 27.20
N ARG D 609 -6.45 -64.12 26.08
CA ARG D 609 -6.73 -65.05 25.00
C ARG D 609 -5.75 -64.93 23.84
N ILE D 610 -4.67 -64.17 24.01
CA ILE D 610 -3.68 -63.98 22.96
C ILE D 610 -2.60 -65.05 23.09
N VAL D 611 -2.10 -65.52 21.94
CA VAL D 611 -1.00 -66.48 21.95
C VAL D 611 0.33 -65.74 22.06
N GLU D 612 1.34 -66.45 22.56
CA GLU D 612 2.59 -65.79 22.94
C GLU D 612 3.53 -65.58 21.75
N ASN D 613 3.96 -66.67 21.11
CA ASN D 613 5.06 -66.63 20.16
C ASN D 613 4.69 -67.30 18.86
N ILE D 614 3.53 -66.93 18.30
CA ILE D 614 3.12 -67.45 17.00
C ILE D 614 4.04 -66.88 15.92
N LYS D 615 4.43 -67.73 14.98
CA LYS D 615 5.28 -67.33 13.87
C LYS D 615 4.43 -67.00 12.65
N ARG D 616 4.99 -66.17 11.76
CA ARG D 616 4.31 -65.73 10.56
C ARG D 616 5.26 -65.80 9.37
N LEU D 617 4.68 -65.87 8.18
CA LEU D 617 5.42 -65.93 6.94
C LEU D 617 4.91 -64.87 5.97
N PRO D 618 5.79 -64.30 5.15
CA PRO D 618 5.36 -63.25 4.21
C PRO D 618 4.58 -63.81 3.03
N VAL D 619 4.08 -62.91 2.19
CA VAL D 619 3.32 -63.31 1.01
C VAL D 619 3.71 -62.46 -0.20
N SER D 636 -4.53 -51.63 3.80
CA SER D 636 -5.46 -52.38 2.95
C SER D 636 -4.85 -53.69 2.50
N ASN D 637 -3.61 -53.62 2.01
CA ASN D 637 -2.92 -54.83 1.56
C ASN D 637 -2.43 -55.66 2.75
N ILE D 638 -2.04 -56.89 2.45
CA ILE D 638 -1.56 -57.84 3.45
C ILE D 638 -0.08 -58.09 3.21
N LEU D 639 0.74 -57.88 4.24
CA LEU D 639 2.17 -58.09 4.14
C LEU D 639 2.65 -59.39 4.78
N SER D 640 1.80 -60.04 5.56
CA SER D 640 2.16 -61.31 6.19
C SER D 640 0.88 -62.03 6.62
N ILE D 641 0.94 -63.35 6.60
CA ILE D 641 -0.20 -64.18 6.99
C ILE D 641 0.35 -65.37 7.78
N GLY D 642 0.16 -65.35 9.10
CA GLY D 642 0.51 -66.48 9.93
C GLY D 642 -0.59 -67.52 9.98
N TYR D 643 -0.34 -68.58 10.74
CA TYR D 643 -1.33 -69.64 10.90
C TYR D 643 -0.98 -70.46 12.12
N GLU D 644 -1.97 -71.20 12.60
CA GLU D 644 -1.78 -72.13 13.72
C GLU D 644 -2.98 -73.06 13.77
N ALA D 645 -2.73 -74.37 13.76
CA ALA D 645 -3.79 -75.36 13.87
C ALA D 645 -4.02 -75.84 15.29
N ASP D 646 -3.13 -75.50 16.23
CA ASP D 646 -3.30 -75.94 17.61
C ASP D 646 -4.45 -75.21 18.28
N SER D 647 -4.50 -73.88 18.11
CA SER D 647 -5.55 -73.07 18.73
C SER D 647 -6.44 -72.37 17.72
N MET D 648 -6.16 -72.53 16.42
CA MET D 648 -6.97 -71.93 15.36
C MET D 648 -7.06 -70.42 15.51
N THR D 649 -5.92 -69.78 15.73
CA THR D 649 -5.82 -68.34 15.91
C THR D 649 -5.04 -67.76 14.73
N LEU D 650 -5.76 -67.43 13.66
CA LEU D 650 -5.13 -66.86 12.47
C LEU D 650 -4.62 -65.45 12.78
N GLU D 651 -3.45 -65.12 12.22
CA GLU D 651 -2.82 -63.83 12.43
C GLU D 651 -2.52 -63.19 11.08
N ILE D 652 -2.79 -61.90 10.96
CA ILE D 652 -2.53 -61.13 9.75
C ILE D 652 -1.76 -59.87 10.14
N GLU D 653 -0.80 -59.48 9.30
CA GLU D 653 -0.04 -58.27 9.50
C GLU D 653 -0.31 -57.32 8.33
N PHE D 654 -0.88 -56.16 8.63
CA PHE D 654 -1.21 -55.17 7.60
C PHE D 654 -0.05 -54.20 7.43
N ASN D 655 -0.28 -53.15 6.66
CA ASN D 655 0.73 -52.11 6.48
C ASN D 655 0.85 -51.26 7.76
N HIS D 656 1.97 -50.56 7.86
CA HIS D 656 2.26 -49.64 8.96
C HIS D 656 2.34 -50.36 10.32
N GLY D 657 2.54 -51.66 10.31
CA GLY D 657 2.73 -52.39 11.55
C GLY D 657 1.46 -52.82 12.26
N LEU D 658 0.33 -52.90 11.56
CA LEU D 658 -0.91 -53.34 12.16
C LEU D 658 -0.94 -54.87 12.26
N VAL D 659 -1.17 -55.37 13.46
CA VAL D 659 -1.20 -56.82 13.71
C VAL D 659 -2.53 -57.17 14.35
N TYR D 660 -3.20 -58.18 13.81
CA TYR D 660 -4.48 -58.65 14.32
C TYR D 660 -4.42 -60.15 14.54
N GLN D 661 -5.22 -60.63 15.49
CA GLN D 661 -5.24 -62.04 15.87
C GLN D 661 -6.69 -62.51 15.90
N TYR D 662 -7.19 -62.97 14.75
CA TYR D 662 -8.54 -63.48 14.68
C TYR D 662 -8.63 -64.84 15.38
N TYR D 663 -9.79 -65.10 15.98
CA TYR D 663 -9.98 -66.26 16.84
C TYR D 663 -10.99 -67.22 16.24
N ASP D 664 -10.78 -68.51 16.50
CA ASP D 664 -11.72 -69.58 16.12
C ASP D 664 -11.99 -69.58 14.62
N VAL D 665 -10.93 -69.84 13.85
CA VAL D 665 -10.98 -69.90 12.40
C VAL D 665 -10.70 -71.33 11.97
N PRO D 666 -11.47 -71.89 11.05
CA PRO D 666 -11.14 -73.23 10.54
C PRO D 666 -9.88 -73.22 9.70
N GLU D 667 -9.25 -74.40 9.61
CA GLU D 667 -8.03 -74.52 8.81
C GLU D 667 -8.31 -74.29 7.34
N THR D 668 -9.49 -74.71 6.86
CA THR D 668 -9.83 -74.54 5.46
C THR D 668 -9.81 -73.07 5.06
N LEU D 669 -10.28 -72.19 5.93
CA LEU D 669 -10.33 -70.77 5.62
C LEU D 669 -8.93 -70.21 5.37
N HIS D 670 -7.98 -70.53 6.25
CA HIS D 670 -6.65 -69.99 6.08
C HIS D 670 -5.90 -70.65 4.93
N THR D 671 -6.17 -71.93 4.67
CA THR D 671 -5.57 -72.58 3.50
C THR D 671 -6.07 -71.92 2.22
N GLU D 672 -7.38 -71.61 2.16
CA GLU D 672 -7.92 -70.91 1.00
C GLU D 672 -7.33 -69.50 0.90
N LEU D 673 -7.14 -68.84 2.03
CA LEU D 673 -6.52 -67.52 2.03
C LEU D 673 -5.11 -67.57 1.45
N LEU D 674 -4.33 -68.57 1.85
CA LEU D 674 -3.01 -68.77 1.26
C LEU D 674 -3.11 -69.16 -0.21
N ALA D 675 -4.18 -69.84 -0.62
CA ALA D 675 -4.36 -70.21 -2.01
C ALA D 675 -4.78 -69.04 -2.88
N ALA D 676 -5.53 -68.09 -2.31
CA ALA D 676 -5.99 -66.94 -3.09
C ALA D 676 -4.81 -66.10 -3.55
N GLU D 677 -4.93 -65.53 -4.75
CA GLU D 677 -3.85 -64.75 -5.33
C GLU D 677 -3.71 -63.40 -4.62
N SER D 678 -4.75 -62.57 -4.69
CA SER D 678 -4.67 -61.25 -4.07
C SER D 678 -4.78 -61.33 -2.56
N HIS D 679 -5.69 -62.18 -2.06
CA HIS D 679 -5.94 -62.43 -0.63
C HIS D 679 -6.50 -61.22 0.09
N GLY D 680 -6.69 -60.09 -0.59
CA GLY D 680 -7.26 -58.91 0.04
C GLY D 680 -8.77 -58.89 -0.04
N LYS D 681 -9.31 -59.03 -1.25
CA LYS D 681 -10.76 -59.03 -1.42
C LYS D 681 -11.39 -60.24 -0.71
N PHE D 682 -10.70 -61.38 -0.72
CA PHE D 682 -11.21 -62.55 -0.02
C PHE D 682 -11.30 -62.30 1.48
N PHE D 683 -10.34 -61.56 2.04
CA PHE D 683 -10.37 -61.24 3.46
C PHE D 683 -11.61 -60.44 3.82
N ASN D 684 -11.87 -59.36 3.08
CA ASN D 684 -13.09 -58.59 3.30
C ASN D 684 -14.34 -59.40 2.99
N SER D 685 -14.23 -60.41 2.13
CA SER D 685 -15.40 -61.20 1.77
C SER D 685 -15.79 -62.18 2.88
N GLN D 686 -14.80 -62.79 3.54
CA GLN D 686 -15.09 -63.89 4.44
C GLN D 686 -14.66 -63.66 5.88
N ILE D 687 -13.51 -63.05 6.13
CA ILE D 687 -12.95 -63.01 7.47
C ILE D 687 -13.11 -61.64 8.14
N LYS D 688 -13.44 -60.59 7.39
CA LYS D 688 -13.41 -59.24 7.95
C LYS D 688 -14.42 -59.07 9.08
N ASN D 689 -15.63 -59.60 8.90
CA ASN D 689 -16.73 -59.36 9.85
C ASN D 689 -17.42 -60.67 10.21
N ASN D 690 -16.62 -61.69 10.56
CA ASN D 690 -17.17 -62.98 10.94
C ASN D 690 -16.58 -63.56 12.22
N TYR D 691 -15.42 -63.12 12.68
CA TYR D 691 -14.76 -63.71 13.83
C TYR D 691 -14.35 -62.61 14.81
N ARG D 692 -14.44 -62.93 16.11
CA ARG D 692 -13.99 -62.01 17.13
C ARG D 692 -12.46 -61.97 17.16
N PHE D 693 -11.90 -60.77 17.21
CA PHE D 693 -10.46 -60.57 17.14
C PHE D 693 -10.00 -59.68 18.28
N SER D 694 -8.71 -59.41 18.32
CA SER D 694 -8.14 -58.51 19.32
C SER D 694 -6.79 -58.03 18.80
N ARG D 695 -6.69 -56.73 18.52
CA ARG D 695 -5.45 -56.17 18.02
C ARG D 695 -4.36 -56.22 19.08
N ILE D 696 -3.14 -56.54 18.66
CA ILE D 696 -2.00 -56.57 19.56
C ILE D 696 -0.95 -55.57 19.10
N GLU E 9 24.14 30.21 -22.28
CA GLU E 9 24.39 30.43 -20.86
C GLU E 9 25.67 29.74 -20.42
N ALA E 10 26.17 30.13 -19.25
CA ALA E 10 27.39 29.56 -18.71
C ALA E 10 27.15 28.12 -18.25
N SER E 11 28.24 27.40 -18.05
CA SER E 11 28.16 26.03 -17.55
C SER E 11 27.69 26.03 -16.10
N THR E 12 27.53 24.83 -15.55
CA THR E 12 26.99 24.64 -14.20
C THR E 12 25.64 25.36 -14.06
N TYR E 13 24.80 25.21 -15.07
CA TYR E 13 23.50 25.85 -15.11
C TYR E 13 22.42 24.79 -15.35
N ILE E 14 21.37 24.83 -14.53
CA ILE E 14 20.38 23.77 -14.51
C ILE E 14 19.05 24.27 -15.04
N GLY E 15 18.46 25.26 -14.37
CA GLY E 15 17.14 25.73 -14.75
C GLY E 15 16.82 27.12 -14.22
N THR E 16 15.57 27.31 -13.80
CA THR E 16 15.09 28.61 -13.35
C THR E 16 14.04 28.42 -12.27
N VAL E 17 14.13 29.22 -11.22
CA VAL E 17 13.12 29.18 -10.15
C VAL E 17 11.79 29.68 -10.71
N GLN E 18 10.73 28.92 -10.45
CA GLN E 18 9.39 29.30 -10.89
C GLN E 18 8.37 29.25 -9.77
N ASP E 19 8.80 29.04 -8.53
CA ASP E 19 7.89 29.02 -7.39
C ASP E 19 8.71 29.19 -6.11
N VAL E 20 8.03 29.66 -5.07
CA VAL E 20 8.65 29.80 -3.75
C VAL E 20 7.55 29.68 -2.70
N ASN E 21 7.83 28.94 -1.64
CA ASN E 21 6.87 28.71 -0.57
C ASN E 21 7.56 28.82 0.78
N GLY E 22 8.44 29.81 0.92
CA GLY E 22 9.16 29.99 2.17
C GLY E 22 10.44 29.18 2.24
N ALA E 23 10.31 27.86 2.26
CA ALA E 23 11.48 26.99 2.34
C ALA E 23 11.34 25.78 1.42
N ASN E 24 10.55 25.90 0.34
CA ASN E 24 10.34 24.81 -0.60
C ASN E 24 10.27 25.40 -2.00
N ILE E 25 11.40 25.42 -2.68
CA ILE E 25 11.50 25.95 -4.04
C ILE E 25 11.12 24.86 -5.03
N ARG E 26 10.41 25.25 -6.08
CA ARG E 26 10.10 24.38 -7.20
C ARG E 26 10.79 24.92 -8.44
N VAL E 27 11.61 24.09 -9.10
CA VAL E 27 12.49 24.52 -10.16
C VAL E 27 12.12 23.79 -11.44
N VAL E 28 12.32 24.46 -12.58
CA VAL E 28 11.99 23.91 -13.89
C VAL E 28 13.27 23.54 -14.61
N LEU E 29 13.37 22.29 -15.05
CA LEU E 29 14.47 21.88 -15.91
C LEU E 29 14.26 22.45 -17.31
N ASP E 30 15.36 22.88 -17.94
CA ASP E 30 15.25 23.63 -19.18
C ASP E 30 15.01 22.70 -20.37
N ILE E 31 14.88 23.32 -21.55
CA ILE E 31 14.44 22.61 -22.75
C ILE E 31 15.53 21.69 -23.29
N ASN E 32 16.80 21.97 -23.03
CA ASN E 32 17.89 21.16 -23.57
C ASN E 32 17.93 19.82 -22.85
N THR E 33 16.95 18.97 -23.12
CA THR E 33 16.78 17.70 -22.42
C THR E 33 17.57 16.60 -23.12
N ILE E 34 17.30 15.35 -22.71
CA ILE E 34 17.87 14.13 -23.29
C ILE E 34 19.35 14.02 -22.92
N SER E 35 20.00 15.16 -22.67
CA SER E 35 21.41 15.14 -22.31
C SER E 35 21.63 14.37 -21.01
N SER E 36 21.07 14.88 -19.91
CA SER E 36 21.13 14.24 -18.59
C SER E 36 22.56 13.95 -18.13
N LEU E 37 23.55 14.62 -18.70
CA LEU E 37 24.94 14.50 -18.25
C LEU E 37 25.52 15.82 -17.78
N LYS E 38 25.38 16.89 -18.56
CA LYS E 38 25.83 18.23 -18.18
C LYS E 38 27.29 18.22 -17.75
N PHE E 39 28.16 17.90 -18.71
CA PHE E 39 29.59 17.84 -18.44
C PHE E 39 30.11 19.20 -17.98
N VAL E 40 30.91 19.21 -16.92
CA VAL E 40 31.51 20.42 -16.37
C VAL E 40 33.00 20.14 -16.17
N ASP E 41 33.81 20.54 -17.15
CA ASP E 41 35.27 20.44 -17.06
C ASP E 41 35.71 19.03 -16.69
N GLY E 42 35.37 18.09 -17.56
CA GLY E 42 35.72 16.70 -17.33
C GLY E 42 34.56 15.86 -16.86
N GLN E 43 34.51 15.57 -15.55
CA GLN E 43 33.46 14.72 -15.02
C GLN E 43 32.10 15.36 -15.19
N GLY E 44 31.10 14.53 -15.47
CA GLY E 44 29.73 14.99 -15.66
C GLY E 44 28.83 14.47 -14.55
N TYR E 45 27.92 15.32 -14.10
CA TYR E 45 27.03 14.99 -12.99
C TYR E 45 25.60 14.87 -13.50
N ARG E 46 24.95 13.76 -13.17
CA ARG E 46 23.56 13.57 -13.58
C ARG E 46 22.68 14.68 -12.99
N ILE E 47 21.76 15.17 -13.80
CA ILE E 47 20.96 16.33 -13.43
C ILE E 47 19.77 15.88 -12.60
N GLY E 48 19.52 16.59 -11.51
CA GLY E 48 18.33 16.36 -10.70
C GLY E 48 18.27 15.02 -10.00
N GLN E 49 19.37 14.59 -9.39
CA GLN E 49 19.32 13.38 -8.59
C GLN E 49 18.77 13.70 -7.20
N ILE E 50 18.37 12.64 -6.49
CA ILE E 50 17.67 12.82 -5.22
C ILE E 50 18.59 13.47 -4.18
N GLY E 51 19.80 12.94 -4.03
CA GLY E 51 20.69 13.42 -3.00
C GLY E 51 21.55 14.61 -3.36
N SER E 52 21.50 15.07 -4.60
CA SER E 52 22.39 16.12 -5.05
C SER E 52 22.03 17.46 -4.43
N PHE E 53 23.01 18.35 -4.38
CA PHE E 53 22.84 19.73 -3.93
C PHE E 53 22.73 20.67 -5.12
N VAL E 54 22.15 21.84 -4.87
CA VAL E 54 22.05 22.90 -5.87
C VAL E 54 22.47 24.21 -5.23
N ARG E 55 22.80 25.19 -6.07
CA ARG E 55 23.25 26.49 -5.63
C ARG E 55 22.50 27.58 -6.39
N ILE E 56 21.96 28.54 -5.67
CA ILE E 56 21.21 29.66 -6.23
C ILE E 56 21.92 30.95 -5.87
N PRO E 57 22.67 31.54 -6.80
CA PRO E 57 23.40 32.79 -6.50
C PRO E 57 22.48 33.99 -6.59
N ILE E 58 22.43 34.79 -5.52
CA ILE E 58 21.65 36.02 -5.53
C ILE E 58 22.57 37.21 -5.37
N GLY E 59 23.02 37.76 -6.49
CA GLY E 59 23.83 38.97 -6.48
C GLY E 59 25.25 38.77 -6.04
N TYR E 60 25.47 38.50 -4.77
CA TYR E 60 26.81 38.36 -4.21
C TYR E 60 26.98 37.10 -3.39
N ILE E 61 25.92 36.64 -2.73
CA ILE E 61 25.99 35.43 -1.89
C ILE E 61 25.19 34.33 -2.57
N ASN E 62 25.50 33.09 -2.20
CA ASN E 62 24.89 31.93 -2.79
C ASN E 62 24.00 31.22 -1.78
N LEU E 63 22.90 30.65 -2.28
CA LEU E 63 21.97 29.86 -1.48
C LEU E 63 22.06 28.40 -1.90
N PHE E 64 22.26 27.52 -0.92
CA PHE E 64 22.35 26.10 -1.17
C PHE E 64 21.06 25.39 -0.78
N GLY E 65 20.84 24.23 -1.40
CA GLY E 65 19.65 23.46 -1.12
C GLY E 65 19.85 22.02 -1.53
N ILE E 66 18.98 21.16 -1.01
CA ILE E 66 19.07 19.72 -1.25
C ILE E 66 17.78 19.28 -1.94
N VAL E 67 17.92 18.51 -3.02
CA VAL E 67 16.77 18.00 -3.74
C VAL E 67 16.01 17.00 -2.87
N SER E 68 14.69 17.04 -2.94
CA SER E 68 13.86 16.11 -2.18
C SER E 68 12.91 15.31 -3.05
N GLN E 69 12.31 15.92 -4.07
CA GLN E 69 11.39 15.23 -4.96
C GLN E 69 11.73 15.56 -6.41
N VAL E 70 11.58 14.58 -7.28
CA VAL E 70 11.88 14.72 -8.70
C VAL E 70 10.74 14.13 -9.50
N GLY E 71 10.24 14.88 -10.48
CA GLY E 71 9.22 14.38 -11.37
C GLY E 71 7.85 15.00 -11.16
N ALA E 72 6.80 14.21 -11.37
CA ALA E 72 5.44 14.70 -11.27
C ALA E 72 5.06 15.13 -9.85
N GLY E 73 5.83 14.69 -8.85
CA GLY E 73 5.52 15.08 -7.47
C GLY E 73 5.88 16.51 -7.14
N ALA E 74 6.75 17.13 -7.94
CA ALA E 74 7.19 18.50 -7.67
C ALA E 74 6.46 19.54 -8.50
N VAL E 75 5.88 19.16 -9.64
CA VAL E 75 5.21 20.13 -10.50
C VAL E 75 3.97 20.67 -9.80
N PRO E 76 3.65 21.96 -9.92
CA PRO E 76 2.45 22.50 -9.27
C PRO E 76 1.15 21.97 -9.85
N ASP E 77 0.03 22.48 -9.35
CA ASP E 77 -1.28 21.93 -9.68
C ASP E 77 -1.68 22.26 -11.13
N LYS E 78 -1.74 23.55 -11.45
CA LYS E 78 -2.33 23.98 -12.72
C LYS E 78 -1.58 23.47 -13.93
N LEU E 79 -0.27 23.28 -13.84
CA LEU E 79 0.50 22.83 -14.99
C LEU E 79 0.10 21.41 -15.41
N LEU E 80 -0.19 20.55 -14.44
CA LEU E 80 -0.64 19.19 -14.76
C LEU E 80 -1.95 19.21 -15.52
N GLU E 81 -2.88 20.07 -15.11
CA GLU E 81 -4.12 20.23 -15.86
C GLU E 81 -3.86 20.79 -17.25
N VAL E 82 -2.91 21.72 -17.36
CA VAL E 82 -2.54 22.26 -18.67
C VAL E 82 -1.95 21.18 -19.55
N GLU E 83 -0.99 20.41 -19.01
CA GLU E 83 -0.39 19.32 -19.75
C GLU E 83 0.10 18.23 -18.80
N PRO E 84 -0.47 17.03 -18.86
CA PRO E 84 -0.03 15.94 -17.98
C PRO E 84 1.16 15.16 -18.52
N TYR E 85 1.64 15.46 -19.73
CA TYR E 85 2.73 14.72 -20.33
C TYR E 85 4.10 15.32 -20.02
N GLY E 86 4.15 16.44 -19.30
CA GLY E 86 5.40 17.08 -18.99
C GLY E 86 5.74 17.07 -17.51
N HIS E 87 6.79 16.33 -17.14
CA HIS E 87 7.27 16.25 -15.77
C HIS E 87 8.76 16.53 -15.77
N ARG E 88 9.12 17.82 -15.69
CA ARG E 88 10.51 18.26 -15.66
C ARG E 88 10.72 19.24 -14.52
N TRP E 89 10.09 18.98 -13.38
CA TRP E 89 10.18 19.85 -12.22
C TRP E 89 10.84 19.09 -11.06
N ILE E 90 11.59 19.82 -10.24
CA ILE E 90 12.23 19.27 -9.06
C ILE E 90 11.85 20.13 -7.86
N SER E 91 11.94 19.53 -6.68
CA SER E 91 11.58 20.19 -5.42
C SER E 91 12.84 20.34 -4.59
N VAL E 92 13.32 21.57 -4.47
CA VAL E 92 14.54 21.88 -3.72
C VAL E 92 14.15 22.43 -2.36
N GLN E 93 14.77 21.89 -1.31
CA GLN E 93 14.55 22.34 0.06
C GLN E 93 15.80 23.04 0.56
N LEU E 94 15.64 24.26 1.08
CA LEU E 94 16.79 25.06 1.47
C LEU E 94 17.49 24.47 2.68
N VAL E 95 18.81 24.69 2.75
CA VAL E 95 19.61 24.19 3.84
C VAL E 95 20.38 25.33 4.49
N GLY E 96 21.16 26.05 3.69
CA GLY E 96 21.98 27.12 4.20
C GLY E 96 22.43 28.04 3.11
N GLU E 97 23.41 28.89 3.44
CA GLU E 97 23.92 29.87 2.48
C GLU E 97 25.39 30.15 2.79
N GLU E 98 26.08 30.68 1.80
CA GLU E 98 27.49 31.04 1.91
C GLU E 98 27.60 32.57 1.88
N GLY E 99 28.24 33.14 2.90
CA GLY E 99 28.35 34.57 3.05
C GLY E 99 29.34 35.19 2.10
N ILE E 100 29.95 36.29 2.54
CA ILE E 100 30.93 37.02 1.71
C ILE E 100 32.28 36.38 1.99
N LYS E 101 32.53 35.25 1.33
CA LYS E 101 33.80 34.52 1.39
C LYS E 101 34.21 34.15 2.81
N LYS E 102 33.28 34.20 3.76
CA LYS E 102 33.64 33.89 5.15
C LYS E 102 33.64 32.39 5.41
N GLU E 103 32.47 31.77 5.29
CA GLU E 103 32.30 30.34 5.57
C GLU E 103 30.91 29.94 5.09
N PHE E 104 30.51 28.71 5.40
CA PHE E 104 29.15 28.23 5.17
C PHE E 104 28.45 28.13 6.52
N GLU E 105 27.33 28.84 6.66
CA GLU E 105 26.56 28.86 7.89
C GLU E 105 25.11 28.51 7.61
N ARG E 106 24.48 27.81 8.54
CA ARG E 106 23.08 27.47 8.40
C ARG E 106 22.20 28.72 8.57
N GLY E 107 21.02 28.67 7.99
CA GLY E 107 20.09 29.79 8.08
C GLY E 107 20.24 30.77 6.95
N VAL E 108 19.18 30.98 6.19
CA VAL E 108 19.20 31.88 5.04
C VAL E 108 18.99 33.31 5.51
N SER E 109 19.26 34.26 4.62
CA SER E 109 19.09 35.68 4.90
C SER E 109 17.97 36.29 4.06
N GLN E 110 18.05 36.16 2.73
CA GLN E 110 17.02 36.66 1.83
C GLN E 110 16.65 35.57 0.85
N TYR E 111 15.36 35.30 0.73
CA TYR E 111 14.87 34.24 -0.14
C TYR E 111 14.89 34.69 -1.60
N PRO E 112 15.04 33.75 -2.53
CA PRO E 112 15.10 34.12 -3.94
C PRO E 112 13.74 34.50 -4.50
N THR E 113 13.76 35.04 -5.71
CA THR E 113 12.57 35.49 -6.43
C THR E 113 12.42 34.70 -7.72
N ILE E 114 11.28 34.89 -8.38
CA ILE E 114 11.00 34.21 -9.63
C ILE E 114 11.98 34.68 -10.70
N GLY E 115 12.40 33.77 -11.57
CA GLY E 115 13.31 34.09 -12.65
C GLY E 115 14.78 33.96 -12.30
N ASP E 116 15.11 33.56 -11.07
CA ASP E 116 16.50 33.43 -10.67
C ASP E 116 17.15 32.23 -11.34
N LYS E 117 18.47 32.14 -11.22
CA LYS E 117 19.26 31.08 -11.81
C LYS E 117 19.66 30.07 -10.74
N VAL E 118 19.45 28.79 -11.03
CA VAL E 118 19.89 27.70 -10.17
C VAL E 118 21.09 27.03 -10.82
N HIS E 119 22.07 26.67 -10.00
CA HIS E 119 23.32 26.11 -10.50
C HIS E 119 23.61 24.80 -9.80
N ILE E 120 24.25 23.90 -10.53
CA ILE E 120 24.69 22.62 -9.98
C ILE E 120 25.92 22.86 -9.14
N VAL E 121 26.14 21.98 -8.16
CA VAL E 121 27.27 22.09 -7.26
C VAL E 121 28.42 21.24 -7.79
N THR E 122 29.61 21.81 -7.85
CA THR E 122 30.79 21.11 -8.31
C THR E 122 31.63 20.67 -7.10
N GLU E 123 32.46 19.67 -7.31
CA GLU E 123 33.23 19.08 -6.22
C GLU E 123 34.04 20.10 -5.41
N PRO E 124 34.71 21.10 -5.99
CA PRO E 124 35.33 22.13 -5.16
C PRO E 124 34.35 22.82 -4.22
N ASP E 125 33.13 23.10 -4.69
CA ASP E 125 32.14 23.70 -3.81
C ASP E 125 31.69 22.74 -2.73
N LEU E 126 31.63 21.44 -3.04
CA LEU E 126 31.33 20.45 -2.01
C LEU E 126 32.41 20.42 -0.95
N LYS E 127 33.68 20.53 -1.36
CA LYS E 127 34.76 20.65 -0.38
C LYS E 127 34.60 21.92 0.45
N LYS E 128 34.21 23.01 -0.18
CA LYS E 128 33.98 24.25 0.56
C LYS E 128 32.87 24.09 1.59
N ILE E 129 31.86 23.27 1.28
CA ILE E 129 30.74 23.09 2.19
C ILE E 129 31.12 22.15 3.33
N TYR E 130 31.63 20.97 3.00
CA TYR E 130 31.93 19.94 3.98
C TYR E 130 33.30 20.12 4.64
N GLY E 131 34.07 21.13 4.26
CA GLY E 131 35.37 21.39 4.83
C GLY E 131 35.29 22.48 5.89
N THR E 132 35.99 22.26 7.00
CA THR E 132 36.00 23.22 8.08
C THR E 132 37.39 23.24 8.71
N GLN E 133 37.75 24.40 9.27
CA GLN E 133 39.07 24.59 9.85
C GLN E 133 39.14 24.27 11.33
N ASN E 134 38.02 23.92 11.96
CA ASN E 134 38.03 23.59 13.37
C ASN E 134 38.83 22.33 13.63
N LYS E 135 39.62 22.35 14.71
CA LYS E 135 40.51 21.25 15.04
C LYS E 135 39.83 20.14 15.82
N LYS E 136 38.65 20.39 16.39
CA LYS E 136 37.94 19.34 17.11
C LYS E 136 37.46 18.24 16.17
N TYR E 137 37.05 18.60 14.97
CA TYR E 137 36.48 17.64 14.04
C TYR E 137 37.53 16.65 13.56
N ILE E 138 37.14 15.38 13.45
CA ILE E 138 38.02 14.32 13.02
C ILE E 138 37.35 13.56 11.87
N SER E 139 38.16 12.96 11.02
CA SER E 139 37.67 12.30 9.82
C SER E 139 37.26 10.87 10.13
N LEU E 140 36.03 10.51 9.74
CA LEU E 140 35.52 9.15 9.91
C LEU E 140 35.30 8.42 8.59
N GLY E 141 35.30 9.11 7.47
CA GLY E 141 35.07 8.46 6.20
C GLY E 141 35.03 9.46 5.07
N ASN E 142 34.37 9.07 3.98
CA ASN E 142 34.27 9.89 2.79
C ASN E 142 32.82 9.97 2.35
N ILE E 143 32.50 11.03 1.59
CA ILE E 143 31.15 11.21 1.09
C ILE E 143 30.84 10.15 0.04
N ALA E 144 29.56 9.84 -0.12
CA ALA E 144 29.15 8.80 -1.06
C ALA E 144 29.47 9.19 -2.50
N SER E 145 29.29 10.46 -2.85
CA SER E 145 29.51 10.91 -4.22
C SER E 145 30.96 10.71 -4.63
N VAL E 146 31.88 11.41 -3.98
CA VAL E 146 33.31 11.34 -4.27
C VAL E 146 34.05 11.01 -3.00
N ASP E 147 35.07 10.16 -3.11
CA ASP E 147 35.85 9.72 -1.97
C ASP E 147 36.92 10.72 -1.55
N SER E 148 37.16 11.76 -2.34
CA SER E 148 38.19 12.73 -1.99
C SER E 148 37.83 13.50 -0.72
N ILE E 149 36.57 13.88 -0.58
CA ILE E 149 36.16 14.70 0.56
C ILE E 149 36.14 13.84 1.82
N PRO E 150 36.72 14.29 2.92
CA PRO E 150 36.64 13.54 4.17
C PRO E 150 35.40 13.90 4.96
N ALA E 151 34.95 12.95 5.77
CA ALA E 151 33.76 13.12 6.61
C ALA E 151 34.20 13.59 7.98
N LEU E 152 34.15 14.89 8.21
CA LEU E 152 34.58 15.49 9.47
C LEU E 152 33.43 15.49 10.46
N VAL E 153 33.65 14.89 11.63
CA VAL E 153 32.64 14.77 12.67
C VAL E 153 33.25 15.26 13.98
N ASN E 154 32.48 16.07 14.71
CA ASN E 154 32.92 16.51 16.03
C ASN E 154 33.04 15.31 16.96
N ILE E 155 34.04 15.34 17.84
CA ILE E 155 34.33 14.23 18.73
C ILE E 155 33.95 14.53 20.17
N ASP E 156 34.17 15.76 20.64
CA ASP E 156 33.84 16.08 22.01
C ASP E 156 32.33 16.06 22.24
N THR E 157 31.57 16.72 21.36
CA THR E 157 30.13 16.70 21.50
C THR E 157 29.55 15.31 21.27
N LEU E 158 30.17 14.53 20.38
CA LEU E 158 29.72 13.17 20.16
C LEU E 158 29.81 12.33 21.43
N VAL E 159 30.93 12.46 22.15
CA VAL E 159 31.10 11.72 23.40
C VAL E 159 30.18 12.28 24.49
N THR E 160 30.10 13.61 24.60
CA THR E 160 29.43 14.21 25.75
C THR E 160 27.93 14.41 25.56
N ARG E 161 27.47 14.76 24.36
CA ARG E 161 26.04 15.03 24.20
C ARG E 161 25.23 13.74 24.31
N HIS E 162 25.39 12.84 23.32
CA HIS E 162 25.05 11.42 23.34
C HIS E 162 25.35 10.86 21.96
N SER E 163 25.20 9.54 21.82
CA SER E 163 25.38 8.88 20.55
C SER E 163 24.39 7.72 20.44
N ALA E 164 24.35 7.11 19.26
CA ALA E 164 23.51 5.96 18.98
C ALA E 164 23.89 5.39 17.62
N VAL E 165 23.77 4.07 17.48
CA VAL E 165 24.05 3.37 16.24
C VAL E 165 22.87 2.44 15.96
N LEU E 166 22.07 2.77 14.96
CA LEU E 166 20.85 2.03 14.63
C LEU E 166 20.96 1.51 13.21
N GLY E 167 20.70 0.22 13.03
CA GLY E 167 20.76 -0.36 11.70
C GLY E 167 20.43 -1.83 11.74
N SER E 168 20.17 -2.39 10.56
CA SER E 168 19.83 -3.79 10.43
C SER E 168 21.06 -4.67 10.70
N THR E 169 20.79 -5.94 10.98
CA THR E 169 21.87 -6.87 11.29
C THR E 169 22.69 -7.21 10.05
N GLY E 170 22.10 -7.12 8.87
CA GLY E 170 22.83 -7.39 7.64
C GLY E 170 23.63 -6.23 7.11
N SER E 171 23.56 -5.07 7.76
CA SER E 171 24.25 -3.87 7.30
C SER E 171 25.64 -3.73 7.91
N GLY E 172 26.11 -4.71 8.66
CA GLY E 172 27.45 -4.67 9.23
C GLY E 172 27.66 -3.56 10.23
N LYS E 173 26.73 -3.40 11.17
CA LYS E 173 26.88 -2.38 12.19
C LYS E 173 28.05 -2.68 13.13
N SER E 174 28.39 -3.96 13.31
CA SER E 174 29.51 -4.31 14.16
C SER E 174 30.82 -3.76 13.60
N THR E 175 31.02 -3.88 12.29
CA THR E 175 32.23 -3.35 11.68
C THR E 175 32.30 -1.83 11.80
N THR E 176 31.17 -1.16 11.62
CA THR E 176 31.14 0.29 11.76
C THR E 176 31.46 0.72 13.18
N VAL E 177 30.89 0.02 14.17
CA VAL E 177 31.18 0.34 15.57
C VAL E 177 32.66 0.11 15.88
N THR E 178 33.22 -1.00 15.38
CA THR E 178 34.63 -1.27 15.59
C THR E 178 35.50 -0.18 14.98
N SER E 179 35.17 0.25 13.76
CA SER E 179 35.93 1.31 13.11
C SER E 179 35.85 2.61 13.89
N ILE E 180 34.64 2.96 14.37
CA ILE E 180 34.47 4.20 15.12
C ILE E 180 35.29 4.16 16.40
N LEU E 181 35.24 3.03 17.12
CA LEU E 181 35.99 2.92 18.37
C LEU E 181 37.49 2.96 18.11
N GLN E 182 37.94 2.32 17.04
CA GLN E 182 39.37 2.34 16.71
C GLN E 182 39.84 3.76 16.36
N ARG E 183 39.01 4.49 15.60
CA ARG E 183 39.41 5.85 15.21
C ARG E 183 39.39 6.79 16.41
N ILE E 184 38.40 6.65 17.29
CA ILE E 184 38.30 7.53 18.46
C ILE E 184 39.49 7.30 19.39
N SER E 185 39.87 6.05 19.61
CA SER E 185 40.89 5.69 20.58
C SER E 185 42.27 5.57 19.98
N ASP E 186 42.58 6.35 18.93
CA ASP E 186 43.91 6.32 18.34
C ASP E 186 44.93 6.86 19.34
N MET E 187 46.01 6.10 19.54
CA MET E 187 47.00 6.48 20.56
C MET E 187 47.79 7.71 20.14
N SER E 188 48.06 7.89 18.84
CA SER E 188 48.89 9.00 18.41
C SER E 188 48.23 10.34 18.71
N GLN E 189 46.93 10.46 18.47
CA GLN E 189 46.22 11.71 18.68
C GLN E 189 45.49 11.79 20.01
N PHE E 190 45.01 10.66 20.53
CA PHE E 190 44.28 10.61 21.79
C PHE E 190 44.91 9.55 22.68
N PRO E 191 46.02 9.87 23.35
CA PRO E 191 46.69 8.90 24.20
C PRO E 191 46.04 8.68 25.55
N SER E 192 44.94 9.36 25.85
CA SER E 192 44.26 9.27 27.13
C SER E 192 42.80 8.87 26.95
N ALA E 193 42.51 8.06 25.93
CA ALA E 193 41.16 7.61 25.69
C ALA E 193 40.71 6.63 26.77
N ARG E 194 39.43 6.69 27.12
CA ARG E 194 38.85 5.82 28.15
C ARG E 194 37.47 5.38 27.66
N ILE E 195 37.38 4.12 27.22
CA ILE E 195 36.16 3.57 26.64
C ILE E 195 35.84 2.25 27.33
N ILE E 196 34.57 2.07 27.70
CA ILE E 196 34.07 0.84 28.30
C ILE E 196 33.01 0.26 27.39
N VAL E 197 33.16 -1.02 27.06
CA VAL E 197 32.25 -1.71 26.14
C VAL E 197 31.60 -2.87 26.88
N PHE E 198 30.26 -2.86 26.92
CA PHE E 198 29.50 -3.98 27.46
C PHE E 198 29.07 -4.91 26.32
N ASP E 199 30.06 -5.64 25.80
CA ASP E 199 29.77 -6.68 24.82
C ASP E 199 28.88 -7.74 25.44
N ILE E 200 27.89 -8.19 24.67
CA ILE E 200 26.95 -9.21 25.11
C ILE E 200 27.21 -10.54 24.42
N HIS E 201 27.35 -10.52 23.10
CA HIS E 201 27.63 -11.74 22.35
C HIS E 201 29.12 -12.05 22.26
N GLY E 202 29.98 -11.18 22.76
CA GLY E 202 31.41 -11.44 22.75
C GLY E 202 32.00 -11.53 21.36
N GLU E 203 31.64 -10.60 20.47
CA GLU E 203 32.13 -10.60 19.11
C GLU E 203 33.17 -9.51 18.85
N TYR E 204 33.49 -8.68 19.84
CA TYR E 204 34.47 -7.62 19.68
C TYR E 204 35.87 -8.01 20.14
N ALA E 205 36.02 -9.13 20.87
CA ALA E 205 37.32 -9.51 21.37
C ALA E 205 38.30 -9.80 20.24
N ALA E 206 37.81 -10.29 19.10
CA ALA E 206 38.69 -10.60 17.99
C ALA E 206 39.17 -9.34 17.27
N ALA E 207 38.38 -8.27 17.32
CA ALA E 207 38.74 -7.05 16.61
C ALA E 207 40.00 -6.42 17.21
N PHE E 208 40.09 -6.36 18.52
CA PHE E 208 41.23 -5.77 19.21
C PHE E 208 42.09 -6.90 19.76
N LYS E 209 43.07 -7.33 18.97
CA LYS E 209 43.89 -8.47 19.35
C LYS E 209 44.73 -8.16 20.58
N GLY E 210 45.43 -7.02 20.58
CA GLY E 210 46.29 -6.68 21.69
C GLY E 210 46.15 -5.25 22.16
N LYS E 211 45.15 -4.53 21.63
CA LYS E 211 44.95 -3.13 21.95
C LYS E 211 43.96 -2.91 23.08
N ALA E 212 43.42 -3.97 23.68
CA ALA E 212 42.40 -3.82 24.70
C ALA E 212 42.48 -4.96 25.71
N LYS E 213 41.92 -4.72 26.88
CA LYS E 213 41.83 -5.74 27.92
C LYS E 213 40.47 -6.41 27.84
N VAL E 214 40.46 -7.75 27.82
CA VAL E 214 39.24 -8.53 27.68
C VAL E 214 38.98 -9.24 29.00
N TYR E 215 37.77 -9.07 29.53
CA TYR E 215 37.35 -9.72 30.77
C TYR E 215 36.26 -10.73 30.43
N LYS E 216 36.66 -11.98 30.26
CA LYS E 216 35.72 -13.08 30.04
C LYS E 216 35.28 -13.64 31.40
N VAL E 217 34.60 -14.79 31.36
CA VAL E 217 34.14 -15.43 32.59
C VAL E 217 34.92 -16.73 32.75
N THR E 218 35.32 -17.33 31.63
CA THR E 218 36.10 -18.56 31.62
C THR E 218 37.34 -18.33 30.77
N PRO E 219 38.32 -17.60 31.29
CA PRO E 219 39.55 -17.34 30.53
C PRO E 219 40.31 -18.64 30.28
N SER E 220 40.97 -18.70 29.12
CA SER E 220 41.69 -19.90 28.72
C SER E 220 43.19 -19.66 28.57
N ASN E 221 43.60 -18.66 27.77
CA ASN E 221 45.00 -18.47 27.44
C ASN E 221 45.58 -17.19 27.99
N ASN E 222 45.02 -16.03 27.65
CA ASN E 222 45.61 -14.75 28.04
C ASN E 222 44.59 -13.69 28.46
N GLU E 223 43.31 -14.02 28.52
CA GLU E 223 42.30 -13.05 28.90
C GLU E 223 42.16 -12.99 30.42
N LEU E 224 41.80 -11.81 30.92
CA LEU E 224 41.58 -11.66 32.35
C LEU E 224 40.23 -12.26 32.73
N LYS E 225 39.95 -12.26 34.03
CA LYS E 225 38.74 -12.88 34.57
C LYS E 225 37.86 -11.81 35.20
N LEU E 226 36.62 -11.73 34.76
CA LEU E 226 35.66 -10.82 35.35
C LEU E 226 35.30 -11.28 36.77
N SER E 227 35.16 -10.32 37.68
CA SER E 227 34.87 -10.63 39.07
C SER E 227 34.11 -9.48 39.70
N ILE E 228 32.93 -9.76 40.21
CA ILE E 228 32.09 -8.78 40.88
C ILE E 228 31.92 -9.20 42.33
N PRO E 229 32.65 -8.58 43.25
CA PRO E 229 32.47 -8.91 44.67
C PRO E 229 31.04 -8.62 45.14
N TYR E 230 30.52 -9.50 45.98
CA TYR E 230 29.13 -9.37 46.41
C TYR E 230 28.96 -8.27 47.46
N TRP E 231 29.99 -7.98 48.25
CA TRP E 231 29.86 -6.96 49.27
C TRP E 231 29.84 -5.55 48.70
N ALA E 232 30.29 -5.35 47.46
CA ALA E 232 30.15 -4.05 46.81
C ALA E 232 28.71 -3.75 46.42
N LEU E 233 27.82 -4.73 46.52
CA LEU E 233 26.41 -4.54 46.21
C LEU E 233 25.74 -3.71 47.30
N THR E 234 24.62 -3.08 46.95
CA THR E 234 23.74 -2.50 47.94
C THR E 234 22.78 -3.58 48.43
N CYS E 235 21.93 -3.23 49.39
CA CYS E 235 21.08 -4.24 50.02
C CYS E 235 20.00 -4.74 49.07
N ASP E 236 19.30 -3.82 48.39
CA ASP E 236 18.15 -4.20 47.59
C ASP E 236 18.54 -5.06 46.40
N GLU E 237 19.57 -4.65 45.66
CA GLU E 237 19.99 -5.44 44.51
C GLU E 237 20.61 -6.76 44.92
N PHE E 238 21.30 -6.79 46.05
CA PHE E 238 21.84 -8.06 46.55
C PHE E 238 20.70 -9.02 46.89
N LEU E 239 19.65 -8.52 47.55
CA LEU E 239 18.49 -9.37 47.85
C LEU E 239 17.82 -9.84 46.56
N SER E 240 17.69 -8.96 45.58
CA SER E 240 17.07 -9.34 44.31
C SER E 240 17.87 -10.42 43.61
N VAL E 241 19.20 -10.30 43.60
CA VAL E 241 20.05 -11.27 42.92
C VAL E 241 20.02 -12.60 43.65
N ALA E 242 20.15 -12.57 44.98
CA ALA E 242 20.33 -13.81 45.74
C ALA E 242 18.99 -14.42 46.14
N PHE E 243 18.18 -13.67 46.88
CA PHE E 243 17.00 -14.23 47.51
C PHE E 243 15.73 -14.13 46.67
N GLY E 244 15.81 -13.51 45.49
CA GLY E 244 14.67 -13.47 44.60
C GLY E 244 13.55 -12.54 45.01
N GLY E 245 13.83 -11.56 45.88
CA GLY E 245 12.85 -10.55 46.21
C GLY E 245 11.88 -10.91 47.32
N LEU E 246 12.41 -11.22 48.50
CA LEU E 246 11.56 -11.45 49.67
C LEU E 246 10.83 -10.16 50.06
N GLU E 247 9.60 -10.33 50.55
CA GLU E 247 8.78 -9.20 50.94
C GLU E 247 8.31 -9.25 52.39
N GLY E 248 8.55 -10.33 53.11
CA GLY E 248 8.14 -10.46 54.49
C GLY E 248 9.18 -9.93 55.46
N SER E 249 9.01 -10.31 56.73
CA SER E 249 9.96 -9.91 57.76
C SER E 249 11.32 -10.56 57.59
N GLY E 250 11.43 -11.58 56.73
CA GLY E 250 12.73 -12.15 56.43
C GLY E 250 13.69 -11.13 55.83
N ARG E 251 13.18 -10.21 55.02
CA ARG E 251 14.01 -9.13 54.53
C ARG E 251 14.57 -8.30 55.68
N ASN E 252 13.73 -7.98 56.66
CA ASN E 252 14.20 -7.23 57.81
C ASN E 252 15.25 -8.01 58.59
N ALA E 253 15.03 -9.31 58.77
CA ALA E 253 16.00 -10.13 59.50
C ALA E 253 17.34 -10.17 58.77
N LEU E 254 17.31 -10.34 57.45
CA LEU E 254 18.55 -10.34 56.68
C LEU E 254 19.26 -8.99 56.77
N ILE E 255 18.50 -7.90 56.68
CA ILE E 255 19.11 -6.58 56.80
C ILE E 255 19.76 -6.40 58.17
N ASP E 256 19.07 -6.84 59.23
CA ASP E 256 19.62 -6.71 60.57
C ASP E 256 20.89 -7.54 60.73
N LYS E 257 20.90 -8.77 60.21
CA LYS E 257 22.08 -9.60 60.36
C LYS E 257 23.25 -9.07 59.53
N ILE E 258 22.96 -8.52 58.35
CA ILE E 258 24.01 -7.88 57.56
C ILE E 258 24.57 -6.68 58.31
N TYR E 259 23.70 -5.91 58.96
CA TYR E 259 24.17 -4.78 59.78
C TYR E 259 25.06 -5.27 60.91
N GLU E 260 24.68 -6.38 61.56
CA GLU E 260 25.49 -6.92 62.64
C GLU E 260 26.86 -7.36 62.14
N LEU E 261 26.90 -8.05 60.99
CA LEU E 261 28.18 -8.49 60.44
C LEU E 261 29.05 -7.31 60.04
N LYS E 262 28.44 -6.26 59.46
CA LYS E 262 29.20 -5.08 59.11
C LYS E 262 29.76 -4.40 60.36
N LEU E 263 28.97 -4.33 61.43
CA LEU E 263 29.46 -3.76 62.67
C LEU E 263 30.64 -4.58 63.21
N GLN E 264 30.52 -5.90 63.17
CA GLN E 264 31.60 -6.76 63.66
C GLN E 264 32.88 -6.56 62.86
N THR E 265 32.77 -6.51 61.53
CA THR E 265 33.97 -6.36 60.72
C THR E 265 34.54 -4.94 60.84
N LEU E 266 33.69 -3.95 61.13
CA LEU E 266 34.20 -2.62 61.45
C LEU E 266 34.99 -2.63 62.75
N LYS E 267 34.49 -3.37 63.75
CA LYS E 267 35.24 -3.51 65.01
C LYS E 267 36.58 -4.20 64.77
N ARG E 268 36.59 -5.24 63.93
CA ARG E 268 37.82 -5.98 63.70
C ARG E 268 38.82 -5.16 62.90
N GLN E 269 38.37 -4.53 61.81
CA GLN E 269 39.26 -3.82 60.90
C GLN E 269 38.89 -2.34 60.84
N GLU E 270 39.90 -1.49 60.88
CA GLU E 270 39.71 -0.05 60.90
C GLU E 270 39.53 0.48 59.49
N TYR E 271 38.57 1.40 59.31
CA TYR E 271 38.35 2.07 58.04
C TYR E 271 38.32 3.57 58.27
N GLU E 272 38.98 4.30 57.38
CA GLU E 272 39.07 5.76 57.53
C GLU E 272 37.73 6.41 57.22
N GLY E 273 37.30 7.31 58.12
CA GLY E 273 36.08 8.05 57.93
C GLY E 273 34.81 7.31 58.22
N ILE E 274 34.88 6.04 58.60
CA ILE E 274 33.71 5.21 58.86
C ILE E 274 33.74 4.77 60.32
N ASN E 275 32.64 5.04 61.02
CA ASN E 275 32.50 4.65 62.42
C ASN E 275 31.10 4.08 62.63
N GLU E 276 30.75 3.82 63.89
CA GLU E 276 29.41 3.33 64.21
C GLU E 276 28.35 4.40 63.96
N ASP E 277 28.75 5.66 63.81
CA ASP E 277 27.81 6.76 63.60
C ASP E 277 27.54 7.03 62.13
N SER E 278 28.53 6.81 61.27
CA SER E 278 28.44 7.13 59.85
C SER E 278 28.51 5.88 58.99
N LEU E 279 27.80 4.84 59.39
CA LEU E 279 27.77 3.57 58.65
C LEU E 279 26.33 3.25 58.28
N THR E 280 26.08 3.09 57.00
CA THR E 280 24.76 2.69 56.51
C THR E 280 24.78 1.24 56.04
N VAL E 281 23.60 0.72 55.73
CA VAL E 281 23.47 -0.67 55.31
C VAL E 281 24.17 -0.89 53.98
N ASP E 282 24.12 0.11 53.09
CA ASP E 282 24.69 -0.01 51.75
C ASP E 282 26.15 0.43 51.68
N THR E 283 26.83 0.50 52.81
CA THR E 283 28.24 0.89 52.79
C THR E 283 29.07 -0.23 52.16
N PRO E 284 29.94 0.09 51.19
CA PRO E 284 30.77 -0.96 50.58
C PRO E 284 31.86 -1.47 51.52
N ILE E 285 31.47 -2.27 52.50
CA ILE E 285 32.38 -2.85 53.47
C ILE E 285 32.24 -4.36 53.39
N PRO E 286 33.35 -5.11 53.27
CA PRO E 286 33.24 -6.56 53.11
C PRO E 286 32.62 -7.22 54.34
N PHE E 287 31.89 -8.31 54.08
CA PHE E 287 31.27 -9.10 55.13
C PHE E 287 31.09 -10.52 54.63
N SER E 288 31.24 -11.49 55.53
CA SER E 288 31.19 -12.89 55.14
C SER E 288 29.75 -13.30 54.82
N ILE E 289 29.57 -13.93 53.67
CA ILE E 289 28.26 -14.47 53.30
C ILE E 289 28.08 -15.90 53.80
N HIS E 290 29.15 -16.69 53.84
CA HIS E 290 29.07 -18.03 54.37
C HIS E 290 28.68 -18.01 55.85
N LYS E 291 29.25 -17.08 56.62
CA LYS E 291 28.86 -16.94 58.01
C LYS E 291 27.40 -16.54 58.13
N LEU E 292 26.93 -15.63 57.28
CA LEU E 292 25.53 -15.25 57.26
C LEU E 292 24.63 -16.46 57.07
N TRP E 293 24.89 -17.24 56.01
CA TRP E 293 24.06 -18.39 55.73
C TRP E 293 24.14 -19.42 56.85
N PHE E 294 25.35 -19.68 57.36
CA PHE E 294 25.50 -20.69 58.40
C PHE E 294 24.74 -20.31 59.65
N ASP E 295 24.84 -19.05 60.08
CA ASP E 295 24.11 -18.61 61.26
C ASP E 295 22.60 -18.67 61.05
N LEU E 296 22.13 -18.12 59.93
CA LEU E 296 20.69 -18.04 59.70
C LEU E 296 20.07 -19.39 59.36
N TYR E 297 20.88 -20.40 59.04
CA TYR E 297 20.37 -21.75 58.80
C TYR E 297 20.52 -22.65 60.01
N ARG E 298 21.52 -22.40 60.86
CA ARG E 298 21.61 -23.11 62.13
C ARG E 298 20.57 -22.60 63.13
N ALA E 299 20.15 -21.35 63.00
CA ALA E 299 19.14 -20.79 63.90
C ALA E 299 17.73 -21.30 63.61
N GLU E 300 17.58 -22.29 62.72
CA GLU E 300 16.25 -22.77 62.38
C GLU E 300 16.13 -24.30 62.36
N ILE E 301 17.23 -25.05 62.38
CA ILE E 301 17.15 -26.51 62.32
C ILE E 301 17.71 -27.11 63.59
N SER E 302 18.92 -26.71 63.97
CA SER E 302 19.55 -27.27 65.16
C SER E 302 18.70 -26.99 66.39
N THR E 303 18.53 -28.02 67.22
CA THR E 303 17.63 -27.96 68.37
C THR E 303 18.42 -27.80 69.66
N HIS E 304 17.87 -27.03 70.58
CA HIS E 304 18.49 -26.85 71.89
C HIS E 304 18.33 -28.12 72.72
N TYR E 305 19.38 -28.45 73.49
CA TYR E 305 19.36 -29.66 74.30
C TYR E 305 18.32 -29.57 75.41
N VAL E 306 17.97 -28.36 75.85
CA VAL E 306 17.01 -28.15 76.93
C VAL E 306 15.89 -27.25 76.42
N GLN E 307 14.66 -27.61 76.76
CA GLN E 307 13.52 -26.80 76.37
C GLN E 307 13.48 -25.49 77.16
N GLY E 308 12.67 -24.56 76.66
CA GLY E 308 12.53 -23.24 77.27
C GLY E 308 13.57 -22.23 76.84
N SER E 309 14.84 -22.65 76.78
CA SER E 309 15.93 -21.79 76.36
C SER E 309 16.51 -22.30 75.05
N HIS E 310 16.96 -21.38 74.21
CA HIS E 310 17.50 -21.68 72.89
C HIS E 310 18.94 -21.22 72.77
N SER E 311 19.74 -21.49 73.80
CA SER E 311 21.14 -21.10 73.79
C SER E 311 21.90 -21.86 72.71
N GLU E 312 22.85 -21.17 72.07
CA GLU E 312 23.65 -21.81 71.03
C GLU E 312 24.58 -22.86 71.60
N GLU E 313 25.01 -22.70 72.85
CA GLU E 313 25.90 -23.68 73.48
C GLU E 313 25.20 -24.98 73.82
N ASN E 314 23.86 -25.02 73.77
CA ASN E 314 23.09 -26.21 74.05
C ASN E 314 22.63 -26.92 72.78
N GLU E 315 23.45 -26.89 71.73
CA GLU E 315 23.10 -27.49 70.45
C GLU E 315 23.04 -29.01 70.60
N ALA E 316 21.84 -29.57 70.48
CA ALA E 316 21.62 -31.01 70.63
C ALA E 316 21.94 -31.69 69.30
N LEU E 317 23.24 -31.81 69.03
CA LEU E 317 23.69 -32.48 67.81
C LEU E 317 23.69 -33.98 67.98
N LEU E 318 23.74 -34.69 66.85
CA LEU E 318 23.78 -36.14 66.86
C LEU E 318 25.23 -36.60 67.03
N LEU E 319 25.53 -37.22 68.16
CA LEU E 319 26.87 -37.67 68.49
C LEU E 319 27.08 -39.12 68.05
N GLY E 320 28.33 -39.45 67.75
CA GLY E 320 28.68 -40.80 67.37
C GLY E 320 28.95 -41.70 68.56
N GLU E 321 29.31 -42.94 68.26
CA GLU E 321 29.64 -43.89 69.32
C GLU E 321 30.88 -43.45 70.09
N ASP E 322 31.88 -42.92 69.40
CA ASP E 322 33.10 -42.47 70.07
C ASP E 322 32.85 -41.27 70.96
N GLY E 323 31.87 -40.44 70.61
CA GLY E 323 31.56 -39.26 71.40
C GLY E 323 31.48 -38.00 70.58
N ASN E 324 32.20 -37.98 69.45
CA ASN E 324 32.18 -36.83 68.57
C ASN E 324 30.84 -36.75 67.84
N PRO E 325 30.41 -35.55 67.46
CA PRO E 325 29.17 -35.42 66.69
C PRO E 325 29.32 -36.04 65.31
N VAL E 326 28.18 -36.49 64.77
CA VAL E 326 28.19 -37.12 63.45
C VAL E 326 28.61 -36.13 62.37
N GLN E 327 28.07 -34.92 62.42
CA GLN E 327 28.41 -33.87 61.45
C GLN E 327 28.43 -32.53 62.18
N LYS E 328 29.63 -32.06 62.51
CA LYS E 328 29.77 -30.78 63.20
C LYS E 328 29.29 -29.63 62.33
N GLY E 329 29.58 -29.69 61.04
CA GLY E 329 29.20 -28.63 60.13
C GLY E 329 30.38 -27.72 59.80
N ASP E 330 30.37 -27.20 58.58
CA ASP E 330 31.44 -26.34 58.09
C ASP E 330 30.86 -25.01 57.61
N SER E 331 31.70 -23.98 57.63
CA SER E 331 31.30 -22.65 57.20
C SER E 331 31.74 -22.33 55.78
N LEU E 332 33.05 -22.49 55.49
CA LEU E 332 33.51 -22.32 54.11
C LEU E 332 32.84 -23.34 53.20
N LYS E 333 32.77 -24.59 53.63
CA LYS E 333 31.91 -25.56 52.98
C LYS E 333 30.46 -25.32 53.40
N VAL E 334 29.53 -25.79 52.56
CA VAL E 334 28.11 -25.50 52.78
C VAL E 334 27.39 -26.66 53.46
N VAL E 335 28.12 -27.65 53.96
CA VAL E 335 27.47 -28.77 54.66
C VAL E 335 26.78 -28.25 55.93
N PRO E 336 25.53 -28.60 56.19
CA PRO E 336 24.87 -28.16 57.40
C PRO E 336 25.14 -29.12 58.55
N PRO E 337 25.10 -28.64 59.80
CA PRO E 337 25.35 -29.53 60.93
C PRO E 337 24.21 -30.51 61.14
N ILE E 338 24.55 -31.67 61.69
CA ILE E 338 23.56 -32.67 62.06
C ILE E 338 23.08 -32.40 63.46
N TYR E 339 21.81 -32.70 63.72
CA TYR E 339 21.21 -32.45 65.02
C TYR E 339 20.40 -33.67 65.46
N MET E 340 20.28 -33.82 66.78
CA MET E 340 19.47 -34.89 67.33
C MET E 340 17.99 -34.64 67.00
N PRO E 341 17.22 -35.71 66.74
CA PRO E 341 15.80 -35.52 66.42
C PRO E 341 15.04 -34.89 67.57
N HIS E 342 14.05 -34.08 67.22
CA HIS E 342 13.23 -33.38 68.20
C HIS E 342 12.27 -34.36 68.84
N THR E 343 12.43 -34.61 70.14
CA THR E 343 11.57 -35.54 70.86
C THR E 343 11.67 -35.24 72.34
N GLN E 344 10.54 -34.94 72.98
CA GLN E 344 10.48 -34.66 74.41
C GLN E 344 9.67 -35.70 75.16
N ALA E 345 9.47 -36.87 74.58
CA ALA E 345 8.68 -37.92 75.22
C ALA E 345 9.47 -38.57 76.35
N GLN E 346 8.80 -39.45 77.08
CA GLN E 346 9.42 -40.15 78.19
C GLN E 346 10.46 -41.16 77.67
N GLY E 347 11.34 -41.56 78.57
CA GLY E 347 12.42 -42.48 78.23
C GLY E 347 13.71 -41.81 77.82
N ALA E 348 13.63 -40.84 76.92
CA ALA E 348 14.77 -40.08 76.44
C ALA E 348 14.70 -38.65 76.97
N THR E 349 15.75 -37.88 76.69
CA THR E 349 15.81 -36.50 77.12
C THR E 349 14.80 -35.66 76.34
N LYS E 350 14.44 -34.51 76.93
CA LYS E 350 13.48 -33.61 76.30
C LYS E 350 14.19 -32.74 75.28
N ILE E 351 13.86 -32.94 74.00
CA ILE E 351 14.46 -32.19 72.90
C ILE E 351 13.37 -31.33 72.28
N TYR E 352 13.54 -30.01 72.38
CA TYR E 352 12.60 -29.04 71.82
C TYR E 352 13.33 -28.17 70.80
N LEU E 353 12.71 -27.98 69.64
CA LEU E 353 13.32 -27.20 68.58
C LEU E 353 13.40 -25.73 68.99
N SER E 354 14.34 -25.02 68.37
CA SER E 354 14.52 -23.60 68.66
C SER E 354 13.30 -22.80 68.24
N ASN E 355 12.89 -21.87 69.09
CA ASN E 355 11.74 -21.02 68.82
C ASN E 355 12.11 -19.71 68.16
N ARG E 356 13.40 -19.47 67.92
CA ARG E 356 13.86 -18.24 67.28
C ARG E 356 13.87 -18.31 65.77
N GLY E 357 13.61 -19.48 65.19
CA GLY E 357 13.69 -19.63 63.75
C GLY E 357 12.57 -18.86 63.05
N LYS E 358 12.93 -18.23 61.93
CA LYS E 358 11.97 -17.49 61.11
C LYS E 358 11.34 -18.44 60.10
N ASN E 359 10.61 -17.89 59.13
CA ASN E 359 9.94 -18.65 58.10
C ASN E 359 10.62 -18.47 56.74
N ILE E 360 11.95 -18.44 56.74
CA ILE E 360 12.73 -18.18 55.53
C ILE E 360 13.60 -19.38 55.18
N ARG E 361 13.12 -20.58 55.49
CA ARG E 361 13.89 -21.79 55.19
C ARG E 361 14.11 -21.95 53.69
N LYS E 362 13.08 -21.70 52.89
CA LYS E 362 13.21 -21.85 51.44
C LYS E 362 14.21 -20.88 50.83
N PRO E 363 14.18 -19.57 51.13
CA PRO E 363 15.24 -18.69 50.59
C PRO E 363 16.64 -19.08 51.03
N LEU E 364 16.80 -19.55 52.27
CA LEU E 364 18.11 -19.99 52.72
C LEU E 364 18.57 -21.23 51.96
N GLU E 365 17.66 -22.16 51.69
CA GLU E 365 18.02 -23.32 50.87
C GLU E 365 18.40 -22.90 49.46
N GLY E 366 17.68 -21.93 48.90
CA GLY E 366 18.03 -21.44 47.57
C GLY E 366 19.39 -20.78 47.55
N LEU E 367 19.70 -19.97 48.57
CA LEU E 367 21.02 -19.35 48.65
C LEU E 367 22.11 -20.40 48.81
N ALA E 368 21.85 -21.44 49.61
CA ALA E 368 22.83 -22.51 49.75
C ALA E 368 23.08 -23.22 48.43
N SER E 369 22.01 -23.46 47.66
CA SER E 369 22.18 -24.06 46.34
C SER E 369 22.99 -23.14 45.42
N LEU E 370 22.72 -21.84 45.47
CA LEU E 370 23.44 -20.89 44.62
C LEU E 370 24.91 -20.82 44.98
N LEU E 371 25.23 -20.92 46.29
CA LEU E 371 26.61 -20.78 46.72
C LEU E 371 27.49 -21.87 46.14
N LYS E 372 26.96 -23.07 45.96
CA LYS E 372 27.72 -24.19 45.42
C LYS E 372 27.66 -24.27 43.91
N ASP E 373 26.98 -23.34 43.25
CA ASP E 373 26.87 -23.36 41.79
C ASP E 373 28.14 -22.75 41.19
N PRO E 374 28.86 -23.48 40.34
CA PRO E 374 30.08 -22.92 39.74
C PRO E 374 29.83 -21.80 38.73
N ARG E 375 28.57 -21.45 38.45
CA ARG E 375 28.27 -20.36 37.54
C ARG E 375 28.23 -19.00 38.22
N TYR E 376 28.34 -18.95 39.54
CA TYR E 376 28.33 -17.70 40.29
C TYR E 376 29.69 -17.45 40.97
N GLU E 377 30.76 -17.95 40.35
CA GLU E 377 32.10 -17.71 40.88
C GLU E 377 32.44 -16.23 40.84
N PHE E 378 32.04 -15.54 39.77
CA PHE E 378 32.33 -14.12 39.65
C PHE E 378 31.66 -13.29 40.74
N LEU E 379 30.58 -13.80 41.33
CA LEU E 379 29.86 -13.08 42.38
C LEU E 379 30.31 -13.50 43.77
N PHE E 380 30.22 -14.79 44.09
CA PHE E 380 30.42 -15.23 45.47
C PHE E 380 31.85 -15.70 45.76
N ASN E 381 32.65 -15.95 44.74
CA ASN E 381 34.00 -16.50 44.94
C ASN E 381 35.00 -15.75 44.07
N ALA E 382 35.01 -14.43 44.17
CA ALA E 382 36.00 -13.63 43.46
C ALA E 382 37.41 -14.02 43.92
N ASP E 383 38.35 -13.98 42.98
CA ASP E 383 39.70 -14.46 43.26
C ASP E 383 40.35 -13.68 44.39
N ASP E 384 40.55 -12.38 44.20
CA ASP E 384 41.23 -11.54 45.18
C ASP E 384 40.26 -10.81 46.11
N TRP E 385 38.96 -11.00 45.95
CA TRP E 385 37.96 -10.33 46.78
C TRP E 385 37.11 -11.33 47.56
N SER E 386 37.67 -12.51 47.87
CA SER E 386 36.96 -13.51 48.64
C SER E 386 37.05 -13.18 50.11
N VAL E 387 35.90 -12.98 50.75
CA VAL E 387 35.83 -12.64 52.16
C VAL E 387 35.86 -13.92 52.98
N ASN E 388 36.84 -14.03 53.88
CA ASN E 388 36.95 -15.19 54.75
C ASN E 388 36.00 -15.03 55.93
N LEU E 389 36.16 -15.88 56.94
CA LEU E 389 35.19 -15.95 58.03
C LEU E 389 35.13 -14.66 58.84
N ASP E 390 36.27 -14.06 59.14
CA ASP E 390 36.32 -12.91 60.02
C ASP E 390 36.12 -11.58 59.30
N GLY E 391 35.89 -11.60 57.99
CA GLY E 391 35.68 -10.37 57.24
C GLY E 391 36.96 -9.67 56.87
N LYS E 392 37.86 -10.37 56.18
CA LYS E 392 39.13 -9.81 55.74
C LYS E 392 39.34 -10.15 54.28
N THR E 393 39.78 -9.16 53.50
CA THR E 393 39.97 -9.31 52.08
C THR E 393 41.44 -9.10 51.72
N ASN E 394 41.90 -9.88 50.73
CA ASN E 394 43.27 -9.73 50.26
C ASN E 394 43.50 -8.36 49.63
N LYS E 395 42.54 -7.90 48.82
CA LYS E 395 42.61 -6.60 48.17
C LYS E 395 41.27 -5.88 48.37
N ASP E 396 41.23 -4.61 47.98
CA ASP E 396 40.04 -3.78 48.12
C ASP E 396 39.55 -3.34 46.76
N LEU E 397 38.51 -2.51 46.76
CA LEU E 397 37.86 -2.08 45.52
C LEU E 397 38.74 -1.15 44.69
N ASP E 398 39.77 -0.55 45.28
CA ASP E 398 40.64 0.34 44.53
C ASP E 398 41.34 -0.40 43.39
N ALA E 399 41.82 -1.61 43.67
CA ALA E 399 42.46 -2.41 42.62
C ALA E 399 41.48 -2.75 41.51
N LEU E 400 40.24 -3.10 41.86
CA LEU E 400 39.24 -3.41 40.86
C LEU E 400 38.93 -2.19 39.99
N LEU E 401 38.78 -1.03 40.61
CA LEU E 401 38.49 0.18 39.85
C LEU E 401 39.66 0.55 38.94
N GLU E 402 40.89 0.40 39.43
CA GLU E 402 42.05 0.68 38.58
C GLU E 402 42.14 -0.31 37.43
N THR E 403 41.79 -1.57 37.67
CA THR E 403 41.78 -2.56 36.59
C THR E 403 40.73 -2.22 35.55
N TRP E 404 39.57 -1.73 35.99
CA TRP E 404 38.49 -1.42 35.05
C TRP E 404 38.78 -0.16 34.25
N VAL E 405 38.90 0.98 34.94
CA VAL E 405 38.93 2.28 34.27
C VAL E 405 40.22 3.02 34.57
N GLY E 406 41.30 2.29 34.82
CA GLY E 406 42.57 2.93 35.08
C GLY E 406 43.75 2.19 34.49
N SER E 407 43.48 1.18 33.66
CA SER E 407 44.56 0.40 33.07
C SER E 407 45.27 1.21 32.00
N GLU E 408 46.45 0.73 31.60
CA GLU E 408 47.24 1.41 30.59
C GLU E 408 46.62 1.33 29.21
N GLU E 409 45.68 0.41 28.99
CA GLU E 409 45.00 0.29 27.71
C GLU E 409 43.73 1.13 27.72
N SER E 410 43.42 1.72 26.56
CA SER E 410 42.31 2.66 26.47
C SER E 410 40.95 1.97 26.50
N ILE E 411 40.84 0.78 25.93
CA ILE E 411 39.56 0.10 25.75
C ILE E 411 39.51 -1.11 26.67
N SER E 412 38.43 -1.23 27.43
CA SER E 412 38.15 -2.41 28.23
C SER E 412 36.86 -3.04 27.72
N ILE E 413 36.90 -4.34 27.44
CA ILE E 413 35.78 -5.06 26.85
C ILE E 413 35.24 -6.04 27.87
N PHE E 414 33.99 -5.85 28.28
CA PHE E 414 33.33 -6.77 29.20
C PHE E 414 32.55 -7.80 28.38
N ASP E 415 32.94 -9.06 28.52
CA ASP E 415 32.31 -10.16 27.78
C ASP E 415 31.33 -10.85 28.71
N LEU E 416 30.03 -10.60 28.50
CA LEU E 416 28.97 -11.16 29.32
C LEU E 416 28.25 -12.31 28.63
N SER E 417 28.94 -13.00 27.71
CA SER E 417 28.28 -14.07 26.96
C SER E 417 28.05 -15.30 27.83
N GLY E 418 29.06 -15.70 28.62
CA GLY E 418 28.93 -16.89 29.43
C GLY E 418 28.17 -16.73 30.72
N MET E 419 27.77 -15.51 31.05
CA MET E 419 27.06 -15.25 32.29
C MET E 419 25.60 -15.66 32.17
N PRO E 420 24.95 -16.01 33.28
CA PRO E 420 23.55 -16.46 33.20
C PRO E 420 22.66 -15.38 32.60
N SER E 421 21.73 -15.82 31.75
CA SER E 421 20.87 -14.89 31.01
C SER E 421 19.78 -14.30 31.89
N SER E 422 19.41 -14.98 32.98
CA SER E 422 18.28 -14.53 33.79
C SER E 422 18.61 -13.29 34.61
N ILE E 423 19.88 -13.04 34.92
CA ILE E 423 20.28 -11.95 35.80
C ILE E 423 21.13 -10.91 35.08
N LEU E 424 21.20 -10.97 33.75
CA LEU E 424 22.06 -10.06 33.02
C LEU E 424 21.64 -8.60 33.21
N ASP E 425 20.33 -8.34 33.13
CA ASP E 425 19.82 -6.98 33.27
C ASP E 425 20.22 -6.39 34.62
N THR E 426 20.02 -7.16 35.69
CA THR E 426 20.32 -6.67 37.03
C THR E 426 21.81 -6.35 37.16
N LEU E 427 22.68 -7.30 36.83
CA LEU E 427 24.11 -7.09 37.01
C LEU E 427 24.63 -5.95 36.15
N ILE E 428 24.06 -5.76 34.95
CA ILE E 428 24.40 -4.58 34.17
C ILE E 428 23.98 -3.31 34.92
N GLY E 429 22.82 -3.37 35.58
CA GLY E 429 22.39 -2.22 36.39
C GLY E 429 23.39 -1.90 37.49
N ILE E 430 23.87 -2.93 38.21
CA ILE E 430 24.86 -2.69 39.25
C ILE E 430 26.16 -2.16 38.66
N LEU E 431 26.59 -2.66 37.51
CA LEU E 431 27.81 -2.15 36.90
C LEU E 431 27.66 -0.66 36.57
N ILE E 432 26.52 -0.28 35.99
CA ILE E 432 26.27 1.12 35.69
C ILE E 432 26.26 1.96 36.97
N ARG E 433 25.59 1.47 38.01
CA ARG E 433 25.53 2.22 39.26
C ARG E 433 26.90 2.40 39.87
N ILE E 434 27.72 1.35 39.87
CA ILE E 434 29.06 1.44 40.45
C ILE E 434 29.90 2.46 39.69
N LEU E 435 29.87 2.39 38.35
CA LEU E 435 30.65 3.33 37.57
C LEU E 435 30.19 4.76 37.79
N TYR E 436 28.87 4.97 37.82
CA TYR E 436 28.34 6.32 38.01
C TYR E 436 28.73 6.88 39.37
N ASP E 437 28.59 6.08 40.43
CA ASP E 437 28.95 6.55 41.77
C ASP E 437 30.43 6.83 41.87
N SER E 438 31.27 5.94 41.31
CA SER E 438 32.71 6.15 41.38
C SER E 438 33.14 7.42 40.66
N LEU E 439 32.55 7.68 39.50
CA LEU E 439 32.90 8.90 38.76
C LEU E 439 32.19 10.14 39.29
N PHE E 440 31.17 9.98 40.14
CA PHE E 440 30.45 11.13 40.67
C PHE E 440 31.03 11.62 41.99
N TRP E 441 31.26 10.72 42.95
CA TRP E 441 31.75 11.16 44.26
C TRP E 441 33.20 11.60 44.24
N SER E 442 33.93 11.39 43.14
CA SER E 442 35.32 11.81 43.03
C SER E 442 35.51 12.71 41.81
N ARG E 443 34.53 13.58 41.55
CA ARG E 443 34.61 14.44 40.37
C ARG E 443 35.72 15.47 40.47
N ASN E 444 35.97 16.01 41.67
CA ASN E 444 37.03 17.00 41.85
C ASN E 444 38.42 16.37 41.81
N GLN E 445 38.53 15.07 42.02
CA GLN E 445 39.81 14.39 41.93
C GLN E 445 40.25 14.30 40.47
N PRO E 446 41.56 14.15 40.24
CA PRO E 446 42.02 13.96 38.85
C PRO E 446 41.49 12.71 38.18
N GLU E 447 41.07 11.71 38.96
CA GLU E 447 40.49 10.49 38.41
C GLU E 447 39.04 10.68 38.01
N GLY E 448 38.43 11.81 38.33
CA GLY E 448 37.03 12.03 38.04
C GLY E 448 36.74 12.20 36.57
N GLY E 449 35.44 12.14 36.25
CA GLY E 449 35.02 12.24 34.86
C GLY E 449 35.28 13.60 34.23
N ARG E 450 35.15 14.68 35.02
CA ARG E 450 35.30 16.02 34.47
C ARG E 450 36.70 16.28 33.91
N GLU E 451 37.70 15.52 34.35
CA GLU E 451 39.04 15.68 33.82
C GLU E 451 39.32 14.72 32.66
N ARG E 452 38.99 13.44 32.83
CA ARG E 452 39.18 12.44 31.77
C ARG E 452 37.83 11.87 31.40
N PRO E 453 37.35 12.11 30.18
CA PRO E 453 36.00 11.63 29.82
C PRO E 453 35.93 10.11 29.74
N LEU E 454 34.76 9.58 30.04
CA LEU E 454 34.50 8.15 30.00
C LEU E 454 33.30 7.88 29.10
N LEU E 455 33.45 6.91 28.19
CA LEU E 455 32.42 6.58 27.23
C LEU E 455 31.88 5.18 27.53
N VAL E 456 30.55 5.06 27.58
CA VAL E 456 29.89 3.80 27.87
C VAL E 456 29.19 3.32 26.60
N VAL E 457 29.51 2.11 26.18
CA VAL E 457 28.90 1.51 24.99
C VAL E 457 28.02 0.36 25.46
N LEU E 458 26.75 0.41 25.08
CA LEU E 458 25.79 -0.63 25.43
C LEU E 458 25.38 -1.35 24.15
N GLU E 459 25.71 -2.64 24.06
CA GLU E 459 25.38 -3.45 22.91
C GLU E 459 24.03 -4.14 23.12
N GLU E 460 23.23 -4.19 22.06
CA GLU E 460 21.91 -4.81 22.07
C GLU E 460 21.03 -4.19 23.17
N ALA E 461 20.77 -2.90 23.01
CA ALA E 461 20.03 -2.14 24.00
C ALA E 461 18.51 -2.29 23.84
N HIS E 462 18.03 -3.00 22.83
CA HIS E 462 16.60 -3.11 22.61
C HIS E 462 15.95 -4.15 23.52
N THR E 463 16.72 -5.01 24.17
CA THR E 463 16.17 -5.99 25.11
C THR E 463 16.14 -5.48 26.54
N TYR E 464 16.73 -4.32 26.81
CA TYR E 464 16.82 -3.77 28.16
C TYR E 464 16.08 -2.47 28.34
N LEU E 465 15.94 -1.67 27.28
CA LEU E 465 15.33 -0.34 27.36
C LEU E 465 13.92 -0.33 26.78
N GLY E 466 13.14 -1.37 27.04
CA GLY E 466 11.81 -1.47 26.50
C GLY E 466 10.89 -0.39 27.02
N LYS E 467 9.66 -0.39 26.49
CA LYS E 467 8.68 0.63 26.84
C LYS E 467 8.32 0.56 28.32
N ASP E 468 8.13 -0.65 28.84
CA ASP E 468 7.70 -0.84 30.22
C ASP E 468 8.65 -1.78 30.95
N SER E 469 9.95 -1.63 30.72
CA SER E 469 10.94 -2.48 31.38
C SER E 469 10.96 -2.18 32.88
N ARG E 470 11.01 -3.24 33.69
CA ARG E 470 11.05 -3.12 35.14
C ARG E 470 12.42 -3.40 35.71
N GLY E 471 13.45 -3.51 34.87
CA GLY E 471 14.78 -3.82 35.34
C GLY E 471 15.47 -2.63 35.98
N ILE E 472 16.72 -2.87 36.37
CA ILE E 472 17.51 -1.83 37.02
C ILE E 472 18.39 -1.08 36.01
N ALA E 473 18.80 -1.73 34.92
CA ALA E 473 19.69 -1.08 33.97
C ALA E 473 19.01 0.09 33.27
N ILE E 474 17.71 0.02 33.06
CA ILE E 474 17.01 1.12 32.39
C ILE E 474 17.07 2.39 33.25
N ASP E 475 16.92 2.24 34.57
CA ASP E 475 17.02 3.39 35.45
C ASP E 475 18.40 4.02 35.41
N GLY E 476 19.44 3.19 35.43
CA GLY E 476 20.80 3.71 35.34
C GLY E 476 21.07 4.40 34.02
N VAL E 477 20.57 3.82 32.92
CA VAL E 477 20.74 4.44 31.60
C VAL E 477 20.03 5.78 31.54
N ARG E 478 18.81 5.85 32.08
CA ARG E 478 18.08 7.12 32.10
C ARG E 478 18.82 8.15 32.96
N LYS E 479 19.35 7.73 34.10
CA LYS E 479 20.09 8.64 34.96
C LYS E 479 21.32 9.19 34.24
N ILE E 480 22.07 8.32 33.56
CA ILE E 480 23.21 8.78 32.79
C ILE E 480 22.76 9.78 31.73
N VAL E 481 21.74 9.41 30.97
CA VAL E 481 21.30 10.24 29.84
C VAL E 481 20.87 11.62 30.33
N LYS E 482 20.21 11.68 31.49
CA LYS E 482 19.68 12.94 31.96
C LYS E 482 20.64 13.73 32.85
N GLU E 483 21.75 13.14 33.29
CA GLU E 483 22.62 13.90 34.21
C GLU E 483 24.09 13.99 33.76
N GLY E 484 24.61 12.94 33.12
CA GLY E 484 26.04 12.83 32.88
C GLY E 484 26.68 13.91 32.04
N ARG E 485 25.89 14.88 31.57
CA ARG E 485 26.46 15.99 30.82
C ARG E 485 27.44 16.79 31.66
N LYS E 486 27.28 16.79 32.98
CA LYS E 486 28.12 17.59 33.86
C LYS E 486 29.21 16.79 34.56
N TYR E 487 29.03 15.48 34.73
CA TYR E 487 30.03 14.64 35.38
C TYR E 487 30.98 13.97 34.40
N GLY E 488 30.88 14.30 33.11
CA GLY E 488 31.81 13.77 32.13
C GLY E 488 31.71 12.28 31.87
N ILE E 489 30.50 11.73 31.82
CA ILE E 489 30.27 10.34 31.47
C ILE E 489 29.34 10.31 30.26
N GLY E 490 29.74 9.59 29.21
CA GLY E 490 28.97 9.53 27.99
C GLY E 490 28.12 8.28 27.89
N MET E 491 27.57 8.09 26.69
CA MET E 491 26.73 6.94 26.41
C MET E 491 26.74 6.68 24.91
N MET E 492 26.48 5.42 24.54
CA MET E 492 26.43 5.05 23.13
C MET E 492 25.63 3.77 23.01
N LEU E 493 24.47 3.85 22.36
CA LEU E 493 23.55 2.73 22.25
C LEU E 493 23.71 2.08 20.89
N VAL E 494 24.00 0.78 20.88
CA VAL E 494 24.09 -0.01 19.66
C VAL E 494 22.94 -1.00 19.68
N SER E 495 22.12 -0.99 18.62
CA SER E 495 20.93 -1.82 18.58
C SER E 495 20.65 -2.24 17.15
N GLN E 496 19.65 -3.10 17.00
CA GLN E 496 19.20 -3.58 15.69
C GLN E 496 17.68 -3.60 15.59
N ARG E 497 16.97 -2.94 16.50
CA ARG E 497 15.51 -2.91 16.50
C ARG E 497 15.05 -1.66 17.23
N PRO E 498 15.16 -0.50 16.59
CA PRO E 498 14.86 0.76 17.29
C PRO E 498 13.42 0.88 17.75
N SER E 499 12.48 0.13 17.17
CA SER E 499 11.09 0.20 17.60
C SER E 499 10.88 -0.33 19.01
N GLU E 500 11.87 -1.03 19.58
CA GLU E 500 11.76 -1.53 20.94
C GLU E 500 12.33 -0.57 21.96
N ILE E 501 13.30 0.26 21.57
CA ILE E 501 13.90 1.21 22.49
C ILE E 501 12.86 2.25 22.91
N ASP E 502 12.91 2.65 24.17
CA ASP E 502 11.98 3.65 24.68
C ASP E 502 12.12 4.96 23.90
N SER E 503 10.98 5.54 23.55
CA SER E 503 10.99 6.74 22.70
C SER E 503 11.67 7.92 23.39
N THR E 504 11.41 8.10 24.69
CA THR E 504 12.01 9.22 25.41
C THR E 504 13.53 9.10 25.47
N ILE E 505 14.02 7.89 25.69
CA ILE E 505 15.47 7.67 25.75
C ILE E 505 16.10 7.94 24.38
N LEU E 506 15.48 7.44 23.32
CA LEU E 506 16.05 7.61 21.98
C LEU E 506 16.02 9.07 21.55
N SER E 507 14.95 9.79 21.89
CA SER E 507 14.81 11.18 21.44
C SER E 507 15.90 12.09 22.00
N GLN E 508 16.52 11.72 23.11
CA GLN E 508 17.55 12.55 23.73
C GLN E 508 18.96 12.19 23.28
N CYS E 509 19.10 11.25 22.35
CA CYS E 509 20.42 10.93 21.82
C CYS E 509 20.93 12.06 20.95
N GLY E 510 22.19 12.46 21.17
CA GLY E 510 22.74 13.58 20.44
C GLY E 510 22.92 13.32 18.96
N THR E 511 23.44 12.14 18.61
CA THR E 511 23.78 11.83 17.23
C THR E 511 23.26 10.44 16.88
N LEU E 512 22.73 10.31 15.66
CA LEU E 512 22.21 9.04 15.16
C LEU E 512 23.08 8.56 13.99
N PHE E 513 23.29 7.26 13.93
CA PHE E 513 24.01 6.62 12.82
C PHE E 513 23.04 5.63 12.18
N ALA E 514 22.24 6.11 11.24
CA ALA E 514 21.20 5.29 10.61
C ALA E 514 21.79 4.51 9.45
N LEU E 515 21.96 3.21 9.63
CA LEU E 515 22.41 2.32 8.56
C LEU E 515 21.20 1.87 7.76
N ARG E 516 21.37 0.86 6.92
CA ARG E 516 20.25 0.33 6.15
C ARG E 516 19.19 -0.23 7.09
N MET E 517 17.94 0.19 6.89
CA MET E 517 16.83 -0.26 7.72
C MET E 517 15.76 -0.82 6.81
N ASN E 518 15.28 -2.03 7.13
CA ASN E 518 14.42 -2.77 6.21
C ASN E 518 12.94 -2.53 6.50
N ASN E 519 12.48 -2.87 7.70
CA ASN E 519 11.07 -2.74 8.01
C ASN E 519 10.67 -1.28 8.15
N SER E 520 9.35 -1.04 8.13
CA SER E 520 8.83 0.32 8.14
C SER E 520 8.64 0.89 9.54
N SER E 521 8.34 0.04 10.53
CA SER E 521 8.12 0.53 11.87
C SER E 521 9.37 1.18 12.44
N ASP E 522 10.53 0.54 12.24
CA ASP E 522 11.78 1.10 12.73
C ASP E 522 12.11 2.43 12.05
N ARG E 523 11.88 2.51 10.74
CA ARG E 523 12.11 3.77 10.04
C ARG E 523 11.20 4.86 10.56
N ASN E 524 9.93 4.54 10.80
CA ASN E 524 9.00 5.53 11.34
C ASN E 524 9.45 6.00 12.72
N HIS E 525 9.90 5.06 13.57
CA HIS E 525 10.37 5.44 14.89
C HIS E 525 11.59 6.35 14.81
N VAL E 526 12.54 6.02 13.92
CA VAL E 526 13.74 6.84 13.76
C VAL E 526 13.36 8.24 13.27
N LEU E 527 12.45 8.32 12.30
CA LEU E 527 12.00 9.62 11.81
C LEU E 527 11.31 10.42 12.91
N GLY E 528 10.53 9.76 13.76
CA GLY E 528 9.91 10.43 14.87
C GLY E 528 10.83 10.75 16.01
N ALA E 529 12.05 10.22 16.01
CA ALA E 529 13.03 10.48 17.07
C ALA E 529 14.21 11.29 16.55
N VAL E 530 13.99 12.15 15.56
CA VAL E 530 15.04 13.02 15.03
C VAL E 530 14.48 14.43 14.88
N SER E 531 15.33 15.43 15.14
CA SER E 531 14.92 16.83 15.09
C SER E 531 15.46 17.58 13.89
N ASP E 532 16.25 16.92 13.04
CA ASP E 532 16.81 17.54 11.83
C ASP E 532 16.47 16.62 10.66
N SER E 533 15.30 16.83 10.06
CA SER E 533 14.77 15.93 9.04
C SER E 533 14.87 16.60 7.68
N PHE E 534 15.60 15.96 6.76
CA PHE E 534 15.59 16.31 5.35
C PHE E 534 14.95 15.17 4.59
N GLU E 535 13.90 15.48 3.83
CA GLU E 535 13.11 14.42 3.20
C GLU E 535 13.95 13.59 2.23
N GLY E 536 14.80 14.24 1.45
CA GLY E 536 15.64 13.51 0.51
C GLY E 536 16.57 12.53 1.20
N LEU E 537 17.21 12.96 2.28
CA LEU E 537 18.14 12.08 2.99
C LEU E 537 17.41 10.95 3.69
N MET E 538 16.30 11.24 4.36
CA MET E 538 15.59 10.21 5.11
C MET E 538 14.82 9.26 4.21
N GLY E 539 14.57 9.64 2.96
CA GLY E 539 13.90 8.73 2.05
C GLY E 539 14.79 7.65 1.46
N MET E 540 16.09 7.70 1.73
CA MET E 540 17.04 6.76 1.16
C MET E 540 17.44 5.66 2.12
N LEU E 541 16.78 5.56 3.27
CA LEU E 541 17.19 4.60 4.28
C LEU E 541 17.13 3.15 3.82
N PRO E 542 16.04 2.65 3.23
CA PRO E 542 15.99 1.21 2.89
C PRO E 542 16.85 0.82 1.71
N THR E 543 17.62 1.73 1.12
CA THR E 543 18.46 1.42 -0.03
C THR E 543 19.89 1.90 0.18
N LEU E 544 20.44 1.61 1.35
CA LEU E 544 21.82 1.96 1.67
C LEU E 544 22.73 0.76 1.49
N ARG E 545 23.91 0.99 0.93
CA ARG E 545 24.84 -0.09 0.68
C ARG E 545 25.40 -0.62 2.00
N THR E 546 26.07 -1.76 1.93
CA THR E 546 26.66 -2.40 3.10
C THR E 546 27.87 -1.59 3.54
N GLY E 547 27.70 -0.82 4.61
CA GLY E 547 28.76 0.01 5.17
C GLY E 547 28.47 1.49 5.17
N GLU E 548 27.51 1.95 4.38
CA GLU E 548 27.17 3.37 4.36
C GLU E 548 26.45 3.76 5.65
N ALA E 549 26.42 5.06 5.91
CA ALA E 549 25.78 5.59 7.11
C ALA E 549 25.27 6.99 6.82
N ILE E 550 24.33 7.44 7.66
CA ILE E 550 23.74 8.76 7.56
C ILE E 550 23.89 9.39 8.94
N ILE E 551 24.94 10.19 9.13
CA ILE E 551 25.22 10.79 10.43
C ILE E 551 24.34 12.03 10.61
N ILE E 552 23.46 11.99 11.61
CA ILE E 552 22.54 13.08 11.91
C ILE E 552 22.68 13.43 13.38
N GLY E 553 22.76 14.72 13.67
CA GLY E 553 22.82 15.17 15.04
C GLY E 553 23.62 16.45 15.16
N GLU E 554 23.95 16.79 16.40
CA GLU E 554 24.66 18.02 16.72
C GLU E 554 26.17 17.88 16.63
N SER E 555 26.68 16.71 16.28
CA SER E 555 28.11 16.49 16.14
C SER E 555 28.61 16.71 14.72
N VAL E 556 27.74 17.11 13.79
CA VAL E 556 28.11 17.37 12.41
C VAL E 556 27.50 18.70 11.97
N ARG E 557 28.10 19.30 10.95
CA ARG E 557 27.57 20.54 10.40
C ARG E 557 26.23 20.31 9.71
N LEU E 558 26.14 19.26 8.91
CA LEU E 558 24.91 18.93 8.20
C LEU E 558 24.69 17.43 8.24
N PRO E 559 23.43 16.98 8.16
CA PRO E 559 23.19 15.56 7.89
C PRO E 559 23.87 15.16 6.59
N MET E 560 24.53 14.01 6.60
CA MET E 560 25.47 13.69 5.54
C MET E 560 25.59 12.18 5.40
N ARG E 561 25.64 11.71 4.16
CA ARG E 561 25.72 10.29 3.84
C ARG E 561 27.18 9.92 3.61
N THR E 562 27.75 9.17 4.53
CA THR E 562 29.17 8.86 4.53
C THR E 562 29.41 7.41 4.18
N ILE E 563 30.69 7.08 4.00
CA ILE E 563 31.15 5.71 3.84
C ILE E 563 32.20 5.49 4.93
N ILE E 564 31.83 4.73 5.97
CA ILE E 564 32.72 4.55 7.11
C ILE E 564 33.99 3.84 6.67
N SER E 565 35.12 4.37 7.09
CA SER E 565 36.41 3.81 6.70
C SER E 565 36.54 2.39 7.25
N PRO E 566 36.89 1.41 6.41
CA PRO E 566 37.01 0.04 6.90
C PRO E 566 38.17 -0.09 7.86
N PRO E 567 38.08 -0.99 8.83
CA PRO E 567 39.19 -1.20 9.76
C PRO E 567 40.34 -1.89 9.06
N PRO E 568 41.56 -1.79 9.60
CA PRO E 568 42.69 -2.51 9.00
C PRO E 568 42.45 -4.01 8.96
N PHE E 569 42.97 -4.64 7.92
CA PHE E 569 42.76 -6.07 7.73
C PHE E 569 43.31 -6.86 8.91
N GLY E 570 42.59 -7.91 9.29
CA GLY E 570 42.92 -8.69 10.47
C GLY E 570 42.27 -8.21 11.74
N ARG E 571 41.60 -7.06 11.71
CA ARG E 571 40.87 -6.52 12.85
C ARG E 571 39.41 -6.36 12.44
N ARG E 572 38.64 -7.44 12.58
CA ARG E 572 37.23 -7.46 12.21
C ARG E 572 36.47 -8.19 13.31
N PRO E 573 35.37 -7.63 13.80
CA PRO E 573 34.59 -8.33 14.83
C PRO E 573 34.08 -9.66 14.33
N ASP E 574 34.11 -10.67 15.20
CA ASP E 574 33.69 -12.02 14.83
C ASP E 574 33.42 -12.82 16.09
N SER E 575 32.18 -13.28 16.25
CA SER E 575 31.84 -14.19 17.32
C SER E 575 32.20 -15.61 16.90
N LEU E 576 32.92 -16.32 17.77
CA LEU E 576 33.41 -17.66 17.45
C LEU E 576 32.34 -18.70 17.75
N ASP E 577 31.17 -18.51 17.15
CA ASP E 577 30.11 -19.50 17.27
C ASP E 577 30.46 -20.75 16.47
N PRO E 578 29.95 -21.91 16.86
CA PRO E 578 30.30 -23.15 16.15
C PRO E 578 29.86 -23.10 14.69
N ASP E 579 30.69 -23.69 13.83
CA ASP E 579 30.41 -23.75 12.39
C ASP E 579 29.63 -25.04 12.13
N VAL E 580 28.33 -24.90 11.91
CA VAL E 580 27.46 -26.07 11.82
C VAL E 580 27.83 -26.95 10.64
N THR E 581 28.05 -26.33 9.47
CA THR E 581 28.35 -27.11 8.28
C THR E 581 29.67 -27.87 8.40
N ALA E 582 30.69 -27.22 8.98
CA ALA E 582 31.99 -27.88 9.12
C ALA E 582 31.93 -29.01 10.13
N LYS E 583 31.26 -28.79 11.26
CA LYS E 583 31.15 -29.84 12.28
C LYS E 583 30.33 -31.02 11.76
N TRP E 584 29.23 -30.74 11.06
CA TRP E 584 28.37 -31.81 10.57
C TRP E 584 28.94 -32.53 9.36
N SER E 585 29.84 -31.90 8.61
CA SER E 585 30.44 -32.55 7.47
C SER E 585 31.48 -33.59 7.86
N ASN E 586 32.01 -33.52 9.09
CA ASN E 586 33.04 -34.45 9.53
C ASN E 586 32.46 -35.85 9.72
N ASN E 587 33.31 -36.85 9.49
CA ASN E 587 32.91 -38.23 9.71
C ASN E 587 32.70 -38.48 11.20
N ARG E 588 31.73 -39.35 11.50
CA ARG E 588 31.38 -39.63 12.89
C ARG E 588 32.39 -40.59 13.51
N VAL E 589 32.63 -40.41 14.81
CA VAL E 589 33.57 -41.22 15.56
C VAL E 589 32.82 -41.84 16.74
N GLN E 590 33.34 -42.96 17.22
CA GLN E 590 32.75 -43.61 18.38
C GLN E 590 32.81 -42.70 19.60
N GLY E 591 31.70 -42.63 20.34
CA GLY E 591 31.58 -41.75 21.47
C GLY E 591 31.92 -42.42 22.79
N ASP E 592 32.00 -41.59 23.83
CA ASP E 592 32.28 -42.06 25.19
C ASP E 592 31.55 -41.12 26.15
N TYR E 593 30.35 -41.52 26.56
CA TYR E 593 29.50 -40.65 27.37
C TYR E 593 29.67 -40.85 28.86
N LYS E 594 30.52 -41.79 29.29
CA LYS E 594 30.83 -41.90 30.71
C LYS E 594 31.53 -40.63 31.21
N GLU E 595 32.45 -40.09 30.41
CA GLU E 595 33.10 -38.84 30.77
C GLU E 595 32.09 -37.69 30.84
N VAL E 596 31.14 -37.66 29.91
CA VAL E 596 30.11 -36.61 29.93
C VAL E 596 29.27 -36.73 31.20
N LEU E 597 28.87 -37.94 31.55
CA LEU E 597 28.09 -38.14 32.78
C LEU E 597 28.89 -37.72 34.00
N THR E 598 30.18 -38.06 34.04
CA THR E 598 31.01 -37.67 35.18
C THR E 598 31.12 -36.15 35.28
N LEU E 599 31.32 -35.48 34.15
CA LEU E 599 31.41 -34.02 34.15
C LEU E 599 30.10 -33.39 34.61
N TRP E 600 28.96 -33.94 34.16
CA TRP E 600 27.68 -33.41 34.58
C TRP E 600 27.47 -33.61 36.08
N ARG E 601 27.82 -34.79 36.59
CA ARG E 601 27.64 -35.06 38.02
C ARG E 601 28.53 -34.17 38.87
N GLN E 602 29.77 -33.96 38.46
CA GLN E 602 30.70 -33.16 39.25
C GLN E 602 30.60 -31.67 38.95
N LYS E 603 29.83 -31.27 37.93
CA LYS E 603 29.68 -29.86 37.56
C LYS E 603 31.02 -29.21 37.26
N LYS E 604 31.89 -29.95 36.57
CA LYS E 604 33.21 -29.45 36.19
C LYS E 604 33.37 -29.57 34.67
N VAL E 605 33.91 -28.53 34.05
CA VAL E 605 34.07 -28.50 32.60
C VAL E 605 35.43 -28.98 32.14
N ARG E 606 36.37 -29.23 33.06
CA ARG E 606 37.71 -29.68 32.72
C ARG E 606 37.81 -31.18 32.96
N SER E 607 38.26 -31.91 31.94
CA SER E 607 38.41 -33.35 32.05
C SER E 607 39.56 -33.70 32.99
N GLN E 608 39.58 -34.95 33.43
CA GLN E 608 40.62 -35.43 34.35
C GLN E 608 41.86 -35.93 33.63
N ARG E 609 41.85 -35.99 32.30
CA ARG E 609 42.97 -36.49 31.53
C ARG E 609 43.84 -35.38 30.95
N ILE E 610 43.56 -34.12 31.30
CA ILE E 610 44.30 -33.00 30.73
C ILE E 610 45.70 -32.95 31.34
N VAL E 611 46.70 -32.76 30.49
CA VAL E 611 48.07 -32.57 30.94
C VAL E 611 48.30 -31.11 31.29
N GLU E 612 49.25 -30.87 32.21
CA GLU E 612 49.33 -29.57 32.86
C GLU E 612 50.13 -28.55 32.05
N ASN E 613 51.41 -28.82 31.82
CA ASN E 613 52.37 -27.79 31.41
C ASN E 613 53.20 -28.24 30.22
N ILE E 614 52.53 -28.72 29.17
CA ILE E 614 53.25 -29.09 27.95
C ILE E 614 53.92 -27.86 27.36
N LYS E 615 55.15 -28.04 26.90
CA LYS E 615 55.90 -26.96 26.26
C LYS E 615 55.65 -26.98 24.75
N ARG E 616 55.48 -25.79 24.19
CA ARG E 616 55.18 -25.64 22.77
C ARG E 616 56.15 -24.64 22.14
N LEU E 617 56.39 -24.82 20.85
CA LEU E 617 57.30 -23.98 20.09
C LEU E 617 56.60 -23.43 18.86
N PRO E 618 56.99 -22.26 18.39
CA PRO E 618 56.34 -21.68 17.21
C PRO E 618 56.69 -22.45 15.95
N VAL E 619 55.94 -22.15 14.89
CA VAL E 619 56.12 -22.81 13.61
C VAL E 619 56.29 -21.78 12.49
N SER E 636 42.58 -23.03 9.53
CA SER E 636 43.48 -24.10 9.09
C SER E 636 44.92 -23.76 9.42
N ASN E 637 45.20 -22.48 9.57
CA ASN E 637 46.55 -22.04 9.91
C ASN E 637 46.93 -22.47 11.31
N ILE E 638 48.19 -22.86 11.48
CA ILE E 638 48.71 -23.35 12.76
C ILE E 638 49.84 -22.42 13.19
N LEU E 639 49.82 -22.01 14.47
CA LEU E 639 50.81 -21.10 15.00
C LEU E 639 51.79 -21.74 15.97
N SER E 640 51.46 -22.90 16.54
CA SER E 640 52.35 -23.56 17.49
C SER E 640 51.95 -25.03 17.59
N ILE E 641 52.96 -25.90 17.61
CA ILE E 641 52.73 -27.34 17.74
C ILE E 641 53.66 -27.92 18.79
N GLY E 642 53.17 -28.03 20.03
CA GLY E 642 53.92 -28.68 21.07
C GLY E 642 53.69 -30.18 21.10
N TYR E 643 54.48 -30.89 21.91
CA TYR E 643 54.37 -32.33 21.99
C TYR E 643 55.00 -32.82 23.29
N GLU E 644 54.65 -34.04 23.66
CA GLU E 644 55.26 -34.70 24.82
C GLU E 644 55.12 -36.20 24.62
N ALA E 645 56.25 -36.87 24.40
CA ALA E 645 56.23 -38.32 24.19
C ALA E 645 56.00 -39.10 25.48
N ASP E 646 56.25 -38.49 26.63
CA ASP E 646 56.02 -39.18 27.89
C ASP E 646 54.54 -39.48 28.10
N SER E 647 53.67 -38.51 27.81
CA SER E 647 52.24 -38.67 27.96
C SER E 647 51.52 -38.94 26.65
N MET E 648 52.20 -38.76 25.51
CA MET E 648 51.63 -38.99 24.19
C MET E 648 50.37 -38.13 23.97
N THR E 649 50.48 -36.85 24.32
CA THR E 649 49.39 -35.88 24.18
C THR E 649 49.87 -34.76 23.28
N LEU E 650 49.65 -34.92 21.97
CA LEU E 650 50.00 -33.87 21.02
C LEU E 650 49.13 -32.64 21.26
N GLU E 651 49.74 -31.46 21.21
CA GLU E 651 49.08 -30.22 21.55
C GLU E 651 49.31 -29.19 20.45
N ILE E 652 48.23 -28.62 19.93
CA ILE E 652 48.28 -27.65 18.84
C ILE E 652 47.54 -26.40 19.27
N GLU E 653 48.13 -25.24 19.01
CA GLU E 653 47.50 -23.95 19.25
C GLU E 653 47.09 -23.35 17.91
N PHE E 654 45.79 -23.33 17.65
CA PHE E 654 45.26 -22.84 16.38
C PHE E 654 45.18 -21.31 16.41
N ASN E 655 44.59 -20.74 15.38
CA ASN E 655 44.39 -19.30 15.33
C ASN E 655 43.27 -18.88 16.29
N HIS E 656 43.28 -17.59 16.64
CA HIS E 656 42.27 -16.99 17.51
C HIS E 656 42.26 -17.63 18.90
N GLY E 657 43.40 -18.16 19.33
CA GLY E 657 43.52 -18.65 20.70
C GLY E 657 42.96 -20.04 20.94
N LEU E 658 42.65 -20.80 19.90
CA LEU E 658 42.16 -22.15 20.07
C LEU E 658 43.29 -23.09 20.48
N VAL E 659 43.06 -23.87 21.52
CA VAL E 659 44.04 -24.82 22.03
C VAL E 659 43.40 -26.20 22.09
N TYR E 660 44.05 -27.19 21.48
CA TYR E 660 43.57 -28.56 21.46
C TYR E 660 44.59 -29.47 22.11
N GLN E 661 44.17 -30.72 22.36
CA GLN E 661 45.02 -31.71 23.02
C GLN E 661 44.60 -33.09 22.53
N TYR E 662 45.38 -33.66 21.62
CA TYR E 662 45.07 -34.97 21.06
C TYR E 662 45.79 -36.05 21.83
N TYR E 663 45.05 -37.04 22.32
CA TYR E 663 45.57 -38.08 23.18
C TYR E 663 45.88 -39.34 22.39
N ASP E 664 46.72 -40.19 22.99
CA ASP E 664 47.08 -41.50 22.44
C ASP E 664 47.65 -41.38 21.03
N VAL E 665 48.70 -40.58 20.91
CA VAL E 665 49.39 -40.33 19.65
C VAL E 665 50.82 -40.84 19.77
N PRO E 666 51.33 -41.60 18.82
CA PRO E 666 52.72 -42.06 18.89
C PRO E 666 53.70 -40.91 18.66
N GLU E 667 54.91 -41.10 19.18
CA GLU E 667 55.94 -40.08 19.01
C GLU E 667 56.31 -39.89 17.55
N THR E 668 56.41 -40.99 16.81
CA THR E 668 56.73 -40.91 15.38
C THR E 668 55.72 -40.05 14.64
N LEU E 669 54.46 -40.04 15.11
CA LEU E 669 53.44 -39.26 14.45
C LEU E 669 53.78 -37.77 14.49
N HIS E 670 54.09 -37.23 15.68
CA HIS E 670 54.35 -35.78 15.73
C HIS E 670 55.73 -35.46 15.17
N THR E 671 56.68 -36.40 15.24
CA THR E 671 57.96 -36.16 14.58
C THR E 671 57.77 -36.01 13.07
N GLU E 672 56.93 -36.86 12.47
CA GLU E 672 56.62 -36.71 11.05
C GLU E 672 55.84 -35.44 10.78
N LEU E 673 54.90 -35.09 11.68
CA LEU E 673 54.10 -33.89 11.50
C LEU E 673 54.96 -32.64 11.51
N LEU E 674 55.96 -32.58 12.39
CA LEU E 674 56.84 -31.42 12.46
C LEU E 674 57.72 -31.29 11.23
N ALA E 675 57.83 -32.34 10.42
CA ALA E 675 58.63 -32.33 9.20
C ALA E 675 57.69 -32.52 8.02
N ALA E 676 57.14 -31.43 7.52
CA ALA E 676 56.24 -31.48 6.37
C ALA E 676 56.25 -30.12 5.68
N GLU E 677 55.83 -30.12 4.42
CA GLU E 677 55.77 -28.87 3.66
C GLU E 677 54.77 -27.89 4.28
N SER E 678 53.61 -28.40 4.68
CA SER E 678 52.58 -27.58 5.33
C SER E 678 52.26 -28.18 6.68
N HIS E 679 52.15 -27.30 7.70
CA HIS E 679 51.81 -27.78 9.03
C HIS E 679 50.43 -28.42 9.07
N GLY E 680 49.52 -27.97 8.20
CA GLY E 680 48.24 -28.62 8.07
C GLY E 680 48.33 -29.81 7.12
N LYS E 681 47.38 -29.93 6.19
CA LYS E 681 47.40 -30.98 5.19
C LYS E 681 47.51 -32.36 5.83
N PHE E 682 48.74 -32.76 6.18
CA PHE E 682 48.95 -34.04 6.87
C PHE E 682 48.15 -34.10 8.17
N PHE E 683 48.05 -32.97 8.88
CA PHE E 683 47.22 -32.92 10.07
C PHE E 683 45.77 -33.25 9.74
N ASN E 684 45.21 -32.56 8.75
CA ASN E 684 43.85 -32.90 8.30
C ASN E 684 43.78 -34.28 7.68
N SER E 685 44.91 -34.81 7.20
CA SER E 685 44.91 -36.12 6.57
C SER E 685 44.80 -37.25 7.60
N GLN E 686 45.51 -37.14 8.72
CA GLN E 686 45.58 -38.28 9.63
C GLN E 686 45.17 -37.96 11.07
N ILE E 687 45.46 -36.75 11.55
CA ILE E 687 45.25 -36.44 12.96
C ILE E 687 43.89 -35.80 13.23
N LYS E 688 43.24 -35.24 12.21
CA LYS E 688 42.06 -34.41 12.43
C LYS E 688 40.93 -35.19 13.10
N ASN E 689 40.60 -36.37 12.58
CA ASN E 689 39.44 -37.13 13.03
C ASN E 689 39.78 -38.59 13.25
N ASN E 690 40.89 -38.84 13.95
CA ASN E 690 41.30 -40.20 14.25
C ASN E 690 41.64 -40.45 15.72
N TYR E 691 41.77 -39.41 16.54
CA TYR E 691 42.18 -39.55 17.93
C TYR E 691 41.24 -38.76 18.83
N ARG E 692 40.97 -39.30 20.01
CA ARG E 692 40.18 -38.59 21.00
C ARG E 692 40.91 -37.35 21.48
N PHE E 693 40.20 -36.24 21.56
CA PHE E 693 40.80 -34.95 21.91
C PHE E 693 39.86 -34.20 22.86
N SER E 694 40.33 -33.05 23.33
CA SER E 694 39.52 -32.17 24.17
C SER E 694 40.17 -30.80 24.17
N ARG E 695 39.44 -29.78 23.71
CA ARG E 695 39.98 -28.43 23.68
C ARG E 695 40.04 -27.85 25.09
N ILE E 696 41.03 -27.00 25.32
CA ILE E 696 41.20 -26.35 26.61
C ILE E 696 41.41 -24.85 26.42
N GLY F 15 4.29 46.56 -11.45
CA GLY F 15 3.46 45.71 -10.62
C GLY F 15 2.11 46.33 -10.30
N THR F 16 1.11 46.05 -11.14
CA THR F 16 -0.24 46.56 -10.97
C THR F 16 -1.18 45.42 -10.62
N VAL F 17 -1.96 45.60 -9.55
CA VAL F 17 -2.90 44.58 -9.13
C VAL F 17 -3.99 44.41 -10.17
N GLN F 18 -4.28 43.16 -10.51
CA GLN F 18 -5.31 42.84 -11.49
C GLN F 18 -6.32 41.82 -10.97
N ASP F 19 -6.43 41.65 -9.66
CA ASP F 19 -7.35 40.67 -9.10
C ASP F 19 -7.64 41.01 -7.65
N VAL F 20 -8.86 40.71 -7.22
CA VAL F 20 -9.27 40.82 -5.83
C VAL F 20 -9.97 39.52 -5.45
N ASN F 21 -9.35 38.73 -4.59
CA ASN F 21 -9.84 37.39 -4.26
C ASN F 21 -10.02 37.23 -2.77
N GLY F 22 -10.65 38.22 -2.12
CA GLY F 22 -10.98 38.12 -0.71
C GLY F 22 -9.87 38.58 0.22
N ALA F 23 -8.80 37.78 0.32
CA ALA F 23 -7.68 38.08 1.22
C ALA F 23 -6.34 37.78 0.57
N ASN F 24 -6.32 37.66 -0.76
CA ASN F 24 -5.10 37.35 -1.51
C ASN F 24 -5.27 37.92 -2.92
N ILE F 25 -4.60 39.02 -3.19
CA ILE F 25 -4.63 39.64 -4.51
C ILE F 25 -3.46 39.12 -5.33
N ARG F 26 -3.58 39.23 -6.65
CA ARG F 26 -2.56 38.74 -7.57
C ARG F 26 -2.18 39.88 -8.51
N VAL F 27 -0.90 39.94 -8.87
CA VAL F 27 -0.34 41.08 -9.58
C VAL F 27 0.16 40.63 -10.95
N VAL F 28 0.19 41.56 -11.89
CA VAL F 28 0.75 41.34 -13.22
C VAL F 28 1.66 42.53 -13.51
N LEU F 29 2.97 42.33 -13.31
CA LEU F 29 3.92 43.42 -13.49
C LEU F 29 4.11 43.71 -14.97
N ASP F 30 4.23 45.01 -15.30
CA ASP F 30 4.41 45.45 -16.68
C ASP F 30 5.84 45.85 -17.00
N ILE F 31 6.65 46.19 -15.99
CA ILE F 31 8.06 46.52 -16.22
C ILE F 31 8.74 45.30 -16.83
N ASN F 32 9.36 45.49 -18.00
CA ASN F 32 9.91 44.38 -18.76
C ASN F 32 10.83 43.48 -17.93
N THR F 33 11.96 44.02 -17.49
CA THR F 33 12.90 43.21 -16.73
C THR F 33 13.57 44.00 -15.60
N ILE F 34 12.81 44.79 -14.85
CA ILE F 34 13.43 45.69 -13.88
C ILE F 34 14.26 44.88 -12.88
N SER F 35 13.59 44.13 -12.00
CA SER F 35 14.12 42.92 -11.35
C SER F 35 15.58 43.00 -10.94
N SER F 36 16.07 44.18 -10.57
CA SER F 36 17.50 44.37 -10.31
C SER F 36 17.71 45.40 -9.19
N LEU F 37 16.99 45.24 -8.09
CA LEU F 37 17.07 46.15 -6.95
C LEU F 37 16.69 47.57 -7.38
N LYS F 38 15.42 47.70 -7.78
CA LYS F 38 14.90 48.98 -8.22
C LYS F 38 15.04 50.02 -7.12
N PHE F 39 15.90 51.02 -7.37
CA PHE F 39 16.29 51.99 -6.36
C PHE F 39 15.47 53.27 -6.50
N VAL F 40 14.95 53.76 -5.39
CA VAL F 40 14.20 55.01 -5.35
C VAL F 40 14.84 55.93 -4.34
N ASP F 41 15.20 57.15 -4.78
CA ASP F 41 15.73 58.19 -3.90
C ASP F 41 17.00 57.73 -3.17
N GLY F 42 17.86 57.03 -3.88
CA GLY F 42 19.14 56.62 -3.34
C GLY F 42 19.12 55.40 -2.44
N GLN F 43 17.97 54.77 -2.25
CA GLN F 43 17.85 53.54 -1.49
C GLN F 43 17.35 52.44 -2.40
N GLY F 44 18.01 51.29 -2.34
CA GLY F 44 17.69 50.21 -3.25
C GLY F 44 16.66 49.25 -2.72
N TYR F 45 15.41 49.43 -3.15
CA TYR F 45 14.36 48.46 -2.89
C TYR F 45 14.42 47.35 -3.93
N ARG F 46 13.93 46.18 -3.56
CA ARG F 46 13.95 45.03 -4.44
C ARG F 46 12.56 44.78 -5.01
N ILE F 47 12.51 44.04 -6.12
CA ILE F 47 11.22 43.55 -6.60
C ILE F 47 10.63 42.62 -5.56
N GLY F 48 9.33 42.36 -5.69
CA GLY F 48 8.59 41.62 -4.68
C GLY F 48 9.27 40.36 -4.22
N GLN F 49 9.82 40.39 -3.00
CA GLN F 49 10.55 39.29 -2.41
C GLN F 49 9.66 38.54 -1.42
N ILE F 50 10.25 37.57 -0.72
CA ILE F 50 9.48 36.81 0.26
C ILE F 50 9.11 37.68 1.46
N GLY F 51 10.10 38.39 2.01
CA GLY F 51 9.89 39.18 3.21
C GLY F 51 9.52 40.63 3.00
N SER F 52 9.30 41.06 1.76
CA SER F 52 9.01 42.45 1.47
C SER F 52 7.56 42.79 1.81
N PHE F 53 7.26 44.09 1.80
CA PHE F 53 5.92 44.60 2.01
C PHE F 53 5.42 45.31 0.76
N VAL F 54 4.11 45.25 0.55
CA VAL F 54 3.47 45.82 -0.63
C VAL F 54 2.69 47.07 -0.21
N ARG F 55 2.27 47.83 -1.21
CA ARG F 55 1.50 49.06 -0.99
C ARG F 55 0.72 49.39 -2.26
N ILE F 56 -0.60 49.36 -2.16
CA ILE F 56 -1.47 49.62 -3.30
C ILE F 56 -2.21 50.94 -3.08
N PRO F 57 -1.82 52.02 -3.77
CA PRO F 57 -2.46 53.32 -3.55
C PRO F 57 -3.82 53.44 -4.22
N ILE F 58 -4.84 53.81 -3.46
CA ILE F 58 -6.19 54.02 -4.00
C ILE F 58 -6.68 55.42 -3.62
N GLY F 59 -6.35 56.41 -4.43
CA GLY F 59 -6.84 57.76 -4.24
C GLY F 59 -6.09 58.56 -3.19
N TYR F 60 -6.42 58.35 -1.92
CA TYR F 60 -5.78 59.11 -0.84
C TYR F 60 -5.23 58.23 0.26
N ILE F 61 -5.84 57.08 0.52
CA ILE F 61 -5.40 56.18 1.58
C ILE F 61 -4.42 55.16 0.98
N ASN F 62 -3.47 54.71 1.80
CA ASN F 62 -2.45 53.78 1.37
C ASN F 62 -2.84 52.38 1.84
N LEU F 63 -3.12 51.50 0.88
CA LEU F 63 -3.43 50.11 1.18
C LEU F 63 -2.15 49.28 1.07
N PHE F 64 -1.69 48.76 2.19
CA PHE F 64 -0.43 48.04 2.23
C PHE F 64 -0.66 46.53 2.20
N GLY F 65 0.43 45.77 2.19
CA GLY F 65 0.32 44.32 2.16
C GLY F 65 1.66 43.69 2.43
N ILE F 66 1.65 42.37 2.52
CA ILE F 66 2.86 41.58 2.75
C ILE F 66 2.90 40.46 1.73
N VAL F 67 4.09 40.21 1.19
CA VAL F 67 4.22 39.17 0.16
C VAL F 67 4.34 37.81 0.82
N SER F 68 3.69 36.81 0.23
CA SER F 68 3.68 35.45 0.77
C SER F 68 4.35 34.44 -0.13
N GLN F 69 3.98 34.38 -1.40
CA GLN F 69 4.53 33.43 -2.36
C GLN F 69 4.82 34.16 -3.67
N VAL F 70 5.85 33.72 -4.37
CA VAL F 70 6.27 34.32 -5.63
C VAL F 70 6.46 33.21 -6.65
N GLY F 71 5.91 33.41 -7.86
CA GLY F 71 6.13 32.50 -8.96
C GLY F 71 4.82 31.94 -9.50
N ALA F 72 4.90 30.75 -10.09
CA ALA F 72 3.73 30.13 -10.72
C ALA F 72 2.67 29.72 -9.71
N GLY F 73 2.99 29.73 -8.42
CA GLY F 73 2.00 29.36 -7.41
C GLY F 73 0.84 30.32 -7.33
N ALA F 74 0.97 31.50 -7.93
CA ALA F 74 -0.11 32.48 -7.94
C ALA F 74 -0.98 32.38 -9.19
N VAL F 75 -0.45 31.89 -10.30
CA VAL F 75 -1.21 31.76 -11.54
C VAL F 75 -2.12 30.54 -11.47
N HIS F 87 6.78 33.80 -15.66
CA HIS F 87 5.55 34.18 -14.97
C HIS F 87 5.69 35.56 -14.36
N ARG F 88 4.55 36.23 -14.14
CA ARG F 88 4.53 37.57 -13.58
C ARG F 88 3.44 37.72 -12.53
N TRP F 89 3.07 36.63 -11.87
CA TRP F 89 2.04 36.64 -10.84
C TRP F 89 2.64 36.32 -9.48
N ILE F 90 2.20 37.07 -8.47
CA ILE F 90 2.67 36.88 -7.10
C ILE F 90 1.45 36.71 -6.20
N SER F 91 1.70 36.10 -5.04
CA SER F 91 0.65 35.85 -4.04
C SER F 91 0.81 36.87 -2.93
N VAL F 92 0.14 37.99 -3.06
CA VAL F 92 0.17 39.06 -2.07
C VAL F 92 -0.94 38.81 -1.04
N GLN F 93 -0.64 39.13 0.22
CA GLN F 93 -1.58 38.93 1.32
C GLN F 93 -1.84 40.27 1.98
N LEU F 94 -3.12 40.63 2.07
CA LEU F 94 -3.49 41.89 2.71
C LEU F 94 -3.45 41.77 4.22
N VAL F 95 -2.91 42.80 4.88
CA VAL F 95 -2.85 42.84 6.34
C VAL F 95 -3.53 44.09 6.85
N GLY F 96 -3.12 45.25 6.35
CA GLY F 96 -3.69 46.50 6.83
C GLY F 96 -3.60 47.65 5.87
N GLU F 97 -4.06 48.82 6.31
CA GLU F 97 -4.05 50.03 5.50
C GLU F 97 -4.11 51.23 6.44
N GLU F 98 -3.83 52.40 5.88
CA GLU F 98 -3.79 53.64 6.64
C GLU F 98 -5.12 54.36 6.50
N GLY F 99 -5.48 55.13 7.52
CA GLY F 99 -6.67 55.97 7.47
C GLY F 99 -6.36 57.28 6.77
N ILE F 100 -6.76 58.40 7.37
CA ILE F 100 -6.40 59.71 6.84
C ILE F 100 -5.05 60.07 7.45
N LYS F 101 -4.00 59.54 6.84
CA LYS F 101 -2.60 59.77 7.25
C LYS F 101 -2.38 59.53 8.74
N LYS F 102 -3.18 58.64 9.35
CA LYS F 102 -3.12 58.45 10.81
C LYS F 102 -1.95 57.55 11.20
N GLU F 103 -2.05 56.27 10.88
CA GLU F 103 -1.04 55.29 11.27
C GLU F 103 -1.30 53.99 10.51
N PHE F 104 -0.59 52.94 10.91
CA PHE F 104 -0.77 51.61 10.34
C PHE F 104 -1.94 50.95 11.07
N GLU F 105 -3.03 50.71 10.34
CA GLU F 105 -4.26 50.20 10.90
C GLU F 105 -4.64 48.89 10.23
N ARG F 106 -5.07 47.92 11.02
CA ARG F 106 -5.65 46.70 10.46
C ARG F 106 -7.11 46.94 10.09
N GLY F 107 -7.53 46.33 8.98
CA GLY F 107 -8.87 46.52 8.48
C GLY F 107 -8.92 47.50 7.33
N VAL F 108 -9.06 47.00 6.10
CA VAL F 108 -8.99 47.83 4.91
C VAL F 108 -10.35 48.48 4.65
N SER F 109 -10.34 49.54 3.84
CA SER F 109 -11.55 50.24 3.45
C SER F 109 -12.11 49.78 2.11
N GLN F 110 -11.25 49.50 1.14
CA GLN F 110 -11.68 49.05 -0.17
C GLN F 110 -10.52 48.35 -0.85
N TYR F 111 -10.68 47.06 -1.12
CA TYR F 111 -9.65 46.29 -1.79
C TYR F 111 -9.43 46.82 -3.20
N PRO F 112 -8.18 46.96 -3.63
CA PRO F 112 -7.90 47.63 -4.91
C PRO F 112 -8.39 46.80 -6.09
N THR F 113 -8.59 47.50 -7.20
CA THR F 113 -9.04 46.87 -8.44
C THR F 113 -8.03 47.10 -9.55
N ILE F 114 -8.37 46.67 -10.77
CA ILE F 114 -7.44 46.83 -11.89
C ILE F 114 -7.25 48.31 -12.20
N GLY F 115 -6.09 48.64 -12.76
CA GLY F 115 -5.77 49.99 -13.18
C GLY F 115 -4.78 50.73 -12.31
N ASP F 116 -4.62 50.34 -11.05
CA ASP F 116 -3.67 51.01 -10.17
C ASP F 116 -2.41 50.19 -10.01
N LYS F 117 -1.26 50.86 -10.10
CA LYS F 117 0.03 50.23 -9.90
C LYS F 117 0.30 50.09 -8.41
N VAL F 118 0.73 48.91 -8.00
CA VAL F 118 1.04 48.63 -6.61
C VAL F 118 2.50 48.97 -6.36
N HIS F 119 2.76 49.84 -5.39
CA HIS F 119 4.10 50.25 -5.03
C HIS F 119 4.57 49.44 -3.82
N ILE F 120 5.75 49.77 -3.31
CA ILE F 120 6.39 49.01 -2.24
C ILE F 120 6.57 49.91 -1.03
N VAL F 121 6.71 49.28 0.13
CA VAL F 121 6.95 50.01 1.37
C VAL F 121 8.45 50.20 1.53
N THR F 122 8.91 51.42 1.28
CA THR F 122 10.33 51.73 1.37
C THR F 122 10.77 51.86 2.82
N GLU F 123 12.05 52.19 3.01
CA GLU F 123 12.59 52.28 4.35
C GLU F 123 11.89 53.33 5.22
N PRO F 124 11.71 54.58 4.79
CA PRO F 124 10.95 55.52 5.65
C PRO F 124 9.51 55.09 5.88
N ASP F 125 8.86 54.54 4.86
CA ASP F 125 7.49 54.06 5.03
C ASP F 125 7.45 52.91 6.04
N LEU F 126 8.44 52.02 5.99
CA LEU F 126 8.52 50.95 6.98
C LEU F 126 8.76 51.51 8.38
N LYS F 127 9.62 52.53 8.50
CA LYS F 127 9.82 53.17 9.80
C LYS F 127 8.52 53.73 10.34
N LYS F 128 7.75 54.40 9.48
CA LYS F 128 6.45 54.92 9.90
C LYS F 128 5.51 53.78 10.31
N ILE F 129 5.53 52.68 9.56
CA ILE F 129 4.70 51.53 9.90
C ILE F 129 5.21 50.87 11.18
N TYR F 130 6.53 50.84 11.37
CA TYR F 130 7.14 50.27 12.55
C TYR F 130 7.37 51.29 13.65
N GLY F 131 6.80 52.49 13.54
CA GLY F 131 6.98 53.49 14.56
C GLY F 131 5.84 53.51 15.55
N THR F 132 6.17 53.79 16.81
CA THR F 132 5.16 53.81 17.87
C THR F 132 5.37 55.05 18.73
N GLN F 133 4.26 55.57 19.23
CA GLN F 133 4.27 56.77 20.07
C GLN F 133 4.32 56.45 21.56
N ASN F 134 4.22 55.18 21.92
CA ASN F 134 4.25 54.81 23.34
C ASN F 134 5.69 54.57 23.80
N LYS F 135 6.04 55.19 24.93
CA LYS F 135 7.36 55.02 25.52
C LYS F 135 7.51 53.67 26.23
N LYS F 136 6.41 52.98 26.52
CA LYS F 136 6.51 51.64 27.09
C LYS F 136 7.11 50.66 26.07
N TYR F 137 6.95 50.95 24.79
CA TYR F 137 7.55 50.13 23.74
C TYR F 137 9.08 50.19 23.85
N ILE F 138 9.71 49.02 23.80
CA ILE F 138 11.15 48.89 23.92
C ILE F 138 11.71 48.30 22.64
N SER F 139 12.77 48.93 22.14
CA SER F 139 13.43 48.46 20.92
C SER F 139 14.25 47.23 21.25
N LEU F 140 13.89 46.10 20.64
CA LEU F 140 14.54 44.84 20.93
C LEU F 140 15.62 44.44 19.92
N GLY F 141 15.72 45.14 18.79
CA GLY F 141 16.73 44.79 17.81
C GLY F 141 16.58 45.50 16.49
N ASN F 142 17.09 44.88 15.42
CA ASN F 142 17.10 45.45 14.10
C ASN F 142 16.40 44.51 13.12
N ILE F 143 15.65 45.10 12.19
CA ILE F 143 14.99 44.29 11.18
C ILE F 143 16.02 43.66 10.25
N ALA F 144 15.72 42.44 9.79
CA ALA F 144 16.63 41.74 8.89
C ALA F 144 16.74 42.47 7.56
N SER F 145 15.66 43.12 7.13
CA SER F 145 15.68 43.86 5.86
C SER F 145 16.75 44.96 5.90
N VAL F 146 16.60 45.91 6.81
CA VAL F 146 17.58 46.98 7.01
C VAL F 146 17.90 47.05 8.51
N ASP F 147 19.18 47.21 8.81
CA ASP F 147 19.67 47.15 10.19
C ASP F 147 19.39 48.40 11.00
N SER F 148 18.54 49.31 10.50
CA SER F 148 18.28 50.54 11.23
C SER F 148 16.93 50.54 11.93
N ILE F 149 15.88 50.03 11.29
CA ILE F 149 14.52 50.11 11.82
C ILE F 149 14.41 49.28 13.10
N PRO F 150 13.85 49.82 14.17
CA PRO F 150 13.78 49.08 15.43
C PRO F 150 12.51 48.25 15.55
N ALA F 151 12.59 47.26 16.43
CA ALA F 151 11.45 46.42 16.78
C ALA F 151 10.87 46.95 18.09
N LEU F 152 10.03 47.98 17.99
CA LEU F 152 9.40 48.56 19.17
C LEU F 152 8.47 47.55 19.81
N VAL F 153 8.81 47.12 21.03
CA VAL F 153 8.11 46.06 21.72
C VAL F 153 7.69 46.57 23.09
N ASN F 154 6.39 46.61 23.35
CA ASN F 154 5.91 46.94 24.69
C ASN F 154 6.19 45.78 25.63
N ILE F 155 6.97 46.07 26.67
CA ILE F 155 7.34 45.04 27.64
C ILE F 155 6.24 44.75 28.64
N ASP F 156 5.21 45.59 28.74
CA ASP F 156 4.05 45.26 29.57
C ASP F 156 3.38 44.00 29.05
N THR F 157 3.22 43.88 27.73
CA THR F 157 2.62 42.68 27.16
C THR F 157 3.53 41.47 27.33
N LEU F 158 4.85 41.67 27.27
CA LEU F 158 5.78 40.54 27.36
C LEU F 158 5.76 39.91 28.76
N VAL F 159 5.59 40.72 29.79
CA VAL F 159 5.61 40.23 31.16
C VAL F 159 4.21 39.85 31.64
N THR F 160 3.21 40.67 31.31
CA THR F 160 1.87 40.53 31.85
C THR F 160 1.10 39.35 31.30
N ARG F 161 1.22 39.04 30.00
CA ARG F 161 0.37 37.98 29.47
C ARG F 161 1.02 36.62 29.56
N HIS F 162 2.08 36.41 28.77
CA HIS F 162 2.87 35.18 28.74
C HIS F 162 3.95 35.28 27.69
N SER F 163 4.84 34.28 27.63
CA SER F 163 5.84 34.20 26.57
C SER F 163 6.13 32.74 26.26
N ALA F 164 6.82 32.51 25.15
CA ALA F 164 7.20 31.17 24.74
C ALA F 164 8.36 31.25 23.75
N VAL F 165 9.38 30.44 23.97
CA VAL F 165 10.56 30.38 23.11
C VAL F 165 10.63 28.99 22.51
N LEU F 166 10.48 28.90 21.18
CA LEU F 166 10.48 27.63 20.48
C LEU F 166 11.46 27.69 19.31
N GLY F 167 12.30 26.69 19.19
CA GLY F 167 13.25 26.63 18.09
C GLY F 167 14.24 25.51 18.31
N SER F 168 15.07 25.30 17.30
CA SER F 168 16.12 24.30 17.39
C SER F 168 17.28 24.81 18.25
N THR F 169 17.98 23.86 18.88
CA THR F 169 19.12 24.22 19.73
C THR F 169 20.26 24.84 18.93
N GLY F 170 20.34 24.54 17.63
CA GLY F 170 21.40 25.07 16.80
C GLY F 170 21.19 26.50 16.33
N SER F 171 20.03 27.09 16.61
CA SER F 171 19.75 28.47 16.22
C SER F 171 20.27 29.48 17.23
N GLY F 172 20.86 29.04 18.34
CA GLY F 172 21.34 29.95 19.35
C GLY F 172 20.24 30.50 20.22
N LYS F 173 19.53 29.63 20.93
CA LYS F 173 18.45 30.05 21.81
C LYS F 173 18.94 30.74 23.07
N SER F 174 20.05 30.26 23.65
CA SER F 174 20.57 30.88 24.87
C SER F 174 20.96 32.33 24.63
N THR F 175 21.63 32.60 23.51
CA THR F 175 22.05 33.96 23.21
C THR F 175 20.87 34.91 23.11
N THR F 176 19.86 34.53 22.31
CA THR F 176 18.70 35.42 22.12
C THR F 176 17.92 35.59 23.43
N VAL F 177 17.73 34.49 24.17
CA VAL F 177 16.98 34.58 25.42
C VAL F 177 17.71 35.48 26.41
N THR F 178 19.02 35.30 26.55
CA THR F 178 19.79 36.12 27.47
C THR F 178 19.80 37.58 27.04
N SER F 179 19.90 37.84 25.74
CA SER F 179 19.85 39.22 25.25
C SER F 179 18.52 39.87 25.59
N ILE F 180 17.42 39.13 25.40
CA ILE F 180 16.10 39.66 25.71
C ILE F 180 15.99 39.94 27.20
N LEU F 181 16.45 39.00 28.03
CA LEU F 181 16.37 39.17 29.48
C LEU F 181 17.21 40.35 29.95
N GLN F 182 18.41 40.52 29.40
CA GLN F 182 19.29 41.61 29.81
C GLN F 182 18.76 42.96 29.35
N ARG F 183 18.25 43.05 28.12
CA ARG F 183 17.66 44.29 27.66
C ARG F 183 16.41 44.64 28.44
N ILE F 184 15.66 43.62 28.88
CA ILE F 184 14.47 43.85 29.67
C ILE F 184 14.83 44.37 31.06
N SER F 185 16.07 44.14 31.50
CA SER F 185 16.49 44.43 32.86
C SER F 185 17.45 45.61 32.96
N ASP F 186 17.22 46.66 32.17
CA ASP F 186 18.03 47.86 32.32
C ASP F 186 17.63 48.61 33.58
N MET F 187 18.64 49.00 34.37
CA MET F 187 18.37 49.71 35.62
C MET F 187 17.73 51.07 35.37
N SER F 188 18.13 51.74 34.29
CA SER F 188 17.54 53.03 33.95
C SER F 188 16.15 52.87 33.35
N GLN F 189 15.90 51.78 32.65
CA GLN F 189 14.63 51.57 31.96
C GLN F 189 13.64 50.72 32.75
N PHE F 190 14.13 49.77 33.54
CA PHE F 190 13.28 48.89 34.33
C PHE F 190 13.76 48.89 35.78
N PRO F 191 13.51 49.97 36.52
CA PRO F 191 13.96 50.03 37.92
C PRO F 191 13.16 49.12 38.85
N SER F 192 12.03 48.57 38.41
CA SER F 192 11.19 47.71 39.23
C SER F 192 11.07 46.33 38.61
N ALA F 193 12.16 45.84 38.00
CA ALA F 193 12.16 44.54 37.35
C ALA F 193 12.27 43.43 38.39
N ARG F 194 11.78 42.24 38.02
CA ARG F 194 11.90 41.05 38.86
C ARG F 194 11.82 39.84 37.94
N ILE F 195 12.94 39.15 37.74
CA ILE F 195 13.04 38.05 36.80
C ILE F 195 13.63 36.84 37.49
N ILE F 196 12.93 35.71 37.37
CA ILE F 196 13.39 34.43 37.89
C ILE F 196 13.48 33.45 36.73
N VAL F 197 14.67 32.87 36.55
CA VAL F 197 14.93 31.92 35.47
C VAL F 197 15.17 30.56 36.10
N PHE F 198 14.33 29.59 35.75
CA PHE F 198 14.45 28.23 36.27
C PHE F 198 15.32 27.38 35.36
N ASP F 199 16.54 27.86 35.13
CA ASP F 199 17.50 27.12 34.33
C ASP F 199 17.86 25.81 35.02
N ILE F 200 17.92 24.74 34.24
CA ILE F 200 18.17 23.39 34.73
C ILE F 200 19.62 22.99 34.57
N HIS F 201 20.28 23.49 33.52
CA HIS F 201 21.67 23.15 33.24
C HIS F 201 22.66 24.08 33.94
N GLY F 202 22.19 25.14 34.59
CA GLY F 202 23.09 26.10 35.20
C GLY F 202 24.02 26.76 34.21
N GLU F 203 23.51 27.07 33.02
CA GLU F 203 24.32 27.63 31.95
C GLU F 203 24.27 29.15 31.92
N TYR F 204 23.56 29.78 32.84
CA TYR F 204 23.42 31.23 32.83
C TYR F 204 24.27 31.93 33.89
N ALA F 205 25.17 31.21 34.56
CA ALA F 205 26.05 31.84 35.54
C ALA F 205 26.98 32.84 34.87
N ALA F 206 27.58 32.45 33.74
CA ALA F 206 28.46 33.37 33.02
C ALA F 206 27.66 34.43 32.26
N ALA F 207 26.38 34.15 32.00
CA ALA F 207 25.55 35.10 31.26
C ALA F 207 25.40 36.41 32.00
N PHE F 208 25.03 36.35 33.28
CA PHE F 208 24.96 37.53 34.14
C PHE F 208 25.75 37.20 35.41
N LYS F 209 27.07 37.46 35.35
CA LYS F 209 27.95 37.07 36.45
C LYS F 209 27.64 37.85 37.72
N GLY F 210 27.47 39.16 37.61
CA GLY F 210 27.27 39.98 38.79
C GLY F 210 25.91 40.65 38.85
N LYS F 211 25.13 40.54 37.78
CA LYS F 211 23.81 41.16 37.73
C LYS F 211 22.71 40.26 38.27
N ALA F 212 23.03 39.03 38.65
CA ALA F 212 22.02 38.11 39.15
C ALA F 212 22.62 37.20 40.21
N LYS F 213 21.85 36.94 41.26
CA LYS F 213 22.24 35.99 42.28
C LYS F 213 22.16 34.57 41.73
N VAL F 214 22.98 33.68 42.30
CA VAL F 214 23.05 32.29 41.89
C VAL F 214 22.68 31.42 43.07
N TYR F 215 21.73 30.51 42.87
CA TYR F 215 21.26 29.60 43.92
C TYR F 215 21.44 28.17 43.44
N LYS F 216 22.38 27.46 44.03
CA LYS F 216 22.65 26.07 43.73
C LYS F 216 22.50 25.23 44.99
N VAL F 217 22.85 23.95 44.87
CA VAL F 217 22.82 23.05 46.02
C VAL F 217 24.11 23.14 46.83
N THR F 218 25.26 23.10 46.15
CA THR F 218 26.55 23.24 46.80
C THR F 218 27.36 24.33 46.10
N PRO F 219 27.10 25.61 46.39
CA PRO F 219 27.85 26.68 45.74
C PRO F 219 29.33 26.70 46.13
N SER F 220 30.15 27.44 45.40
CA SER F 220 31.58 27.42 45.66
C SER F 220 32.10 28.75 46.18
N ASN F 221 31.92 29.83 45.42
CA ASN F 221 32.57 31.10 45.77
C ASN F 221 31.59 32.24 46.03
N ASN F 222 30.73 32.53 45.06
CA ASN F 222 29.91 33.74 45.12
C ASN F 222 28.41 33.46 45.06
N GLU F 223 27.99 32.21 45.12
CA GLU F 223 26.59 31.85 44.98
C GLU F 223 25.98 31.53 46.34
N LEU F 224 24.73 31.91 46.52
CA LEU F 224 23.98 31.52 47.71
C LEU F 224 23.52 30.08 47.56
N LYS F 225 23.22 29.41 48.68
CA LYS F 225 22.83 28.02 48.65
C LYS F 225 21.31 27.92 48.76
N LEU F 226 20.70 27.25 47.79
CA LEU F 226 19.26 27.09 47.76
C LEU F 226 18.84 26.13 48.87
N SER F 227 17.83 26.53 49.64
CA SER F 227 17.34 25.74 50.77
C SER F 227 15.82 25.76 50.74
N ILE F 228 15.21 24.59 50.93
CA ILE F 228 13.77 24.43 50.85
C ILE F 228 13.27 23.89 52.17
N PRO F 229 12.47 24.68 52.91
CA PRO F 229 11.83 24.13 54.10
C PRO F 229 10.68 23.22 53.72
N TYR F 230 10.75 21.96 54.18
CA TYR F 230 9.75 20.98 53.80
C TYR F 230 8.45 21.16 54.57
N TRP F 231 8.53 21.66 55.81
CA TRP F 231 7.32 21.85 56.61
C TRP F 231 6.46 23.01 56.11
N ALA F 232 6.99 23.87 55.24
CA ALA F 232 6.22 24.99 54.70
C ALA F 232 5.36 24.59 53.52
N LEU F 233 5.49 23.37 53.02
CA LEU F 233 4.68 22.91 51.90
C LEU F 233 3.40 22.25 52.40
N THR F 234 2.49 21.98 51.45
CA THR F 234 1.22 21.35 51.77
C THR F 234 1.42 19.89 52.15
N CYS F 235 0.39 19.30 52.76
CA CYS F 235 0.47 17.92 53.22
C CYS F 235 0.64 16.95 52.06
N ASP F 236 -0.04 17.21 50.94
CA ASP F 236 0.05 16.31 49.79
C ASP F 236 1.47 16.26 49.24
N GLU F 237 2.14 17.41 49.17
CA GLU F 237 3.53 17.42 48.72
C GLU F 237 4.43 16.67 49.68
N PHE F 238 4.19 16.80 50.98
CA PHE F 238 4.95 16.03 51.96
C PHE F 238 4.76 14.53 51.75
N LEU F 239 3.52 14.11 51.53
CA LEU F 239 3.25 12.70 51.28
C LEU F 239 3.94 12.23 50.00
N SER F 240 3.92 13.06 48.95
CA SER F 240 4.50 12.65 47.68
C SER F 240 6.02 12.56 47.74
N VAL F 241 6.69 13.52 48.39
CA VAL F 241 8.14 13.57 48.34
C VAL F 241 8.76 12.76 49.48
N ALA F 242 8.29 12.99 50.71
CA ALA F 242 8.91 12.34 51.86
C ALA F 242 8.30 10.97 52.12
N PHE F 243 6.98 10.90 52.23
CA PHE F 243 6.30 9.64 52.51
C PHE F 243 6.25 8.70 51.32
N GLY F 244 6.62 9.16 50.13
CA GLY F 244 6.64 8.30 48.97
C GLY F 244 5.29 7.91 48.42
N GLY F 245 4.24 8.65 48.77
CA GLY F 245 2.91 8.38 48.23
C GLY F 245 2.07 7.45 49.09
N LEU F 246 2.10 7.65 50.40
CA LEU F 246 1.27 6.86 51.29
C LEU F 246 -0.19 7.25 51.15
N GLU F 247 -1.07 6.23 51.14
CA GLU F 247 -2.50 6.45 51.01
C GLU F 247 -3.35 5.68 52.01
N GLY F 248 -2.85 4.58 52.57
CA GLY F 248 -3.63 3.77 53.48
C GLY F 248 -3.52 4.21 54.92
N SER F 249 -3.29 3.22 55.80
CA SER F 249 -3.14 3.49 57.23
C SER F 249 -1.95 4.38 57.52
N GLY F 250 -0.84 4.22 56.78
CA GLY F 250 0.33 5.06 57.01
C GLY F 250 0.05 6.53 56.75
N ARG F 251 -0.69 6.83 55.69
CA ARG F 251 -1.04 8.22 55.40
C ARG F 251 -1.88 8.83 56.51
N ASN F 252 -2.86 8.08 57.02
CA ASN F 252 -3.72 8.62 58.08
C ASN F 252 -2.94 8.78 59.39
N ALA F 253 -2.04 7.84 59.67
CA ALA F 253 -1.16 7.99 60.83
C ALA F 253 -0.29 9.23 60.68
N LEU F 254 0.20 9.47 59.47
CA LEU F 254 0.99 10.68 59.21
C LEU F 254 0.15 11.93 59.42
N ILE F 255 -1.12 11.90 59.01
CA ILE F 255 -2.03 13.02 59.23
C ILE F 255 -2.20 13.27 60.71
N ASP F 256 -2.42 12.21 61.48
CA ASP F 256 -2.56 12.36 62.94
C ASP F 256 -1.30 12.96 63.55
N LYS F 257 -0.13 12.43 63.16
CA LYS F 257 1.13 12.93 63.70
C LYS F 257 1.36 14.38 63.32
N ILE F 258 1.00 14.77 62.08
CA ILE F 258 1.19 16.14 61.64
C ILE F 258 0.28 17.08 62.42
N TYR F 259 -0.98 16.70 62.61
CA TYR F 259 -1.88 17.54 63.40
C TYR F 259 -1.39 17.68 64.83
N GLU F 260 -0.96 16.57 65.45
CA GLU F 260 -0.47 16.63 66.82
C GLU F 260 0.79 17.48 66.92
N LEU F 261 1.69 17.36 65.94
CA LEU F 261 2.92 18.14 65.96
C LEU F 261 2.64 19.62 65.75
N LYS F 262 1.68 19.95 64.88
CA LYS F 262 1.30 21.36 64.71
C LYS F 262 0.71 21.92 65.99
N LEU F 263 -0.15 21.15 66.67
CA LEU F 263 -0.70 21.61 67.94
C LEU F 263 0.39 21.79 68.99
N GLN F 264 1.33 20.85 69.05
CA GLN F 264 2.43 20.96 70.01
C GLN F 264 3.31 22.15 69.71
N THR F 265 3.57 22.43 68.43
CA THR F 265 4.36 23.60 68.08
C THR F 265 3.63 24.89 68.44
N LEU F 266 2.31 24.94 68.23
CA LEU F 266 1.54 26.11 68.62
C LEU F 266 1.56 26.30 70.13
N LYS F 267 1.47 25.21 70.89
CA LYS F 267 1.45 25.32 72.35
C LYS F 267 2.82 25.71 72.90
N ARG F 268 3.89 25.13 72.37
CA ARG F 268 5.23 25.39 72.88
C ARG F 268 5.68 26.81 72.56
N GLN F 269 5.49 27.27 71.34
CA GLN F 269 5.85 28.60 70.92
C GLN F 269 4.65 29.30 70.29
N GLU F 270 4.38 30.51 70.76
CA GLU F 270 3.24 31.27 70.27
C GLU F 270 3.58 31.89 68.92
N TYR F 271 2.69 31.69 67.94
CA TYR F 271 2.84 32.26 66.61
C TYR F 271 1.70 33.23 66.35
N GLU F 272 2.05 34.41 65.85
CA GLU F 272 1.04 35.43 65.58
C GLU F 272 0.04 34.93 64.55
N GLY F 273 -1.25 35.10 64.84
CA GLY F 273 -2.29 34.61 63.97
C GLY F 273 -2.52 33.12 64.01
N ILE F 274 -1.86 32.41 64.93
CA ILE F 274 -1.94 30.96 65.02
C ILE F 274 -2.26 30.57 66.45
N ASN F 275 -3.26 29.69 66.62
CA ASN F 275 -3.59 29.15 67.93
C ASN F 275 -4.04 27.70 67.77
N GLU F 276 -4.61 27.12 68.82
CA GLU F 276 -5.17 25.78 68.74
C GLU F 276 -6.57 25.77 68.16
N ASP F 277 -7.16 26.94 67.87
CA ASP F 277 -8.52 27.03 67.36
C ASP F 277 -8.61 26.73 65.87
N SER F 278 -7.71 27.30 65.06
CA SER F 278 -7.80 27.23 63.61
C SER F 278 -6.53 26.66 62.98
N LEU F 279 -5.94 25.65 63.60
CA LEU F 279 -4.74 25.00 63.07
C LEU F 279 -5.15 24.14 61.88
N THR F 280 -4.85 24.61 60.67
CA THR F 280 -5.18 23.88 59.46
C THR F 280 -4.05 22.94 59.05
N VAL F 281 -4.38 22.00 58.17
CA VAL F 281 -3.39 21.03 57.69
C VAL F 281 -2.28 21.73 56.92
N ASP F 282 -2.64 22.71 56.09
CA ASP F 282 -1.68 23.43 55.27
C ASP F 282 -0.98 24.56 56.02
N THR F 283 -1.00 24.56 57.34
CA THR F 283 -0.39 25.63 58.13
C THR F 283 1.12 25.59 57.96
N PRO F 284 1.75 26.66 57.47
CA PRO F 284 3.21 26.66 57.31
C PRO F 284 3.93 26.97 58.61
N ILE F 285 3.75 26.13 59.62
CA ILE F 285 4.42 26.27 60.91
C ILE F 285 5.28 25.03 61.12
N PRO F 286 6.56 25.17 61.44
CA PRO F 286 7.44 24.00 61.48
C PRO F 286 7.01 22.99 62.52
N PHE F 287 7.23 21.71 62.19
CA PHE F 287 6.95 20.60 63.09
C PHE F 287 8.13 19.64 63.01
N SER F 288 8.39 18.96 64.12
CA SER F 288 9.55 18.09 64.19
C SER F 288 9.41 16.91 63.24
N ILE F 289 10.40 16.74 62.38
CA ILE F 289 10.41 15.63 61.44
C ILE F 289 11.49 14.60 61.80
N HIS F 290 12.64 15.07 62.25
CA HIS F 290 13.63 14.15 62.80
C HIS F 290 13.10 13.46 64.05
N LYS F 291 12.45 14.22 64.93
CA LYS F 291 11.81 13.62 66.09
C LYS F 291 10.65 12.72 65.68
N LEU F 292 9.94 13.08 64.61
CA LEU F 292 8.87 12.24 64.11
C LEU F 292 9.40 10.89 63.64
N TRP F 293 10.53 10.92 62.92
CA TRP F 293 11.16 9.67 62.49
C TRP F 293 11.68 8.88 63.68
N PHE F 294 12.23 9.57 64.69
CA PHE F 294 12.69 8.89 65.89
C PHE F 294 11.54 8.19 66.60
N ASP F 295 10.38 8.85 66.67
CA ASP F 295 9.21 8.23 67.30
C ASP F 295 8.70 7.06 66.47
N LEU F 296 8.61 7.23 65.15
CA LEU F 296 8.15 6.16 64.27
C LEU F 296 9.11 4.98 64.22
N TYR F 297 10.37 5.19 64.62
CA TYR F 297 11.30 4.07 64.74
C TYR F 297 11.25 3.42 66.11
N ARG F 298 11.18 4.23 67.19
CA ARG F 298 11.10 3.69 68.53
C ARG F 298 9.79 2.96 68.80
N ALA F 299 8.74 3.27 68.04
CA ALA F 299 7.45 2.61 68.19
C ALA F 299 7.38 1.28 67.45
N GLU F 300 8.43 0.92 66.71
CA GLU F 300 8.41 -0.32 65.93
C GLU F 300 9.73 -1.08 65.99
N ILE F 301 10.64 -0.74 66.90
CA ILE F 301 11.96 -1.37 66.94
C ILE F 301 12.21 -1.97 68.31
N SER F 302 12.15 -1.14 69.35
CA SER F 302 12.48 -1.57 70.70
C SER F 302 11.50 -2.60 71.23
N THR F 303 11.91 -3.36 72.24
CA THR F 303 11.10 -4.43 72.81
C THR F 303 10.64 -4.03 74.20
N HIS F 304 9.38 -4.35 74.50
CA HIS F 304 8.84 -4.06 75.82
C HIS F 304 9.43 -5.02 76.86
N TYR F 305 9.88 -4.45 77.98
CA TYR F 305 10.50 -5.26 79.02
C TYR F 305 9.49 -6.21 79.65
N VAL F 306 8.25 -5.77 79.83
CA VAL F 306 7.20 -6.56 80.47
C VAL F 306 6.10 -6.81 79.46
N GLN F 307 5.72 -8.08 79.29
CA GLN F 307 4.66 -8.43 78.37
C GLN F 307 3.30 -7.98 78.93
N GLY F 308 2.35 -7.79 78.02
CA GLY F 308 1.03 -7.32 78.40
C GLY F 308 0.92 -5.82 78.32
N SER F 309 2.02 -5.12 78.58
CA SER F 309 2.07 -3.66 78.54
C SER F 309 3.14 -3.20 77.56
N HIS F 310 2.88 -2.06 76.92
CA HIS F 310 3.81 -1.44 75.99
C HIS F 310 4.26 -0.08 76.50
N SER F 311 4.59 0.00 77.78
CA SER F 311 4.96 1.27 78.39
C SER F 311 6.30 1.76 77.84
N GLU F 312 6.49 3.08 77.91
CA GLU F 312 7.73 3.68 77.41
C GLU F 312 8.90 3.42 78.34
N GLU F 313 8.63 3.07 79.60
CA GLU F 313 9.69 2.76 80.55
C GLU F 313 10.17 1.32 80.46
N ASN F 314 9.59 0.51 79.57
CA ASN F 314 9.90 -0.90 79.45
C ASN F 314 10.89 -1.20 78.32
N GLU F 315 11.84 -0.30 78.07
CA GLU F 315 12.85 -0.54 77.04
C GLU F 315 13.73 -1.72 77.42
N ALA F 316 13.60 -2.82 76.68
CA ALA F 316 14.39 -4.02 76.93
C ALA F 316 15.64 -4.03 76.07
N ASP F 330 19.07 8.41 69.39
CA ASP F 330 18.88 9.84 69.30
C ASP F 330 17.86 10.17 68.20
N SER F 331 17.38 11.40 68.24
CA SER F 331 16.41 11.92 67.28
C SER F 331 17.06 12.61 66.09
N LEU F 332 17.90 13.63 66.36
CA LEU F 332 18.64 14.27 65.28
C LEU F 332 19.53 13.27 64.57
N LYS F 333 20.28 12.48 65.33
CA LYS F 333 20.97 11.33 64.76
C LYS F 333 19.95 10.30 64.30
N VAL F 334 20.21 9.68 63.15
CA VAL F 334 19.24 8.78 62.54
C VAL F 334 19.33 7.39 63.16
N VAL F 335 20.28 7.21 64.09
CA VAL F 335 20.51 5.92 64.71
C VAL F 335 19.38 5.62 65.70
N PRO F 336 18.64 4.54 65.52
CA PRO F 336 17.63 4.15 66.52
C PRO F 336 18.26 3.29 67.60
N PRO F 337 17.71 3.31 68.81
CA PRO F 337 18.28 2.50 69.89
C PRO F 337 18.14 1.00 69.62
N TYR F 352 9.32 -8.85 75.47
CA TYR F 352 8.37 -8.93 74.36
C TYR F 352 8.52 -7.70 73.47
N LEU F 353 8.23 -7.85 72.19
CA LEU F 353 8.36 -6.75 71.25
C LEU F 353 7.25 -5.72 71.48
N SER F 354 7.53 -4.50 71.05
CA SER F 354 6.55 -3.41 71.17
C SER F 354 5.31 -3.73 70.35
N ASN F 355 4.14 -3.48 70.94
CA ASN F 355 2.86 -3.78 70.32
C ASN F 355 2.34 -2.64 69.46
N ARG F 356 3.09 -1.54 69.34
CA ARG F 356 2.67 -0.39 68.57
C ARG F 356 3.42 -0.27 67.24
N GLY F 357 4.01 -1.37 66.77
CA GLY F 357 4.71 -1.33 65.50
C GLY F 357 3.77 -1.02 64.35
N LYS F 358 4.25 -0.18 63.43
CA LYS F 358 3.45 0.24 62.29
C LYS F 358 3.71 -0.68 61.10
N ASN F 359 2.97 -0.46 60.01
CA ASN F 359 3.14 -1.20 58.76
C ASN F 359 3.75 -0.30 57.68
N ILE F 360 4.42 0.76 58.12
CA ILE F 360 5.05 1.72 57.21
C ILE F 360 6.56 1.66 57.41
N ARG F 361 7.07 0.47 57.73
CA ARG F 361 8.50 0.31 57.97
C ARG F 361 9.31 0.68 56.74
N LYS F 362 8.84 0.29 55.55
CA LYS F 362 9.56 0.65 54.33
C LYS F 362 9.57 2.15 54.08
N PRO F 363 8.45 2.88 54.15
CA PRO F 363 8.54 4.35 54.03
C PRO F 363 9.41 5.00 55.09
N LEU F 364 9.38 4.47 56.33
CA LEU F 364 10.24 5.01 57.37
C LEU F 364 11.71 4.80 57.06
N GLU F 365 12.06 3.61 56.54
CA GLU F 365 13.43 3.35 56.13
C GLU F 365 13.84 4.26 54.98
N GLY F 366 12.95 4.48 54.03
CA GLY F 366 13.24 5.41 52.95
C GLY F 366 13.47 6.83 53.45
N LEU F 367 12.66 7.27 54.40
CA LEU F 367 12.85 8.59 55.00
C LEU F 367 14.18 8.67 55.72
N ALA F 368 14.55 7.63 56.47
CA ALA F 368 15.83 7.63 57.16
C ALA F 368 17.00 7.67 56.18
N SER F 369 16.89 6.93 55.08
CA SER F 369 17.95 6.95 54.07
C SER F 369 18.05 8.33 53.42
N LEU F 370 16.90 8.96 53.15
CA LEU F 370 16.92 10.31 52.58
C LEU F 370 17.56 11.30 53.55
N LEU F 371 17.31 11.15 54.85
CA LEU F 371 17.89 12.04 55.85
C LEU F 371 19.41 12.02 55.83
N LYS F 372 20.03 10.91 55.43
CA LYS F 372 21.47 10.80 55.37
C LYS F 372 22.05 11.07 54.00
N ASP F 373 21.22 11.05 52.96
CA ASP F 373 21.72 11.27 51.60
C ASP F 373 22.22 12.70 51.45
N PRO F 374 23.43 12.91 50.90
CA PRO F 374 23.93 14.27 50.71
C PRO F 374 23.08 15.11 49.76
N ARG F 375 22.32 14.49 48.86
CA ARG F 375 21.52 15.25 47.92
C ARG F 375 20.28 15.84 48.58
N TYR F 376 19.89 15.32 49.74
CA TYR F 376 18.75 15.82 50.49
C TYR F 376 19.15 16.85 51.54
N GLU F 377 20.41 17.30 51.52
CA GLU F 377 20.84 18.33 52.45
C GLU F 377 20.09 19.63 52.23
N PHE F 378 19.92 20.05 50.98
CA PHE F 378 19.14 21.25 50.70
C PHE F 378 17.65 21.03 50.93
N LEU F 379 17.22 19.78 51.10
CA LEU F 379 15.81 19.45 51.30
C LEU F 379 15.42 19.47 52.78
N PHE F 380 16.20 18.78 53.62
CA PHE F 380 15.85 18.62 55.02
C PHE F 380 16.79 19.35 55.98
N ASN F 381 17.89 19.90 55.49
CA ASN F 381 18.93 20.46 56.36
C ASN F 381 19.24 21.90 55.97
N ALA F 382 18.18 22.71 55.85
CA ALA F 382 18.38 24.13 55.57
C ALA F 382 19.13 24.79 56.71
N ASP F 383 19.99 25.76 56.36
CA ASP F 383 20.86 26.38 57.36
C ASP F 383 20.05 27.10 58.42
N ASP F 384 19.31 28.14 58.04
CA ASP F 384 18.52 28.91 58.98
C ASP F 384 17.21 28.25 59.34
N TRP F 385 16.80 27.22 58.61
CA TRP F 385 15.56 26.49 58.88
C TRP F 385 15.81 25.07 59.38
N SER F 386 16.98 24.84 59.96
CA SER F 386 17.30 23.54 60.55
C SER F 386 16.40 23.30 61.75
N VAL F 387 15.45 22.39 61.60
CA VAL F 387 14.44 22.13 62.63
C VAL F 387 15.11 21.39 63.79
N ASN F 388 15.08 22.01 64.97
CA ASN F 388 15.63 21.40 66.17
C ASN F 388 14.73 20.27 66.63
N LEU F 389 15.16 19.56 67.68
CA LEU F 389 14.37 18.45 68.20
C LEU F 389 13.02 18.91 68.74
N ASP F 390 12.89 20.19 69.13
CA ASP F 390 11.64 20.73 69.60
C ASP F 390 10.96 21.62 68.56
N GLY F 391 11.43 21.60 67.31
CA GLY F 391 10.85 22.40 66.26
C GLY F 391 11.12 23.88 66.43
N LYS F 392 12.40 24.26 66.40
CA LYS F 392 12.81 25.65 66.56
C LYS F 392 13.90 25.97 65.57
N THR F 393 13.70 27.02 64.78
CA THR F 393 14.65 27.45 63.77
C THR F 393 15.09 28.88 64.05
N ASN F 394 16.31 29.20 63.58
CA ASN F 394 16.86 30.53 63.80
C ASN F 394 16.08 31.60 63.07
N LYS F 395 15.59 31.29 61.87
CA LYS F 395 14.85 32.24 61.05
C LYS F 395 13.49 31.66 60.69
N ASP F 396 12.73 32.42 59.90
CA ASP F 396 11.39 32.05 59.47
C ASP F 396 11.32 32.09 57.95
N LEU F 397 10.16 31.68 57.40
CA LEU F 397 9.99 31.62 55.96
C LEU F 397 9.93 33.01 55.33
N ASP F 398 9.51 34.03 56.09
CA ASP F 398 9.56 35.39 55.57
C ASP F 398 10.97 35.79 55.20
N ALA F 399 11.96 35.32 55.96
CA ALA F 399 13.35 35.57 55.60
C ALA F 399 13.70 34.92 54.26
N LEU F 400 13.22 33.69 54.03
CA LEU F 400 13.45 33.03 52.75
C LEU F 400 12.82 33.83 51.61
N LEU F 401 11.58 34.28 51.80
CA LEU F 401 10.90 35.04 50.75
C LEU F 401 11.61 36.36 50.46
N GLU F 402 12.08 37.04 51.52
CA GLU F 402 12.82 38.28 51.33
C GLU F 402 14.14 38.03 50.62
N THR F 403 14.83 36.93 50.95
CA THR F 403 16.08 36.61 50.28
C THR F 403 15.85 36.28 48.81
N TRP F 404 14.72 35.64 48.49
CA TRP F 404 14.47 35.22 47.12
C TRP F 404 13.97 36.38 46.25
N VAL F 405 12.84 36.98 46.62
CA VAL F 405 12.17 37.94 45.75
C VAL F 405 12.28 39.35 46.31
N GLY F 406 13.35 39.62 47.07
CA GLY F 406 13.54 40.94 47.64
C GLY F 406 14.98 41.41 47.62
N SER F 407 15.81 40.77 46.80
CA SER F 407 17.21 41.15 46.73
C SER F 407 17.38 42.51 46.05
N GLU F 408 18.60 43.05 46.14
CA GLU F 408 18.89 44.35 45.55
C GLU F 408 18.97 44.30 44.03
N GLU F 409 19.06 43.12 43.44
CA GLU F 409 19.18 42.99 42.00
C GLU F 409 17.81 42.89 41.35
N SER F 410 17.78 43.02 40.03
CA SER F 410 16.55 42.91 39.26
C SER F 410 16.30 41.48 38.78
N ILE F 411 17.35 40.78 38.37
CA ILE F 411 17.25 39.39 37.93
C ILE F 411 17.89 38.50 38.99
N SER F 412 17.20 37.42 39.33
CA SER F 412 17.73 36.40 40.23
C SER F 412 17.70 35.06 39.51
N ILE F 413 18.83 34.35 39.54
CA ILE F 413 18.97 33.08 38.83
C ILE F 413 18.94 31.97 39.87
N PHE F 414 17.89 31.15 39.82
CA PHE F 414 17.80 29.96 40.66
C PHE F 414 18.05 28.73 39.81
N ASP F 415 19.04 27.93 40.21
CA ASP F 415 19.49 26.78 39.42
C ASP F 415 19.22 25.51 40.20
N LEU F 416 18.49 24.59 39.57
CA LEU F 416 18.23 23.26 40.12
C LEU F 416 19.10 22.18 39.48
N SER F 417 20.33 22.54 39.09
CA SER F 417 21.19 21.63 38.32
C SER F 417 21.52 20.36 39.09
N GLY F 418 21.83 20.47 40.38
CA GLY F 418 22.22 19.34 41.17
C GLY F 418 21.09 18.52 41.75
N MET F 419 19.84 18.85 41.42
CA MET F 419 18.70 18.16 42.00
C MET F 419 18.59 16.73 41.46
N PRO F 420 18.25 15.77 42.31
CA PRO F 420 17.97 14.42 41.83
C PRO F 420 16.73 14.40 40.96
N SER F 421 16.74 13.55 39.93
CA SER F 421 15.62 13.47 39.00
C SER F 421 14.46 12.64 39.57
N SER F 422 14.55 12.19 40.82
CA SER F 422 13.52 11.35 41.38
C SER F 422 12.22 12.09 41.68
N ILE F 423 12.29 13.31 42.23
CA ILE F 423 11.11 14.08 42.59
C ILE F 423 11.18 15.51 42.06
N LEU F 424 11.92 15.75 40.98
CA LEU F 424 12.14 17.10 40.48
C LEU F 424 10.84 17.80 40.11
N ASP F 425 9.87 17.07 39.55
CA ASP F 425 8.59 17.67 39.19
C ASP F 425 7.90 18.24 40.43
N THR F 426 7.91 17.48 41.53
CA THR F 426 7.31 17.96 42.77
C THR F 426 8.04 19.21 43.28
N LEU F 427 9.37 19.24 43.15
CA LEU F 427 10.12 20.41 43.58
C LEU F 427 9.75 21.64 42.76
N ILE F 428 9.62 21.48 41.44
CA ILE F 428 9.24 22.60 40.57
C ILE F 428 7.86 23.09 40.95
N GLY F 429 6.93 22.16 41.16
CA GLY F 429 5.59 22.54 41.59
C GLY F 429 5.59 23.27 42.91
N ILE F 430 6.40 22.80 43.86
CA ILE F 430 6.49 23.46 45.17
C ILE F 430 7.01 24.88 45.01
N LEU F 431 8.06 25.07 44.21
CA LEU F 431 8.61 26.40 44.02
C LEU F 431 7.61 27.34 43.38
N ILE F 432 6.94 26.89 42.31
CA ILE F 432 5.98 27.74 41.62
C ILE F 432 4.81 28.08 42.55
N ARG F 433 4.29 27.08 43.27
CA ARG F 433 3.18 27.32 44.18
C ARG F 433 3.57 28.24 45.32
N ILE F 434 4.79 28.09 45.83
CA ILE F 434 5.27 28.96 46.91
C ILE F 434 5.32 30.41 46.42
N LEU F 435 5.87 30.62 45.23
CA LEU F 435 5.93 31.98 44.70
C LEU F 435 4.53 32.55 44.50
N TYR F 436 3.63 31.76 43.91
CA TYR F 436 2.29 32.24 43.63
C TYR F 436 1.53 32.56 44.92
N ASP F 437 1.62 31.68 45.92
CA ASP F 437 0.92 31.90 47.17
C ASP F 437 1.51 33.08 47.93
N SER F 438 2.84 33.21 47.93
CA SER F 438 3.47 34.34 48.61
C SER F 438 3.06 35.66 47.99
N LEU F 439 3.00 35.72 46.66
CA LEU F 439 2.65 36.98 46.03
C LEU F 439 1.15 37.15 45.77
N PHE F 440 0.33 36.18 46.15
CA PHE F 440 -1.13 36.32 46.07
C PHE F 440 -1.74 36.59 47.44
N TRP F 441 -1.31 35.88 48.48
CA TRP F 441 -1.78 36.13 49.83
C TRP F 441 -1.31 37.48 50.37
N SER F 442 -0.22 38.01 49.84
CA SER F 442 0.28 39.33 50.20
C SER F 442 0.16 40.28 49.01
N ARG F 443 -0.80 40.00 48.13
CA ARG F 443 -1.01 40.83 46.94
C ARG F 443 -1.76 42.11 47.25
N ASN F 444 -2.39 42.22 48.42
CA ASN F 444 -3.02 43.47 48.83
C ASN F 444 -2.02 44.51 49.29
N GLN F 445 -0.92 44.09 49.90
CA GLN F 445 0.18 45.00 50.19
C GLN F 445 0.93 45.33 48.91
N PRO F 446 1.64 46.47 48.87
CA PRO F 446 2.40 46.82 47.67
C PRO F 446 3.61 45.95 47.42
N GLU F 447 3.85 44.92 48.24
CA GLU F 447 4.93 43.97 48.03
C GLU F 447 4.50 42.74 47.26
N GLY F 448 3.25 42.69 46.79
CA GLY F 448 2.75 41.54 46.07
C GLY F 448 3.16 41.53 44.61
N GLY F 449 2.65 40.52 43.90
CA GLY F 449 2.97 40.38 42.49
C GLY F 449 2.33 41.44 41.62
N ARG F 450 1.18 41.97 42.06
CA ARG F 450 0.50 43.00 41.28
C ARG F 450 1.34 44.27 41.20
N GLU F 451 1.78 44.79 42.35
CA GLU F 451 2.52 46.08 42.44
C GLU F 451 3.97 45.98 41.99
N ARG F 452 4.51 44.78 41.83
CA ARG F 452 5.87 44.62 41.26
C ARG F 452 5.81 43.28 40.54
N PRO F 453 5.19 43.18 39.35
CA PRO F 453 4.99 41.87 38.70
C PRO F 453 6.24 40.98 38.55
N LEU F 454 6.07 39.67 38.31
CA LEU F 454 7.20 38.71 38.21
C LEU F 454 7.11 37.91 36.90
N LEU F 455 8.22 37.37 36.39
CA LEU F 455 8.30 36.61 35.14
C LEU F 455 9.16 35.38 35.39
N VAL F 456 8.53 34.20 35.38
CA VAL F 456 9.24 32.95 35.60
C VAL F 456 9.42 32.24 34.27
N VAL F 457 10.66 31.85 33.98
CA VAL F 457 10.99 31.16 32.73
C VAL F 457 11.30 29.71 33.07
N LEU F 458 10.65 28.79 32.37
CA LEU F 458 10.85 27.36 32.55
C LEU F 458 11.41 26.77 31.26
N GLU F 459 12.58 26.15 31.36
CA GLU F 459 13.24 25.59 30.19
C GLU F 459 12.99 24.09 30.09
N GLU F 460 13.05 23.58 28.85
CA GLU F 460 12.86 22.16 28.56
C GLU F 460 11.55 21.65 29.18
N ALA F 461 10.51 22.47 29.04
CA ALA F 461 9.24 22.20 29.70
C ALA F 461 8.44 21.08 29.04
N HIS F 462 8.87 20.57 27.88
CA HIS F 462 8.14 19.51 27.21
C HIS F 462 8.18 18.18 27.95
N THR F 463 9.05 18.05 28.96
CA THR F 463 9.07 16.86 29.80
C THR F 463 8.14 16.98 31.00
N TYR F 464 7.87 18.20 31.47
CA TYR F 464 6.98 18.42 32.60
C TYR F 464 5.61 18.94 32.20
N LEU F 465 5.46 19.48 30.99
CA LEU F 465 4.19 20.01 30.49
C LEU F 465 3.70 19.20 29.31
N GLY F 466 3.87 17.88 29.35
CA GLY F 466 3.45 17.02 28.26
C GLY F 466 1.95 16.86 28.16
N LYS F 467 1.49 16.16 27.13
CA LYS F 467 0.05 15.97 26.95
C LYS F 467 -0.55 15.11 28.06
N ASP F 468 0.23 14.18 28.61
CA ASP F 468 -0.27 13.24 29.59
C ASP F 468 0.41 13.42 30.95
N SER F 469 1.03 14.57 31.18
CA SER F 469 1.66 14.84 32.46
C SER F 469 0.61 15.08 33.52
N ARG F 470 0.70 14.34 34.63
CA ARG F 470 -0.26 14.43 35.72
C ARG F 470 0.39 14.83 37.04
N GLY F 471 1.52 15.52 36.99
CA GLY F 471 2.23 15.92 38.19
C GLY F 471 1.60 17.11 38.87
N ILE F 472 2.30 17.62 39.88
CA ILE F 472 1.82 18.80 40.61
C ILE F 472 2.28 20.11 39.97
N ALA F 473 3.38 20.10 39.22
CA ALA F 473 3.85 21.33 38.58
C ALA F 473 2.87 21.81 37.51
N ILE F 474 2.32 20.88 36.73
CA ILE F 474 1.40 21.26 35.66
C ILE F 474 0.13 21.88 36.24
N ASP F 475 -0.33 21.38 37.38
CA ASP F 475 -1.49 21.98 38.05
C ASP F 475 -1.20 23.42 38.44
N GLY F 476 -0.02 23.67 38.99
CA GLY F 476 0.35 25.03 39.36
C GLY F 476 0.48 25.95 38.15
N VAL F 477 1.03 25.42 37.05
CA VAL F 477 1.15 26.22 35.83
C VAL F 477 -0.22 26.58 35.28
N ARG F 478 -1.14 25.61 35.27
CA ARG F 478 -2.51 25.89 34.84
C ARG F 478 -3.16 26.92 35.75
N LYS F 479 -2.98 26.79 37.06
CA LYS F 479 -3.55 27.76 37.99
C LYS F 479 -2.99 29.17 37.73
N ILE F 480 -1.70 29.26 37.47
CA ILE F 480 -1.09 30.55 37.16
C ILE F 480 -1.69 31.12 35.88
N VAL F 481 -1.75 30.29 34.83
CA VAL F 481 -2.24 30.77 33.54
C VAL F 481 -3.70 31.21 33.63
N LYS F 482 -4.45 30.61 34.55
CA LYS F 482 -5.86 30.93 34.68
C LYS F 482 -6.17 32.00 35.73
N GLU F 483 -5.21 32.36 36.58
CA GLU F 483 -5.53 33.31 37.64
C GLU F 483 -4.63 34.55 37.64
N GLY F 484 -3.35 34.40 37.29
CA GLY F 484 -2.39 35.48 37.42
C GLY F 484 -2.58 36.62 36.44
N ARG F 485 -3.53 36.49 35.50
CA ARG F 485 -3.82 37.60 34.59
C ARG F 485 -4.17 38.87 35.37
N LYS F 486 -4.81 38.73 36.52
CA LYS F 486 -5.04 39.84 37.42
C LYS F 486 -3.92 39.98 38.46
N TYR F 487 -3.26 38.89 38.80
CA TYR F 487 -2.20 38.88 39.80
C TYR F 487 -0.85 39.28 39.23
N GLY F 488 -0.75 39.50 37.93
CA GLY F 488 0.47 40.01 37.32
C GLY F 488 1.69 39.12 37.46
N ILE F 489 1.53 37.82 37.19
CA ILE F 489 2.64 36.87 37.23
C ILE F 489 2.85 36.36 35.81
N GLY F 490 4.06 36.55 35.28
CA GLY F 490 4.38 36.15 33.94
C GLY F 490 5.02 34.78 33.86
N MET F 491 4.90 34.18 32.69
CA MET F 491 5.50 32.87 32.43
C MET F 491 6.04 32.84 31.01
N MET F 492 7.20 32.20 30.85
CA MET F 492 7.85 32.08 29.54
C MET F 492 8.35 30.66 29.41
N LEU F 493 8.00 30.00 28.31
CA LEU F 493 8.37 28.61 28.08
C LEU F 493 9.57 28.56 27.14
N VAL F 494 10.56 27.75 27.50
CA VAL F 494 11.75 27.51 26.68
C VAL F 494 11.86 26.02 26.42
N SER F 495 11.95 25.64 25.15
CA SER F 495 12.09 24.24 24.77
C SER F 495 12.74 24.17 23.40
N GLN F 496 13.22 22.97 23.06
CA GLN F 496 13.75 22.72 21.73
C GLN F 496 12.99 21.61 21.00
N ARG F 497 11.92 21.08 21.59
CA ARG F 497 11.04 20.11 20.92
C ARG F 497 9.61 20.53 21.14
N PRO F 498 9.14 21.54 20.40
CA PRO F 498 7.78 22.07 20.63
C PRO F 498 6.67 21.06 20.36
N SER F 499 6.94 20.00 19.60
CA SER F 499 5.89 19.07 19.22
C SER F 499 5.35 18.25 20.39
N GLU F 500 6.03 18.27 21.55
CA GLU F 500 5.59 17.50 22.70
C GLU F 500 4.73 18.30 23.68
N ILE F 501 4.84 19.64 23.65
CA ILE F 501 4.12 20.46 24.60
C ILE F 501 2.62 20.39 24.35
N ASP F 502 1.82 20.53 25.40
CA ASP F 502 0.38 20.56 25.28
C ASP F 502 -0.07 21.73 24.40
N SER F 503 -1.03 21.47 23.52
CA SER F 503 -1.48 22.50 22.59
C SER F 503 -2.16 23.66 23.31
N THR F 504 -3.04 23.38 24.27
CA THR F 504 -3.81 24.42 24.92
C THR F 504 -2.97 25.34 25.80
N ILE F 505 -1.97 24.80 26.49
CA ILE F 505 -1.08 25.63 27.31
C ILE F 505 -0.23 26.56 26.47
N LEU F 506 0.30 26.05 25.36
CA LEU F 506 1.03 26.89 24.42
C LEU F 506 0.10 27.93 23.78
N SER F 507 -1.16 27.58 23.54
CA SER F 507 -2.10 28.51 22.94
C SER F 507 -2.43 29.69 23.87
N GLN F 508 -2.16 29.55 25.16
CA GLN F 508 -2.42 30.61 26.12
C GLN F 508 -1.25 31.57 26.26
N CYS F 509 -0.19 31.39 25.49
CA CYS F 509 0.97 32.28 25.53
C CYS F 509 0.74 33.47 24.62
N GLY F 510 1.15 34.66 25.08
CA GLY F 510 0.90 35.86 24.33
C GLY F 510 1.79 36.02 23.11
N THR F 511 3.10 35.97 23.32
CA THR F 511 4.07 36.25 22.27
C THR F 511 5.08 35.10 22.17
N LEU F 512 5.42 34.74 20.94
CA LEU F 512 6.31 33.62 20.67
C LEU F 512 7.62 34.11 20.10
N PHE F 513 8.70 33.37 20.39
CA PHE F 513 10.03 33.64 19.85
C PHE F 513 10.40 32.45 18.97
N ALA F 514 10.16 32.59 17.67
CA ALA F 514 10.35 31.50 16.72
C ALA F 514 11.77 31.53 16.19
N LEU F 515 12.52 30.47 16.44
CA LEU F 515 13.85 30.29 15.87
C LEU F 515 13.76 29.33 14.69
N ARG F 516 14.91 28.91 14.17
CA ARG F 516 14.92 27.99 13.05
C ARG F 516 14.40 26.62 13.48
N MET F 517 13.44 26.09 12.74
CA MET F 517 12.84 24.79 13.02
C MET F 517 12.82 23.99 11.72
N ASN F 518 13.76 23.06 11.60
CA ASN F 518 13.90 22.31 10.34
C ASN F 518 12.82 21.25 10.19
N ASN F 519 12.56 20.47 11.23
CA ASN F 519 11.55 19.43 11.16
C ASN F 519 10.17 20.05 10.98
N SER F 520 9.35 19.41 10.15
CA SER F 520 8.02 19.93 9.82
C SER F 520 6.98 19.68 10.89
N SER F 521 7.19 18.68 11.76
CA SER F 521 6.27 18.45 12.86
C SER F 521 6.24 19.65 13.80
N ASP F 522 7.41 20.20 14.12
CA ASP F 522 7.47 21.39 14.95
C ASP F 522 6.78 22.56 14.28
N ARG F 523 6.98 22.72 12.97
CA ARG F 523 6.31 23.81 12.25
C ARG F 523 4.80 23.66 12.31
N ASN F 524 4.29 22.44 12.10
CA ASN F 524 2.84 22.23 12.17
C ASN F 524 2.33 22.52 13.58
N HIS F 525 3.04 22.05 14.60
CA HIS F 525 2.60 22.26 15.97
C HIS F 525 2.62 23.73 16.37
N VAL F 526 3.59 24.50 15.88
CA VAL F 526 3.64 25.93 16.16
C VAL F 526 2.55 26.67 15.40
N LEU F 527 2.33 26.31 14.13
CA LEU F 527 1.24 26.93 13.38
C LEU F 527 -0.11 26.62 14.01
N GLY F 528 -0.24 25.48 14.68
CA GLY F 528 -1.44 25.18 15.42
C GLY F 528 -1.72 26.09 16.60
N ALA F 529 -0.75 26.90 17.01
CA ALA F 529 -0.89 27.76 18.18
C ALA F 529 -0.72 29.24 17.86
N VAL F 530 -0.65 29.61 16.58
CA VAL F 530 -0.60 31.01 16.18
C VAL F 530 -1.80 31.30 15.30
N SER F 531 -2.48 32.41 15.60
CA SER F 531 -3.73 32.77 14.93
C SER F 531 -3.56 33.85 13.87
N ASP F 532 -2.34 34.33 13.65
CA ASP F 532 -2.05 35.34 12.61
C ASP F 532 -0.98 34.74 11.71
N SER F 533 -1.42 33.97 10.71
CA SER F 533 -0.52 33.21 9.86
C SER F 533 -0.32 33.95 8.54
N PHE F 534 0.92 34.37 8.29
CA PHE F 534 1.32 34.96 7.02
C PHE F 534 2.35 34.03 6.38
N GLU F 535 2.07 33.60 5.15
CA GLU F 535 2.95 32.63 4.49
C GLU F 535 4.35 33.18 4.27
N GLY F 536 4.49 34.50 4.15
CA GLY F 536 5.82 35.08 4.12
C GLY F 536 6.60 34.83 5.39
N LEU F 537 5.90 34.86 6.53
CA LEU F 537 6.52 34.56 7.82
C LEU F 537 6.37 33.09 8.20
N MET F 538 5.32 32.42 7.69
CA MET F 538 5.08 31.02 8.03
C MET F 538 6.08 30.08 7.37
N GLY F 539 6.60 30.43 6.20
CA GLY F 539 7.50 29.54 5.47
C GLY F 539 8.97 29.83 5.63
N MET F 540 9.34 30.95 6.24
CA MET F 540 10.74 31.31 6.43
C MET F 540 11.35 30.67 7.67
N LEU F 541 10.60 29.80 8.35
CA LEU F 541 11.08 29.22 9.60
C LEU F 541 12.36 28.40 9.45
N PRO F 542 12.47 27.44 8.52
CA PRO F 542 13.61 26.52 8.57
C PRO F 542 14.91 27.08 8.00
N THR F 543 14.95 28.35 7.58
CA THR F 543 16.15 28.93 6.99
C THR F 543 16.59 30.16 7.76
N LEU F 544 16.48 30.11 9.09
CA LEU F 544 16.89 31.24 9.92
C LEU F 544 18.35 31.08 10.36
N ARG F 545 19.11 32.16 10.18
CA ARG F 545 20.50 32.17 10.59
C ARG F 545 20.60 32.09 12.11
N THR F 546 21.77 31.66 12.60
CA THR F 546 21.98 31.47 14.02
C THR F 546 22.07 32.82 14.73
N GLY F 547 20.95 33.30 15.26
CA GLY F 547 20.89 34.59 15.91
C GLY F 547 19.63 35.35 15.57
N GLU F 548 19.05 35.08 14.40
CA GLU F 548 17.80 35.71 14.00
C GLU F 548 16.62 35.00 14.65
N ALA F 549 15.49 35.71 14.71
CA ALA F 549 14.28 35.17 15.32
C ALA F 549 13.06 35.80 14.68
N ILE F 550 11.92 35.13 14.85
CA ILE F 550 10.63 35.64 14.40
C ILE F 550 9.80 35.88 15.66
N ILE F 551 9.46 37.14 15.91
CA ILE F 551 8.68 37.49 17.09
C ILE F 551 7.25 37.80 16.66
N ILE F 552 6.31 36.97 17.13
CA ILE F 552 4.90 37.13 16.80
C ILE F 552 4.10 37.09 18.09
N GLY F 553 3.18 38.04 18.24
CA GLY F 553 2.33 38.11 19.41
C GLY F 553 1.80 39.49 19.69
N GLU F 554 1.37 39.73 20.93
CA GLU F 554 0.85 41.03 21.32
C GLU F 554 1.93 42.04 21.64
N SER F 555 3.17 41.60 21.82
CA SER F 555 4.27 42.49 22.15
C SER F 555 4.76 43.30 20.96
N VAL F 556 4.27 43.02 19.75
CA VAL F 556 4.69 43.73 18.55
C VAL F 556 3.45 44.12 17.75
N ARG F 557 3.47 45.35 17.23
CA ARG F 557 2.35 45.84 16.44
C ARG F 557 2.21 45.07 15.13
N LEU F 558 3.33 44.75 14.50
CA LEU F 558 3.37 43.94 13.29
C LEU F 558 4.29 42.75 13.50
N PRO F 559 4.01 41.62 12.86
CA PRO F 559 4.88 40.44 13.04
C PRO F 559 6.27 40.72 12.50
N MET F 560 7.24 40.77 13.40
CA MET F 560 8.61 41.15 13.06
C MET F 560 9.51 39.93 13.09
N ARG F 561 10.13 39.64 11.95
CA ARG F 561 11.18 38.64 11.83
C ARG F 561 12.50 39.37 11.91
N THR F 562 12.85 39.83 13.11
CA THR F 562 13.99 40.71 13.32
C THR F 562 15.22 39.91 13.73
N ILE F 563 16.28 40.64 14.07
CA ILE F 563 17.54 40.04 14.47
C ILE F 563 17.70 40.27 15.97
N ILE F 564 17.92 39.19 16.72
CA ILE F 564 18.16 39.34 18.14
C ILE F 564 19.54 39.94 18.34
N SER F 565 19.56 41.21 18.75
CA SER F 565 20.81 41.93 18.92
C SER F 565 21.70 41.19 19.94
N PRO F 566 22.94 40.85 19.59
CA PRO F 566 23.75 40.04 20.49
C PRO F 566 24.04 40.80 21.77
N PRO F 567 24.14 40.10 22.90
CA PRO F 567 24.53 40.75 24.15
C PRO F 567 25.96 41.25 24.07
N PRO F 568 26.31 42.26 24.86
CA PRO F 568 27.68 42.79 24.80
C PRO F 568 28.71 41.72 25.15
N PHE F 569 29.91 41.88 24.59
CA PHE F 569 30.96 40.88 24.77
C PHE F 569 31.28 40.70 26.25
N GLY F 570 31.59 39.46 26.63
CA GLY F 570 31.77 39.11 28.02
C GLY F 570 30.54 38.54 28.69
N ARG F 571 29.36 38.75 28.11
CA ARG F 571 28.10 38.19 28.62
C ARG F 571 27.49 37.36 27.49
N ARG F 572 27.95 36.11 27.38
CA ARG F 572 27.44 35.17 26.39
C ARG F 572 27.18 33.87 27.13
N PRO F 573 25.91 33.44 27.24
CA PRO F 573 25.61 32.24 28.04
C PRO F 573 26.29 31.00 27.48
N ASP F 574 26.90 30.23 28.38
CA ASP F 574 27.61 29.03 27.98
C ASP F 574 27.86 28.19 29.23
N SER F 575 27.37 26.95 29.24
CA SER F 575 27.70 26.04 30.31
C SER F 575 29.16 25.59 30.18
N LEU F 576 29.81 25.36 31.31
CA LEU F 576 31.22 25.00 31.33
C LEU F 576 31.42 23.52 31.07
N ASP F 577 31.22 23.12 29.81
CA ASP F 577 31.42 21.75 29.40
C ASP F 577 32.90 21.46 29.21
N PRO F 578 33.32 20.22 29.43
CA PRO F 578 34.73 19.88 29.20
C PRO F 578 35.08 19.91 27.71
N ASP F 579 36.36 20.16 27.43
CA ASP F 579 36.87 20.15 26.06
C ASP F 579 37.42 18.77 25.77
N VAL F 580 36.81 18.07 24.81
CA VAL F 580 37.18 16.68 24.54
C VAL F 580 38.60 16.60 23.98
N THR F 581 38.90 17.41 22.97
CA THR F 581 40.21 17.33 22.33
C THR F 581 41.31 17.81 23.26
N ALA F 582 41.07 18.88 24.02
CA ALA F 582 42.08 19.38 24.94
C ALA F 582 42.38 18.35 26.03
N LYS F 583 41.34 17.75 26.61
CA LYS F 583 41.55 16.75 27.66
C LYS F 583 42.21 15.49 27.11
N TRP F 584 41.83 15.05 25.91
CA TRP F 584 42.35 13.80 25.36
C TRP F 584 43.65 13.97 24.59
N SER F 585 44.15 15.20 24.45
CA SER F 585 45.39 15.42 23.71
C SER F 585 46.63 15.27 24.58
N ASN F 586 46.51 15.48 25.89
CA ASN F 586 47.67 15.41 26.77
C ASN F 586 48.20 13.98 26.87
N ASN F 587 49.51 13.88 27.11
CA ASN F 587 50.15 12.58 27.25
C ASN F 587 49.69 11.91 28.55
N ARG F 588 49.97 10.61 28.64
CA ARG F 588 49.49 9.81 29.77
C ARG F 588 50.44 9.95 30.95
N VAL F 589 49.90 10.39 32.08
CA VAL F 589 50.67 10.51 33.31
C VAL F 589 50.20 9.46 34.30
N GLN F 590 51.05 9.16 35.29
CA GLN F 590 50.69 8.18 36.31
C GLN F 590 49.51 8.69 37.14
N GLY F 591 48.69 7.75 37.60
CA GLY F 591 47.52 8.09 38.38
C GLY F 591 47.51 7.47 39.75
N ASP F 592 46.63 7.98 40.62
CA ASP F 592 46.50 7.50 42.00
C ASP F 592 45.01 7.28 42.28
N TYR F 593 44.55 6.06 42.08
CA TYR F 593 43.15 5.72 42.32
C TYR F 593 42.86 5.46 43.79
N LYS F 594 43.88 5.39 44.65
CA LYS F 594 43.64 5.22 46.08
C LYS F 594 42.88 6.43 46.64
N GLU F 595 43.24 7.63 46.19
CA GLU F 595 42.49 8.82 46.60
C GLU F 595 41.05 8.75 46.12
N VAL F 596 40.83 8.26 44.90
CA VAL F 596 39.46 8.13 44.39
C VAL F 596 38.67 7.15 45.24
N LEU F 597 39.29 6.03 45.61
CA LEU F 597 38.60 5.05 46.47
C LEU F 597 38.29 5.64 47.84
N THR F 598 39.23 6.40 48.40
CA THR F 598 39.00 7.02 49.70
C THR F 598 37.84 8.02 49.63
N LEU F 599 37.82 8.85 48.57
CA LEU F 599 36.72 9.80 48.40
C LEU F 599 35.40 9.08 48.22
N TRP F 600 35.38 8.00 47.45
CA TRP F 600 34.14 7.27 47.22
C TRP F 600 33.62 6.63 48.50
N ARG F 601 34.51 6.01 49.28
CA ARG F 601 34.10 5.44 50.56
C ARG F 601 33.59 6.52 51.50
N GLN F 602 34.30 7.64 51.59
CA GLN F 602 33.88 8.74 52.45
C GLN F 602 32.71 9.53 51.87
N LYS F 603 32.40 9.32 50.59
CA LYS F 603 31.34 10.05 49.88
C LYS F 603 31.55 11.56 50.01
N LYS F 604 32.82 11.98 49.89
CA LYS F 604 33.20 13.37 50.06
C LYS F 604 33.93 13.85 48.82
N VAL F 605 33.55 15.03 48.33
CA VAL F 605 34.20 15.62 47.16
C VAL F 605 35.37 16.53 47.55
N ARG F 606 35.64 16.70 48.83
CA ARG F 606 36.73 17.55 49.30
C ARG F 606 37.92 16.67 49.69
N SER F 607 39.02 16.84 48.97
CA SER F 607 40.23 16.06 49.20
C SER F 607 40.89 16.52 50.50
N GLN F 608 41.82 15.71 51.01
CA GLN F 608 42.52 16.03 52.25
C GLN F 608 43.69 16.98 52.06
N ARG F 609 44.08 17.27 50.83
CA ARG F 609 45.19 18.17 50.57
C ARG F 609 44.70 19.57 50.22
N SER F 640 45.67 35.46 39.52
CA SER F 640 46.27 35.60 40.84
C SER F 640 47.15 34.39 41.16
N ILE F 641 48.43 34.65 41.42
CA ILE F 641 49.39 33.60 41.73
C ILE F 641 49.71 33.67 43.21
N GLY F 642 49.05 32.83 44.01
CA GLY F 642 49.41 32.67 45.40
C GLY F 642 50.35 31.50 45.61
N TYR F 643 50.79 31.33 46.85
CA TYR F 643 51.74 30.27 47.17
C TYR F 643 51.84 30.12 48.67
N GLU F 644 52.39 28.98 49.08
CA GLU F 644 52.65 28.71 50.49
C GLU F 644 53.86 27.78 50.55
N ALA F 645 55.04 28.33 50.81
CA ALA F 645 56.27 27.55 50.80
C ALA F 645 56.26 26.45 51.84
N ASP F 646 55.59 26.64 52.97
CA ASP F 646 55.45 25.56 53.95
C ASP F 646 54.60 24.43 53.39
N SER F 647 53.54 24.76 52.66
CA SER F 647 52.63 23.77 52.10
C SER F 647 53.07 23.27 50.73
N MET F 648 54.03 23.95 50.08
CA MET F 648 54.56 23.55 48.78
C MET F 648 53.46 23.35 47.75
N THR F 649 52.49 24.27 47.72
CA THR F 649 51.34 24.14 46.83
C THR F 649 51.22 25.43 46.00
N LEU F 650 51.80 25.43 44.81
CA LEU F 650 51.65 26.56 43.91
C LEU F 650 50.25 26.58 43.32
N GLU F 651 49.68 27.78 43.22
CA GLU F 651 48.30 27.95 42.77
C GLU F 651 48.25 29.00 41.68
N ILE F 652 47.63 28.65 40.55
CA ILE F 652 47.35 29.57 39.46
C ILE F 652 45.86 29.52 39.17
N GLU F 653 45.28 30.70 38.93
CA GLU F 653 43.84 30.83 38.75
C GLU F 653 43.54 31.19 37.30
N PHE F 654 42.54 30.52 36.73
CA PHE F 654 42.07 30.77 35.38
C PHE F 654 40.88 31.71 35.43
N ASN F 655 40.28 31.97 34.26
CA ASN F 655 39.13 32.84 34.18
C ASN F 655 37.87 32.15 34.71
N HIS F 656 36.81 32.94 34.86
CA HIS F 656 35.49 32.47 35.28
C HIS F 656 35.51 31.86 36.69
N GLY F 657 36.43 32.31 37.55
CA GLY F 657 36.42 31.88 38.93
C GLY F 657 36.95 30.49 39.19
N LEU F 658 37.68 29.91 38.23
CA LEU F 658 38.24 28.58 38.42
C LEU F 658 39.43 28.65 39.36
N VAL F 659 39.54 27.64 40.24
CA VAL F 659 40.59 27.57 41.24
C VAL F 659 41.34 26.27 41.07
N TYR F 660 42.67 26.35 40.99
CA TYR F 660 43.52 25.18 40.86
C TYR F 660 44.53 25.16 42.01
N GLN F 661 44.98 23.95 42.36
CA GLN F 661 45.95 23.78 43.44
C GLN F 661 46.97 22.74 42.98
N TYR F 662 48.06 23.22 42.37
CA TYR F 662 49.14 22.34 41.96
C TYR F 662 50.04 22.02 43.16
N TYR F 663 50.25 20.73 43.39
CA TYR F 663 51.02 20.26 44.53
C TYR F 663 52.36 19.72 44.07
N ASP F 664 53.25 19.46 45.03
CA ASP F 664 54.60 18.96 44.78
C ASP F 664 55.37 19.89 43.85
N VAL F 665 55.21 21.18 44.10
CA VAL F 665 55.87 22.24 43.32
C VAL F 665 56.84 22.96 44.24
N PRO F 666 58.15 22.86 44.01
CA PRO F 666 59.11 23.63 44.80
C PRO F 666 58.85 25.13 44.68
N GLU F 667 59.05 25.85 45.78
CA GLU F 667 58.72 27.26 45.82
C GLU F 667 59.57 28.08 44.86
N THR F 668 60.78 27.61 44.55
CA THR F 668 61.63 28.33 43.60
C THR F 668 61.02 28.37 42.22
N LEU F 669 60.34 27.30 41.80
CA LEU F 669 59.69 27.28 40.50
C LEU F 669 58.61 28.36 40.41
N HIS F 670 57.77 28.47 41.44
CA HIS F 670 56.72 29.49 41.41
C HIS F 670 57.30 30.89 41.56
N THR F 671 58.40 31.04 42.31
CA THR F 671 59.07 32.33 42.39
C THR F 671 59.59 32.76 41.03
N GLU F 672 60.19 31.83 40.28
CA GLU F 672 60.63 32.15 38.92
C GLU F 672 59.45 32.43 38.01
N LEU F 673 58.35 31.69 38.17
CA LEU F 673 57.16 31.92 37.36
C LEU F 673 56.60 33.32 37.59
N LEU F 674 56.55 33.77 38.85
CA LEU F 674 56.10 35.12 39.14
C LEU F 674 57.01 36.15 38.47
N ALA F 675 58.29 35.83 38.28
CA ALA F 675 59.21 36.68 37.56
C ALA F 675 59.30 36.32 36.08
N ALA F 676 58.63 35.26 35.66
CA ALA F 676 58.53 34.91 34.25
C ALA F 676 57.48 35.76 33.56
N GLU F 677 57.78 36.21 32.33
CA GLU F 677 56.84 37.08 31.59
C GLU F 677 55.98 37.87 32.59
N SER F 678 54.70 37.48 32.73
CA SER F 678 53.79 38.16 33.68
C SER F 678 52.97 37.10 34.44
N HIS F 679 52.04 36.43 33.75
CA HIS F 679 51.19 35.39 34.39
C HIS F 679 50.74 34.37 33.35
N GLY F 680 51.68 33.54 32.85
CA GLY F 680 51.33 32.52 31.85
C GLY F 680 52.58 31.91 31.22
N LYS F 681 52.41 31.15 30.13
CA LYS F 681 53.56 30.53 29.43
C LYS F 681 54.24 29.53 30.37
N PHE F 682 55.12 30.01 31.25
CA PHE F 682 55.78 29.13 32.20
C PHE F 682 54.82 28.12 32.82
N PHE F 683 53.59 28.54 33.13
CA PHE F 683 52.63 27.63 33.74
C PHE F 683 52.35 26.45 32.83
N ASN F 684 51.98 26.71 31.57
CA ASN F 684 51.74 25.62 30.63
C ASN F 684 53.04 24.91 30.26
N SER F 685 54.17 25.63 30.29
CA SER F 685 55.44 25.04 29.91
C SER F 685 55.87 23.95 30.88
N GLN F 686 55.76 24.22 32.18
CA GLN F 686 56.27 23.23 33.13
C GLN F 686 55.26 22.80 34.18
N ILE F 687 54.42 23.70 34.68
CA ILE F 687 53.53 23.36 35.78
C ILE F 687 52.25 22.66 35.31
N LYS F 688 51.97 22.64 34.02
CA LYS F 688 50.71 22.09 33.53
C LYS F 688 50.69 20.56 33.63
N ASN F 689 51.76 19.91 33.19
CA ASN F 689 51.76 18.46 33.04
C ASN F 689 53.01 17.85 33.66
N ASN F 690 53.36 18.28 34.87
CA ASN F 690 54.45 17.67 35.62
C ASN F 690 54.10 17.40 37.07
N TYR F 691 53.04 18.00 37.61
CA TYR F 691 52.66 17.84 39.00
C TYR F 691 51.17 17.56 39.10
N ARG F 692 50.79 16.71 40.06
CA ARG F 692 49.40 16.43 40.33
C ARG F 692 48.68 17.72 40.73
N PHE F 693 47.52 17.96 40.14
CA PHE F 693 46.76 19.20 40.36
C PHE F 693 45.45 18.87 41.06
N SER F 694 44.65 19.91 41.25
CA SER F 694 43.32 19.76 41.86
C SER F 694 42.48 20.97 41.48
N ARG F 695 41.41 20.74 40.74
CA ARG F 695 40.55 21.84 40.31
C ARG F 695 39.48 22.15 41.35
N THR G 8 -20.46 -7.85 -28.33
CA THR G 8 -19.36 -7.25 -27.58
C THR G 8 -19.17 -7.95 -26.24
N GLU G 9 -19.41 -7.22 -25.16
CA GLU G 9 -19.30 -7.78 -23.82
C GLU G 9 -20.37 -8.84 -23.61
N ALA G 10 -19.94 -10.08 -23.38
CA ALA G 10 -20.88 -11.18 -23.24
C ALA G 10 -21.62 -11.08 -21.91
N SER G 11 -22.52 -12.03 -21.69
CA SER G 11 -23.24 -12.11 -20.43
C SER G 11 -22.28 -12.51 -19.30
N THR G 12 -22.78 -12.44 -18.08
CA THR G 12 -21.98 -12.67 -16.87
C THR G 12 -20.76 -11.74 -16.86
N TYR G 13 -21.03 -10.45 -17.06
CA TYR G 13 -20.00 -9.42 -17.05
C TYR G 13 -20.37 -8.36 -16.02
N ILE G 14 -19.40 -7.97 -15.19
CA ILE G 14 -19.64 -7.05 -14.09
C ILE G 14 -18.78 -5.79 -14.21
N GLY G 15 -17.47 -5.98 -14.36
CA GLY G 15 -16.58 -4.84 -14.43
C GLY G 15 -15.14 -5.27 -14.62
N THR G 16 -14.24 -4.32 -14.40
CA THR G 16 -12.81 -4.52 -14.62
C THR G 16 -12.03 -4.23 -13.35
N VAL G 17 -10.95 -4.99 -13.16
CA VAL G 17 -10.06 -4.78 -12.02
C VAL G 17 -9.33 -3.46 -12.19
N GLN G 18 -9.28 -2.65 -11.13
CA GLN G 18 -8.61 -1.37 -11.18
C GLN G 18 -7.61 -1.16 -10.05
N ASP G 19 -7.35 -2.17 -9.23
CA ASP G 19 -6.36 -2.06 -8.16
C ASP G 19 -6.06 -3.46 -7.64
N VAL G 20 -4.79 -3.71 -7.33
CA VAL G 20 -4.34 -4.96 -6.77
C VAL G 20 -3.40 -4.66 -5.61
N ASN G 21 -3.66 -5.28 -4.46
CA ASN G 21 -2.85 -5.13 -3.26
C ASN G 21 -2.46 -6.49 -2.72
N GLY G 22 -2.02 -7.37 -3.60
CA GLY G 22 -1.64 -8.71 -3.21
C GLY G 22 -2.80 -9.69 -3.21
N ALA G 23 -3.69 -9.57 -2.24
CA ALA G 23 -4.85 -10.46 -2.15
C ALA G 23 -6.11 -9.70 -1.81
N ASN G 24 -6.17 -8.42 -2.16
CA ASN G 24 -7.34 -7.57 -1.91
C ASN G 24 -7.59 -6.75 -3.17
N ILE G 25 -8.42 -7.30 -4.05
CA ILE G 25 -8.69 -6.71 -5.36
C ILE G 25 -9.85 -5.74 -5.24
N ARG G 26 -9.82 -4.69 -6.06
CA ARG G 26 -10.90 -3.72 -6.15
C ARG G 26 -11.42 -3.69 -7.58
N VAL G 27 -12.75 -3.77 -7.72
CA VAL G 27 -13.39 -3.89 -9.03
C VAL G 27 -14.34 -2.72 -9.22
N VAL G 28 -14.38 -2.18 -10.42
CA VAL G 28 -15.28 -1.10 -10.79
C VAL G 28 -16.42 -1.68 -11.61
N LEU G 29 -17.65 -1.53 -11.14
CA LEU G 29 -18.80 -2.08 -11.83
C LEU G 29 -19.04 -1.33 -13.14
N ASP G 30 -19.14 -2.07 -14.23
CA ASP G 30 -19.44 -1.50 -15.54
C ASP G 30 -20.93 -1.56 -15.89
N ILE G 31 -21.74 -2.19 -15.04
CA ILE G 31 -23.18 -2.26 -15.29
C ILE G 31 -23.78 -0.88 -15.15
N ASN G 32 -24.60 -0.48 -16.14
CA ASN G 32 -25.20 0.85 -16.17
C ASN G 32 -26.43 0.88 -15.27
N THR G 33 -26.17 0.70 -13.98
CA THR G 33 -27.22 0.72 -12.94
C THR G 33 -28.34 -0.25 -13.28
N ILE G 34 -27.95 -1.47 -13.66
CA ILE G 34 -28.91 -2.49 -14.06
C ILE G 34 -28.88 -3.65 -13.08
N SER G 35 -28.65 -3.33 -11.79
CA SER G 35 -28.67 -4.33 -10.72
C SER G 35 -30.12 -4.74 -10.45
N SER G 36 -30.68 -5.48 -11.41
CA SER G 36 -32.09 -5.85 -11.42
C SER G 36 -32.24 -7.33 -11.74
N LEU G 37 -31.50 -8.17 -11.03
CA LEU G 37 -31.57 -9.63 -11.19
C LEU G 37 -31.20 -10.05 -12.60
N LYS G 38 -29.92 -9.83 -12.92
CA LYS G 38 -29.37 -10.21 -14.22
C LYS G 38 -29.57 -11.70 -14.47
N PHE G 39 -30.00 -12.03 -15.68
CA PHE G 39 -30.36 -13.40 -16.03
C PHE G 39 -29.31 -14.01 -16.95
N VAL G 40 -28.96 -15.26 -16.68
CA VAL G 40 -28.08 -16.03 -17.56
C VAL G 40 -28.40 -17.51 -17.41
N ASP G 41 -28.47 -18.20 -18.54
CA ASP G 41 -28.69 -19.65 -18.60
C ASP G 41 -29.95 -20.02 -17.80
N GLY G 42 -31.06 -19.41 -18.19
CA GLY G 42 -32.37 -19.75 -17.67
C GLY G 42 -32.54 -19.54 -16.17
N GLN G 43 -31.64 -18.79 -15.55
CA GLN G 43 -31.71 -18.52 -14.13
C GLN G 43 -31.27 -17.10 -13.85
N GLY G 44 -31.76 -16.55 -12.75
CA GLY G 44 -31.50 -15.16 -12.42
C GLY G 44 -30.58 -14.96 -11.24
N TYR G 45 -29.41 -14.40 -11.50
CA TYR G 45 -28.45 -14.05 -10.46
C TYR G 45 -28.52 -12.56 -10.17
N ARG G 46 -27.90 -12.16 -9.06
CA ARG G 46 -27.90 -10.77 -8.64
C ARG G 46 -26.51 -10.18 -8.81
N ILE G 47 -26.46 -8.94 -9.30
CA ILE G 47 -25.20 -8.23 -9.44
C ILE G 47 -24.52 -8.16 -8.07
N GLY G 48 -23.19 -7.97 -8.09
CA GLY G 48 -22.32 -8.24 -6.97
C GLY G 48 -22.88 -7.95 -5.59
N GLN G 49 -22.90 -8.98 -4.76
CA GLN G 49 -23.52 -8.98 -3.44
C GLN G 49 -22.47 -9.38 -2.41
N ILE G 50 -22.79 -9.17 -1.13
CA ILE G 50 -21.80 -9.37 -0.07
C ILE G 50 -21.32 -10.82 -0.04
N GLY G 51 -22.26 -11.76 -0.04
CA GLY G 51 -21.89 -13.16 0.08
C GLY G 51 -21.64 -13.90 -1.21
N SER G 52 -21.69 -13.24 -2.35
CA SER G 52 -21.61 -13.91 -3.64
C SER G 52 -20.16 -14.08 -4.09
N PHE G 53 -19.96 -14.99 -5.03
CA PHE G 53 -18.66 -15.29 -5.63
C PHE G 53 -18.54 -14.59 -6.98
N VAL G 54 -17.30 -14.26 -7.34
CA VAL G 54 -16.99 -13.71 -8.65
C VAL G 54 -15.86 -14.54 -9.25
N ARG G 55 -15.72 -14.43 -10.58
CA ARG G 55 -14.73 -15.19 -11.31
C ARG G 55 -13.88 -14.25 -12.16
N ILE G 56 -12.55 -14.40 -12.07
CA ILE G 56 -11.63 -13.59 -12.85
C ILE G 56 -10.79 -14.52 -13.72
N PRO G 57 -10.98 -14.52 -15.03
CA PRO G 57 -10.21 -15.43 -15.88
C PRO G 57 -8.89 -14.83 -16.32
N ILE G 58 -7.79 -15.55 -16.10
CA ILE G 58 -6.48 -15.09 -16.55
C ILE G 58 -5.99 -15.98 -17.68
N GLY G 59 -6.35 -15.62 -18.91
CA GLY G 59 -5.87 -16.33 -20.07
C GLY G 59 -6.48 -17.70 -20.23
N TYR G 60 -6.12 -18.62 -19.34
CA TYR G 60 -6.52 -20.01 -19.39
C TYR G 60 -7.16 -20.49 -18.10
N ILE G 61 -6.66 -20.04 -16.96
CA ILE G 61 -7.18 -20.43 -15.66
C ILE G 61 -8.07 -19.30 -15.13
N ASN G 62 -9.06 -19.68 -14.33
CA ASN G 62 -10.00 -18.73 -13.74
C ASN G 62 -9.67 -18.55 -12.27
N LEU G 63 -9.51 -17.29 -11.85
CA LEU G 63 -9.30 -16.96 -10.45
C LEU G 63 -10.65 -16.63 -9.82
N PHE G 64 -11.01 -17.36 -8.77
CA PHE G 64 -12.25 -17.10 -8.07
C PHE G 64 -12.01 -16.13 -6.93
N GLY G 65 -13.09 -15.74 -6.26
CA GLY G 65 -13.00 -14.82 -5.15
C GLY G 65 -14.37 -14.62 -4.54
N ILE G 66 -14.37 -13.95 -3.38
CA ILE G 66 -15.60 -13.66 -2.65
C ILE G 66 -15.61 -12.18 -2.33
N VAL G 67 -16.73 -11.52 -2.64
CA VAL G 67 -16.88 -10.11 -2.34
C VAL G 67 -16.83 -9.89 -0.83
N SER G 68 -16.16 -8.82 -0.41
CA SER G 68 -16.00 -8.52 1.01
C SER G 68 -16.77 -7.29 1.44
N GLN G 69 -16.63 -6.18 0.73
CA GLN G 69 -17.31 -4.94 1.07
C GLN G 69 -17.77 -4.25 -0.19
N VAL G 70 -18.99 -3.69 -0.16
CA VAL G 70 -19.60 -3.04 -1.31
C VAL G 70 -20.00 -1.64 -0.90
N GLY G 71 -19.58 -0.64 -1.68
CA GLY G 71 -19.97 0.73 -1.46
C GLY G 71 -18.76 1.64 -1.31
N ALA G 72 -18.91 2.65 -0.45
CA ALA G 72 -17.86 3.66 -0.27
C ALA G 72 -16.58 3.07 0.29
N GLY G 73 -16.65 1.94 0.98
CA GLY G 73 -15.45 1.36 1.57
C GLY G 73 -14.45 0.89 0.52
N ALA G 74 -14.95 0.34 -0.59
CA ALA G 74 -14.07 -0.21 -1.61
C ALA G 74 -13.40 0.85 -2.46
N VAL G 75 -13.88 2.08 -2.44
CA VAL G 75 -13.26 3.15 -3.25
C VAL G 75 -11.84 3.40 -2.75
N PRO G 76 -10.86 3.64 -3.63
CA PRO G 76 -9.49 3.91 -3.15
C PRO G 76 -9.41 5.14 -2.26
N ASP G 77 -8.21 5.37 -1.70
CA ASP G 77 -8.05 6.36 -0.64
C ASP G 77 -8.39 7.77 -1.13
N LYS G 78 -7.91 8.15 -2.31
CA LYS G 78 -8.01 9.53 -2.76
C LYS G 78 -9.04 9.72 -3.87
N LEU G 79 -9.51 8.65 -4.50
CA LEU G 79 -10.66 8.79 -5.40
C LEU G 79 -11.86 9.36 -4.67
N LEU G 80 -12.01 9.04 -3.37
CA LEU G 80 -13.05 9.67 -2.57
C LEU G 80 -12.82 11.17 -2.45
N GLU G 81 -11.55 11.58 -2.23
CA GLU G 81 -11.25 13.00 -2.11
C GLU G 81 -11.50 13.73 -3.42
N VAL G 82 -11.32 13.05 -4.55
CA VAL G 82 -11.59 13.68 -5.85
C VAL G 82 -13.09 13.79 -6.08
N GLU G 83 -13.79 12.66 -6.09
CA GLU G 83 -15.24 12.63 -6.25
C GLU G 83 -15.86 11.86 -5.09
N PRO G 84 -16.34 12.55 -4.05
CA PRO G 84 -16.96 11.87 -2.91
C PRO G 84 -18.41 11.44 -3.12
N TYR G 85 -18.90 11.45 -4.36
CA TYR G 85 -20.27 11.06 -4.64
C TYR G 85 -20.38 9.83 -5.53
N GLY G 86 -19.27 9.35 -6.08
CA GLY G 86 -19.31 8.19 -6.95
C GLY G 86 -18.92 6.92 -6.24
N HIS G 87 -19.90 6.06 -5.97
CA HIS G 87 -19.70 4.80 -5.25
C HIS G 87 -20.14 3.66 -6.15
N ARG G 88 -19.20 3.09 -6.90
CA ARG G 88 -19.48 1.98 -7.79
C ARG G 88 -18.38 0.92 -7.72
N TRP G 89 -17.78 0.75 -6.56
CA TRP G 89 -16.65 -0.16 -6.38
C TRP G 89 -17.03 -1.29 -5.44
N ILE G 90 -16.41 -2.45 -5.66
CA ILE G 90 -16.51 -3.58 -4.74
C ILE G 90 -15.10 -4.06 -4.44
N SER G 91 -14.97 -4.78 -3.33
CA SER G 91 -13.67 -5.24 -2.83
C SER G 91 -13.68 -6.77 -2.77
N VAL G 92 -13.06 -7.40 -3.76
CA VAL G 92 -13.00 -8.85 -3.84
C VAL G 92 -11.74 -9.32 -3.14
N GLN G 93 -11.84 -10.44 -2.43
CA GLN G 93 -10.70 -11.10 -1.80
C GLN G 93 -10.53 -12.47 -2.45
N LEU G 94 -9.35 -12.71 -3.01
CA LEU G 94 -9.10 -13.95 -3.73
C LEU G 94 -9.12 -15.14 -2.78
N VAL G 95 -9.59 -16.28 -3.30
CA VAL G 95 -9.74 -17.47 -2.48
C VAL G 95 -8.96 -18.62 -3.10
N GLY G 96 -9.24 -18.94 -4.36
CA GLY G 96 -8.62 -20.07 -5.00
C GLY G 96 -8.68 -19.98 -6.50
N GLU G 97 -8.26 -21.05 -7.16
CA GLU G 97 -8.22 -21.10 -8.60
C GLU G 97 -8.39 -22.55 -9.05
N GLU G 98 -8.80 -22.72 -10.31
CA GLU G 98 -8.91 -24.03 -10.91
C GLU G 98 -7.68 -24.31 -11.77
N GLY G 99 -7.15 -25.53 -11.66
CA GLY G 99 -5.94 -25.88 -12.36
C GLY G 99 -6.18 -26.26 -13.81
N ILE G 100 -5.50 -27.30 -14.29
CA ILE G 100 -5.69 -27.77 -15.67
C ILE G 100 -6.82 -28.80 -15.61
N LYS G 101 -8.05 -28.29 -15.60
CA LYS G 101 -9.27 -29.08 -15.57
C LYS G 101 -9.27 -30.13 -14.46
N LYS G 102 -8.46 -29.93 -13.42
CA LYS G 102 -8.36 -30.93 -12.37
C LYS G 102 -9.46 -30.75 -11.31
N GLU G 103 -9.42 -29.65 -10.58
CA GLU G 103 -10.35 -29.38 -9.49
C GLU G 103 -10.16 -27.93 -9.06
N PHE G 104 -10.84 -27.56 -7.99
CA PHE G 104 -10.67 -26.26 -7.36
C PHE G 104 -9.73 -26.42 -6.17
N GLU G 105 -8.58 -25.77 -6.23
CA GLU G 105 -7.57 -25.85 -5.18
C GLU G 105 -7.34 -24.46 -4.61
N ARG G 106 -7.31 -24.37 -3.28
CA ARG G 106 -7.14 -23.08 -2.63
C ARG G 106 -5.74 -22.53 -2.89
N GLY G 107 -5.65 -21.21 -3.03
CA GLY G 107 -4.38 -20.57 -3.30
C GLY G 107 -4.15 -20.31 -4.77
N VAL G 108 -4.01 -19.05 -5.15
CA VAL G 108 -3.83 -18.68 -6.54
C VAL G 108 -2.37 -18.84 -6.95
N SER G 109 -2.09 -18.79 -8.24
CA SER G 109 -0.75 -18.93 -8.78
C SER G 109 -0.20 -17.64 -9.36
N GLN G 110 -0.99 -16.93 -10.18
CA GLN G 110 -0.59 -15.64 -10.73
C GLN G 110 -1.75 -14.67 -10.60
N TYR G 111 -1.45 -13.47 -10.12
CA TYR G 111 -2.45 -12.50 -9.76
C TYR G 111 -2.91 -11.69 -10.97
N PRO G 112 -4.14 -11.18 -10.96
CA PRO G 112 -4.63 -10.40 -12.10
C PRO G 112 -3.96 -9.03 -12.18
N THR G 113 -3.99 -8.46 -13.38
CA THR G 113 -3.41 -7.17 -13.66
C THR G 113 -4.51 -6.14 -13.93
N ILE G 114 -4.09 -4.93 -14.29
CA ILE G 114 -5.04 -3.85 -14.54
C ILE G 114 -5.85 -4.15 -15.79
N GLY G 115 -7.16 -3.95 -15.72
CA GLY G 115 -8.03 -4.11 -16.86
C GLY G 115 -8.61 -5.50 -17.05
N ASP G 116 -8.24 -6.45 -16.19
CA ASP G 116 -8.79 -7.80 -16.31
C ASP G 116 -10.29 -7.78 -16.07
N LYS G 117 -11.02 -8.56 -16.86
CA LYS G 117 -12.47 -8.58 -16.79
C LYS G 117 -12.95 -9.41 -15.61
N VAL G 118 -13.97 -8.91 -14.92
CA VAL G 118 -14.55 -9.58 -13.76
C VAL G 118 -15.93 -10.10 -14.14
N HIS G 119 -16.15 -11.38 -13.93
CA HIS G 119 -17.39 -12.05 -14.27
C HIS G 119 -18.14 -12.44 -13.00
N ILE G 120 -19.25 -13.15 -13.18
CA ILE G 120 -20.06 -13.62 -12.07
C ILE G 120 -20.12 -15.14 -12.12
N VAL G 121 -20.10 -15.76 -10.95
CA VAL G 121 -20.03 -17.21 -10.83
C VAL G 121 -21.41 -17.80 -11.07
N THR G 122 -21.50 -18.72 -12.02
CA THR G 122 -22.74 -19.40 -12.33
C THR G 122 -22.87 -20.69 -11.52
N GLU G 123 -24.06 -21.28 -11.58
CA GLU G 123 -24.33 -22.48 -10.78
C GLU G 123 -23.40 -23.66 -11.10
N PRO G 124 -23.11 -24.00 -12.36
CA PRO G 124 -22.10 -25.06 -12.58
C PRO G 124 -20.75 -24.74 -11.99
N ASP G 125 -20.33 -23.48 -12.01
CA ASP G 125 -19.08 -23.10 -11.36
C ASP G 125 -19.17 -23.32 -9.86
N LEU G 126 -20.31 -23.02 -9.25
CA LEU G 126 -20.48 -23.28 -7.83
C LEU G 126 -20.42 -24.78 -7.54
N LYS G 127 -21.01 -25.59 -8.40
CA LYS G 127 -20.90 -27.04 -8.25
C LYS G 127 -19.44 -27.48 -8.32
N LYS G 128 -18.68 -26.87 -9.23
CA LYS G 128 -17.25 -27.19 -9.32
C LYS G 128 -16.52 -26.79 -8.03
N ILE G 129 -16.87 -25.64 -7.46
CA ILE G 129 -16.18 -25.16 -6.26
C ILE G 129 -16.54 -26.01 -5.06
N TYR G 130 -17.82 -26.06 -4.71
CA TYR G 130 -18.29 -26.71 -3.49
C TYR G 130 -18.50 -28.21 -3.65
N GLY G 131 -17.94 -28.82 -4.68
CA GLY G 131 -18.11 -30.24 -4.91
C GLY G 131 -16.78 -30.98 -4.79
N THR G 132 -16.87 -32.25 -4.40
CA THR G 132 -15.70 -33.10 -4.31
C THR G 132 -16.11 -34.54 -4.53
N GLN G 133 -15.14 -35.36 -4.94
CA GLN G 133 -15.38 -36.76 -5.26
C GLN G 133 -14.99 -37.71 -4.13
N ASN G 134 -14.53 -37.17 -3.00
CA ASN G 134 -14.15 -38.03 -1.88
C ASN G 134 -15.39 -38.69 -1.28
N LYS G 135 -15.21 -39.92 -0.80
CA LYS G 135 -16.31 -40.70 -0.24
C LYS G 135 -16.60 -40.36 1.21
N LYS G 136 -15.70 -39.64 1.89
CA LYS G 136 -15.91 -39.33 3.30
C LYS G 136 -16.94 -38.23 3.49
N TYR G 137 -16.96 -37.25 2.60
CA TYR G 137 -17.84 -36.10 2.77
C TYR G 137 -19.30 -36.49 2.66
N ILE G 138 -20.14 -35.86 3.48
CA ILE G 138 -21.56 -36.17 3.56
C ILE G 138 -22.34 -34.87 3.38
N SER G 139 -23.41 -34.92 2.60
CA SER G 139 -24.26 -33.76 2.39
C SER G 139 -25.11 -33.52 3.64
N LEU G 140 -25.11 -32.29 4.14
CA LEU G 140 -25.89 -31.91 5.29
C LEU G 140 -26.97 -30.88 4.99
N GLY G 141 -26.88 -30.19 3.85
CA GLY G 141 -27.85 -29.19 3.50
C GLY G 141 -27.60 -28.60 2.12
N ASN G 142 -28.04 -27.36 1.90
CA ASN G 142 -27.88 -26.69 0.64
C ASN G 142 -27.33 -25.29 0.85
N ILE G 143 -26.56 -24.81 -0.12
CA ILE G 143 -26.04 -23.45 -0.06
C ILE G 143 -27.19 -22.46 -0.16
N ALA G 144 -27.00 -21.28 0.45
CA ALA G 144 -28.09 -20.31 0.53
C ALA G 144 -28.45 -19.73 -0.83
N SER G 145 -27.44 -19.49 -1.68
CA SER G 145 -27.69 -18.83 -2.97
C SER G 145 -28.61 -19.67 -3.85
N VAL G 146 -28.16 -20.86 -4.24
CA VAL G 146 -28.93 -21.76 -5.07
C VAL G 146 -29.08 -23.09 -4.35
N ASP G 147 -30.31 -23.62 -4.34
CA ASP G 147 -30.64 -24.79 -3.53
C ASP G 147 -30.27 -26.11 -4.20
N SER G 148 -29.76 -26.09 -5.43
CA SER G 148 -29.40 -27.33 -6.11
C SER G 148 -28.06 -27.89 -5.65
N ILE G 149 -27.30 -27.13 -4.87
CA ILE G 149 -25.96 -27.56 -4.45
C ILE G 149 -26.06 -28.30 -3.12
N PRO G 150 -25.38 -29.43 -2.96
CA PRO G 150 -25.30 -30.07 -1.64
C PRO G 150 -24.12 -29.55 -0.84
N ALA G 151 -24.31 -29.47 0.48
CA ALA G 151 -23.29 -28.96 1.39
C ALA G 151 -22.49 -30.13 1.93
N LEU G 152 -21.43 -30.49 1.21
CA LEU G 152 -20.62 -31.63 1.62
C LEU G 152 -19.76 -31.27 2.83
N VAL G 153 -19.82 -32.13 3.85
CA VAL G 153 -19.08 -31.93 5.09
C VAL G 153 -18.39 -33.24 5.45
N ASN G 154 -17.10 -33.16 5.75
CA ASN G 154 -16.36 -34.35 6.17
C ASN G 154 -16.90 -34.86 7.50
N ILE G 155 -16.78 -36.17 7.71
CA ILE G 155 -17.25 -36.79 8.93
C ILE G 155 -16.11 -37.31 9.80
N ASP G 156 -14.95 -37.63 9.23
CA ASP G 156 -13.81 -38.03 10.05
C ASP G 156 -13.31 -36.85 10.88
N THR G 157 -13.14 -35.68 10.25
CA THR G 157 -12.70 -34.50 10.99
C THR G 157 -13.78 -34.00 11.93
N LEU G 158 -15.05 -34.21 11.58
CA LEU G 158 -16.14 -33.74 12.43
C LEU G 158 -16.11 -34.40 13.80
N VAL G 159 -15.83 -35.70 13.84
CA VAL G 159 -15.85 -36.45 15.09
C VAL G 159 -14.47 -36.50 15.73
N THR G 160 -13.43 -36.84 14.96
CA THR G 160 -12.12 -37.06 15.55
C THR G 160 -11.50 -35.77 16.05
N ARG G 161 -11.65 -34.67 15.31
CA ARG G 161 -10.96 -33.45 15.71
C ARG G 161 -11.68 -32.78 16.87
N HIS G 162 -12.85 -32.19 16.59
CA HIS G 162 -13.98 -31.94 17.50
C HIS G 162 -15.05 -31.13 16.79
N SER G 163 -16.19 -30.90 17.44
CA SER G 163 -17.25 -30.07 16.89
C SER G 163 -17.81 -29.17 17.98
N ALA G 164 -18.64 -28.21 17.56
CA ALA G 164 -19.29 -27.28 18.46
C ALA G 164 -20.37 -26.52 17.71
N VAL G 165 -21.50 -26.28 18.37
CA VAL G 165 -22.62 -25.55 17.79
C VAL G 165 -22.95 -24.39 18.71
N LEU G 166 -22.94 -23.18 18.16
CA LEU G 166 -23.17 -21.96 18.93
C LEU G 166 -24.23 -21.11 18.24
N GLY G 167 -25.16 -20.58 19.02
CA GLY G 167 -26.19 -19.73 18.46
C GLY G 167 -27.20 -19.36 19.53
N SER G 168 -28.01 -18.36 19.20
CA SER G 168 -29.04 -17.89 20.13
C SER G 168 -30.14 -18.93 20.27
N THR G 169 -30.91 -18.79 21.37
CA THR G 169 -31.98 -19.74 21.63
C THR G 169 -33.13 -19.59 20.65
N GLY G 170 -33.31 -18.40 20.08
CA GLY G 170 -34.35 -18.19 19.08
C GLY G 170 -33.99 -18.62 17.68
N SER G 171 -32.75 -19.04 17.45
CA SER G 171 -32.30 -19.45 16.14
C SER G 171 -32.59 -20.92 15.84
N GLY G 172 -33.22 -21.64 16.76
CA GLY G 172 -33.55 -23.02 16.53
C GLY G 172 -32.35 -23.93 16.43
N LYS G 173 -31.44 -23.85 17.42
CA LYS G 173 -30.28 -24.72 17.40
C LYS G 173 -30.65 -26.17 17.70
N SER G 174 -31.74 -26.39 18.44
CA SER G 174 -32.15 -27.74 18.75
C SER G 174 -32.51 -28.52 17.49
N THR G 175 -33.22 -27.87 16.56
CA THR G 175 -33.57 -28.54 15.31
C THR G 175 -32.34 -28.88 14.49
N THR G 176 -31.36 -27.96 14.46
CA THR G 176 -30.13 -28.22 13.72
C THR G 176 -29.37 -29.41 14.30
N VAL G 177 -29.25 -29.46 15.63
CA VAL G 177 -28.55 -30.57 16.27
C VAL G 177 -29.29 -31.88 16.01
N THR G 178 -30.62 -31.85 16.11
CA THR G 178 -31.40 -33.05 15.85
C THR G 178 -31.20 -33.54 14.42
N SER G 179 -31.22 -32.63 13.46
CA SER G 179 -31.02 -33.02 12.07
C SER G 179 -29.62 -33.59 11.84
N ILE G 180 -28.61 -32.97 12.45
CA ILE G 180 -27.24 -33.45 12.30
C ILE G 180 -27.11 -34.86 12.87
N LEU G 181 -27.64 -35.07 14.07
CA LEU G 181 -27.55 -36.39 14.69
C LEU G 181 -28.31 -37.43 13.89
N GLN G 182 -29.47 -37.07 13.34
CA GLN G 182 -30.23 -38.02 12.54
C GLN G 182 -29.52 -38.35 11.24
N ARG G 183 -28.83 -37.37 10.64
CA ARG G 183 -28.14 -37.62 9.39
C ARG G 183 -26.89 -38.47 9.60
N ILE G 184 -26.15 -38.22 10.68
CA ILE G 184 -24.95 -39.01 10.94
C ILE G 184 -25.30 -40.45 11.24
N SER G 185 -26.40 -40.68 11.96
CA SER G 185 -26.76 -42.01 12.44
C SER G 185 -27.78 -42.70 11.54
N ASP G 186 -27.69 -42.48 10.23
CA ASP G 186 -28.58 -43.17 9.30
C ASP G 186 -28.33 -44.67 9.35
N MET G 187 -29.43 -45.44 9.38
CA MET G 187 -29.29 -46.88 9.53
C MET G 187 -28.80 -47.53 8.24
N SER G 188 -29.25 -47.04 7.09
CA SER G 188 -28.87 -47.66 5.83
C SER G 188 -27.41 -47.43 5.49
N GLN G 189 -26.86 -46.28 5.87
CA GLN G 189 -25.49 -45.93 5.52
C GLN G 189 -24.50 -46.14 6.65
N PHE G 190 -24.91 -45.94 7.90
CA PHE G 190 -24.03 -46.07 9.06
C PHE G 190 -24.69 -47.01 10.07
N PRO G 191 -24.64 -48.32 9.83
CA PRO G 191 -25.31 -49.26 10.73
C PRO G 191 -24.64 -49.41 12.08
N SER G 192 -23.42 -48.91 12.26
CA SER G 192 -22.66 -49.10 13.49
C SER G 192 -22.32 -47.76 14.14
N ALA G 193 -23.30 -46.86 14.19
CA ALA G 193 -23.08 -45.59 14.86
C ALA G 193 -23.01 -45.78 16.37
N ARG G 194 -22.53 -44.75 17.06
CA ARG G 194 -22.40 -44.80 18.51
C ARG G 194 -22.41 -43.37 19.02
N ILE G 195 -23.52 -42.95 19.64
CA ILE G 195 -23.71 -41.57 20.07
C ILE G 195 -24.29 -41.57 21.47
N ILE G 196 -23.80 -40.66 22.31
CA ILE G 196 -24.32 -40.44 23.66
C ILE G 196 -24.66 -38.96 23.78
N VAL G 197 -25.90 -38.66 24.19
CA VAL G 197 -26.39 -37.30 24.31
C VAL G 197 -26.61 -36.99 25.78
N PHE G 198 -25.99 -35.92 26.26
CA PHE G 198 -26.15 -35.48 27.65
C PHE G 198 -27.25 -34.43 27.74
N ASP G 199 -28.47 -34.88 27.45
CA ASP G 199 -29.63 -34.00 27.51
C ASP G 199 -29.82 -33.48 28.92
N ILE G 200 -30.12 -32.18 29.03
CA ILE G 200 -30.31 -31.52 30.31
C ILE G 200 -31.78 -31.18 30.54
N HIS G 201 -32.44 -30.57 29.55
CA HIS G 201 -33.83 -30.17 29.68
C HIS G 201 -34.80 -31.25 29.21
N GLY G 202 -34.29 -32.38 28.72
CA GLY G 202 -35.17 -33.46 28.28
C GLY G 202 -36.07 -33.08 27.12
N GLU G 203 -35.52 -32.36 26.14
CA GLU G 203 -36.29 -31.93 24.98
C GLU G 203 -35.93 -32.71 23.72
N TYR G 204 -35.17 -33.78 23.84
CA TYR G 204 -34.76 -34.57 22.69
C TYR G 204 -35.46 -35.91 22.58
N ALA G 205 -36.13 -36.37 23.65
CA ALA G 205 -36.85 -37.64 23.58
C ALA G 205 -37.99 -37.58 22.57
N ALA G 206 -38.64 -36.41 22.44
CA ALA G 206 -39.73 -36.29 21.47
C ALA G 206 -39.24 -36.49 20.04
N ALA G 207 -38.06 -35.94 19.72
CA ALA G 207 -37.55 -36.06 18.36
C ALA G 207 -37.25 -37.50 18.00
N PHE G 208 -36.68 -38.27 18.93
CA PHE G 208 -36.34 -39.67 18.71
C PHE G 208 -37.37 -40.52 19.45
N LYS G 209 -38.46 -40.85 18.73
CA LYS G 209 -39.55 -41.59 19.35
C LYS G 209 -39.14 -43.02 19.68
N GLY G 210 -38.77 -43.79 18.65
CA GLY G 210 -38.41 -45.17 18.87
C GLY G 210 -37.03 -45.53 18.36
N LYS G 211 -36.29 -44.53 17.88
CA LYS G 211 -34.96 -44.77 17.33
C LYS G 211 -33.85 -44.67 18.37
N ALA G 212 -34.16 -44.26 19.59
CA ALA G 212 -33.13 -44.03 20.59
C ALA G 212 -33.61 -44.42 21.97
N LYS G 213 -32.76 -45.12 22.72
CA LYS G 213 -33.04 -45.41 24.11
C LYS G 213 -33.03 -44.13 24.93
N VAL G 214 -33.99 -43.99 25.84
CA VAL G 214 -34.12 -42.82 26.69
C VAL G 214 -34.05 -43.27 28.15
N TYR G 215 -33.15 -42.65 28.91
CA TYR G 215 -32.95 -42.97 30.32
C TYR G 215 -33.40 -41.78 31.15
N LYS G 216 -34.52 -41.94 31.86
CA LYS G 216 -35.09 -40.89 32.68
C LYS G 216 -34.93 -41.25 34.16
N VAL G 217 -35.48 -40.41 35.01
CA VAL G 217 -35.48 -40.67 36.45
C VAL G 217 -36.75 -41.39 36.87
N THR G 218 -37.89 -41.00 36.31
CA THR G 218 -39.19 -41.61 36.62
C THR G 218 -39.91 -41.95 35.32
N PRO G 219 -39.54 -43.06 34.68
CA PRO G 219 -40.19 -43.43 33.42
C PRO G 219 -41.59 -43.97 33.67
N SER G 220 -42.40 -43.97 32.60
CA SER G 220 -43.80 -44.33 32.72
C SER G 220 -44.16 -45.60 31.96
N ASN G 221 -43.92 -45.64 30.64
CA ASN G 221 -44.42 -46.75 29.83
C ASN G 221 -43.31 -47.53 29.14
N ASN G 222 -42.45 -46.87 28.36
CA ASN G 222 -41.49 -47.57 27.53
C ASN G 222 -40.07 -47.01 27.64
N GLU G 223 -39.84 -46.08 28.57
CA GLU G 223 -38.50 -45.53 28.77
C GLU G 223 -37.80 -46.30 29.88
N LEU G 224 -36.48 -46.41 29.74
CA LEU G 224 -35.68 -47.09 30.74
C LEU G 224 -35.47 -46.16 31.94
N LYS G 225 -34.84 -46.69 32.98
CA LYS G 225 -34.58 -45.95 34.22
C LYS G 225 -33.09 -45.76 34.38
N LEU G 226 -32.67 -44.51 34.64
CA LEU G 226 -31.26 -44.22 34.83
C LEU G 226 -30.83 -44.67 36.22
N SER G 227 -29.83 -45.54 36.27
CA SER G 227 -29.31 -46.08 37.52
C SER G 227 -27.79 -46.03 37.50
N ILE G 228 -27.21 -45.31 38.44
CA ILE G 228 -25.77 -45.19 38.59
C ILE G 228 -25.39 -45.70 39.98
N PRO G 229 -24.94 -46.95 40.08
CA PRO G 229 -24.62 -47.49 41.41
C PRO G 229 -23.51 -46.71 42.09
N TYR G 230 -23.63 -46.57 43.41
CA TYR G 230 -22.67 -45.77 44.16
C TYR G 230 -21.31 -46.46 44.24
N TRP G 231 -21.28 -47.79 44.27
CA TRP G 231 -20.01 -48.49 44.42
C TRP G 231 -19.16 -48.42 43.17
N ALA G 232 -19.69 -47.96 42.04
CA ALA G 232 -18.90 -47.77 40.83
C ALA G 232 -18.08 -46.49 40.87
N LEU G 233 -18.25 -45.66 41.89
CA LEU G 233 -17.54 -44.40 42.00
C LEU G 233 -16.15 -44.60 42.59
N THR G 234 -15.31 -43.58 42.43
CA THR G 234 -14.05 -43.55 43.16
C THR G 234 -14.29 -43.03 44.57
N CYS G 235 -13.25 -43.13 45.41
CA CYS G 235 -13.39 -42.71 46.79
C CYS G 235 -13.67 -41.21 46.89
N ASP G 236 -12.94 -40.39 46.12
CA ASP G 236 -13.12 -38.95 46.22
C ASP G 236 -14.49 -38.52 45.70
N GLU G 237 -14.93 -39.08 44.58
CA GLU G 237 -16.24 -38.73 44.05
C GLU G 237 -17.36 -39.15 45.00
N PHE G 238 -17.24 -40.35 45.57
CA PHE G 238 -18.25 -40.81 46.51
C PHE G 238 -18.29 -39.94 47.76
N LEU G 239 -17.11 -39.54 48.26
CA LEU G 239 -17.09 -38.65 49.42
C LEU G 239 -17.70 -37.29 49.09
N SER G 240 -17.42 -36.77 47.90
CA SER G 240 -17.97 -35.48 47.51
C SER G 240 -19.49 -35.55 47.37
N VAL G 241 -20.01 -36.62 46.79
CA VAL G 241 -21.45 -36.73 46.57
C VAL G 241 -22.18 -36.87 47.90
N ALA G 242 -21.72 -37.79 48.75
CA ALA G 242 -22.46 -38.11 49.98
C ALA G 242 -22.13 -37.15 51.11
N PHE G 243 -20.87 -37.11 51.54
CA PHE G 243 -20.49 -36.39 52.74
C PHE G 243 -20.15 -34.92 52.48
N GLY G 244 -20.03 -34.50 51.22
CA GLY G 244 -19.78 -33.11 50.94
C GLY G 244 -18.38 -32.61 51.17
N GLY G 245 -17.38 -33.50 51.14
CA GLY G 245 -16.01 -33.05 51.23
C GLY G 245 -15.42 -33.03 52.63
N LEU G 246 -15.46 -34.16 53.33
CA LEU G 246 -14.84 -34.25 54.65
C LEU G 246 -13.33 -34.04 54.54
N GLU G 247 -12.76 -33.42 55.57
CA GLU G 247 -11.34 -33.08 55.58
C GLU G 247 -10.57 -33.64 56.76
N GLY G 248 -11.19 -33.75 57.93
CA GLY G 248 -10.50 -34.22 59.12
C GLY G 248 -10.23 -35.72 59.09
N SER G 249 -10.03 -36.27 60.29
CA SER G 249 -9.76 -37.70 60.42
C SER G 249 -10.96 -38.54 60.00
N GLY G 250 -12.15 -37.93 59.90
CA GLY G 250 -13.30 -38.67 59.43
C GLY G 250 -13.12 -39.22 58.03
N ARG G 251 -12.42 -38.48 57.18
CA ARG G 251 -12.10 -39.00 55.85
C ARG G 251 -11.29 -40.28 55.95
N ASN G 252 -10.30 -40.30 56.85
CA ASN G 252 -9.50 -41.50 57.04
C ASN G 252 -10.35 -42.65 57.57
N ALA G 253 -11.26 -42.36 58.50
CA ALA G 253 -12.11 -43.40 59.06
C ALA G 253 -13.01 -44.02 57.98
N LEU G 254 -13.63 -43.17 57.16
CA LEU G 254 -14.47 -43.68 56.08
C LEU G 254 -13.66 -44.46 55.05
N ILE G 255 -12.46 -43.98 54.72
CA ILE G 255 -11.61 -44.71 53.78
C ILE G 255 -11.27 -46.09 54.32
N ASP G 256 -10.90 -46.16 55.61
CA ASP G 256 -10.58 -47.44 56.21
C ASP G 256 -11.78 -48.38 56.21
N LYS G 257 -12.96 -47.86 56.54
CA LYS G 257 -14.14 -48.73 56.57
C LYS G 257 -14.49 -49.23 55.17
N ILE G 258 -14.39 -48.37 54.16
CA ILE G 258 -14.66 -48.80 52.79
C ILE G 258 -13.67 -49.88 52.37
N TYR G 259 -12.39 -49.69 52.72
CA TYR G 259 -11.38 -50.71 52.40
C TYR G 259 -11.71 -52.03 53.06
N GLU G 260 -12.10 -52.00 54.34
CA GLU G 260 -12.43 -53.23 55.05
C GLU G 260 -13.64 -53.92 54.44
N LEU G 261 -14.68 -53.13 54.10
CA LEU G 261 -15.88 -53.71 53.51
C LEU G 261 -15.58 -54.34 52.15
N LYS G 262 -14.76 -53.68 51.34
CA LYS G 262 -14.39 -54.26 50.05
C LYS G 262 -13.58 -55.53 50.23
N LEU G 263 -12.68 -55.55 51.21
CA LEU G 263 -11.92 -56.77 51.49
C LEU G 263 -12.84 -57.92 51.87
N GLN G 264 -13.82 -57.63 52.74
CA GLN G 264 -14.78 -58.67 53.13
C GLN G 264 -15.58 -59.16 51.92
N THR G 265 -16.01 -58.23 51.06
CA THR G 265 -16.77 -58.62 49.88
C THR G 265 -15.96 -59.52 48.97
N LEU G 266 -14.68 -59.17 48.74
CA LEU G 266 -13.83 -60.01 47.91
C LEU G 266 -13.58 -61.36 48.57
N LYS G 267 -13.48 -61.40 49.90
CA LYS G 267 -13.34 -62.68 50.58
C LYS G 267 -14.57 -63.56 50.35
N ARG G 268 -15.76 -62.97 50.41
CA ARG G 268 -16.97 -63.76 50.23
C ARG G 268 -17.17 -64.17 48.77
N GLN G 269 -16.97 -63.25 47.83
CA GLN G 269 -17.26 -63.48 46.42
C GLN G 269 -15.98 -63.39 45.61
N GLU G 270 -15.76 -64.37 44.74
CA GLU G 270 -14.56 -64.42 43.92
C GLU G 270 -14.64 -63.46 42.76
N TYR G 271 -13.56 -62.71 42.53
CA TYR G 271 -13.44 -61.81 41.39
C TYR G 271 -12.15 -62.11 40.64
N GLU G 272 -12.20 -61.94 39.33
CA GLU G 272 -11.09 -62.32 38.47
C GLU G 272 -9.94 -61.32 38.57
N GLY G 273 -8.73 -61.83 38.79
CA GLY G 273 -7.54 -61.03 38.75
C GLY G 273 -7.37 -60.03 39.87
N ILE G 274 -8.24 -60.05 40.87
CA ILE G 274 -8.16 -59.12 42.00
C ILE G 274 -8.11 -59.92 43.29
N ASN G 275 -7.12 -59.65 44.13
CA ASN G 275 -6.96 -60.36 45.39
C ASN G 275 -6.63 -59.38 46.51
N GLU G 276 -6.24 -59.90 47.66
CA GLU G 276 -5.86 -59.05 48.78
C GLU G 276 -4.59 -58.27 48.53
N ASP G 277 -3.83 -58.62 47.50
CA ASP G 277 -2.56 -57.95 47.24
C ASP G 277 -2.73 -56.67 46.44
N SER G 278 -3.52 -56.71 45.38
CA SER G 278 -3.65 -55.59 44.44
C SER G 278 -5.04 -54.97 44.48
N LEU G 279 -5.62 -54.86 45.68
CA LEU G 279 -6.92 -54.22 45.85
C LEU G 279 -6.72 -52.82 46.39
N THR G 280 -7.18 -51.82 45.63
CA THR G 280 -7.17 -50.44 46.08
C THR G 280 -8.59 -49.99 46.41
N VAL G 281 -8.68 -48.81 47.01
CA VAL G 281 -9.98 -48.27 47.41
C VAL G 281 -10.84 -47.98 46.18
N ASP G 282 -10.21 -47.55 45.09
CA ASP G 282 -10.93 -47.13 43.89
C ASP G 282 -11.39 -48.28 43.02
N THR G 283 -11.11 -49.53 43.42
CA THR G 283 -11.56 -50.67 42.61
C THR G 283 -13.08 -50.75 42.62
N PRO G 284 -13.73 -50.87 41.47
CA PRO G 284 -15.19 -50.96 41.44
C PRO G 284 -15.70 -52.32 41.91
N ILE G 285 -15.77 -52.51 43.22
CA ILE G 285 -16.24 -53.74 43.83
C ILE G 285 -17.43 -53.40 44.72
N PRO G 286 -18.56 -54.09 44.61
CA PRO G 286 -19.73 -53.72 45.39
C PRO G 286 -19.49 -53.83 46.89
N PHE G 287 -20.11 -52.92 47.63
CA PHE G 287 -20.04 -52.92 49.08
C PHE G 287 -21.30 -52.24 49.62
N SER G 288 -21.77 -52.70 50.77
CA SER G 288 -22.98 -52.17 51.35
C SER G 288 -22.74 -50.80 51.98
N ILE G 289 -23.65 -49.87 51.73
CA ILE G 289 -23.58 -48.54 52.33
C ILE G 289 -24.36 -48.51 53.65
N HIS G 290 -25.47 -49.24 53.72
CA HIS G 290 -26.25 -49.31 54.95
C HIS G 290 -25.43 -49.89 56.09
N LYS G 291 -24.67 -50.96 55.81
CA LYS G 291 -23.81 -51.55 56.84
C LYS G 291 -22.75 -50.55 57.30
N LEU G 292 -22.16 -49.82 56.36
CA LEU G 292 -21.18 -48.79 56.71
C LEU G 292 -21.78 -47.77 57.66
N TRP G 293 -22.94 -47.22 57.29
CA TRP G 293 -23.56 -46.19 58.13
C TRP G 293 -23.93 -46.76 59.49
N PHE G 294 -24.49 -47.97 59.52
CA PHE G 294 -24.89 -48.58 60.78
C PHE G 294 -23.70 -48.81 61.69
N ASP G 295 -22.60 -49.31 61.15
CA ASP G 295 -21.42 -49.58 61.96
C ASP G 295 -20.81 -48.29 62.49
N LEU G 296 -20.76 -47.24 61.66
CA LEU G 296 -20.13 -46.01 62.12
C LEU G 296 -21.05 -45.14 62.97
N TYR G 297 -22.35 -45.38 62.96
CA TYR G 297 -23.27 -44.61 63.79
C TYR G 297 -23.58 -45.30 65.11
N ARG G 298 -23.73 -46.63 65.10
CA ARG G 298 -23.94 -47.37 66.33
C ARG G 298 -22.74 -47.30 67.26
N ALA G 299 -21.55 -47.05 66.71
CA ALA G 299 -20.32 -46.97 67.51
C ALA G 299 -20.01 -45.56 67.98
N GLU G 300 -21.01 -44.68 68.00
CA GLU G 300 -20.82 -43.32 68.47
C GLU G 300 -21.91 -42.84 69.42
N ILE G 301 -23.06 -43.51 69.49
CA ILE G 301 -24.15 -43.12 70.37
C ILE G 301 -24.49 -44.21 71.37
N SER G 302 -24.52 -45.47 70.92
CA SER G 302 -24.88 -46.58 71.80
C SER G 302 -23.82 -46.75 72.88
N THR G 303 -24.26 -47.24 74.04
CA THR G 303 -23.41 -47.34 75.22
C THR G 303 -23.10 -48.80 75.54
N HIS G 304 -21.88 -49.04 76.03
CA HIS G 304 -21.47 -50.37 76.43
C HIS G 304 -22.02 -50.70 77.82
N TYR G 305 -22.21 -52.00 78.07
CA TYR G 305 -22.75 -52.43 79.35
C TYR G 305 -21.74 -52.25 80.48
N VAL G 306 -20.45 -52.43 80.19
CA VAL G 306 -19.39 -52.35 81.19
C VAL G 306 -18.44 -51.23 80.82
N GLN G 307 -18.02 -50.46 81.82
CA GLN G 307 -17.09 -49.37 81.59
C GLN G 307 -15.70 -49.91 81.28
N GLY G 308 -14.83 -49.02 80.82
CA GLY G 308 -13.46 -49.40 80.47
C GLY G 308 -13.31 -50.07 79.12
N SER G 309 -14.06 -51.13 78.87
CA SER G 309 -14.05 -51.83 77.60
C SER G 309 -15.30 -51.48 76.81
N HIS G 310 -15.13 -51.21 75.52
CA HIS G 310 -16.22 -50.76 74.65
C HIS G 310 -16.47 -51.74 73.52
N SER G 311 -16.50 -53.03 73.85
CA SER G 311 -16.78 -54.05 72.86
C SER G 311 -18.24 -53.99 72.43
N GLU G 312 -18.50 -54.46 71.21
CA GLU G 312 -19.86 -54.43 70.67
C GLU G 312 -20.78 -55.44 71.33
N GLU G 313 -20.22 -56.49 71.95
CA GLU G 313 -21.03 -57.50 72.61
C GLU G 313 -21.68 -57.00 73.89
N ASN G 314 -21.29 -55.83 74.40
CA ASN G 314 -21.82 -55.27 75.63
C ASN G 314 -22.87 -54.19 75.36
N GLU G 315 -23.67 -54.36 74.32
CA GLU G 315 -24.68 -53.37 73.96
C GLU G 315 -25.71 -53.19 75.07
N ALA G 316 -25.77 -52.01 75.67
CA ALA G 316 -26.70 -51.72 76.75
C ALA G 316 -27.96 -51.04 76.22
N LEU G 317 -28.70 -51.78 75.40
CA LEU G 317 -29.94 -51.25 74.83
C LEU G 317 -31.03 -51.19 75.90
N LEU G 318 -32.04 -50.37 75.63
CA LEU G 318 -33.18 -50.24 76.53
C LEU G 318 -34.05 -51.49 76.44
N LEU G 319 -34.01 -52.32 77.49
CA LEU G 319 -34.76 -53.56 77.51
C LEU G 319 -36.20 -53.31 77.91
N GLY G 320 -37.13 -53.92 77.18
CA GLY G 320 -38.54 -53.77 77.50
C GLY G 320 -38.97 -54.60 78.69
N GLU G 321 -40.22 -54.36 79.12
CA GLU G 321 -40.77 -55.12 80.24
C GLU G 321 -40.87 -56.61 79.92
N ASP G 322 -41.32 -56.93 78.71
CA ASP G 322 -41.44 -58.33 78.32
C ASP G 322 -40.08 -59.01 78.19
N GLY G 323 -39.04 -58.23 77.91
CA GLY G 323 -37.70 -58.79 77.76
C GLY G 323 -37.01 -58.34 76.49
N ASN G 324 -37.80 -58.17 75.42
CA ASN G 324 -37.24 -57.71 74.16
C ASN G 324 -36.79 -56.25 74.27
N PRO G 325 -35.73 -55.87 73.55
CA PRO G 325 -35.26 -54.49 73.60
C PRO G 325 -36.29 -53.53 73.00
N VAL G 326 -36.24 -52.28 73.46
CA VAL G 326 -37.18 -51.28 72.99
C VAL G 326 -37.03 -51.04 71.49
N GLN G 327 -35.79 -50.91 71.02
CA GLN G 327 -35.52 -50.68 69.60
C GLN G 327 -34.22 -51.42 69.25
N LYS G 328 -34.36 -52.62 68.70
CA LYS G 328 -33.18 -53.39 68.28
C LYS G 328 -32.44 -52.68 67.16
N GLY G 329 -33.16 -52.09 66.22
CA GLY G 329 -32.55 -51.39 65.11
C GLY G 329 -32.44 -52.27 63.87
N ASP G 330 -32.50 -51.63 62.71
CA ASP G 330 -32.40 -52.33 61.44
C ASP G 330 -31.33 -51.67 60.58
N SER G 331 -30.79 -52.44 59.64
CA SER G 331 -29.76 -51.97 58.73
C SER G 331 -30.32 -51.55 57.39
N LEU G 332 -31.16 -52.38 56.77
CA LEU G 332 -31.82 -51.99 55.53
C LEU G 332 -32.67 -50.75 55.75
N LYS G 333 -33.50 -50.76 56.78
CA LYS G 333 -34.14 -49.53 57.23
C LYS G 333 -33.11 -48.64 57.92
N VAL G 334 -33.34 -47.32 57.83
CA VAL G 334 -32.40 -46.36 58.41
C VAL G 334 -32.66 -46.13 59.90
N VAL G 335 -33.65 -46.81 60.48
CA VAL G 335 -33.96 -46.62 61.89
C VAL G 335 -32.79 -47.06 62.75
N PRO G 336 -32.31 -46.23 63.68
CA PRO G 336 -31.21 -46.64 64.55
C PRO G 336 -31.73 -47.25 65.83
N PRO G 337 -30.91 -48.05 66.52
CA PRO G 337 -31.35 -48.63 67.79
C PRO G 337 -31.37 -47.59 68.91
N ILE G 338 -32.18 -47.89 69.93
CA ILE G 338 -32.29 -47.05 71.12
C ILE G 338 -31.57 -47.76 72.26
N TYR G 339 -30.71 -47.02 72.96
CA TYR G 339 -29.89 -47.57 74.03
C TYR G 339 -30.16 -46.83 75.32
N MET G 340 -29.83 -47.50 76.43
CA MET G 340 -30.03 -46.90 77.74
C MET G 340 -29.11 -45.71 77.94
N PRO G 341 -29.51 -44.74 78.77
CA PRO G 341 -28.63 -43.58 79.01
C PRO G 341 -27.39 -43.96 79.79
N HIS G 342 -26.35 -43.15 79.62
CA HIS G 342 -25.06 -43.40 80.26
C HIS G 342 -25.04 -42.69 81.61
N THR G 343 -25.00 -43.46 82.69
CA THR G 343 -24.97 -42.91 84.04
C THR G 343 -24.38 -43.95 84.97
N GLN G 344 -23.24 -43.61 85.59
CA GLN G 344 -22.55 -44.50 86.51
C GLN G 344 -22.93 -44.25 87.97
N ALA G 345 -24.15 -43.78 88.22
CA ALA G 345 -24.59 -43.48 89.57
C ALA G 345 -24.72 -44.77 90.39
N GLN G 346 -24.56 -44.62 91.71
CA GLN G 346 -24.66 -45.75 92.61
C GLN G 346 -26.11 -46.23 92.70
N GLY G 347 -26.26 -47.46 93.17
CA GLY G 347 -27.57 -48.10 93.25
C GLY G 347 -27.94 -48.92 92.03
N ALA G 348 -27.71 -48.36 90.85
CA ALA G 348 -27.95 -49.05 89.58
C ALA G 348 -26.61 -49.38 88.92
N THR G 349 -26.68 -50.22 87.89
CA THR G 349 -25.47 -50.61 87.18
C THR G 349 -24.87 -49.40 86.47
N LYS G 350 -23.53 -49.40 86.40
CA LYS G 350 -22.79 -48.31 85.77
C LYS G 350 -22.60 -48.62 84.30
N ILE G 351 -23.15 -47.76 83.43
CA ILE G 351 -23.05 -47.92 81.98
C ILE G 351 -22.26 -46.73 81.44
N TYR G 352 -21.20 -47.02 80.70
CA TYR G 352 -20.33 -46.00 80.12
C TYR G 352 -20.49 -45.98 78.60
N LEU G 353 -20.53 -44.77 78.04
CA LEU G 353 -20.70 -44.62 76.60
C LEU G 353 -19.44 -45.06 75.87
N SER G 354 -19.57 -45.28 74.57
CA SER G 354 -18.46 -45.74 73.75
C SER G 354 -17.34 -44.70 73.74
N ASN G 355 -16.11 -45.17 73.95
CA ASN G 355 -14.93 -44.31 73.95
C ASN G 355 -14.22 -44.29 72.60
N ARG G 356 -14.75 -44.98 71.60
CA ARG G 356 -14.14 -45.04 70.28
C ARG G 356 -14.83 -44.12 69.28
N GLY G 357 -15.72 -43.24 69.74
CA GLY G 357 -16.45 -42.39 68.84
C GLY G 357 -15.57 -41.34 68.18
N LYS G 358 -15.79 -41.13 66.89
CA LYS G 358 -15.10 -40.09 66.14
C LYS G 358 -15.95 -38.81 66.17
N ASN G 359 -15.59 -37.84 65.33
CA ASN G 359 -16.27 -36.56 65.27
C ASN G 359 -17.08 -36.41 63.98
N ILE G 360 -17.74 -37.49 63.55
CA ILE G 360 -18.45 -37.50 62.29
C ILE G 360 -19.94 -37.75 62.51
N ARG G 361 -20.47 -37.30 63.66
CA ARG G 361 -21.88 -37.50 63.95
C ARG G 361 -22.77 -36.77 62.95
N LYS G 362 -22.47 -35.49 62.70
CA LYS G 362 -23.29 -34.72 61.76
C LYS G 362 -23.21 -35.25 60.34
N PRO G 363 -22.03 -35.54 59.77
CA PRO G 363 -22.01 -36.13 58.42
C PRO G 363 -22.75 -37.45 58.33
N LEU G 364 -22.67 -38.28 59.37
CA LEU G 364 -23.38 -39.55 59.35
C LEU G 364 -24.89 -39.33 59.40
N GLU G 365 -25.34 -38.36 60.21
CA GLU G 365 -26.77 -38.04 60.22
C GLU G 365 -27.22 -37.53 58.85
N GLY G 366 -26.40 -36.71 58.20
CA GLY G 366 -26.74 -36.25 56.87
C GLY G 366 -26.82 -37.37 55.86
N LEU G 367 -25.85 -38.30 55.91
CA LEU G 367 -25.88 -39.44 55.00
C LEU G 367 -27.11 -40.29 55.24
N ALA G 368 -27.49 -40.47 56.50
CA ALA G 368 -28.74 -41.17 56.80
C ALA G 368 -29.93 -40.43 56.20
N SER G 369 -29.92 -39.11 56.26
CA SER G 369 -31.00 -38.33 55.66
C SER G 369 -31.09 -38.57 54.16
N LEU G 370 -29.95 -38.58 53.47
CA LEU G 370 -29.97 -38.86 52.03
C LEU G 370 -30.42 -40.28 51.73
N LEU G 371 -30.06 -41.23 52.60
CA LEU G 371 -30.40 -42.63 52.34
C LEU G 371 -31.91 -42.85 52.26
N LYS G 372 -32.69 -42.01 52.93
CA LYS G 372 -34.14 -42.17 52.93
C LYS G 372 -34.85 -41.33 51.87
N ASP G 373 -34.17 -40.33 51.31
CA ASP G 373 -34.82 -39.43 50.36
C ASP G 373 -35.13 -40.17 49.06
N PRO G 374 -36.37 -40.14 48.58
CA PRO G 374 -36.69 -40.79 47.30
C PRO G 374 -36.07 -40.10 46.10
N ARG G 375 -35.54 -38.89 46.25
CA ARG G 375 -34.90 -38.22 45.12
C ARG G 375 -33.58 -38.89 44.74
N TYR G 376 -32.94 -39.57 45.70
CA TYR G 376 -31.65 -40.21 45.47
C TYR G 376 -31.77 -41.72 45.27
N GLU G 377 -32.89 -42.18 44.70
CA GLU G 377 -33.04 -43.61 44.44
C GLU G 377 -32.03 -44.09 43.40
N PHE G 378 -31.65 -43.24 42.46
CA PHE G 378 -30.79 -43.67 41.36
C PHE G 378 -29.37 -43.99 41.82
N LEU G 379 -28.93 -43.50 42.98
CA LEU G 379 -27.61 -43.80 43.49
C LEU G 379 -27.62 -44.98 44.47
N PHE G 380 -28.37 -44.85 45.56
CA PHE G 380 -28.29 -45.80 46.66
C PHE G 380 -29.25 -46.97 46.52
N ASN G 381 -30.20 -46.91 45.62
CA ASN G 381 -31.22 -47.95 45.47
C ASN G 381 -31.42 -48.31 44.02
N ALA G 382 -30.32 -48.56 43.29
CA ALA G 382 -30.41 -48.94 41.90
C ALA G 382 -31.28 -50.18 41.74
N ASP G 383 -31.85 -50.33 40.54
CA ASP G 383 -32.83 -51.38 40.29
C ASP G 383 -32.25 -52.77 40.52
N ASP G 384 -31.25 -53.15 39.71
CA ASP G 384 -30.64 -54.46 39.83
C ASP G 384 -29.30 -54.43 40.54
N TRP G 385 -28.64 -53.28 40.59
CA TRP G 385 -27.32 -53.15 41.20
C TRP G 385 -27.39 -52.77 42.68
N SER G 386 -28.50 -53.09 43.35
CA SER G 386 -28.64 -52.78 44.76
C SER G 386 -27.91 -53.85 45.58
N VAL G 387 -26.97 -53.40 46.41
CA VAL G 387 -26.16 -54.31 47.20
C VAL G 387 -26.95 -54.77 48.42
N ASN G 388 -26.99 -56.07 48.65
CA ASN G 388 -27.64 -56.62 49.83
C ASN G 388 -26.74 -56.43 51.04
N LEU G 389 -27.15 -56.98 52.19
CA LEU G 389 -26.43 -56.71 53.43
C LEU G 389 -25.08 -57.41 53.48
N ASP G 390 -24.92 -58.52 52.75
CA ASP G 390 -23.67 -59.27 52.77
C ASP G 390 -22.84 -59.08 51.50
N GLY G 391 -23.05 -57.97 50.80
CA GLY G 391 -22.21 -57.64 49.65
C GLY G 391 -22.40 -58.52 48.44
N LYS G 392 -23.58 -58.43 47.81
CA LYS G 392 -23.86 -59.19 46.61
C LYS G 392 -24.95 -58.48 45.82
N THR G 393 -24.76 -58.39 44.50
CA THR G 393 -25.71 -57.75 43.61
C THR G 393 -26.22 -58.75 42.59
N ASN G 394 -27.44 -58.52 42.11
CA ASN G 394 -28.04 -59.43 41.13
C ASN G 394 -27.28 -59.40 39.82
N LYS G 395 -26.87 -58.24 39.36
CA LYS G 395 -26.14 -58.07 38.11
C LYS G 395 -24.78 -57.45 38.39
N ASP G 396 -24.06 -57.15 37.31
CA ASP G 396 -22.73 -56.53 37.43
C ASP G 396 -22.64 -55.28 36.57
N LEU G 397 -21.44 -54.69 36.48
CA LEU G 397 -21.27 -53.48 35.70
C LEU G 397 -21.27 -53.74 34.19
N ASP G 398 -21.02 -54.98 33.77
CA ASP G 398 -21.03 -55.29 32.35
C ASP G 398 -22.41 -55.07 31.75
N ALA G 399 -23.46 -55.42 32.49
CA ALA G 399 -24.82 -55.17 32.01
C ALA G 399 -25.07 -53.68 31.87
N LEU G 400 -24.60 -52.88 32.82
CA LEU G 400 -24.77 -51.43 32.73
C LEU G 400 -24.04 -50.87 31.51
N LEU G 401 -22.81 -51.31 31.27
CA LEU G 401 -22.07 -50.83 30.12
C LEU G 401 -22.74 -51.25 28.81
N GLU G 402 -23.26 -52.48 28.77
CA GLU G 402 -23.98 -52.93 27.58
C GLU G 402 -25.24 -52.12 27.35
N THR G 403 -25.96 -51.77 28.42
CA THR G 403 -27.15 -50.94 28.28
C THR G 403 -26.80 -49.55 27.80
N TRP G 404 -25.66 -49.01 28.24
CA TRP G 404 -25.29 -47.65 27.87
C TRP G 404 -24.76 -47.57 26.44
N VAL G 405 -23.66 -48.28 26.16
CA VAL G 405 -22.97 -48.11 24.89
C VAL G 405 -22.88 -49.43 24.14
N GLY G 406 -23.86 -50.31 24.32
CA GLY G 406 -23.85 -51.58 23.62
C GLY G 406 -25.21 -52.04 23.17
N SER G 407 -26.21 -51.16 23.28
CA SER G 407 -27.57 -51.51 22.89
C SER G 407 -27.67 -51.65 21.37
N GLU G 408 -28.74 -52.31 20.93
CA GLU G 408 -28.96 -52.50 19.50
C GLU G 408 -29.23 -51.18 18.78
N GLU G 409 -29.61 -50.14 19.50
CA GLU G 409 -29.81 -48.83 18.89
C GLU G 409 -28.46 -48.11 18.78
N SER G 410 -28.50 -46.92 18.16
CA SER G 410 -27.30 -46.14 17.94
C SER G 410 -27.21 -44.91 18.84
N ILE G 411 -28.34 -44.38 19.31
CA ILE G 411 -28.38 -43.18 20.11
C ILE G 411 -28.96 -43.51 21.48
N SER G 412 -28.26 -43.10 22.53
CA SER G 412 -28.72 -43.24 23.90
C SER G 412 -28.76 -41.85 24.53
N ILE G 413 -29.92 -41.46 25.04
CA ILE G 413 -30.15 -40.11 25.53
C ILE G 413 -30.25 -40.17 27.06
N PHE G 414 -29.39 -39.43 27.73
CA PHE G 414 -29.43 -39.29 29.18
C PHE G 414 -30.29 -38.08 29.53
N ASP G 415 -31.44 -38.32 30.15
CA ASP G 415 -32.36 -37.25 30.52
C ASP G 415 -32.07 -36.87 31.97
N LEU G 416 -31.25 -35.85 32.17
CA LEU G 416 -30.84 -35.40 33.49
C LEU G 416 -31.69 -34.25 34.00
N SER G 417 -32.96 -34.17 33.56
CA SER G 417 -33.82 -33.07 33.99
C SER G 417 -34.28 -33.24 35.43
N GLY G 418 -34.59 -34.48 35.82
CA GLY G 418 -35.12 -34.71 37.16
C GLY G 418 -34.09 -34.78 38.25
N MET G 419 -32.80 -34.73 37.91
CA MET G 419 -31.76 -34.80 38.92
C MET G 419 -31.75 -33.51 39.75
N PRO G 420 -31.36 -33.59 41.02
CA PRO G 420 -31.20 -32.36 41.81
C PRO G 420 -30.16 -31.45 41.19
N SER G 421 -30.44 -30.15 41.21
CA SER G 421 -29.59 -29.20 40.51
C SER G 421 -28.23 -29.01 41.18
N SER G 422 -28.09 -29.40 42.44
CA SER G 422 -26.84 -29.16 43.16
C SER G 422 -25.76 -30.19 42.86
N ILE G 423 -26.10 -31.32 42.25
CA ILE G 423 -25.15 -32.39 42.01
C ILE G 423 -25.05 -32.77 40.53
N LEU G 424 -25.64 -31.97 39.64
CA LEU G 424 -25.62 -32.31 38.23
C LEU G 424 -24.20 -32.29 37.67
N ASP G 425 -23.38 -31.34 38.11
CA ASP G 425 -22.00 -31.26 37.66
C ASP G 425 -21.24 -32.54 38.00
N THR G 426 -21.39 -33.01 39.24
CA THR G 426 -20.68 -34.21 39.67
C THR G 426 -21.14 -35.43 38.88
N LEU G 427 -22.44 -35.55 38.63
CA LEU G 427 -22.94 -36.69 37.85
C LEU G 427 -22.42 -36.65 36.42
N ILE G 428 -22.38 -35.47 35.80
CA ILE G 428 -21.86 -35.37 34.45
C ILE G 428 -20.39 -35.77 34.43
N GLY G 429 -19.61 -35.28 35.38
CA GLY G 429 -18.20 -35.66 35.45
C GLY G 429 -18.02 -37.15 35.67
N ILE G 430 -18.85 -37.74 36.53
CA ILE G 430 -18.76 -39.18 36.81
C ILE G 430 -19.04 -39.98 35.55
N LEU G 431 -20.11 -39.63 34.83
CA LEU G 431 -20.44 -40.35 33.61
C LEU G 431 -19.33 -40.23 32.58
N ILE G 432 -18.79 -39.02 32.40
CA ILE G 432 -17.72 -38.82 31.43
C ILE G 432 -16.50 -39.66 31.81
N ARG G 433 -16.12 -39.65 33.09
CA ARG G 433 -14.97 -40.42 33.53
C ARG G 433 -15.18 -41.91 33.32
N ILE G 434 -16.37 -42.41 33.66
CA ILE G 434 -16.65 -43.83 33.52
C ILE G 434 -16.55 -44.26 32.05
N LEU G 435 -17.17 -43.48 31.17
CA LEU G 435 -17.13 -43.82 29.75
C LEU G 435 -15.70 -43.76 29.21
N TYR G 436 -14.95 -42.73 29.59
CA TYR G 436 -13.59 -42.59 29.08
C TYR G 436 -12.71 -43.74 29.56
N ASP G 437 -12.80 -44.09 30.84
CA ASP G 437 -12.00 -45.19 31.36
C ASP G 437 -12.38 -46.52 30.70
N SER G 438 -13.68 -46.76 30.53
CA SER G 438 -14.12 -48.01 29.92
C SER G 438 -13.63 -48.13 28.49
N LEU G 439 -13.70 -47.05 27.71
CA LEU G 439 -13.25 -47.11 26.34
C LEU G 439 -11.74 -46.96 26.20
N PHE G 440 -11.03 -46.58 27.26
CA PHE G 440 -9.58 -46.46 27.21
C PHE G 440 -8.90 -47.77 27.58
N TRP G 441 -9.34 -48.42 28.66
CA TRP G 441 -8.66 -49.63 29.11
C TRP G 441 -8.89 -50.83 28.19
N SER G 442 -9.82 -50.72 27.23
CA SER G 442 -10.10 -51.80 26.30
C SER G 442 -9.99 -51.31 24.86
N ARG G 443 -8.93 -50.55 24.56
CA ARG G 443 -8.77 -49.97 23.23
C ARG G 443 -8.35 -51.00 22.19
N ASN G 444 -7.99 -52.21 22.58
CA ASN G 444 -7.59 -53.25 21.64
C ASN G 444 -8.74 -54.20 21.28
N GLN G 445 -9.71 -54.36 22.17
CA GLN G 445 -10.85 -55.23 21.90
C GLN G 445 -11.74 -54.61 20.83
N PRO G 446 -12.54 -55.42 20.14
CA PRO G 446 -13.44 -54.87 19.10
C PRO G 446 -14.50 -53.93 19.64
N GLU G 447 -14.78 -53.95 20.94
CA GLU G 447 -15.75 -53.04 21.53
C GLU G 447 -15.14 -51.73 22.00
N GLY G 448 -13.85 -51.53 21.79
CA GLY G 448 -13.17 -50.33 22.25
C GLY G 448 -13.45 -49.13 21.37
N GLY G 449 -12.92 -47.99 21.81
CA GLY G 449 -13.14 -46.76 21.07
C GLY G 449 -12.46 -46.77 19.71
N ARG G 450 -11.26 -47.35 19.63
CA ARG G 450 -10.52 -47.33 18.37
C ARG G 450 -11.27 -48.10 17.28
N GLU G 451 -11.89 -49.22 17.64
CA GLU G 451 -12.61 -50.04 16.67
C GLU G 451 -14.06 -49.58 16.46
N ARG G 452 -14.54 -48.66 17.28
CA ARG G 452 -15.89 -48.12 17.14
C ARG G 452 -15.98 -46.78 17.84
N PRO G 453 -15.61 -45.69 17.16
CA PRO G 453 -15.55 -44.38 17.83
C PRO G 453 -16.90 -43.94 18.37
N LEU G 454 -16.84 -43.23 19.50
CA LEU G 454 -18.02 -42.72 20.18
C LEU G 454 -18.03 -41.19 20.12
N LEU G 455 -19.21 -40.61 19.96
CA LEU G 455 -19.38 -39.16 19.92
C LEU G 455 -20.24 -38.74 21.10
N VAL G 456 -19.71 -37.84 21.93
CA VAL G 456 -20.40 -37.36 23.12
C VAL G 456 -20.90 -35.95 22.85
N VAL G 457 -22.17 -35.72 23.16
CA VAL G 457 -22.81 -34.42 22.98
C VAL G 457 -23.17 -33.88 24.35
N LEU G 458 -22.77 -32.64 24.62
CA LEU G 458 -23.00 -31.99 25.92
C LEU G 458 -23.90 -30.78 25.72
N GLU G 459 -25.18 -30.95 26.00
CA GLU G 459 -26.15 -29.86 25.89
C GLU G 459 -25.90 -28.82 26.97
N GLU G 460 -26.02 -27.54 26.60
CA GLU G 460 -25.87 -26.42 27.53
C GLU G 460 -24.50 -26.46 28.21
N ALA G 461 -23.46 -26.30 27.41
CA ALA G 461 -22.09 -26.38 27.90
C ALA G 461 -21.58 -25.09 28.52
N HIS G 462 -22.39 -24.03 28.54
CA HIS G 462 -21.92 -22.76 29.08
C HIS G 462 -22.09 -22.67 30.60
N THR G 463 -22.74 -23.65 31.23
CA THR G 463 -22.91 -23.63 32.68
C THR G 463 -21.89 -24.48 33.41
N TYR G 464 -21.13 -25.32 32.71
CA TYR G 464 -20.15 -26.19 33.34
C TYR G 464 -18.73 -25.97 32.85
N LEU G 465 -18.53 -25.32 31.71
CA LEU G 465 -17.20 -25.05 31.17
C LEU G 465 -16.81 -23.59 31.36
N GLY G 466 -17.15 -23.01 32.51
CA GLY G 466 -16.81 -21.63 32.79
C GLY G 466 -15.32 -21.43 32.95
N LYS G 467 -14.94 -20.16 33.13
CA LYS G 467 -13.53 -19.81 33.23
C LYS G 467 -12.89 -20.48 34.45
N ASP G 468 -13.53 -20.33 35.62
CA ASP G 468 -12.97 -20.82 36.87
C ASP G 468 -13.90 -21.81 37.58
N SER G 469 -14.67 -22.58 36.81
CA SER G 469 -15.52 -23.59 37.40
C SER G 469 -14.67 -24.67 38.07
N ARG G 470 -15.00 -24.98 39.32
CA ARG G 470 -14.22 -25.93 40.11
C ARG G 470 -14.88 -27.30 40.18
N GLY G 471 -15.81 -27.59 39.28
CA GLY G 471 -16.47 -28.88 39.26
C GLY G 471 -15.60 -29.96 38.66
N ILE G 472 -16.18 -31.15 38.56
CA ILE G 472 -15.47 -32.29 37.98
C ILE G 472 -15.66 -32.37 36.47
N ALA G 473 -16.77 -31.84 35.94
CA ALA G 473 -17.09 -32.00 34.53
C ALA G 473 -16.04 -31.33 33.65
N ILE G 474 -15.54 -30.16 34.05
CA ILE G 474 -14.61 -29.43 33.21
C ILE G 474 -13.31 -30.21 33.05
N ASP G 475 -12.88 -30.91 34.09
CA ASP G 475 -11.67 -31.72 33.99
C ASP G 475 -11.84 -32.84 32.97
N GLY G 476 -12.99 -33.54 33.02
CA GLY G 476 -13.24 -34.59 32.05
C GLY G 476 -13.35 -34.06 30.64
N VAL G 477 -13.99 -32.89 30.48
CA VAL G 477 -14.10 -32.29 29.15
C VAL G 477 -12.72 -31.92 28.62
N ARG G 478 -11.87 -31.34 29.46
CA ARG G 478 -10.51 -31.00 29.03
C ARG G 478 -9.74 -32.26 28.64
N LYS G 479 -9.86 -33.32 29.45
CA LYS G 479 -9.16 -34.56 29.14
C LYS G 479 -9.63 -35.13 27.80
N ILE G 480 -10.94 -35.12 27.56
CA ILE G 480 -11.46 -35.62 26.28
C ILE G 480 -10.93 -34.76 25.14
N VAL G 481 -11.05 -33.44 25.26
CA VAL G 481 -10.63 -32.55 24.18
C VAL G 481 -9.15 -32.74 23.85
N LYS G 482 -8.32 -32.94 24.87
CA LYS G 482 -6.89 -33.01 24.65
C LYS G 482 -6.37 -34.41 24.38
N GLU G 483 -7.17 -35.45 24.55
CA GLU G 483 -6.60 -36.79 24.37
C GLU G 483 -7.43 -37.73 23.52
N GLY G 484 -8.75 -37.52 23.42
CA GLY G 484 -9.61 -38.49 22.78
C GLY G 484 -9.43 -38.63 21.29
N ARG G 485 -8.61 -37.77 20.67
CA ARG G 485 -8.32 -37.94 19.25
C ARG G 485 -7.65 -39.27 18.97
N LYS G 486 -6.87 -39.79 19.91
CA LYS G 486 -6.16 -41.04 19.72
C LYS G 486 -7.01 -42.27 20.01
N TYR G 487 -7.90 -42.19 20.98
CA TYR G 487 -8.72 -43.33 21.40
C TYR G 487 -10.14 -43.27 20.85
N GLY G 488 -10.40 -42.41 19.86
CA GLY G 488 -11.69 -42.38 19.20
C GLY G 488 -12.86 -41.98 20.08
N ILE G 489 -12.69 -40.92 20.85
CA ILE G 489 -13.78 -40.35 21.65
C ILE G 489 -13.93 -38.90 21.25
N GLY G 490 -15.00 -38.59 20.53
CA GLY G 490 -15.24 -37.24 20.06
C GLY G 490 -15.92 -36.37 21.10
N MET G 491 -16.28 -35.16 20.68
CA MET G 491 -16.97 -34.22 21.53
C MET G 491 -17.82 -33.30 20.66
N MET G 492 -18.86 -32.73 21.27
CA MET G 492 -19.74 -31.81 20.56
C MET G 492 -20.43 -30.95 21.60
N LEU G 493 -20.10 -29.66 21.64
CA LEU G 493 -20.65 -28.74 22.62
C LEU G 493 -21.76 -27.93 21.99
N VAL G 494 -22.95 -27.97 22.62
CA VAL G 494 -24.09 -27.16 22.21
C VAL G 494 -24.33 -26.12 23.29
N SER G 495 -24.37 -24.85 22.89
CA SER G 495 -24.51 -23.77 23.85
C SER G 495 -25.32 -22.64 23.24
N GLN G 496 -25.66 -21.67 24.09
CA GLN G 496 -26.38 -20.48 23.66
C GLN G 496 -25.74 -19.20 24.16
N ARG G 497 -24.74 -19.28 25.03
CA ARG G 497 -24.04 -18.11 25.55
C ARG G 497 -22.55 -18.37 25.43
N PRO G 498 -21.99 -18.25 24.22
CA PRO G 498 -20.57 -18.60 24.04
C PRO G 498 -19.62 -17.74 24.84
N SER G 499 -20.06 -16.59 25.35
CA SER G 499 -19.17 -15.73 26.13
C SER G 499 -18.78 -16.34 27.47
N GLU G 500 -19.42 -17.42 27.89
CA GLU G 500 -19.10 -18.08 29.16
C GLU G 500 -18.13 -19.23 29.00
N ILE G 501 -18.12 -19.88 27.84
CA ILE G 501 -17.24 -21.04 27.63
C ILE G 501 -15.79 -20.60 27.68
N ASP G 502 -14.95 -21.44 28.29
CA ASP G 502 -13.52 -21.14 28.37
C ASP G 502 -12.93 -21.03 26.99
N SER G 503 -12.12 -19.98 26.77
CA SER G 503 -11.49 -19.79 25.47
C SER G 503 -10.51 -20.90 25.15
N THR G 504 -9.78 -21.38 26.16
CA THR G 504 -8.81 -22.45 25.93
C THR G 504 -9.47 -23.76 25.54
N ILE G 505 -10.77 -23.89 25.73
CA ILE G 505 -11.52 -25.06 25.28
C ILE G 505 -12.15 -24.81 23.92
N LEU G 506 -12.78 -23.65 23.74
CA LEU G 506 -13.42 -23.33 22.46
C LEU G 506 -12.39 -23.21 21.34
N SER G 507 -11.14 -22.91 21.68
CA SER G 507 -10.12 -22.77 20.64
C SER G 507 -9.67 -24.12 20.08
N GLN G 508 -9.93 -25.22 20.79
CA GLN G 508 -9.51 -26.54 20.34
C GLN G 508 -10.58 -27.27 19.55
N CYS G 509 -11.74 -26.65 19.33
CA CYS G 509 -12.81 -27.29 18.57
C CYS G 509 -12.54 -27.13 17.08
N GLY G 510 -12.55 -28.25 16.36
CA GLY G 510 -12.22 -28.20 14.94
C GLY G 510 -13.23 -27.44 14.10
N THR G 511 -14.52 -27.68 14.34
CA THR G 511 -15.58 -27.15 13.50
C THR G 511 -16.58 -26.38 14.35
N LEU G 512 -17.05 -25.25 13.81
CA LEU G 512 -18.06 -24.42 14.46
C LEU G 512 -19.26 -24.26 13.55
N PHE G 513 -20.45 -24.35 14.12
CA PHE G 513 -21.71 -24.09 13.41
C PHE G 513 -22.27 -22.79 13.96
N ALA G 514 -21.87 -21.67 13.35
CA ALA G 514 -22.24 -20.36 13.86
C ALA G 514 -23.64 -20.01 13.36
N LEU G 515 -24.61 -20.07 14.27
CA LEU G 515 -25.97 -19.65 13.98
C LEU G 515 -26.10 -18.15 14.25
N ARG G 516 -27.32 -17.64 14.31
CA ARG G 516 -27.52 -16.22 14.55
C ARG G 516 -27.20 -15.88 16.00
N MET G 517 -26.26 -14.95 16.19
CA MET G 517 -25.94 -14.42 17.50
C MET G 517 -26.35 -12.95 17.55
N ASN G 518 -27.12 -12.58 18.58
CA ASN G 518 -27.70 -11.24 18.65
C ASN G 518 -26.76 -10.25 19.32
N ASN G 519 -26.32 -10.53 20.54
CA ASN G 519 -25.49 -9.61 21.28
C ASN G 519 -24.10 -9.51 20.65
N SER G 520 -23.27 -8.63 21.21
CA SER G 520 -21.94 -8.37 20.68
C SER G 520 -20.84 -9.16 21.38
N SER G 521 -21.02 -9.52 22.64
CA SER G 521 -20.00 -10.30 23.34
C SER G 521 -19.85 -11.68 22.71
N ASP G 522 -20.96 -12.35 22.38
CA ASP G 522 -20.89 -13.68 21.80
C ASP G 522 -20.23 -13.65 20.42
N ARG G 523 -20.57 -12.66 19.60
CA ARG G 523 -19.97 -12.57 18.26
C ARG G 523 -18.47 -12.33 18.35
N ASN G 524 -18.04 -11.44 19.25
CA ASN G 524 -16.61 -11.20 19.41
C ASN G 524 -15.90 -12.46 19.92
N HIS G 525 -16.50 -13.14 20.88
CA HIS G 525 -15.89 -14.36 21.42
C HIS G 525 -15.79 -15.45 20.36
N VAL G 526 -16.77 -15.53 19.47
CA VAL G 526 -16.72 -16.53 18.40
C VAL G 526 -15.66 -16.14 17.36
N LEU G 527 -15.63 -14.86 16.96
CA LEU G 527 -14.63 -14.43 15.98
C LEU G 527 -13.21 -14.57 16.50
N GLY G 528 -13.02 -14.43 17.81
CA GLY G 528 -11.70 -14.64 18.37
C GLY G 528 -11.27 -16.08 18.47
N ALA G 529 -12.19 -17.03 18.22
CA ALA G 529 -11.90 -18.45 18.33
C ALA G 529 -12.00 -19.17 16.99
N VAL G 530 -12.03 -18.43 15.89
CA VAL G 530 -12.09 -19.02 14.56
C VAL G 530 -10.76 -18.77 13.86
N SER G 531 -10.35 -19.73 13.03
CA SER G 531 -9.06 -19.67 12.36
C SER G 531 -9.16 -19.57 10.85
N ASP G 532 -10.37 -19.59 10.29
CA ASP G 532 -10.58 -19.46 8.84
C ASP G 532 -11.72 -18.46 8.66
N SER G 533 -11.37 -17.17 8.57
CA SER G 533 -12.35 -16.10 8.57
C SER G 533 -12.39 -15.42 7.21
N PHE G 534 -13.59 -15.25 6.68
CA PHE G 534 -13.83 -14.43 5.49
C PHE G 534 -14.64 -13.22 5.92
N GLU G 535 -14.11 -12.02 5.63
CA GLU G 535 -14.78 -10.80 6.07
C GLU G 535 -16.15 -10.65 5.41
N GLY G 536 -16.36 -11.30 4.27
CA GLY G 536 -17.66 -11.24 3.63
C GLY G 536 -18.74 -11.94 4.42
N LEU G 537 -18.42 -13.08 5.02
CA LEU G 537 -19.41 -13.89 5.72
C LEU G 537 -19.49 -13.58 7.20
N MET G 538 -18.38 -13.19 7.84
CA MET G 538 -18.39 -12.98 9.28
C MET G 538 -19.20 -11.76 9.68
N GLY G 539 -19.51 -10.87 8.75
CA GLY G 539 -20.42 -9.78 9.05
C GLY G 539 -21.89 -10.11 8.92
N MET G 540 -22.19 -11.35 8.54
CA MET G 540 -23.55 -11.81 8.29
C MET G 540 -24.17 -12.48 9.51
N LEU G 541 -23.46 -12.57 10.63
CA LEU G 541 -23.95 -13.32 11.79
C LEU G 541 -25.22 -12.75 12.39
N PRO G 542 -25.35 -11.44 12.65
CA PRO G 542 -26.57 -10.95 13.32
C PRO G 542 -27.85 -11.12 12.52
N THR G 543 -27.76 -11.37 11.22
CA THR G 543 -28.97 -11.44 10.39
C THR G 543 -29.07 -12.76 9.64
N LEU G 544 -28.84 -13.87 10.32
CA LEU G 544 -29.02 -15.20 9.73
C LEU G 544 -30.45 -15.68 9.96
N ARG G 545 -31.01 -16.34 8.96
CA ARG G 545 -32.36 -16.86 9.08
C ARG G 545 -32.42 -18.00 10.08
N THR G 546 -33.62 -18.28 10.55
CA THR G 546 -33.83 -19.35 11.54
C THR G 546 -33.65 -20.69 10.85
N GLY G 547 -32.44 -21.25 10.94
CA GLY G 547 -32.13 -22.51 10.30
C GLY G 547 -30.83 -22.48 9.55
N GLU G 548 -30.42 -21.31 9.07
CA GLU G 548 -29.16 -21.17 8.37
C GLU G 548 -27.99 -21.32 9.32
N ALA G 549 -26.89 -21.88 8.81
CA ALA G 549 -25.68 -22.08 9.58
C ALA G 549 -24.48 -21.69 8.75
N ILE G 550 -23.39 -21.32 9.42
CA ILE G 550 -22.14 -20.96 8.78
C ILE G 550 -21.10 -21.95 9.27
N ILE G 551 -20.88 -23.01 8.49
CA ILE G 551 -19.96 -24.07 8.89
C ILE G 551 -18.53 -23.63 8.59
N ILE G 552 -17.70 -23.55 9.62
CA ILE G 552 -16.31 -23.15 9.50
C ILE G 552 -15.44 -24.15 10.25
N GLY G 553 -14.29 -24.47 9.70
CA GLY G 553 -13.34 -25.31 10.40
C GLY G 553 -12.62 -26.23 9.44
N GLU G 554 -12.07 -27.31 10.00
CA GLU G 554 -11.26 -28.25 9.26
C GLU G 554 -12.08 -29.28 8.50
N SER G 555 -13.37 -29.41 8.80
CA SER G 555 -14.21 -30.43 8.19
C SER G 555 -14.78 -30.01 6.84
N VAL G 556 -14.50 -28.79 6.39
CA VAL G 556 -15.01 -28.30 5.11
C VAL G 556 -13.85 -27.71 4.32
N ARG G 557 -13.98 -27.74 2.99
CA ARG G 557 -12.96 -27.15 2.14
C ARG G 557 -12.95 -25.64 2.26
N LEU G 558 -14.13 -25.02 2.25
CA LEU G 558 -14.28 -23.58 2.39
C LEU G 558 -15.34 -23.28 3.42
N PRO G 559 -15.25 -22.15 4.12
CA PRO G 559 -16.35 -21.74 5.00
C PRO G 559 -17.61 -21.47 4.21
N MET G 560 -18.63 -22.30 4.39
CA MET G 560 -19.84 -22.26 3.58
C MET G 560 -21.05 -21.91 4.44
N ARG G 561 -21.97 -21.17 3.85
CA ARG G 561 -23.22 -20.78 4.49
C ARG G 561 -24.31 -21.70 3.96
N THR G 562 -24.82 -22.57 4.83
CA THR G 562 -25.75 -23.62 4.42
C THR G 562 -27.12 -23.40 5.02
N ILE G 563 -28.06 -24.23 4.56
CA ILE G 563 -29.39 -24.34 5.16
C ILE G 563 -29.55 -25.80 5.53
N ILE G 564 -29.52 -26.09 6.84
CA ILE G 564 -29.54 -27.46 7.30
C ILE G 564 -30.87 -28.10 6.92
N SER G 565 -30.80 -29.30 6.33
CA SER G 565 -32.00 -29.99 5.88
C SER G 565 -32.92 -30.26 7.06
N PRO G 566 -34.18 -29.83 7.02
CA PRO G 566 -35.05 -30.00 8.18
C PRO G 566 -35.38 -31.47 8.39
N PRO G 567 -35.59 -31.89 9.64
CA PRO G 567 -36.04 -33.26 9.87
C PRO G 567 -37.47 -33.43 9.41
N PRO G 568 -37.88 -34.66 9.07
CA PRO G 568 -39.25 -34.87 8.62
C PRO G 568 -40.25 -34.49 9.69
N PHE G 569 -41.40 -33.96 9.25
CA PHE G 569 -42.43 -33.51 10.18
C PHE G 569 -42.97 -34.68 10.99
N GLY G 570 -43.40 -34.39 12.21
CA GLY G 570 -43.90 -35.38 13.14
C GLY G 570 -42.93 -35.74 14.24
N ARG G 571 -41.65 -35.42 14.09
CA ARG G 571 -40.67 -35.63 15.16
C ARG G 571 -39.71 -34.44 15.17
N ARG G 572 -39.94 -33.52 16.09
CA ARG G 572 -39.08 -32.37 16.31
C ARG G 572 -38.82 -32.21 17.81
N PRO G 573 -37.65 -31.67 18.18
CA PRO G 573 -37.35 -31.50 19.61
C PRO G 573 -38.30 -30.51 20.26
N ASP G 574 -38.97 -30.96 21.32
CA ASP G 574 -39.95 -30.12 22.01
C ASP G 574 -40.08 -30.62 23.44
N SER G 575 -39.67 -29.80 24.40
CA SER G 575 -39.83 -30.14 25.80
C SER G 575 -41.29 -30.05 26.20
N LEU G 576 -41.72 -30.97 27.07
CA LEU G 576 -43.12 -31.01 27.50
C LEU G 576 -43.35 -30.17 28.76
N ASP G 577 -42.96 -28.91 28.70
CA ASP G 577 -43.20 -28.00 29.81
C ASP G 577 -44.70 -27.70 29.92
N PRO G 578 -45.17 -27.38 31.12
CA PRO G 578 -46.60 -27.09 31.29
C PRO G 578 -47.03 -25.89 30.46
N ASP G 579 -48.24 -25.97 29.91
CA ASP G 579 -48.81 -24.90 29.11
C ASP G 579 -49.54 -23.93 30.05
N VAL G 580 -48.96 -22.75 30.26
CA VAL G 580 -49.49 -21.83 31.25
C VAL G 580 -50.87 -21.32 30.84
N THR G 581 -51.00 -20.87 29.59
CA THR G 581 -52.26 -20.28 29.16
C THR G 581 -53.39 -21.29 29.14
N ALA G 582 -53.12 -22.51 28.66
CA ALA G 582 -54.17 -23.53 28.60
C ALA G 582 -54.63 -23.92 30.00
N LYS G 583 -53.69 -24.08 30.93
CA LYS G 583 -54.07 -24.47 32.29
C LYS G 583 -54.79 -23.34 33.01
N TRP G 584 -54.36 -22.10 32.79
CA TRP G 584 -55.00 -20.97 33.46
C TRP G 584 -56.34 -20.60 32.84
N SER G 585 -56.60 -21.02 31.60
CA SER G 585 -57.88 -20.73 30.96
C SER G 585 -59.00 -21.64 31.46
N ASN G 586 -58.66 -22.78 32.07
CA ASN G 586 -59.68 -23.71 32.52
C ASN G 586 -60.41 -23.16 33.74
N ASN G 587 -61.65 -23.61 33.92
CA ASN G 587 -62.42 -23.23 35.10
C ASN G 587 -61.87 -23.96 36.33
N ARG G 588 -61.95 -23.29 37.47
CA ARG G 588 -61.37 -23.80 38.70
C ARG G 588 -62.34 -24.79 39.36
N VAL G 589 -61.91 -26.04 39.47
CA VAL G 589 -62.68 -27.06 40.17
C VAL G 589 -62.28 -27.09 41.64
N GLN G 590 -63.12 -27.71 42.45
CA GLN G 590 -62.82 -27.83 43.88
C GLN G 590 -61.61 -28.75 44.08
N GLY G 591 -60.74 -28.37 45.02
CA GLY G 591 -59.54 -29.13 45.29
C GLY G 591 -59.59 -29.88 46.61
N ASP G 592 -58.71 -30.87 46.75
CA ASP G 592 -58.61 -31.68 47.97
C ASP G 592 -57.17 -31.56 48.48
N TYR G 593 -56.92 -30.55 49.32
CA TYR G 593 -55.58 -30.31 49.82
C TYR G 593 -55.20 -31.22 50.98
N LYS G 594 -56.15 -31.98 51.53
CA LYS G 594 -55.80 -32.94 52.58
C LYS G 594 -54.89 -34.03 52.02
N GLU G 595 -55.16 -34.48 50.79
CA GLU G 595 -54.32 -35.51 50.17
C GLU G 595 -52.93 -34.97 49.86
N VAL G 596 -52.83 -33.68 49.51
CA VAL G 596 -51.53 -33.08 49.22
C VAL G 596 -50.64 -33.13 50.46
N LEU G 597 -51.21 -32.86 51.62
CA LEU G 597 -50.44 -32.93 52.86
C LEU G 597 -49.95 -34.35 53.12
N THR G 598 -50.80 -35.35 52.87
CA THR G 598 -50.38 -36.73 53.04
C THR G 598 -49.24 -37.09 52.09
N LEU G 599 -49.34 -36.66 50.83
CA LEU G 599 -48.27 -36.93 49.88
C LEU G 599 -46.97 -36.26 50.31
N TRP G 600 -47.06 -35.01 50.78
CA TRP G 600 -45.86 -34.31 51.24
C TRP G 600 -45.23 -35.02 52.43
N ARG G 601 -46.06 -35.45 53.39
CA ARG G 601 -45.53 -36.12 54.58
C ARG G 601 -44.90 -37.46 54.23
N GLN G 602 -45.55 -38.24 53.35
CA GLN G 602 -45.05 -39.56 53.00
C GLN G 602 -43.92 -39.51 51.97
N LYS G 603 -43.71 -38.38 51.32
CA LYS G 603 -42.70 -38.24 50.26
C LYS G 603 -42.92 -39.26 49.15
N LYS G 604 -44.18 -39.47 48.79
CA LYS G 604 -44.57 -40.37 47.71
C LYS G 604 -45.42 -39.60 46.71
N VAL G 605 -45.08 -39.71 45.43
CA VAL G 605 -45.78 -38.95 44.39
C VAL G 605 -47.01 -39.67 43.84
N ARG G 606 -47.15 -40.97 44.11
CA ARG G 606 -48.28 -41.75 43.62
C ARG G 606 -49.30 -41.94 44.74
N SER G 607 -50.54 -41.54 44.48
CA SER G 607 -51.59 -41.63 45.47
C SER G 607 -52.02 -43.09 45.63
N GLN G 608 -52.85 -43.34 46.66
CA GLN G 608 -53.36 -44.67 46.93
C GLN G 608 -54.69 -44.96 46.24
N ARG G 609 -55.26 -43.98 45.54
CA ARG G 609 -56.53 -44.14 44.84
C ARG G 609 -56.34 -44.41 43.35
N ILE G 610 -55.26 -45.10 42.97
CA ILE G 610 -54.94 -45.36 41.57
C ILE G 610 -55.15 -46.84 41.29
N VAL G 611 -55.99 -47.15 40.31
CA VAL G 611 -56.20 -48.53 39.90
C VAL G 611 -54.97 -49.06 39.17
N GLU G 612 -54.76 -50.37 39.24
CA GLU G 612 -53.46 -50.94 38.90
C GLU G 612 -53.28 -51.18 37.40
N ASN G 613 -54.08 -52.09 36.83
CA ASN G 613 -53.75 -52.68 35.53
C ASN G 613 -54.97 -52.73 34.60
N ILE G 614 -55.65 -51.60 34.45
CA ILE G 614 -56.75 -51.52 33.51
C ILE G 614 -56.22 -51.67 32.09
N LYS G 615 -56.89 -52.50 31.30
CA LYS G 615 -56.53 -52.71 29.90
C LYS G 615 -57.25 -51.70 29.02
N ARG G 616 -56.57 -51.24 27.99
CA ARG G 616 -57.10 -50.21 27.09
C ARG G 616 -56.99 -50.70 25.65
N LEU G 617 -57.82 -50.12 24.79
CA LEU G 617 -57.83 -50.44 23.37
C LEU G 617 -57.76 -49.16 22.56
N PRO G 618 -57.16 -49.22 21.36
CA PRO G 618 -57.02 -48.00 20.54
C PRO G 618 -58.33 -47.58 19.91
N VAL G 619 -58.29 -46.50 19.13
CA VAL G 619 -59.47 -45.98 18.47
C VAL G 619 -59.17 -45.68 17.00
N SER G 636 -55.39 -32.55 22.82
CA SER G 636 -56.80 -32.70 22.48
C SER G 636 -57.06 -34.07 21.84
N ASN G 637 -56.14 -34.51 21.01
CA ASN G 637 -56.28 -35.80 20.34
C ASN G 637 -56.16 -36.95 21.34
N ILE G 638 -56.84 -38.05 21.02
CA ILE G 638 -56.85 -39.24 21.85
C ILE G 638 -56.38 -40.41 21.01
N LEU G 639 -55.42 -41.19 21.53
CA LEU G 639 -54.90 -42.35 20.83
C LEU G 639 -55.40 -43.68 21.39
N SER G 640 -55.91 -43.69 22.62
CA SER G 640 -56.43 -44.91 23.23
C SER G 640 -57.33 -44.53 24.39
N ILE G 641 -58.27 -45.41 24.71
CA ILE G 641 -59.20 -45.18 25.80
C ILE G 641 -59.58 -46.51 26.45
N GLY G 642 -59.23 -46.66 27.73
CA GLY G 642 -59.64 -47.81 28.51
C GLY G 642 -60.99 -47.59 29.15
N TYR G 643 -61.40 -48.57 29.97
CA TYR G 643 -62.67 -48.48 30.68
C TYR G 643 -62.71 -49.53 31.77
N GLU G 644 -63.48 -49.26 32.81
CA GLU G 644 -63.74 -50.25 33.86
C GLU G 644 -64.98 -49.82 34.62
N ALA G 645 -66.02 -50.65 34.59
CA ALA G 645 -67.24 -50.38 35.34
C ALA G 645 -67.17 -50.88 36.78
N ASP G 646 -66.18 -51.70 37.12
CA ASP G 646 -66.07 -52.20 38.49
C ASP G 646 -65.77 -51.07 39.46
N SER G 647 -64.86 -50.16 39.10
CA SER G 647 -64.50 -49.05 39.96
C SER G 647 -64.92 -47.69 39.41
N MET G 648 -65.48 -47.65 38.20
CA MET G 648 -65.90 -46.40 37.57
C MET G 648 -64.72 -45.42 37.45
N THR G 649 -63.59 -45.92 37.00
CA THR G 649 -62.37 -45.14 36.83
C THR G 649 -61.98 -45.16 35.36
N LEU G 650 -62.43 -44.17 34.61
CA LEU G 650 -62.12 -44.08 33.19
C LEU G 650 -60.68 -43.65 32.99
N GLU G 651 -60.01 -44.25 32.02
CA GLU G 651 -58.60 -44.01 31.75
C GLU G 651 -58.43 -43.59 30.29
N ILE G 652 -57.69 -42.52 30.05
CA ILE G 652 -57.48 -41.97 28.72
C ILE G 652 -55.98 -41.83 28.48
N GLU G 653 -55.53 -42.18 27.28
CA GLU G 653 -54.17 -41.97 26.86
C GLU G 653 -54.14 -40.95 25.73
N PHE G 654 -53.30 -39.94 25.86
CA PHE G 654 -53.16 -38.89 24.87
C PHE G 654 -51.91 -39.13 24.03
N ASN G 655 -51.58 -38.17 23.17
CA ASN G 655 -50.33 -38.24 22.42
C ASN G 655 -49.14 -37.96 23.34
N HIS G 656 -47.95 -38.29 22.85
CA HIS G 656 -46.70 -38.09 23.59
C HIS G 656 -46.68 -38.89 24.90
N GLY G 657 -47.42 -39.99 24.95
CA GLY G 657 -47.37 -40.88 26.09
C GLY G 657 -48.11 -40.42 27.32
N LEU G 658 -48.88 -39.34 27.25
CA LEU G 658 -49.61 -38.87 28.41
C LEU G 658 -50.78 -39.79 28.71
N VAL G 659 -50.91 -40.19 29.98
CA VAL G 659 -51.97 -41.07 30.42
C VAL G 659 -52.64 -40.46 31.65
N TYR G 660 -53.96 -40.36 31.61
CA TYR G 660 -54.74 -39.81 32.71
C TYR G 660 -55.72 -40.86 33.21
N GLN G 661 -56.30 -40.60 34.39
CA GLN G 661 -57.22 -41.56 35.01
C GLN G 661 -58.30 -40.76 35.73
N TYR G 662 -59.43 -40.54 35.05
CA TYR G 662 -60.56 -39.87 35.67
C TYR G 662 -61.33 -40.84 36.55
N TYR G 663 -61.82 -40.34 37.68
CA TYR G 663 -62.40 -41.17 38.72
C TYR G 663 -63.89 -40.86 38.89
N ASP G 664 -64.65 -41.89 39.29
CA ASP G 664 -66.06 -41.77 39.61
C ASP G 664 -66.86 -41.22 38.43
N VAL G 665 -66.87 -41.99 37.35
CA VAL G 665 -67.55 -41.63 36.11
C VAL G 665 -68.65 -42.67 35.86
N PRO G 666 -69.86 -42.26 35.48
CA PRO G 666 -70.89 -43.25 35.16
C PRO G 666 -70.55 -44.04 33.90
N GLU G 667 -71.09 -45.25 33.82
CA GLU G 667 -70.83 -46.10 32.65
C GLU G 667 -71.40 -45.50 31.38
N THR G 668 -72.53 -44.80 31.48
CA THR G 668 -73.14 -44.19 30.32
C THR G 668 -72.18 -43.21 29.64
N LEU G 669 -71.39 -42.49 30.43
CA LEU G 669 -70.48 -41.49 29.87
C LEU G 669 -69.46 -42.12 28.94
N HIS G 670 -68.75 -43.15 29.40
CA HIS G 670 -67.71 -43.71 28.54
C HIS G 670 -68.30 -44.55 27.43
N THR G 671 -69.47 -45.17 27.67
CA THR G 671 -70.11 -45.89 26.57
C THR G 671 -70.50 -44.93 25.45
N GLU G 672 -71.05 -43.77 25.81
CA GLU G 672 -71.38 -42.77 24.79
C GLU G 672 -70.13 -42.23 24.12
N LEU G 673 -69.06 -42.03 24.89
CA LEU G 673 -67.81 -41.53 24.31
C LEU G 673 -67.25 -42.52 23.30
N LEU G 674 -67.28 -43.81 23.63
CA LEU G 674 -66.86 -44.84 22.67
C LEU G 674 -67.78 -44.89 21.48
N ALA G 675 -69.08 -44.68 21.68
CA ALA G 675 -70.02 -44.66 20.57
C ALA G 675 -69.84 -43.40 19.72
N ALA G 676 -69.30 -42.33 20.31
CA ALA G 676 -69.08 -41.10 19.56
C ALA G 676 -68.05 -41.33 18.45
N GLU G 677 -68.36 -40.81 17.26
CA GLU G 677 -67.48 -41.02 16.12
C GLU G 677 -66.23 -40.15 16.19
N SER G 678 -66.33 -38.95 16.75
CA SER G 678 -65.21 -38.02 16.78
C SER G 678 -64.11 -38.46 17.73
N HIS G 679 -64.40 -39.33 18.70
CA HIS G 679 -63.44 -39.74 19.72
C HIS G 679 -62.85 -38.53 20.44
N GLY G 680 -63.70 -37.55 20.70
CA GLY G 680 -63.26 -36.29 21.28
C GLY G 680 -64.38 -35.28 21.27
N LYS G 681 -64.00 -34.00 21.43
CA LYS G 681 -64.94 -32.89 21.44
C LYS G 681 -65.95 -33.04 22.58
N PHE G 682 -66.74 -34.12 22.56
CA PHE G 682 -67.58 -34.45 23.71
C PHE G 682 -66.74 -34.66 24.96
N PHE G 683 -65.49 -35.13 24.79
CA PHE G 683 -64.56 -35.21 25.91
C PHE G 683 -64.37 -33.84 26.54
N ASN G 684 -64.03 -32.83 25.74
CA ASN G 684 -63.85 -31.49 26.27
C ASN G 684 -65.17 -30.93 26.79
N SER G 685 -66.29 -31.39 26.25
CA SER G 685 -67.59 -30.87 26.67
C SER G 685 -67.99 -31.37 28.05
N GLN G 686 -67.74 -32.64 28.33
CA GLN G 686 -68.31 -33.26 29.53
C GLN G 686 -67.27 -33.83 30.49
N ILE G 687 -66.21 -34.46 29.99
CA ILE G 687 -65.30 -35.22 30.85
C ILE G 687 -64.04 -34.44 31.22
N LYS G 688 -63.62 -33.47 30.39
CA LYS G 688 -62.29 -32.89 30.53
C LYS G 688 -62.10 -32.21 31.88
N ASN G 689 -63.07 -31.38 32.29
CA ASN G 689 -62.92 -30.56 33.49
C ASN G 689 -64.14 -30.66 34.38
N ASN G 690 -64.61 -31.89 34.62
CA ASN G 690 -65.74 -32.11 35.49
C ASN G 690 -65.52 -33.19 36.55
N TYR G 691 -64.42 -33.94 36.49
CA TYR G 691 -64.16 -35.01 37.44
C TYR G 691 -62.72 -34.94 37.92
N ARG G 692 -62.51 -35.35 39.16
CA ARG G 692 -61.16 -35.41 39.71
C ARG G 692 -60.35 -36.47 38.99
N PHE G 693 -59.08 -36.17 38.75
CA PHE G 693 -58.20 -37.05 37.98
C PHE G 693 -56.81 -37.00 38.59
N SER G 694 -55.90 -37.80 38.01
CA SER G 694 -54.51 -37.83 38.44
C SER G 694 -53.69 -38.53 37.38
N ARG G 695 -52.60 -37.90 36.95
CA ARG G 695 -51.73 -38.51 35.96
C ARG G 695 -50.89 -39.60 36.61
N ILE G 696 -50.87 -40.78 36.00
CA ILE G 696 -50.12 -41.89 36.55
C ILE G 696 -48.74 -41.96 35.90
N SER H 8 46.03 14.17 -6.11
CA SER H 8 47.31 13.92 -6.76
C SER H 8 47.41 12.48 -7.24
N TYR H 9 46.44 11.66 -6.85
CA TYR H 9 46.40 10.26 -7.22
C TYR H 9 45.05 9.94 -7.83
N TYR H 10 45.07 9.22 -8.96
CA TYR H 10 43.87 8.91 -9.71
C TYR H 10 43.64 7.41 -9.75
N ASP H 11 42.36 7.02 -9.80
CA ASP H 11 41.97 5.62 -9.80
C ASP H 11 41.56 5.19 -11.20
N THR H 12 42.16 4.10 -11.67
CA THR H 12 41.85 3.60 -13.01
C THR H 12 40.40 3.17 -13.13
N THR H 13 39.87 2.52 -12.10
CA THR H 13 38.53 1.94 -12.18
C THR H 13 37.47 3.03 -12.34
N GLN H 14 37.66 4.18 -11.68
CA GLN H 14 36.70 5.27 -11.82
C GLN H 14 36.62 5.76 -13.26
N GLN H 15 37.78 5.96 -13.89
CA GLN H 15 37.79 6.41 -15.28
C GLN H 15 37.23 5.35 -16.21
N LEU H 16 37.53 4.07 -15.96
CA LEU H 16 36.98 3.01 -16.78
C LEU H 16 35.46 2.95 -16.68
N SER H 17 34.92 3.11 -15.46
CA SER H 17 33.48 3.15 -15.28
C SER H 17 32.87 4.36 -15.96
N LEU H 18 33.53 5.51 -15.87
CA LEU H 18 33.05 6.71 -16.56
C LEU H 18 32.97 6.47 -18.06
N LEU H 19 34.02 5.89 -18.63
CA LEU H 19 34.03 5.63 -20.07
C LEU H 19 32.96 4.61 -20.45
N LYS H 20 32.77 3.58 -19.62
CA LYS H 20 31.74 2.58 -19.91
C LYS H 20 30.35 3.21 -19.89
N HIS H 21 30.09 4.11 -18.94
CA HIS H 21 28.82 4.81 -18.91
C HIS H 21 28.67 5.72 -20.13
N VAL H 22 29.77 6.37 -20.54
CA VAL H 22 29.72 7.28 -21.68
C VAL H 22 29.37 6.54 -22.96
N LEU H 23 30.08 5.45 -23.22
CA LEU H 23 29.87 4.71 -24.47
C LEU H 23 28.50 4.07 -24.53
N SER H 24 27.94 3.71 -23.36
CA SER H 24 26.62 3.09 -23.33
C SER H 24 25.50 4.05 -23.73
N GLU H 25 25.76 5.35 -23.75
CA GLU H 25 24.75 6.31 -24.15
C GLU H 25 24.49 6.22 -25.65
N ASP H 26 23.31 6.67 -26.06
CA ASP H 26 22.86 6.54 -27.45
C ASP H 26 22.71 7.86 -28.18
N LYS H 27 22.10 8.87 -27.54
CA LYS H 27 21.79 10.11 -28.26
C LYS H 27 23.02 10.99 -28.45
N ARG H 28 23.92 11.01 -27.49
CA ARG H 28 25.06 11.91 -27.58
C ARG H 28 25.98 11.52 -28.74
N PRO H 29 26.36 12.46 -29.60
CA PRO H 29 27.20 12.10 -30.75
C PRO H 29 28.58 11.61 -30.32
N ILE H 30 29.11 10.68 -31.11
CA ILE H 30 30.42 10.07 -30.85
C ILE H 30 31.23 10.16 -32.14
N ALA H 31 32.56 10.19 -31.98
CA ALA H 31 33.47 10.20 -33.11
C ALA H 31 34.74 9.46 -32.73
N PHE H 32 35.68 9.43 -33.67
CA PHE H 32 36.93 8.70 -33.47
C PHE H 32 38.02 9.34 -34.31
N ILE H 33 39.27 9.09 -33.92
CA ILE H 33 40.44 9.42 -34.72
C ILE H 33 41.37 8.22 -34.72
N ILE H 34 41.73 7.75 -35.90
CA ILE H 34 42.62 6.61 -36.08
C ILE H 34 43.90 7.14 -36.70
N ALA H 35 45.00 7.06 -35.95
CA ALA H 35 46.28 7.56 -36.39
C ALA H 35 47.18 6.40 -36.84
N ALA H 36 48.44 6.73 -37.12
CA ALA H 36 49.39 5.73 -37.59
C ALA H 36 49.72 4.69 -36.52
N GLY H 37 49.51 5.01 -35.25
CA GLY H 37 49.82 4.07 -34.18
C GLY H 37 48.82 2.94 -34.02
N CYS H 38 47.67 3.01 -34.70
CA CYS H 38 46.69 1.92 -34.58
C CYS H 38 47.09 0.69 -35.38
N PRO H 39 47.44 0.79 -36.67
CA PRO H 39 47.86 -0.43 -37.39
C PRO H 39 49.12 -1.07 -36.83
N VAL H 40 49.94 -0.31 -36.10
CA VAL H 40 51.17 -0.87 -35.53
C VAL H 40 50.85 -1.94 -34.51
N SER H 41 49.75 -1.76 -33.76
CA SER H 41 49.36 -2.71 -32.72
C SER H 41 48.82 -4.01 -33.28
N ILE H 42 48.69 -4.14 -34.60
CA ILE H 42 48.25 -5.37 -35.24
C ILE H 42 49.37 -5.89 -36.11
N ARG H 43 49.75 -7.16 -35.90
CA ARG H 43 50.87 -7.76 -36.61
C ARG H 43 50.43 -9.07 -37.25
N HIS H 44 50.75 -9.22 -38.54
CA HIS H 44 50.53 -10.48 -39.25
C HIS H 44 51.79 -11.32 -39.28
N ASN H 45 52.90 -10.73 -39.73
CA ASN H 45 54.21 -11.36 -39.64
C ASN H 45 54.80 -11.04 -38.27
N ASP H 46 56.11 -11.29 -38.11
CA ASP H 46 56.78 -10.91 -36.87
C ASP H 46 56.70 -9.40 -36.66
N ALA H 47 56.94 -8.62 -37.71
CA ALA H 47 56.73 -7.19 -37.68
C ALA H 47 55.24 -6.88 -37.87
N PRO H 48 54.80 -5.68 -37.48
CA PRO H 48 53.40 -5.31 -37.72
C PRO H 48 53.10 -5.24 -39.20
N LEU H 49 51.83 -5.45 -39.54
CA LEU H 49 51.41 -5.48 -40.95
C LEU H 49 51.71 -4.16 -41.64
N ILE H 50 51.68 -3.06 -40.90
CA ILE H 50 52.04 -1.75 -41.44
C ILE H 50 52.99 -1.07 -40.47
N PRO H 51 54.12 -0.54 -40.94
CA PRO H 51 55.06 0.12 -40.04
C PRO H 51 54.54 1.48 -39.59
N ASP H 52 55.25 2.06 -38.63
CA ASP H 52 54.89 3.36 -38.09
C ASP H 52 55.46 4.45 -39.00
N VAL H 53 55.29 5.72 -38.59
CA VAL H 53 55.83 6.83 -39.38
C VAL H 53 57.35 6.77 -39.41
N ALA H 54 57.97 6.48 -38.26
CA ALA H 54 59.43 6.37 -38.22
C ALA H 54 59.93 5.23 -39.07
N GLY H 55 59.22 4.10 -39.07
CA GLY H 55 59.58 2.99 -39.94
C GLY H 55 59.50 3.35 -41.41
N LEU H 56 58.45 4.07 -41.80
CA LEU H 56 58.32 4.50 -43.18
C LEU H 56 59.45 5.46 -43.57
N THR H 57 59.78 6.39 -42.68
CA THR H 57 60.88 7.32 -42.96
C THR H 57 62.20 6.58 -43.10
N ARG H 58 62.46 5.61 -42.23
CA ARG H 58 63.69 4.83 -42.32
C ARG H 58 63.74 4.02 -43.61
N LYS H 59 62.60 3.42 -43.99
CA LYS H 59 62.55 2.65 -45.24
C LYS H 59 62.82 3.53 -46.44
N ILE H 60 62.24 4.74 -46.46
CA ILE H 60 62.50 5.66 -47.55
C ILE H 60 63.97 6.07 -47.56
N SER H 61 64.54 6.31 -46.38
CA SER H 61 65.92 6.77 -46.29
C SER H 61 66.88 5.71 -46.82
N ASP H 62 66.71 4.46 -46.41
CA ASP H 62 67.66 3.41 -46.80
C ASP H 62 67.28 2.70 -48.08
N SER H 63 66.14 3.04 -48.69
CA SER H 63 65.73 2.44 -49.95
C SER H 63 65.85 3.39 -51.14
N PHE H 64 65.87 4.70 -50.89
CA PHE H 64 65.96 5.70 -51.96
C PHE H 64 64.86 5.53 -53.00
N SER H 70 75.11 10.91 -53.10
CA SER H 70 75.19 11.97 -52.09
C SER H 70 74.20 13.09 -52.39
N LEU H 71 73.80 13.20 -53.66
CA LEU H 71 72.83 14.23 -54.05
C LEU H 71 71.47 13.98 -53.40
N LEU H 72 71.05 12.72 -53.30
CA LEU H 72 69.77 12.41 -52.69
C LEU H 72 69.73 12.80 -51.22
N MET H 73 70.82 12.54 -50.49
CA MET H 73 70.88 12.84 -49.07
C MET H 73 71.03 14.33 -48.79
N LYS H 74 71.31 15.15 -49.81
CA LYS H 74 71.44 16.59 -49.59
C LYS H 74 70.13 17.19 -49.13
N ILE H 75 69.01 16.74 -49.71
CA ILE H 75 67.70 17.30 -49.36
C ILE H 75 67.39 17.07 -47.89
N ILE H 76 67.72 15.89 -47.37
CA ILE H 76 67.44 15.59 -45.97
C ILE H 76 68.23 16.53 -45.06
N GLN H 77 69.50 16.77 -45.38
CA GLN H 77 70.30 17.71 -44.59
C GLN H 77 69.85 19.15 -44.82
N ASN H 78 69.41 19.47 -46.03
CA ASN H 78 68.96 20.83 -46.33
C ASN H 78 67.74 21.21 -45.50
N LEU H 79 66.79 20.29 -45.35
CA LEU H 79 65.60 20.58 -44.55
C LEU H 79 65.90 20.55 -43.06
N LYS H 80 66.91 19.76 -42.65
CA LYS H 80 67.24 19.64 -41.23
C LYS H 80 67.85 20.92 -40.67
N THR H 81 68.30 21.84 -41.53
CA THR H 81 68.89 23.08 -41.04
C THR H 81 67.87 23.94 -40.30
N THR H 82 66.65 24.03 -40.82
CA THR H 82 65.60 24.85 -40.21
C THR H 82 64.53 24.03 -39.52
N ILE H 83 64.61 22.72 -39.53
CA ILE H 83 63.59 21.86 -38.93
C ILE H 83 64.23 20.64 -38.31
N PRO H 84 63.54 19.99 -37.37
CA PRO H 84 64.04 18.71 -36.84
C PRO H 84 64.02 17.61 -37.88
N ASN H 85 64.37 16.39 -37.48
CA ASN H 85 64.46 15.23 -38.36
C ASN H 85 63.29 15.15 -39.32
N PRO H 86 63.55 15.27 -40.63
CA PRO H 86 62.44 15.30 -41.60
C PRO H 86 61.70 13.97 -41.65
N THR H 87 60.42 14.08 -42.00
CA THR H 87 59.54 12.92 -42.13
C THR H 87 59.05 12.83 -43.58
N ILE H 88 58.12 11.89 -43.81
CA ILE H 88 57.58 11.70 -45.15
C ILE H 88 56.83 12.93 -45.63
N GLU H 89 56.03 13.53 -44.74
CA GLU H 89 55.23 14.70 -45.13
C GLU H 89 56.11 15.87 -45.53
N ASP H 90 57.18 16.13 -44.76
CA ASP H 90 58.07 17.23 -45.09
C ASP H 90 58.76 17.00 -46.42
N ILE H 91 59.22 15.77 -46.67
CA ILE H 91 59.88 15.47 -47.94
C ILE H 91 58.93 15.65 -49.10
N LEU H 92 57.70 15.16 -48.96
CA LEU H 92 56.72 15.29 -50.04
C LEU H 92 56.37 16.74 -50.29
N SER H 93 56.24 17.53 -49.21
CA SER H 93 55.98 18.96 -49.38
C SER H 93 57.14 19.65 -50.09
N TYR H 94 58.38 19.28 -49.76
CA TYR H 94 59.52 19.88 -50.43
C TYR H 94 59.55 19.51 -51.90
N ILE H 95 59.22 18.26 -52.23
CA ILE H 95 59.16 17.87 -53.65
C ILE H 95 58.07 18.63 -54.38
N ARG H 96 56.91 18.82 -53.72
CA ARG H 96 55.84 19.59 -54.34
C ARG H 96 56.27 21.03 -54.60
N LEU H 97 56.95 21.64 -53.62
CA LEU H 97 57.45 23.00 -53.80
C LEU H 97 58.49 23.07 -54.92
N LEU H 98 59.35 22.06 -55.01
CA LEU H 98 60.34 22.02 -56.08
C LEU H 98 59.67 21.94 -57.44
N GLN H 99 58.63 21.09 -57.56
CA GLN H 99 57.90 21.00 -58.81
C GLN H 99 57.09 22.26 -59.11
N GLN H 100 56.74 23.03 -58.08
CA GLN H 100 56.05 24.29 -58.32
C GLN H 100 56.93 25.27 -59.10
N ILE H 101 58.20 25.35 -58.74
CA ILE H 101 59.13 26.22 -59.46
C ILE H 101 59.62 25.49 -60.70
N PRO H 102 59.49 26.09 -61.90
CA PRO H 102 59.91 25.39 -63.13
C PRO H 102 61.38 25.04 -63.15
N MET H 103 62.25 26.05 -63.01
CA MET H 103 63.70 25.84 -63.04
C MET H 103 64.26 25.72 -61.62
N SER H 104 63.75 24.74 -60.89
CA SER H 104 64.16 24.49 -59.51
C SER H 104 65.24 23.44 -59.39
N GLY H 105 65.77 22.93 -60.51
CA GLY H 105 66.79 21.91 -60.45
C GLY H 105 68.17 22.39 -60.08
N LYS H 106 68.39 23.70 -60.02
CA LYS H 106 69.70 24.22 -59.66
C LYS H 106 70.01 24.07 -58.18
N ILE H 107 68.98 23.99 -57.33
CA ILE H 107 69.21 23.82 -55.90
C ILE H 107 69.89 22.49 -55.62
N HIS H 108 69.39 21.42 -56.24
CA HIS H 108 70.02 20.11 -56.12
C HIS H 108 71.09 19.87 -57.18
N ASP H 109 71.19 20.75 -58.18
CA ASP H 109 72.20 20.65 -59.25
C ASP H 109 72.12 19.31 -59.96
N VAL H 110 70.92 18.77 -60.10
CA VAL H 110 70.69 17.51 -60.80
C VAL H 110 69.58 17.77 -61.82
N GLU H 111 69.96 18.14 -63.04
CA GLU H 111 69.04 18.38 -64.15
C GLU H 111 67.83 19.22 -63.74
N ASN H 112 66.69 18.95 -64.37
CA ASN H 112 65.44 19.62 -64.00
C ASN H 112 64.25 18.66 -64.03
N SER H 113 64.47 17.36 -64.18
CA SER H 113 63.38 16.40 -64.27
C SER H 113 63.55 15.18 -63.38
N VAL H 114 64.70 15.00 -62.72
CA VAL H 114 64.90 13.86 -61.84
C VAL H 114 63.95 13.91 -60.64
N ILE H 115 63.46 15.10 -60.28
CA ILE H 115 62.52 15.22 -59.17
C ILE H 115 61.24 14.45 -59.47
N ASN H 116 60.74 14.54 -60.70
CA ASN H 116 59.54 13.82 -61.07
C ASN H 116 59.76 12.31 -61.00
N ALA H 117 60.92 11.83 -61.47
CA ALA H 117 61.22 10.40 -61.39
C ALA H 117 61.30 9.94 -59.94
N LEU H 118 61.93 10.73 -59.08
CA LEU H 118 62.00 10.38 -57.67
C LEU H 118 60.61 10.35 -57.04
N GLU H 119 59.76 11.30 -57.40
CA GLU H 119 58.40 11.33 -56.87
C GLU H 119 57.62 10.09 -57.31
N GLU H 120 57.74 9.71 -58.58
CA GLU H 120 57.07 8.51 -59.05
C GLU H 120 57.58 7.28 -58.34
N SER H 121 58.90 7.19 -58.15
CA SER H 121 59.48 6.02 -57.47
C SER H 121 58.98 5.92 -56.04
N ILE H 122 59.01 7.03 -55.30
CA ILE H 122 58.59 6.97 -53.90
C ILE H 122 57.09 6.72 -53.79
N CYS H 123 56.30 7.28 -54.69
CA CYS H 123 54.86 7.01 -54.68
C CYS H 123 54.58 5.54 -54.95
N GLU H 124 55.27 4.95 -55.93
CA GLU H 124 55.09 3.53 -56.21
C GLU H 124 55.51 2.67 -55.03
N LEU H 125 56.65 3.02 -54.40
CA LEU H 125 57.10 2.26 -53.24
C LEU H 125 56.10 2.34 -52.09
N ILE H 126 55.57 3.54 -51.83
CA ILE H 126 54.59 3.69 -50.76
C ILE H 126 53.33 2.91 -51.07
N GLU H 127 52.86 2.97 -52.31
CA GLU H 127 51.66 2.23 -52.69
C GLU H 127 51.87 0.73 -52.54
N GLU H 128 53.05 0.24 -52.95
CA GLU H 128 53.34 -1.19 -52.79
C GLU H 128 53.41 -1.58 -51.33
N GLU H 129 54.00 -0.73 -50.49
CA GLU H 129 54.13 -1.06 -49.07
C GLU H 129 52.80 -1.01 -48.34
N VAL H 130 51.89 -0.12 -48.75
CA VAL H 130 50.67 0.11 -47.99
C VAL H 130 49.49 -0.75 -48.47
N ASN H 131 49.50 -1.20 -49.73
CA ASN H 131 48.38 -1.97 -50.28
C ASN H 131 48.40 -3.40 -49.74
N VAL H 132 48.08 -3.52 -48.45
CA VAL H 132 48.06 -4.80 -47.76
C VAL H 132 46.66 -5.04 -47.22
N ASP H 133 46.30 -6.32 -47.14
CA ASP H 133 45.01 -6.74 -46.58
C ASP H 133 45.21 -7.22 -45.14
N LEU H 134 44.28 -6.86 -44.28
CA LEU H 134 44.33 -7.30 -42.90
C LEU H 134 43.84 -8.74 -42.80
N PRO H 135 44.63 -9.66 -42.25
CA PRO H 135 44.22 -11.07 -42.21
C PRO H 135 43.43 -11.43 -40.96
N GLY H 136 42.49 -12.34 -41.12
CA GLY H 136 41.73 -12.85 -39.99
C GLY H 136 40.56 -11.97 -39.62
N ASN H 137 39.51 -12.61 -39.12
CA ASN H 137 38.32 -11.90 -38.66
C ASN H 137 38.44 -11.42 -37.22
N ALA H 138 39.53 -11.74 -36.54
CA ALA H 138 39.73 -11.35 -35.14
C ALA H 138 40.44 -10.02 -34.99
N THR H 139 40.57 -9.25 -36.07
CA THR H 139 41.23 -7.96 -35.98
C THR H 139 40.38 -6.98 -35.18
N PRO H 140 41.01 -6.03 -34.48
CA PRO H 140 40.24 -5.04 -33.71
C PRO H 140 39.30 -4.21 -34.57
N TYR H 141 39.65 -4.00 -35.84
CA TYR H 141 38.77 -3.22 -36.73
C TYR H 141 37.41 -3.90 -36.88
N HIS H 142 37.40 -5.23 -37.04
CA HIS H 142 36.13 -5.95 -37.12
C HIS H 142 35.35 -5.84 -35.82
N LYS H 143 36.05 -5.85 -34.68
CA LYS H 143 35.36 -5.68 -33.40
C LYS H 143 34.69 -4.31 -33.31
N ILE H 144 35.40 -3.26 -33.75
CA ILE H 144 34.80 -1.93 -33.74
C ILE H 144 33.60 -1.87 -34.68
N ALA H 145 33.73 -2.47 -35.86
CA ALA H 145 32.62 -2.47 -36.81
C ALA H 145 31.40 -3.18 -36.23
N ALA H 146 31.61 -4.32 -35.56
CA ALA H 146 30.52 -5.01 -34.90
C ALA H 146 29.90 -4.16 -33.81
N TRP H 147 30.73 -3.46 -33.04
CA TRP H 147 30.22 -2.61 -31.97
C TRP H 147 29.35 -1.49 -32.52
N ILE H 148 29.72 -0.95 -33.68
CA ILE H 148 28.92 0.11 -34.29
C ILE H 148 27.52 -0.38 -34.61
N ASN H 149 27.41 -1.61 -35.13
CA ASN H 149 26.11 -2.17 -35.49
C ASN H 149 25.30 -2.63 -34.28
N SER H 150 25.93 -2.75 -33.11
CA SER H 150 25.23 -3.30 -31.95
C SER H 150 24.09 -2.40 -31.50
N ILE H 151 24.39 -1.13 -31.24
CA ILE H 151 23.41 -0.18 -30.72
C ILE H 151 22.93 0.71 -31.85
N ASN H 152 21.61 0.76 -32.05
CA ASN H 152 21.01 1.62 -33.07
C ASN H 152 20.87 3.02 -32.48
N ARG H 153 21.95 3.79 -32.57
CA ARG H 153 22.01 5.10 -31.94
C ARG H 153 21.16 6.11 -32.71
N GLU H 154 20.70 7.14 -32.00
CA GLU H 154 19.95 8.22 -32.64
C GLU H 154 20.82 9.01 -33.59
N HIS H 155 22.08 9.25 -33.23
CA HIS H 155 23.05 9.91 -34.09
C HIS H 155 24.18 8.93 -34.42
N GLN H 156 24.51 8.85 -35.70
CA GLN H 156 25.52 7.91 -36.16
C GLN H 156 26.91 8.29 -35.66
N VAL H 157 27.82 7.32 -35.72
CA VAL H 157 29.19 7.50 -35.25
C VAL H 157 30.05 7.86 -36.44
N GLU H 158 30.73 9.00 -36.36
CA GLU H 158 31.66 9.43 -37.39
C GLU H 158 33.07 8.92 -37.08
N ILE H 159 33.86 8.75 -38.12
CA ILE H 159 35.23 8.26 -38.00
C ILE H 159 36.15 9.17 -38.82
N PHE H 160 37.20 9.68 -38.18
CA PHE H 160 38.25 10.44 -38.84
C PHE H 160 39.53 9.63 -38.80
N THR H 161 40.24 9.58 -39.93
CA THR H 161 41.50 8.86 -40.04
C THR H 161 42.53 9.74 -40.74
N THR H 162 43.78 9.60 -40.31
CA THR H 162 44.91 10.30 -40.93
C THR H 162 45.88 9.32 -41.59
N ASN H 163 45.45 8.08 -41.81
CA ASN H 163 46.31 7.06 -42.38
C ASN H 163 46.24 7.10 -43.90
N TYR H 164 46.92 6.14 -44.53
CA TYR H 164 46.94 6.03 -45.98
C TYR H 164 46.34 4.74 -46.51
N ASP H 165 46.20 3.71 -45.67
CA ASP H 165 45.70 2.42 -46.12
C ASP H 165 44.17 2.44 -46.20
N LEU H 166 43.59 1.28 -46.50
CA LEU H 166 42.14 1.14 -46.60
C LEU H 166 41.63 0.07 -45.65
N LEU H 167 42.32 -0.13 -44.53
CA LEU H 167 41.92 -1.18 -43.59
C LEU H 167 40.52 -0.93 -43.03
N MET H 168 40.22 0.33 -42.68
CA MET H 168 38.91 0.65 -42.14
C MET H 168 37.81 0.34 -43.14
N GLU H 169 38.03 0.70 -44.42
CA GLU H 169 37.03 0.42 -45.44
C GLU H 169 36.77 -1.07 -45.56
N GLN H 170 37.84 -1.87 -45.65
CA GLN H 170 37.68 -3.31 -45.79
C GLN H 170 36.99 -3.92 -44.58
N ALA H 171 37.33 -3.46 -43.38
CA ALA H 171 36.67 -3.95 -42.19
C ALA H 171 35.19 -3.61 -42.20
N LEU H 172 34.85 -2.39 -42.64
CA LEU H 172 33.45 -2.00 -42.73
C LEU H 172 32.69 -2.86 -43.74
N GLU H 173 33.31 -3.15 -44.88
CA GLU H 173 32.64 -3.99 -45.88
C GLU H 173 32.45 -5.41 -45.36
N GLU H 174 33.43 -5.93 -44.61
CA GLU H 174 33.37 -7.32 -44.19
C GLU H 174 32.16 -7.62 -43.32
N LEU H 175 31.77 -6.67 -42.47
CA LEU H 175 30.66 -6.87 -41.54
C LEU H 175 29.38 -6.19 -41.97
N ASN H 176 29.29 -5.78 -43.25
CA ASN H 176 28.09 -5.15 -43.80
C ASN H 176 27.72 -3.90 -43.02
N VAL H 177 28.61 -2.92 -43.06
CA VAL H 177 28.42 -1.65 -42.35
C VAL H 177 28.28 -0.53 -43.37
N PRO H 178 27.07 -0.02 -43.60
CA PRO H 178 26.91 1.10 -44.53
C PRO H 178 27.63 2.34 -44.05
N TYR H 179 28.17 3.10 -44.99
CA TYR H 179 28.88 4.33 -44.68
C TYR H 179 28.84 5.24 -45.90
N PHE H 180 29.46 6.41 -45.76
CA PHE H 180 29.44 7.41 -46.82
C PHE H 180 30.63 8.33 -46.60
N ASP H 181 31.58 8.30 -47.54
CA ASP H 181 32.82 9.07 -47.41
C ASP H 181 32.85 10.30 -48.31
N GLY H 182 31.69 10.83 -48.69
CA GLY H 182 31.62 12.00 -49.54
C GLY H 182 31.76 11.73 -51.02
N PHE H 183 31.81 10.45 -51.42
CA PHE H 183 31.96 10.08 -52.81
C PHE H 183 30.77 9.22 -53.25
N VAL H 184 30.13 9.62 -54.35
CA VAL H 184 29.02 8.89 -54.92
C VAL H 184 29.35 8.55 -56.37
N GLY H 185 29.08 7.32 -56.76
CA GLY H 185 29.35 6.85 -58.11
C GLY H 185 29.92 5.44 -58.09
N SER H 186 29.69 4.72 -59.19
CA SER H 186 30.15 3.35 -59.32
C SER H 186 31.44 3.22 -60.11
N LYS H 187 31.56 3.94 -61.23
CA LYS H 187 32.76 3.85 -62.06
C LYS H 187 33.78 4.92 -61.71
N ARG H 188 33.38 6.19 -61.76
CA ARG H 188 34.28 7.30 -61.50
C ARG H 188 34.19 7.82 -60.07
N ALA H 189 32.99 7.80 -59.47
CA ALA H 189 32.78 8.22 -58.08
C ALA H 189 33.25 9.66 -57.86
N PHE H 190 32.57 10.57 -58.54
CA PHE H 190 32.89 11.99 -58.45
C PHE H 190 32.59 12.52 -57.05
N PHE H 191 33.30 13.57 -56.67
CA PHE H 191 33.12 14.19 -55.36
C PHE H 191 31.88 15.06 -55.38
N ASP H 192 30.89 14.69 -54.57
CA ASP H 192 29.67 15.47 -54.40
C ASP H 192 29.80 16.32 -53.15
N ILE H 193 29.72 17.64 -53.30
CA ILE H 193 29.96 18.56 -52.21
C ILE H 193 28.68 19.18 -51.65
N ARG H 194 27.60 19.23 -52.43
CA ARG H 194 26.37 19.82 -51.92
C ARG H 194 25.69 18.88 -50.92
N THR H 195 25.73 17.58 -51.18
CA THR H 195 25.09 16.62 -50.28
C THR H 195 25.80 16.55 -48.92
N ILE H 196 27.09 16.90 -48.87
CA ILE H 196 27.79 16.89 -47.58
C ILE H 196 27.24 17.96 -46.66
N GLU H 197 27.10 19.18 -47.17
CA GLU H 197 26.57 20.26 -46.35
C GLU H 197 25.06 20.17 -46.15
N GLU H 198 24.35 19.58 -47.12
CA GLU H 198 22.91 19.38 -46.96
C GLU H 198 22.62 18.43 -45.79
N ASN H 199 23.40 17.35 -45.69
CA ASN H 199 23.46 16.52 -44.49
C ASN H 199 22.14 15.87 -44.12
N LYS H 200 21.30 15.57 -45.10
CA LYS H 200 20.11 14.75 -44.87
C LYS H 200 20.41 13.28 -45.20
N LEU H 201 21.44 12.77 -44.56
CA LEU H 201 21.89 11.40 -44.79
C LEU H 201 21.00 10.42 -44.02
N PRO H 202 20.99 9.15 -44.42
CA PRO H 202 20.24 8.15 -43.65
C PRO H 202 20.74 8.09 -42.20
N SER H 203 19.80 7.90 -41.28
CA SER H 203 20.14 7.89 -39.87
C SER H 203 21.09 6.75 -39.53
N ARG H 204 20.86 5.56 -40.10
CA ARG H 204 21.71 4.42 -39.80
C ARG H 204 23.08 4.55 -40.45
N TRP H 205 23.17 5.29 -41.56
CA TRP H 205 24.42 5.41 -42.29
C TRP H 205 25.47 6.13 -41.45
N SER H 206 26.68 5.57 -41.42
CA SER H 206 27.80 6.18 -40.74
C SER H 206 28.61 7.03 -41.72
N LYS H 207 29.69 7.63 -41.24
CA LYS H 207 30.56 8.44 -42.08
C LYS H 207 32.01 8.13 -41.75
N LEU H 208 32.87 8.24 -42.77
CA LEU H 208 34.30 7.97 -42.63
C LEU H 208 35.06 9.00 -43.46
N TRP H 209 35.97 9.72 -42.81
CA TRP H 209 36.77 10.75 -43.46
C TRP H 209 38.25 10.43 -43.30
N LYS H 210 38.97 10.44 -44.43
CA LYS H 210 40.41 10.17 -44.46
C LYS H 210 41.13 11.50 -44.64
N LEU H 211 41.61 12.08 -43.54
CA LEU H 211 42.13 13.44 -43.57
C LEU H 211 43.40 13.57 -44.41
N HIS H 212 44.18 12.50 -44.56
CA HIS H 212 45.43 12.56 -45.28
C HIS H 212 45.38 11.85 -46.62
N GLY H 213 44.21 11.38 -47.04
CA GLY H 213 44.08 10.69 -48.31
C GLY H 213 44.51 9.24 -48.24
N SER H 214 44.28 8.54 -49.35
CA SER H 214 44.61 7.12 -49.44
C SER H 214 45.08 6.75 -50.84
N ILE H 215 45.20 5.45 -51.11
CA ILE H 215 45.69 4.99 -52.41
C ILE H 215 44.65 5.07 -53.51
N ASN H 216 43.36 5.22 -53.17
CA ASN H 216 42.31 5.24 -54.16
C ASN H 216 42.07 6.61 -54.77
N TRP H 217 42.83 7.62 -54.35
CA TRP H 217 42.69 8.95 -54.92
C TRP H 217 43.53 9.09 -56.18
N GLN H 218 42.92 9.62 -57.24
CA GLN H 218 43.63 9.91 -58.47
C GLN H 218 43.20 11.28 -58.99
N LEU H 219 44.17 12.03 -59.52
CA LEU H 219 43.91 13.35 -60.06
C LEU H 219 43.73 13.28 -61.58
N ASP H 220 42.70 13.96 -62.06
CA ASP H 220 42.35 13.94 -63.46
C ASP H 220 43.25 14.89 -64.26
N LYS H 221 42.83 15.17 -65.49
CA LYS H 221 43.56 16.06 -66.39
C LYS H 221 43.31 17.51 -66.01
N GLN H 222 43.61 18.43 -66.93
CA GLN H 222 43.46 19.87 -66.66
C GLN H 222 42.11 20.22 -66.05
N THR H 223 41.09 19.38 -66.26
CA THR H 223 39.83 19.55 -65.55
C THR H 223 40.02 19.53 -64.04
N GLN H 224 40.97 18.72 -63.57
CA GLN H 224 41.43 18.70 -62.18
C GLN H 224 40.35 18.19 -61.22
N THR H 225 39.25 17.69 -61.76
CA THR H 225 38.20 17.11 -60.93
C THR H 225 38.73 15.89 -60.18
N ILE H 226 38.46 15.85 -58.88
CA ILE H 226 38.94 14.74 -58.05
C ILE H 226 37.94 13.59 -58.09
N TRP H 227 38.48 12.38 -58.13
CA TRP H 227 37.66 11.17 -58.14
C TRP H 227 38.39 10.07 -57.40
N ARG H 228 37.63 9.06 -56.96
CA ARG H 228 38.17 7.91 -56.28
C ARG H 228 37.80 6.64 -57.03
N GLY H 229 38.62 5.60 -56.84
CA GLY H 229 38.38 4.34 -57.51
C GLY H 229 39.58 3.42 -57.40
N THR H 230 39.71 2.53 -58.38
CA THR H 230 40.83 1.61 -58.38
C THR H 230 42.14 2.37 -58.58
N PRO H 231 43.14 2.15 -57.73
CA PRO H 231 44.41 2.88 -57.88
C PRO H 231 45.08 2.56 -59.22
N SER H 232 45.74 3.56 -59.78
CA SER H 232 46.43 3.43 -61.05
C SER H 232 47.94 3.53 -60.84
N LYS H 233 48.68 2.95 -61.78
CA LYS H 233 50.13 2.96 -61.69
C LYS H 233 50.67 4.37 -61.93
N GLY H 234 51.68 4.75 -61.14
CA GLY H 234 52.28 6.06 -61.27
C GLY H 234 51.34 7.22 -60.97
N CYS H 235 50.43 7.02 -60.03
CA CYS H 235 49.48 8.07 -59.65
C CYS H 235 48.90 7.74 -58.29
N SER H 236 49.10 8.63 -57.32
CA SER H 236 48.55 8.44 -55.97
C SER H 236 48.50 9.79 -55.28
N LEU H 237 47.29 10.26 -54.97
CA LEU H 237 47.12 11.53 -54.27
C LEU H 237 47.14 11.31 -52.76
N ILE H 238 48.24 10.73 -52.29
CA ILE H 238 48.43 10.44 -50.87
C ILE H 238 49.04 11.66 -50.19
N HIS H 239 49.09 12.77 -50.91
CA HIS H 239 49.65 13.99 -50.35
C HIS H 239 48.79 14.45 -49.16
N PRO H 240 49.41 14.78 -48.02
CA PRO H 240 48.63 15.19 -46.85
C PRO H 240 47.76 16.42 -47.12
N SER H 241 48.37 17.52 -47.54
CA SER H 241 47.63 18.72 -47.87
C SER H 241 48.04 19.25 -49.24
N HIS H 242 49.31 19.06 -49.60
CA HIS H 242 49.88 19.52 -50.87
C HIS H 242 49.60 21.02 -50.98
N LEU H 243 49.06 21.50 -52.10
CA LEU H 243 48.74 22.91 -52.25
C LEU H 243 47.65 23.06 -53.30
N LYS H 244 47.00 24.21 -53.29
CA LYS H 244 45.92 24.51 -54.23
C LYS H 244 45.79 26.02 -54.34
N TYR H 245 44.72 26.47 -54.97
CA TYR H 245 44.46 27.90 -55.14
C TYR H 245 43.04 28.25 -54.70
N MET H 251 38.63 22.31 -52.48
CA MET H 251 39.50 21.21 -52.08
C MET H 251 38.85 20.37 -50.99
N PRO H 252 38.96 19.04 -51.11
CA PRO H 252 38.36 18.17 -50.10
C PRO H 252 38.90 18.38 -48.70
N TYR H 253 40.19 18.70 -48.58
CA TYR H 253 40.80 18.82 -47.25
C TYR H 253 40.14 19.94 -46.45
N LEU H 254 39.85 21.07 -47.09
CA LEU H 254 39.23 22.19 -46.38
C LEU H 254 37.84 21.84 -45.89
N VAL H 255 37.03 21.20 -46.74
CA VAL H 255 35.67 20.86 -46.33
C VAL H 255 35.70 19.77 -45.26
N MET H 256 36.70 18.89 -45.29
CA MET H 256 36.83 17.88 -44.22
C MET H 256 37.18 18.53 -42.89
N MET H 257 38.11 19.49 -42.91
CA MET H 257 38.43 20.23 -41.69
C MET H 257 37.20 20.98 -41.17
N ASP H 258 36.44 21.60 -42.08
CA ASP H 258 35.23 22.30 -41.67
C ASP H 258 34.20 21.34 -41.08
N GLN H 259 34.09 20.14 -41.67
CA GLN H 259 33.19 19.13 -41.11
C GLN H 259 33.59 18.74 -39.70
N LEU H 260 34.89 18.53 -39.48
CA LEU H 260 35.36 18.18 -38.13
C LEU H 260 35.05 19.31 -37.14
N LYS H 261 35.33 20.55 -37.53
CA LYS H 261 35.08 21.68 -36.64
C LYS H 261 33.58 21.82 -36.35
N LEU H 262 32.75 21.63 -37.37
CA LEU H 262 31.30 21.73 -37.17
C LEU H 262 30.80 20.63 -36.26
N PHE H 263 31.32 19.41 -36.39
CA PHE H 263 30.93 18.35 -35.48
C PHE H 263 31.33 18.67 -34.06
N LEU H 264 32.53 19.24 -33.87
CA LEU H 264 33.00 19.52 -32.52
C LEU H 264 32.13 20.54 -31.80
N ASN H 265 31.30 21.29 -32.53
CA ASN H 265 30.42 22.28 -31.94
C ASN H 265 29.06 21.71 -31.54
N GLN H 266 28.81 20.43 -31.78
CA GLN H 266 27.54 19.83 -31.42
C GLN H 266 27.40 19.76 -29.91
N PRO H 267 26.17 19.83 -29.38
CA PRO H 267 25.99 19.82 -27.93
C PRO H 267 26.38 18.47 -27.33
N SER H 268 27.18 18.52 -26.27
CA SER H 268 27.61 17.33 -25.54
C SER H 268 28.33 16.33 -26.46
N ALA H 269 29.07 16.86 -27.42
CA ALA H 269 29.83 16.03 -28.35
C ALA H 269 31.07 15.48 -27.67
N ILE H 270 31.45 14.25 -28.05
CA ILE H 270 32.60 13.57 -27.49
C ILE H 270 33.46 13.05 -28.63
N LEU H 271 34.77 13.28 -28.54
CA LEU H 271 35.72 12.85 -29.54
C LEU H 271 36.81 12.04 -28.86
N ILE H 272 37.16 10.89 -29.45
CA ILE H 272 38.11 9.95 -28.86
C ILE H 272 39.29 9.80 -29.80
N THR H 273 40.50 9.96 -29.26
CA THR H 273 41.74 9.82 -30.02
C THR H 273 42.51 8.62 -29.50
N CYS H 274 43.01 7.80 -30.42
CA CYS H 274 43.84 6.65 -30.07
C CYS H 274 45.00 6.56 -31.03
N GLY H 275 46.20 6.37 -30.49
CA GLY H 275 47.39 6.22 -31.32
C GLY H 275 47.91 7.50 -31.92
N TYR H 276 47.38 8.65 -31.53
CA TYR H 276 47.78 9.93 -32.11
C TYR H 276 48.73 10.64 -31.15
N SER H 277 49.89 11.05 -31.67
CA SER H 277 50.93 11.65 -30.86
C SER H 277 50.84 13.17 -30.77
N TYR H 278 49.82 13.77 -31.39
CA TYR H 278 49.61 15.22 -31.36
C TYR H 278 50.80 15.97 -31.94
N LYS H 279 51.50 15.35 -32.90
CA LYS H 279 52.65 16.00 -33.51
C LYS H 279 52.24 17.12 -34.47
N ASP H 280 51.05 17.02 -35.05
CA ASP H 280 50.60 18.02 -36.01
C ASP H 280 50.29 19.33 -35.30
N GLN H 281 50.23 20.40 -36.10
CA GLN H 281 49.93 21.74 -35.60
C GLN H 281 48.54 22.21 -35.99
N HIS H 282 48.11 22.00 -37.23
CA HIS H 282 46.79 22.42 -37.64
C HIS H 282 45.70 21.69 -36.87
N ILE H 283 45.86 20.38 -36.68
CA ILE H 283 44.87 19.59 -35.95
C ILE H 283 44.77 20.07 -34.51
N ASN H 284 45.91 20.32 -33.87
CA ASN H 284 45.90 20.81 -32.50
C ASN H 284 45.22 22.17 -32.40
N GLU H 285 45.49 23.05 -33.36
CA GLU H 285 44.85 24.36 -33.36
C GLU H 285 43.34 24.24 -33.52
N VAL H 286 42.88 23.37 -34.42
CA VAL H 286 41.45 23.18 -34.62
C VAL H 286 40.81 22.62 -33.35
N LEU H 287 41.47 21.64 -32.73
CA LEU H 287 40.92 21.06 -31.50
C LEU H 287 40.85 22.10 -30.38
N SER H 288 41.89 22.93 -30.25
CA SER H 288 41.87 23.97 -29.22
C SER H 288 40.75 24.98 -29.49
N GLN H 289 40.58 25.39 -30.75
CA GLN H 289 39.51 26.33 -31.07
C GLN H 289 38.14 25.74 -30.78
N GLY H 290 37.94 24.46 -31.12
CA GLY H 290 36.68 23.82 -30.84
C GLY H 290 36.41 23.68 -29.35
N LEU H 291 37.44 23.30 -28.58
CA LEU H 291 37.27 23.17 -27.14
C LEU H 291 36.95 24.51 -26.50
N GLN H 292 37.62 25.58 -26.94
CA GLN H 292 37.33 26.90 -26.39
C GLN H 292 35.93 27.37 -26.78
N THR H 293 35.51 27.09 -28.01
CA THR H 293 34.21 27.57 -28.48
C THR H 293 33.07 26.88 -27.75
N ASN H 294 33.12 25.54 -27.67
CA ASN H 294 32.05 24.78 -27.04
C ASN H 294 32.51 24.33 -25.67
N PRO H 295 31.87 24.78 -24.58
CA PRO H 295 32.32 24.40 -23.24
C PRO H 295 31.88 23.02 -22.80
N ASN H 296 31.08 22.30 -23.60
CA ASN H 296 30.55 21.02 -23.21
C ASN H 296 31.26 19.84 -23.88
N ALA H 297 32.08 20.09 -24.89
CA ALA H 297 32.77 19.01 -25.57
C ALA H 297 33.81 18.37 -24.66
N LEU H 298 34.06 17.08 -24.91
CA LEU H 298 35.05 16.33 -24.16
C LEU H 298 35.88 15.50 -25.12
N ILE H 299 37.19 15.43 -24.87
CA ILE H 299 38.12 14.69 -25.70
C ILE H 299 38.94 13.77 -24.81
N TYR H 300 39.05 12.51 -25.22
CA TYR H 300 39.82 11.51 -24.49
C TYR H 300 41.14 11.28 -25.22
N GLY H 301 42.20 11.90 -24.73
CA GLY H 301 43.52 11.68 -25.28
C GLY H 301 44.17 10.42 -24.74
N LEU H 302 44.25 9.38 -25.57
CA LEU H 302 44.80 8.09 -25.16
C LEU H 302 46.18 7.90 -25.77
N GLN H 303 47.16 7.61 -24.93
CA GLN H 303 48.53 7.38 -25.35
C GLN H 303 49.01 6.01 -24.89
N TYR H 304 50.11 5.57 -25.48
CA TYR H 304 50.73 4.30 -25.14
C TYR H 304 52.21 4.48 -24.84
N ASP H 305 52.52 5.53 -24.08
CA ASP H 305 53.90 5.86 -23.72
C ASP H 305 53.87 6.73 -22.48
N VAL H 306 55.02 7.32 -22.15
CA VAL H 306 55.09 8.27 -21.04
C VAL H 306 54.68 9.64 -21.53
N LEU H 307 53.96 10.39 -20.69
CA LEU H 307 53.41 11.67 -21.10
C LEU H 307 54.49 12.71 -21.36
N GLU H 308 55.71 12.50 -20.84
CA GLU H 308 56.79 13.46 -21.06
C GLU H 308 57.18 13.58 -22.52
N ASN H 309 56.81 12.60 -23.36
CA ASN H 309 57.11 12.66 -24.78
C ASN H 309 56.22 13.63 -25.54
N TYR H 310 55.06 13.99 -25.00
CA TYR H 310 54.09 14.83 -25.69
C TYR H 310 54.09 16.22 -25.04
N GLN H 311 54.93 17.12 -25.56
CA GLN H 311 54.97 18.47 -25.04
C GLN H 311 53.73 19.26 -25.44
N GLU H 312 53.33 19.16 -26.71
CA GLU H 312 52.14 19.89 -27.17
C GLU H 312 50.89 19.41 -26.45
N ALA H 313 50.77 18.09 -26.26
CA ALA H 313 49.59 17.54 -25.59
C ALA H 313 49.50 18.03 -24.15
N LYS H 314 50.62 18.03 -23.42
CA LYS H 314 50.59 18.51 -22.05
C LYS H 314 50.34 20.01 -21.98
N ASP H 315 50.87 20.78 -22.94
CA ASP H 315 50.59 22.21 -22.98
C ASP H 315 49.11 22.47 -23.19
N MET H 316 48.50 21.74 -24.13
CA MET H 316 47.07 21.92 -24.40
C MET H 316 46.22 21.45 -23.22
N ALA H 317 46.64 20.38 -22.54
CA ALA H 317 45.89 19.90 -21.39
C ALA H 317 46.00 20.86 -20.22
N LEU H 318 47.13 21.56 -20.09
CA LEU H 318 47.24 22.60 -19.08
C LEU H 318 46.44 23.84 -19.45
N LYS H 319 46.37 24.16 -20.74
CA LYS H 319 45.64 25.35 -21.17
C LYS H 319 44.13 25.14 -21.10
N ARG H 320 43.66 23.96 -21.51
CA ARG H 320 42.23 23.67 -21.57
C ARG H 320 41.81 22.84 -20.36
N SER H 321 40.55 23.01 -19.95
CA SER H 321 40.04 22.33 -18.76
C SER H 321 39.25 21.06 -19.09
N ASN H 322 38.61 21.00 -20.25
CA ASN H 322 37.78 19.87 -20.62
C ASN H 322 38.52 18.82 -21.46
N LEU H 323 39.83 18.67 -21.25
CA LEU H 323 40.63 17.70 -21.95
C LEU H 323 41.18 16.68 -20.96
N ILE H 324 41.06 15.40 -21.31
CA ILE H 324 41.51 14.29 -20.48
C ILE H 324 42.57 13.51 -21.23
N LEU H 325 43.71 13.28 -20.57
CA LEU H 325 44.82 12.54 -21.15
C LEU H 325 45.04 11.25 -20.38
N LEU H 326 45.36 10.18 -21.11
CA LEU H 326 45.63 8.87 -20.53
C LEU H 326 46.92 8.33 -21.12
N ALA H 327 47.92 8.12 -20.29
CA ALA H 327 49.20 7.56 -20.69
C ALA H 327 49.50 6.28 -19.91
N LYS H 328 50.69 5.74 -20.11
CA LYS H 328 51.07 4.50 -19.44
C LYS H 328 51.25 4.71 -17.94
N ASP H 329 51.87 5.83 -17.55
CA ASP H 329 52.13 6.11 -16.14
C ASP H 329 51.75 7.53 -15.71
N ARG H 330 51.09 8.30 -16.56
CA ARG H 330 50.76 9.68 -16.25
C ARG H 330 49.37 9.99 -16.80
N ALA H 331 48.73 10.99 -16.20
CA ALA H 331 47.41 11.44 -16.66
C ALA H 331 47.20 12.87 -16.22
N ILE H 332 46.59 13.67 -17.10
CA ILE H 332 46.23 15.04 -16.81
C ILE H 332 44.72 15.17 -16.93
N ILE H 333 44.06 15.55 -15.85
CA ILE H 333 42.61 15.69 -15.80
C ILE H 333 42.26 17.05 -15.23
N GLY H 334 41.54 17.85 -16.00
CA GLY H 334 41.05 19.13 -15.53
C GLY H 334 42.13 20.10 -15.09
N LYS H 335 43.16 20.27 -15.92
CA LYS H 335 44.27 21.19 -15.67
C LYS H 335 45.13 20.78 -14.49
N LYS H 336 44.93 19.58 -13.95
CA LYS H 336 45.65 19.11 -12.77
C LYS H 336 46.32 17.78 -13.11
N GLU H 337 47.61 17.85 -13.44
CA GLU H 337 48.39 16.64 -13.69
C GLU H 337 48.50 15.81 -12.41
N GLY H 338 48.36 14.49 -12.56
CA GLY H 338 48.42 13.60 -11.42
C GLY H 338 48.99 12.26 -11.82
N GLU H 339 49.11 11.38 -10.82
CA GLU H 339 49.67 10.05 -11.01
C GLU H 339 48.61 9.00 -10.73
N TRP H 340 48.76 7.84 -11.36
CA TRP H 340 47.81 6.76 -11.19
C TRP H 340 47.94 6.14 -9.80
N LYS H 341 46.90 5.43 -9.38
CA LYS H 341 46.88 4.76 -8.09
C LYS H 341 47.84 3.57 -8.08
N LEU H 354 53.57 0.63 -14.82
CA LEU H 354 52.65 1.37 -15.68
C LEU H 354 51.21 0.95 -15.43
N PHE H 355 50.27 1.70 -15.98
CA PHE H 355 48.85 1.41 -15.83
C PHE H 355 48.13 1.88 -17.09
N PHE H 356 46.80 1.90 -17.03
CA PHE H 356 45.96 2.33 -18.15
C PHE H 356 46.25 1.51 -19.41
N LYS H 357 45.91 0.23 -19.34
CA LYS H 357 46.11 -0.69 -20.45
C LYS H 357 45.17 -0.40 -21.63
N LEU H 358 44.37 0.65 -21.56
CA LEU H 358 43.47 1.01 -22.66
C LEU H 358 44.19 1.70 -23.81
N GLY H 359 45.44 2.12 -23.61
CA GLY H 359 46.15 2.82 -24.66
C GLY H 359 46.32 1.99 -25.92
N ASP H 360 46.50 0.68 -25.77
CA ASP H 360 46.63 -0.19 -26.93
C ASP H 360 45.30 -0.30 -27.67
N PHE H 361 45.38 -0.34 -28.99
CA PHE H 361 44.19 -0.32 -29.83
C PHE H 361 43.36 -1.59 -29.66
N GLN H 362 44.03 -2.73 -29.54
CA GLN H 362 43.32 -4.00 -29.37
C GLN H 362 42.53 -4.02 -28.06
N HIS H 363 43.12 -3.50 -26.98
CA HIS H 363 42.40 -3.43 -25.72
C HIS H 363 41.17 -2.53 -25.82
N LEU H 364 41.28 -1.42 -26.56
CA LEU H 364 40.13 -0.55 -26.77
C LEU H 364 39.04 -1.29 -27.54
N ALA H 365 39.42 -2.07 -28.56
CA ALA H 365 38.43 -2.84 -29.31
C ALA H 365 37.76 -3.89 -28.43
N SER H 366 38.54 -4.56 -27.57
CA SER H 366 37.97 -5.54 -26.67
C SER H 366 37.00 -4.90 -25.69
N PHE H 367 37.36 -3.72 -25.18
CA PHE H 367 36.48 -2.98 -24.29
C PHE H 367 35.17 -2.64 -25.01
N LEU H 368 35.27 -2.18 -26.25
CA LEU H 368 34.08 -1.85 -27.01
C LEU H 368 33.21 -3.09 -27.24
N GLU H 369 33.83 -4.21 -27.58
CA GLU H 369 33.07 -5.44 -27.80
C GLU H 369 32.38 -5.91 -26.53
N GLU H 370 33.07 -5.82 -25.39
CA GLU H 370 32.46 -6.20 -24.13
C GLU H 370 31.30 -5.27 -23.78
N ILE H 371 31.45 -3.97 -24.08
CA ILE H 371 30.37 -3.02 -23.82
C ILE H 371 29.16 -3.35 -24.69
N SER H 372 29.39 -3.67 -25.96
CA SER H 372 28.28 -4.02 -26.85
C SER H 372 27.58 -5.29 -26.39
N GLN H 373 28.35 -6.30 -25.97
CA GLN H 373 27.79 -7.55 -25.49
C GLN H 373 27.23 -7.40 -24.08
N SER I 8 24.77 59.64 7.80
CA SER I 8 25.90 59.57 8.71
C SER I 8 27.05 58.77 8.11
N TYR I 9 26.83 57.47 7.94
CA TYR I 9 27.83 56.57 7.38
C TYR I 9 27.18 55.68 6.33
N TYR I 10 27.83 55.55 5.18
CA TYR I 10 27.37 54.70 4.09
C TYR I 10 28.38 53.59 3.88
N ASP I 11 27.89 52.35 3.86
CA ASP I 11 28.76 51.19 3.73
C ASP I 11 29.17 50.99 2.27
N THR I 12 30.47 50.80 2.04
CA THR I 12 30.96 50.61 0.68
C THR I 12 30.50 49.28 0.10
N THR I 13 30.35 48.25 0.93
CA THR I 13 30.04 46.92 0.43
C THR I 13 28.68 46.88 -0.27
N GLN I 14 27.68 47.56 0.30
CA GLN I 14 26.35 47.56 -0.32
C GLN I 14 26.37 48.26 -1.67
N GLN I 15 27.04 49.41 -1.75
CA GLN I 15 27.15 50.12 -3.02
C GLN I 15 27.88 49.29 -4.05
N LEU I 16 28.97 48.63 -3.65
CA LEU I 16 29.72 47.79 -4.58
C LEU I 16 28.86 46.62 -5.07
N SER I 17 28.10 46.01 -4.16
CA SER I 17 27.22 44.90 -4.56
C SER I 17 26.14 45.37 -5.52
N LEU I 18 25.56 46.54 -5.27
CA LEU I 18 24.55 47.07 -6.18
C LEU I 18 25.15 47.37 -7.55
N LEU I 19 26.37 47.93 -7.57
CA LEU I 19 27.04 48.21 -8.83
C LEU I 19 27.33 46.93 -9.60
N LYS I 20 27.78 45.89 -8.90
CA LYS I 20 28.01 44.60 -9.55
C LYS I 20 26.71 44.02 -10.08
N HIS I 21 25.62 44.14 -9.32
CA HIS I 21 24.34 43.62 -9.76
C HIS I 21 23.86 44.33 -11.04
N VAL I 22 23.94 45.66 -11.06
CA VAL I 22 23.46 46.39 -12.22
C VAL I 22 24.38 46.15 -13.43
N LEU I 23 25.68 45.98 -13.20
CA LEU I 23 26.58 45.67 -14.30
C LEU I 23 26.44 44.23 -14.78
N SER I 24 25.91 43.34 -13.95
CA SER I 24 25.74 41.94 -14.33
C SER I 24 24.45 41.70 -15.12
N GLU I 25 23.64 42.72 -15.33
CA GLU I 25 22.38 42.58 -16.06
C GLU I 25 22.52 43.21 -17.44
N ASP I 26 22.16 42.46 -18.47
CA ASP I 26 22.23 42.94 -19.85
C ASP I 26 20.98 43.67 -20.31
N LYS I 27 19.93 43.72 -19.49
CA LYS I 27 18.71 44.40 -19.89
C LYS I 27 18.90 45.91 -19.91
N ARG I 28 19.59 46.46 -18.92
CA ARG I 28 19.76 47.90 -18.82
C ARG I 28 20.92 48.36 -19.69
N PRO I 29 20.71 49.24 -20.66
CA PRO I 29 21.83 49.74 -21.46
C PRO I 29 22.80 50.56 -20.61
N ILE I 30 24.07 50.55 -21.04
CA ILE I 30 25.15 51.17 -20.30
C ILE I 30 25.85 52.18 -21.19
N ALA I 31 26.46 53.18 -20.56
CA ALA I 31 27.26 54.18 -21.27
C ALA I 31 28.53 54.45 -20.48
N PHE I 32 29.53 55.01 -21.17
CA PHE I 32 30.81 55.34 -20.56
C PHE I 32 31.21 56.76 -20.90
N ILE I 33 31.80 57.43 -19.92
CA ILE I 33 32.35 58.77 -20.09
C ILE I 33 33.83 58.69 -19.73
N ILE I 34 34.70 58.90 -20.70
CA ILE I 34 36.14 58.81 -20.50
C ILE I 34 36.70 60.20 -20.70
N ALA I 35 37.04 60.86 -19.59
CA ALA I 35 37.64 62.19 -19.63
C ALA I 35 39.16 62.06 -19.62
N ALA I 36 39.85 63.18 -19.40
CA ALA I 36 41.31 63.18 -19.37
C ALA I 36 41.88 62.46 -18.16
N GLY I 37 41.07 62.20 -17.12
CA GLY I 37 41.57 61.55 -15.93
C GLY I 37 41.94 60.09 -16.13
N CYS I 38 41.37 59.43 -17.13
CA CYS I 38 41.68 58.04 -17.41
C CYS I 38 43.00 57.94 -18.16
N PRO I 39 43.17 58.73 -19.23
CA PRO I 39 44.43 58.65 -19.99
C PRO I 39 45.66 59.00 -19.17
N VAL I 40 45.56 59.93 -18.23
CA VAL I 40 46.71 60.32 -17.43
C VAL I 40 47.05 59.25 -16.40
N SER I 41 46.11 58.35 -16.09
CA SER I 41 46.36 57.32 -15.10
C SER I 41 47.32 56.24 -15.59
N ILE I 42 47.64 56.22 -16.89
CA ILE I 42 48.55 55.24 -17.47
C ILE I 42 49.85 55.95 -17.83
N ARG I 43 50.97 55.44 -17.33
CA ARG I 43 52.27 56.03 -17.56
C ARG I 43 53.21 54.97 -18.13
N HIS I 44 53.74 55.22 -19.32
CA HIS I 44 54.73 54.32 -19.90
C HIS I 44 56.06 54.46 -19.19
N ASN I 45 56.51 55.70 -18.98
CA ASN I 45 57.71 55.97 -18.20
C ASN I 45 57.32 56.30 -16.76
N ASP I 46 58.28 56.82 -15.99
CA ASP I 46 57.96 57.28 -14.64
C ASP I 46 56.93 58.41 -14.67
N ALA I 47 57.11 59.36 -15.56
CA ALA I 47 56.13 60.41 -15.77
C ALA I 47 54.92 59.88 -16.53
N PRO I 48 53.76 60.51 -16.40
CA PRO I 48 52.60 60.08 -17.18
C PRO I 48 52.86 60.17 -18.67
N LEU I 49 52.30 59.20 -19.41
CA LEU I 49 52.54 59.14 -20.85
C LEU I 49 51.97 60.38 -21.55
N ILE I 50 50.77 60.81 -21.16
CA ILE I 50 50.16 62.01 -21.71
C ILE I 50 49.64 62.84 -20.55
N PRO I 51 50.17 64.04 -20.31
CA PRO I 51 49.62 64.91 -19.26
C PRO I 51 48.27 65.47 -19.67
N ASP I 52 47.53 65.94 -18.68
CA ASP I 52 46.18 66.45 -18.88
C ASP I 52 46.22 67.86 -19.47
N VAL I 53 45.08 68.54 -19.46
CA VAL I 53 44.98 69.87 -20.05
C VAL I 53 45.92 70.84 -19.32
N ALA I 54 46.03 70.69 -18.00
CA ALA I 54 46.93 71.55 -17.24
C ALA I 54 48.39 71.33 -17.65
N GLY I 55 48.78 70.06 -17.82
CA GLY I 55 50.14 69.77 -18.24
C GLY I 55 50.43 70.27 -19.64
N LEU I 56 49.47 70.12 -20.56
CA LEU I 56 49.64 70.63 -21.91
C LEU I 56 49.75 72.15 -21.92
N THR I 57 48.93 72.82 -21.11
CA THR I 57 49.00 74.27 -21.01
C THR I 57 50.36 74.71 -20.45
N ARG I 58 50.86 74.00 -19.44
CA ARG I 58 52.17 74.33 -18.88
C ARG I 58 53.26 74.13 -19.91
N LYS I 59 53.19 73.04 -20.68
CA LYS I 59 54.19 72.79 -21.71
C LYS I 59 54.14 73.86 -22.79
N ILE I 60 52.94 74.28 -23.19
CA ILE I 60 52.80 75.32 -24.20
C ILE I 60 53.36 76.64 -23.68
N SER I 61 53.07 76.97 -22.41
CA SER I 61 53.59 78.19 -21.83
C SER I 61 55.11 78.18 -21.77
N ASP I 62 55.70 77.04 -21.39
CA ASP I 62 57.15 76.93 -21.29
C ASP I 62 57.82 76.81 -22.65
N SER I 63 57.07 76.49 -23.71
CA SER I 63 57.62 76.36 -25.05
C SER I 63 57.19 77.45 -26.01
N PHE I 64 56.12 78.19 -25.70
CA PHE I 64 55.62 79.27 -26.55
C PHE I 64 55.32 78.78 -27.97
N PRO I 68 58.55 88.95 -28.57
CA PRO I 68 59.05 88.48 -27.28
C PRO I 68 58.03 87.66 -26.51
N ASP I 69 58.46 87.01 -25.43
CA ASP I 69 57.53 86.22 -24.63
C ASP I 69 56.56 87.09 -23.86
N SER I 70 56.91 88.36 -23.61
CA SER I 70 56.01 89.27 -22.94
C SER I 70 54.77 89.56 -23.78
N LEU I 71 54.96 89.69 -25.11
CA LEU I 71 53.82 89.93 -25.98
C LEU I 71 52.85 88.75 -25.96
N LEU I 72 53.37 87.53 -25.96
CA LEU I 72 52.52 86.36 -25.83
C LEU I 72 51.83 86.32 -24.47
N MET I 73 52.58 86.60 -23.39
CA MET I 73 52.03 86.56 -22.05
C MET I 73 50.95 87.62 -21.83
N LYS I 74 50.97 88.70 -22.62
CA LYS I 74 49.90 89.68 -22.54
C LYS I 74 48.56 89.07 -22.90
N ILE I 75 48.53 88.07 -23.78
CA ILE I 75 47.29 87.39 -24.11
C ILE I 75 46.73 86.64 -22.90
N ILE I 76 47.59 85.92 -22.19
CA ILE I 76 47.14 85.23 -20.98
C ILE I 76 46.71 86.22 -19.92
N GLN I 77 47.39 87.37 -19.83
CA GLN I 77 46.96 88.40 -18.89
C GLN I 77 45.58 88.93 -19.24
N ASN I 78 45.33 89.18 -20.53
CA ASN I 78 44.02 89.65 -20.96
C ASN I 78 42.94 88.61 -20.66
N LEU I 79 43.25 87.33 -20.89
CA LEU I 79 42.30 86.27 -20.56
C LEU I 79 42.03 86.23 -19.06
N LYS I 80 43.09 86.35 -18.24
CA LYS I 80 42.94 86.32 -16.80
C LYS I 80 42.22 87.54 -16.26
N THR I 81 42.17 88.63 -17.03
CA THR I 81 41.49 89.83 -16.57
C THR I 81 40.00 89.57 -16.30
N THR I 82 39.34 88.81 -17.17
CA THR I 82 37.93 88.52 -17.03
C THR I 82 37.63 87.04 -16.81
N ILE I 83 38.65 86.19 -16.83
CA ILE I 83 38.46 84.74 -16.67
C ILE I 83 39.51 84.21 -15.71
N PRO I 84 39.27 83.02 -15.13
CA PRO I 84 40.31 82.41 -14.30
C PRO I 84 41.50 81.93 -15.12
N ASN I 85 42.47 81.28 -14.48
CA ASN I 85 43.68 80.78 -15.13
C ASN I 85 43.32 79.99 -16.38
N PRO I 86 43.60 80.52 -17.57
CA PRO I 86 43.15 79.87 -18.80
C PRO I 86 43.90 78.58 -19.07
N THR I 87 43.22 77.67 -19.76
CA THR I 87 43.78 76.40 -20.21
C THR I 87 43.97 76.44 -21.72
N ILE I 88 44.33 75.29 -22.30
CA ILE I 88 44.52 75.21 -23.74
C ILE I 88 43.22 75.56 -24.47
N GLU I 89 42.09 75.05 -23.97
CA GLU I 89 40.81 75.32 -24.62
C GLU I 89 40.46 76.80 -24.58
N ASP I 90 40.70 77.46 -23.44
CA ASP I 90 40.37 78.88 -23.33
C ASP I 90 41.22 79.73 -24.26
N ILE I 91 42.51 79.46 -24.32
CA ILE I 91 43.40 80.23 -25.20
C ILE I 91 43.06 79.96 -26.66
N LEU I 92 42.74 78.71 -27.00
CA LEU I 92 42.34 78.39 -28.37
C LEU I 92 41.06 79.12 -28.75
N SER I 93 40.08 79.16 -27.83
CA SER I 93 38.84 79.88 -28.09
C SER I 93 39.08 81.36 -28.27
N TYR I 94 39.94 81.95 -27.44
CA TYR I 94 40.26 83.36 -27.57
C TYR I 94 40.94 83.65 -28.91
N ILE I 95 41.88 82.79 -29.32
CA ILE I 95 42.56 82.99 -30.60
C ILE I 95 41.59 82.86 -31.75
N ARG I 96 40.68 81.88 -31.69
CA ARG I 96 39.70 81.72 -32.75
C ARG I 96 38.77 82.93 -32.84
N LEU I 97 38.33 83.44 -31.68
CA LEU I 97 37.46 84.61 -31.67
C LEU I 97 38.18 85.83 -32.23
N LEU I 98 39.46 86.00 -31.89
CA LEU I 98 40.23 87.10 -32.45
C LEU I 98 40.40 86.96 -33.95
N GLN I 99 40.67 85.73 -34.43
CA GLN I 99 40.83 85.49 -35.85
C GLN I 99 39.52 85.63 -36.62
N GLN I 100 38.37 85.54 -35.93
CA GLN I 100 37.10 85.75 -36.59
C GLN I 100 36.99 87.16 -37.14
N ILE I 101 37.43 88.15 -36.37
CA ILE I 101 37.43 89.55 -36.80
C ILE I 101 38.76 89.86 -37.48
N PRO I 102 38.75 90.43 -38.69
CA PRO I 102 40.01 90.71 -39.38
C PRO I 102 40.89 91.70 -38.64
N MET I 103 40.33 92.85 -38.29
CA MET I 103 41.07 93.90 -37.58
C MET I 103 40.87 93.78 -36.08
N SER I 104 41.22 92.61 -35.55
CA SER I 104 41.14 92.34 -34.12
C SER I 104 42.50 92.33 -33.44
N GLY I 105 43.58 92.22 -34.19
CA GLY I 105 44.91 92.25 -33.63
C GLY I 105 45.45 93.62 -33.31
N LYS I 106 44.69 94.68 -33.63
CA LYS I 106 45.13 96.03 -33.32
C LYS I 106 45.14 96.32 -31.83
N ILE I 107 44.31 95.61 -31.06
CA ILE I 107 44.32 95.79 -29.61
C ILE I 107 45.66 95.36 -29.02
N HIS I 108 46.17 94.21 -29.46
CA HIS I 108 47.51 93.77 -29.07
C HIS I 108 48.60 94.36 -29.95
N ASP I 109 48.24 94.93 -31.10
CA ASP I 109 49.19 95.60 -32.00
C ASP I 109 50.35 94.68 -32.38
N VAL I 110 50.02 93.47 -32.81
CA VAL I 110 51.02 92.49 -33.24
C VAL I 110 50.64 92.06 -34.66
N GLU I 111 51.19 92.77 -35.65
CA GLU I 111 51.02 92.46 -37.08
C GLU I 111 49.59 92.12 -37.45
N ASN I 112 49.43 91.20 -38.40
CA ASN I 112 48.12 90.70 -38.78
C ASN I 112 48.07 89.19 -38.95
N SER I 113 49.20 88.50 -38.82
CA SER I 113 49.24 87.04 -38.91
C SER I 113 50.07 86.36 -37.84
N VAL I 114 50.65 87.12 -36.89
CA VAL I 114 51.45 86.51 -35.84
C VAL I 114 50.59 85.63 -34.94
N ILE I 115 49.36 86.09 -34.65
CA ILE I 115 48.45 85.29 -33.83
C ILE I 115 48.07 84.00 -34.53
N ASN I 116 47.82 84.07 -35.84
CA ASN I 116 47.53 82.86 -36.60
C ASN I 116 48.72 81.91 -36.63
N ALA I 117 49.93 82.44 -36.77
CA ALA I 117 51.12 81.60 -36.72
C ALA I 117 51.28 80.94 -35.35
N LEU I 118 51.00 81.68 -34.28
CA LEU I 118 51.05 81.09 -32.94
C LEU I 118 50.00 79.99 -32.77
N GLU I 119 48.81 80.21 -33.33
CA GLU I 119 47.78 79.17 -33.28
C GLU I 119 48.20 77.92 -34.04
N GLU I 120 48.82 78.11 -35.21
CA GLU I 120 49.32 76.98 -35.97
C GLU I 120 50.40 76.23 -35.21
N SER I 121 51.31 76.98 -34.56
CA SER I 121 52.34 76.34 -33.76
C SER I 121 51.73 75.56 -32.60
N ILE I 122 50.71 76.12 -31.96
CA ILE I 122 50.07 75.46 -30.83
C ILE I 122 49.38 74.18 -31.28
N CYS I 123 48.67 74.22 -32.41
CA CYS I 123 47.99 73.02 -32.89
C CYS I 123 49.00 71.96 -33.31
N GLU I 124 50.10 72.36 -33.95
CA GLU I 124 51.16 71.41 -34.28
C GLU I 124 51.73 70.78 -33.01
N LEU I 125 51.98 71.60 -31.99
CA LEU I 125 52.57 71.08 -30.75
C LEU I 125 51.64 70.08 -30.08
N ILE I 126 50.35 70.42 -29.99
CA ILE I 126 49.42 69.51 -29.32
C ILE I 126 49.23 68.23 -30.12
N GLU I 127 49.17 68.34 -31.45
CA GLU I 127 49.02 67.14 -32.28
C GLU I 127 50.24 66.23 -32.14
N GLU I 128 51.44 66.81 -32.14
CA GLU I 128 52.65 66.00 -32.00
C GLU I 128 52.74 65.39 -30.61
N GLU I 129 52.31 66.11 -29.58
CA GLU I 129 52.44 65.61 -28.22
C GLU I 129 51.42 64.51 -27.92
N VAL I 130 50.18 64.68 -28.36
CA VAL I 130 49.13 63.74 -27.95
C VAL I 130 49.30 62.39 -28.64
N ASN I 131 49.86 62.37 -29.84
CA ASN I 131 49.97 61.14 -30.62
C ASN I 131 51.10 60.29 -30.05
N VAL I 132 50.77 59.13 -29.50
CA VAL I 132 51.75 58.21 -28.96
C VAL I 132 51.15 56.81 -28.96
N ASP I 133 51.99 55.80 -29.19
CA ASP I 133 51.54 54.43 -29.23
C ASP I 133 51.27 53.90 -27.84
N LEU I 134 50.27 53.04 -27.73
CA LEU I 134 49.92 52.43 -26.46
C LEU I 134 51.00 51.44 -26.01
N PRO I 135 51.26 51.35 -24.70
CA PRO I 135 52.15 50.29 -24.21
C PRO I 135 51.49 48.92 -24.26
N GLY I 136 52.15 47.92 -23.66
CA GLY I 136 51.69 46.54 -23.72
C GLY I 136 50.30 46.28 -23.18
N ASN I 137 49.88 45.01 -23.22
CA ASN I 137 48.51 44.60 -22.93
C ASN I 137 48.11 44.77 -21.46
N ALA I 138 48.93 45.39 -20.61
CA ALA I 138 48.55 45.65 -19.22
C ALA I 138 47.72 46.92 -19.06
N THR I 139 47.46 47.64 -20.15
CA THR I 139 46.71 48.88 -20.06
C THR I 139 45.26 48.61 -19.67
N PRO I 140 44.65 49.47 -18.85
CA PRO I 140 43.23 49.30 -18.53
C PRO I 140 42.32 49.39 -19.73
N TYR I 141 42.73 50.09 -20.80
CA TYR I 141 41.89 50.20 -21.99
C TYR I 141 41.66 48.83 -22.62
N HIS I 142 42.73 48.03 -22.75
CA HIS I 142 42.58 46.67 -23.25
C HIS I 142 41.69 45.84 -22.34
N LYS I 143 41.79 46.06 -21.03
CA LYS I 143 40.97 45.32 -20.08
C LYS I 143 39.49 45.65 -20.25
N ILE I 144 39.16 46.94 -20.45
CA ILE I 144 37.78 47.33 -20.72
C ILE I 144 37.30 46.72 -22.03
N ALA I 145 38.14 46.76 -23.06
CA ALA I 145 37.77 46.18 -24.35
C ALA I 145 37.49 44.68 -24.21
N ALA I 146 38.29 43.99 -23.40
CA ALA I 146 38.03 42.58 -23.11
C ALA I 146 36.69 42.42 -22.39
N TRP I 147 36.41 43.30 -21.44
CA TRP I 147 35.13 43.25 -20.74
C TRP I 147 33.96 43.45 -21.69
N ILE I 148 34.17 44.17 -22.79
CA ILE I 148 33.09 44.44 -23.73
C ILE I 148 32.55 43.13 -24.30
N ASN I 149 33.44 42.22 -24.69
CA ASN I 149 33.02 40.95 -25.28
C ASN I 149 32.58 39.93 -24.25
N SER I 150 32.72 40.23 -22.95
CA SER I 150 32.42 39.23 -21.93
C SER I 150 30.96 38.82 -21.92
N ILE I 151 30.05 39.79 -22.09
CA ILE I 151 28.61 39.55 -22.00
C ILE I 151 27.98 39.87 -23.35
N ASN I 152 27.08 38.99 -23.79
CA ASN I 152 26.35 39.19 -25.05
C ASN I 152 25.11 40.04 -24.78
N ARG I 153 25.34 41.32 -24.58
CA ARG I 153 24.26 42.26 -24.32
C ARG I 153 23.41 42.45 -25.57
N GLU I 154 22.10 42.50 -25.38
CA GLU I 154 21.19 42.74 -26.49
C GLU I 154 21.16 44.22 -26.90
N HIS I 155 21.66 45.11 -26.04
CA HIS I 155 21.79 46.52 -26.35
C HIS I 155 23.26 46.91 -26.25
N GLN I 156 23.78 47.54 -27.30
CA GLN I 156 25.18 47.91 -27.34
C GLN I 156 25.49 48.98 -26.30
N VAL I 157 26.71 48.94 -25.78
CA VAL I 157 27.18 49.93 -24.81
C VAL I 157 27.80 51.09 -25.55
N GLU I 158 27.50 52.31 -25.08
CA GLU I 158 27.98 53.52 -25.72
C GLU I 158 29.18 54.05 -24.96
N ILE I 159 30.14 54.62 -25.68
CA ILE I 159 31.35 55.19 -25.10
C ILE I 159 31.48 56.63 -25.59
N PHE I 160 31.63 57.56 -24.66
CA PHE I 160 31.81 58.97 -24.97
C PHE I 160 33.15 59.42 -24.40
N THR I 161 33.97 60.04 -25.25
CA THR I 161 35.30 60.47 -24.85
C THR I 161 35.47 61.96 -25.13
N THR I 162 36.05 62.67 -24.17
CA THR I 162 36.35 64.08 -24.29
C THR I 162 37.81 64.35 -24.64
N ASN I 163 38.59 63.30 -24.89
CA ASN I 163 40.00 63.43 -25.17
C ASN I 163 40.21 63.71 -26.66
N TYR I 164 41.45 63.61 -27.12
CA TYR I 164 41.80 63.84 -28.51
C TYR I 164 42.56 62.69 -29.15
N ASP I 165 43.15 61.80 -28.35
CA ASP I 165 44.07 60.79 -28.85
C ASP I 165 43.30 59.62 -29.47
N LEU I 166 44.01 58.55 -29.78
CA LEU I 166 43.44 57.39 -30.45
C LEU I 166 43.75 56.11 -29.69
N LEU I 167 43.81 56.20 -28.35
CA LEU I 167 44.05 55.02 -27.54
C LEU I 167 42.83 54.09 -27.53
N MET I 168 41.63 54.67 -27.53
CA MET I 168 40.42 53.87 -27.38
C MET I 168 40.25 52.89 -28.55
N GLU I 169 40.32 53.40 -29.78
CA GLU I 169 40.12 52.55 -30.95
C GLU I 169 41.27 51.57 -31.11
N GLN I 170 42.50 51.98 -30.76
CA GLN I 170 43.62 51.06 -30.80
C GLN I 170 43.39 49.88 -29.87
N ALA I 171 43.00 50.17 -28.63
CA ALA I 171 42.75 49.09 -27.67
C ALA I 171 41.58 48.22 -28.11
N LEU I 172 40.52 48.83 -28.64
CA LEU I 172 39.36 48.06 -29.06
C LEU I 172 39.71 47.13 -30.23
N GLU I 173 40.40 47.65 -31.24
CA GLU I 173 40.79 46.82 -32.38
C GLU I 173 41.85 45.80 -32.00
N GLU I 174 42.60 46.02 -30.92
CA GLU I 174 43.59 45.04 -30.49
C GLU I 174 42.94 43.73 -30.07
N LEU I 175 41.67 43.76 -29.67
CA LEU I 175 40.94 42.56 -29.29
C LEU I 175 39.80 42.23 -30.24
N ASN I 176 39.72 42.92 -31.38
CA ASN I 176 38.75 42.61 -32.44
C ASN I 176 37.31 42.73 -31.92
N VAL I 177 36.95 43.94 -31.52
CA VAL I 177 35.58 44.28 -31.14
C VAL I 177 35.13 45.43 -32.04
N PRO I 178 33.95 45.35 -32.67
CA PRO I 178 33.53 46.41 -33.57
C PRO I 178 33.19 47.69 -32.83
N TYR I 179 33.39 48.82 -33.52
CA TYR I 179 33.01 50.12 -33.00
C TYR I 179 32.70 51.03 -34.18
N PHE I 180 31.94 52.10 -33.90
CA PHE I 180 31.44 52.99 -34.94
C PHE I 180 31.42 54.41 -34.40
N ASP I 181 32.04 55.34 -35.13
CA ASP I 181 32.12 56.74 -34.71
C ASP I 181 31.32 57.68 -35.61
N GLY I 182 30.44 57.15 -36.45
CA GLY I 182 29.63 57.97 -37.32
C GLY I 182 30.13 58.02 -38.75
N PHE I 183 31.45 58.07 -38.92
CA PHE I 183 32.04 58.12 -40.24
C PHE I 183 32.07 56.72 -40.86
N VAL I 184 31.80 56.67 -42.16
CA VAL I 184 31.88 55.43 -42.93
C VAL I 184 32.78 55.65 -44.14
N GLY I 185 33.67 54.72 -44.39
CA GLY I 185 34.61 54.81 -45.49
C GLY I 185 35.98 54.33 -45.09
N SER I 186 36.80 54.01 -46.09
CA SER I 186 38.14 53.50 -45.89
C SER I 186 39.24 54.48 -46.24
N LYS I 187 39.01 55.35 -47.24
CA LYS I 187 40.00 56.33 -47.64
C LYS I 187 39.63 57.75 -47.22
N ARG I 188 38.39 58.18 -47.48
CA ARG I 188 37.93 59.50 -47.10
C ARG I 188 37.06 59.50 -45.85
N ALA I 189 36.35 58.41 -45.58
CA ALA I 189 35.48 58.28 -44.42
C ALA I 189 34.48 59.43 -44.35
N PHE I 190 33.61 59.49 -45.35
CA PHE I 190 32.63 60.54 -45.43
C PHE I 190 31.61 60.40 -44.30
N PHE I 191 31.42 61.48 -43.54
CA PHE I 191 30.48 61.46 -42.43
C PHE I 191 29.06 61.29 -42.95
N ASP I 192 28.30 60.41 -42.31
CA ASP I 192 26.93 60.13 -42.68
C ASP I 192 26.01 60.56 -41.54
N ILE I 193 24.90 61.21 -41.90
CA ILE I 193 23.93 61.67 -40.92
C ILE I 193 22.72 60.75 -40.94
N ARG I 194 22.42 60.21 -42.12
CA ARG I 194 21.25 59.35 -42.27
C ARG I 194 21.35 58.10 -41.41
N THR I 195 22.54 57.46 -41.40
CA THR I 195 22.70 56.25 -40.61
C THR I 195 22.67 56.53 -39.11
N ILE I 196 23.15 57.70 -38.68
CA ILE I 196 23.10 58.06 -37.27
C ILE I 196 21.65 58.35 -36.85
N GLU I 197 20.91 59.08 -37.69
CA GLU I 197 19.52 59.38 -37.35
C GLU I 197 18.64 58.15 -37.38
N GLU I 198 18.90 57.22 -38.31
CA GLU I 198 18.09 56.00 -38.38
C GLU I 198 18.26 55.15 -37.13
N ASN I 199 19.49 55.03 -36.63
CA ASN I 199 19.81 54.26 -35.42
C ASN I 199 19.38 52.79 -35.54
N LYS I 200 19.40 52.24 -36.76
CA LYS I 200 19.06 50.85 -37.00
C LYS I 200 20.36 50.07 -37.19
N LEU I 201 20.92 49.60 -36.07
CA LEU I 201 22.18 48.90 -36.06
C LEU I 201 22.03 47.50 -35.48
N PRO I 202 22.91 46.57 -35.85
CA PRO I 202 22.85 45.22 -35.28
C PRO I 202 23.19 45.22 -33.79
N SER I 203 22.73 44.17 -33.11
CA SER I 203 22.92 44.08 -31.67
C SER I 203 24.40 44.00 -31.30
N ARG I 204 25.18 43.23 -32.08
CA ARG I 204 26.60 43.08 -31.80
C ARG I 204 27.40 44.33 -32.12
N TRP I 205 26.80 45.32 -32.78
CA TRP I 205 27.53 46.52 -33.18
C TRP I 205 27.45 47.58 -32.08
N SER I 206 28.60 47.88 -31.49
CA SER I 206 28.73 48.99 -30.56
C SER I 206 29.26 50.22 -31.28
N LYS I 207 29.04 51.39 -30.68
CA LYS I 207 29.45 52.65 -31.27
C LYS I 207 30.16 53.52 -30.24
N LEU I 208 31.26 54.13 -30.67
CA LEU I 208 32.07 55.02 -29.84
C LEU I 208 31.94 56.43 -30.41
N TRP I 209 31.47 57.36 -29.58
CA TRP I 209 31.17 58.72 -30.02
C TRP I 209 32.19 59.68 -29.44
N LYS I 210 32.77 60.52 -30.31
CA LYS I 210 33.79 61.49 -29.93
C LYS I 210 33.15 62.86 -29.78
N LEU I 211 33.01 63.33 -28.54
CA LEU I 211 32.38 64.62 -28.30
C LEU I 211 33.25 65.78 -28.77
N HIS I 212 34.52 65.76 -28.40
CA HIS I 212 35.43 66.88 -28.68
C HIS I 212 36.28 66.66 -29.92
N GLY I 213 36.06 65.59 -30.67
CA GLY I 213 36.81 65.33 -31.87
C GLY I 213 38.12 64.60 -31.60
N SER I 214 38.79 64.22 -32.69
CA SER I 214 40.02 63.47 -32.63
C SER I 214 41.05 64.09 -33.55
N ILE I 215 42.30 63.62 -33.43
CA ILE I 215 43.37 64.17 -34.24
C ILE I 215 43.26 63.74 -35.69
N ASN I 216 42.76 62.54 -35.96
CA ASN I 216 42.61 62.09 -37.34
C ASN I 216 41.50 62.81 -38.07
N TRP I 217 40.62 63.50 -37.36
CA TRP I 217 39.60 64.33 -37.99
C TRP I 217 40.27 65.47 -38.75
N GLN I 218 39.84 65.70 -39.98
CA GLN I 218 40.40 66.77 -40.81
C GLN I 218 39.28 67.51 -41.51
N LEU I 219 39.53 68.77 -41.83
CA LEU I 219 38.59 69.61 -42.55
C LEU I 219 39.05 69.73 -44.00
N ASP I 220 38.15 69.43 -44.93
CA ASP I 220 38.45 69.51 -46.35
C ASP I 220 38.22 70.89 -46.94
N LYS I 221 37.81 71.85 -46.12
CA LYS I 221 37.50 73.22 -46.54
C LYS I 221 36.40 73.14 -47.61
N GLN I 222 36.47 73.94 -48.68
CA GLN I 222 35.47 73.92 -49.74
C GLN I 222 34.06 74.08 -49.19
N THR I 223 33.36 72.97 -49.00
CA THR I 223 32.02 72.96 -48.44
C THR I 223 32.01 72.81 -46.93
N GLN I 224 33.17 72.99 -46.27
CA GLN I 224 33.30 72.87 -44.83
C GLN I 224 32.84 71.50 -44.33
N THR I 225 33.23 70.46 -45.07
CA THR I 225 32.88 69.08 -44.72
C THR I 225 34.04 68.44 -43.97
N ILE I 226 33.73 67.81 -42.84
CA ILE I 226 34.73 67.17 -42.00
C ILE I 226 34.88 65.71 -42.42
N TRP I 227 36.11 65.20 -42.32
CA TRP I 227 36.39 63.81 -42.65
C TRP I 227 37.60 63.35 -41.85
N ARG I 228 37.71 62.04 -41.66
CA ARG I 228 38.81 61.44 -40.94
C ARG I 228 39.60 60.51 -41.85
N GLY I 229 40.87 60.32 -41.51
CA GLY I 229 41.75 59.47 -42.29
C GLY I 229 43.16 59.42 -41.71
N THR I 230 44.16 59.44 -42.57
CA THR I 230 45.54 59.46 -42.11
C THR I 230 45.81 60.77 -41.36
N PRO I 231 46.47 60.72 -40.20
CA PRO I 231 46.71 61.96 -39.45
C PRO I 231 47.70 62.89 -40.14
N SER I 232 47.23 64.08 -40.51
CA SER I 232 48.06 65.07 -41.16
C SER I 232 48.43 66.19 -40.18
N LYS I 233 49.13 67.19 -40.68
CA LYS I 233 49.56 68.33 -39.88
C LYS I 233 48.79 69.58 -40.32
N GLY I 234 48.33 70.35 -39.35
CA GLY I 234 47.57 71.57 -39.61
C GLY I 234 46.07 71.42 -39.66
N CYS I 235 45.57 70.62 -40.60
CA CYS I 235 44.13 70.41 -40.73
C CYS I 235 43.63 69.47 -39.64
N SER I 236 43.28 70.03 -38.48
CA SER I 236 42.80 69.24 -37.36
C SER I 236 41.55 69.88 -36.79
N LEU I 237 40.72 69.05 -36.16
CA LEU I 237 39.47 69.50 -35.54
C LEU I 237 39.50 69.20 -34.05
N ILE I 238 40.63 69.55 -33.41
CA ILE I 238 40.80 69.33 -31.98
C ILE I 238 39.83 70.18 -31.17
N HIS I 239 39.30 71.26 -31.76
CA HIS I 239 38.43 72.24 -31.12
C HIS I 239 37.39 71.59 -30.21
N PRO I 240 37.38 71.95 -28.93
CA PRO I 240 36.40 71.37 -28.01
C PRO I 240 34.97 71.81 -28.32
N SER I 241 34.78 73.11 -28.48
CA SER I 241 33.45 73.66 -28.77
C SER I 241 33.44 74.53 -30.01
N HIS I 242 34.50 75.29 -30.27
CA HIS I 242 34.59 76.18 -31.43
C HIS I 242 33.42 77.16 -31.48
N MET I 251 27.06 69.93 -38.51
CA MET I 251 27.28 70.22 -37.10
C MET I 251 27.51 68.95 -36.30
N PRO I 252 28.74 68.44 -36.32
CA PRO I 252 29.05 67.21 -35.56
C PRO I 252 28.79 67.34 -34.07
N TYR I 253 29.01 68.52 -33.49
CA TYR I 253 28.83 68.68 -32.04
C TYR I 253 27.37 68.45 -31.65
N LEU I 254 26.44 68.99 -32.43
CA LEU I 254 25.03 68.70 -32.19
C LEU I 254 24.72 67.23 -32.42
N VAL I 255 25.42 66.59 -33.36
CA VAL I 255 25.23 65.15 -33.59
C VAL I 255 25.64 64.36 -32.35
N MET I 256 26.69 64.81 -31.66
CA MET I 256 27.06 64.20 -30.39
C MET I 256 25.98 64.44 -29.34
N MET I 257 25.59 65.71 -29.19
CA MET I 257 24.75 66.10 -28.06
C MET I 257 23.34 65.53 -28.15
N ASP I 258 22.73 65.55 -29.33
CA ASP I 258 21.36 65.07 -29.45
C ASP I 258 21.30 63.55 -29.23
N GLN I 259 22.29 62.82 -29.75
CA GLN I 259 22.35 61.38 -29.49
C GLN I 259 22.53 61.09 -28.01
N LEU I 260 23.42 61.84 -27.35
CA LEU I 260 23.62 61.64 -25.91
C LEU I 260 22.35 61.91 -25.14
N LYS I 261 21.66 63.01 -25.46
CA LYS I 261 20.42 63.35 -24.78
C LYS I 261 19.34 62.30 -25.03
N LEU I 262 19.22 61.83 -26.27
CA LEU I 262 18.22 60.82 -26.59
C LEU I 262 18.49 59.53 -25.83
N PHE I 263 19.76 59.14 -25.72
CA PHE I 263 20.06 57.93 -24.96
C PHE I 263 19.79 58.11 -23.47
N LEU I 264 20.05 59.31 -22.94
CA LEU I 264 19.78 59.55 -21.51
C LEU I 264 18.30 59.37 -21.18
N ASN I 265 17.41 59.71 -22.09
CA ASN I 265 15.97 59.63 -21.82
C ASN I 265 15.40 58.23 -22.01
N GLN I 266 16.21 57.28 -22.45
CA GLN I 266 15.74 55.90 -22.58
C GLN I 266 15.42 55.35 -21.20
N PRO I 267 14.25 54.74 -21.02
CA PRO I 267 13.90 54.19 -19.70
C PRO I 267 14.88 53.12 -19.26
N SER I 268 15.19 53.11 -17.96
CA SER I 268 16.11 52.15 -17.34
C SER I 268 17.47 52.18 -18.04
N ALA I 269 18.11 53.35 -17.98
CA ALA I 269 19.43 53.55 -18.58
C ALA I 269 20.43 53.89 -17.50
N ILE I 270 21.65 53.36 -17.65
CA ILE I 270 22.72 53.56 -16.68
C ILE I 270 23.92 54.15 -17.39
N LEU I 271 24.56 55.14 -16.78
CA LEU I 271 25.75 55.78 -17.33
C LEU I 271 26.80 55.87 -16.25
N ILE I 272 28.04 55.52 -16.59
CA ILE I 272 29.17 55.57 -15.67
C ILE I 272 30.22 56.52 -16.23
N THR I 273 30.89 57.25 -15.34
CA THR I 273 31.93 58.19 -15.73
C THR I 273 33.16 57.99 -14.85
N CYS I 274 34.31 58.34 -15.39
CA CYS I 274 35.57 58.23 -14.67
C CYS I 274 36.53 59.30 -15.15
N GLY I 275 37.20 59.97 -14.22
CA GLY I 275 38.15 61.01 -14.57
C GLY I 275 37.53 62.34 -14.97
N TYR I 276 36.22 62.49 -14.84
CA TYR I 276 35.53 63.70 -15.23
C TYR I 276 35.31 64.58 -14.00
N SER I 277 35.81 65.81 -14.07
CA SER I 277 35.85 66.71 -12.93
C SER I 277 34.70 67.71 -12.90
N TYR I 278 33.70 67.53 -13.76
CA TYR I 278 32.48 68.36 -13.79
C TYR I 278 32.79 69.82 -14.13
N LYS I 279 33.98 70.09 -14.69
CA LYS I 279 34.32 71.45 -15.05
C LYS I 279 33.59 71.92 -16.31
N ASP I 280 33.23 70.99 -17.19
CA ASP I 280 32.53 71.34 -18.42
C ASP I 280 31.08 71.68 -18.09
N GLN I 281 30.76 72.99 -18.12
CA GLN I 281 29.43 73.44 -17.71
C GLN I 281 28.35 72.90 -18.64
N HIS I 282 28.58 72.94 -19.96
CA HIS I 282 27.55 72.53 -20.90
C HIS I 282 27.21 71.06 -20.74
N ILE I 283 28.23 70.22 -20.55
CA ILE I 283 27.98 68.80 -20.32
C ILE I 283 27.23 68.60 -19.01
N ASN I 284 27.60 69.35 -17.97
CA ASN I 284 26.88 69.26 -16.70
C ASN I 284 25.43 69.70 -16.86
N GLU I 285 25.19 70.77 -17.62
CA GLU I 285 23.83 71.23 -17.86
C GLU I 285 23.02 70.18 -18.63
N VAL I 286 23.63 69.55 -19.64
CA VAL I 286 22.95 68.52 -20.41
C VAL I 286 22.61 67.33 -19.51
N LEU I 287 23.56 66.93 -18.66
CA LEU I 287 23.30 65.81 -17.76
C LEU I 287 22.19 66.12 -16.78
N SER I 288 22.18 67.34 -16.23
CA SER I 288 21.12 67.73 -15.30
C SER I 288 19.77 67.77 -15.99
N GLN I 289 19.72 68.31 -17.21
CA GLN I 289 18.47 68.36 -17.95
C GLN I 289 17.96 66.96 -18.26
N GLY I 290 18.86 66.05 -18.65
CA GLY I 290 18.44 64.68 -18.91
C GLY I 290 17.95 63.97 -17.66
N LEU I 291 18.63 64.20 -16.54
CA LEU I 291 18.21 63.57 -15.29
C LEU I 291 16.84 64.09 -14.84
N GLN I 292 16.61 65.39 -14.98
CA GLN I 292 15.30 65.95 -14.62
C GLN I 292 14.22 65.45 -15.57
N THR I 293 14.53 65.36 -16.87
CA THR I 293 13.53 64.93 -17.84
C THR I 293 13.15 63.46 -17.65
N ASN I 294 14.14 62.60 -17.41
CA ASN I 294 13.89 61.17 -17.30
C ASN I 294 13.96 60.73 -15.85
N PRO I 295 12.83 60.39 -15.21
CA PRO I 295 12.89 59.87 -13.84
C PRO I 295 13.56 58.51 -13.74
N ASN I 296 13.59 57.74 -14.81
CA ASN I 296 14.18 56.41 -14.80
C ASN I 296 15.67 56.42 -15.13
N ALA I 297 16.23 57.56 -15.49
CA ALA I 297 17.65 57.64 -15.79
C ALA I 297 18.47 57.50 -14.51
N LEU I 298 19.73 57.11 -14.68
CA LEU I 298 20.63 56.94 -13.54
C LEU I 298 22.06 57.11 -14.01
N ILE I 299 22.79 58.00 -13.35
CA ILE I 299 24.18 58.29 -13.68
C ILE I 299 25.02 58.18 -12.42
N TYR I 300 26.08 57.38 -12.48
CA TYR I 300 27.00 57.21 -11.36
C TYR I 300 28.24 58.06 -11.62
N GLY I 301 28.49 59.02 -10.72
CA GLY I 301 29.66 59.85 -10.82
C GLY I 301 30.80 59.40 -9.93
N LEU I 302 31.90 58.96 -10.52
CA LEU I 302 33.08 58.53 -9.78
C LEU I 302 34.01 59.73 -9.67
N GLN I 303 33.77 60.56 -8.66
CA GLN I 303 34.60 61.75 -8.45
C GLN I 303 36.01 61.33 -8.05
N TYR I 304 36.97 62.19 -8.38
CA TYR I 304 38.38 61.92 -8.12
C TYR I 304 38.90 62.86 -7.04
N ASP I 305 39.93 62.41 -6.33
CA ASP I 305 40.57 63.16 -5.24
C ASP I 305 39.51 63.38 -4.15
N VAL I 306 39.46 64.55 -3.52
CA VAL I 306 38.52 64.80 -2.45
C VAL I 306 37.18 65.26 -3.03
N LEU I 307 36.12 65.12 -2.23
CA LEU I 307 34.79 65.51 -2.67
C LEU I 307 34.63 67.02 -2.75
N GLU I 308 35.36 67.77 -1.92
CA GLU I 308 35.23 69.23 -1.89
C GLU I 308 35.76 69.91 -3.15
N ASN I 309 36.47 69.19 -4.02
CA ASN I 309 37.07 69.80 -5.19
C ASN I 309 36.06 70.11 -6.29
N TYR I 310 34.81 69.66 -6.15
CA TYR I 310 33.78 69.88 -7.18
C TYR I 310 32.51 70.36 -6.49
N GLN I 311 32.36 71.69 -6.36
CA GLN I 311 31.14 72.24 -5.79
C GLN I 311 29.96 72.09 -6.73
N GLU I 312 30.21 72.14 -8.04
CA GLU I 312 29.14 71.90 -9.00
C GLU I 312 28.58 70.49 -8.86
N ALA I 313 29.42 69.52 -8.50
CA ALA I 313 28.93 68.17 -8.24
C ALA I 313 27.96 68.15 -7.06
N LYS I 314 28.29 68.89 -5.99
CA LYS I 314 27.38 68.97 -4.85
C LYS I 314 26.08 69.65 -5.24
N ASP I 315 26.16 70.71 -6.05
CA ASP I 315 24.94 71.39 -6.50
C ASP I 315 24.07 70.46 -7.34
N MET I 316 24.68 69.70 -8.23
CA MET I 316 23.92 68.77 -9.06
C MET I 316 23.29 67.66 -8.20
N ALA I 317 24.05 67.16 -7.22
CA ALA I 317 23.52 66.12 -6.35
C ALA I 317 22.34 66.63 -5.52
N LEU I 318 22.44 67.87 -5.03
CA LEU I 318 21.34 68.45 -4.27
C LEU I 318 20.12 68.68 -5.16
N LYS I 319 20.32 69.23 -6.36
CA LYS I 319 19.21 69.53 -7.26
C LYS I 319 18.63 68.26 -7.86
N ARG I 320 19.48 67.35 -8.32
CA ARG I 320 19.04 66.13 -9.00
C ARG I 320 19.28 64.93 -8.08
N SER I 321 18.22 64.16 -7.84
CA SER I 321 18.29 62.99 -6.96
C SER I 321 18.54 61.70 -7.73
N ASN I 322 18.76 61.77 -9.03
CA ASN I 322 18.96 60.58 -9.85
C ASN I 322 20.44 60.26 -10.06
N LEU I 323 21.34 60.98 -9.40
CA LEU I 323 22.78 60.76 -9.54
C LEU I 323 23.39 60.54 -8.15
N ILE I 324 24.41 59.69 -8.10
CA ILE I 324 25.13 59.39 -6.87
C ILE I 324 26.61 59.72 -7.08
N LEU I 325 27.16 60.51 -6.18
CA LEU I 325 28.56 60.93 -6.25
C LEU I 325 29.32 60.33 -5.06
N LEU I 326 30.42 59.65 -5.36
CA LEU I 326 31.23 58.99 -4.35
C LEU I 326 32.68 59.40 -4.52
N ALA I 327 33.35 59.68 -3.39
CA ALA I 327 34.76 60.03 -3.38
C ALA I 327 35.52 59.08 -2.46
N LYS I 328 36.81 59.35 -2.30
CA LYS I 328 37.66 58.49 -1.47
C LYS I 328 37.41 58.68 0.02
N ASP I 329 36.81 59.79 0.44
CA ASP I 329 36.58 60.06 1.84
C ASP I 329 35.13 60.34 2.18
N ARG I 330 34.40 61.04 1.31
CA ARG I 330 33.01 61.40 1.55
C ARG I 330 32.15 60.99 0.37
N ALA I 331 30.87 60.78 0.64
CA ALA I 331 29.93 60.38 -0.40
C ALA I 331 28.57 60.99 -0.11
N ILE I 332 27.82 61.28 -1.18
CA ILE I 332 26.47 61.82 -1.09
C ILE I 332 25.57 60.94 -1.93
N ILE I 333 24.59 60.31 -1.30
CA ILE I 333 23.66 59.40 -1.96
C ILE I 333 22.24 59.88 -1.71
N GLY I 334 21.48 60.06 -2.78
CA GLY I 334 20.10 60.49 -2.66
C GLY I 334 19.94 61.86 -2.05
N LYS I 335 20.78 62.81 -2.46
CA LYS I 335 20.76 64.18 -1.93
C LYS I 335 20.95 64.21 -0.42
N LYS I 336 21.76 63.30 0.11
CA LYS I 336 22.04 63.21 1.55
C LYS I 336 23.56 63.17 1.73
N GLU I 337 24.10 64.21 2.34
CA GLU I 337 25.53 64.27 2.57
C GLU I 337 25.97 63.22 3.57
N GLY I 338 27.18 62.72 3.41
CA GLY I 338 27.69 61.70 4.30
C GLY I 338 29.15 61.39 4.03
N GLU I 339 29.59 60.26 4.57
CA GLU I 339 30.97 59.83 4.41
C GLU I 339 31.02 58.31 4.61
N TRP I 340 32.15 57.73 4.19
CA TRP I 340 32.34 56.29 4.32
C TRP I 340 32.51 55.91 5.79
N LYS I 341 32.44 54.61 6.05
CA LYS I 341 32.62 54.04 7.39
C LYS I 341 33.71 52.99 7.30
N PRO I 342 34.99 53.39 7.38
CA PRO I 342 36.11 52.45 7.32
C PRO I 342 36.15 51.48 8.49
N PHE I 356 37.21 53.57 -0.74
CA PHE I 356 36.61 53.51 -2.07
C PHE I 356 37.66 53.77 -3.15
N LYS I 357 38.40 52.72 -3.50
CA LYS I 357 39.46 52.84 -4.49
C LYS I 357 38.94 52.96 -5.91
N LEU I 358 37.64 52.78 -6.14
CA LEU I 358 37.09 52.76 -7.49
C LEU I 358 37.14 54.10 -8.19
N GLY I 359 37.49 55.18 -7.48
CA GLY I 359 37.56 56.48 -8.13
C GLY I 359 38.55 56.51 -9.27
N ASP I 360 39.70 55.88 -9.11
CA ASP I 360 40.71 55.84 -10.15
C ASP I 360 40.30 54.85 -11.25
N PHE I 361 40.87 55.05 -12.44
CA PHE I 361 40.50 54.22 -13.58
C PHE I 361 41.02 52.80 -13.44
N GLN I 362 42.21 52.63 -12.85
CA GLN I 362 42.80 51.30 -12.75
C GLN I 362 41.93 50.37 -11.90
N HIS I 363 41.47 50.87 -10.75
CA HIS I 363 40.61 50.04 -9.90
C HIS I 363 39.27 49.78 -10.54
N LEU I 364 38.73 50.75 -11.29
CA LEU I 364 37.48 50.51 -12.01
C LEU I 364 37.65 49.40 -13.05
N ALA I 365 38.76 49.43 -13.78
CA ALA I 365 39.02 48.38 -14.77
C ALA I 365 39.21 47.03 -14.09
N SER I 366 39.90 47.00 -12.96
CA SER I 366 40.08 45.74 -12.23
C SER I 366 38.74 45.21 -11.74
N PHE I 367 37.87 46.09 -11.25
CA PHE I 367 36.53 45.71 -10.84
C PHE I 367 35.76 45.11 -12.00
N LEU I 368 35.82 45.76 -13.16
CA LEU I 368 35.12 45.26 -14.34
C LEU I 368 35.64 43.89 -14.75
N GLU I 369 36.96 43.69 -14.72
CA GLU I 369 37.50 42.42 -15.19
C GLU I 369 37.21 41.30 -14.20
N GLU I 370 37.22 41.58 -12.89
CA GLU I 370 36.91 40.50 -11.97
C GLU I 370 35.42 40.17 -11.99
N ILE I 371 34.59 41.14 -12.36
CA ILE I 371 33.20 40.82 -12.66
C ILE I 371 33.11 39.94 -13.90
N SER I 372 33.95 40.23 -14.91
CA SER I 372 33.90 39.46 -16.15
C SER I 372 34.23 37.99 -15.91
N GLN I 373 35.23 37.71 -15.07
CA GLN I 373 35.60 36.34 -14.77
C GLN I 373 34.62 35.71 -13.79
N SER J 8 -30.06 -32.55 -11.47
CA SER J 8 -30.91 -33.73 -11.52
C SER J 8 -32.16 -33.54 -10.67
N TYR J 9 -32.17 -32.48 -9.87
CA TYR J 9 -33.31 -32.17 -9.02
C TYR J 9 -33.56 -30.67 -9.02
N TYR J 10 -34.84 -30.31 -8.92
CA TYR J 10 -35.24 -28.91 -8.84
C TYR J 10 -36.30 -28.76 -7.75
N ASP J 11 -36.38 -27.56 -7.18
CA ASP J 11 -37.36 -27.24 -6.17
C ASP J 11 -38.35 -26.21 -6.71
N THR J 12 -39.63 -26.41 -6.39
CA THR J 12 -40.66 -25.54 -6.94
C THR J 12 -40.56 -24.13 -6.37
N THR J 13 -40.30 -24.01 -5.06
CA THR J 13 -40.39 -22.72 -4.41
C THR J 13 -39.42 -21.71 -5.00
N GLN J 14 -38.20 -22.14 -5.33
CA GLN J 14 -37.23 -21.21 -5.89
C GLN J 14 -37.65 -20.76 -7.29
N GLN J 15 -38.22 -21.67 -8.08
CA GLN J 15 -38.71 -21.30 -9.40
C GLN J 15 -39.85 -20.29 -9.32
N LEU J 16 -40.81 -20.52 -8.42
CA LEU J 16 -41.88 -19.56 -8.24
C LEU J 16 -41.35 -18.22 -7.75
N SER J 17 -40.38 -18.24 -6.83
CA SER J 17 -39.81 -16.98 -6.34
C SER J 17 -39.14 -16.21 -7.47
N LEU J 18 -38.40 -16.92 -8.32
CA LEU J 18 -37.77 -16.27 -9.47
C LEU J 18 -38.82 -15.68 -10.41
N LEU J 19 -39.90 -16.41 -10.66
CA LEU J 19 -40.94 -15.90 -11.55
C LEU J 19 -41.62 -14.67 -10.96
N LYS J 20 -41.87 -14.68 -9.64
CA LYS J 20 -42.46 -13.52 -8.99
C LYS J 20 -41.54 -12.32 -9.06
N HIS J 21 -40.24 -12.55 -8.89
CA HIS J 21 -39.27 -11.47 -9.07
C HIS J 21 -39.31 -10.92 -10.48
N VAL J 22 -39.43 -11.80 -11.48
CA VAL J 22 -39.45 -11.37 -12.87
C VAL J 22 -40.67 -10.51 -13.16
N LEU J 23 -41.85 -10.99 -12.74
CA LEU J 23 -43.09 -10.28 -13.05
C LEU J 23 -43.21 -8.94 -12.35
N SER J 24 -42.38 -8.67 -11.34
CA SER J 24 -42.48 -7.45 -10.55
C SER J 24 -41.56 -6.34 -11.05
N GLU J 25 -41.11 -6.41 -12.30
CA GLU J 25 -40.28 -5.38 -12.89
C GLU J 25 -41.01 -4.74 -14.06
N ASP J 26 -41.13 -3.41 -14.03
CA ASP J 26 -41.84 -2.69 -15.08
C ASP J 26 -40.95 -2.33 -16.27
N LYS J 27 -39.63 -2.40 -16.10
CA LYS J 27 -38.74 -2.10 -17.22
C LYS J 27 -38.85 -3.16 -18.32
N ARG J 28 -38.97 -4.42 -17.94
CA ARG J 28 -39.01 -5.51 -18.92
C ARG J 28 -40.39 -5.57 -19.57
N PRO J 29 -40.48 -5.54 -20.90
CA PRO J 29 -41.78 -5.76 -21.55
C PRO J 29 -42.26 -7.18 -21.33
N ILE J 30 -43.57 -7.34 -21.21
CA ILE J 30 -44.19 -8.61 -20.90
C ILE J 30 -45.24 -8.93 -21.94
N ALA J 31 -45.42 -10.21 -22.24
CA ALA J 31 -46.43 -10.66 -23.19
C ALA J 31 -47.05 -11.95 -22.67
N PHE J 32 -47.96 -12.52 -23.46
CA PHE J 32 -48.67 -13.72 -23.06
C PHE J 32 -49.05 -14.51 -24.31
N ILE J 33 -49.30 -15.80 -24.11
CA ILE J 33 -49.82 -16.69 -25.14
C ILE J 33 -50.99 -17.45 -24.51
N ILE J 34 -52.20 -17.16 -24.98
CA ILE J 34 -53.39 -17.84 -24.46
C ILE J 34 -53.88 -18.82 -25.51
N ALA J 35 -53.46 -20.07 -25.40
CA ALA J 35 -53.83 -21.11 -26.35
C ALA J 35 -55.17 -21.72 -25.95
N ALA J 36 -55.52 -22.84 -26.61
CA ALA J 36 -56.79 -23.50 -26.34
C ALA J 36 -56.83 -24.23 -25.01
N GLY J 37 -55.69 -24.35 -24.31
CA GLY J 37 -55.69 -25.02 -23.03
C GLY J 37 -56.27 -24.23 -21.90
N CYS J 38 -56.48 -22.93 -22.07
CA CYS J 38 -57.08 -22.10 -21.03
C CYS J 38 -58.61 -22.24 -20.99
N PRO J 39 -59.33 -22.15 -22.12
CA PRO J 39 -60.78 -22.30 -22.04
C PRO J 39 -61.25 -23.65 -21.50
N VAL J 40 -60.48 -24.72 -21.74
CA VAL J 40 -60.89 -26.03 -21.24
C VAL J 40 -60.76 -26.11 -19.72
N SER J 41 -60.05 -25.16 -19.10
CA SER J 41 -59.82 -25.17 -17.67
C SER J 41 -60.95 -24.56 -16.87
N ILE J 42 -61.99 -24.05 -17.52
CA ILE J 42 -63.16 -23.47 -16.85
C ILE J 42 -64.39 -24.25 -17.25
N ARG J 43 -65.22 -24.59 -16.27
CA ARG J 43 -66.42 -25.37 -16.47
C ARG J 43 -67.63 -24.49 -16.24
N HIS J 44 -68.49 -24.36 -17.25
CA HIS J 44 -69.75 -23.64 -17.10
C HIS J 44 -70.88 -24.60 -16.75
N ASN J 45 -71.15 -25.56 -17.63
CA ASN J 45 -72.06 -26.66 -17.37
C ASN J 45 -71.25 -27.88 -16.94
N ASP J 46 -71.90 -29.04 -16.89
CA ASP J 46 -71.17 -30.29 -16.62
C ASP J 46 -70.12 -30.53 -17.70
N ALA J 47 -70.44 -30.23 -18.95
CA ALA J 47 -69.48 -30.29 -20.04
C ALA J 47 -68.54 -29.09 -19.97
N PRO J 48 -67.33 -29.20 -20.53
CA PRO J 48 -66.42 -28.06 -20.55
C PRO J 48 -66.99 -26.92 -21.38
N LEU J 49 -66.64 -25.69 -20.98
CA LEU J 49 -67.15 -24.52 -21.66
C LEU J 49 -66.75 -24.50 -23.13
N ILE J 50 -65.50 -24.81 -23.42
CA ILE J 50 -65.01 -24.93 -24.79
C ILE J 50 -64.09 -26.15 -24.87
N PRO J 51 -64.43 -27.16 -25.66
CA PRO J 51 -63.56 -28.34 -25.75
C PRO J 51 -62.26 -28.03 -26.46
N ASP J 52 -61.26 -28.87 -26.18
CA ASP J 52 -59.97 -28.73 -26.84
C ASP J 52 -60.06 -29.28 -28.27
N VAL J 53 -58.92 -29.27 -28.96
CA VAL J 53 -58.92 -29.63 -30.38
C VAL J 53 -59.41 -31.06 -30.58
N ALA J 54 -59.05 -31.96 -29.65
CA ALA J 54 -59.57 -33.33 -29.71
C ALA J 54 -61.08 -33.34 -29.57
N GLY J 55 -61.63 -32.46 -28.72
CA GLY J 55 -63.07 -32.37 -28.59
C GLY J 55 -63.74 -31.94 -29.87
N LEU J 56 -63.18 -30.93 -30.55
CA LEU J 56 -63.74 -30.50 -31.84
C LEU J 56 -63.65 -31.61 -32.88
N THR J 57 -62.53 -32.34 -32.91
CA THR J 57 -62.40 -33.43 -33.87
C THR J 57 -63.44 -34.51 -33.60
N ARG J 58 -63.63 -34.88 -32.33
CA ARG J 58 -64.64 -35.88 -32.00
C ARG J 58 -66.04 -35.41 -32.35
N LYS J 59 -66.34 -34.13 -32.06
CA LYS J 59 -67.66 -33.60 -32.37
C LYS J 59 -67.91 -33.58 -33.88
N ILE J 60 -66.91 -33.22 -34.67
CA ILE J 60 -67.05 -33.24 -36.12
C ILE J 60 -67.24 -34.68 -36.60
N SER J 61 -66.50 -35.62 -36.02
CA SER J 61 -66.61 -37.01 -36.44
C SER J 61 -68.01 -37.57 -36.15
N ASP J 62 -68.56 -37.26 -34.98
CA ASP J 62 -69.87 -37.79 -34.61
C ASP J 62 -71.03 -36.91 -35.06
N SER J 63 -70.75 -35.77 -35.70
CA SER J 63 -71.79 -34.86 -36.16
C SER J 63 -71.80 -34.62 -37.65
N PHE J 64 -70.68 -34.84 -38.34
CA PHE J 64 -70.58 -34.64 -39.79
C PHE J 64 -70.95 -33.22 -40.18
N ASP J 69 -70.91 -38.77 -44.90
CA ASP J 69 -70.14 -39.58 -43.97
C ASP J 69 -69.08 -40.41 -44.70
N SER J 70 -69.49 -41.02 -45.83
CA SER J 70 -68.56 -41.84 -46.60
C SER J 70 -67.40 -41.01 -47.14
N LEU J 71 -67.69 -39.83 -47.69
CA LEU J 71 -66.62 -38.99 -48.21
C LEU J 71 -65.78 -38.38 -47.09
N LEU J 72 -66.40 -38.10 -45.94
CA LEU J 72 -65.62 -37.66 -44.79
C LEU J 72 -64.62 -38.72 -44.37
N MET J 73 -65.08 -39.98 -44.28
CA MET J 73 -64.18 -41.07 -43.93
C MET J 73 -63.11 -41.27 -45.00
N LYS J 74 -63.47 -41.08 -46.27
CA LYS J 74 -62.49 -41.18 -47.34
C LYS J 74 -61.41 -40.11 -47.20
N ILE J 75 -61.80 -38.87 -46.88
CA ILE J 75 -60.82 -37.81 -46.66
C ILE J 75 -59.93 -38.12 -45.47
N ILE J 76 -60.54 -38.63 -44.39
CA ILE J 76 -59.76 -38.99 -43.21
C ILE J 76 -58.74 -40.08 -43.55
N GLN J 77 -59.16 -41.09 -44.31
CA GLN J 77 -58.24 -42.14 -44.72
C GLN J 77 -57.12 -41.60 -45.60
N ASN J 78 -57.46 -40.70 -46.54
CA ASN J 78 -56.46 -40.13 -47.42
C ASN J 78 -55.41 -39.36 -46.64
N LEU J 79 -55.84 -38.56 -45.66
CA LEU J 79 -54.87 -37.81 -44.87
C LEU J 79 -54.10 -38.71 -43.91
N LYS J 80 -54.74 -39.75 -43.38
CA LYS J 80 -54.06 -40.66 -42.46
C LYS J 80 -53.09 -41.59 -43.17
N THR J 81 -53.21 -41.71 -44.50
CA THR J 81 -52.29 -42.56 -45.25
C THR J 81 -50.83 -42.15 -45.05
N THR J 82 -50.59 -40.88 -44.72
CA THR J 82 -49.24 -40.39 -44.49
C THR J 82 -49.10 -39.50 -43.26
N ILE J 83 -50.16 -39.33 -42.48
CA ILE J 83 -50.12 -38.44 -41.31
C ILE J 83 -50.73 -39.13 -40.11
N PRO J 84 -50.34 -38.76 -38.88
CA PRO J 84 -50.99 -39.32 -37.69
C PRO J 84 -52.35 -38.69 -37.43
N ASN J 85 -52.95 -39.01 -36.28
CA ASN J 85 -54.26 -38.54 -35.86
C ASN J 85 -54.46 -37.06 -36.19
N PRO J 86 -55.51 -36.72 -36.94
CA PRO J 86 -55.64 -35.36 -37.48
C PRO J 86 -56.28 -34.37 -36.52
N THR J 87 -56.34 -33.11 -36.95
CA THR J 87 -57.01 -32.04 -36.23
C THR J 87 -57.98 -31.35 -37.17
N ILE J 88 -58.72 -30.37 -36.63
CA ILE J 88 -59.62 -29.58 -37.47
C ILE J 88 -58.84 -28.75 -38.47
N GLU J 89 -57.69 -28.22 -38.06
CA GLU J 89 -56.87 -27.42 -38.95
C GLU J 89 -56.41 -28.25 -40.15
N ASP J 90 -56.04 -29.51 -39.91
CA ASP J 90 -55.56 -30.37 -40.99
C ASP J 90 -56.65 -30.58 -42.05
N ILE J 91 -57.85 -30.95 -41.62
CA ILE J 91 -58.92 -31.22 -42.57
C ILE J 91 -59.36 -29.94 -43.27
N LEU J 92 -59.37 -28.81 -42.55
CA LEU J 92 -59.74 -27.55 -43.17
C LEU J 92 -58.71 -27.14 -44.23
N SER J 93 -57.43 -27.32 -43.93
CA SER J 93 -56.39 -27.02 -44.91
C SER J 93 -56.49 -27.93 -46.12
N TYR J 94 -56.79 -29.22 -45.89
CA TYR J 94 -56.99 -30.14 -47.00
C TYR J 94 -58.16 -29.70 -47.87
N ILE J 95 -59.27 -29.28 -47.25
CA ILE J 95 -60.44 -28.85 -48.00
C ILE J 95 -60.11 -27.61 -48.83
N ARG J 96 -59.41 -26.63 -48.24
CA ARG J 96 -59.08 -25.43 -48.98
C ARG J 96 -58.09 -25.72 -50.10
N LEU J 97 -57.15 -26.64 -49.87
CA LEU J 97 -56.22 -27.04 -50.92
C LEU J 97 -56.97 -27.69 -52.08
N LEU J 98 -57.96 -28.53 -51.78
CA LEU J 98 -58.80 -29.08 -52.83
C LEU J 98 -59.56 -27.98 -53.56
N GLN J 99 -60.08 -27.00 -52.81
CA GLN J 99 -60.79 -25.89 -53.43
C GLN J 99 -59.89 -25.07 -54.34
N GLN J 100 -58.57 -25.08 -54.08
CA GLN J 100 -57.65 -24.37 -54.96
C GLN J 100 -57.68 -24.94 -56.37
N ILE J 101 -57.72 -26.26 -56.50
CA ILE J 101 -57.80 -26.89 -57.81
C ILE J 101 -59.26 -26.89 -58.27
N PRO J 102 -59.56 -26.40 -59.48
CA PRO J 102 -60.95 -26.35 -59.94
C PRO J 102 -61.59 -27.72 -60.07
N MET J 103 -60.97 -28.61 -60.84
CA MET J 103 -61.52 -29.94 -61.09
C MET J 103 -60.97 -30.95 -60.07
N SER J 104 -61.21 -30.65 -58.80
CA SER J 104 -60.73 -31.47 -57.70
C SER J 104 -61.77 -32.48 -57.23
N GLY J 105 -62.95 -32.53 -57.87
CA GLY J 105 -63.99 -33.44 -57.42
C GLY J 105 -63.79 -34.89 -57.76
N LYS J 106 -62.81 -35.20 -58.62
CA LYS J 106 -62.55 -36.59 -59.00
C LYS J 106 -61.68 -37.32 -57.99
N ILE J 107 -61.03 -36.62 -57.06
CA ILE J 107 -60.20 -37.29 -56.07
C ILE J 107 -61.06 -38.16 -55.16
N HIS J 108 -62.19 -37.63 -54.71
CA HIS J 108 -63.14 -38.38 -53.89
C HIS J 108 -64.31 -38.92 -54.69
N ASP J 109 -64.28 -38.80 -56.01
CA ASP J 109 -65.37 -39.25 -56.89
C ASP J 109 -66.70 -38.63 -56.48
N VAL J 110 -66.66 -37.35 -56.11
CA VAL J 110 -67.85 -36.63 -55.68
C VAL J 110 -68.27 -35.56 -56.68
N GLU J 111 -67.53 -35.39 -57.78
CA GLU J 111 -67.81 -34.43 -58.84
C GLU J 111 -67.81 -32.99 -58.36
N ASN J 112 -67.20 -32.71 -57.20
CA ASN J 112 -67.04 -31.36 -56.68
C ASN J 112 -68.38 -30.73 -56.34
N SER J 113 -68.34 -29.45 -55.94
CA SER J 113 -69.53 -28.65 -55.63
C SER J 113 -70.27 -29.17 -54.39
N VAL J 114 -69.76 -30.23 -53.78
CA VAL J 114 -70.35 -30.74 -52.54
C VAL J 114 -69.45 -30.40 -51.34
N ILE J 115 -68.14 -30.36 -51.57
CA ILE J 115 -67.18 -30.00 -50.55
C ILE J 115 -67.38 -28.53 -50.19
N ASN J 116 -67.74 -27.72 -51.19
CA ASN J 116 -67.98 -26.30 -50.93
C ASN J 116 -69.13 -26.09 -49.95
N ALA J 117 -70.10 -27.01 -49.93
CA ALA J 117 -71.19 -26.94 -48.95
C ALA J 117 -70.83 -27.64 -47.65
N LEU J 118 -70.05 -28.71 -47.71
CA LEU J 118 -69.64 -29.40 -46.48
C LEU J 118 -68.79 -28.48 -45.62
N GLU J 119 -67.86 -27.74 -46.23
CA GLU J 119 -67.02 -26.82 -45.45
C GLU J 119 -67.86 -25.71 -44.84
N GLU J 120 -68.86 -25.22 -45.56
CA GLU J 120 -69.76 -24.21 -45.00
C GLU J 120 -70.54 -24.77 -43.82
N SER J 121 -71.01 -26.02 -43.93
CA SER J 121 -71.71 -26.65 -42.81
C SER J 121 -70.80 -26.80 -41.59
N ILE J 122 -69.55 -27.20 -41.82
CA ILE J 122 -68.59 -27.35 -40.71
C ILE J 122 -68.33 -25.99 -40.07
N CYS J 123 -68.15 -24.95 -40.89
CA CYS J 123 -67.92 -23.62 -40.35
C CYS J 123 -69.12 -23.14 -39.54
N GLU J 124 -70.33 -23.37 -40.04
CA GLU J 124 -71.53 -22.99 -39.29
C GLU J 124 -71.60 -23.73 -37.96
N LEU J 125 -71.33 -25.03 -37.97
CA LEU J 125 -71.35 -25.80 -36.73
C LEU J 125 -70.33 -25.27 -35.72
N ILE J 126 -69.10 -25.01 -36.19
CA ILE J 126 -68.06 -24.54 -35.28
C ILE J 126 -68.42 -23.15 -34.74
N GLU J 127 -68.88 -22.25 -35.60
CA GLU J 127 -69.19 -20.89 -35.16
C GLU J 127 -70.38 -20.86 -34.21
N GLU J 128 -71.33 -21.78 -34.37
CA GLU J 128 -72.43 -21.85 -33.41
C GLU J 128 -72.03 -22.53 -32.12
N GLU J 129 -71.06 -23.45 -32.17
CA GLU J 129 -70.62 -24.15 -30.96
C GLU J 129 -69.72 -23.27 -30.10
N VAL J 130 -68.83 -22.49 -30.73
CA VAL J 130 -67.88 -21.69 -29.95
C VAL J 130 -68.52 -20.49 -29.29
N ASN J 131 -69.66 -20.02 -29.79
CA ASN J 131 -70.35 -18.90 -29.15
C ASN J 131 -71.00 -19.39 -27.87
N VAL J 132 -70.30 -19.26 -26.74
CA VAL J 132 -70.76 -19.81 -25.47
C VAL J 132 -70.98 -18.75 -24.40
N ASP J 133 -70.53 -17.51 -24.63
CA ASP J 133 -70.68 -16.40 -23.68
C ASP J 133 -69.88 -16.65 -22.41
N LEU J 134 -69.53 -15.58 -21.70
CA LEU J 134 -68.72 -15.76 -20.50
C LEU J 134 -69.60 -15.80 -19.25
N PRO J 135 -69.26 -16.64 -18.27
CA PRO J 135 -69.98 -16.63 -16.99
C PRO J 135 -69.63 -15.39 -16.17
N GLY J 136 -70.08 -15.37 -14.91
CA GLY J 136 -69.92 -14.21 -14.05
C GLY J 136 -68.49 -13.74 -13.83
N ASN J 137 -68.33 -12.68 -13.05
CA ASN J 137 -67.07 -11.96 -12.85
C ASN J 137 -65.98 -12.79 -12.17
N ALA J 138 -66.19 -14.07 -11.86
CA ALA J 138 -65.19 -14.89 -11.19
C ALA J 138 -64.26 -15.60 -12.17
N THR J 139 -64.38 -15.33 -13.46
CA THR J 139 -63.57 -16.02 -14.45
C THR J 139 -62.09 -15.65 -14.30
N PRO J 140 -61.19 -16.59 -14.59
CA PRO J 140 -59.75 -16.26 -14.54
C PRO J 140 -59.36 -15.14 -15.46
N TYR J 141 -59.99 -15.04 -16.62
CA TYR J 141 -59.68 -13.96 -17.57
C TYR J 141 -59.97 -12.60 -16.95
N HIS J 142 -61.01 -12.51 -16.11
CA HIS J 142 -61.27 -11.26 -15.40
C HIS J 142 -60.11 -10.92 -14.46
N LYS J 143 -59.57 -11.92 -13.77
CA LYS J 143 -58.41 -11.68 -12.90
C LYS J 143 -57.22 -11.21 -13.70
N ILE J 144 -56.97 -11.82 -14.86
CA ILE J 144 -55.85 -11.40 -15.70
C ILE J 144 -56.04 -9.96 -16.16
N ALA J 145 -57.26 -9.62 -16.59
CA ALA J 145 -57.54 -8.25 -17.03
C ALA J 145 -57.35 -7.26 -15.90
N ALA J 146 -57.78 -7.62 -14.68
CA ALA J 146 -57.57 -6.75 -13.54
C ALA J 146 -56.09 -6.57 -13.25
N TRP J 147 -55.30 -7.64 -13.41
CA TRP J 147 -53.86 -7.53 -13.20
C TRP J 147 -53.21 -6.67 -14.28
N ILE J 148 -53.77 -6.64 -15.48
CA ILE J 148 -53.15 -5.92 -16.58
C ILE J 148 -53.07 -4.43 -16.28
N ASN J 149 -54.18 -3.84 -15.86
CA ASN J 149 -54.24 -2.39 -15.61
C ASN J 149 -53.93 -2.04 -14.16
N SER J 150 -53.56 -3.02 -13.33
CA SER J 150 -53.27 -2.73 -11.93
C SER J 150 -52.06 -1.81 -11.79
N ILE J 151 -51.02 -2.05 -12.60
CA ILE J 151 -49.77 -1.30 -12.53
C ILE J 151 -49.61 -0.48 -13.80
N ASN J 152 -49.18 0.77 -13.64
CA ASN J 152 -48.95 1.67 -14.77
C ASN J 152 -47.55 1.42 -15.34
N ARG J 153 -47.40 0.26 -15.97
CA ARG J 153 -46.12 -0.11 -16.56
C ARG J 153 -45.78 0.80 -17.73
N GLU J 154 -44.49 1.12 -17.86
CA GLU J 154 -44.03 1.98 -18.95
C GLU J 154 -44.02 1.26 -20.29
N HIS J 155 -43.83 -0.05 -20.31
CA HIS J 155 -44.02 -0.87 -21.49
C HIS J 155 -45.29 -1.69 -21.32
N GLN J 156 -46.25 -1.48 -22.21
CA GLN J 156 -47.55 -2.14 -22.07
C GLN J 156 -47.44 -3.62 -22.46
N VAL J 157 -48.31 -4.43 -21.85
CA VAL J 157 -48.29 -5.87 -22.06
C VAL J 157 -49.11 -6.21 -23.31
N GLU J 158 -48.52 -7.00 -24.20
CA GLU J 158 -49.21 -7.50 -25.37
C GLU J 158 -49.74 -8.91 -25.12
N ILE J 159 -50.82 -9.25 -25.81
CA ILE J 159 -51.46 -10.57 -25.64
C ILE J 159 -51.64 -11.19 -27.02
N PHE J 160 -51.22 -12.44 -27.15
CA PHE J 160 -51.45 -13.24 -28.35
C PHE J 160 -52.35 -14.41 -28.01
N THR J 161 -53.38 -14.63 -28.82
CA THR J 161 -54.33 -15.72 -28.61
C THR J 161 -54.52 -16.49 -29.89
N THR J 162 -54.53 -17.82 -29.77
CA THR J 162 -54.85 -18.71 -30.88
C THR J 162 -56.30 -19.16 -30.86
N ASN J 163 -57.10 -18.66 -29.92
CA ASN J 163 -58.48 -19.08 -29.77
C ASN J 163 -59.38 -18.35 -30.75
N TYR J 164 -60.36 -19.07 -31.29
CA TYR J 164 -61.34 -18.49 -32.19
C TYR J 164 -62.43 -17.72 -31.46
N ASP J 165 -62.59 -17.96 -30.16
CA ASP J 165 -63.70 -17.39 -29.40
C ASP J 165 -63.37 -15.95 -29.01
N LEU J 166 -64.20 -15.36 -28.14
CA LEU J 166 -64.08 -13.95 -27.77
C LEU J 166 -64.09 -13.77 -26.26
N LEU J 167 -63.61 -14.77 -25.51
CA LEU J 167 -63.59 -14.67 -24.06
C LEU J 167 -62.68 -13.53 -23.60
N MET J 168 -61.55 -13.34 -24.27
CA MET J 168 -60.67 -12.24 -23.93
C MET J 168 -61.37 -10.90 -24.09
N GLU J 169 -62.12 -10.73 -25.18
CA GLU J 169 -62.83 -9.48 -25.42
C GLU J 169 -63.85 -9.20 -24.32
N GLN J 170 -64.69 -10.20 -24.01
CA GLN J 170 -65.72 -10.00 -22.99
C GLN J 170 -65.09 -9.71 -21.64
N ALA J 171 -64.05 -10.46 -21.27
CA ALA J 171 -63.42 -10.27 -19.97
C ALA J 171 -62.76 -8.91 -19.87
N LEU J 172 -62.07 -8.47 -20.93
CA LEU J 172 -61.36 -7.20 -20.88
C LEU J 172 -62.32 -6.02 -20.97
N GLU J 173 -63.51 -6.19 -21.58
CA GLU J 173 -64.48 -5.12 -21.62
C GLU J 173 -65.35 -5.06 -20.37
N GLU J 174 -65.52 -6.18 -19.66
CA GLU J 174 -66.29 -6.13 -18.42
C GLU J 174 -65.61 -5.26 -17.38
N LEU J 175 -64.28 -5.21 -17.39
CA LEU J 175 -63.50 -4.25 -16.62
C LEU J 175 -62.84 -3.34 -17.64
N ASN J 176 -63.52 -2.24 -17.98
CA ASN J 176 -63.14 -1.42 -19.13
C ASN J 176 -61.68 -1.00 -19.04
N VAL J 177 -60.90 -1.46 -20.01
CA VAL J 177 -59.46 -1.22 -20.04
C VAL J 177 -59.06 -0.76 -21.43
N PRO J 178 -57.95 -0.04 -21.58
CA PRO J 178 -57.45 0.29 -22.92
C PRO J 178 -57.19 -0.97 -23.74
N TYR J 179 -57.48 -0.89 -25.03
CA TYR J 179 -57.48 -2.07 -25.89
C TYR J 179 -57.29 -1.63 -27.34
N PHE J 180 -56.60 -2.46 -28.11
CA PHE J 180 -56.40 -2.21 -29.55
C PHE J 180 -56.00 -3.52 -30.21
N ASP J 181 -56.74 -3.93 -31.24
CA ASP J 181 -56.50 -5.19 -31.91
C ASP J 181 -56.08 -5.05 -33.36
N GLY J 182 -55.85 -3.82 -33.86
CA GLY J 182 -55.42 -3.58 -35.21
C GLY J 182 -56.50 -2.98 -36.09
N PHE J 183 -57.75 -3.37 -35.90
CA PHE J 183 -58.86 -2.82 -36.66
C PHE J 183 -59.27 -1.47 -36.10
N VAL J 184 -59.45 -0.49 -36.98
CA VAL J 184 -59.86 0.85 -36.62
C VAL J 184 -61.17 1.17 -37.31
N GLY J 185 -62.13 1.67 -36.55
CA GLY J 185 -63.43 2.01 -37.09
C GLY J 185 -64.57 1.74 -36.12
N SER J 186 -65.78 2.11 -36.51
CA SER J 186 -66.95 1.92 -35.65
C SER J 186 -68.07 1.17 -36.35
N LYS J 187 -68.27 1.39 -37.65
CA LYS J 187 -69.33 0.71 -38.39
C LYS J 187 -68.82 -0.54 -39.10
N ARG J 188 -67.76 -0.41 -39.89
CA ARG J 188 -67.17 -1.54 -40.59
C ARG J 188 -65.89 -2.05 -39.94
N ALA J 189 -65.19 -1.20 -39.18
CA ALA J 189 -63.95 -1.57 -38.51
C ALA J 189 -62.93 -2.11 -39.51
N PHE J 190 -62.55 -1.25 -40.45
CA PHE J 190 -61.61 -1.64 -41.49
C PHE J 190 -60.25 -1.96 -40.90
N PHE J 191 -59.66 -3.06 -41.33
CA PHE J 191 -58.34 -3.45 -40.86
C PHE J 191 -57.29 -2.48 -41.36
N ASP J 192 -56.43 -2.02 -40.46
CA ASP J 192 -55.36 -1.08 -40.78
C ASP J 192 -54.01 -1.79 -40.69
N ILE J 193 -53.10 -1.38 -41.56
CA ILE J 193 -51.75 -1.94 -41.60
C ILE J 193 -50.71 -0.90 -41.20
N ARG J 194 -50.87 0.34 -41.63
CA ARG J 194 -49.90 1.39 -41.32
C ARG J 194 -49.79 1.58 -39.81
N THR J 195 -50.93 1.79 -39.14
CA THR J 195 -50.91 2.04 -37.70
C THR J 195 -50.30 0.89 -36.93
N ILE J 196 -50.32 -0.31 -37.51
CA ILE J 196 -49.57 -1.41 -36.91
C ILE J 196 -48.07 -1.16 -37.04
N GLU J 197 -47.62 -0.58 -38.16
CA GLU J 197 -46.19 -0.56 -38.43
C GLU J 197 -45.50 0.64 -37.77
N GLU J 198 -46.15 1.81 -37.69
CA GLU J 198 -45.39 2.87 -37.02
C GLU J 198 -45.30 2.64 -35.51
N ASN J 199 -46.25 1.91 -34.94
CA ASN J 199 -46.29 1.64 -33.50
C ASN J 199 -46.29 2.94 -32.69
N LYS J 200 -46.86 4.00 -33.23
CA LYS J 200 -46.95 5.28 -32.53
C LYS J 200 -48.30 5.36 -31.83
N LEU J 201 -48.36 4.69 -30.69
CA LEU J 201 -49.54 4.70 -29.84
C LEU J 201 -49.16 5.02 -28.41
N PRO J 202 -50.05 5.64 -27.65
CA PRO J 202 -49.75 5.89 -26.22
C PRO J 202 -49.56 4.58 -25.46
N SER J 203 -48.69 4.65 -24.45
CA SER J 203 -48.31 3.44 -23.72
C SER J 203 -49.49 2.83 -22.98
N ARG J 204 -50.51 3.61 -22.67
CA ARG J 204 -51.64 3.08 -21.92
C ARG J 204 -52.43 2.06 -22.72
N TRP J 205 -52.56 2.26 -24.03
CA TRP J 205 -53.32 1.34 -24.87
C TRP J 205 -52.70 -0.04 -24.88
N SER J 206 -53.51 -1.06 -24.56
CA SER J 206 -53.06 -2.43 -24.61
C SER J 206 -53.19 -2.99 -26.03
N LYS J 207 -52.47 -4.08 -26.28
CA LYS J 207 -52.45 -4.70 -27.60
C LYS J 207 -52.85 -6.16 -27.48
N LEU J 208 -53.87 -6.55 -28.24
CA LEU J 208 -54.32 -7.94 -28.31
C LEU J 208 -54.32 -8.37 -29.76
N TRP J 209 -53.73 -9.53 -30.02
CA TRP J 209 -53.57 -10.01 -31.40
C TRP J 209 -53.93 -11.49 -31.49
N LYS J 210 -54.76 -11.84 -32.47
CA LYS J 210 -55.22 -13.20 -32.68
C LYS J 210 -54.50 -13.80 -33.89
N LEU J 211 -53.59 -14.73 -33.63
CA LEU J 211 -52.79 -15.29 -34.71
C LEU J 211 -53.59 -16.23 -35.60
N HIS J 212 -54.49 -17.01 -35.02
CA HIS J 212 -55.24 -18.02 -35.76
C HIS J 212 -56.62 -17.56 -36.20
N GLY J 213 -56.94 -16.28 -36.01
CA GLY J 213 -58.20 -15.74 -36.48
C GLY J 213 -59.35 -15.93 -35.51
N SER J 214 -60.32 -15.01 -35.56
CA SER J 214 -61.47 -15.03 -34.68
C SER J 214 -62.69 -15.55 -35.44
N ILE J 215 -63.85 -15.49 -34.80
CA ILE J 215 -65.10 -15.91 -35.43
C ILE J 215 -65.91 -14.73 -35.95
N ASN J 216 -65.63 -13.52 -35.49
CA ASN J 216 -66.34 -12.33 -35.95
C ASN J 216 -65.75 -11.75 -37.24
N TRP J 217 -64.67 -12.33 -37.75
CA TRP J 217 -64.03 -11.82 -38.96
C TRP J 217 -64.78 -12.30 -40.18
N GLN J 218 -65.13 -11.37 -41.07
CA GLN J 218 -65.84 -11.67 -42.30
C GLN J 218 -65.06 -11.19 -43.50
N LEU J 219 -64.92 -12.05 -44.51
CA LEU J 219 -64.30 -11.70 -45.77
C LEU J 219 -65.39 -11.17 -46.70
N ASP J 220 -65.33 -9.88 -47.01
CA ASP J 220 -66.38 -9.25 -47.81
C ASP J 220 -66.22 -9.49 -49.30
N LYS J 221 -65.11 -10.11 -49.73
CA LYS J 221 -64.83 -10.34 -51.14
C LYS J 221 -64.89 -9.04 -51.93
N GLN J 222 -65.50 -9.08 -53.11
CA GLN J 222 -65.66 -7.89 -53.96
C GLN J 222 -64.31 -7.22 -54.20
N THR J 223 -64.01 -6.19 -53.41
CA THR J 223 -62.72 -5.51 -53.49
C THR J 223 -61.61 -6.29 -52.80
N GLN J 224 -61.92 -7.47 -52.24
CA GLN J 224 -60.94 -8.30 -51.53
C GLN J 224 -60.36 -7.56 -50.32
N THR J 225 -61.27 -7.14 -49.45
CA THR J 225 -60.91 -6.42 -48.24
C THR J 225 -61.43 -7.17 -47.02
N ILE J 226 -60.74 -7.00 -45.90
CA ILE J 226 -61.06 -7.68 -44.65
C ILE J 226 -61.62 -6.66 -43.67
N TRP J 227 -62.59 -7.09 -42.86
CA TRP J 227 -63.21 -6.23 -41.86
C TRP J 227 -63.75 -7.09 -40.73
N ARG J 228 -63.77 -6.51 -39.54
CA ARG J 228 -64.30 -7.18 -38.36
C ARG J 228 -65.55 -6.46 -37.87
N GLY J 229 -66.34 -7.17 -37.07
CA GLY J 229 -67.56 -6.60 -36.54
C GLY J 229 -68.57 -7.64 -36.09
N THR J 230 -69.83 -7.40 -36.39
CA THR J 230 -70.88 -8.35 -36.00
C THR J 230 -70.69 -9.67 -36.76
N PRO J 231 -70.81 -10.80 -36.08
CA PRO J 231 -70.63 -12.11 -36.73
C PRO J 231 -71.84 -12.47 -37.58
N SER J 232 -71.60 -12.65 -38.88
CA SER J 232 -72.66 -13.08 -39.78
C SER J 232 -72.85 -14.59 -39.70
N LYS J 233 -73.87 -15.07 -40.39
CA LYS J 233 -74.21 -16.49 -40.39
C LYS J 233 -73.48 -17.20 -41.52
N GLY J 234 -72.63 -18.16 -41.15
CA GLY J 234 -71.93 -18.96 -42.14
C GLY J 234 -70.66 -18.34 -42.67
N CYS J 235 -70.65 -17.01 -42.83
CA CYS J 235 -69.50 -16.30 -43.36
C CYS J 235 -68.55 -15.95 -42.23
N SER J 236 -67.42 -16.65 -42.17
CA SER J 236 -66.41 -16.41 -41.16
C SER J 236 -65.03 -16.54 -41.80
N LEU J 237 -63.99 -16.30 -40.99
CA LEU J 237 -62.61 -16.36 -41.44
C LEU J 237 -61.77 -17.17 -40.45
N ILE J 238 -62.27 -18.36 -40.13
CA ILE J 238 -61.66 -19.23 -39.13
C ILE J 238 -60.28 -19.75 -39.56
N HIS J 239 -59.86 -19.47 -40.80
CA HIS J 239 -58.65 -20.02 -41.43
C HIS J 239 -57.47 -20.10 -40.47
N PRO J 240 -56.80 -21.25 -40.38
CA PRO J 240 -55.58 -21.32 -39.58
C PRO J 240 -54.48 -20.43 -40.14
N SER J 241 -54.11 -20.66 -41.38
CA SER J 241 -53.15 -19.81 -42.07
C SER J 241 -53.64 -19.35 -43.44
N HIS J 242 -54.33 -20.21 -44.18
CA HIS J 242 -54.87 -19.92 -45.51
C HIS J 242 -53.71 -19.59 -46.47
N LEU J 243 -53.99 -19.46 -47.76
CA LEU J 243 -52.98 -19.14 -48.77
C LEU J 243 -53.49 -18.06 -49.72
N LYS J 244 -54.07 -17.02 -49.13
CA LYS J 244 -54.55 -15.89 -49.94
C LYS J 244 -53.39 -15.14 -50.57
N TYR J 245 -53.64 -14.58 -51.74
CA TYR J 245 -52.62 -13.82 -52.46
C TYR J 245 -52.31 -12.50 -51.76
N MET J 251 -52.03 -9.61 -45.86
CA MET J 251 -52.67 -10.62 -45.02
C MET J 251 -52.33 -10.40 -43.54
N PRO J 252 -53.32 -10.52 -42.67
CA PRO J 252 -53.06 -10.36 -41.23
C PRO J 252 -52.04 -11.34 -40.69
N TYR J 253 -52.03 -12.57 -41.20
CA TYR J 253 -51.18 -13.61 -40.64
C TYR J 253 -49.70 -13.25 -40.72
N LEU J 254 -49.22 -12.88 -41.91
CA LEU J 254 -47.80 -12.62 -42.10
C LEU J 254 -47.36 -11.40 -41.29
N VAL J 255 -48.11 -10.30 -41.38
CA VAL J 255 -47.72 -9.08 -40.68
C VAL J 255 -47.80 -9.28 -39.17
N MET J 256 -48.76 -10.07 -38.69
CA MET J 256 -48.92 -10.28 -37.26
C MET J 256 -47.83 -11.18 -36.71
N MET J 257 -47.46 -12.21 -37.47
CA MET J 257 -46.29 -13.01 -37.08
C MET J 257 -45.02 -12.17 -37.11
N ASP J 258 -44.90 -11.24 -38.07
CA ASP J 258 -43.77 -10.33 -38.07
C ASP J 258 -43.78 -9.45 -36.83
N GLN J 259 -44.96 -9.03 -36.38
CA GLN J 259 -45.07 -8.25 -35.15
C GLN J 259 -44.59 -9.07 -33.95
N LEU J 260 -44.99 -10.34 -33.87
CA LEU J 260 -44.51 -11.19 -32.79
C LEU J 260 -43.00 -11.34 -32.83
N LYS J 261 -42.44 -11.57 -34.03
CA LYS J 261 -41.00 -11.70 -34.18
C LYS J 261 -40.28 -10.42 -33.77
N LEU J 262 -40.83 -9.27 -34.14
CA LEU J 262 -40.24 -8.00 -33.76
C LEU J 262 -40.28 -7.82 -32.24
N PHE J 263 -41.37 -8.23 -31.60
CA PHE J 263 -41.44 -8.14 -30.15
C PHE J 263 -40.38 -9.01 -29.49
N LEU J 264 -40.18 -10.23 -30.00
CA LEU J 264 -39.19 -11.11 -29.39
C LEU J 264 -37.76 -10.59 -29.51
N ASN J 265 -37.52 -9.59 -30.36
CA ASN J 265 -36.21 -9.00 -30.50
C ASN J 265 -35.96 -7.84 -29.53
N GLN J 266 -36.96 -7.44 -28.76
CA GLN J 266 -36.77 -6.36 -27.80
C GLN J 266 -35.83 -6.80 -26.70
N PRO J 267 -35.00 -5.90 -26.17
CA PRO J 267 -34.07 -6.28 -25.10
C PRO J 267 -34.81 -6.63 -23.82
N SER J 268 -34.44 -7.76 -23.22
CA SER J 268 -35.01 -8.25 -21.97
C SER J 268 -36.53 -8.39 -22.07
N ALA J 269 -36.95 -9.28 -22.97
CA ALA J 269 -38.36 -9.55 -23.20
C ALA J 269 -38.75 -10.88 -22.57
N ILE J 270 -39.91 -10.91 -21.93
CA ILE J 270 -40.42 -12.08 -21.24
C ILE J 270 -41.73 -12.48 -21.90
N LEU J 271 -41.86 -13.76 -22.25
CA LEU J 271 -43.07 -14.28 -22.88
C LEU J 271 -43.50 -15.52 -22.13
N ILE J 272 -44.78 -15.59 -21.76
CA ILE J 272 -45.33 -16.70 -20.99
C ILE J 272 -46.41 -17.37 -21.83
N THR J 273 -46.28 -18.68 -22.00
CA THR J 273 -47.26 -19.49 -22.73
C THR J 273 -48.03 -20.34 -21.74
N CYS J 274 -49.36 -20.19 -21.73
CA CYS J 274 -50.23 -20.97 -20.86
C CYS J 274 -51.17 -21.80 -21.72
N GLY J 275 -51.26 -23.10 -21.42
CA GLY J 275 -52.14 -23.98 -22.15
C GLY J 275 -51.72 -24.25 -23.58
N TYR J 276 -50.46 -24.02 -23.92
CA TYR J 276 -49.96 -24.25 -25.27
C TYR J 276 -49.37 -25.65 -25.36
N SER J 277 -49.73 -26.36 -26.42
CA SER J 277 -49.31 -27.75 -26.61
C SER J 277 -48.11 -27.88 -27.54
N TYR J 278 -47.62 -26.79 -28.10
CA TYR J 278 -46.44 -26.75 -28.96
C TYR J 278 -46.58 -27.63 -30.20
N LYS J 279 -47.80 -28.04 -30.55
CA LYS J 279 -47.99 -28.90 -31.72
C LYS J 279 -47.97 -28.13 -33.03
N ASP J 280 -48.08 -26.81 -32.99
CA ASP J 280 -47.99 -26.02 -34.21
C ASP J 280 -46.54 -26.01 -34.71
N GLN J 281 -46.39 -25.65 -35.99
CA GLN J 281 -45.09 -25.70 -36.64
C GLN J 281 -44.47 -24.33 -36.89
N HIS J 282 -45.24 -23.39 -37.46
CA HIS J 282 -44.70 -22.07 -37.73
C HIS J 282 -44.40 -21.31 -36.44
N ILE J 283 -45.28 -21.46 -35.44
CA ILE J 283 -45.07 -20.78 -34.15
C ILE J 283 -43.78 -21.25 -33.50
N ASN J 284 -43.54 -22.57 -33.51
CA ASN J 284 -42.33 -23.09 -32.91
C ASN J 284 -41.09 -22.55 -33.61
N GLU J 285 -41.11 -22.49 -34.93
CA GLU J 285 -39.95 -22.00 -35.67
C GLU J 285 -39.70 -20.53 -35.43
N VAL J 286 -40.75 -19.71 -35.41
CA VAL J 286 -40.54 -18.28 -35.17
C VAL J 286 -40.07 -18.05 -33.74
N LEU J 287 -40.57 -18.84 -32.79
CA LEU J 287 -40.08 -18.74 -31.42
C LEU J 287 -38.61 -19.10 -31.33
N SER J 288 -38.20 -20.18 -32.02
CA SER J 288 -36.80 -20.57 -32.01
C SER J 288 -35.91 -19.51 -32.64
N GLN J 289 -36.36 -18.93 -33.76
CA GLN J 289 -35.58 -17.87 -34.39
C GLN J 289 -35.45 -16.65 -33.49
N GLY J 290 -36.55 -16.26 -32.82
CA GLY J 290 -36.48 -15.15 -31.90
C GLY J 290 -35.55 -15.42 -30.73
N LEU J 291 -35.60 -16.64 -30.19
CA LEU J 291 -34.72 -16.99 -29.08
C LEU J 291 -33.26 -16.97 -29.50
N GLN J 292 -32.96 -17.47 -30.70
CA GLN J 292 -31.57 -17.51 -31.15
C GLN J 292 -31.05 -16.13 -31.51
N THR J 293 -31.91 -15.26 -32.06
CA THR J 293 -31.45 -13.95 -32.49
C THR J 293 -31.01 -13.09 -31.31
N ASN J 294 -31.85 -12.99 -30.28
CA ASN J 294 -31.53 -12.19 -29.10
C ASN J 294 -31.37 -13.10 -27.90
N PRO J 295 -30.15 -13.31 -27.39
CA PRO J 295 -29.96 -14.19 -26.23
C PRO J 295 -30.60 -13.67 -24.95
N ASN J 296 -30.94 -12.38 -24.87
CA ASN J 296 -31.58 -11.83 -23.68
C ASN J 296 -33.07 -12.12 -23.61
N ALA J 297 -33.66 -12.67 -24.67
CA ALA J 297 -35.06 -13.05 -24.62
C ALA J 297 -35.24 -14.25 -23.70
N LEU J 298 -36.44 -14.36 -23.11
CA LEU J 298 -36.72 -15.42 -22.16
C LEU J 298 -38.17 -15.82 -22.30
N ILE J 299 -38.41 -17.13 -22.43
CA ILE J 299 -39.74 -17.68 -22.65
C ILE J 299 -40.05 -18.66 -21.53
N TYR J 300 -41.18 -18.47 -20.87
CA TYR J 300 -41.67 -19.39 -19.85
C TYR J 300 -42.74 -20.28 -20.47
N GLY J 301 -42.38 -21.52 -20.74
CA GLY J 301 -43.34 -22.49 -21.23
C GLY J 301 -44.03 -23.21 -20.09
N LEU J 302 -45.33 -22.97 -19.93
CA LEU J 302 -46.11 -23.57 -18.86
C LEU J 302 -47.08 -24.59 -19.46
N GLN J 303 -47.00 -25.82 -18.99
CA GLN J 303 -47.84 -26.91 -19.46
C GLN J 303 -48.53 -27.57 -18.28
N TYR J 304 -49.64 -28.26 -18.56
CA TYR J 304 -50.34 -29.07 -17.56
C TYR J 304 -50.49 -30.48 -18.14
N ASP J 305 -49.42 -31.26 -17.99
CA ASP J 305 -49.37 -32.64 -18.48
C ASP J 305 -48.01 -33.25 -18.15
N VAL J 306 -47.84 -34.54 -18.43
CA VAL J 306 -46.53 -35.16 -18.30
C VAL J 306 -45.59 -34.59 -19.36
N LEU J 307 -44.34 -34.36 -18.96
CA LEU J 307 -43.37 -33.75 -19.87
C LEU J 307 -43.09 -34.63 -21.08
N GLU J 308 -43.28 -35.95 -20.96
CA GLU J 308 -42.96 -36.87 -22.04
C GLU J 308 -43.87 -36.70 -23.25
N ASN J 309 -44.97 -35.94 -23.13
CA ASN J 309 -45.92 -35.78 -24.21
C ASN J 309 -45.60 -34.61 -25.14
N TYR J 310 -44.51 -33.88 -24.88
CA TYR J 310 -44.11 -32.73 -25.69
C TYR J 310 -42.71 -32.98 -26.23
N GLN J 311 -42.62 -33.64 -27.38
CA GLN J 311 -41.32 -33.91 -27.98
C GLN J 311 -40.71 -32.66 -28.58
N GLU J 312 -41.51 -31.85 -29.26
CA GLU J 312 -41.00 -30.62 -29.86
C GLU J 312 -40.52 -29.65 -28.79
N ALA J 313 -41.25 -29.56 -27.68
CA ALA J 313 -40.82 -28.71 -26.57
C ALA J 313 -39.50 -29.20 -25.99
N LYS J 314 -39.34 -30.52 -25.87
CA LYS J 314 -38.08 -31.07 -25.39
C LYS J 314 -36.93 -30.73 -26.33
N ASP J 315 -37.16 -30.85 -27.64
CA ASP J 315 -36.13 -30.51 -28.61
C ASP J 315 -35.75 -29.03 -28.52
N MET J 316 -36.76 -28.16 -28.41
CA MET J 316 -36.48 -26.73 -28.30
C MET J 316 -35.72 -26.41 -27.02
N ALA J 317 -36.09 -27.04 -25.90
CA ALA J 317 -35.39 -26.80 -24.65
C ALA J 317 -33.94 -27.29 -24.72
N LEU J 318 -33.72 -28.45 -25.34
CA LEU J 318 -32.36 -28.95 -25.50
C LEU J 318 -31.56 -28.14 -26.51
N LYS J 319 -32.24 -27.40 -27.39
CA LYS J 319 -31.55 -26.57 -28.37
C LYS J 319 -31.33 -25.15 -27.86
N ARG J 320 -32.41 -24.48 -27.47
CA ARG J 320 -32.34 -23.10 -26.99
C ARG J 320 -32.16 -23.08 -25.47
N SER J 321 -31.10 -22.43 -25.00
CA SER J 321 -30.80 -22.44 -23.58
C SER J 321 -31.76 -21.55 -22.80
N ASN J 322 -32.17 -20.42 -23.37
CA ASN J 322 -32.97 -19.43 -22.66
C ASN J 322 -34.46 -19.73 -22.71
N LEU J 323 -34.84 -20.98 -22.95
CA LEU J 323 -36.23 -21.42 -22.89
C LEU J 323 -36.42 -22.29 -21.66
N ILE J 324 -37.41 -21.94 -20.85
CA ILE J 324 -37.71 -22.67 -19.61
C ILE J 324 -39.02 -23.41 -19.80
N LEU J 325 -38.95 -24.74 -19.76
CA LEU J 325 -40.12 -25.60 -19.92
C LEU J 325 -40.41 -26.26 -18.59
N LEU J 326 -41.61 -26.04 -18.07
CA LEU J 326 -42.03 -26.55 -16.77
C LEU J 326 -43.28 -27.41 -16.95
N ALA J 327 -43.22 -28.65 -16.51
CA ALA J 327 -44.33 -29.59 -16.59
C ALA J 327 -44.74 -30.02 -15.18
N LYS J 328 -45.78 -30.86 -15.12
CA LYS J 328 -46.34 -31.27 -13.84
C LYS J 328 -45.34 -32.08 -13.02
N ASP J 329 -44.67 -33.04 -13.64
CA ASP J 329 -43.79 -33.96 -12.93
C ASP J 329 -42.31 -33.65 -13.11
N ARG J 330 -41.89 -33.32 -14.33
CA ARG J 330 -40.49 -33.02 -14.62
C ARG J 330 -40.39 -31.61 -15.19
N ALA J 331 -39.16 -31.09 -15.17
CA ALA J 331 -38.88 -29.77 -15.70
C ALA J 331 -37.47 -29.74 -16.28
N ILE J 332 -37.33 -29.15 -17.46
CA ILE J 332 -36.05 -29.03 -18.14
C ILE J 332 -35.68 -27.55 -18.17
N ILE J 333 -34.52 -27.23 -17.60
CA ILE J 333 -34.04 -25.86 -17.51
C ILE J 333 -32.58 -25.83 -17.94
N GLY J 334 -32.25 -24.93 -18.86
CA GLY J 334 -30.88 -24.76 -19.29
C GLY J 334 -30.26 -25.98 -19.91
N LYS J 335 -31.00 -26.64 -20.80
CA LYS J 335 -30.53 -27.83 -21.51
C LYS J 335 -30.17 -28.96 -20.55
N LYS J 336 -30.89 -29.06 -19.43
CA LYS J 336 -30.64 -30.10 -18.43
C LYS J 336 -31.97 -30.52 -17.85
N GLU J 337 -32.42 -31.73 -18.19
CA GLU J 337 -33.67 -32.24 -17.69
C GLU J 337 -33.54 -32.64 -16.21
N GLY J 338 -34.63 -32.46 -15.47
CA GLY J 338 -34.65 -32.81 -14.07
C GLY J 338 -36.03 -33.12 -13.54
N GLU J 339 -36.15 -33.33 -12.23
CA GLU J 339 -37.42 -33.66 -11.60
C GLU J 339 -37.60 -32.79 -10.36
N TRP J 340 -38.87 -32.57 -10.02
CA TRP J 340 -39.20 -31.75 -8.86
C TRP J 340 -38.77 -32.44 -7.57
N LYS J 341 -38.42 -31.62 -6.57
CA LYS J 341 -38.05 -32.13 -5.27
C LYS J 341 -39.30 -32.31 -4.41
N PRO J 342 -39.55 -33.52 -3.89
CA PRO J 342 -40.72 -33.80 -3.05
C PRO J 342 -40.75 -32.96 -1.78
N LEU J 354 -48.22 -35.33 -8.27
CA LEU J 354 -47.62 -34.32 -9.13
C LEU J 354 -47.44 -33.00 -8.37
N PHE J 355 -46.49 -32.20 -8.82
CA PHE J 355 -46.19 -30.90 -8.22
C PHE J 355 -46.37 -29.81 -9.27
N PHE J 356 -46.06 -28.57 -8.88
CA PHE J 356 -46.12 -27.41 -9.75
C PHE J 356 -47.49 -27.28 -10.41
N LYS J 357 -48.50 -27.02 -9.58
CA LYS J 357 -49.86 -26.85 -10.08
C LYS J 357 -50.04 -25.55 -10.87
N LEU J 358 -48.97 -24.77 -11.08
CA LEU J 358 -49.07 -23.52 -11.82
C LEU J 358 -49.40 -23.74 -13.29
N GLY J 359 -49.28 -24.97 -13.79
CA GLY J 359 -49.64 -25.23 -15.17
C GLY J 359 -51.11 -25.02 -15.45
N ASP J 360 -51.96 -25.36 -14.49
CA ASP J 360 -53.39 -25.14 -14.63
C ASP J 360 -53.70 -23.65 -14.74
N PHE J 361 -54.66 -23.31 -15.60
CA PHE J 361 -54.98 -21.91 -15.83
C PHE J 361 -55.56 -21.25 -14.58
N GLN J 362 -56.39 -21.98 -13.83
CA GLN J 362 -56.97 -21.41 -12.61
C GLN J 362 -55.89 -21.04 -11.61
N HIS J 363 -54.91 -21.92 -11.42
CA HIS J 363 -53.85 -21.63 -10.46
C HIS J 363 -52.99 -20.46 -10.92
N LEU J 364 -52.70 -20.38 -12.22
CA LEU J 364 -51.94 -19.25 -12.74
C LEU J 364 -52.71 -17.94 -12.54
N ALA J 365 -54.02 -17.97 -12.78
CA ALA J 365 -54.81 -16.76 -12.57
C ALA J 365 -54.84 -16.34 -11.10
N SER J 366 -54.97 -17.32 -10.19
CA SER J 366 -54.92 -16.99 -8.77
C SER J 366 -53.58 -16.42 -8.38
N PHE J 367 -52.50 -16.99 -8.93
CA PHE J 367 -51.16 -16.46 -8.69
C PHE J 367 -51.04 -15.02 -9.18
N LEU J 368 -51.54 -14.74 -10.38
CA LEU J 368 -51.46 -13.39 -10.92
C LEU J 368 -52.27 -12.40 -10.09
N GLU J 369 -53.47 -12.81 -9.64
CA GLU J 369 -54.30 -11.88 -8.88
C GLU J 369 -53.76 -11.66 -7.47
N GLU J 370 -53.07 -12.66 -6.90
CA GLU J 370 -52.48 -12.44 -5.59
C GLU J 370 -51.20 -11.62 -5.68
N ILE J 371 -50.42 -11.78 -6.76
CA ILE J 371 -49.26 -10.91 -6.93
C ILE J 371 -49.66 -9.51 -7.38
N SER J 372 -50.88 -9.34 -7.89
CA SER J 372 -51.32 -8.01 -8.33
C SER J 372 -51.34 -7.03 -7.16
N GLN J 373 -51.83 -7.45 -6.01
CA GLN J 373 -51.89 -6.58 -4.84
C GLN J 373 -50.67 -6.76 -3.95
N ASP K 11 -4.64 15.32 -83.26
CA ASP K 11 -3.45 15.75 -83.96
C ASP K 11 -2.20 15.54 -83.11
N THR K 12 -1.04 15.48 -83.76
CA THR K 12 0.21 15.28 -83.04
C THR K 12 0.51 16.45 -82.11
N THR K 13 0.24 17.67 -82.56
CA THR K 13 0.59 18.86 -81.79
C THR K 13 -0.09 18.89 -80.43
N GLN K 14 -1.37 18.49 -80.39
CA GLN K 14 -2.07 18.44 -79.12
C GLN K 14 -1.43 17.43 -78.16
N GLN K 15 -1.05 16.26 -78.69
CA GLN K 15 -0.38 15.27 -77.86
C GLN K 15 0.94 15.80 -77.31
N LEU K 16 1.73 16.46 -78.17
CA LEU K 16 3.01 17.01 -77.71
C LEU K 16 2.79 18.07 -76.65
N SER K 17 1.81 18.95 -76.85
CA SER K 17 1.55 20.00 -75.86
C SER K 17 1.10 19.41 -74.53
N LEU K 18 0.21 18.41 -74.58
CA LEU K 18 -0.24 17.77 -73.35
C LEU K 18 0.93 17.10 -72.63
N LEU K 19 1.78 16.39 -73.37
CA LEU K 19 2.93 15.74 -72.75
C LEU K 19 3.86 16.77 -72.13
N LYS K 20 4.09 17.89 -72.82
CA LYS K 20 4.94 18.94 -72.28
C LYS K 20 4.38 19.49 -70.97
N HIS K 21 3.08 19.79 -70.95
CA HIS K 21 2.49 20.41 -69.77
C HIS K 21 2.15 19.43 -68.66
N VAL K 22 2.30 18.12 -68.89
CA VAL K 22 2.15 17.15 -67.80
C VAL K 22 3.51 16.69 -67.26
N LEU K 23 4.54 16.62 -68.12
CA LEU K 23 5.86 16.23 -67.64
C LEU K 23 6.61 17.43 -67.06
N SER K 24 6.62 18.56 -67.78
CA SER K 24 7.37 19.72 -67.31
C SER K 24 6.83 20.25 -65.99
N GLU K 25 5.55 20.01 -65.71
CA GLU K 25 4.99 20.38 -64.42
C GLU K 25 5.60 19.53 -63.31
N ASP K 26 5.90 20.17 -62.19
CA ASP K 26 6.52 19.51 -61.04
C ASP K 26 5.43 19.04 -60.09
N LYS K 27 5.34 17.72 -59.90
CA LYS K 27 4.30 17.12 -59.07
C LYS K 27 4.52 15.61 -58.95
N ARG K 28 3.94 14.84 -59.86
CA ARG K 28 4.05 13.40 -59.81
C ARG K 28 5.49 12.96 -60.06
N PRO K 29 5.89 11.81 -59.51
CA PRO K 29 7.25 11.32 -59.73
C PRO K 29 7.49 10.93 -61.18
N ILE K 30 8.76 10.98 -61.58
CA ILE K 30 9.17 10.77 -62.95
C ILE K 30 10.04 9.52 -63.02
N ALA K 31 9.89 8.74 -64.09
CA ALA K 31 10.73 7.57 -64.28
C ALA K 31 10.80 7.23 -65.76
N PHE K 32 11.94 6.66 -66.16
CA PHE K 32 12.19 6.27 -67.53
C PHE K 32 12.61 4.80 -67.56
N ILE K 33 12.36 4.16 -68.70
CA ILE K 33 12.88 2.83 -68.99
C ILE K 33 13.71 2.91 -70.27
N ILE K 34 14.93 2.39 -70.22
CA ILE K 34 15.87 2.46 -71.34
C ILE K 34 16.19 1.03 -71.77
N ALA K 35 15.91 0.72 -73.02
CA ALA K 35 16.15 -0.61 -73.57
C ALA K 35 17.47 -0.64 -74.33
N ALA K 36 17.74 -1.75 -75.01
CA ALA K 36 18.94 -1.89 -75.81
C ALA K 36 18.92 -1.06 -77.08
N GLY K 37 17.77 -0.47 -77.42
CA GLY K 37 17.69 0.36 -78.62
C GLY K 37 18.33 1.72 -78.49
N CYS K 38 18.56 2.19 -77.27
CA CYS K 38 19.17 3.51 -77.09
C CYS K 38 20.58 3.60 -77.66
N PRO K 39 21.48 2.64 -77.46
CA PRO K 39 22.79 2.71 -78.11
C PRO K 39 22.72 2.67 -79.63
N VAL K 40 21.62 2.18 -80.20
CA VAL K 40 21.51 2.14 -81.66
C VAL K 40 21.41 3.55 -82.23
N SER K 41 20.72 4.45 -81.53
CA SER K 41 20.45 5.78 -82.05
C SER K 41 21.66 6.71 -82.00
N ILE K 42 22.74 6.33 -81.32
CA ILE K 42 23.96 7.11 -81.27
C ILE K 42 24.98 6.49 -82.22
N ARG K 43 25.52 7.31 -83.12
CA ARG K 43 26.46 6.86 -84.13
C ARG K 43 27.81 7.49 -83.90
N HIS K 44 28.85 6.66 -83.85
CA HIS K 44 30.23 7.12 -83.68
C HIS K 44 31.05 6.63 -84.86
N ASN K 45 31.74 7.57 -85.52
CA ASN K 45 32.54 7.27 -86.72
C ASN K 45 31.68 6.57 -87.77
N ASP K 46 30.48 7.09 -87.98
CA ASP K 46 29.49 6.57 -88.93
C ASP K 46 29.00 5.18 -88.56
N ALA K 47 29.27 4.70 -87.35
CA ALA K 47 28.83 3.40 -86.90
C ALA K 47 28.19 3.52 -85.52
N PRO K 48 27.22 2.66 -85.20
CA PRO K 48 26.63 2.70 -83.86
C PRO K 48 27.65 2.34 -82.79
N LEU K 49 27.50 2.97 -81.63
CA LEU K 49 28.40 2.69 -80.52
C LEU K 49 28.27 1.24 -80.06
N ILE K 50 27.05 0.80 -79.80
CA ILE K 50 26.76 -0.60 -79.49
C ILE K 50 25.59 -1.03 -80.36
N PRO K 51 25.72 -2.09 -81.16
CA PRO K 51 24.63 -2.50 -82.04
C PRO K 51 23.45 -3.10 -81.28
N ASP K 52 22.41 -3.47 -82.01
CA ASP K 52 21.25 -4.10 -81.39
C ASP K 52 21.62 -5.50 -80.90
N VAL K 53 20.64 -6.18 -80.32
CA VAL K 53 20.88 -7.52 -79.79
C VAL K 53 21.28 -8.47 -80.92
N ALA K 54 20.66 -8.31 -82.10
CA ALA K 54 20.99 -9.16 -83.23
C ALA K 54 22.44 -8.99 -83.65
N GLY K 55 22.97 -7.77 -83.54
CA GLY K 55 24.37 -7.55 -83.84
C GLY K 55 25.28 -8.37 -82.94
N LEU K 56 25.01 -8.35 -81.64
CA LEU K 56 25.80 -9.16 -80.72
C LEU K 56 25.62 -10.65 -81.01
N THR K 57 24.41 -11.06 -81.37
CA THR K 57 24.17 -12.48 -81.64
C THR K 57 25.00 -12.96 -82.82
N ARG K 58 24.97 -12.25 -83.95
CA ARG K 58 25.76 -12.79 -85.05
C ARG K 58 27.24 -12.47 -84.91
N LYS K 59 27.62 -11.51 -84.06
CA LYS K 59 29.02 -11.39 -83.67
C LYS K 59 29.49 -12.66 -82.97
N ILE K 60 28.68 -13.16 -82.02
CA ILE K 60 29.00 -14.42 -81.36
C ILE K 60 29.00 -15.56 -82.38
N SER K 61 28.06 -15.54 -83.33
CA SER K 61 27.97 -16.59 -84.32
C SER K 61 29.24 -16.66 -85.17
N ASP K 62 29.73 -15.51 -85.63
CA ASP K 62 30.97 -15.51 -86.40
C ASP K 62 32.19 -15.72 -85.51
N SER K 63 32.07 -15.52 -84.21
CA SER K 63 33.17 -15.79 -83.28
C SER K 63 33.51 -17.27 -83.24
N LEU K 72 30.37 -23.82 -83.17
CA LEU K 72 29.48 -24.80 -82.55
C LEU K 72 28.03 -24.37 -82.67
N MET K 73 27.45 -24.57 -83.85
CA MET K 73 26.06 -24.21 -84.09
C MET K 73 25.09 -25.25 -83.55
N LYS K 74 25.59 -26.40 -83.08
CA LYS K 74 24.72 -27.52 -82.72
C LYS K 74 23.64 -27.11 -81.74
N ILE K 75 24.02 -26.38 -80.69
CA ILE K 75 23.03 -25.90 -79.73
C ILE K 75 22.04 -24.96 -80.40
N ILE K 76 22.53 -24.15 -81.34
CA ILE K 76 21.66 -23.17 -82.00
C ILE K 76 20.57 -23.87 -82.80
N GLN K 77 20.92 -24.91 -83.58
CA GLN K 77 19.84 -25.61 -84.27
C GLN K 77 19.04 -26.51 -83.36
N ASN K 78 19.62 -26.97 -82.24
CA ASN K 78 18.83 -27.74 -81.27
C ASN K 78 17.71 -26.88 -80.69
N LEU K 79 18.02 -25.63 -80.33
CA LEU K 79 16.98 -24.74 -79.83
C LEU K 79 16.10 -24.20 -80.96
N LYS K 80 16.65 -24.06 -82.16
CA LYS K 80 15.89 -23.55 -83.29
C LYS K 80 14.70 -24.45 -83.63
N THR K 81 14.77 -25.73 -83.28
CA THR K 81 13.67 -26.65 -83.59
C THR K 81 12.37 -26.20 -82.94
N THR K 82 12.45 -25.66 -81.73
CA THR K 82 11.26 -25.21 -81.01
C THR K 82 11.27 -23.71 -80.72
N ILE K 83 12.29 -22.98 -81.14
CA ILE K 83 12.39 -21.55 -80.84
C ILE K 83 12.67 -20.80 -82.14
N PRO K 84 12.08 -19.61 -82.33
CA PRO K 84 12.44 -18.77 -83.49
C PRO K 84 13.82 -18.16 -83.32
N ASN K 85 14.20 -17.24 -84.22
CA ASN K 85 15.51 -16.59 -84.25
C ASN K 85 15.93 -16.18 -82.84
N PRO K 86 17.00 -16.78 -82.31
CA PRO K 86 17.33 -16.61 -80.89
C PRO K 86 18.22 -15.41 -80.63
N THR K 87 18.41 -15.12 -79.34
CA THR K 87 19.29 -14.06 -78.86
C THR K 87 20.29 -14.66 -77.88
N ILE K 88 21.18 -13.80 -77.37
CA ILE K 88 22.27 -14.28 -76.53
C ILE K 88 21.74 -14.76 -75.18
N GLU K 89 20.72 -14.08 -74.64
CA GLU K 89 20.22 -14.43 -73.31
C GLU K 89 19.70 -15.86 -73.29
N ASP K 90 18.97 -16.27 -74.32
CA ASP K 90 18.49 -17.65 -74.40
C ASP K 90 19.65 -18.63 -74.46
N ILE K 91 20.69 -18.30 -75.22
CA ILE K 91 21.84 -19.20 -75.36
C ILE K 91 22.54 -19.37 -74.02
N LEU K 92 22.78 -18.26 -73.31
CA LEU K 92 23.49 -18.36 -72.04
C LEU K 92 22.63 -19.05 -70.98
N SER K 93 21.31 -18.82 -71.00
CA SER K 93 20.43 -19.53 -70.08
C SER K 93 20.46 -21.04 -70.35
N TYR K 94 20.46 -21.42 -71.63
CA TYR K 94 20.55 -22.84 -71.97
C TYR K 94 21.88 -23.42 -71.51
N ILE K 95 22.96 -22.68 -71.69
CA ILE K 95 24.27 -23.16 -71.23
C ILE K 95 24.27 -23.34 -69.72
N ARG K 96 23.69 -22.39 -68.99
CA ARG K 96 23.61 -22.51 -67.53
C ARG K 96 22.78 -23.72 -67.12
N LEU K 97 21.64 -23.94 -67.79
CA LEU K 97 20.81 -25.10 -67.49
C LEU K 97 21.57 -26.39 -67.77
N LEU K 98 22.40 -26.41 -68.82
CA LEU K 98 23.27 -27.55 -69.06
C LEU K 98 24.23 -27.77 -67.89
N GLN K 99 24.95 -26.71 -67.50
CA GLN K 99 25.97 -26.88 -66.48
C GLN K 99 25.41 -27.14 -65.10
N GLN K 100 24.10 -26.93 -64.88
CA GLN K 100 23.48 -27.44 -63.65
C GLN K 100 23.58 -28.95 -63.59
N ILE K 101 23.31 -29.64 -64.69
CA ILE K 101 23.34 -31.10 -64.73
C ILE K 101 24.79 -31.58 -64.70
N PRO K 102 25.14 -32.54 -63.85
CA PRO K 102 26.54 -33.02 -63.84
C PRO K 102 26.97 -33.66 -65.15
N MET K 103 26.23 -34.66 -65.62
CA MET K 103 26.56 -35.35 -66.88
C MET K 103 25.69 -34.80 -68.02
N SER K 104 25.96 -33.53 -68.36
CA SER K 104 25.19 -32.83 -69.38
C SER K 104 25.80 -32.98 -70.78
N GLY K 105 26.91 -33.70 -70.92
CA GLY K 105 27.56 -33.81 -72.20
C GLY K 105 26.93 -34.78 -73.18
N LYS K 106 25.99 -35.61 -72.73
CA LYS K 106 25.39 -36.60 -73.62
C LYS K 106 24.75 -35.96 -74.84
N ILE K 107 24.34 -34.69 -74.73
CA ILE K 107 23.84 -33.98 -75.90
C ILE K 107 24.98 -33.67 -76.86
N HIS K 108 26.14 -33.28 -76.35
CA HIS K 108 27.28 -32.86 -77.17
C HIS K 108 28.55 -33.59 -76.72
N ASP K 109 28.85 -34.70 -77.37
CA ASP K 109 30.13 -35.44 -77.22
C ASP K 109 30.26 -35.91 -75.76
N VAL K 110 31.46 -35.83 -75.18
CA VAL K 110 31.70 -36.27 -73.81
C VAL K 110 32.79 -35.40 -73.20
N GLU K 111 33.15 -35.68 -71.94
CA GLU K 111 34.28 -35.02 -71.27
C GLU K 111 34.07 -33.51 -71.20
N ASN K 112 33.09 -33.13 -70.37
CA ASN K 112 32.52 -31.79 -70.40
C ASN K 112 33.56 -30.69 -70.27
N SER K 113 33.84 -30.01 -71.37
CA SER K 113 34.62 -28.78 -71.38
C SER K 113 34.05 -27.70 -72.29
N VAL K 114 33.25 -28.05 -73.30
CA VAL K 114 32.81 -27.07 -74.29
C VAL K 114 31.86 -26.06 -73.66
N ILE K 115 30.89 -26.54 -72.88
CA ILE K 115 29.89 -25.65 -72.31
C ILE K 115 30.55 -24.60 -71.42
N ASN K 116 31.46 -25.04 -70.56
CA ASN K 116 32.24 -24.08 -69.77
C ASN K 116 33.01 -23.13 -70.67
N ALA K 117 33.93 -23.68 -71.48
CA ALA K 117 34.77 -22.86 -72.34
C ALA K 117 33.92 -21.91 -73.17
N LEU K 118 32.78 -22.37 -73.66
CA LEU K 118 31.87 -21.47 -74.37
C LEU K 118 31.38 -20.36 -73.46
N GLU K 119 31.03 -20.69 -72.20
CA GLU K 119 30.52 -19.67 -71.29
C GLU K 119 31.55 -18.58 -71.04
N GLU K 120 32.78 -18.96 -70.67
CA GLU K 120 33.79 -17.93 -70.49
C GLU K 120 34.07 -17.18 -71.80
N SER K 121 34.32 -17.90 -72.89
CA SER K 121 34.65 -17.21 -74.14
C SER K 121 33.61 -16.15 -74.45
N ILE K 122 32.32 -16.50 -74.36
CA ILE K 122 31.28 -15.53 -74.66
C ILE K 122 31.23 -14.42 -73.60
N CYS K 123 31.50 -14.72 -72.33
CA CYS K 123 31.32 -13.68 -71.31
C CYS K 123 32.40 -12.61 -71.45
N GLU K 124 33.67 -13.01 -71.57
CA GLU K 124 34.68 -11.97 -71.77
C GLU K 124 34.60 -11.36 -73.17
N LEU K 125 34.09 -12.10 -74.16
CA LEU K 125 33.88 -11.48 -75.46
C LEU K 125 32.85 -10.37 -75.38
N ILE K 126 31.75 -10.60 -74.67
CA ILE K 126 30.73 -9.57 -74.48
C ILE K 126 31.29 -8.43 -73.66
N GLU K 127 32.04 -8.72 -72.60
CA GLU K 127 32.59 -7.65 -71.77
C GLU K 127 33.59 -6.80 -72.54
N GLU K 128 34.29 -7.39 -73.51
CA GLU K 128 35.19 -6.61 -74.36
C GLU K 128 34.41 -5.80 -75.39
N GLU K 129 33.31 -6.36 -75.89
CA GLU K 129 32.51 -5.65 -76.89
C GLU K 129 31.79 -4.45 -76.27
N VAL K 130 31.39 -4.56 -75.00
CA VAL K 130 30.59 -3.51 -74.35
C VAL K 130 31.45 -2.42 -73.73
N ASN K 131 32.72 -2.69 -73.43
CA ASN K 131 33.59 -1.72 -72.77
C ASN K 131 33.92 -0.62 -73.78
N VAL K 132 33.02 0.37 -73.86
CA VAL K 132 33.16 1.48 -74.79
C VAL K 132 33.06 2.79 -74.01
N ASP K 133 33.86 3.77 -74.41
CA ASP K 133 33.86 5.07 -73.77
C ASP K 133 32.89 6.01 -74.49
N LEU K 134 32.20 6.82 -73.70
CA LEU K 134 31.22 7.75 -74.26
C LEU K 134 31.94 8.87 -75.01
N PRO K 135 31.37 9.36 -76.11
CA PRO K 135 31.98 10.49 -76.83
C PRO K 135 31.81 11.81 -76.09
N GLY K 136 32.17 12.91 -76.75
CA GLY K 136 32.16 14.23 -76.15
C GLY K 136 30.80 14.74 -75.69
N ASN K 137 30.73 16.02 -75.36
CA ASN K 137 29.58 16.66 -74.71
C ASN K 137 28.32 16.69 -75.57
N ALA K 138 28.29 16.11 -76.77
CA ALA K 138 27.08 16.09 -77.60
C ALA K 138 26.19 14.90 -77.31
N THR K 139 26.54 14.07 -76.33
CA THR K 139 25.75 12.88 -76.02
C THR K 139 24.37 13.29 -75.49
N PRO K 140 23.30 12.66 -75.97
CA PRO K 140 21.96 12.96 -75.41
C PRO K 140 21.85 12.63 -73.93
N TYR K 141 22.63 11.67 -73.44
CA TYR K 141 22.65 11.37 -72.02
C TYR K 141 23.00 12.61 -71.21
N HIS K 142 23.90 13.45 -71.75
CA HIS K 142 24.23 14.71 -71.09
C HIS K 142 23.02 15.62 -71.01
N LYS K 143 22.22 15.68 -72.08
CA LYS K 143 21.01 16.49 -72.05
C LYS K 143 20.03 15.96 -71.01
N ILE K 144 19.86 14.64 -70.93
CA ILE K 144 18.96 14.07 -69.93
C ILE K 144 19.44 14.38 -68.52
N ALA K 145 20.75 14.25 -68.28
CA ALA K 145 21.31 14.55 -66.97
C ALA K 145 21.13 16.02 -66.62
N ALA K 146 21.33 16.91 -67.59
CA ALA K 146 21.13 18.33 -67.35
C ALA K 146 19.69 18.64 -67.01
N TRP K 147 18.74 18.00 -67.70
CA TRP K 147 17.33 18.19 -67.37
C TRP K 147 17.04 17.66 -65.97
N ILE K 148 17.65 16.53 -65.59
CA ILE K 148 17.45 15.99 -64.25
C ILE K 148 17.96 16.98 -63.21
N ASN K 149 19.14 17.55 -63.44
CA ASN K 149 19.67 18.57 -62.54
C ASN K 149 18.85 19.86 -62.59
N SER K 150 18.05 20.06 -63.63
CA SER K 150 17.24 21.26 -63.76
C SER K 150 15.95 21.21 -62.95
N ILE K 151 15.59 20.04 -62.42
CA ILE K 151 14.38 19.89 -61.62
C ILE K 151 14.78 19.48 -60.21
N ASN K 152 14.24 20.20 -59.22
CA ASN K 152 14.52 19.94 -57.81
C ASN K 152 13.25 19.55 -57.06
N ARG K 153 12.37 18.82 -57.74
CA ARG K 153 11.12 18.41 -57.13
C ARG K 153 11.37 17.40 -56.01
N GLU K 154 10.45 17.36 -55.05
CA GLU K 154 10.57 16.42 -53.95
C GLU K 154 10.51 14.97 -54.45
N HIS K 155 9.62 14.70 -55.40
CA HIS K 155 9.51 13.38 -56.01
C HIS K 155 10.69 13.20 -56.96
N GLN K 156 11.69 12.44 -56.51
CA GLN K 156 12.89 12.24 -57.31
C GLN K 156 12.60 11.33 -58.50
N VAL K 157 13.54 11.30 -59.44
CA VAL K 157 13.42 10.53 -60.67
C VAL K 157 14.23 9.26 -60.51
N GLU K 158 13.56 8.11 -60.63
CA GLU K 158 14.22 6.81 -60.63
C GLU K 158 14.26 6.26 -62.04
N ILE K 159 15.38 5.66 -62.41
CA ILE K 159 15.63 5.23 -63.79
C ILE K 159 15.83 3.73 -63.81
N PHE K 160 15.08 3.05 -64.67
CA PHE K 160 15.22 1.61 -64.89
C PHE K 160 15.84 1.39 -66.26
N THR K 161 16.85 0.52 -66.31
CA THR K 161 17.56 0.22 -67.55
C THR K 161 17.69 -1.28 -67.74
N THR K 162 17.57 -1.72 -68.98
CA THR K 162 17.77 -3.12 -69.34
C THR K 162 19.13 -3.37 -70.00
N ASN K 163 19.98 -2.35 -70.06
CA ASN K 163 21.26 -2.46 -70.74
C ASN K 163 22.29 -3.11 -69.82
N TYR K 164 23.53 -3.19 -70.32
CA TYR K 164 24.65 -3.75 -69.58
C TYR K 164 25.79 -2.77 -69.39
N ASP K 165 25.83 -1.70 -70.18
CA ASP K 165 26.96 -0.77 -70.16
C ASP K 165 26.87 0.19 -68.98
N LEU K 166 27.94 0.98 -68.83
CA LEU K 166 28.03 2.00 -67.80
C LEU K 166 27.76 3.40 -68.33
N LEU K 167 27.19 3.50 -69.54
CA LEU K 167 27.13 4.78 -70.24
C LEU K 167 26.30 5.81 -69.48
N MET K 168 25.11 5.42 -69.02
CA MET K 168 24.21 6.39 -68.40
C MET K 168 24.81 6.96 -67.12
N GLU K 169 25.29 6.09 -66.25
CA GLU K 169 25.91 6.57 -65.01
C GLU K 169 27.25 7.25 -65.26
N GLN K 170 27.98 6.87 -66.32
CA GLN K 170 29.18 7.61 -66.68
C GLN K 170 28.83 9.06 -67.03
N ALA K 171 27.81 9.25 -67.87
CA ALA K 171 27.40 10.60 -68.23
C ALA K 171 26.87 11.35 -67.02
N LEU K 172 26.12 10.66 -66.15
CA LEU K 172 25.58 11.32 -64.96
C LEU K 172 26.69 11.77 -64.01
N GLU K 173 27.71 10.94 -63.84
CA GLU K 173 28.87 11.34 -63.05
C GLU K 173 29.61 12.49 -63.70
N GLU K 174 29.72 12.49 -65.03
CA GLU K 174 30.31 13.63 -65.72
C GLU K 174 29.50 14.90 -65.56
N LEU K 175 28.23 14.78 -65.16
CA LEU K 175 27.37 15.93 -64.91
C LEU K 175 27.33 16.32 -63.44
N ASN K 176 28.07 15.62 -62.58
CA ASN K 176 28.19 15.92 -61.15
C ASN K 176 26.81 15.92 -60.47
N VAL K 177 26.18 14.74 -60.49
CA VAL K 177 24.88 14.56 -59.82
C VAL K 177 24.89 13.26 -59.05
N PRO K 178 24.17 13.23 -57.93
CA PRO K 178 24.14 12.02 -57.11
C PRO K 178 23.16 10.98 -57.62
N TYR K 179 23.48 9.71 -57.34
CA TYR K 179 22.60 8.60 -57.70
C TYR K 179 22.93 7.41 -56.83
N PHE K 180 21.91 6.65 -56.48
CA PHE K 180 22.04 5.45 -55.65
C PHE K 180 21.52 4.25 -56.42
N ASP K 181 22.31 3.19 -56.50
CA ASP K 181 21.99 2.02 -57.30
C ASP K 181 21.90 0.75 -56.46
N GLY K 182 21.65 0.87 -55.17
CA GLY K 182 21.51 -0.29 -54.31
C GLY K 182 22.82 -0.88 -53.82
N PHE K 183 23.95 -0.32 -54.22
CA PHE K 183 25.26 -0.80 -53.77
C PHE K 183 26.01 0.35 -53.11
N VAL K 184 26.60 0.07 -51.96
CA VAL K 184 27.30 1.09 -51.17
C VAL K 184 28.65 0.54 -50.75
N GLY K 185 29.68 1.39 -50.84
CA GLY K 185 30.99 0.99 -50.36
C GLY K 185 32.16 1.44 -51.21
N SER K 186 32.97 0.48 -51.65
CA SER K 186 34.24 0.75 -52.29
C SER K 186 34.49 -0.34 -53.33
N LYS K 187 35.76 -0.51 -53.73
CA LYS K 187 36.12 -1.52 -54.72
C LYS K 187 35.55 -2.89 -54.41
N ARG K 188 35.25 -3.17 -53.14
CA ARG K 188 34.55 -4.39 -52.73
C ARG K 188 33.21 -4.07 -52.11
N ALA K 189 32.47 -3.14 -52.71
CA ALA K 189 31.15 -2.78 -52.19
C ALA K 189 30.20 -3.96 -52.26
N PHE K 190 29.50 -4.21 -51.16
CA PHE K 190 28.54 -5.30 -51.08
C PHE K 190 27.20 -4.86 -51.68
N PHE K 191 26.17 -5.69 -51.52
CA PHE K 191 24.82 -5.37 -51.96
C PHE K 191 24.02 -4.89 -50.77
N ASP K 192 23.85 -3.58 -50.67
CA ASP K 192 22.93 -3.03 -49.66
C ASP K 192 21.52 -3.48 -49.96
N ILE K 193 20.82 -3.96 -48.93
CA ILE K 193 19.51 -4.59 -49.09
C ILE K 193 18.41 -3.80 -48.38
N ARG K 194 18.62 -3.48 -47.10
CA ARG K 194 17.55 -2.84 -46.32
C ARG K 194 17.36 -1.38 -46.74
N THR K 195 18.46 -0.64 -46.91
CA THR K 195 18.36 0.76 -47.29
C THR K 195 17.60 0.96 -48.59
N ILE K 196 17.37 -0.11 -49.35
CA ILE K 196 16.48 -0.03 -50.49
C ILE K 196 15.05 0.31 -50.03
N GLU K 197 14.59 -0.35 -48.97
CA GLU K 197 13.19 -0.24 -48.59
C GLU K 197 12.93 0.42 -47.23
N GLU K 198 13.93 0.99 -46.56
CA GLU K 198 13.55 2.11 -45.69
C GLU K 198 13.35 3.39 -46.48
N ASN K 199 14.02 3.51 -47.63
CA ASN K 199 13.88 4.67 -48.53
C ASN K 199 14.29 5.98 -47.86
N LYS K 200 15.06 5.92 -46.77
CA LYS K 200 15.49 7.12 -46.05
C LYS K 200 16.70 7.70 -46.78
N LEU K 201 16.43 8.40 -47.87
CA LEU K 201 17.47 9.00 -48.70
C LEU K 201 17.15 10.46 -48.96
N PRO K 202 18.16 11.28 -49.22
CA PRO K 202 17.91 12.69 -49.51
C PRO K 202 17.06 12.86 -50.77
N SER K 203 16.23 13.90 -50.77
CA SER K 203 15.34 14.15 -51.90
C SER K 203 16.12 14.43 -53.17
N ARG K 204 17.22 15.17 -53.06
CA ARG K 204 18.02 15.49 -54.24
C ARG K 204 18.60 14.24 -54.90
N TRP K 205 18.79 13.18 -54.12
CA TRP K 205 19.34 11.94 -54.67
C TRP K 205 18.35 11.28 -55.62
N SER K 206 18.88 10.51 -56.56
CA SER K 206 18.09 9.77 -57.53
C SER K 206 18.47 8.31 -57.50
N LYS K 207 17.58 7.46 -58.01
CA LYS K 207 17.77 6.03 -58.00
C LYS K 207 17.98 5.50 -59.41
N LEU K 208 18.94 4.60 -59.56
CA LEU K 208 19.22 3.96 -60.84
C LEU K 208 19.17 2.45 -60.65
N TRP K 209 18.35 1.77 -61.44
CA TRP K 209 18.18 0.33 -61.37
C TRP K 209 18.44 -0.28 -62.74
N LYS K 210 19.28 -1.32 -62.78
CA LYS K 210 19.56 -2.06 -64.00
C LYS K 210 19.04 -3.48 -63.81
N LEU K 211 17.99 -3.83 -64.54
CA LEU K 211 17.27 -5.08 -64.28
C LEU K 211 18.07 -6.29 -64.73
N HIS K 212 18.67 -6.24 -65.92
CA HIS K 212 19.35 -7.41 -66.46
C HIS K 212 20.80 -7.52 -66.01
N GLY K 213 21.31 -6.56 -65.23
CA GLY K 213 22.64 -6.65 -64.67
C GLY K 213 23.62 -5.73 -65.37
N SER K 214 24.80 -5.62 -64.76
CA SER K 214 25.90 -4.82 -65.26
C SER K 214 27.03 -5.73 -65.72
N ILE K 215 28.13 -5.12 -66.14
CA ILE K 215 29.30 -5.85 -66.61
C ILE K 215 30.41 -5.90 -65.57
N ASN K 216 30.17 -5.38 -64.36
CA ASN K 216 31.16 -5.42 -63.30
C ASN K 216 30.74 -6.26 -62.11
N TRP K 217 29.47 -6.64 -62.00
CA TRP K 217 29.03 -7.49 -60.91
C TRP K 217 29.71 -8.86 -60.99
N GLN K 218 30.16 -9.34 -59.84
CA GLN K 218 30.84 -10.64 -59.77
C GLN K 218 30.33 -11.40 -58.56
N LEU K 219 30.14 -12.71 -58.74
CA LEU K 219 29.69 -13.57 -57.65
C LEU K 219 30.88 -13.93 -56.77
N ASP K 220 30.65 -14.78 -55.77
CA ASP K 220 31.69 -15.19 -54.84
C ASP K 220 31.58 -16.68 -54.58
N LYS K 221 32.71 -17.29 -54.23
CA LYS K 221 32.73 -18.72 -53.96
C LYS K 221 32.09 -19.05 -52.62
N GLN K 222 32.32 -18.21 -51.61
CA GLN K 222 31.76 -18.48 -50.29
C GLN K 222 30.24 -18.46 -50.30
N THR K 223 29.65 -17.46 -50.98
CA THR K 223 28.20 -17.33 -51.06
C THR K 223 27.86 -16.37 -52.18
N GLN K 224 26.57 -16.23 -52.44
CA GLN K 224 26.09 -15.31 -53.46
C GLN K 224 26.21 -13.89 -52.92
N THR K 225 27.31 -13.22 -53.27
CA THR K 225 27.55 -11.86 -52.81
C THR K 225 27.23 -10.79 -53.84
N ILE K 226 27.28 -11.14 -55.14
CA ILE K 226 27.02 -10.24 -56.27
C ILE K 226 27.53 -8.84 -56.00
N TRP K 227 28.76 -8.75 -55.48
CA TRP K 227 29.34 -7.47 -55.12
C TRP K 227 29.66 -6.65 -56.36
N ARG K 228 29.68 -5.33 -56.18
CA ARG K 228 29.98 -4.39 -57.26
C ARG K 228 31.28 -3.68 -56.93
N GLY K 229 32.16 -3.57 -57.92
CA GLY K 229 33.41 -2.88 -57.73
C GLY K 229 34.25 -2.81 -59.00
N THR K 230 35.56 -2.97 -58.86
CA THR K 230 36.42 -3.01 -60.03
C THR K 230 36.06 -4.21 -60.90
N PRO K 231 35.94 -4.04 -62.22
CA PRO K 231 35.60 -5.18 -63.09
C PRO K 231 36.55 -6.35 -62.92
N SER K 232 36.01 -7.48 -62.48
CA SER K 232 36.83 -8.68 -62.30
C SER K 232 37.37 -9.16 -63.64
N LYS K 233 38.57 -9.74 -63.61
CA LYS K 233 39.22 -10.21 -64.83
C LYS K 233 38.41 -11.33 -65.49
N GLY K 234 37.81 -11.04 -66.63
CA GLY K 234 37.05 -12.04 -67.36
C GLY K 234 35.67 -12.38 -66.82
N CYS K 235 35.57 -12.66 -65.53
CA CYS K 235 34.30 -13.05 -64.94
C CYS K 235 33.36 -11.87 -64.83
N SER K 236 32.09 -12.12 -65.09
CA SER K 236 31.05 -11.10 -64.99
C SER K 236 29.70 -11.81 -64.82
N LEU K 237 28.71 -11.04 -64.39
CA LEU K 237 27.36 -11.55 -64.17
C LEU K 237 26.42 -10.85 -65.13
N ILE K 238 25.76 -11.64 -65.98
CA ILE K 238 24.87 -11.13 -67.02
C ILE K 238 23.58 -11.93 -66.98
N HIS K 239 22.44 -11.24 -67.05
CA HIS K 239 21.11 -11.86 -67.08
C HIS K 239 20.93 -12.83 -65.93
N PRO K 240 20.74 -12.33 -64.69
CA PRO K 240 20.61 -13.23 -63.54
C PRO K 240 19.52 -14.27 -63.71
N SER K 241 19.92 -15.54 -63.80
CA SER K 241 18.95 -16.63 -63.93
C SER K 241 19.38 -17.88 -63.17
N HIS K 242 20.29 -17.76 -62.19
CA HIS K 242 20.80 -18.92 -61.46
C HIS K 242 19.79 -19.36 -60.41
N LEU K 243 20.22 -20.25 -59.52
CA LEU K 243 19.34 -20.74 -58.47
C LEU K 243 18.92 -19.61 -57.55
N LYS K 244 17.62 -19.55 -57.24
CA LYS K 244 17.05 -18.53 -56.38
C LYS K 244 16.37 -19.12 -55.15
N TYR K 245 16.67 -20.39 -54.82
CA TYR K 245 16.07 -21.02 -53.65
C TYR K 245 16.53 -20.34 -52.37
N ASP K 246 17.80 -19.95 -52.31
CA ASP K 246 18.34 -19.32 -51.10
C ASP K 246 17.64 -18.00 -50.81
N GLN K 247 17.38 -17.21 -51.85
CA GLN K 247 16.78 -15.88 -51.72
C GLN K 247 17.66 -14.96 -50.87
N SER K 248 17.22 -13.72 -50.65
CA SER K 248 17.95 -12.73 -49.88
C SER K 248 19.30 -12.44 -50.54
N ARG K 249 20.19 -13.43 -50.56
CA ARG K 249 21.39 -13.35 -51.38
C ARG K 249 21.02 -13.56 -52.84
N LYS K 250 21.77 -12.90 -53.73
CA LYS K 250 21.46 -12.88 -55.16
C LYS K 250 20.05 -12.37 -55.43
N MET K 251 19.64 -11.36 -54.66
CA MET K 251 18.32 -10.74 -54.73
C MET K 251 18.09 -9.79 -55.91
N PRO K 252 19.10 -8.99 -56.38
CA PRO K 252 18.80 -7.74 -57.10
C PRO K 252 17.70 -7.83 -58.15
N TYR K 253 17.59 -8.98 -58.83
CA TYR K 253 16.58 -9.15 -59.86
C TYR K 253 15.17 -9.00 -59.28
N LEU K 254 14.87 -9.79 -58.24
CA LEU K 254 13.55 -9.74 -57.63
C LEU K 254 13.25 -8.39 -57.02
N VAL K 255 14.20 -7.80 -56.30
CA VAL K 255 13.96 -6.51 -55.70
C VAL K 255 13.86 -5.42 -56.76
N MET K 256 14.55 -5.59 -57.90
CA MET K 256 14.37 -4.65 -59.00
C MET K 256 12.94 -4.68 -59.52
N MET K 257 12.41 -5.87 -59.77
CA MET K 257 11.00 -5.94 -60.17
C MET K 257 10.08 -5.41 -59.08
N ASP K 258 10.44 -5.63 -57.81
CA ASP K 258 9.61 -5.16 -56.71
C ASP K 258 9.56 -3.63 -56.70
N GLN K 259 10.72 -2.98 -56.86
CA GLN K 259 10.75 -1.53 -56.90
C GLN K 259 9.97 -1.01 -58.11
N LEU K 260 10.07 -1.71 -59.23
CA LEU K 260 9.27 -1.34 -60.41
C LEU K 260 7.78 -1.40 -60.09
N LYS K 261 7.35 -2.46 -59.40
CA LYS K 261 5.93 -2.60 -59.06
C LYS K 261 5.48 -1.51 -58.09
N LEU K 262 6.30 -1.20 -57.09
CA LEU K 262 5.95 -0.13 -56.16
C LEU K 262 5.85 1.21 -56.85
N PHE K 263 6.75 1.50 -57.80
CA PHE K 263 6.59 2.73 -58.55
C PHE K 263 5.34 2.70 -59.43
N LEU K 264 5.02 1.53 -59.99
CA LEU K 264 3.80 1.41 -60.80
C LEU K 264 2.56 1.71 -59.97
N ASN K 265 2.54 1.25 -58.72
CA ASN K 265 1.46 1.59 -57.80
C ASN K 265 1.69 3.00 -57.26
N GLN K 266 0.89 3.38 -56.25
CA GLN K 266 0.95 4.68 -55.58
C GLN K 266 0.53 5.80 -56.54
N PRO K 267 0.20 6.99 -56.03
CA PRO K 267 -0.17 8.08 -56.94
C PRO K 267 1.01 8.61 -57.73
N SER K 268 1.07 8.27 -59.02
CA SER K 268 2.16 8.68 -59.89
C SER K 268 1.58 8.85 -61.31
N ALA K 269 1.21 10.09 -61.64
CA ALA K 269 0.62 10.39 -62.94
C ALA K 269 1.70 10.76 -63.96
N ILE K 270 2.74 9.93 -64.07
CA ILE K 270 3.80 10.16 -65.04
C ILE K 270 4.64 8.90 -65.21
N LEU K 271 5.00 8.60 -66.46
CA LEU K 271 5.90 7.50 -66.80
C LEU K 271 6.29 7.59 -68.26
N ILE K 272 7.57 7.40 -68.57
CA ILE K 272 8.09 7.57 -69.92
C ILE K 272 8.86 6.30 -70.32
N THR K 273 8.69 5.89 -71.57
CA THR K 273 9.42 4.77 -72.13
C THR K 273 10.23 5.24 -73.35
N CYS K 274 11.31 4.53 -73.63
CA CYS K 274 12.20 4.93 -74.72
C CYS K 274 12.94 3.69 -75.23
N GLY K 275 12.56 3.23 -76.43
CA GLY K 275 13.25 2.14 -77.08
C GLY K 275 12.83 0.75 -76.64
N TYR K 276 11.86 0.63 -75.74
CA TYR K 276 11.45 -0.68 -75.26
C TYR K 276 10.71 -1.44 -76.37
N SER K 277 11.09 -2.70 -76.57
CA SER K 277 10.52 -3.53 -77.61
C SER K 277 9.36 -4.40 -77.14
N TYR K 278 9.02 -4.35 -75.86
CA TYR K 278 7.93 -5.14 -75.29
C TYR K 278 8.09 -6.62 -75.60
N LYS K 279 9.32 -7.11 -75.41
CA LYS K 279 9.65 -8.51 -75.67
C LYS K 279 10.09 -9.24 -74.41
N ASP K 280 9.73 -8.73 -73.23
CA ASP K 280 10.09 -9.34 -71.96
C ASP K 280 8.82 -9.82 -71.26
N GLN K 281 8.70 -11.13 -71.09
CA GLN K 281 7.54 -11.69 -70.42
C GLN K 281 7.46 -11.26 -68.96
N HIS K 282 8.60 -11.29 -68.26
CA HIS K 282 8.62 -10.89 -66.86
C HIS K 282 8.32 -9.40 -66.66
N ILE K 283 8.47 -8.60 -67.71
CA ILE K 283 8.17 -7.17 -67.61
C ILE K 283 6.75 -6.86 -68.08
N ASN K 284 6.32 -7.51 -69.16
CA ASN K 284 4.96 -7.27 -69.67
C ASN K 284 3.91 -7.66 -68.62
N GLU K 285 4.10 -8.80 -67.96
CA GLU K 285 3.14 -9.25 -66.96
C GLU K 285 3.06 -8.26 -65.80
N VAL K 286 4.22 -7.82 -65.30
CA VAL K 286 4.20 -6.92 -64.14
C VAL K 286 3.65 -5.55 -64.52
N LEU K 287 3.94 -5.06 -65.73
CA LEU K 287 3.37 -3.77 -66.12
C LEU K 287 1.86 -3.87 -66.31
N SER K 288 1.38 -4.99 -66.87
CA SER K 288 -0.06 -5.19 -67.00
C SER K 288 -0.72 -5.25 -65.62
N GLN K 289 -0.10 -5.97 -64.68
CA GLN K 289 -0.66 -6.05 -63.33
C GLN K 289 -0.69 -4.69 -62.66
N GLY K 290 0.37 -3.90 -62.82
CA GLY K 290 0.39 -2.56 -62.24
C GLY K 290 -0.65 -1.65 -62.86
N LEU K 291 -0.81 -1.73 -64.19
CA LEU K 291 -1.82 -0.91 -64.85
C LEU K 291 -3.22 -1.29 -64.39
N GLN K 292 -3.49 -2.59 -64.25
CA GLN K 292 -4.80 -3.02 -63.75
C GLN K 292 -5.02 -2.57 -62.31
N THR K 293 -3.98 -2.67 -61.47
CA THR K 293 -4.13 -2.30 -60.06
C THR K 293 -4.21 -0.78 -59.90
N ASN K 294 -3.44 -0.03 -60.69
CA ASN K 294 -3.40 1.42 -60.59
C ASN K 294 -4.03 2.05 -61.82
N PRO K 295 -5.28 2.51 -61.75
CA PRO K 295 -5.90 3.15 -62.91
C PRO K 295 -5.49 4.61 -63.04
N ASN K 296 -5.16 5.25 -61.91
CA ASN K 296 -4.79 6.66 -61.93
C ASN K 296 -3.47 6.89 -62.66
N ALA K 297 -2.52 5.97 -62.51
CA ALA K 297 -1.23 6.11 -63.16
C ALA K 297 -1.36 5.94 -64.67
N LEU K 298 -0.41 6.53 -65.39
CA LEU K 298 -0.38 6.48 -66.85
C LEU K 298 1.02 6.12 -67.32
N ILE K 299 1.08 5.46 -68.47
CA ILE K 299 2.33 5.06 -69.10
C ILE K 299 2.35 5.62 -70.52
N TYR K 300 3.50 6.14 -70.94
CA TYR K 300 3.67 6.76 -72.24
C TYR K 300 4.62 5.98 -73.14
N GLY K 301 4.44 4.66 -73.20
CA GLY K 301 5.28 3.81 -74.00
C GLY K 301 5.34 4.21 -75.47
N LEU K 302 6.55 4.26 -76.01
CA LEU K 302 6.79 4.65 -77.40
C LEU K 302 7.28 3.45 -78.20
N GLN K 303 7.58 3.69 -79.48
CA GLN K 303 8.05 2.63 -80.36
C GLN K 303 8.81 3.29 -81.52
N TYR K 304 10.12 3.05 -81.59
CA TYR K 304 10.94 3.56 -82.68
C TYR K 304 10.91 2.58 -83.87
N ASP K 305 9.71 2.40 -84.38
CA ASP K 305 9.46 1.47 -85.49
C ASP K 305 8.03 1.69 -85.97
N VAL K 306 7.60 0.88 -86.94
CA VAL K 306 6.21 0.90 -87.36
C VAL K 306 5.35 0.28 -86.27
N LEU K 307 4.10 0.74 -86.17
CA LEU K 307 3.20 0.27 -85.13
C LEU K 307 2.91 -1.22 -85.24
N GLU K 308 3.10 -1.81 -86.42
CA GLU K 308 2.76 -3.21 -86.63
C GLU K 308 3.83 -4.19 -86.14
N ASN K 309 5.04 -3.71 -85.84
CA ASN K 309 6.09 -4.61 -85.37
C ASN K 309 5.90 -5.07 -83.94
N TYR K 310 5.01 -4.45 -83.18
CA TYR K 310 4.81 -4.77 -81.77
C TYR K 310 3.37 -5.27 -81.59
N GLN K 311 3.19 -6.58 -81.79
CA GLN K 311 1.86 -7.17 -81.56
C GLN K 311 1.54 -7.23 -80.08
N GLU K 312 2.54 -7.55 -79.24
CA GLU K 312 2.30 -7.58 -77.79
C GLU K 312 1.93 -6.21 -77.26
N ALA K 313 2.59 -5.16 -77.74
CA ALA K 313 2.24 -3.82 -77.32
C ALA K 313 0.83 -3.44 -77.76
N LYS K 314 0.43 -3.84 -78.97
CA LYS K 314 -0.92 -3.58 -79.42
C LYS K 314 -1.94 -4.30 -78.55
N ASP K 315 -1.67 -5.57 -78.21
CA ASP K 315 -2.57 -6.31 -77.34
C ASP K 315 -2.67 -5.67 -75.96
N MET K 316 -1.54 -5.23 -75.41
CA MET K 316 -1.56 -4.57 -74.10
C MET K 316 -2.34 -3.26 -74.16
N ALA K 317 -2.17 -2.49 -75.24
CA ALA K 317 -2.91 -1.24 -75.39
C ALA K 317 -4.40 -1.52 -75.50
N LEU K 318 -4.79 -2.56 -76.24
CA LEU K 318 -6.20 -2.93 -76.34
C LEU K 318 -6.76 -3.35 -74.99
N LYS K 319 -5.97 -4.08 -74.21
CA LYS K 319 -6.45 -4.58 -72.91
C LYS K 319 -6.57 -3.43 -71.90
N ARG K 320 -5.46 -2.75 -71.62
CA ARG K 320 -5.42 -1.69 -70.62
C ARG K 320 -5.50 -0.33 -71.31
N SER K 321 -6.50 0.47 -70.90
CA SER K 321 -6.67 1.80 -71.48
C SER K 321 -5.66 2.81 -70.94
N ASN K 322 -5.17 2.59 -69.72
CA ASN K 322 -4.23 3.55 -69.12
C ASN K 322 -2.94 3.63 -69.91
N LEU K 323 -2.52 2.53 -70.54
CA LEU K 323 -1.31 2.53 -71.34
C LEU K 323 -1.53 3.32 -72.63
N ILE K 324 -0.58 4.19 -72.96
CA ILE K 324 -0.61 4.97 -74.19
C ILE K 324 0.58 4.56 -75.04
N LEU K 325 0.29 4.08 -76.25
CA LEU K 325 1.30 3.59 -77.16
C LEU K 325 1.39 4.51 -78.38
N LEU K 326 2.58 5.01 -78.66
CA LEU K 326 2.82 5.88 -79.80
C LEU K 326 3.95 5.31 -80.64
N ALA K 327 3.81 5.39 -81.96
CA ALA K 327 4.81 4.87 -82.88
C ALA K 327 4.86 5.77 -84.11
N LYS K 328 5.76 5.44 -85.04
CA LYS K 328 5.89 6.22 -86.26
C LYS K 328 4.65 6.09 -87.14
N ASP K 329 4.07 4.90 -87.21
CA ASP K 329 2.95 4.67 -88.11
C ASP K 329 1.72 5.46 -87.68
N ARG K 330 1.35 5.38 -86.41
CA ARG K 330 0.16 6.04 -85.91
C ARG K 330 0.30 6.24 -84.40
N ALA K 331 -0.79 6.62 -83.75
CA ALA K 331 -0.80 6.85 -82.31
C ALA K 331 -2.02 6.18 -81.71
N ILE K 332 -1.79 5.17 -80.87
CA ILE K 332 -2.87 4.46 -80.18
C ILE K 332 -3.18 5.18 -78.89
N ILE K 333 -4.35 5.80 -78.80
CA ILE K 333 -4.77 6.57 -77.64
C ILE K 333 -6.08 5.99 -77.13
N GLY K 334 -6.14 5.74 -75.82
CA GLY K 334 -7.35 5.23 -75.21
C GLY K 334 -7.78 3.88 -75.73
N LYS K 335 -6.83 2.95 -75.89
CA LYS K 335 -7.08 1.61 -76.41
C LYS K 335 -7.72 1.62 -77.80
N LYS K 336 -7.54 2.72 -78.53
CA LYS K 336 -8.11 2.87 -79.88
C LYS K 336 -7.02 3.32 -80.83
N GLU K 337 -7.03 2.75 -82.04
CA GLU K 337 -6.04 3.11 -83.04
C GLU K 337 -6.34 4.48 -83.62
N GLY K 338 -5.30 5.31 -83.74
CA GLY K 338 -5.44 6.64 -84.32
C GLY K 338 -4.65 6.80 -85.59
N GLU K 339 -4.39 8.05 -85.99
CA GLU K 339 -3.61 8.31 -87.19
C GLU K 339 -3.05 9.72 -87.10
N TRP K 340 -2.02 9.97 -87.90
CA TRP K 340 -1.41 11.28 -87.99
C TRP K 340 -2.14 12.11 -89.04
N LYS K 341 -1.58 13.27 -89.39
CA LYS K 341 -2.18 14.14 -90.39
C LYS K 341 -1.11 14.80 -91.25
N LYS K 357 8.29 12.00 -84.84
CA LYS K 357 9.41 12.90 -84.57
C LYS K 357 10.09 12.56 -83.25
N LEU K 358 9.29 12.27 -82.24
CA LEU K 358 9.81 11.93 -80.92
C LEU K 358 10.37 10.51 -80.86
N GLY K 359 10.18 9.71 -81.91
CA GLY K 359 10.77 8.37 -81.92
C GLY K 359 12.28 8.41 -81.84
N ASP K 360 12.90 9.40 -82.49
CA ASP K 360 14.34 9.56 -82.41
C ASP K 360 14.74 9.95 -80.99
N PHE K 361 15.74 9.24 -80.45
CA PHE K 361 16.13 9.49 -79.06
C PHE K 361 16.90 10.79 -78.92
N GLN K 362 17.70 11.16 -79.92
CA GLN K 362 18.31 12.48 -79.93
C GLN K 362 17.23 13.56 -80.00
N HIS K 363 16.18 13.32 -80.79
CA HIS K 363 15.05 14.25 -80.82
C HIS K 363 14.35 14.30 -79.47
N LEU K 364 14.27 13.16 -78.78
CA LEU K 364 13.69 13.16 -77.44
C LEU K 364 14.52 14.00 -76.48
N ALA K 365 15.85 13.88 -76.54
CA ALA K 365 16.70 14.70 -75.69
C ALA K 365 16.57 16.18 -76.03
N SER K 366 16.47 16.50 -77.32
CA SER K 366 16.27 17.89 -77.73
C SER K 366 14.95 18.43 -77.21
N PHE K 367 13.89 17.61 -77.27
CA PHE K 367 12.59 18.03 -76.73
C PHE K 367 12.67 18.24 -75.23
N LEU K 368 13.38 17.37 -74.51
CA LEU K 368 13.55 17.56 -73.08
C LEU K 368 14.28 18.84 -72.78
N GLU K 369 15.34 19.13 -73.52
CA GLU K 369 16.09 20.37 -73.32
C GLU K 369 15.22 21.59 -73.61
N GLU K 370 14.41 21.53 -74.68
CA GLU K 370 13.53 22.64 -75.01
C GLU K 370 12.48 22.86 -73.92
N ILE K 371 11.94 21.77 -73.38
CA ILE K 371 10.96 21.89 -72.30
C ILE K 371 11.60 22.49 -71.06
N SER K 372 12.81 22.03 -70.71
CA SER K 372 13.51 22.58 -69.56
C SER K 372 13.86 24.05 -69.77
N GLN K 373 14.33 24.39 -70.96
CA GLN K 373 14.70 25.78 -71.26
C GLN K 373 13.46 26.60 -71.63
N SER L 8 18.74 -28.13 -18.97
CA SER L 8 19.14 -29.52 -19.20
C SER L 8 17.91 -30.44 -19.26
N TYR L 9 16.89 -30.12 -18.45
CA TYR L 9 15.67 -30.90 -18.39
C TYR L 9 14.48 -29.96 -18.54
N TYR L 10 13.55 -30.33 -19.43
CA TYR L 10 12.33 -29.58 -19.65
C TYR L 10 11.14 -30.45 -19.28
N ASP L 11 10.23 -29.92 -18.48
CA ASP L 11 9.04 -30.64 -18.06
C ASP L 11 7.81 -30.21 -18.86
N THR L 12 7.02 -31.19 -19.28
CA THR L 12 5.99 -30.96 -20.28
C THR L 12 4.84 -30.11 -19.76
N THR L 13 4.59 -30.14 -18.45
CA THR L 13 3.39 -29.49 -17.91
C THR L 13 3.44 -27.99 -18.13
N GLN L 14 4.59 -27.36 -17.87
CA GLN L 14 4.71 -25.92 -18.06
C GLN L 14 4.59 -25.52 -19.52
N GLN L 15 5.20 -26.30 -20.42
CA GLN L 15 5.09 -26.00 -21.84
C GLN L 15 3.64 -26.11 -22.31
N LEU L 16 2.93 -27.16 -21.85
CA LEU L 16 1.54 -27.31 -22.22
C LEU L 16 0.68 -26.18 -21.66
N SER L 17 0.95 -25.76 -20.43
CA SER L 17 0.22 -24.64 -19.85
C SER L 17 0.47 -23.36 -20.63
N LEU L 18 1.72 -23.13 -21.05
CA LEU L 18 2.04 -21.96 -21.85
C LEU L 18 1.30 -21.99 -23.19
N LEU L 19 1.27 -23.16 -23.83
CA LEU L 19 0.54 -23.29 -25.10
C LEU L 19 -0.96 -23.05 -24.89
N LYS L 20 -1.50 -23.55 -23.79
CA LYS L 20 -2.92 -23.31 -23.48
C LYS L 20 -3.19 -21.83 -23.29
N HIS L 21 -2.30 -21.14 -22.58
CA HIS L 21 -2.46 -19.69 -22.39
C HIS L 21 -2.40 -18.96 -23.71
N VAL L 22 -1.47 -19.36 -24.59
CA VAL L 22 -1.32 -18.71 -25.88
C VAL L 22 -2.56 -18.90 -26.74
N LEU L 23 -3.05 -20.14 -26.81
CA LEU L 23 -4.15 -20.45 -27.73
C LEU L 23 -5.50 -19.91 -27.26
N SER L 24 -5.61 -19.52 -25.99
CA SER L 24 -6.87 -19.00 -25.46
C SER L 24 -6.99 -17.48 -25.57
N GLU L 25 -6.00 -16.82 -26.16
CA GLU L 25 -6.05 -15.38 -26.37
C GLU L 25 -6.56 -15.08 -27.77
N ASP L 26 -7.36 -14.01 -27.89
CA ASP L 26 -7.98 -13.66 -29.16
C ASP L 26 -7.26 -12.54 -29.90
N LYS L 27 -6.65 -11.59 -29.17
CA LYS L 27 -6.02 -10.45 -29.83
C LYS L 27 -4.84 -10.88 -30.69
N ARG L 28 -4.06 -11.85 -30.23
CA ARG L 28 -2.88 -12.27 -30.98
C ARG L 28 -3.29 -12.97 -32.26
N PRO L 29 -2.77 -12.57 -33.42
CA PRO L 29 -3.03 -13.33 -34.65
C PRO L 29 -2.40 -14.71 -34.58
N ILE L 30 -3.08 -15.69 -35.17
CA ILE L 30 -2.65 -17.08 -35.15
C ILE L 30 -2.51 -17.56 -36.59
N ALA L 31 -1.83 -18.68 -36.77
CA ALA L 31 -1.68 -19.31 -38.07
C ALA L 31 -1.44 -20.80 -37.88
N PHE L 32 -1.31 -21.51 -39.00
CA PHE L 32 -1.07 -22.94 -38.97
C PHE L 32 -0.33 -23.34 -40.24
N ILE L 33 0.42 -24.43 -40.15
CA ILE L 33 1.00 -25.08 -41.32
C ILE L 33 0.68 -26.56 -41.24
N ILE L 34 -0.10 -27.05 -42.20
CA ILE L 34 -0.53 -28.45 -42.24
C ILE L 34 0.19 -29.09 -43.41
N ALA L 35 1.30 -29.76 -43.13
CA ALA L 35 2.12 -30.36 -44.17
C ALA L 35 1.62 -31.77 -44.47
N ALA L 36 2.41 -32.54 -45.23
CA ALA L 36 2.01 -33.87 -45.67
C ALA L 36 1.95 -34.88 -44.53
N GLY L 37 2.52 -34.56 -43.36
CA GLY L 37 2.51 -35.51 -42.26
C GLY L 37 1.18 -35.65 -41.55
N CYS L 38 0.23 -34.76 -41.81
CA CYS L 38 -1.07 -34.79 -41.15
C CYS L 38 -2.02 -35.83 -41.74
N PRO L 39 -2.19 -35.91 -43.08
CA PRO L 39 -3.13 -36.90 -43.63
C PRO L 39 -2.77 -38.33 -43.30
N VAL L 40 -1.49 -38.63 -43.07
CA VAL L 40 -1.10 -39.99 -42.74
C VAL L 40 -1.67 -40.42 -41.40
N SER L 41 -1.92 -39.48 -40.51
CA SER L 41 -2.33 -39.79 -39.13
C SER L 41 -3.80 -40.18 -39.02
N ILE L 42 -4.49 -40.42 -40.13
CA ILE L 42 -5.87 -40.91 -40.12
C ILE L 42 -5.98 -42.13 -41.01
N ARG L 43 -6.65 -43.16 -40.51
CA ARG L 43 -6.80 -44.42 -41.22
C ARG L 43 -8.26 -44.60 -41.62
N HIS L 44 -8.50 -44.74 -42.93
CA HIS L 44 -9.83 -45.06 -43.44
C HIS L 44 -9.99 -46.57 -43.57
N ASN L 45 -9.15 -47.20 -44.38
CA ASN L 45 -9.02 -48.64 -44.41
C ASN L 45 -7.91 -49.06 -43.44
N ASP L 46 -7.45 -50.31 -43.53
CA ASP L 46 -6.30 -50.72 -42.76
C ASP L 46 -5.08 -49.87 -43.11
N ALA L 47 -4.88 -49.61 -44.40
CA ALA L 47 -3.85 -48.68 -44.82
C ALA L 47 -4.27 -47.24 -44.50
N PRO L 48 -3.31 -46.31 -44.43
CA PRO L 48 -3.67 -44.91 -44.20
C PRO L 48 -4.48 -44.35 -45.35
N LEU L 49 -5.27 -43.32 -45.05
CA LEU L 49 -6.16 -42.74 -46.05
C LEU L 49 -5.38 -42.19 -47.23
N ILE L 50 -4.31 -41.43 -46.95
CA ILE L 50 -3.46 -40.88 -48.01
C ILE L 50 -2.00 -41.04 -47.59
N PRO L 51 -1.16 -41.64 -48.43
CA PRO L 51 0.25 -41.79 -48.07
C PRO L 51 0.99 -40.47 -48.14
N ASP L 52 2.12 -40.43 -47.45
CA ASP L 52 2.98 -39.24 -47.45
C ASP L 52 3.82 -39.23 -48.74
N VAL L 53 4.84 -38.37 -48.77
CA VAL L 53 5.69 -38.27 -49.95
C VAL L 53 6.42 -39.58 -50.20
N ALA L 54 6.84 -40.26 -49.13
CA ALA L 54 7.53 -41.54 -49.28
C ALA L 54 6.63 -42.59 -49.93
N GLY L 55 5.37 -42.63 -49.51
CA GLY L 55 4.43 -43.57 -50.11
C GLY L 55 4.22 -43.28 -51.58
N LEU L 56 4.12 -42.00 -51.95
CA LEU L 56 3.98 -41.65 -53.35
C LEU L 56 5.21 -42.06 -54.16
N THR L 57 6.40 -41.84 -53.59
CA THR L 57 7.62 -42.27 -54.27
C THR L 57 7.64 -43.77 -54.47
N ARG L 58 7.26 -44.54 -53.45
CA ARG L 58 7.22 -45.99 -53.59
C ARG L 58 6.21 -46.42 -54.63
N LYS L 59 5.03 -45.79 -54.65
CA LYS L 59 4.00 -46.15 -55.62
C LYS L 59 4.46 -45.86 -57.05
N ILE L 60 5.08 -44.70 -57.26
CA ILE L 60 5.59 -44.38 -58.60
C ILE L 60 6.71 -45.33 -58.99
N SER L 61 7.59 -45.68 -58.04
CA SER L 61 8.71 -46.56 -58.35
C SER L 61 8.23 -47.95 -58.73
N ASP L 62 7.26 -48.50 -58.01
CA ASP L 62 6.82 -49.86 -58.28
C ASP L 62 5.64 -49.95 -59.24
N SER L 63 5.13 -48.81 -59.72
CA SER L 63 4.04 -48.81 -60.70
C SER L 63 4.38 -48.09 -62.00
N PHE L 64 5.32 -47.15 -61.98
CA PHE L 64 5.70 -46.39 -63.17
C PHE L 64 4.51 -45.70 -63.82
N PRO L 68 11.63 -50.22 -71.11
CA PRO L 68 11.98 -51.16 -70.04
C PRO L 68 12.09 -50.48 -68.68
N ASP L 69 12.09 -51.27 -67.62
CA ASP L 69 12.21 -50.71 -66.27
C ASP L 69 13.54 -49.99 -66.07
N SER L 70 14.61 -50.48 -66.71
CA SER L 70 15.90 -49.83 -66.60
C SER L 70 15.86 -48.42 -67.18
N LEU L 71 15.21 -48.24 -68.33
CA LEU L 71 15.11 -46.92 -68.92
C LEU L 71 14.33 -45.97 -68.03
N LEU L 72 13.24 -46.45 -67.42
CA LEU L 72 12.46 -45.60 -66.53
C LEU L 72 13.24 -45.23 -65.27
N MET L 73 13.99 -46.19 -64.70
CA MET L 73 14.79 -45.93 -63.53
C MET L 73 16.07 -45.18 -63.83
N LYS L 74 16.42 -45.01 -65.10
CA LYS L 74 17.58 -44.20 -65.45
C LYS L 74 17.42 -42.75 -64.97
N ILE L 75 16.19 -42.23 -64.99
CA ILE L 75 15.97 -40.88 -64.48
C ILE L 75 16.28 -40.80 -62.99
N ILE L 76 15.81 -41.79 -62.23
CA ILE L 76 16.08 -41.81 -60.80
C ILE L 76 17.57 -41.97 -60.54
N GLN L 77 18.25 -42.79 -61.36
CA GLN L 77 19.69 -42.95 -61.21
C GLN L 77 20.42 -41.64 -61.50
N ASN L 78 19.98 -40.91 -62.53
CA ASN L 78 20.61 -39.62 -62.85
C ASN L 78 20.42 -38.63 -61.72
N LEU L 79 19.22 -38.57 -61.14
CA LEU L 79 19.00 -37.68 -60.00
C LEU L 79 19.82 -38.12 -58.78
N LYS L 80 19.95 -39.44 -58.58
CA LYS L 80 20.73 -39.94 -57.46
C LYS L 80 22.22 -39.66 -57.62
N THR L 81 22.68 -39.54 -58.88
CA THR L 81 24.10 -39.28 -59.11
C THR L 81 24.55 -37.96 -58.50
N THR L 82 23.62 -37.01 -58.31
CA THR L 82 23.96 -35.72 -57.74
C THR L 82 23.38 -35.48 -56.35
N ILE L 83 22.30 -36.18 -55.99
CA ILE L 83 21.62 -35.94 -54.72
C ILE L 83 21.25 -37.27 -54.09
N PRO L 84 20.97 -37.27 -52.78
CA PRO L 84 20.45 -38.49 -52.14
C PRO L 84 19.11 -38.92 -52.72
N ASN L 85 18.54 -40.02 -52.19
CA ASN L 85 17.30 -40.62 -52.66
C ASN L 85 16.25 -39.55 -52.95
N PRO L 86 15.84 -39.38 -54.20
CA PRO L 86 14.95 -38.28 -54.57
C PRO L 86 13.51 -38.57 -54.18
N THR L 87 12.70 -37.53 -54.26
CA THR L 87 11.26 -37.59 -54.01
C THR L 87 10.50 -37.34 -55.30
N ILE L 88 9.17 -37.30 -55.19
CA ILE L 88 8.34 -37.04 -56.37
C ILE L 88 8.58 -35.63 -56.89
N GLU L 89 8.81 -34.68 -55.99
CA GLU L 89 9.03 -33.30 -56.42
C GLU L 89 10.27 -33.18 -57.30
N ASP L 90 11.35 -33.87 -56.93
CA ASP L 90 12.57 -33.81 -57.73
C ASP L 90 12.36 -34.38 -59.12
N ILE L 91 11.68 -35.53 -59.21
CA ILE L 91 11.44 -36.15 -60.51
C ILE L 91 10.54 -35.27 -61.36
N LEU L 92 9.50 -34.70 -60.76
CA LEU L 92 8.60 -33.82 -61.52
C LEU L 92 9.33 -32.59 -62.02
N SER L 93 10.18 -31.99 -61.17
CA SER L 93 10.94 -30.82 -61.60
C SER L 93 11.90 -31.17 -62.72
N TYR L 94 12.57 -32.33 -62.63
CA TYR L 94 13.46 -32.75 -63.71
C TYR L 94 12.70 -32.99 -65.00
N ILE L 95 11.52 -33.59 -64.92
CA ILE L 95 10.72 -33.83 -66.11
C ILE L 95 10.29 -32.52 -66.76
N ARG L 96 9.85 -31.56 -65.94
CA ARG L 96 9.46 -30.27 -66.50
C ARG L 96 10.65 -29.52 -67.10
N LEU L 97 11.82 -29.62 -66.46
CA LEU L 97 13.01 -29.03 -67.04
C LEU L 97 13.37 -29.67 -68.37
N LEU L 98 13.22 -30.99 -68.46
CA LEU L 98 13.45 -31.67 -69.74
C LEU L 98 12.46 -31.18 -70.80
N GLN L 99 11.20 -31.03 -70.42
CA GLN L 99 10.20 -30.54 -71.37
C GLN L 99 10.45 -29.10 -71.76
N GLN L 100 11.16 -28.34 -70.92
CA GLN L 100 11.50 -26.96 -71.26
C GLN L 100 12.38 -26.91 -72.51
N ILE L 101 13.37 -27.80 -72.60
CA ILE L 101 14.23 -27.89 -73.77
C ILE L 101 13.54 -28.75 -74.82
N PRO L 102 13.31 -28.24 -76.03
CA PRO L 102 12.56 -29.02 -77.04
C PRO L 102 13.20 -30.35 -77.39
N MET L 103 14.44 -30.33 -77.86
CA MET L 103 15.14 -31.55 -78.27
C MET L 103 16.01 -32.11 -77.15
N SER L 104 15.40 -32.32 -75.98
CA SER L 104 16.11 -32.83 -74.81
C SER L 104 15.97 -34.33 -74.63
N GLY L 105 15.29 -35.02 -75.55
CA GLY L 105 15.09 -36.45 -75.41
C GLY L 105 16.29 -37.31 -75.72
N LYS L 106 17.37 -36.71 -76.25
CA LYS L 106 18.55 -37.48 -76.62
C LYS L 106 19.32 -38.00 -75.40
N ILE L 107 19.04 -37.49 -74.20
CA ILE L 107 19.73 -37.97 -73.01
C ILE L 107 19.43 -39.43 -72.76
N HIS L 108 18.15 -39.82 -72.90
CA HIS L 108 17.75 -41.21 -72.77
C HIS L 108 17.34 -41.83 -74.09
N ASP L 109 17.42 -41.08 -75.19
CA ASP L 109 16.98 -41.55 -76.51
C ASP L 109 15.53 -42.00 -76.45
N VAL L 110 14.64 -41.09 -76.04
CA VAL L 110 13.25 -41.42 -75.81
C VAL L 110 12.36 -40.66 -76.78
N GLU L 111 12.68 -39.38 -77.01
CA GLU L 111 12.02 -38.50 -77.97
C GLU L 111 10.67 -38.03 -77.44
N ASN L 112 9.84 -37.48 -78.33
CA ASN L 112 8.58 -36.89 -77.93
C ASN L 112 7.60 -37.96 -77.44
N SER L 113 6.76 -37.57 -76.48
CA SER L 113 5.65 -38.37 -75.98
C SER L 113 6.11 -39.59 -75.19
N VAL L 114 7.43 -39.78 -75.07
CA VAL L 114 7.96 -40.86 -74.24
C VAL L 114 8.11 -40.33 -72.82
N ILE L 115 8.36 -39.02 -72.69
CA ILE L 115 8.47 -38.38 -71.39
C ILE L 115 7.26 -37.46 -71.20
N ASN L 116 6.81 -36.85 -72.30
CA ASN L 116 5.65 -35.96 -72.23
C ASN L 116 4.41 -36.70 -71.77
N ALA L 117 4.17 -37.90 -72.32
CA ALA L 117 3.04 -38.70 -71.88
C ALA L 117 3.30 -39.38 -70.54
N LEU L 118 4.56 -39.65 -70.22
CA LEU L 118 4.88 -40.21 -68.90
C LEU L 118 4.52 -39.24 -67.79
N GLU L 119 4.82 -37.95 -68.01
CA GLU L 119 4.44 -36.94 -67.02
C GLU L 119 2.92 -36.86 -66.87
N GLU L 120 2.19 -36.94 -67.98
CA GLU L 120 0.73 -36.92 -67.91
C GLU L 120 0.21 -38.13 -67.14
N SER L 121 0.79 -39.30 -67.38
CA SER L 121 0.38 -40.50 -66.65
C SER L 121 0.66 -40.36 -65.16
N ILE L 122 1.83 -39.82 -64.80
CA ILE L 122 2.17 -39.63 -63.40
C ILE L 122 1.19 -38.66 -62.74
N CYS L 123 0.89 -37.55 -63.42
CA CYS L 123 -0.04 -36.58 -62.86
C CYS L 123 -1.43 -37.18 -62.70
N GLU L 124 -1.89 -37.95 -63.69
CA GLU L 124 -3.20 -38.59 -63.59
C GLU L 124 -3.24 -39.56 -62.42
N LEU L 125 -2.19 -40.37 -62.26
CA LEU L 125 -2.13 -41.32 -61.16
C LEU L 125 -2.17 -40.60 -59.82
N ILE L 126 -1.38 -39.53 -59.68
CA ILE L 126 -1.33 -38.80 -58.41
C ILE L 126 -2.69 -38.18 -58.11
N GLU L 127 -3.31 -37.56 -59.11
CA GLU L 127 -4.56 -36.85 -58.88
C GLU L 127 -5.71 -37.81 -58.61
N GLU L 128 -5.69 -39.00 -59.21
CA GLU L 128 -6.74 -39.96 -58.89
C GLU L 128 -6.50 -40.62 -57.54
N GLU L 129 -5.24 -40.72 -57.11
CA GLU L 129 -4.94 -41.32 -55.81
C GLU L 129 -5.27 -40.37 -54.66
N VAL L 130 -5.02 -39.07 -54.84
CA VAL L 130 -5.23 -38.13 -53.74
C VAL L 130 -6.66 -37.60 -53.65
N ASN L 131 -7.41 -37.66 -54.75
CA ASN L 131 -8.80 -37.17 -54.76
C ASN L 131 -9.68 -38.20 -54.07
N VAL L 132 -9.75 -38.12 -52.75
CA VAL L 132 -10.54 -39.05 -51.94
C VAL L 132 -11.40 -38.23 -50.98
N ASP L 133 -12.55 -38.79 -50.62
CA ASP L 133 -13.49 -38.11 -49.74
C ASP L 133 -13.14 -38.36 -48.27
N LEU L 134 -13.46 -37.38 -47.43
CA LEU L 134 -13.20 -37.49 -46.01
C LEU L 134 -14.11 -38.53 -45.36
N PRO L 135 -13.61 -39.26 -44.36
CA PRO L 135 -14.49 -40.14 -43.57
C PRO L 135 -15.39 -39.34 -42.65
N GLY L 136 -16.09 -40.04 -41.75
CA GLY L 136 -17.11 -39.43 -40.91
C GLY L 136 -16.66 -38.30 -40.02
N ASN L 137 -17.58 -37.81 -39.18
CA ASN L 137 -17.41 -36.55 -38.46
C ASN L 137 -16.48 -36.64 -37.27
N ALA L 138 -15.64 -37.67 -37.18
CA ALA L 138 -14.67 -37.79 -36.11
C ALA L 138 -13.26 -37.39 -36.54
N THR L 139 -13.11 -36.87 -37.76
CA THR L 139 -11.79 -36.54 -38.27
C THR L 139 -11.21 -35.34 -37.53
N PRO L 140 -9.89 -35.31 -37.34
CA PRO L 140 -9.26 -34.17 -36.67
C PRO L 140 -9.48 -32.84 -37.38
N TYR L 141 -9.59 -32.85 -38.70
CA TYR L 141 -9.90 -31.63 -39.44
C TYR L 141 -11.22 -31.03 -38.95
N HIS L 142 -12.20 -31.88 -38.69
CA HIS L 142 -13.46 -31.41 -38.14
C HIS L 142 -13.26 -30.76 -36.78
N LYS L 143 -12.39 -31.34 -35.95
CA LYS L 143 -12.11 -30.76 -34.65
C LYS L 143 -11.47 -29.39 -34.77
N ILE L 144 -10.52 -29.22 -35.70
CA ILE L 144 -9.91 -27.92 -35.90
C ILE L 144 -10.93 -26.90 -36.39
N ALA L 145 -11.77 -27.31 -37.36
CA ALA L 145 -12.78 -26.41 -37.87
C ALA L 145 -13.76 -25.99 -36.77
N ALA L 146 -14.12 -26.92 -35.89
CA ALA L 146 -14.97 -26.57 -34.75
C ALA L 146 -14.26 -25.62 -33.81
N TRP L 147 -12.97 -25.83 -33.58
CA TRP L 147 -12.22 -24.92 -32.71
C TRP L 147 -12.18 -23.50 -33.27
N ILE L 148 -12.10 -23.36 -34.59
CA ILE L 148 -12.02 -22.04 -35.19
C ILE L 148 -13.25 -21.21 -34.83
N ASN L 149 -14.44 -21.84 -34.81
CA ASN L 149 -15.66 -21.13 -34.50
C ASN L 149 -15.86 -20.88 -33.01
N SER L 150 -15.00 -21.42 -32.14
CA SER L 150 -15.22 -21.32 -30.71
C SER L 150 -15.22 -19.86 -30.25
N ILE L 151 -14.10 -19.17 -30.42
CA ILE L 151 -13.95 -17.80 -29.97
C ILE L 151 -14.19 -16.86 -31.13
N ASN L 152 -14.89 -15.75 -30.88
CA ASN L 152 -15.12 -14.72 -31.88
C ASN L 152 -13.90 -13.80 -31.92
N ARG L 153 -12.85 -14.29 -32.57
CA ARG L 153 -11.59 -13.56 -32.63
C ARG L 153 -11.74 -12.28 -33.46
N GLU L 154 -10.91 -11.29 -33.13
CA GLU L 154 -10.85 -10.07 -33.91
C GLU L 154 -9.85 -10.17 -35.06
N HIS L 155 -8.81 -10.99 -34.91
CA HIS L 155 -7.87 -11.29 -35.97
C HIS L 155 -8.08 -12.75 -36.36
N GLN L 156 -8.63 -12.99 -37.55
CA GLN L 156 -9.02 -14.33 -37.93
C GLN L 156 -7.82 -15.22 -38.20
N VAL L 157 -8.01 -16.51 -38.04
CA VAL L 157 -6.93 -17.48 -38.17
C VAL L 157 -6.69 -17.81 -39.64
N GLU L 158 -5.44 -17.69 -40.07
CA GLU L 158 -5.04 -18.10 -41.40
C GLU L 158 -4.44 -19.51 -41.36
N ILE L 159 -4.61 -20.25 -42.44
CA ILE L 159 -4.14 -21.62 -42.53
C ILE L 159 -3.32 -21.77 -43.80
N PHE L 160 -2.06 -22.18 -43.64
CA PHE L 160 -1.17 -22.47 -44.77
C PHE L 160 -1.01 -23.97 -44.90
N THR L 161 -1.13 -24.47 -46.13
CA THR L 161 -1.03 -25.90 -46.39
C THR L 161 0.00 -26.15 -47.48
N THR L 162 0.67 -27.30 -47.38
CA THR L 162 1.59 -27.77 -48.42
C THR L 162 1.08 -29.05 -49.07
N ASN L 163 -0.24 -29.26 -49.07
CA ASN L 163 -0.84 -30.47 -49.58
C ASN L 163 -1.48 -30.23 -50.94
N TYR L 164 -1.93 -31.32 -51.57
CA TYR L 164 -2.64 -31.26 -52.83
C TYR L 164 -4.12 -31.55 -52.70
N ASP L 165 -4.55 -32.25 -51.65
CA ASP L 165 -5.92 -32.72 -51.53
C ASP L 165 -6.86 -31.57 -51.15
N LEU L 166 -8.13 -31.91 -50.95
CA LEU L 166 -9.17 -30.95 -50.60
C LEU L 166 -9.85 -31.33 -49.29
N LEU L 167 -9.14 -32.03 -48.41
CA LEU L 167 -9.73 -32.48 -47.15
C LEU L 167 -10.06 -31.29 -46.26
N MET L 168 -9.15 -30.33 -46.14
CA MET L 168 -9.39 -29.17 -45.30
C MET L 168 -10.56 -28.34 -45.82
N GLU L 169 -10.70 -28.23 -47.15
CA GLU L 169 -11.85 -27.51 -47.71
C GLU L 169 -13.15 -28.20 -47.34
N GLN L 170 -13.19 -29.52 -47.43
CA GLN L 170 -14.39 -30.26 -47.05
C GLN L 170 -14.72 -30.07 -45.58
N ALA L 171 -13.71 -30.13 -44.71
CA ALA L 171 -13.95 -29.94 -43.29
C ALA L 171 -14.45 -28.53 -43.00
N LEU L 172 -13.89 -27.53 -43.67
CA LEU L 172 -14.28 -26.15 -43.43
C LEU L 172 -15.69 -25.88 -43.92
N GLU L 173 -16.06 -26.43 -45.07
CA GLU L 173 -17.41 -26.19 -45.59
C GLU L 173 -18.46 -27.00 -44.85
N GLU L 174 -18.09 -28.16 -44.30
CA GLU L 174 -19.07 -28.98 -43.59
C GLU L 174 -19.61 -28.28 -42.36
N LEU L 175 -18.78 -27.50 -41.67
CA LEU L 175 -19.19 -26.77 -40.48
C LEU L 175 -19.57 -25.33 -40.78
N ASN L 176 -19.66 -24.96 -42.05
CA ASN L 176 -20.07 -23.62 -42.47
C ASN L 176 -19.15 -22.55 -41.90
N VAL L 177 -17.88 -22.64 -42.27
CA VAL L 177 -16.86 -21.68 -41.88
C VAL L 177 -16.50 -20.85 -43.12
N PRO L 178 -16.87 -19.58 -43.19
CA PRO L 178 -16.49 -18.77 -44.35
C PRO L 178 -14.97 -18.64 -44.44
N TYR L 179 -14.46 -18.68 -45.68
CA TYR L 179 -13.03 -18.55 -45.91
C TYR L 179 -12.82 -18.10 -47.35
N PHE L 180 -11.61 -17.59 -47.60
CA PHE L 180 -11.26 -17.02 -48.90
C PHE L 180 -9.86 -17.50 -49.26
N ASP L 181 -9.77 -18.41 -50.21
CA ASP L 181 -8.50 -19.02 -50.60
C ASP L 181 -7.78 -18.25 -51.70
N GLY L 182 -8.32 -17.11 -52.14
CA GLY L 182 -7.67 -16.33 -53.18
C GLY L 182 -8.52 -16.19 -54.43
N PHE L 183 -9.19 -17.27 -54.82
CA PHE L 183 -10.02 -17.26 -56.01
C PHE L 183 -11.43 -16.80 -55.66
N VAL L 184 -11.98 -15.94 -56.52
CA VAL L 184 -13.33 -15.41 -56.34
C VAL L 184 -14.12 -15.70 -57.62
N GLY L 185 -15.39 -16.06 -57.46
CA GLY L 185 -16.23 -16.40 -58.57
C GLY L 185 -17.05 -17.66 -58.32
N SER L 186 -18.06 -17.89 -59.15
CA SER L 186 -18.95 -19.04 -58.99
C SER L 186 -18.72 -20.12 -60.03
N LYS L 187 -18.66 -19.76 -61.31
CA LYS L 187 -18.48 -20.74 -62.37
C LYS L 187 -17.01 -20.96 -62.68
N ARG L 188 -16.29 -19.90 -63.06
CA ARG L 188 -14.90 -20.00 -63.46
C ARG L 188 -13.93 -19.69 -62.34
N ALA L 189 -14.29 -18.79 -61.43
CA ALA L 189 -13.50 -18.47 -60.24
C ALA L 189 -12.09 -17.99 -60.62
N PHE L 190 -12.04 -16.86 -61.32
CA PHE L 190 -10.77 -16.28 -61.73
C PHE L 190 -9.92 -15.94 -60.52
N PHE L 191 -8.61 -16.14 -60.65
CA PHE L 191 -7.69 -15.74 -59.61
C PHE L 191 -7.64 -14.22 -59.51
N ASP L 192 -7.71 -13.71 -58.29
CA ASP L 192 -7.67 -12.28 -58.04
C ASP L 192 -6.35 -11.91 -57.38
N ILE L 193 -5.83 -10.74 -57.77
CA ILE L 193 -4.57 -10.26 -57.21
C ILE L 193 -4.71 -8.93 -56.50
N ARG L 194 -5.72 -8.12 -56.82
CA ARG L 194 -5.89 -6.84 -56.15
C ARG L 194 -6.43 -7.03 -54.74
N THR L 195 -7.42 -7.91 -54.57
CA THR L 195 -8.08 -8.07 -53.28
C THR L 195 -7.19 -8.77 -52.26
N ILE L 196 -6.22 -9.56 -52.70
CA ILE L 196 -5.30 -10.19 -51.76
C ILE L 196 -4.42 -9.14 -51.10
N GLU L 197 -3.89 -8.20 -51.89
CA GLU L 197 -2.93 -7.24 -51.37
C GLU L 197 -3.57 -5.99 -50.80
N GLU L 198 -4.83 -5.68 -51.16
CA GLU L 198 -5.47 -4.54 -50.52
C GLU L 198 -5.95 -4.89 -49.12
N ASN L 199 -6.35 -6.14 -48.89
CA ASN L 199 -6.52 -6.72 -47.55
C ASN L 199 -7.62 -6.04 -46.74
N LYS L 200 -8.72 -5.66 -47.41
CA LYS L 200 -9.92 -5.22 -46.71
C LYS L 200 -10.96 -6.32 -46.83
N LEU L 201 -10.89 -7.27 -45.91
CA LEU L 201 -11.78 -8.42 -45.85
C LEU L 201 -12.53 -8.44 -44.53
N PRO L 202 -13.69 -9.10 -44.47
CA PRO L 202 -14.41 -9.20 -43.20
C PRO L 202 -13.56 -9.89 -42.14
N SER L 203 -13.66 -9.38 -40.91
CA SER L 203 -12.86 -9.95 -39.82
C SER L 203 -13.27 -11.39 -39.52
N ARG L 204 -14.51 -11.76 -39.80
CA ARG L 204 -14.97 -13.11 -39.54
C ARG L 204 -14.42 -14.11 -40.57
N TRP L 205 -14.24 -13.68 -41.81
CA TRP L 205 -13.79 -14.58 -42.86
C TRP L 205 -12.38 -15.08 -42.57
N SER L 206 -12.18 -16.39 -42.74
CA SER L 206 -10.86 -16.99 -42.57
C SER L 206 -10.12 -16.99 -43.91
N LYS L 207 -8.88 -17.45 -43.88
CA LYS L 207 -8.05 -17.53 -45.08
C LYS L 207 -7.37 -18.89 -45.14
N LEU L 208 -7.32 -19.47 -46.33
CA LEU L 208 -6.72 -20.79 -46.55
C LEU L 208 -5.82 -20.69 -47.78
N TRP L 209 -4.54 -20.42 -47.55
CA TRP L 209 -3.56 -20.33 -48.62
C TRP L 209 -2.94 -21.70 -48.88
N LYS L 210 -2.80 -22.05 -50.15
CA LYS L 210 -2.15 -23.27 -50.57
C LYS L 210 -0.80 -22.91 -51.18
N LEU L 211 0.28 -23.28 -50.50
CA LEU L 211 1.61 -22.93 -50.93
C LEU L 211 2.11 -23.81 -52.08
N HIS L 212 1.48 -24.96 -52.31
CA HIS L 212 1.94 -25.90 -53.33
C HIS L 212 0.86 -26.23 -54.35
N GLY L 213 -0.29 -25.55 -54.31
CA GLY L 213 -1.35 -25.82 -55.24
C GLY L 213 -2.16 -27.06 -54.86
N SER L 214 -3.30 -27.21 -55.52
CA SER L 214 -4.21 -28.32 -55.27
C SER L 214 -4.57 -28.98 -56.59
N ILE L 215 -5.50 -29.94 -56.53
CA ILE L 215 -5.91 -30.68 -57.72
C ILE L 215 -7.01 -29.98 -58.50
N ASN L 216 -7.71 -29.02 -57.89
CA ASN L 216 -8.72 -28.26 -58.60
C ASN L 216 -8.16 -27.05 -59.34
N TRP L 217 -6.85 -26.80 -59.22
CA TRP L 217 -6.21 -25.74 -59.98
C TRP L 217 -5.91 -26.22 -61.38
N GLN L 218 -6.39 -25.49 -62.39
CA GLN L 218 -6.16 -25.85 -63.78
C GLN L 218 -5.74 -24.62 -64.56
N LEU L 219 -4.83 -24.81 -65.50
CA LEU L 219 -4.39 -23.77 -66.43
C LEU L 219 -4.96 -24.08 -67.80
N ASP L 220 -5.77 -23.16 -68.32
CA ASP L 220 -6.45 -23.36 -69.59
C ASP L 220 -5.62 -22.95 -70.80
N LYS L 221 -4.39 -22.44 -70.58
CA LYS L 221 -3.58 -21.89 -71.65
C LYS L 221 -4.37 -20.84 -72.43
N GLN L 222 -4.15 -20.77 -73.74
CA GLN L 222 -4.88 -19.85 -74.60
C GLN L 222 -4.78 -18.42 -74.06
N THR L 223 -5.78 -18.01 -73.28
CA THR L 223 -5.72 -16.72 -72.61
C THR L 223 -4.59 -16.65 -71.59
N GLN L 224 -4.03 -17.80 -71.20
CA GLN L 224 -2.92 -17.87 -70.25
C GLN L 224 -3.31 -17.25 -68.90
N THR L 225 -4.41 -17.76 -68.35
CA THR L 225 -4.93 -17.30 -67.08
C THR L 225 -5.22 -18.50 -66.19
N ILE L 226 -4.90 -18.38 -64.91
CA ILE L 226 -5.12 -19.43 -63.92
C ILE L 226 -6.52 -19.30 -63.35
N TRP L 227 -7.20 -20.43 -63.19
CA TRP L 227 -8.54 -20.46 -62.63
C TRP L 227 -8.72 -21.72 -61.80
N ARG L 228 -9.68 -21.67 -60.89
CA ARG L 228 -10.03 -22.79 -60.03
C ARG L 228 -11.45 -23.25 -60.34
N GLY L 229 -11.64 -24.56 -60.43
CA GLY L 229 -12.95 -25.10 -60.72
C GLY L 229 -13.09 -26.57 -60.38
N THR L 230 -13.90 -27.28 -61.16
CA THR L 230 -14.09 -28.70 -60.94
C THR L 230 -12.81 -29.46 -61.21
N PRO L 231 -12.54 -30.54 -60.45
CA PRO L 231 -11.34 -31.34 -60.71
C PRO L 231 -11.45 -32.14 -62.00
N SER L 232 -10.71 -31.73 -63.02
CA SER L 232 -10.74 -32.41 -64.31
C SER L 232 -9.91 -33.69 -64.25
N LYS L 233 -9.91 -34.42 -65.35
CA LYS L 233 -9.15 -35.66 -65.47
C LYS L 233 -7.83 -35.37 -66.17
N GLY L 234 -6.73 -35.65 -65.50
CA GLY L 234 -5.40 -35.43 -66.05
C GLY L 234 -4.83 -34.04 -65.87
N CYS L 235 -5.64 -33.01 -66.13
CA CYS L 235 -5.18 -31.64 -66.02
C CYS L 235 -5.11 -31.23 -64.55
N SER L 236 -3.91 -30.85 -64.11
CA SER L 236 -3.70 -30.43 -62.73
C SER L 236 -2.53 -29.47 -62.69
N LEU L 237 -2.30 -28.90 -61.51
CA LEU L 237 -1.22 -27.94 -61.29
C LEU L 237 -0.45 -28.32 -60.02
N ILE L 238 -0.04 -29.59 -59.96
CA ILE L 238 0.58 -30.18 -58.78
C ILE L 238 1.87 -29.45 -58.39
N HIS L 239 2.45 -28.66 -59.30
CA HIS L 239 3.80 -28.08 -59.21
C HIS L 239 4.17 -27.62 -57.81
N PRO L 240 5.35 -27.97 -57.33
CA PRO L 240 5.86 -27.35 -56.09
C PRO L 240 6.18 -25.88 -56.29
N SER L 241 7.01 -25.58 -57.29
CA SER L 241 7.39 -24.21 -57.59
C SER L 241 7.17 -23.83 -59.05
N HIS L 242 7.42 -24.75 -59.98
CA HIS L 242 7.27 -24.51 -61.41
C HIS L 242 8.16 -23.39 -61.92
N LEU L 243 8.16 -23.18 -63.24
CA LEU L 243 8.93 -22.09 -63.85
C LEU L 243 8.09 -21.41 -64.92
N LYS L 244 6.79 -21.30 -64.69
CA LYS L 244 5.91 -20.67 -65.66
C LYS L 244 6.15 -19.16 -65.70
N TYR L 245 5.82 -18.56 -66.85
CA TYR L 245 5.99 -17.12 -67.03
C TYR L 245 5.00 -16.33 -66.20
N MET L 251 2.78 -15.05 -60.92
CA MET L 251 2.67 -16.43 -60.44
C MET L 251 2.11 -16.45 -59.02
N PRO L 252 1.10 -17.30 -58.79
CA PRO L 252 0.49 -17.36 -57.45
C PRO L 252 1.46 -17.80 -56.36
N TYR L 253 2.44 -18.65 -56.69
CA TYR L 253 3.35 -19.18 -55.69
C TYR L 253 4.07 -18.06 -54.94
N LEU L 254 4.63 -17.09 -55.68
CA LEU L 254 5.27 -15.96 -55.04
C LEU L 254 4.28 -15.14 -54.23
N VAL L 255 3.02 -15.07 -54.67
CA VAL L 255 2.02 -14.32 -53.94
C VAL L 255 1.75 -14.95 -52.57
N MET L 256 1.62 -16.28 -52.53
CA MET L 256 1.39 -16.94 -51.25
C MET L 256 2.62 -16.85 -50.36
N MET L 257 3.82 -16.96 -50.92
CA MET L 257 5.02 -16.78 -50.12
C MET L 257 5.10 -15.38 -49.54
N ASP L 258 4.76 -14.37 -50.33
CA ASP L 258 4.73 -13.00 -49.84
C ASP L 258 3.67 -12.83 -48.75
N GLN L 259 2.53 -13.50 -48.90
CA GLN L 259 1.51 -13.44 -47.86
C GLN L 259 2.02 -14.03 -46.55
N LEU L 260 2.72 -15.16 -46.62
CA LEU L 260 3.29 -15.76 -45.41
C LEU L 260 4.30 -14.82 -44.77
N LYS L 261 5.19 -14.24 -45.58
CA LYS L 261 6.19 -13.33 -45.04
C LYS L 261 5.54 -12.10 -44.42
N LEU L 262 4.49 -11.56 -45.07
CA LEU L 262 3.79 -10.41 -44.52
C LEU L 262 3.10 -10.75 -43.20
N PHE L 263 2.51 -11.94 -43.10
CA PHE L 263 1.92 -12.34 -41.84
C PHE L 263 2.97 -12.43 -40.74
N LEU L 264 4.14 -12.98 -41.06
CA LEU L 264 5.18 -13.09 -40.05
C LEU L 264 5.70 -11.74 -39.58
N ASN L 265 5.39 -10.65 -40.29
CA ASN L 265 5.82 -9.32 -39.90
C ASN L 265 4.84 -8.62 -38.95
N GLN L 266 3.68 -9.22 -38.70
CA GLN L 266 2.72 -8.60 -37.81
C GLN L 266 3.22 -8.60 -36.37
N PRO L 267 2.82 -7.62 -35.57
CA PRO L 267 3.28 -7.57 -34.18
C PRO L 267 2.66 -8.70 -33.36
N SER L 268 3.50 -9.42 -32.63
CA SER L 268 3.09 -10.52 -31.76
C SER L 268 2.32 -11.57 -32.55
N ALA L 269 3.02 -12.19 -33.51
CA ALA L 269 2.44 -13.22 -34.35
C ALA L 269 2.91 -14.59 -33.88
N ILE L 270 2.02 -15.57 -33.94
CA ILE L 270 2.29 -16.93 -33.52
C ILE L 270 1.95 -17.88 -34.66
N LEU L 271 2.84 -18.84 -34.91
CA LEU L 271 2.67 -19.78 -36.02
C LEU L 271 3.02 -21.17 -35.53
N ILE L 272 2.05 -22.09 -35.62
CA ILE L 272 2.23 -23.46 -35.15
C ILE L 272 2.37 -24.38 -36.36
N THR L 273 3.42 -25.20 -36.34
CA THR L 273 3.67 -26.16 -37.41
C THR L 273 3.41 -27.57 -36.90
N CYS L 274 2.55 -28.30 -37.60
CA CYS L 274 2.25 -29.69 -37.26
C CYS L 274 2.38 -30.54 -38.52
N GLY L 275 3.12 -31.64 -38.41
CA GLY L 275 3.31 -32.52 -39.54
C GLY L 275 4.34 -32.06 -40.54
N TYR L 276 5.11 -31.02 -40.23
CA TYR L 276 6.12 -30.51 -41.14
C TYR L 276 7.45 -31.21 -40.87
N SER L 277 8.15 -31.54 -41.95
CA SER L 277 9.41 -32.28 -41.86
C SER L 277 10.64 -31.39 -42.01
N TYR L 278 10.47 -30.13 -42.40
CA TYR L 278 11.53 -29.13 -42.53
C TYR L 278 12.55 -29.47 -43.60
N LYS L 279 12.30 -30.50 -44.42
CA LYS L 279 13.22 -30.81 -45.51
C LYS L 279 13.18 -29.79 -46.63
N ASP L 280 12.10 -29.01 -46.72
CA ASP L 280 12.02 -27.97 -47.74
C ASP L 280 13.03 -26.87 -47.44
N GLN L 281 13.47 -26.18 -48.49
CA GLN L 281 14.47 -25.13 -48.37
C GLN L 281 13.89 -23.74 -48.45
N HIS L 282 12.96 -23.49 -49.38
CA HIS L 282 12.39 -22.16 -49.52
C HIS L 282 11.59 -21.77 -48.27
N ILE L 283 10.77 -22.69 -47.77
CA ILE L 283 9.96 -22.38 -46.59
C ILE L 283 10.85 -22.11 -45.38
N ASN L 284 11.88 -22.93 -45.20
CA ASN L 284 12.79 -22.73 -44.06
C ASN L 284 13.47 -21.37 -44.12
N GLU L 285 13.95 -20.98 -45.30
CA GLU L 285 14.60 -19.68 -45.42
C GLU L 285 13.61 -18.54 -45.18
N VAL L 286 12.38 -18.67 -45.70
CA VAL L 286 11.39 -17.60 -45.49
C VAL L 286 11.06 -17.46 -44.02
N LEU L 287 10.89 -18.59 -43.32
CA LEU L 287 10.68 -18.53 -41.88
C LEU L 287 11.88 -17.92 -41.18
N SER L 288 13.09 -18.18 -41.68
CA SER L 288 14.28 -17.60 -41.06
C SER L 288 14.26 -16.08 -41.15
N GLN L 289 14.02 -15.52 -42.35
CA GLN L 289 13.97 -14.07 -42.44
C GLN L 289 12.80 -13.50 -41.66
N GLY L 290 11.65 -14.19 -41.66
CA GLY L 290 10.52 -13.71 -40.90
C GLY L 290 10.80 -13.63 -39.41
N LEU L 291 11.49 -14.63 -38.87
CA LEU L 291 11.84 -14.62 -37.45
C LEU L 291 12.90 -13.57 -37.15
N GLN L 292 13.91 -13.46 -38.01
CA GLN L 292 15.00 -12.52 -37.73
C GLN L 292 14.53 -11.07 -37.83
N THR L 293 13.67 -10.76 -38.80
CA THR L 293 13.25 -9.38 -39.01
C THR L 293 12.42 -8.87 -37.84
N ASN L 294 11.40 -9.62 -37.44
CA ASN L 294 10.52 -9.21 -36.36
C ASN L 294 10.83 -10.03 -35.11
N PRO L 295 11.41 -9.44 -34.07
CA PRO L 295 11.74 -10.22 -32.86
C PRO L 295 10.52 -10.62 -32.04
N ASN L 296 9.35 -10.06 -32.32
CA ASN L 296 8.15 -10.38 -31.57
C ASN L 296 7.42 -11.62 -32.10
N ALA L 297 7.84 -12.16 -33.24
CA ALA L 297 7.19 -13.33 -33.79
C ALA L 297 7.50 -14.56 -32.94
N LEU L 298 6.93 -15.69 -33.36
CA LEU L 298 7.09 -16.94 -32.64
C LEU L 298 6.67 -18.09 -33.55
N ILE L 299 7.39 -19.21 -33.46
CA ILE L 299 7.11 -20.39 -34.26
C ILE L 299 7.20 -21.61 -33.35
N TYR L 300 6.08 -22.31 -33.16
CA TYR L 300 6.06 -23.56 -32.42
C TYR L 300 6.30 -24.70 -33.39
N GLY L 301 7.41 -25.41 -33.20
CA GLY L 301 7.72 -26.56 -34.03
C GLY L 301 7.33 -27.87 -33.38
N LEU L 302 6.22 -28.45 -33.83
CA LEU L 302 5.72 -29.71 -33.29
C LEU L 302 6.01 -30.81 -34.28
N GLN L 303 6.87 -31.76 -33.88
CA GLN L 303 7.26 -32.87 -34.72
C GLN L 303 6.77 -34.18 -34.11
N TYR L 304 6.73 -35.23 -34.93
CA TYR L 304 6.37 -36.58 -34.47
C TYR L 304 7.47 -37.52 -34.97
N ASP L 305 8.58 -37.54 -34.22
CA ASP L 305 9.72 -38.41 -34.45
C ASP L 305 10.79 -38.13 -33.40
N VAL L 306 11.88 -38.90 -33.42
CA VAL L 306 13.05 -38.52 -32.64
C VAL L 306 13.67 -37.27 -33.26
N LEU L 307 14.30 -36.45 -32.41
CA LEU L 307 14.81 -35.16 -32.87
C LEU L 307 15.97 -35.31 -33.84
N GLU L 308 16.63 -36.46 -33.86
CA GLU L 308 17.82 -36.64 -34.70
C GLU L 308 17.52 -36.58 -36.18
N ASN L 309 16.25 -36.68 -36.59
CA ASN L 309 15.89 -36.70 -38.00
C ASN L 309 15.73 -35.30 -38.61
N TYR L 310 15.84 -34.24 -37.82
CA TYR L 310 15.68 -32.87 -38.30
C TYR L 310 16.96 -32.09 -37.99
N GLN L 311 17.94 -32.16 -38.90
CA GLN L 311 19.16 -31.39 -38.73
C GLN L 311 18.95 -29.91 -39.06
N GLU L 312 18.19 -29.63 -40.12
CA GLU L 312 17.94 -28.25 -40.50
C GLU L 312 17.16 -27.50 -39.43
N ALA L 313 16.14 -28.16 -38.87
CA ALA L 313 15.38 -27.54 -37.79
C ALA L 313 16.27 -27.30 -36.57
N LYS L 314 17.15 -28.25 -36.27
CA LYS L 314 18.08 -28.08 -35.15
C LYS L 314 18.99 -26.88 -35.37
N ASP L 315 19.52 -26.74 -36.59
CA ASP L 315 20.39 -25.60 -36.90
C ASP L 315 19.61 -24.29 -36.79
N MET L 316 18.39 -24.26 -37.31
CA MET L 316 17.59 -23.04 -37.25
C MET L 316 17.28 -22.67 -35.80
N ALA L 317 16.95 -23.66 -34.97
CA ALA L 317 16.69 -23.39 -33.56
C ALA L 317 17.93 -22.91 -32.83
N LEU L 318 19.09 -23.46 -33.18
CA LEU L 318 20.34 -22.98 -32.60
C LEU L 318 20.70 -21.58 -33.08
N LYS L 319 20.18 -21.17 -34.25
CA LYS L 319 20.46 -19.84 -34.78
C LYS L 319 19.43 -18.82 -34.32
N ARG L 320 18.16 -19.20 -34.28
CA ARG L 320 17.08 -18.29 -33.92
C ARG L 320 16.63 -18.55 -32.49
N SER L 321 16.47 -17.46 -31.73
CA SER L 321 16.12 -17.60 -30.31
C SER L 321 14.63 -17.82 -30.10
N ASN L 322 13.79 -17.09 -30.84
CA ASN L 322 12.35 -17.12 -30.61
C ASN L 322 11.66 -18.29 -31.32
N LEU L 323 12.39 -19.32 -31.72
CA LEU L 323 11.81 -20.51 -32.32
C LEU L 323 11.84 -21.64 -31.31
N ILE L 324 10.69 -22.28 -31.12
CA ILE L 324 10.55 -23.38 -30.16
C ILE L 324 10.39 -24.68 -30.94
N LEU L 325 11.27 -25.63 -30.68
CA LEU L 325 11.24 -26.93 -31.33
C LEU L 325 10.98 -28.00 -30.28
N LEU L 326 9.90 -28.76 -30.45
CA LEU L 326 9.48 -29.77 -29.50
C LEU L 326 9.35 -31.11 -30.23
N ALA L 327 10.29 -32.01 -29.99
CA ALA L 327 10.27 -33.34 -30.59
C ALA L 327 9.62 -34.33 -29.62
N LYS L 328 9.66 -35.60 -30.01
CA LYS L 328 9.06 -36.64 -29.19
C LYS L 328 9.96 -37.12 -28.06
N ASP L 329 11.25 -36.80 -28.10
CA ASP L 329 12.16 -37.27 -27.06
C ASP L 329 13.01 -36.13 -26.50
N ARG L 330 13.26 -35.10 -27.31
CA ARG L 330 14.10 -33.98 -26.92
C ARG L 330 13.37 -32.68 -27.24
N ALA L 331 14.04 -31.56 -26.97
CA ALA L 331 13.48 -30.24 -27.22
C ALA L 331 14.61 -29.23 -27.25
N ILE L 332 14.43 -28.18 -28.05
CA ILE L 332 15.41 -27.10 -28.17
C ILE L 332 14.65 -25.80 -27.96
N ILE L 333 14.71 -25.26 -26.75
CA ILE L 333 14.03 -24.02 -26.40
C ILE L 333 15.08 -23.00 -25.99
N GLY L 334 15.08 -21.85 -26.66
CA GLY L 334 16.01 -20.79 -26.34
C GLY L 334 17.47 -21.16 -26.56
N LYS L 335 17.76 -21.79 -27.70
CA LYS L 335 19.11 -22.16 -28.13
C LYS L 335 19.75 -23.22 -27.22
N LYS L 336 18.99 -23.80 -26.30
CA LYS L 336 19.53 -24.75 -25.32
C LYS L 336 18.80 -26.08 -25.48
N GLU L 337 19.51 -27.08 -26.01
CA GLU L 337 18.94 -28.41 -26.13
C GLU L 337 18.74 -29.03 -24.75
N GLY L 338 17.67 -29.82 -24.63
CA GLY L 338 17.38 -30.49 -23.37
C GLY L 338 16.73 -31.84 -23.54
N GLU L 339 16.15 -32.36 -22.47
CA GLU L 339 15.48 -33.66 -22.51
C GLU L 339 14.28 -33.61 -21.57
N TRP L 340 13.23 -34.34 -21.92
CA TRP L 340 12.02 -34.36 -21.11
C TRP L 340 12.29 -35.04 -19.78
N LYS L 341 11.65 -34.53 -18.73
CA LYS L 341 11.79 -35.08 -17.40
C LYS L 341 10.57 -35.91 -17.05
N PRO L 342 10.68 -37.24 -16.98
CA PRO L 342 9.55 -38.14 -16.66
C PRO L 342 9.03 -37.92 -15.25
N LEU L 354 8.73 -42.70 -25.17
CA LEU L 354 8.71 -41.31 -25.60
C LEU L 354 7.63 -40.52 -24.87
N PHE L 355 7.81 -39.22 -24.78
CA PHE L 355 6.88 -38.32 -24.13
C PHE L 355 6.44 -37.25 -25.12
N PHE L 356 5.58 -36.33 -24.64
CA PHE L 356 5.05 -35.23 -25.45
C PHE L 356 4.38 -35.76 -26.72
N LYS L 357 3.30 -36.50 -26.49
CA LYS L 357 2.54 -37.09 -27.60
C LYS L 357 1.77 -36.05 -28.41
N LEU L 358 1.89 -34.76 -28.08
CA LEU L 358 1.19 -33.72 -28.81
C LEU L 358 1.71 -33.55 -30.24
N GLY L 359 2.86 -34.14 -30.57
CA GLY L 359 3.38 -34.00 -31.93
C GLY L 359 2.47 -34.60 -32.97
N ASP L 360 1.84 -35.73 -32.67
CA ASP L 360 0.93 -36.36 -33.60
C ASP L 360 -0.32 -35.50 -33.78
N PHE L 361 -0.88 -35.54 -34.99
CA PHE L 361 -1.97 -34.63 -35.34
C PHE L 361 -3.24 -34.98 -34.60
N GLN L 362 -3.46 -36.27 -34.34
CA GLN L 362 -4.64 -36.68 -33.57
C GLN L 362 -4.63 -36.08 -32.17
N HIS L 363 -3.49 -36.19 -31.47
CA HIS L 363 -3.40 -35.63 -30.13
C HIS L 363 -3.52 -34.11 -30.15
N LEU L 364 -2.96 -33.47 -31.18
CA LEU L 364 -3.11 -32.02 -31.29
C LEU L 364 -4.56 -31.63 -31.47
N ALA L 365 -5.30 -32.36 -32.29
CA ALA L 365 -6.72 -32.06 -32.47
C ALA L 365 -7.51 -32.29 -31.19
N SER L 366 -7.20 -33.37 -30.47
CA SER L 366 -7.86 -33.63 -29.20
C SER L 366 -7.58 -32.52 -28.20
N PHE L 367 -6.33 -32.05 -28.15
CA PHE L 367 -5.97 -30.95 -27.27
C PHE L 367 -6.71 -29.68 -27.64
N LEU L 368 -6.81 -29.39 -28.94
CA LEU L 368 -7.55 -28.21 -29.40
C LEU L 368 -9.01 -28.28 -29.03
N GLU L 369 -9.65 -29.45 -29.21
CA GLU L 369 -11.06 -29.56 -28.88
C GLU L 369 -11.28 -29.52 -27.37
N GLU L 370 -10.31 -30.01 -26.59
CA GLU L 370 -10.41 -29.91 -25.13
C GLU L 370 -10.32 -28.46 -24.68
N ILE L 371 -9.34 -27.71 -25.20
CA ILE L 371 -9.18 -26.32 -24.80
C ILE L 371 -10.28 -25.44 -25.39
N SER L 372 -10.96 -25.91 -26.43
CA SER L 372 -12.04 -25.12 -27.02
C SER L 372 -13.19 -24.92 -26.05
N GLN L 373 -13.55 -25.96 -25.30
CA GLN L 373 -14.64 -25.85 -24.34
C GLN L 373 -14.11 -25.83 -22.91
N VAL M 153 -31.94 45.27 11.86
CA VAL M 153 -31.74 43.87 12.25
C VAL M 153 -32.95 43.44 13.07
N ASN M 154 -33.55 42.32 12.68
CA ASN M 154 -34.67 41.77 13.44
C ASN M 154 -34.20 41.36 14.83
N ILE M 155 -35.07 41.55 15.83
CA ILE M 155 -34.72 41.25 17.20
C ILE M 155 -35.43 40.00 17.72
N ASP M 156 -36.62 39.67 17.20
CA ASP M 156 -37.30 38.46 17.63
C ASP M 156 -36.51 37.23 17.22
N THR M 157 -36.04 37.19 15.97
CA THR M 157 -35.24 36.07 15.51
C THR M 157 -33.86 36.06 16.16
N LEU M 158 -33.34 37.24 16.51
CA LEU M 158 -32.04 37.31 17.17
C LEU M 158 -32.06 36.61 18.53
N VAL M 159 -33.20 36.61 19.20
CA VAL M 159 -33.31 36.00 20.53
C VAL M 159 -33.83 34.58 20.44
N THR M 160 -34.88 34.35 19.65
CA THR M 160 -35.50 33.03 19.63
C THR M 160 -34.66 32.01 18.88
N ARG M 161 -33.92 32.44 17.86
CA ARG M 161 -33.13 31.54 17.03
C ARG M 161 -31.64 31.58 17.39
N HIS M 162 -31.28 32.18 18.52
CA HIS M 162 -29.92 32.21 19.03
C HIS M 162 -28.98 32.99 18.11
N SER M 163 -27.78 33.29 18.59
CA SER M 163 -26.80 34.06 17.82
C SER M 163 -25.40 33.57 18.17
N ALA M 164 -24.41 34.27 17.63
CA ALA M 164 -23.01 33.95 17.88
C ALA M 164 -22.15 35.10 17.39
N VAL M 165 -21.08 35.40 18.13
CA VAL M 165 -20.14 36.46 17.78
C VAL M 165 -18.75 35.84 17.73
N LEU M 166 -18.13 35.85 16.55
CA LEU M 166 -16.83 35.26 16.35
C LEU M 166 -15.87 36.29 15.78
N GLY M 167 -14.64 36.27 16.27
CA GLY M 167 -13.64 37.23 15.80
C GLY M 167 -12.31 36.93 16.44
N SER M 168 -11.33 37.75 16.09
CA SER M 168 -9.99 37.61 16.65
C SER M 168 -9.86 38.47 17.91
N THR M 169 -8.79 38.21 18.67
CA THR M 169 -8.56 38.93 19.91
C THR M 169 -8.33 40.42 19.66
N GLY M 170 -7.75 40.77 18.52
CA GLY M 170 -7.53 42.16 18.18
C GLY M 170 -8.70 42.87 17.54
N SER M 171 -9.81 42.18 17.32
CA SER M 171 -10.97 42.76 16.64
C SER M 171 -11.89 43.53 17.57
N GLY M 172 -11.62 43.53 18.88
CA GLY M 172 -12.44 44.28 19.81
C GLY M 172 -13.87 43.79 19.89
N LYS M 173 -14.07 42.48 20.00
CA LYS M 173 -15.41 41.93 20.09
C LYS M 173 -16.13 42.37 21.35
N SER M 174 -15.39 42.71 22.41
CA SER M 174 -16.01 43.14 23.65
C SER M 174 -16.82 44.42 23.46
N THR M 175 -16.25 45.37 22.71
CA THR M 175 -16.97 46.61 22.43
C THR M 175 -18.24 46.34 21.63
N THR M 176 -18.17 45.45 20.65
CA THR M 176 -19.35 45.12 19.86
C THR M 176 -20.43 44.48 20.72
N VAL M 177 -20.05 43.55 21.59
CA VAL M 177 -21.03 42.90 22.46
C VAL M 177 -21.64 43.92 23.41
N THR M 178 -20.83 44.81 23.97
CA THR M 178 -21.33 45.83 24.87
C THR M 178 -22.33 46.75 24.16
N SER M 179 -21.98 47.18 22.95
CA SER M 179 -22.89 48.04 22.20
C SER M 179 -24.20 47.34 21.89
N ILE M 180 -24.13 46.06 21.48
CA ILE M 180 -25.35 45.32 21.17
C ILE M 180 -26.22 45.19 22.41
N LEU M 181 -25.62 44.83 23.55
CA LEU M 181 -26.40 44.68 24.78
C LEU M 181 -27.02 45.99 25.21
N GLN M 182 -26.28 47.09 25.09
CA GLN M 182 -26.83 48.39 25.48
C GLN M 182 -27.97 48.80 24.55
N ARG M 183 -27.86 48.50 23.26
CA ARG M 183 -28.91 48.88 22.33
C ARG M 183 -30.17 48.04 22.53
N ILE M 184 -30.01 46.75 22.79
CA ILE M 184 -31.17 45.88 22.94
C ILE M 184 -31.93 46.19 24.23
N SER M 185 -31.21 46.47 25.31
CA SER M 185 -31.81 46.66 26.63
C SER M 185 -32.02 48.12 26.97
N ASP M 186 -32.36 48.95 25.98
CA ASP M 186 -32.62 50.36 26.24
C ASP M 186 -33.85 50.53 27.11
N MET M 187 -33.72 51.41 28.11
CA MET M 187 -34.84 51.67 29.02
C MET M 187 -35.99 52.36 28.30
N SER M 188 -35.70 53.29 27.41
CA SER M 188 -36.75 54.06 26.74
C SER M 188 -37.60 53.17 25.84
N GLN M 189 -36.97 52.24 25.13
CA GLN M 189 -37.67 51.44 24.13
C GLN M 189 -38.10 50.07 24.63
N PHE M 190 -37.30 49.44 25.49
CA PHE M 190 -37.58 48.10 26.02
C PHE M 190 -37.51 48.15 27.54
N PRO M 191 -38.58 48.64 28.20
CA PRO M 191 -38.54 48.76 29.66
C PRO M 191 -38.51 47.42 30.38
N SER M 192 -38.85 46.32 29.72
CA SER M 192 -38.93 45.01 30.36
C SER M 192 -37.90 44.04 29.81
N ALA M 193 -36.66 44.51 29.62
CA ALA M 193 -35.61 43.66 29.12
C ALA M 193 -35.20 42.62 30.17
N ARG M 194 -34.46 41.62 29.73
CA ARG M 194 -34.02 40.54 30.60
C ARG M 194 -32.79 39.91 29.98
N ILE M 195 -31.62 40.11 30.59
CA ILE M 195 -30.36 39.64 30.05
C ILE M 195 -29.51 39.09 31.19
N ILE M 196 -28.85 37.96 30.94
CA ILE M 196 -27.93 37.34 31.89
C ILE M 196 -26.59 37.12 31.17
N VAL M 197 -25.50 37.54 31.80
CA VAL M 197 -24.18 37.46 31.20
C VAL M 197 -23.29 36.57 32.07
N PHE M 198 -22.66 35.59 31.45
CA PHE M 198 -21.73 34.70 32.17
C PHE M 198 -20.30 35.20 31.95
N ASP M 199 -20.03 36.38 32.50
CA ASP M 199 -18.70 36.96 32.40
C ASP M 199 -17.68 36.05 33.10
N ILE M 200 -16.54 35.85 32.45
CA ILE M 200 -15.48 34.99 32.96
C ILE M 200 -14.29 35.80 33.45
N HIS M 201 -13.81 36.72 32.63
CA HIS M 201 -12.67 37.55 33.00
C HIS M 201 -13.08 38.85 33.68
N GLY M 202 -14.37 39.08 33.87
CA GLY M 202 -14.83 40.27 34.57
C GLY M 202 -14.50 41.57 33.85
N GLU M 203 -14.56 41.56 32.52
CA GLU M 203 -14.27 42.75 31.73
C GLU M 203 -15.53 43.46 31.26
N TYR M 204 -16.71 43.03 31.69
CA TYR M 204 -17.95 43.70 31.35
C TYR M 204 -18.51 44.53 32.49
N ALA M 205 -18.09 44.30 33.72
CA ALA M 205 -18.58 45.09 34.85
C ALA M 205 -18.19 46.55 34.71
N ALA M 206 -16.98 46.81 34.20
CA ALA M 206 -16.52 48.19 34.05
C ALA M 206 -17.39 48.95 33.05
N ALA M 207 -17.79 48.30 31.96
CA ALA M 207 -18.60 48.97 30.95
C ALA M 207 -19.94 49.43 31.52
N PHE M 208 -20.59 48.58 32.30
CA PHE M 208 -21.88 48.91 32.92
C PHE M 208 -21.60 49.37 34.35
N LYS M 209 -21.48 50.69 34.52
CA LYS M 209 -21.17 51.22 35.84
C LYS M 209 -22.37 51.13 36.77
N GLY M 210 -23.48 51.78 36.41
CA GLY M 210 -24.67 51.76 37.22
C GLY M 210 -25.89 51.27 36.48
N LYS M 211 -25.69 50.70 35.30
CA LYS M 211 -26.78 50.23 34.46
C LYS M 211 -27.13 48.77 34.70
N ALA M 212 -26.32 48.04 35.47
CA ALA M 212 -26.53 46.60 35.62
C ALA M 212 -26.01 46.15 36.98
N LYS M 213 -26.72 45.20 37.58
CA LYS M 213 -26.24 44.57 38.81
C LYS M 213 -25.03 43.68 38.50
N VAL M 214 -24.06 43.67 39.41
CA VAL M 214 -22.86 42.85 39.27
C VAL M 214 -22.76 41.96 40.49
N TYR M 215 -22.58 40.66 40.25
CA TYR M 215 -22.46 39.66 41.32
C TYR M 215 -21.06 39.08 41.25
N LYS M 216 -20.13 39.65 42.02
CA LYS M 216 -18.75 39.21 42.04
C LYS M 216 -18.55 38.19 43.14
N VAL M 217 -17.28 37.82 43.36
CA VAL M 217 -16.93 36.89 44.43
C VAL M 217 -16.66 37.63 45.74
N THR M 218 -15.82 38.66 45.69
CA THR M 218 -15.49 39.47 46.87
C THR M 218 -15.94 40.92 46.68
N PRO M 219 -17.07 41.31 47.26
CA PRO M 219 -17.51 42.70 47.14
C PRO M 219 -16.56 43.66 47.83
N SER M 220 -16.41 44.85 47.23
CA SER M 220 -15.56 45.88 47.80
C SER M 220 -16.35 47.13 48.21
N ASN M 221 -17.06 47.76 47.27
CA ASN M 221 -17.78 48.99 47.55
C ASN M 221 -19.28 48.86 47.39
N ASN M 222 -19.76 48.44 46.21
CA ASN M 222 -21.19 48.37 45.96
C ASN M 222 -21.65 47.09 45.27
N GLU M 223 -20.76 46.30 44.72
CA GLU M 223 -21.17 45.05 44.09
C GLU M 223 -21.67 44.06 45.14
N LEU M 224 -22.59 43.20 44.73
CA LEU M 224 -23.12 42.18 45.62
C LEU M 224 -22.16 40.99 45.68
N LYS M 225 -22.56 39.95 46.40
CA LYS M 225 -21.77 38.74 46.53
C LYS M 225 -22.52 37.59 45.88
N LEU M 226 -21.88 36.92 44.93
CA LEU M 226 -22.46 35.73 44.33
C LEU M 226 -22.43 34.59 45.35
N SER M 227 -23.56 33.91 45.50
CA SER M 227 -23.66 32.82 46.46
C SER M 227 -24.65 31.79 45.94
N ILE M 228 -24.19 30.55 45.80
CA ILE M 228 -25.05 29.45 45.35
C ILE M 228 -25.14 28.42 46.47
N PRO M 229 -26.29 28.31 47.14
CA PRO M 229 -26.40 27.33 48.23
C PRO M 229 -26.20 25.91 47.72
N TYR M 230 -25.53 25.10 48.54
CA TYR M 230 -25.21 23.74 48.12
C TYR M 230 -26.43 22.84 48.10
N TRP M 231 -27.47 23.17 48.87
CA TRP M 231 -28.66 22.33 48.89
C TRP M 231 -29.57 22.56 47.68
N ALA M 232 -29.27 23.56 46.85
CA ALA M 232 -29.99 23.73 45.60
C ALA M 232 -29.46 22.83 44.48
N LEU M 233 -28.35 22.14 44.71
CA LEU M 233 -27.80 21.24 43.72
C LEU M 233 -28.52 19.91 43.74
N THR M 234 -28.32 19.12 42.69
CA THR M 234 -28.78 17.75 42.66
C THR M 234 -27.70 16.83 43.23
N CYS M 235 -28.07 15.56 43.41
CA CYS M 235 -27.15 14.61 44.05
C CYS M 235 -25.88 14.42 43.22
N ASP M 236 -26.02 14.26 41.92
CA ASP M 236 -24.85 13.98 41.08
C ASP M 236 -23.89 15.16 41.05
N GLU M 237 -24.41 16.37 40.87
CA GLU M 237 -23.55 17.55 40.83
C GLU M 237 -22.91 17.80 42.19
N PHE M 238 -23.65 17.57 43.28
CA PHE M 238 -23.06 17.71 44.61
C PHE M 238 -21.93 16.71 44.82
N LEU M 239 -22.11 15.47 44.37
CA LEU M 239 -21.05 14.48 44.47
C LEU M 239 -19.84 14.88 43.64
N SER M 240 -20.08 15.38 42.43
CA SER M 240 -18.97 15.77 41.56
C SER M 240 -18.24 17.00 42.08
N VAL M 241 -18.92 17.85 42.84
CA VAL M 241 -18.28 19.05 43.39
C VAL M 241 -17.53 18.75 44.66
N ALA M 242 -18.16 18.06 45.62
CA ALA M 242 -17.54 17.86 46.92
C ALA M 242 -16.57 16.69 46.91
N PHE M 243 -17.06 15.48 46.64
CA PHE M 243 -16.25 14.28 46.73
C PHE M 243 -15.49 13.96 45.46
N GLY M 244 -15.83 14.58 44.33
CA GLY M 244 -15.16 14.29 43.08
C GLY M 244 -15.66 13.06 42.35
N GLY M 245 -16.82 12.52 42.73
CA GLY M 245 -17.40 11.41 41.99
C GLY M 245 -17.06 10.04 42.52
N LEU M 246 -17.33 9.79 43.80
CA LEU M 246 -17.15 8.45 44.36
C LEU M 246 -18.10 7.47 43.69
N GLU M 247 -17.62 6.23 43.52
CA GLU M 247 -18.37 5.21 42.81
C GLU M 247 -18.70 3.98 43.63
N GLY M 248 -18.08 3.79 44.79
CA GLY M 248 -18.33 2.63 45.61
C GLY M 248 -19.57 2.77 46.47
N SER M 249 -19.64 1.95 47.51
CA SER M 249 -20.76 2.00 48.44
C SER M 249 -20.83 3.30 49.22
N GLY M 250 -19.75 4.08 49.22
CA GLY M 250 -19.78 5.38 49.86
C GLY M 250 -20.80 6.30 49.23
N ARG M 251 -21.00 6.18 47.92
CA ARG M 251 -22.06 6.95 47.25
C ARG M 251 -23.43 6.58 47.83
N ASN M 252 -23.69 5.29 48.03
CA ASN M 252 -24.95 4.87 48.61
C ASN M 252 -25.10 5.40 50.04
N ALA M 253 -24.02 5.33 50.82
CA ALA M 253 -24.08 5.83 52.20
C ALA M 253 -24.38 7.32 52.23
N LEU M 254 -23.71 8.10 51.37
CA LEU M 254 -23.97 9.53 51.32
C LEU M 254 -25.39 9.83 50.86
N ILE M 255 -25.89 9.09 49.87
CA ILE M 255 -27.26 9.30 49.42
C ILE M 255 -28.25 9.02 50.54
N ASP M 256 -28.02 7.94 51.28
CA ASP M 256 -28.90 7.61 52.41
C ASP M 256 -28.85 8.70 53.47
N LYS M 257 -27.67 9.22 53.76
CA LYS M 257 -27.56 10.29 54.75
C LYS M 257 -28.28 11.55 54.28
N ILE M 258 -28.15 11.89 53.00
CA ILE M 258 -28.86 13.05 52.46
C ILE M 258 -30.37 12.86 52.61
N TYR M 259 -30.85 11.66 52.27
CA TYR M 259 -32.28 11.39 52.40
C TYR M 259 -32.75 11.51 53.84
N GLU M 260 -31.97 10.97 54.78
CA GLU M 260 -32.34 11.05 56.19
C GLU M 260 -32.38 12.49 56.68
N LEU M 261 -31.35 13.28 56.33
CA LEU M 261 -31.32 14.67 56.76
C LEU M 261 -32.47 15.46 56.16
N LYS M 262 -32.78 15.23 54.88
CA LYS M 262 -33.90 15.94 54.26
C LYS M 262 -35.22 15.54 54.89
N LEU M 263 -35.39 14.26 55.23
CA LEU M 263 -36.61 13.84 55.91
C LEU M 263 -36.73 14.52 57.27
N GLN M 264 -35.64 14.58 58.03
CA GLN M 264 -35.68 15.24 59.33
C GLN M 264 -36.00 16.72 59.19
N THR M 265 -35.42 17.38 58.19
CA THR M 265 -35.70 18.79 57.96
C THR M 265 -37.17 19.01 57.59
N LEU M 266 -37.72 18.15 56.74
CA LEU M 266 -39.13 18.25 56.40
C LEU M 266 -40.01 18.06 57.63
N LYS M 267 -39.63 17.13 58.51
CA LYS M 267 -40.37 16.95 59.75
C LYS M 267 -40.32 18.20 60.61
N ARG M 268 -39.14 18.81 60.72
CA ARG M 268 -39.00 19.98 61.60
C ARG M 268 -39.70 21.20 61.01
N GLN M 269 -39.48 21.48 59.74
CA GLN M 269 -40.01 22.67 59.08
C GLN M 269 -41.06 22.27 58.07
N GLU M 270 -42.26 22.86 58.18
CA GLU M 270 -43.34 22.57 57.25
C GLU M 270 -43.03 23.19 55.89
N TYR M 271 -43.31 22.43 54.83
CA TYR M 271 -43.12 22.90 53.46
C TYR M 271 -44.38 22.58 52.65
N GLU M 272 -44.71 23.47 51.72
CA GLU M 272 -45.94 23.33 50.96
C GLU M 272 -45.82 22.21 49.92
N GLY M 273 -46.86 21.40 49.84
CA GLY M 273 -46.97 20.38 48.81
C GLY M 273 -45.92 19.30 48.83
N ILE M 274 -45.19 19.15 49.95
CA ILE M 274 -44.15 18.14 50.06
C ILE M 274 -44.41 17.32 51.31
N ASN M 275 -44.37 16.00 51.16
CA ASN M 275 -44.59 15.09 52.27
C ASN M 275 -43.54 13.97 52.17
N GLU M 276 -43.66 12.97 53.05
CA GLU M 276 -42.74 11.86 53.03
C GLU M 276 -42.87 11.00 51.78
N ASP M 277 -44.00 11.10 51.07
CA ASP M 277 -44.24 10.30 49.89
C ASP M 277 -43.64 10.92 48.63
N SER M 278 -43.70 12.25 48.51
CA SER M 278 -43.24 12.95 47.32
C SER M 278 -41.90 13.67 47.56
N LEU M 279 -41.03 13.07 48.35
CA LEU M 279 -39.71 13.64 48.61
C LEU M 279 -38.66 12.84 47.85
N THR M 280 -37.81 13.54 47.11
CA THR M 280 -36.68 12.94 46.41
C THR M 280 -35.40 13.65 46.81
N VAL M 281 -34.27 12.98 46.57
CA VAL M 281 -32.98 13.60 46.81
C VAL M 281 -32.82 14.83 45.93
N ASP M 282 -33.42 14.81 44.73
CA ASP M 282 -33.36 15.95 43.82
C ASP M 282 -34.09 17.18 44.37
N THR M 283 -35.00 17.00 45.31
CA THR M 283 -35.80 18.12 45.79
C THR M 283 -34.92 19.12 46.53
N PRO M 284 -34.95 20.40 46.15
CA PRO M 284 -34.11 21.40 46.83
C PRO M 284 -34.64 21.79 48.20
N ILE M 285 -34.34 20.99 49.21
CA ILE M 285 -34.76 21.24 50.58
C ILE M 285 -33.50 21.48 51.41
N PRO M 286 -33.44 22.56 52.19
CA PRO M 286 -32.21 22.86 52.93
C PRO M 286 -31.89 21.79 53.96
N PHE M 287 -30.60 21.59 54.19
CA PHE M 287 -30.13 20.63 55.17
C PHE M 287 -28.69 20.98 55.55
N SER M 288 -28.32 20.65 56.79
CA SER M 288 -27.00 20.98 57.29
C SER M 288 -25.96 20.00 56.73
N ILE M 289 -24.83 20.54 56.27
CA ILE M 289 -23.74 19.71 55.80
C ILE M 289 -22.73 19.43 56.92
N HIS M 290 -22.56 20.38 57.84
CA HIS M 290 -21.62 20.18 58.95
C HIS M 290 -22.07 19.02 59.83
N LYS M 291 -23.36 18.90 60.08
CA LYS M 291 -23.88 17.78 60.86
C LYS M 291 -23.59 16.46 60.17
N LEU M 292 -23.79 16.40 58.84
CA LEU M 292 -23.49 15.19 58.10
C LEU M 292 -22.02 14.83 58.19
N TRP M 293 -21.14 15.81 58.01
CA TRP M 293 -19.71 15.54 58.10
C TRP M 293 -19.34 15.06 59.49
N PHE M 294 -19.88 15.70 60.53
CA PHE M 294 -19.60 15.28 61.90
C PHE M 294 -20.03 13.84 62.13
N ASP M 295 -21.25 13.49 61.72
CA ASP M 295 -21.75 12.15 61.95
C ASP M 295 -20.90 11.11 61.22
N LEU M 296 -20.67 11.33 59.92
CA LEU M 296 -19.93 10.34 59.14
C LEU M 296 -18.47 10.24 59.56
N TYR M 297 -17.85 11.33 60.01
CA TYR M 297 -16.46 11.27 60.43
C TYR M 297 -16.31 10.67 61.83
N ARG M 298 -17.28 10.89 62.70
CA ARG M 298 -17.24 10.25 64.01
C ARG M 298 -17.59 8.76 63.94
N ALA M 299 -18.42 8.37 62.97
CA ALA M 299 -18.77 6.97 62.81
C ALA M 299 -17.69 6.17 62.08
N GLU M 300 -16.49 6.71 61.94
CA GLU M 300 -15.41 6.03 61.23
C GLU M 300 -14.09 5.99 61.99
N ILE M 301 -13.90 6.82 63.02
CA ILE M 301 -12.64 6.90 63.75
C ILE M 301 -12.84 6.63 65.23
N SER M 302 -13.86 7.25 65.83
CA SER M 302 -14.08 7.13 67.27
C SER M 302 -14.29 5.68 67.67
N THR M 303 -13.73 5.30 68.81
CA THR M 303 -13.75 3.93 69.30
C THR M 303 -14.77 3.79 70.42
N HIS M 304 -15.54 2.71 70.38
CA HIS M 304 -16.51 2.45 71.44
C HIS M 304 -15.82 2.02 72.72
N TYR M 305 -16.41 2.44 73.85
CA TYR M 305 -15.84 2.09 75.15
C TYR M 305 -15.90 0.58 75.40
N VAL M 306 -17.00 -0.06 75.01
CA VAL M 306 -17.20 -1.48 75.23
C VAL M 306 -17.16 -2.20 73.89
N GLN M 307 -16.44 -3.31 73.85
CA GLN M 307 -16.36 -4.10 72.62
C GLN M 307 -17.69 -4.78 72.33
N GLY M 308 -17.85 -5.21 71.10
CA GLY M 308 -19.08 -5.86 70.66
C GLY M 308 -20.15 -4.93 70.17
N SER M 309 -20.43 -3.87 70.93
CA SER M 309 -21.41 -2.86 70.55
C SER M 309 -20.69 -1.53 70.35
N HIS M 310 -20.98 -0.87 69.23
CA HIS M 310 -20.33 0.38 68.86
C HIS M 310 -21.33 1.52 68.73
N SER M 311 -22.24 1.62 69.71
CA SER M 311 -23.23 2.68 69.69
C SER M 311 -22.58 4.03 70.04
N GLU M 312 -23.34 5.10 69.81
CA GLU M 312 -22.83 6.43 70.09
C GLU M 312 -22.72 6.71 71.57
N GLU M 313 -23.52 6.02 72.40
CA GLU M 313 -23.48 6.22 73.84
C GLU M 313 -22.24 5.62 74.49
N ASN M 314 -21.46 4.84 73.76
CA ASN M 314 -20.24 4.21 74.28
C ASN M 314 -18.99 4.97 73.86
N GLU M 315 -19.08 6.30 73.79
CA GLU M 315 -17.96 7.12 73.35
C GLU M 315 -16.78 7.02 74.31
N ALA M 316 -15.68 6.43 73.85
CA ALA M 316 -14.46 6.30 74.65
C ALA M 316 -13.54 7.50 74.38
N LEU M 317 -13.91 8.63 74.97
CA LEU M 317 -13.16 9.86 74.80
C LEU M 317 -12.19 10.06 75.96
N LEU M 318 -10.92 10.32 75.62
CA LEU M 318 -9.90 10.53 76.63
C LEU M 318 -10.04 11.91 77.23
N LEU M 319 -10.02 11.98 78.55
CA LEU M 319 -10.15 13.26 79.26
C LEU M 319 -9.21 13.32 80.45
N VAL M 326 -11.53 15.15 76.45
CA VAL M 326 -10.77 16.39 76.35
C VAL M 326 -11.29 17.24 75.20
N GLN M 327 -11.35 16.65 74.01
CA GLN M 327 -11.80 17.33 72.80
C GLN M 327 -13.22 16.85 72.50
N LYS M 328 -14.21 17.62 72.98
CA LYS M 328 -15.60 17.27 72.69
C LYS M 328 -15.92 17.43 71.21
N GLY M 329 -15.37 18.44 70.57
CA GLY M 329 -15.62 18.67 69.16
C GLY M 329 -16.82 19.57 68.93
N ASP M 330 -16.80 20.26 67.80
CA ASP M 330 -17.86 21.17 67.41
C ASP M 330 -18.36 20.80 66.02
N SER M 331 -19.68 20.96 65.82
CA SER M 331 -20.29 20.65 64.54
C SER M 331 -20.09 21.78 63.53
N LEU M 332 -20.41 23.02 63.93
CA LEU M 332 -20.19 24.14 63.04
C LEU M 332 -18.71 24.30 62.69
N LYS M 333 -17.84 24.16 63.69
CA LYS M 333 -16.41 24.17 63.42
C LYS M 333 -15.97 22.85 62.81
N VAL M 334 -14.78 22.87 62.22
CA VAL M 334 -14.23 21.66 61.58
C VAL M 334 -13.48 20.78 62.57
N VAL M 335 -13.41 21.18 63.83
CA VAL M 335 -12.63 20.41 64.81
C VAL M 335 -13.29 19.06 65.07
N PRO M 336 -12.57 17.96 64.97
CA PRO M 336 -13.15 16.65 65.28
C PRO M 336 -12.89 16.26 66.73
N PRO M 337 -13.76 15.43 67.30
CA PRO M 337 -13.52 14.97 68.67
C PRO M 337 -12.40 13.94 68.74
N ILE M 338 -11.86 13.78 69.95
CA ILE M 338 -10.80 12.82 70.20
C ILE M 338 -11.37 11.63 70.95
N TYR M 339 -10.86 10.44 70.62
CA TYR M 339 -11.31 9.21 71.23
C TYR M 339 -10.11 8.39 71.72
N MET M 340 -10.32 7.64 72.79
CA MET M 340 -9.25 6.84 73.35
C MET M 340 -8.85 5.73 72.38
N PRO M 341 -7.57 5.37 72.34
CA PRO M 341 -7.12 4.33 71.42
C PRO M 341 -7.70 2.96 71.79
N HIS M 342 -7.85 2.11 70.78
CA HIS M 342 -8.42 0.79 70.98
C HIS M 342 -7.36 -0.14 71.56
N THR M 343 -7.67 -0.75 72.70
CA THR M 343 -6.75 -1.68 73.35
C THR M 343 -7.58 -2.63 74.22
N GLN M 344 -7.63 -3.89 73.82
CA GLN M 344 -8.38 -4.90 74.55
C GLN M 344 -7.48 -5.82 75.37
N ALA M 345 -6.25 -5.41 75.64
CA ALA M 345 -5.32 -6.23 76.39
C ALA M 345 -5.71 -6.27 77.87
N GLN M 346 -5.10 -7.20 78.60
CA GLN M 346 -5.39 -7.37 80.01
C GLN M 346 -4.81 -6.22 80.82
N GLY M 347 -5.30 -6.10 82.05
CA GLY M 347 -4.86 -5.03 82.94
C GLY M 347 -5.73 -3.80 82.85
N ALA M 348 -5.83 -3.22 81.66
CA ALA M 348 -6.64 -2.04 81.41
C ALA M 348 -7.97 -2.42 80.78
N THR M 349 -8.83 -1.43 80.64
CA THR M 349 -10.14 -1.65 80.06
C THR M 349 -10.02 -2.00 78.57
N LYS M 350 -10.95 -2.80 78.09
CA LYS M 350 -10.97 -3.24 76.70
C LYS M 350 -11.81 -2.25 75.89
N ILE M 351 -11.15 -1.55 74.97
CA ILE M 351 -11.81 -0.56 74.11
C ILE M 351 -11.65 -1.03 72.67
N TYR M 352 -12.76 -1.03 71.93
CA TYR M 352 -12.77 -1.47 70.54
C TYR M 352 -13.19 -0.32 69.64
N LEU M 353 -12.63 -0.30 68.43
CA LEU M 353 -12.96 0.73 67.46
C LEU M 353 -14.36 0.49 66.89
N SER M 354 -14.88 1.52 66.23
CA SER M 354 -16.21 1.42 65.62
C SER M 354 -16.22 0.35 64.54
N ASN M 355 -17.24 -0.50 64.57
CA ASN M 355 -17.37 -1.61 63.63
C ASN M 355 -18.22 -1.27 62.42
N ARG M 356 -18.75 -0.05 62.33
CA ARG M 356 -19.57 0.36 61.20
C ARG M 356 -18.88 1.39 60.33
N GLY M 357 -17.61 1.66 60.57
CA GLY M 357 -16.89 2.64 59.76
C GLY M 357 -16.76 2.18 58.32
N LYS M 358 -17.13 3.05 57.39
CA LYS M 358 -17.00 2.79 55.97
C LYS M 358 -15.58 3.12 55.52
N ASN M 359 -15.38 3.16 54.20
CA ASN M 359 -14.08 3.48 53.62
C ASN M 359 -14.02 4.92 53.12
N ILE M 360 -14.67 5.85 53.83
CA ILE M 360 -14.82 7.22 53.38
C ILE M 360 -14.00 8.17 54.26
N ARG M 361 -12.87 7.71 54.79
CA ARG M 361 -12.03 8.59 55.60
C ARG M 361 -11.39 9.68 54.74
N LYS M 362 -10.78 9.29 53.61
CA LYS M 362 -10.13 10.28 52.75
C LYS M 362 -11.13 11.26 52.14
N PRO M 363 -12.26 10.84 51.57
CA PRO M 363 -13.23 11.84 51.07
C PRO M 363 -13.75 12.76 52.15
N LEU M 364 -13.92 12.25 53.37
CA LEU M 364 -14.38 13.11 54.46
C LEU M 364 -13.30 14.11 54.87
N GLU M 365 -12.04 13.70 54.85
CA GLU M 365 -10.96 14.63 55.10
C GLU M 365 -10.92 15.72 54.02
N GLY M 366 -11.12 15.32 52.76
CA GLY M 366 -11.18 16.30 51.70
C GLY M 366 -12.34 17.27 51.86
N LEU M 367 -13.50 16.77 52.26
CA LEU M 367 -14.65 17.64 52.49
C LEU M 367 -14.39 18.59 53.65
N ALA M 368 -13.74 18.11 54.71
CA ALA M 368 -13.38 18.99 55.82
C ALA M 368 -12.41 20.08 55.37
N SER M 369 -11.44 19.72 54.54
CA SER M 369 -10.52 20.71 53.99
C SER M 369 -11.26 21.74 53.15
N LEU M 370 -12.22 21.29 52.33
CA LEU M 370 -13.01 22.22 51.53
C LEU M 370 -13.83 23.14 52.41
N LEU M 371 -14.41 22.61 53.49
CA LEU M 371 -15.19 23.44 54.41
C LEU M 371 -14.31 24.48 55.08
N LYS M 372 -13.10 24.10 55.49
CA LYS M 372 -12.19 25.05 56.11
C LYS M 372 -11.56 26.01 55.12
N ASP M 373 -11.64 25.72 53.83
CA ASP M 373 -11.02 26.58 52.82
C ASP M 373 -11.86 27.82 52.59
N PRO M 374 -11.29 29.03 52.70
CA PRO M 374 -12.08 30.24 52.46
C PRO M 374 -12.48 30.44 51.00
N ARG M 375 -11.91 29.67 50.07
CA ARG M 375 -12.25 29.84 48.66
C ARG M 375 -13.65 29.34 48.32
N TYR M 376 -14.31 28.63 49.23
CA TYR M 376 -15.63 28.06 48.98
C TYR M 376 -16.70 28.69 49.87
N GLU M 377 -16.51 29.97 50.23
CA GLU M 377 -17.51 30.67 51.02
C GLU M 377 -18.82 30.80 50.27
N PHE M 378 -18.75 31.07 48.96
CA PHE M 378 -19.95 31.21 48.15
C PHE M 378 -20.76 29.91 48.10
N LEU M 379 -20.12 28.77 48.31
CA LEU M 379 -20.81 27.49 48.28
C LEU M 379 -21.30 27.07 49.67
N PHE M 380 -20.39 26.97 50.62
CA PHE M 380 -20.72 26.38 51.92
C PHE M 380 -21.06 27.39 53.00
N ASN M 381 -20.95 28.68 52.72
CA ASN M 381 -21.22 29.72 53.72
C ASN M 381 -22.07 30.84 53.12
N ALA M 382 -23.15 30.47 52.44
CA ALA M 382 -24.06 31.47 51.89
C ALA M 382 -24.57 32.38 52.99
N ASP M 383 -24.59 33.69 52.70
CA ASP M 383 -24.90 34.68 53.72
C ASP M 383 -26.31 34.50 54.27
N ASP M 384 -27.31 34.65 53.42
CA ASP M 384 -28.71 34.54 53.83
C ASP M 384 -29.24 33.12 53.71
N TRP M 385 -28.44 32.17 53.26
CA TRP M 385 -28.86 30.80 53.06
C TRP M 385 -27.91 29.82 53.75
N SER M 386 -27.40 30.23 54.91
CA SER M 386 -26.63 29.31 55.75
C SER M 386 -27.57 28.45 56.56
N VAL M 387 -27.20 27.18 56.74
CA VAL M 387 -28.07 26.19 57.38
C VAL M 387 -27.54 25.91 58.78
N ASN M 388 -28.43 26.04 59.77
CA ASN M 388 -28.10 25.67 61.15
C ASN M 388 -28.16 24.16 61.30
N LEU M 389 -27.83 23.68 62.50
CA LEU M 389 -27.83 22.24 62.74
C LEU M 389 -29.21 21.64 62.68
N ASP M 390 -30.24 22.43 63.01
CA ASP M 390 -31.62 21.96 62.97
C ASP M 390 -32.23 22.04 61.57
N GLY M 391 -31.51 22.61 60.61
CA GLY M 391 -32.00 22.71 59.25
C GLY M 391 -32.94 23.88 59.03
N LYS M 392 -32.47 25.09 59.31
CA LYS M 392 -33.26 26.30 59.09
C LYS M 392 -32.35 27.39 58.54
N THR M 393 -32.87 28.15 57.57
CA THR M 393 -32.10 29.20 56.91
C THR M 393 -32.81 30.53 57.06
N ASN M 394 -32.02 31.61 56.99
CA ASN M 394 -32.58 32.96 57.13
C ASN M 394 -33.53 33.27 55.98
N LYS M 395 -33.17 32.91 54.76
CA LYS M 395 -33.96 33.19 53.58
C LYS M 395 -34.25 31.90 52.83
N ASP M 396 -34.91 32.04 51.68
CA ASP M 396 -35.29 30.91 50.84
C ASP M 396 -34.75 31.12 49.42
N LEU M 397 -35.03 30.15 48.56
CA LEU M 397 -34.56 30.21 47.17
C LEU M 397 -35.32 31.24 46.34
N ASP M 398 -36.53 31.61 46.76
CA ASP M 398 -37.30 32.60 46.01
C ASP M 398 -36.59 33.95 46.00
N ALA M 399 -35.97 34.32 47.12
CA ALA M 399 -35.19 35.56 47.17
C ALA M 399 -34.02 35.50 46.20
N LEU M 400 -33.34 34.36 46.13
CA LEU M 400 -32.23 34.21 45.19
C LEU M 400 -32.70 34.33 43.75
N LEU M 401 -33.82 33.68 43.41
CA LEU M 401 -34.34 33.78 42.06
C LEU M 401 -34.75 35.21 41.71
N GLU M 402 -35.39 35.91 42.66
CA GLU M 402 -35.77 37.29 42.42
C GLU M 402 -34.55 38.19 42.25
N THR M 403 -33.50 37.96 43.04
CA THR M 403 -32.28 38.74 42.91
C THR M 403 -31.59 38.46 41.58
N TRP M 404 -31.73 37.24 41.06
CA TRP M 404 -31.06 36.88 39.82
C TRP M 404 -31.81 37.41 38.59
N VAL M 405 -33.08 37.04 38.44
CA VAL M 405 -33.81 37.31 37.21
C VAL M 405 -35.10 38.07 37.48
N GLY M 406 -35.13 38.84 38.56
CA GLY M 406 -36.33 39.60 38.88
C GLY M 406 -36.07 40.98 39.45
N SER M 407 -34.80 41.40 39.44
CA SER M 407 -34.44 42.70 39.97
C SER M 407 -34.95 43.81 39.05
N GLU M 408 -34.90 45.04 39.54
CA GLU M 408 -35.33 46.19 38.75
C GLU M 408 -34.36 46.53 37.63
N GLU M 409 -33.15 45.95 37.65
CA GLU M 409 -32.18 46.20 36.59
C GLU M 409 -32.34 45.15 35.49
N SER M 410 -32.21 45.61 34.25
CA SER M 410 -32.44 44.73 33.10
C SER M 410 -31.31 43.72 32.90
N ILE M 411 -30.09 44.08 33.24
CA ILE M 411 -28.91 43.26 32.97
C ILE M 411 -28.31 42.81 34.29
N SER M 412 -28.06 41.52 34.41
CA SER M 412 -27.36 40.95 35.56
C SER M 412 -26.10 40.25 35.06
N ILE M 413 -24.97 40.54 35.70
CA ILE M 413 -23.67 40.05 35.26
C ILE M 413 -23.07 39.20 36.36
N PHE M 414 -22.65 37.99 36.01
CA PHE M 414 -21.96 37.10 36.93
C PHE M 414 -20.47 37.18 36.65
N ASP M 415 -19.70 37.66 37.63
CA ASP M 415 -18.26 37.81 37.50
C ASP M 415 -17.60 36.58 38.11
N LEU M 416 -17.22 35.64 37.25
CA LEU M 416 -16.63 34.37 37.69
C LEU M 416 -15.11 34.37 37.60
N SER M 417 -14.47 35.53 37.80
CA SER M 417 -13.02 35.60 37.68
C SER M 417 -12.32 34.96 38.87
N GLY M 418 -12.82 35.21 40.08
CA GLY M 418 -12.18 34.74 41.29
C GLY M 418 -12.47 33.31 41.68
N MET M 419 -13.26 32.59 40.89
CA MET M 419 -13.64 31.24 41.24
C MET M 419 -12.53 30.25 40.89
N PRO M 420 -12.48 29.10 41.57
CA PRO M 420 -11.45 28.10 41.24
C PRO M 420 -11.61 27.58 39.82
N SER M 421 -10.49 27.25 39.20
CA SER M 421 -10.47 26.85 37.80
C SER M 421 -10.88 25.41 37.57
N SER M 422 -10.95 24.59 38.62
CA SER M 422 -11.27 23.18 38.45
C SER M 422 -12.76 22.89 38.52
N ILE M 423 -13.60 23.86 38.86
CA ILE M 423 -15.01 23.62 39.05
C ILE M 423 -15.84 24.63 38.27
N LEU M 424 -15.18 25.46 37.45
CA LEU M 424 -15.90 26.49 36.71
C LEU M 424 -16.92 25.88 35.76
N ASP M 425 -16.55 24.81 35.06
CA ASP M 425 -17.47 24.14 34.15
C ASP M 425 -18.69 23.61 34.90
N THR M 426 -18.47 22.96 36.04
CA THR M 426 -19.58 22.42 36.81
C THR M 426 -20.51 23.52 37.31
N LEU M 427 -19.93 24.65 37.77
CA LEU M 427 -20.77 25.73 38.27
C LEU M 427 -21.55 26.40 37.14
N ILE M 428 -20.96 26.52 35.96
CA ILE M 428 -21.71 27.05 34.82
C ILE M 428 -22.87 26.12 34.48
N GLY M 429 -22.61 24.82 34.48
CA GLY M 429 -23.71 23.88 34.26
C GLY M 429 -24.79 23.99 35.32
N ILE M 430 -24.39 24.19 36.58
CA ILE M 430 -25.36 24.34 37.67
C ILE M 430 -26.24 25.56 37.42
N LEU M 431 -25.63 26.69 37.10
CA LEU M 431 -26.40 27.91 36.88
C LEU M 431 -27.34 27.76 35.70
N ILE M 432 -26.85 27.14 34.61
CA ILE M 432 -27.69 26.94 33.43
C ILE M 432 -28.88 26.06 33.78
N ARG M 433 -28.64 24.97 34.50
CA ARG M 433 -29.73 24.06 34.86
C ARG M 433 -30.76 24.75 35.75
N ILE M 434 -30.28 25.52 36.74
CA ILE M 434 -31.22 26.20 37.65
C ILE M 434 -32.07 27.20 36.87
N LEU M 435 -31.45 28.01 36.02
CA LEU M 435 -32.21 28.99 35.27
C LEU M 435 -33.22 28.31 34.34
N TYR M 436 -32.79 27.27 33.63
CA TYR M 436 -33.70 26.59 32.71
C TYR M 436 -34.88 25.98 33.44
N ASP M 437 -34.63 25.30 34.56
CA ASP M 437 -35.73 24.69 35.31
C ASP M 437 -36.67 25.74 35.86
N SER M 438 -36.12 26.84 36.39
CA SER M 438 -36.95 27.88 36.97
C SER M 438 -37.85 28.52 35.92
N LEU M 439 -37.30 28.77 34.73
CA LEU M 439 -38.10 29.38 33.67
C LEU M 439 -38.93 28.37 32.88
N PHE M 440 -38.72 27.07 33.10
CA PHE M 440 -39.52 26.05 32.42
C PHE M 440 -40.73 25.64 33.23
N TRP M 441 -40.55 25.39 34.54
CA TRP M 441 -41.66 24.90 35.34
C TRP M 441 -42.73 25.95 35.60
N SER M 442 -42.45 27.23 35.31
CA SER M 442 -43.42 28.28 35.52
C SER M 442 -43.71 29.03 34.23
N ARG M 443 -43.94 28.28 33.14
CA ARG M 443 -44.12 28.88 31.82
C ARG M 443 -45.51 29.48 31.62
N ASN M 444 -46.41 29.33 32.59
CA ASN M 444 -47.74 29.94 32.50
C ASN M 444 -47.85 31.24 33.29
N GLN M 445 -47.08 31.37 34.36
CA GLN M 445 -47.14 32.56 35.19
C GLN M 445 -46.50 33.74 34.45
N PRO M 446 -46.85 34.99 34.83
CA PRO M 446 -46.23 36.16 34.18
C PRO M 446 -44.74 36.29 34.46
N GLU M 447 -44.21 35.58 35.45
CA GLU M 447 -42.79 35.61 35.74
C GLU M 447 -41.99 34.62 34.90
N GLY M 448 -42.66 33.81 34.08
CA GLY M 448 -42.00 32.81 33.28
C GLY M 448 -41.37 33.37 32.02
N GLY M 449 -40.64 32.49 31.33
CA GLY M 449 -39.96 32.90 30.11
C GLY M 449 -40.91 33.25 28.98
N ARG M 450 -42.05 32.58 28.90
CA ARG M 450 -42.97 32.81 27.79
C ARG M 450 -43.51 34.24 27.81
N GLU M 451 -43.79 34.78 28.98
CA GLU M 451 -44.28 36.14 29.09
C GLU M 451 -43.17 37.17 29.24
N ARG M 452 -41.92 36.72 29.36
CA ARG M 452 -40.77 37.62 29.45
C ARG M 452 -39.51 36.87 29.03
N PRO M 453 -39.20 36.81 27.74
CA PRO M 453 -38.06 36.00 27.28
C PRO M 453 -36.76 36.48 27.89
N LEU M 454 -35.88 35.51 28.17
CA LEU M 454 -34.59 35.77 28.79
C LEU M 454 -33.48 35.40 27.83
N LEU M 455 -32.36 36.14 27.90
CA LEU M 455 -31.22 35.92 27.04
C LEU M 455 -29.99 35.61 27.89
N VAL M 456 -29.23 34.60 27.47
CA VAL M 456 -28.02 34.17 28.15
C VAL M 456 -26.83 34.45 27.24
N VAL M 457 -25.85 35.18 27.77
CA VAL M 457 -24.62 35.49 27.03
C VAL M 457 -23.49 34.73 27.70
N LEU M 458 -22.80 33.90 26.92
CA LEU M 458 -21.71 33.07 27.41
C LEU M 458 -20.40 33.53 26.79
N GLU M 459 -19.40 33.77 27.62
CA GLU M 459 -18.10 34.23 27.16
C GLU M 459 -17.11 33.08 27.07
N GLU M 460 -16.23 33.16 26.08
CA GLU M 460 -15.19 32.15 25.87
C GLU M 460 -15.79 30.74 25.80
N ALA M 461 -16.70 30.56 24.84
CA ALA M 461 -17.41 29.30 24.71
C ALA M 461 -16.53 28.17 24.20
N HIS M 462 -15.33 28.47 23.71
CA HIS M 462 -14.49 27.42 23.15
C HIS M 462 -13.84 26.54 24.21
N THR M 463 -13.79 27.00 25.46
CA THR M 463 -13.18 26.22 26.53
C THR M 463 -14.10 25.17 27.13
N TYR M 464 -15.41 25.26 26.88
CA TYR M 464 -16.36 24.30 27.43
C TYR M 464 -17.20 23.58 26.38
N LEU M 465 -17.32 24.11 25.17
CA LEU M 465 -18.09 23.47 24.11
C LEU M 465 -17.19 22.79 23.09
N GLY M 466 -16.11 22.16 23.53
CA GLY M 466 -15.27 21.41 22.63
C GLY M 466 -15.96 20.16 22.11
N LYS M 467 -15.33 19.54 21.13
CA LYS M 467 -15.91 18.35 20.50
C LYS M 467 -16.06 17.21 21.49
N ASP M 468 -15.04 16.99 22.32
CA ASP M 468 -15.02 15.86 23.25
C ASP M 468 -15.06 16.31 24.70
N SER M 469 -15.68 17.46 24.97
CA SER M 469 -15.77 17.94 26.34
C SER M 469 -16.67 17.03 27.16
N ARG M 470 -16.21 16.67 28.36
CA ARG M 470 -16.95 15.81 29.26
C ARG M 470 -17.60 16.56 30.40
N GLY M 471 -17.64 17.90 30.32
CA GLY M 471 -18.23 18.69 31.37
C GLY M 471 -19.75 18.65 31.38
N ILE M 472 -20.33 19.40 32.31
CA ILE M 472 -21.78 19.42 32.44
C ILE M 472 -22.39 20.60 31.67
N ALA M 473 -21.64 21.68 31.48
CA ALA M 473 -22.18 22.86 30.82
C ALA M 473 -22.59 22.57 29.37
N ILE M 474 -21.89 21.64 28.71
CA ILE M 474 -22.20 21.35 27.31
C ILE M 474 -23.60 20.77 27.17
N ASP M 475 -24.01 19.93 28.12
CA ASP M 475 -25.37 19.38 28.09
C ASP M 475 -26.41 20.47 28.23
N GLY M 476 -26.20 21.40 29.17
CA GLY M 476 -27.13 22.50 29.34
C GLY M 476 -27.20 23.40 28.13
N VAL M 477 -26.05 23.68 27.52
CA VAL M 477 -26.02 24.52 26.33
C VAL M 477 -26.75 23.83 25.18
N ARG M 478 -26.52 22.53 24.99
CA ARG M 478 -27.23 21.80 23.95
C ARG M 478 -28.74 21.81 24.20
N LYS M 479 -29.14 21.61 25.45
CA LYS M 479 -30.57 21.60 25.77
C LYS M 479 -31.20 22.96 25.51
N ILE M 480 -30.51 24.05 25.88
CA ILE M 480 -31.05 25.38 25.60
C ILE M 480 -31.16 25.61 24.10
N VAL M 481 -30.10 25.30 23.36
CA VAL M 481 -30.12 25.54 21.92
C VAL M 481 -31.24 24.76 21.25
N LYS M 482 -31.50 23.53 21.72
CA LYS M 482 -32.53 22.71 21.11
C LYS M 482 -33.94 23.07 21.55
N GLU M 483 -34.14 23.59 22.76
CA GLU M 483 -35.48 23.72 23.30
C GLU M 483 -35.91 25.13 23.70
N GLY M 484 -35.05 26.14 23.58
CA GLY M 484 -35.44 27.47 24.02
C GLY M 484 -36.37 28.20 23.07
N ARG M 485 -36.52 27.72 21.84
CA ARG M 485 -37.40 28.37 20.89
C ARG M 485 -38.87 28.28 21.33
N LYS M 486 -39.18 27.31 22.19
CA LYS M 486 -40.55 27.11 22.63
C LYS M 486 -40.83 27.77 23.99
N TYR M 487 -39.92 27.64 24.94
CA TYR M 487 -40.10 28.21 26.27
C TYR M 487 -39.51 29.61 26.41
N GLY M 488 -38.97 30.17 25.34
CA GLY M 488 -38.47 31.53 25.38
C GLY M 488 -37.20 31.71 26.18
N ILE M 489 -36.14 31.03 25.77
CA ILE M 489 -34.81 31.18 26.38
C ILE M 489 -33.81 31.25 25.24
N GLY M 490 -33.16 32.41 25.07
CA GLY M 490 -32.21 32.60 24.02
C GLY M 490 -30.81 32.18 24.40
N MET M 491 -29.87 32.42 23.49
CA MET M 491 -28.47 32.11 23.72
C MET M 491 -27.63 32.96 22.78
N MET M 492 -26.40 33.25 23.21
CA MET M 492 -25.50 34.10 22.43
C MET M 492 -24.07 33.71 22.80
N LEU M 493 -23.43 32.94 21.92
CA LEU M 493 -22.08 32.45 22.17
C LEU M 493 -21.05 33.45 21.65
N VAL M 494 -20.08 33.77 22.50
CA VAL M 494 -18.99 34.67 22.15
C VAL M 494 -17.69 33.90 22.29
N SER M 495 -16.87 33.91 21.24
CA SER M 495 -15.61 33.19 21.27
C SER M 495 -14.61 33.84 20.33
N GLN M 496 -13.33 33.58 20.58
CA GLN M 496 -12.25 34.01 19.70
C GLN M 496 -11.51 32.83 19.07
N ARG M 497 -12.16 31.67 19.01
CA ARG M 497 -11.57 30.47 18.44
C ARG M 497 -12.68 29.56 17.94
N PRO M 498 -13.29 29.90 16.81
CA PRO M 498 -14.45 29.12 16.32
C PRO M 498 -14.12 27.67 16.01
N SER M 499 -12.85 27.36 15.73
CA SER M 499 -12.50 25.97 15.38
C SER M 499 -12.62 25.02 16.56
N GLU M 500 -12.73 25.54 17.79
CA GLU M 500 -12.87 24.68 18.96
C GLU M 500 -14.33 24.38 19.31
N ILE M 501 -15.26 25.26 18.93
CA ILE M 501 -16.67 25.04 19.23
C ILE M 501 -17.18 23.84 18.44
N ASP M 502 -18.06 23.07 19.06
CA ASP M 502 -18.62 21.90 18.40
C ASP M 502 -19.39 22.32 17.15
N SER M 503 -19.17 21.61 16.05
CA SER M 503 -19.83 21.94 14.80
C SER M 503 -21.35 21.76 14.92
N THR M 504 -21.78 20.71 15.59
CA THR M 504 -23.21 20.45 15.75
C THR M 504 -23.90 21.55 16.57
N ILE M 505 -23.14 22.30 17.36
CA ILE M 505 -23.70 23.42 18.12
C ILE M 505 -23.62 24.71 17.32
N LEU M 506 -22.47 24.95 16.68
CA LEU M 506 -22.30 26.18 15.91
C LEU M 506 -23.23 26.22 14.70
N SER M 507 -23.61 25.05 14.17
CA SER M 507 -24.46 25.03 12.98
C SER M 507 -25.89 25.44 13.30
N GLN M 508 -26.31 25.36 14.56
CA GLN M 508 -27.68 25.67 14.94
C GLN M 508 -27.87 27.11 15.37
N CYS M 509 -26.82 27.92 15.36
CA CYS M 509 -26.95 29.34 15.69
C CYS M 509 -27.56 30.08 14.51
N GLY M 510 -28.65 30.81 14.77
CA GLY M 510 -29.36 31.47 13.69
C GLY M 510 -28.56 32.59 13.04
N THR M 511 -27.91 33.43 13.85
CA THR M 511 -27.24 34.62 13.36
C THR M 511 -25.76 34.56 13.72
N LEU M 512 -24.91 34.98 12.78
CA LEU M 512 -23.47 35.01 12.97
C LEU M 512 -22.96 36.44 12.79
N PHE M 513 -22.19 36.92 13.76
CA PHE M 513 -21.53 38.22 13.68
C PHE M 513 -20.04 37.93 13.45
N ALA M 514 -19.66 37.84 12.18
CA ALA M 514 -18.31 37.46 11.81
C ALA M 514 -17.43 38.71 11.79
N LEU M 515 -16.53 38.81 12.76
CA LEU M 515 -15.54 39.89 12.80
C LEU M 515 -14.30 39.45 12.03
N ARG M 516 -13.22 40.21 12.15
CA ARG M 516 -11.97 39.87 11.47
C ARG M 516 -11.36 38.62 12.09
N MET M 517 -11.02 37.65 11.25
CA MET M 517 -10.34 36.42 11.67
C MET M 517 -9.03 36.30 10.91
N ASN M 518 -7.99 35.87 11.63
CA ASN M 518 -6.63 35.88 11.08
C ASN M 518 -6.26 34.57 10.42
N ASN M 519 -6.31 33.47 11.16
CA ASN M 519 -5.86 32.19 10.63
C ASN M 519 -6.90 31.60 9.68
N SER M 520 -6.57 30.45 9.11
CA SER M 520 -7.42 29.83 8.10
C SER M 520 -8.40 28.82 8.69
N SER M 521 -8.07 28.20 9.82
CA SER M 521 -8.96 27.21 10.41
C SER M 521 -10.29 27.84 10.82
N ASP M 522 -10.22 29.00 11.48
CA ASP M 522 -11.45 29.67 11.91
C ASP M 522 -12.28 30.11 10.72
N ARG M 523 -11.64 30.65 9.69
CA ARG M 523 -12.37 31.06 8.50
C ARG M 523 -13.05 29.87 7.83
N ASN M 524 -12.33 28.75 7.72
CA ASN M 524 -12.91 27.56 7.11
C ASN M 524 -14.09 27.04 7.92
N HIS M 525 -13.95 27.03 9.25
CA HIS M 525 -15.06 26.56 10.09
C HIS M 525 -16.27 27.47 9.96
N VAL M 526 -16.05 28.78 9.94
CA VAL M 526 -17.16 29.72 9.77
C VAL M 526 -17.83 29.54 8.42
N LEU M 527 -17.04 29.36 7.36
CA LEU M 527 -17.61 29.14 6.04
C LEU M 527 -18.42 27.84 6.00
N GLY M 528 -17.93 26.80 6.66
CA GLY M 528 -18.67 25.54 6.71
C GLY M 528 -19.92 25.61 7.56
N ALA M 529 -19.97 26.52 8.53
CA ALA M 529 -21.11 26.64 9.45
C ALA M 529 -22.00 27.82 9.10
N VAL M 530 -22.17 28.13 7.82
CA VAL M 530 -23.01 29.24 7.39
C VAL M 530 -24.01 28.72 6.37
N SER M 531 -25.16 29.39 6.30
CA SER M 531 -26.24 28.97 5.42
C SER M 531 -26.62 30.00 4.38
N ASP M 532 -25.98 31.17 4.36
CA ASP M 532 -26.27 32.23 3.39
C ASP M 532 -24.96 32.94 3.09
N SER M 533 -24.36 32.63 1.96
CA SER M 533 -23.02 33.10 1.62
C SER M 533 -23.05 33.83 0.28
N PHE M 534 -22.44 35.01 0.26
CA PHE M 534 -22.20 35.76 -0.97
C PHE M 534 -20.69 35.81 -1.21
N GLU M 535 -20.28 35.36 -2.39
CA GLU M 535 -18.84 35.27 -2.67
C GLU M 535 -18.16 36.63 -2.58
N GLY M 536 -18.89 37.70 -2.87
CA GLY M 536 -18.29 39.03 -2.79
C GLY M 536 -17.89 39.41 -1.38
N LEU M 537 -18.76 39.16 -0.40
CA LEU M 537 -18.50 39.60 0.96
C LEU M 537 -17.64 38.61 1.75
N MET M 538 -17.81 37.30 1.53
CA MET M 538 -17.13 36.32 2.37
C MET M 538 -15.63 36.29 2.13
N GLY M 539 -15.16 36.81 1.00
CA GLY M 539 -13.73 36.91 0.77
C GLY M 539 -13.07 38.07 1.44
N MET M 540 -13.84 38.90 2.15
CA MET M 540 -13.35 40.09 2.81
C MET M 540 -13.06 39.86 4.29
N LEU M 541 -13.20 38.63 4.77
CA LEU M 541 -13.09 38.37 6.21
C LEU M 541 -11.74 38.74 6.81
N PRO M 542 -10.59 38.35 6.24
CA PRO M 542 -9.32 38.66 6.91
C PRO M 542 -8.93 40.14 6.87
N THR M 543 -9.69 41.01 6.22
CA THR M 543 -9.35 42.42 6.09
C THR M 543 -10.53 43.29 6.49
N LEU M 544 -11.13 42.99 7.64
CA LEU M 544 -12.23 43.79 8.17
C LEU M 544 -11.68 44.79 9.19
N ARG M 545 -12.22 46.01 9.15
CA ARG M 545 -11.81 47.04 10.08
C ARG M 545 -12.25 46.68 11.50
N THR M 546 -11.53 47.22 12.48
CA THR M 546 -11.85 46.99 13.87
C THR M 546 -13.20 47.60 14.20
N GLY M 547 -14.08 46.83 14.84
CA GLY M 547 -15.42 47.27 15.15
C GLY M 547 -16.43 47.05 14.05
N GLU M 548 -16.02 46.50 12.92
CA GLU M 548 -16.93 46.24 11.80
C GLU M 548 -17.26 44.76 11.73
N ALA M 549 -18.53 44.47 11.45
CA ALA M 549 -19.04 43.10 11.49
C ALA M 549 -19.77 42.79 10.19
N ILE M 550 -19.89 41.49 9.91
CA ILE M 550 -20.65 40.98 8.77
C ILE M 550 -21.79 40.16 9.35
N ILE M 551 -22.99 40.74 9.35
CA ILE M 551 -24.15 40.07 9.93
C ILE M 551 -24.74 39.10 8.91
N ILE M 552 -24.88 37.83 9.31
CA ILE M 552 -25.41 36.79 8.45
C ILE M 552 -26.34 35.92 9.26
N GLY M 553 -27.47 35.55 8.68
CA GLY M 553 -28.35 34.59 9.31
C GLY M 553 -29.80 34.89 8.98
N GLU M 554 -30.68 34.34 9.81
CA GLU M 554 -32.13 34.44 9.63
C GLU M 554 -32.70 35.74 10.14
N SER M 555 -31.92 36.54 10.86
CA SER M 555 -32.43 37.78 11.47
C SER M 555 -32.25 38.99 10.58
N VAL M 556 -31.75 38.82 9.36
CA VAL M 556 -31.57 39.93 8.42
C VAL M 556 -32.16 39.53 7.08
N ARG M 557 -32.60 40.52 6.32
CA ARG M 557 -33.10 40.26 4.97
C ARG M 557 -31.96 39.88 4.04
N LEU M 558 -30.83 40.57 4.14
CA LEU M 558 -29.67 40.32 3.31
C LEU M 558 -28.43 40.31 4.18
N PRO M 559 -27.43 39.48 3.85
CA PRO M 559 -26.15 39.57 4.54
C PRO M 559 -25.47 40.89 4.25
N MET M 560 -25.35 41.75 5.26
CA MET M 560 -24.86 43.11 5.09
C MET M 560 -23.65 43.35 5.99
N ARG M 561 -22.76 44.23 5.54
CA ARG M 561 -21.54 44.57 6.24
C ARG M 561 -21.77 45.88 6.98
N THR M 562 -21.84 45.83 8.30
CA THR M 562 -22.22 46.96 9.13
C THR M 562 -21.04 47.46 9.94
N ILE M 563 -21.18 48.70 10.43
CA ILE M 563 -20.29 49.28 11.42
C ILE M 563 -21.11 49.48 12.67
N ILE M 564 -20.81 48.70 13.72
CA ILE M 564 -21.60 48.76 14.94
C ILE M 564 -21.42 50.11 15.62
N SER M 565 -22.53 50.71 16.04
CA SER M 565 -22.49 52.03 16.64
C SER M 565 -21.67 51.96 17.93
N PRO M 566 -20.70 52.87 18.12
CA PRO M 566 -19.87 52.82 19.31
C PRO M 566 -20.69 53.11 20.55
N PRO M 567 -20.31 52.54 21.70
CA PRO M 567 -21.05 52.81 22.94
C PRO M 567 -20.82 54.23 23.41
N PRO M 568 -21.69 54.76 24.27
CA PRO M 568 -21.49 56.11 24.78
C PRO M 568 -20.23 56.21 25.63
N PHE M 569 -19.77 57.44 25.82
CA PHE M 569 -18.53 57.69 26.54
C PHE M 569 -18.61 57.19 27.97
N GLY M 570 -17.48 56.71 28.48
CA GLY M 570 -17.43 56.17 29.82
C GLY M 570 -18.07 54.80 29.97
N ARG M 571 -18.23 54.07 28.87
CA ARG M 571 -18.84 52.75 28.89
C ARG M 571 -18.04 51.77 28.06
N ARG M 572 -16.71 51.96 28.02
CA ARG M 572 -15.84 51.08 27.26
C ARG M 572 -15.38 49.94 28.15
N PRO M 573 -15.68 48.69 27.81
CA PRO M 573 -15.27 47.58 28.68
C PRO M 573 -13.75 47.46 28.76
N ASP M 574 -13.26 47.21 29.97
CA ASP M 574 -11.83 47.07 30.21
C ASP M 574 -11.63 46.38 31.54
N SER M 575 -10.99 45.21 31.50
CA SER M 575 -10.68 44.50 32.73
C SER M 575 -9.60 45.24 33.52
N LEU M 576 -9.71 45.21 34.83
CA LEU M 576 -8.77 45.93 35.71
C LEU M 576 -7.51 45.10 35.94
N ASP M 577 -6.88 44.70 34.84
CA ASP M 577 -5.61 44.00 34.89
C ASP M 577 -4.53 44.95 35.43
N PRO M 578 -3.74 44.49 36.41
CA PRO M 578 -2.64 45.33 36.91
C PRO M 578 -1.69 45.71 35.79
N ASP M 579 -1.22 46.95 35.85
CA ASP M 579 -0.41 47.53 34.78
C ASP M 579 1.07 47.19 35.00
N VAL M 580 1.71 46.65 33.97
CA VAL M 580 3.11 46.25 34.09
C VAL M 580 4.01 47.47 34.23
N THR M 581 3.78 48.49 33.40
CA THR M 581 4.70 49.63 33.36
C THR M 581 4.75 50.36 34.69
N ALA M 582 3.58 50.64 35.28
CA ALA M 582 3.55 51.43 36.51
C ALA M 582 4.24 50.71 37.66
N LYS M 583 3.90 49.44 37.87
CA LYS M 583 4.46 48.69 38.99
C LYS M 583 5.93 48.40 38.78
N TRP M 584 6.31 48.04 37.54
CA TRP M 584 7.69 47.68 37.23
C TRP M 584 8.61 48.89 37.22
N SER M 585 8.09 50.09 36.92
CA SER M 585 8.92 51.28 36.87
C SER M 585 9.05 51.99 38.21
N ASN M 586 8.21 51.65 39.18
CA ASN M 586 8.30 52.28 40.49
C ASN M 586 9.56 51.83 41.22
N ASN M 587 10.08 52.72 42.07
CA ASN M 587 11.24 52.39 42.86
C ASN M 587 10.89 51.37 43.94
N ARG M 588 11.75 50.36 44.10
CA ARG M 588 11.49 49.31 45.07
C ARG M 588 11.59 49.85 46.49
N VAL M 589 10.70 49.35 47.36
CA VAL M 589 10.63 49.77 48.75
C VAL M 589 10.71 48.53 49.63
N GLN M 590 10.87 48.77 50.94
CA GLN M 590 10.92 47.68 51.89
C GLN M 590 9.56 47.03 52.07
N GLY M 591 9.57 45.74 52.38
CA GLY M 591 8.36 44.98 52.58
C GLY M 591 8.29 44.37 53.96
N ASP M 592 7.13 43.81 54.29
CA ASP M 592 6.86 43.18 55.58
C ASP M 592 6.74 41.68 55.35
N TYR M 593 7.86 40.98 55.46
CA TYR M 593 7.86 39.53 55.29
C TYR M 593 7.06 38.84 56.38
N LYS M 594 7.16 39.34 57.63
CA LYS M 594 6.42 38.73 58.73
C LYS M 594 4.92 38.87 58.51
N GLU M 595 4.46 40.03 58.04
CA GLU M 595 3.03 40.24 57.84
C GLU M 595 2.48 39.33 56.74
N VAL M 596 3.21 39.22 55.63
CA VAL M 596 2.73 38.37 54.53
C VAL M 596 2.77 36.90 54.95
N LEU M 597 3.79 36.50 55.71
CA LEU M 597 3.83 35.13 56.21
C LEU M 597 2.66 34.85 57.13
N THR M 598 2.33 35.79 58.02
CA THR M 598 1.20 35.60 58.91
C THR M 598 -0.12 35.53 58.13
N LEU M 599 -0.28 36.38 57.12
CA LEU M 599 -1.47 36.35 56.30
C LEU M 599 -1.59 35.02 55.55
N TRP M 600 -0.47 34.52 55.03
CA TRP M 600 -0.47 33.23 54.33
C TRP M 600 -0.82 32.09 55.28
N ARG M 601 -0.30 32.12 56.51
CA ARG M 601 -0.65 31.09 57.48
C ARG M 601 -2.11 31.17 57.88
N GLN M 602 -2.64 32.39 58.04
CA GLN M 602 -4.04 32.57 58.45
C GLN M 602 -5.01 32.30 57.31
N LYS M 603 -4.55 32.44 56.05
CA LYS M 603 -5.43 32.35 54.88
C LYS M 603 -6.53 33.40 54.93
N LYS M 604 -6.11 34.66 55.08
CA LYS M 604 -7.01 35.79 55.06
C LYS M 604 -6.38 36.92 54.26
N VAL M 605 -7.22 37.77 53.68
CA VAL M 605 -6.75 38.86 52.82
C VAL M 605 -6.89 40.22 53.47
N ARG M 606 -7.33 40.27 54.72
CA ARG M 606 -7.46 41.53 55.45
C ARG M 606 -6.46 41.56 56.60
N SER M 607 -5.65 42.60 56.64
CA SER M 607 -4.64 42.74 57.69
C SER M 607 -5.30 43.16 58.99
N GLN M 608 -4.48 43.33 60.04
CA GLN M 608 -4.98 43.74 61.34
C GLN M 608 -5.00 45.25 61.52
N ARG M 609 -4.19 45.99 60.76
CA ARG M 609 -4.08 47.44 60.90
C ARG M 609 -5.01 48.20 59.97
N ILE M 610 -6.12 47.61 59.56
CA ILE M 610 -7.06 48.26 58.65
C ILE M 610 -8.05 49.09 59.47
N VAL M 611 -8.17 50.37 59.12
CA VAL M 611 -9.12 51.24 59.79
C VAL M 611 -10.54 50.91 59.32
N GLU M 612 -11.50 51.01 60.23
CA GLU M 612 -12.83 50.48 59.99
C GLU M 612 -13.72 51.43 59.19
N ASN M 613 -14.00 52.61 59.75
CA ASN M 613 -15.11 53.44 59.29
C ASN M 613 -14.67 54.88 59.11
N ILE M 614 -13.57 55.09 58.38
CA ILE M 614 -13.10 56.44 58.10
C ILE M 614 -14.13 57.16 57.23
N LYS M 615 -14.55 58.35 57.68
CA LYS M 615 -15.46 59.17 56.90
C LYS M 615 -14.67 59.97 55.86
N ARG M 616 -15.05 59.86 54.60
CA ARG M 616 -14.36 60.51 53.50
C ARG M 616 -15.11 61.77 53.08
N LEU M 617 -14.47 62.55 52.21
CA LEU M 617 -15.04 63.78 51.70
C LEU M 617 -14.97 63.81 50.18
N PRO M 618 -15.91 64.46 49.53
CA PRO M 618 -15.90 64.53 48.06
C PRO M 618 -14.85 65.51 47.57
N VAL M 619 -14.70 65.59 46.25
CA VAL M 619 -13.74 66.48 45.63
C VAL M 619 -14.22 66.89 44.25
N SER M 636 -4.86 57.68 38.49
CA SER M 636 -4.19 58.93 38.81
C SER M 636 -5.16 59.96 39.39
N ASN M 637 -6.38 59.96 38.86
CA ASN M 637 -7.40 60.89 39.34
C ASN M 637 -7.84 60.52 40.75
N ILE M 638 -8.31 61.52 41.49
CA ILE M 638 -8.78 61.35 42.85
C ILE M 638 -10.25 61.73 42.90
N LEU M 639 -11.09 60.82 43.40
CA LEU M 639 -12.53 61.07 43.49
C LEU M 639 -12.98 61.41 44.90
N SER M 640 -12.23 61.02 45.93
CA SER M 640 -12.59 61.30 47.31
C SER M 640 -11.33 61.28 48.16
N ILE M 641 -11.46 61.83 49.38
CA ILE M 641 -10.35 61.89 50.31
C ILE M 641 -10.85 61.75 51.73
N GLY M 642 -10.23 60.87 52.51
CA GLY M 642 -10.56 60.69 53.90
C GLY M 642 -9.30 60.61 54.75
N TYR M 643 -9.43 61.02 56.02
CA TYR M 643 -8.31 61.02 56.93
C TYR M 643 -8.82 60.96 58.37
N GLU M 644 -7.92 60.58 59.27
CA GLU M 644 -8.22 60.55 60.69
C GLU M 644 -7.03 61.10 61.46
N ALA M 645 -7.30 61.88 62.51
CA ALA M 645 -6.23 62.39 63.35
C ALA M 645 -5.83 61.42 64.46
N ASP M 646 -6.73 60.53 64.88
CA ASP M 646 -6.42 59.59 65.94
C ASP M 646 -5.45 58.52 65.45
N SER M 647 -5.71 57.97 64.26
CA SER M 647 -4.89 56.91 63.69
C SER M 647 -3.80 57.43 62.75
N MET M 648 -3.93 58.67 62.27
CA MET M 648 -2.97 59.27 61.35
C MET M 648 -2.76 58.41 60.11
N THR M 649 -3.85 57.87 59.57
CA THR M 649 -3.83 57.07 58.35
C THR M 649 -4.64 57.78 57.29
N LEU M 650 -4.06 57.94 56.11
CA LEU M 650 -4.73 58.64 55.02
C LEU M 650 -5.48 57.64 54.13
N GLU M 651 -6.66 58.05 53.67
CA GLU M 651 -7.50 57.23 52.80
C GLU M 651 -7.85 58.03 51.56
N ILE M 652 -7.38 57.57 50.40
CA ILE M 652 -7.61 58.23 49.12
C ILE M 652 -8.37 57.27 48.22
N GLU M 653 -9.47 57.73 47.64
CA GLU M 653 -10.32 56.94 46.77
C GLU M 653 -10.10 57.37 45.32
N PHE M 654 -9.70 56.43 44.47
CA PHE M 654 -9.48 56.67 43.06
C PHE M 654 -10.72 56.27 42.28
N ASN M 655 -10.61 56.28 40.95
CA ASN M 655 -11.69 55.84 40.09
C ASN M 655 -11.76 54.32 40.06
N HIS M 656 -12.78 53.81 39.37
CA HIS M 656 -13.00 52.37 39.19
C HIS M 656 -13.20 51.66 40.53
N GLY M 657 -13.64 52.40 41.55
CA GLY M 657 -13.91 51.81 42.85
C GLY M 657 -12.70 51.49 43.70
N LEU M 658 -11.52 51.92 43.29
CA LEU M 658 -10.31 51.64 44.05
C LEU M 658 -10.25 52.52 45.29
N VAL M 659 -9.96 51.89 46.44
CA VAL M 659 -9.80 52.60 47.70
C VAL M 659 -8.49 52.15 48.32
N TYR M 660 -7.64 53.11 48.67
CA TYR M 660 -6.34 52.83 49.27
C TYR M 660 -6.30 53.43 50.67
N GLN M 661 -5.35 52.93 51.48
CA GLN M 661 -5.23 53.33 52.87
C GLN M 661 -3.74 53.41 53.22
N TYR M 662 -3.18 54.62 53.18
CA TYR M 662 -1.81 54.85 53.58
C TYR M 662 -1.74 55.09 55.09
N TYR M 663 -0.77 54.44 55.73
CA TYR M 663 -0.68 54.40 57.18
C TYR M 663 0.45 55.28 57.68
N ASP M 664 0.27 55.83 58.88
CA ASP M 664 1.28 56.63 59.57
C ASP M 664 1.70 57.84 58.73
N VAL M 665 0.74 58.71 58.49
CA VAL M 665 0.96 59.96 57.74
C VAL M 665 0.78 61.12 58.69
N PRO M 666 1.69 62.10 58.71
CA PRO M 666 1.47 63.29 59.54
C PRO M 666 0.32 64.13 59.01
N GLU M 667 -0.28 64.91 59.92
CA GLU M 667 -1.40 65.76 59.53
C GLU M 667 -0.99 66.82 58.51
N THR M 668 0.27 67.25 58.55
CA THR M 668 0.73 68.33 57.68
C THR M 668 0.58 67.96 56.22
N LEU M 669 0.93 66.72 55.85
CA LEU M 669 0.91 66.32 54.45
C LEU M 669 -0.50 66.41 53.87
N HIS M 670 -1.48 65.80 54.55
CA HIS M 670 -2.83 65.81 53.99
C HIS M 670 -3.51 67.16 54.14
N THR M 671 -3.17 67.94 55.17
CA THR M 671 -3.70 69.29 55.25
C THR M 671 -3.19 70.15 54.10
N GLU M 672 -1.91 70.01 53.75
CA GLU M 672 -1.39 70.73 52.58
C GLU M 672 -2.01 70.21 51.29
N LEU M 673 -2.22 68.90 51.19
CA LEU M 673 -2.83 68.33 50.00
C LEU M 673 -4.25 68.84 49.80
N LEU M 674 -5.03 68.93 50.87
CA LEU M 674 -6.39 69.45 50.77
C LEU M 674 -6.43 70.91 50.36
N ALA M 675 -5.37 71.67 50.62
CA ALA M 675 -5.27 73.06 50.24
C ALA M 675 -4.47 73.27 48.96
N ALA M 676 -4.10 72.19 48.27
CA ALA M 676 -3.32 72.31 47.05
C ALA M 676 -4.21 72.78 45.91
N GLU M 677 -3.56 73.11 44.78
CA GLU M 677 -4.29 73.61 43.62
C GLU M 677 -5.25 72.56 43.06
N SER M 678 -4.79 71.30 42.99
CA SER M 678 -5.63 70.24 42.43
C SER M 678 -5.62 69.02 43.35
N HIS M 679 -6.23 67.93 42.89
CA HIS M 679 -6.31 66.67 43.64
C HIS M 679 -5.45 65.65 42.90
N GLY M 680 -4.18 65.60 43.25
CA GLY M 680 -3.24 64.70 42.62
C GLY M 680 -1.86 65.36 42.53
N LYS M 681 -1.08 64.89 41.57
CA LYS M 681 0.26 65.42 41.30
C LYS M 681 1.12 65.41 42.56
N PHE M 682 0.82 66.31 43.50
CA PHE M 682 1.55 66.35 44.77
C PHE M 682 1.46 65.01 45.50
N PHE M 683 0.32 64.33 45.37
CA PHE M 683 0.18 62.99 45.94
C PHE M 683 1.23 62.05 45.34
N ASN M 684 1.30 62.01 44.00
CA ASN M 684 2.34 61.23 43.36
C ASN M 684 3.74 61.77 43.63
N SER M 685 3.84 63.06 43.95
CA SER M 685 5.15 63.65 44.20
C SER M 685 5.73 63.19 45.53
N GLN M 686 4.91 63.15 46.57
CA GLN M 686 5.41 62.90 47.92
C GLN M 686 4.83 61.66 48.59
N ILE M 687 3.52 61.44 48.50
CA ILE M 687 2.85 60.42 49.30
C ILE M 687 2.71 59.08 48.59
N LYS M 688 2.83 59.04 47.27
CA LYS M 688 2.50 57.83 46.53
C LYS M 688 3.41 56.66 46.91
N ASN M 689 4.71 56.90 47.05
CA ASN M 689 5.68 55.82 47.21
C ASN M 689 6.60 56.08 48.39
N ASN M 690 6.01 56.44 49.54
CA ASN M 690 6.81 56.62 50.75
C ASN M 690 6.19 55.89 51.93
N TYR M 691 4.87 55.71 51.90
CA TYR M 691 4.12 55.18 53.03
C TYR M 691 3.51 53.84 52.66
N ARG M 692 3.55 52.90 53.61
CA ARG M 692 2.96 51.59 53.38
C ARG M 692 1.45 51.70 53.31
N PHE M 693 0.86 50.98 52.36
CA PHE M 693 -0.57 51.06 52.09
C PHE M 693 -1.18 49.66 52.11
N SER M 694 -2.50 49.61 51.95
CA SER M 694 -3.21 48.33 51.91
C SER M 694 -4.53 48.56 51.19
N ARG M 695 -4.67 47.98 49.99
CA ARG M 695 -5.87 48.14 49.21
C ARG M 695 -7.04 47.41 49.86
N ILE M 696 -8.19 48.07 49.90
CA ILE M 696 -9.40 47.46 50.45
C ILE M 696 -10.48 47.42 49.38
#